data_9KQB
#
_entry.id   9KQB
#
_cell.length_a   1.00
_cell.length_b   1.00
_cell.length_c   1.00
_cell.angle_alpha   90.00
_cell.angle_beta   90.00
_cell.angle_gamma   90.00
#
_symmetry.space_group_name_H-M   'P 1'
#
loop_
_entity.id
_entity.type
_entity.pdbx_description
1 polymer 'Fucoxanthin chlorophyll a/c binding protein II (FCPII-1)'
2 polymer 'Fucoxanthin chlorophyll a/c binding protein II (FCPII-5)'
3 polymer 'Photosystem II protein D1'
4 polymer 'Photosystem II CP47 reaction center protein'
5 polymer 'Cytochrome b559 subunit alpha'
6 polymer 'Cytochrome b559 subunit beta'
7 polymer 'Photosystem II reaction center protein H (psbH)'
8 polymer 'Photosystem II reaction center protein I (psbI)'
9 polymer 'Photosystem II reaction center protein K (psbK)'
10 polymer 'Photosystem II reaction center protein L'
11 polymer 'Photosystem II reaction center protein M (psbM)'
12 polymer 'Photosystem II reaction center protein Psb36'
13 polymer 'Photosystem II reaction center protein T'
14 polymer 'Photosystem II reaction center protein W (psbW)'
15 polymer 'Photosystem II reaction center protein X (psbX)'
16 polymer 'Fucoxanthin chlorophyll a/c binding protein II (FCPII-2)'
17 polymer 'Photosystem II D2 protein'
18 polymer 'Photosystem II CP43 reaction center protein'
19 polymer 'Light harvesting protein'
20 polymer 'Fucoxanthin chlorophyll a/c binding protein II (FCPII-4)'
21 non-polymer 'CHLOROPHYLL A'
22 non-polymer "(3S,3'R,5R,6S,7cis)-7',8'-didehydro-5,6-dihydro-5,6-epoxy-beta,beta-carotene-3,3'-diol"
23 non-polymer "(3S,3'S,5R,5'R,6S,6'R,8'R)-3,5'-dihydroxy-8-oxo-6',7'-didehydro-5,5',6,6',7,8-hexahydro-5,6-epoxy-beta,beta-caroten-3'- yl acetate"
24 non-polymer 'Chlorophyll c1'
25 non-polymer BETA-CAROTENE
26 non-polymer 'PHEOPHYTIN A'
27 non-polymer 1,2-DIPALMITOYL-PHOSPHATIDYL-GLYCEROLE
28 non-polymer 1,2-DISTEAROYL-MONOGALACTOSYL-DIGLYCERIDE
29 non-polymer DODECYL-ALPHA-D-MALTOSIDE
30 non-polymer 'DIGALACTOSYL DIACYL GLYCEROL (DGDG)'
31 non-polymer 1,2-DI-O-ACYL-3-O-[6-DEOXY-6-SULFO-ALPHA-D-GLUCOPYRANOSYL]-SN-GLYCEROL
32 non-polymer 'PROTOPORPHYRIN IX CONTAINING FE'
33 non-polymer 'BICARBONATE ION'
34 non-polymer 'FE (II) ION'
35 non-polymer 2,3-DIMETHYL-5-(3,7,11,15,19,23,27,31,35-NONAMETHYL-2,6,10,14,18,22,26,30,34-HEXATRIACONTANONAENYL-2,5-CYCLOHEXADIENE-1,4-DIONE-2,3-DIMETHYL-5-SOLANESYL-1,4-BENZOQUINONE
36 water water
#
loop_
_entity_poly.entity_id
_entity_poly.type
_entity_poly.pdbx_seq_one_letter_code
_entity_poly.pdbx_strand_id
1 'polypeptide(L)'
;MGYENELGVIEPTGFFDPLGLSANIDEETFAQYRTAELKHGRVAQLCVIGYVVPEIYRFPGEIAPGVAFADIPNGVAAIN
AIPSLGWLQMIFFIGAVDYWGVLGDFDIGKPKLDPDELEKRQVQELQHGRLAMIATLELLRHDSQNLVTPGFDGLDTLIT
GLPFLY
;
1,7,5,g
2 'polypeptide(L)'
;MGYETELGVIPPTGFFDPLGLSKNIDEETFAQYRTAELKHGRVAQLCVIGYVVPEFYRFPGIIAPGVPFADIPNGVAAIN
AIPALGWFQMVFLIGAVDYWGVLGDFDAGKPDLAPEELEKRKLQELQHGRLAMLAVLELLRHDSQNLVKPGFDGLDNLIT
GFPFLYN
;
6,J
3 'polypeptide(L)'
;MTTTLERRESASFWEQFCAWITSTENRLYIGWFGCLMFPTLLTATSAYIIAFIAAPPVDIDGIREPVAGSLLYGNNIISG
AVVPSSNAIGVHFYPIWEAASIDEWLYNGGPYQLVVFHFFIGVCAYIGREWELSYRLGMRPWICVAFSAPVAAAAAVFVI
YPIGQGSFSDGMPLGISGTFNFMLVFQAEHNILMHPFHMLGVAGVFGGSLFSAMHGSLVTSSLIRETSENESLNYGYKFG
QEEETYNIVAAHGYFGRLIFQYASFNNSRALHFFLGAWPVVGIWFTAMGVATMAFNLNGFNFNQSVVDSQGRVINTWADI
LNRSNLGMEVMHERNAHNFPLDLAAGESLPVALVAPAVAA
;
A,a
4 'polypeptide(L)'
;MALPWYRVHTVVLNDPGRLIAVHLMHTALVAGWAGSMALYELAVFDPSDPVLNPMWRQGMFVMPFMARLGVTDSWGGWSI
TGESVSNPGIWSFEGVALTHIVLSGLCFLAAIWHWVYWDLELFRDPRTGEPALDLPKIFGIHLFLASLLCFGFGAFHVTG
AFGPGIWVSDAYGVTGRVQAVAPAWGPEGFNPFNPGGIASHHIAAGILGILAGVFHLTIRPPQRLYRALRMGNIETVLSS
SISAVFFAAFITSGTMWYGAATTPIELFGPTRYQWDSGYFQQEIERRVEASISEGLSLSQAWSRIPDKLAFYDYIGNNPA
KGGLFRAGPMNKGDGIAEAWLGHPVFQDKEGRELTVRRMPAFFETFPVILVDKDGIVRADIPFRRAESKYSIEQVGVSCN
FYGGKLNGQVFTDAPTVKKYARKSQLGEVFEFDRTTLESDGVFRSSPRGWYTFGHANFALLFFLGHLWHGGRTLFRDVFA
GIGAEVLEQVEFGAFQKLGDKSTKKQGIV
;
B,b
5 'polypeptide(L)'
;GGSTGERPFSDIITSIRYWIIHSITIPSLFVAGFLFVSTGLAYDAFGTPRPNEYFTQDRQQIPLVNDRFSAKQELEDLTK
GL
;
E,e
6 'polypeptide(L)' MINTNQPVAYPIFTFRWLTIHALAVPTVFFLGAITSMQFIQR F,f
7 'polypeptide(L)' MALRTRLGEILRPLNAEYGKVAPGWGTTSVMGVFMALFLVFLVIILQIYNSSIILENVDVDWVTV H,h
8 'polypeptide(L)' MFTLKILVYTVVIFFISLFTFGFLSSDPSRNPNRKDLE I,i
9 'polypeptide(L)' LLSALPEPYTAFRPIVDVMPAIPVLFLLLAFVWQASVGFR K,k
10 'polypeptide(L)' MSAPNPNKQPVELNRTSLYWGLLLIFVLAVLFSSYFFN L,l
11 'polypeptide(L)'
;LCIGRSAAAAMKLTLAFACLAAVEAFVQQPALRPMQSKMAVSKLASSPSMSLETSSIAQLSETLAGVVAVDGGTIGLEVS
FGAFLAVILGLFIPVVFLVTLYIQSEAQGTATNFRLPDKAPGVPGDRYDA
;
M,m
12 'polypeptide(L)' MAVASNAGDFGGYTIPIIGLGLIGATIALLAGPVDE N,n
13 'polypeptide(L)' MEALVYTFLLIGTLIVIFFAIFFRDPPRIVKK T,t
14 'polypeptide(L)' GTGKALGINDDSLGFVLIGVTAVIGLAWAQWQSYQDDGDDFFDTYDSRRAAAA W,w
15 'polypeptide(L)' MTPSLSAFLSSVILAVVIIVIPIGAALVFVSTSDKI X,x
16 'polypeptide(L)'
;MKAPPPKAKGRGWLQKARIADEIDVTGSQYVNVAGLTPQYDEIGVLPPLGRWDPLNIKGQGEARYRRFVEMEIKHGRMAM
AAVLGVLTTYSGIRFPGYLSKTLDLKFEDVPGTMIGSWATVPVTGWIQIVLFVVLLEASWWKQDPAKAPGDVVPEGVWWA
RYPDGYSIFLGDGSVKTVAEDELFLGKTWKLNAERNNGRAAMMGITGMYVHELLTGNPVYPLGEL
;
2,8
17 'polypeptide(L)'
;MTIAIGQKQDRGVFDLIDDWLKRDRFVFVGWSGLLLFPCAFLAVGGWLTGITFVTSWYTHGLASSFLEGCNFLTAAVSTP
ANSMGHSLLLLWGPEAQGDITRWFQIGGLWTFVALHGSFGVIGFCLRQFEIARLVGIRPYNAIAFSGPIAVFVTVFLVYP
LGQASWFFAPSFGVAAIFRFLLFLQGFHNWTLNPFHMMGVAGILGGALLCAIHGATVENTLFEDGDAANTFRAFTPTQSE
ETYSMVTANRFWSQIFGVAFSNKRWLHFFMLFVPVAGMWTSSLGIVGLALNLRSYDFVSQELRAAEDPEFETFYTKNNLL
NEGIRSWMAAQDQPHENFIFPEEVLPRGNAL
;
D,d
18 'polypeptide(L)'
;ESTGFAWWSGNARLINVSGKLLGAHVAHAGLMVFWCGAMTLFEVAHYIPEKPLYEQGCILIPHLTTLGWGVGPGGEVTDV
YPFFVVGVLHLISSAVLGFGGVYHSLIGPDTLEESFPFFGYDWRDKNKMTTILGIHLILLGIGSFLLVAKACFVGGLYDT
WAPGGGDVRIVTAPTLNPLIIFGYVLKSPFGGDGWIISVNNLEDLVGGHIWLGFLCVVGGIWHILTKPFAWARRTFVWSG
EAYLSYSLAALSVMGLTASVFVWYNNTAYPSEFFGPTGPEASQSQAFTFLVRDQRLGANVASAQGPTGLGKYLMRSPSGE
IIFGGETMRFWDMRAPWVEPLRGPNGLDLNKIRNDIQPWQERRAAEYMTHAPLGALNSVGGVATEINSVNYVSPRSWLTT
SHFFLGFFLWVGHLWHAGRARAAAAGFEKGINRENEPVLSMRPLD
;
C,c
19 'polypeptide(L)'
;MTPETICLLLADVVKMISVVLGSLAFNGLVTPAPTRAAVSMSAISPGDIGTTRPLGVFDPLKLMEKNPGKYRRFQEMEIK
HGRIAMLATLHVFITGAGYKWPGYCSYLSFPPLKFEDIPAGTLASWAALPQAGWAQIVAVVAILDNSLFAQDPNREPGDV
AGDLPWVRYDDPKVKEYKLNIERNNGRAAMMGIIGMMTHEYLTGNPLYPLSYEPVV
;
9,3
20 'polypeptide(L)'
;MSYESELGVIPPTGFFDPLGLSKNIDEETFAQYRTAELKHGRVAQLCVIGYIVPEIYRFPGEIAPGVAFADIPNGVAAIN
AIPALGWFQMVFLIGAVDYWGFLGDFEAGKPDLAPEELEKRKLQELQHGRLAMLAVLELLRHDSQNLVSPGFDGLDKLIT
GLPFLYN
;
4,G
#
# COMPACT_ATOMS: atom_id res chain seq x y z
N TYR A 3 79.82 36.74 -19.31
CA TYR A 3 78.81 37.65 -18.79
C TYR A 3 77.50 36.92 -18.55
N GLU A 4 77.61 35.63 -18.26
CA GLU A 4 76.43 34.82 -17.97
C GLU A 4 75.77 35.23 -16.66
N ASN A 5 76.55 35.70 -15.69
CA ASN A 5 76.00 36.11 -14.39
C ASN A 5 75.77 37.63 -14.35
N GLU A 6 74.96 38.10 -15.29
CA GLU A 6 74.58 39.50 -15.38
C GLU A 6 73.08 39.61 -15.52
N LEU A 7 72.59 40.86 -15.53
CA LEU A 7 71.17 41.10 -15.74
C LEU A 7 70.77 40.73 -17.16
N GLY A 8 69.51 40.34 -17.33
CA GLY A 8 68.98 39.96 -18.62
C GLY A 8 68.87 38.47 -18.86
N VAL A 9 69.40 37.65 -17.95
CA VAL A 9 69.26 36.20 -18.06
C VAL A 9 67.91 35.80 -17.49
N ILE A 10 67.06 35.20 -18.32
CA ILE A 10 65.68 34.91 -17.97
C ILE A 10 65.37 33.46 -18.37
N GLU A 11 64.23 32.96 -17.87
CA GLU A 11 63.95 31.53 -17.86
C GLU A 11 63.87 30.84 -19.23
N PRO A 12 63.10 31.33 -20.23
CA PRO A 12 62.89 30.50 -21.44
C PRO A 12 64.16 30.18 -22.25
N THR A 13 65.12 31.10 -22.29
CA THR A 13 66.34 30.90 -23.07
C THR A 13 67.58 30.80 -22.22
N GLY A 14 67.61 31.45 -21.06
CA GLY A 14 68.85 31.54 -20.29
C GLY A 14 69.74 32.62 -20.87
N PHE A 15 71.04 32.42 -20.81
CA PHE A 15 71.97 33.36 -21.43
C PHE A 15 71.91 33.20 -22.94
N PHE A 16 71.44 34.22 -23.64
CA PHE A 16 71.21 34.19 -25.07
C PHE A 16 72.33 34.95 -25.78
N ASP A 17 73.25 34.21 -26.38
CA ASP A 17 74.36 34.79 -27.15
C ASP A 17 74.88 33.75 -28.14
N PRO A 18 74.11 33.48 -29.19
CA PRO A 18 74.54 32.41 -30.12
C PRO A 18 75.63 32.85 -31.08
N LEU A 19 75.74 34.14 -31.39
CA LEU A 19 76.76 34.63 -32.30
C LEU A 19 78.06 34.95 -31.59
N GLY A 20 78.12 34.83 -30.27
CA GLY A 20 79.32 35.08 -29.51
C GLY A 20 79.78 36.53 -29.56
N LEU A 21 78.83 37.45 -29.46
CA LEU A 21 79.13 38.88 -29.52
C LEU A 21 79.49 39.46 -28.16
N SER A 22 79.61 38.62 -27.13
CA SER A 22 80.00 39.08 -25.80
C SER A 22 81.05 38.21 -25.14
N ALA A 23 81.59 37.19 -25.80
CA ALA A 23 82.54 36.29 -25.16
C ALA A 23 83.90 36.96 -24.98
N ASN A 24 84.40 37.64 -26.01
CA ASN A 24 85.72 38.24 -25.98
C ASN A 24 85.71 39.75 -25.78
N ILE A 25 84.56 40.32 -25.41
CA ILE A 25 84.46 41.77 -25.21
C ILE A 25 84.87 42.12 -23.79
N ASP A 26 85.21 43.39 -23.56
CA ASP A 26 85.60 43.87 -22.25
C ASP A 26 84.38 44.34 -21.46
N GLU A 27 84.63 44.98 -20.32
CA GLU A 27 83.54 45.44 -19.47
C GLU A 27 82.85 46.65 -20.09
N GLU A 28 83.64 47.61 -20.59
CA GLU A 28 83.10 48.90 -20.99
C GLU A 28 82.24 48.80 -22.24
N THR A 29 82.53 47.83 -23.11
CA THR A 29 81.66 47.61 -24.26
C THR A 29 80.39 46.90 -23.84
N PHE A 30 80.46 46.04 -22.82
CA PHE A 30 79.25 45.41 -22.31
C PHE A 30 78.35 46.42 -21.62
N ALA A 31 78.95 47.36 -20.87
CA ALA A 31 78.16 48.43 -20.26
C ALA A 31 77.55 49.31 -21.33
N GLN A 32 78.28 49.53 -22.43
CA GLN A 32 77.72 50.24 -23.58
C GLN A 32 76.64 49.41 -24.27
N TYR A 33 76.83 48.09 -24.32
CA TYR A 33 75.84 47.21 -24.94
C TYR A 33 74.54 47.20 -24.14
N ARG A 34 74.64 47.13 -22.81
CA ARG A 34 73.44 47.12 -21.97
C ARG A 34 72.78 48.50 -21.96
N THR A 35 73.57 49.56 -21.99
CA THR A 35 73.01 50.91 -22.11
C THR A 35 72.32 51.09 -23.47
N ALA A 36 72.90 50.50 -24.52
CA ALA A 36 72.25 50.52 -25.82
C ALA A 36 70.97 49.69 -25.80
N GLU A 37 71.02 48.51 -25.16
CA GLU A 37 69.85 47.64 -25.08
C GLU A 37 68.73 48.28 -24.28
N LEU A 38 69.08 48.95 -23.16
CA LEU A 38 68.09 49.61 -22.33
C LEU A 38 67.43 50.77 -23.07
N LYS A 39 68.22 51.57 -23.77
CA LYS A 39 67.66 52.71 -24.48
C LYS A 39 66.98 52.33 -25.79
N HIS A 40 67.46 51.29 -26.48
CA HIS A 40 66.73 50.79 -27.64
C HIS A 40 65.37 50.25 -27.23
N GLY A 41 65.33 49.53 -26.10
CA GLY A 41 64.07 49.00 -25.62
C GLY A 41 63.12 50.07 -25.13
N ARG A 42 63.64 51.09 -24.45
CA ARG A 42 62.80 52.17 -23.94
C ARG A 42 62.18 52.97 -25.08
N VAL A 43 62.95 53.24 -26.13
CA VAL A 43 62.42 53.96 -27.29
C VAL A 43 61.42 53.10 -28.03
N ALA A 44 61.72 51.80 -28.20
CA ALA A 44 60.81 50.89 -28.89
C ALA A 44 59.52 50.69 -28.10
N GLN A 45 59.60 50.77 -26.77
CA GLN A 45 58.40 50.68 -25.96
C GLN A 45 57.50 51.90 -26.18
N LEU A 46 58.10 53.09 -26.25
CA LEU A 46 57.33 54.29 -26.52
C LEU A 46 56.88 54.36 -27.98
N CYS A 47 57.63 53.71 -28.88
CA CYS A 47 57.24 53.69 -30.28
C CYS A 47 55.98 52.87 -30.50
N VAL A 48 55.85 51.76 -29.77
CA VAL A 48 54.64 50.95 -29.84
C VAL A 48 53.44 51.72 -29.32
N ILE A 49 53.63 52.44 -28.20
CA ILE A 49 52.57 53.29 -27.66
C ILE A 49 52.23 54.41 -28.65
N GLY A 50 53.26 54.99 -29.27
CA GLY A 50 53.07 56.06 -30.24
C GLY A 50 52.46 55.65 -31.55
N TYR A 51 52.29 54.36 -31.80
CA TYR A 51 51.61 53.89 -32.99
C TYR A 51 50.11 53.66 -32.77
N VAL A 52 49.67 53.64 -31.51
CA VAL A 52 48.29 53.32 -31.17
C VAL A 52 47.54 54.55 -30.67
N VAL A 53 48.19 55.37 -29.85
CA VAL A 53 47.53 56.54 -29.24
C VAL A 53 47.03 57.56 -30.27
N PRO A 54 47.79 57.94 -31.32
CA PRO A 54 47.21 58.88 -32.31
C PRO A 54 46.01 58.34 -33.08
N GLU A 55 45.80 57.03 -33.09
CA GLU A 55 44.59 56.49 -33.71
C GLU A 55 43.34 56.76 -32.87
N ILE A 56 43.51 57.12 -31.60
CA ILE A 56 42.40 57.40 -30.71
C ILE A 56 42.26 58.89 -30.43
N TYR A 57 43.35 59.53 -30.01
CA TYR A 57 43.35 60.93 -29.62
C TYR A 57 44.48 61.64 -30.34
N ARG A 58 44.23 62.88 -30.75
CA ARG A 58 45.24 63.72 -31.38
C ARG A 58 45.37 65.03 -30.60
N PHE A 59 46.49 65.70 -30.81
CA PHE A 59 46.69 66.99 -30.16
C PHE A 59 45.87 68.06 -30.88
N PRO A 60 45.43 69.12 -30.17
CA PRO A 60 44.53 70.08 -30.81
C PRO A 60 45.20 71.22 -31.54
N GLY A 61 46.48 71.49 -31.28
CA GLY A 61 47.12 72.65 -31.89
C GLY A 61 47.68 72.43 -33.27
N GLU A 62 48.82 73.05 -33.54
CA GLU A 62 49.56 72.90 -34.80
C GLU A 62 51.04 72.77 -34.47
N ILE A 63 51.71 71.81 -35.09
CA ILE A 63 53.17 71.75 -35.05
C ILE A 63 53.78 72.93 -35.80
N ALA A 64 53.21 73.25 -36.96
CA ALA A 64 53.65 74.31 -37.82
C ALA A 64 52.36 74.94 -38.33
N PRO A 65 52.39 76.21 -38.76
CA PRO A 65 51.14 76.83 -39.24
C PRO A 65 50.57 76.17 -40.49
N GLY A 66 51.37 75.44 -41.25
CA GLY A 66 50.85 74.77 -42.43
C GLY A 66 49.98 73.56 -42.11
N VAL A 67 50.48 72.67 -41.26
CA VAL A 67 49.83 71.38 -41.00
C VAL A 67 49.43 71.31 -39.53
N ALA A 68 48.21 70.85 -39.28
CA ALA A 68 47.76 70.56 -37.92
C ALA A 68 48.02 69.08 -37.60
N PHE A 69 47.74 68.72 -36.34
CA PHE A 69 47.96 67.36 -35.88
C PHE A 69 47.03 66.37 -36.57
N ALA A 70 45.77 66.76 -36.78
CA ALA A 70 44.77 65.82 -37.30
C ALA A 70 45.05 65.45 -38.75
N ASP A 71 45.64 66.37 -39.52
CA ASP A 71 45.92 66.08 -40.92
C ASP A 71 47.10 65.13 -41.07
N ILE A 72 47.96 65.04 -40.05
CA ILE A 72 49.15 64.19 -40.09
C ILE A 72 48.74 62.73 -40.10
N PRO A 73 49.12 61.96 -41.12
CA PRO A 73 48.76 60.54 -41.19
C PRO A 73 49.63 59.74 -40.23
N ASN A 74 49.03 58.80 -39.51
CA ASN A 74 49.78 57.99 -38.57
C ASN A 74 50.68 56.99 -39.30
N GLY A 75 51.88 56.79 -38.77
CA GLY A 75 52.83 55.86 -39.35
C GLY A 75 54.05 56.52 -39.95
N VAL A 76 54.70 55.85 -40.90
CA VAL A 76 55.87 56.44 -41.54
C VAL A 76 55.48 57.56 -42.50
N ALA A 77 54.19 57.68 -42.83
CA ALA A 77 53.74 58.79 -43.66
C ALA A 77 53.72 60.09 -42.87
N ALA A 78 53.83 60.00 -41.54
CA ALA A 78 53.90 61.20 -40.71
C ALA A 78 55.17 61.99 -40.97
N ILE A 79 56.28 61.28 -41.23
CA ILE A 79 57.61 61.86 -41.35
C ILE A 79 57.70 62.95 -42.41
N ASN A 80 57.14 62.68 -43.60
CA ASN A 80 57.21 63.66 -44.67
C ASN A 80 56.12 64.72 -44.55
N ALA A 81 55.04 64.43 -43.81
CA ALA A 81 53.92 65.37 -43.72
C ALA A 81 54.29 66.61 -42.89
N ILE A 82 54.86 66.39 -41.71
CA ILE A 82 55.30 67.49 -40.84
C ILE A 82 56.56 68.09 -41.46
N PRO A 83 56.72 69.44 -41.43
CA PRO A 83 57.94 70.06 -41.97
C PRO A 83 59.22 69.57 -41.31
N SER A 84 60.29 69.52 -42.11
CA SER A 84 61.55 68.92 -41.64
C SER A 84 62.21 69.75 -40.54
N LEU A 85 61.93 71.05 -40.49
CA LEU A 85 62.49 71.89 -39.44
C LEU A 85 61.92 71.51 -38.08
N GLY A 86 60.66 71.08 -38.04
CA GLY A 86 60.09 70.63 -36.79
C GLY A 86 60.71 69.35 -36.28
N TRP A 87 61.04 68.43 -37.20
CA TRP A 87 61.66 67.17 -36.80
C TRP A 87 63.08 67.40 -36.27
N LEU A 88 63.79 68.37 -36.84
CA LEU A 88 65.14 68.65 -36.38
C LEU A 88 65.14 69.26 -34.98
N GLN A 89 64.09 70.01 -34.65
CA GLN A 89 63.99 70.60 -33.32
C GLN A 89 63.66 69.54 -32.26
N MET A 90 62.86 68.54 -32.64
CA MET A 90 62.54 67.45 -31.71
C MET A 90 63.77 66.61 -31.40
N ILE A 91 64.62 66.39 -32.41
CA ILE A 91 65.82 65.55 -32.24
C ILE A 91 66.76 66.17 -31.22
N PHE A 92 66.99 67.48 -31.31
CA PHE A 92 67.87 68.15 -30.37
C PHE A 92 67.21 68.38 -29.01
N PHE A 93 65.88 68.48 -28.97
CA PHE A 93 65.19 68.59 -27.68
C PHE A 93 65.33 67.30 -26.88
N ILE A 94 65.03 66.16 -27.52
CA ILE A 94 65.19 64.90 -26.81
C ILE A 94 66.66 64.48 -26.79
N GLY A 95 67.48 65.09 -27.65
CA GLY A 95 68.90 64.86 -27.57
C GLY A 95 69.55 65.56 -26.40
N ALA A 96 68.99 66.70 -25.99
CA ALA A 96 69.46 67.37 -24.78
C ALA A 96 69.18 66.52 -23.54
N VAL A 97 68.01 65.88 -23.48
CA VAL A 97 67.72 64.95 -22.40
C VAL A 97 68.51 63.65 -22.57
N ASP A 98 68.86 63.29 -23.81
CA ASP A 98 69.65 62.08 -24.03
C ASP A 98 71.07 62.24 -23.48
N TYR A 99 71.72 63.35 -23.78
CA TYR A 99 73.11 63.53 -23.36
C TYR A 99 73.20 64.15 -21.97
N TRP A 100 72.56 65.30 -21.76
CA TRP A 100 72.66 65.98 -20.48
C TRP A 100 71.60 65.48 -19.50
N GLY A 101 70.35 65.44 -19.93
CA GLY A 101 69.26 65.11 -19.03
C GLY A 101 68.66 66.38 -18.46
N VAL A 102 68.34 67.33 -19.34
CA VAL A 102 67.82 68.62 -18.89
C VAL A 102 66.43 68.46 -18.27
N LEU A 103 65.62 67.55 -18.80
CA LEU A 103 64.29 67.27 -18.27
C LEU A 103 64.19 65.85 -17.73
N GLY A 104 65.33 65.27 -17.40
CA GLY A 104 65.41 63.97 -16.78
C GLY A 104 66.35 63.97 -15.59
N ASP A 105 66.59 62.80 -15.00
CA ASP A 105 67.39 62.64 -13.77
C ASP A 105 66.77 63.35 -12.56
N PHE A 106 65.45 63.24 -12.40
CA PHE A 106 64.78 63.92 -11.29
C PHE A 106 64.79 63.03 -10.03
N ASP A 107 64.88 63.67 -8.86
CA ASP A 107 64.90 62.94 -7.59
C ASP A 107 63.56 62.26 -7.32
N ILE A 108 62.45 62.91 -7.69
CA ILE A 108 61.17 62.21 -7.71
C ILE A 108 61.11 61.36 -8.98
N GLY A 109 60.39 60.24 -8.90
CA GLY A 109 60.30 59.32 -10.02
C GLY A 109 61.37 58.25 -10.04
N LYS A 110 62.32 58.27 -9.11
CA LYS A 110 63.35 57.24 -9.00
C LYS A 110 63.17 56.56 -7.65
N PRO A 111 62.23 55.61 -7.53
CA PRO A 111 61.96 55.01 -6.23
C PRO A 111 63.07 54.06 -5.81
N LYS A 112 63.46 54.14 -4.54
CA LYS A 112 64.40 53.19 -3.96
C LYS A 112 63.59 52.02 -3.42
N LEU A 113 64.01 50.80 -3.75
CA LEU A 113 63.29 49.59 -3.41
C LEU A 113 64.23 48.58 -2.76
N ASP A 114 63.69 47.39 -2.54
CA ASP A 114 64.50 46.25 -2.14
C ASP A 114 65.51 45.96 -3.24
N PRO A 115 66.79 45.73 -2.91
CA PRO A 115 67.79 45.41 -3.95
C PRO A 115 67.42 44.23 -4.83
N ASP A 116 66.85 43.17 -4.27
CA ASP A 116 66.42 42.05 -5.10
C ASP A 116 65.18 42.41 -5.92
N GLU A 117 64.32 43.25 -5.36
CA GLU A 117 63.16 43.73 -6.13
C GLU A 117 63.60 44.66 -7.25
N LEU A 118 64.63 45.46 -7.01
CA LEU A 118 65.12 46.40 -8.02
C LEU A 118 65.73 45.66 -9.22
N GLU A 119 66.49 44.60 -8.97
CA GLU A 119 67.01 43.81 -10.08
C GLU A 119 65.90 43.06 -10.82
N LYS A 120 64.86 42.65 -10.09
CA LYS A 120 63.73 41.98 -10.73
C LYS A 120 63.00 42.93 -11.67
N ARG A 121 62.77 44.17 -11.22
CA ARG A 121 62.11 45.15 -12.07
C ARG A 121 63.01 45.59 -13.21
N GLN A 122 64.33 45.54 -13.03
CA GLN A 122 65.25 45.89 -14.10
C GLN A 122 65.23 44.85 -15.21
N VAL A 123 65.13 43.56 -14.84
CA VAL A 123 64.99 42.51 -15.84
C VAL A 123 63.64 42.63 -16.53
N GLN A 124 62.60 43.01 -15.78
CA GLN A 124 61.29 43.28 -16.37
C GLN A 124 61.35 44.45 -17.35
N GLU A 125 62.14 45.48 -17.03
CA GLU A 125 62.33 46.59 -17.95
C GLU A 125 63.02 46.13 -19.23
N LEU A 126 64.03 45.28 -19.10
CA LEU A 126 64.73 44.77 -20.27
C LEU A 126 63.83 43.86 -21.10
N GLN A 127 63.04 43.01 -20.42
CA GLN A 127 62.20 42.04 -21.14
C GLN A 127 61.10 42.74 -21.93
N HIS A 128 60.49 43.78 -21.35
CA HIS A 128 59.48 44.55 -22.06
C HIS A 128 60.10 45.29 -23.24
N GLY A 129 61.30 45.83 -23.04
CA GLY A 129 62.01 46.52 -24.10
C GLY A 129 62.44 45.59 -25.22
N ARG A 130 62.88 44.38 -24.86
CA ARG A 130 63.26 43.39 -25.87
C ARG A 130 62.05 42.95 -26.68
N LEU A 131 60.90 42.80 -26.04
CA LEU A 131 59.68 42.41 -26.76
C LEU A 131 59.18 43.54 -27.65
N ALA A 132 59.23 44.78 -27.16
CA ALA A 132 58.78 45.91 -27.96
C ALA A 132 59.71 46.19 -29.13
N MET A 133 61.00 45.85 -28.99
CA MET A 133 61.92 45.97 -30.12
C MET A 133 61.52 45.04 -31.25
N ILE A 134 61.10 43.82 -30.91
CA ILE A 134 60.56 42.89 -31.90
C ILE A 134 59.25 43.43 -32.46
N ALA A 135 58.45 44.09 -31.63
CA ALA A 135 57.17 44.64 -32.07
C ALA A 135 57.36 45.81 -33.04
N THR A 136 58.37 46.64 -32.80
CA THR A 136 58.59 47.80 -33.66
C THR A 136 59.01 47.39 -35.07
N LEU A 137 59.68 46.25 -35.19
CA LEU A 137 60.04 45.74 -36.51
C LEU A 137 58.81 45.32 -37.30
N GLU A 138 57.85 44.66 -36.66
CA GLU A 138 56.63 44.26 -37.36
C GLU A 138 55.78 45.47 -37.70
N LEU A 139 55.72 46.44 -36.80
CA LEU A 139 54.96 47.66 -37.06
C LEU A 139 55.53 48.44 -38.23
N LEU A 140 56.87 48.58 -38.27
CA LEU A 140 57.49 49.32 -39.35
C LEU A 140 57.44 48.55 -40.66
N ARG A 141 57.59 47.22 -40.61
CA ARG A 141 57.53 46.41 -41.82
C ARG A 141 56.14 46.46 -42.45
N HIS A 142 55.10 46.36 -41.64
CA HIS A 142 53.74 46.43 -42.16
C HIS A 142 53.40 47.82 -42.66
N ASP A 143 53.86 48.85 -41.93
CA ASP A 143 53.51 50.23 -42.28
C ASP A 143 54.22 50.68 -43.55
N SER A 144 55.53 50.44 -43.64
CA SER A 144 56.30 50.93 -44.78
C SER A 144 55.92 50.22 -46.06
N GLN A 145 55.71 48.89 -45.99
CA GLN A 145 55.34 48.14 -47.18
C GLN A 145 53.93 48.49 -47.64
N ASN A 146 53.05 48.86 -46.70
CA ASN A 146 51.73 49.31 -47.08
C ASN A 146 51.73 50.72 -47.66
N LEU A 147 52.81 51.49 -47.44
CA LEU A 147 52.94 52.80 -48.07
C LEU A 147 53.40 52.69 -49.51
N VAL A 148 54.31 51.76 -49.80
CA VAL A 148 54.78 51.55 -51.16
C VAL A 148 53.65 50.97 -52.01
N THR A 149 53.19 49.78 -51.64
CA THR A 149 52.03 49.16 -52.28
C THR A 149 50.88 49.15 -51.30
N PRO A 150 49.84 49.98 -51.51
CA PRO A 150 48.69 49.99 -50.59
C PRO A 150 47.99 48.63 -50.50
N GLY A 151 47.91 48.09 -49.29
CA GLY A 151 47.36 46.77 -49.09
C GLY A 151 48.23 45.69 -49.70
N PHE A 152 49.55 45.78 -49.49
CA PHE A 152 50.46 44.79 -50.04
C PHE A 152 50.25 43.42 -49.41
N ASP A 153 50.24 43.37 -48.08
CA ASP A 153 50.06 42.09 -47.39
C ASP A 153 48.59 41.71 -47.25
N GLY A 154 47.68 42.65 -47.50
CA GLY A 154 46.26 42.39 -47.36
C GLY A 154 45.69 42.71 -45.99
N LEU A 155 46.46 43.32 -45.11
CA LEU A 155 46.00 43.66 -43.77
C LEU A 155 45.57 45.12 -43.64
N ASP A 156 45.67 45.89 -44.73
CA ASP A 156 45.24 47.28 -44.87
C ASP A 156 45.51 48.21 -43.68
N THR A 157 44.83 47.98 -42.56
CA THR A 157 44.88 48.89 -41.42
C THR A 157 46.27 48.97 -40.81
N LEU A 158 46.58 50.12 -40.22
CA LEU A 158 47.89 50.35 -39.63
C LEU A 158 48.13 49.44 -38.42
N ILE A 159 47.20 49.44 -37.47
CA ILE A 159 47.31 48.59 -36.29
C ILE A 159 46.42 47.38 -36.55
N THR A 160 47.01 46.33 -37.10
CA THR A 160 46.25 45.17 -37.55
C THR A 160 45.67 44.37 -36.39
N GLY A 161 46.43 44.18 -35.31
CA GLY A 161 46.02 43.35 -34.21
C GLY A 161 45.02 43.95 -33.25
N LEU A 162 44.62 45.20 -33.44
CA LEU A 162 43.66 45.88 -32.58
C LEU A 162 42.52 46.43 -33.45
N PRO A 163 41.60 45.56 -33.88
CA PRO A 163 40.52 46.01 -34.79
C PRO A 163 39.48 46.89 -34.12
N PHE A 164 39.45 46.96 -32.78
CA PHE A 164 38.47 47.80 -32.11
C PHE A 164 38.81 49.29 -32.25
N LEU A 165 40.04 49.62 -32.63
CA LEU A 165 40.39 51.01 -32.89
C LEU A 165 39.70 51.53 -34.14
N TYR A 166 39.49 50.66 -35.13
CA TYR A 166 38.84 51.05 -36.37
C TYR A 166 37.39 50.57 -36.42
N GLY B 8 95.46 -4.44 -54.02
CA GLY B 8 94.74 -4.52 -55.27
C GLY B 8 95.18 -5.68 -56.15
N VAL B 9 96.03 -6.55 -55.60
CA VAL B 9 96.53 -7.71 -56.33
C VAL B 9 95.47 -8.79 -56.30
N ILE B 10 95.05 -9.26 -57.47
CA ILE B 10 93.95 -10.20 -57.59
C ILE B 10 94.47 -11.50 -58.18
N PRO B 11 93.87 -12.65 -57.89
CA PRO B 11 94.42 -13.96 -58.39
C PRO B 11 94.48 -14.12 -59.90
N PRO B 12 93.49 -13.57 -60.72
CA PRO B 12 93.61 -13.75 -62.19
C PRO B 12 94.90 -13.23 -62.83
N THR B 13 95.43 -12.12 -62.33
CA THR B 13 96.57 -11.45 -62.96
C THR B 13 97.59 -11.31 -61.81
N GLY B 14 98.71 -10.63 -61.98
CA GLY B 14 99.58 -10.36 -60.84
C GLY B 14 99.75 -8.87 -60.62
N PHE B 15 101.01 -8.45 -60.43
CA PHE B 15 101.34 -7.03 -60.34
C PHE B 15 101.26 -6.42 -61.73
N PHE B 16 100.04 -6.14 -62.21
CA PHE B 16 99.82 -5.70 -63.57
C PHE B 16 100.43 -4.32 -63.82
N ASP B 17 101.54 -4.28 -64.57
CA ASP B 17 102.24 -3.04 -64.86
C ASP B 17 103.05 -3.25 -66.14
N PRO B 18 102.43 -3.09 -67.30
CA PRO B 18 103.16 -3.32 -68.56
C PRO B 18 104.02 -2.15 -69.00
N LEU B 19 103.61 -0.91 -68.71
CA LEU B 19 104.27 0.27 -69.25
C LEU B 19 105.23 0.93 -68.25
N GLY B 20 105.66 0.20 -67.22
CA GLY B 20 106.63 0.71 -66.27
C GLY B 20 106.16 1.90 -65.45
N LEU B 21 104.94 1.81 -64.91
CA LEU B 21 104.33 2.92 -64.17
C LEU B 21 104.30 2.68 -62.67
N SER B 22 105.03 1.70 -62.15
CA SER B 22 105.06 1.44 -60.71
C SER B 22 106.45 1.20 -60.15
N LYS B 23 107.48 1.08 -60.99
CA LYS B 23 108.82 0.78 -60.50
C LYS B 23 109.61 2.06 -60.22
N ASN B 24 109.74 2.91 -61.23
CA ASN B 24 110.45 4.17 -61.07
C ASN B 24 109.73 5.11 -60.10
N ILE B 25 108.39 5.08 -60.12
CA ILE B 25 107.63 6.02 -59.32
C ILE B 25 107.63 5.56 -57.87
N ASP B 26 107.63 6.51 -56.95
CA ASP B 26 107.76 6.18 -55.53
C ASP B 26 106.43 5.71 -54.96
N GLU B 27 106.50 5.13 -53.75
CA GLU B 27 105.33 4.59 -53.09
C GLU B 27 104.51 5.64 -52.35
N GLU B 28 105.10 6.79 -51.99
CA GLU B 28 104.30 7.87 -51.40
C GLU B 28 103.30 8.39 -52.42
N THR B 29 103.77 8.75 -53.61
CA THR B 29 102.84 9.21 -54.61
C THR B 29 102.06 8.08 -55.24
N PHE B 30 102.51 6.82 -55.11
CA PHE B 30 101.70 5.68 -55.57
C PHE B 30 100.38 5.62 -54.82
N ALA B 31 100.36 6.08 -53.57
CA ALA B 31 99.10 6.21 -52.84
C ALA B 31 98.19 7.24 -53.49
N GLN B 32 98.77 8.27 -54.14
CA GLN B 32 97.96 9.26 -54.84
C GLN B 32 97.26 8.65 -56.04
N TYR B 33 97.93 7.74 -56.77
CA TYR B 33 97.24 7.05 -57.86
C TYR B 33 96.16 6.13 -57.31
N ARG B 34 96.35 5.62 -56.09
CA ARG B 34 95.36 4.74 -55.46
C ARG B 34 94.06 5.49 -55.20
N THR B 35 94.16 6.71 -54.68
CA THR B 35 92.96 7.54 -54.55
C THR B 35 92.45 7.95 -55.93
N ALA B 36 93.36 8.19 -56.87
CA ALA B 36 92.95 8.51 -58.23
C ALA B 36 92.27 7.33 -58.90
N GLU B 37 92.74 6.11 -58.61
CA GLU B 37 92.11 4.91 -59.16
C GLU B 37 90.77 4.63 -58.48
N LEU B 38 90.72 4.78 -57.16
CA LEU B 38 89.49 4.50 -56.43
C LEU B 38 88.40 5.51 -56.75
N LYS B 39 88.76 6.79 -56.85
CA LYS B 39 87.77 7.81 -57.17
C LYS B 39 87.30 7.70 -58.63
N HIS B 40 88.19 7.30 -59.53
CA HIS B 40 87.79 7.10 -60.92
C HIS B 40 86.79 5.95 -61.04
N GLY B 41 87.04 4.87 -60.30
CA GLY B 41 86.11 3.74 -60.32
C GLY B 41 84.79 4.08 -59.65
N ARG B 42 84.83 4.85 -58.56
CA ARG B 42 83.62 5.25 -57.86
C ARG B 42 82.75 6.15 -58.73
N VAL B 43 83.37 7.05 -59.49
CA VAL B 43 82.62 7.83 -60.48
C VAL B 43 82.08 6.93 -61.57
N ALA B 44 82.92 6.00 -62.05
CA ALA B 44 82.51 5.10 -63.13
C ALA B 44 81.41 4.15 -62.70
N GLN B 45 81.48 3.65 -61.46
CA GLN B 45 80.43 2.76 -60.96
C GLN B 45 79.10 3.49 -60.88
N LEU B 46 79.10 4.75 -60.42
CA LEU B 46 77.87 5.52 -60.37
C LEU B 46 77.41 5.94 -61.75
N CYS B 47 78.33 6.03 -62.71
CA CYS B 47 77.94 6.39 -64.06
C CYS B 47 77.26 5.24 -64.78
N VAL B 48 77.61 3.99 -64.42
CA VAL B 48 76.98 2.83 -65.06
C VAL B 48 75.52 2.74 -64.67
N ILE B 49 75.23 2.80 -63.37
CA ILE B 49 73.84 2.81 -62.92
C ILE B 49 73.18 4.13 -63.31
N GLY B 50 73.92 5.23 -63.25
CA GLY B 50 73.41 6.53 -63.67
C GLY B 50 73.14 6.65 -65.15
N TYR B 51 73.61 5.69 -65.95
CA TYR B 51 73.32 5.68 -67.38
C TYR B 51 72.06 4.90 -67.73
N VAL B 52 71.64 3.94 -66.89
CA VAL B 52 70.52 3.07 -67.26
C VAL B 52 69.22 3.55 -66.60
N VAL B 53 69.33 4.25 -65.48
CA VAL B 53 68.17 4.72 -64.72
C VAL B 53 67.32 5.75 -65.49
N PRO B 54 67.91 6.80 -66.18
CA PRO B 54 67.02 7.76 -66.87
C PRO B 54 66.19 7.22 -68.04
N GLU B 55 66.35 5.94 -68.39
CA GLU B 55 65.54 5.36 -69.46
C GLU B 55 64.09 5.22 -69.05
N PHE B 56 63.86 4.63 -67.87
CA PHE B 56 62.50 4.35 -67.45
C PHE B 56 61.96 5.41 -66.51
N TYR B 57 62.82 6.07 -65.73
CA TYR B 57 62.36 7.06 -64.78
C TYR B 57 63.11 8.37 -64.95
N ARG B 58 62.37 9.47 -64.87
CA ARG B 58 62.92 10.81 -64.93
C ARG B 58 62.34 11.65 -63.79
N PHE B 59 63.05 12.72 -63.45
CA PHE B 59 62.58 13.61 -62.39
C PHE B 59 61.36 14.39 -62.86
N PRO B 60 60.44 14.74 -61.94
CA PRO B 60 59.15 15.33 -62.36
C PRO B 60 59.23 16.72 -62.98
N GLY B 61 59.88 17.66 -62.32
CA GLY B 61 59.81 19.05 -62.75
C GLY B 61 60.76 19.44 -63.86
N ILE B 62 61.34 20.64 -63.76
CA ILE B 62 62.32 21.14 -64.71
C ILE B 62 63.64 21.30 -63.99
N ILE B 63 64.71 21.40 -64.76
CA ILE B 63 66.03 21.63 -64.17
C ILE B 63 66.44 23.09 -64.33
N ALA B 64 66.07 23.70 -65.45
CA ALA B 64 66.30 25.11 -65.74
C ALA B 64 65.00 25.68 -66.28
N PRO B 65 64.81 27.02 -66.22
CA PRO B 65 63.63 27.63 -66.82
C PRO B 65 63.51 27.34 -68.31
N GLY B 66 62.44 26.63 -68.69
CA GLY B 66 62.24 26.19 -70.04
C GLY B 66 62.89 24.86 -70.37
N VAL B 67 63.59 24.25 -69.42
CA VAL B 67 64.28 22.98 -69.64
C VAL B 67 63.71 21.91 -68.72
N PRO B 68 62.69 21.18 -69.12
CA PRO B 68 62.18 20.08 -68.28
C PRO B 68 63.11 18.89 -68.28
N PHE B 69 62.95 18.05 -67.25
CA PHE B 69 63.73 16.82 -67.14
C PHE B 69 63.38 15.80 -68.22
N ALA B 70 62.15 15.84 -68.73
CA ALA B 70 61.67 14.80 -69.64
C ALA B 70 62.34 14.89 -71.01
N ASP B 71 62.42 16.08 -71.57
CA ASP B 71 62.95 16.23 -72.92
C ASP B 71 64.46 16.45 -72.94
N ILE B 72 65.20 15.61 -72.23
CA ILE B 72 66.65 15.67 -72.17
C ILE B 72 67.19 14.35 -72.69
N PRO B 73 68.11 14.34 -73.66
CA PRO B 73 68.72 13.08 -74.09
C PRO B 73 69.56 12.48 -72.97
N ASN B 74 69.52 11.15 -72.86
CA ASN B 74 70.19 10.49 -71.75
C ASN B 74 71.71 10.51 -71.90
N GLY B 75 72.22 10.53 -73.12
CA GLY B 75 73.65 10.46 -73.34
C GLY B 75 74.42 11.72 -73.04
N VAL B 76 75.53 11.92 -73.75
CA VAL B 76 76.36 13.11 -73.54
C VAL B 76 75.72 14.37 -74.09
N ALA B 77 74.60 14.27 -74.79
CA ALA B 77 73.85 15.45 -75.22
C ALA B 77 73.20 16.15 -74.04
N ALA B 78 73.06 15.47 -72.89
CA ALA B 78 72.56 16.10 -71.68
C ALA B 78 73.52 17.15 -71.14
N ILE B 79 74.79 17.07 -71.52
CA ILE B 79 75.77 18.05 -71.04
C ILE B 79 75.46 19.43 -71.60
N ASN B 80 75.19 19.52 -72.89
CA ASN B 80 74.86 20.79 -73.52
C ASN B 80 73.39 21.17 -73.34
N ALA B 81 72.52 20.22 -73.00
CA ALA B 81 71.11 20.53 -72.79
C ALA B 81 70.91 21.36 -71.53
N ILE B 82 71.53 20.94 -70.44
CA ILE B 82 71.49 21.70 -69.18
C ILE B 82 72.41 22.90 -69.32
N PRO B 83 71.99 24.10 -68.92
CA PRO B 83 72.85 25.28 -69.04
C PRO B 83 74.07 25.18 -68.14
N ALA B 84 75.11 25.92 -68.51
CA ALA B 84 76.41 25.82 -67.85
C ALA B 84 76.36 26.30 -66.41
N LEU B 85 75.55 27.33 -66.14
CA LEU B 85 75.41 27.81 -64.76
C LEU B 85 74.75 26.76 -63.89
N GLY B 86 73.87 25.95 -64.48
CA GLY B 86 73.37 24.78 -63.78
C GLY B 86 74.47 23.77 -63.51
N TRP B 87 75.39 23.63 -64.46
CA TRP B 87 76.52 22.73 -64.26
C TRP B 87 77.50 23.27 -63.23
N PHE B 88 77.62 24.61 -63.14
CA PHE B 88 78.52 25.23 -62.18
C PHE B 88 78.10 24.91 -60.76
N GLN B 89 76.79 24.96 -60.49
CA GLN B 89 76.26 24.64 -59.17
C GLN B 89 76.49 23.17 -58.83
N MET B 90 76.25 22.29 -59.80
CA MET B 90 76.42 20.86 -59.56
C MET B 90 77.87 20.48 -59.36
N VAL B 91 78.77 21.01 -60.21
CA VAL B 91 80.18 20.69 -60.12
C VAL B 91 80.78 21.19 -58.81
N PHE B 92 80.42 22.41 -58.41
CA PHE B 92 80.96 22.98 -57.17
C PHE B 92 80.43 22.27 -55.94
N LEU B 93 79.15 21.86 -55.93
CA LEU B 93 78.63 21.09 -54.81
C LEU B 93 79.31 19.73 -54.70
N ILE B 94 79.60 19.10 -55.85
CA ILE B 94 80.36 17.86 -55.86
C ILE B 94 81.75 18.08 -55.30
N GLY B 95 82.39 19.19 -55.68
CA GLY B 95 83.74 19.46 -55.23
C GLY B 95 83.85 19.77 -53.76
N ALA B 96 82.79 20.31 -53.17
CA ALA B 96 82.77 20.49 -51.71
C ALA B 96 82.83 19.13 -51.02
N VAL B 97 82.11 18.15 -51.54
CA VAL B 97 82.21 16.79 -51.03
C VAL B 97 83.56 16.18 -51.41
N ASP B 98 84.05 16.49 -52.61
CA ASP B 98 85.31 15.91 -53.08
C ASP B 98 86.50 16.41 -52.27
N TYR B 99 86.54 17.70 -51.96
CA TYR B 99 87.68 18.25 -51.23
C TYR B 99 87.41 18.31 -49.73
N TRP B 100 86.37 19.02 -49.31
CA TRP B 100 86.10 19.20 -47.89
C TRP B 100 85.49 17.96 -47.25
N GLY B 101 84.79 17.13 -48.01
CA GLY B 101 84.03 16.06 -47.41
C GLY B 101 82.86 16.63 -46.64
N VAL B 102 82.10 17.51 -47.29
CA VAL B 102 80.97 18.16 -46.63
C VAL B 102 79.87 17.16 -46.32
N LEU B 103 79.40 16.44 -47.35
CA LEU B 103 78.32 15.47 -47.21
C LEU B 103 78.80 14.04 -47.46
N GLY B 104 80.07 13.77 -47.18
CA GLY B 104 80.61 12.43 -47.34
C GLY B 104 81.54 12.05 -46.22
N ASP B 105 81.30 12.62 -45.03
CA ASP B 105 82.13 12.35 -43.86
C ASP B 105 81.38 11.74 -42.68
N PHE B 106 80.12 11.34 -42.85
CA PHE B 106 79.33 10.82 -41.75
C PHE B 106 79.86 9.47 -41.28
N ASP B 107 79.89 9.29 -39.96
CA ASP B 107 80.48 8.09 -39.37
C ASP B 107 79.67 6.83 -39.65
N ALA B 108 78.40 6.96 -40.01
CA ALA B 108 77.59 5.79 -40.32
C ALA B 108 78.02 5.10 -41.61
N GLY B 109 78.65 5.84 -42.52
CA GLY B 109 79.21 5.26 -43.72
C GLY B 109 80.52 4.55 -43.52
N LYS B 110 81.03 4.54 -42.30
CA LYS B 110 82.26 3.83 -41.94
C LYS B 110 81.86 2.72 -40.99
N PRO B 111 81.47 1.55 -41.51
CA PRO B 111 81.00 0.48 -40.63
C PRO B 111 82.11 -0.10 -39.78
N ASP B 112 81.74 -0.51 -38.56
CA ASP B 112 82.68 -1.12 -37.63
C ASP B 112 82.90 -2.57 -38.08
N LEU B 113 83.93 -2.77 -38.89
CA LEU B 113 84.24 -4.09 -39.42
C LEU B 113 85.51 -4.61 -38.79
N ALA B 114 85.59 -5.92 -38.64
CA ALA B 114 86.82 -6.55 -38.17
C ALA B 114 87.87 -6.46 -39.27
N PRO B 115 89.17 -6.65 -38.94
CA PRO B 115 90.21 -6.60 -39.99
C PRO B 115 89.99 -7.52 -41.19
N GLU B 116 89.72 -8.81 -40.95
CA GLU B 116 89.84 -9.84 -42.00
C GLU B 116 88.93 -9.59 -43.19
N GLU B 117 87.68 -9.20 -42.94
CA GLU B 117 86.78 -8.90 -44.05
C GLU B 117 86.92 -7.47 -44.56
N LEU B 118 87.70 -6.62 -43.89
CA LEU B 118 87.84 -5.25 -44.36
C LEU B 118 88.70 -5.19 -45.61
N GLU B 119 89.96 -5.65 -45.53
CA GLU B 119 90.84 -5.59 -46.71
C GLU B 119 90.34 -6.52 -47.80
N LYS B 120 89.48 -7.49 -47.46
CA LYS B 120 88.74 -8.17 -48.51
C LYS B 120 87.82 -7.22 -49.23
N ARG B 121 86.95 -6.51 -48.48
CA ARG B 121 85.92 -5.68 -49.10
C ARG B 121 86.51 -4.51 -49.89
N LYS B 122 87.70 -4.02 -49.50
CA LYS B 122 88.34 -2.99 -50.30
C LYS B 122 88.86 -3.55 -51.62
N LEU B 123 89.10 -4.87 -51.68
CA LEU B 123 89.65 -5.47 -52.88
C LEU B 123 88.65 -5.54 -54.02
N GLN B 124 87.40 -5.94 -53.74
CA GLN B 124 86.43 -5.86 -54.85
C GLN B 124 85.87 -4.46 -55.03
N GLU B 125 86.11 -3.54 -54.09
CA GLU B 125 85.65 -2.17 -54.27
C GLU B 125 86.37 -1.52 -55.46
N LEU B 126 87.70 -1.64 -55.48
CA LEU B 126 88.45 -1.13 -56.63
C LEU B 126 88.30 -2.06 -57.83
N GLN B 127 88.00 -3.34 -57.59
CA GLN B 127 87.78 -4.28 -58.70
C GLN B 127 86.45 -4.05 -59.38
N HIS B 128 85.38 -3.79 -58.60
CA HIS B 128 84.11 -3.45 -59.21
C HIS B 128 84.21 -2.14 -59.97
N GLY B 129 84.98 -1.19 -59.44
CA GLY B 129 85.22 0.05 -60.15
C GLY B 129 86.15 -0.11 -61.34
N ARG B 130 87.01 -1.13 -61.30
CA ARG B 130 87.98 -1.36 -62.38
C ARG B 130 87.28 -1.74 -63.68
N LEU B 131 86.35 -2.70 -63.60
CA LEU B 131 85.59 -3.05 -64.79
C LEU B 131 84.61 -1.94 -65.15
N ALA B 132 84.15 -1.18 -64.14
CA ALA B 132 83.23 -0.09 -64.39
C ALA B 132 83.91 1.06 -65.13
N MET B 133 85.22 1.23 -64.93
CA MET B 133 85.96 2.21 -65.72
C MET B 133 85.94 1.84 -67.20
N LEU B 134 86.16 0.55 -67.49
CA LEU B 134 86.13 0.09 -68.87
C LEU B 134 84.70 -0.02 -69.38
N ALA B 135 83.76 -0.35 -68.49
CA ALA B 135 82.35 -0.39 -68.88
C ALA B 135 81.82 0.99 -69.21
N VAL B 136 82.24 2.00 -68.45
CA VAL B 136 81.91 3.39 -68.79
C VAL B 136 82.56 3.77 -70.11
N LEU B 137 83.81 3.33 -70.32
CA LEU B 137 84.56 3.65 -71.53
C LEU B 137 83.87 3.11 -72.79
N GLU B 138 83.04 2.09 -72.65
CA GLU B 138 82.18 1.66 -73.74
C GLU B 138 80.87 2.44 -73.78
N LEU B 139 80.39 2.89 -72.62
CA LEU B 139 79.10 3.58 -72.55
C LEU B 139 79.15 4.93 -73.24
N LEU B 140 80.15 5.75 -72.93
CA LEU B 140 80.22 7.03 -73.63
C LEU B 140 80.88 6.89 -74.99
N ARG B 141 81.44 5.73 -75.32
CA ARG B 141 81.93 5.50 -76.68
C ARG B 141 80.77 5.38 -77.65
N HIS B 142 79.93 4.35 -77.46
CA HIS B 142 78.81 4.10 -78.37
C HIS B 142 77.82 5.25 -78.37
N ASP B 143 77.72 5.97 -77.24
CA ASP B 143 76.87 7.15 -77.18
C ASP B 143 77.43 8.27 -78.06
N SER B 144 78.75 8.47 -78.01
CA SER B 144 79.36 9.57 -78.75
C SER B 144 79.38 9.31 -80.26
N GLN B 145 79.57 8.05 -80.66
CA GLN B 145 79.58 7.73 -82.08
C GLN B 145 78.20 7.94 -82.68
N ASN B 146 77.16 7.50 -81.98
CA ASN B 146 75.79 7.63 -82.49
C ASN B 146 75.25 9.06 -82.35
N LEU B 147 75.86 9.87 -81.48
CA LEU B 147 75.40 11.26 -81.33
C LEU B 147 75.86 12.11 -82.50
N VAL B 148 77.10 11.91 -82.96
CA VAL B 148 77.63 12.71 -84.07
C VAL B 148 76.97 12.30 -85.37
N LYS B 149 77.12 11.05 -85.76
CA LYS B 149 76.43 10.52 -86.93
C LYS B 149 75.47 9.43 -86.47
N PRO B 150 74.21 9.46 -86.92
CA PRO B 150 73.24 8.45 -86.47
C PRO B 150 73.52 7.07 -87.03
N GLY B 151 73.40 6.06 -86.18
CA GLY B 151 73.53 4.67 -86.60
C GLY B 151 74.89 4.24 -87.09
N PHE B 152 75.95 4.63 -86.38
CA PHE B 152 77.30 4.18 -86.77
C PHE B 152 77.45 2.69 -86.55
N ASP B 153 77.27 2.23 -85.32
CA ASP B 153 77.27 0.80 -85.04
C ASP B 153 75.97 0.17 -85.52
N GLY B 154 75.93 -1.16 -85.47
CA GLY B 154 74.74 -1.88 -85.91
C GLY B 154 73.53 -1.60 -85.04
N LEU B 155 73.74 -1.43 -83.74
CA LEU B 155 72.67 -1.14 -82.80
C LEU B 155 72.56 0.36 -82.52
N ASP B 156 71.33 0.80 -82.31
CA ASP B 156 71.02 2.20 -82.05
C ASP B 156 70.35 2.37 -80.69
N ASN B 157 70.85 1.67 -79.68
CA ASN B 157 70.31 1.75 -78.33
C ASN B 157 71.45 2.11 -77.38
N LEU B 158 71.20 3.05 -76.47
CA LEU B 158 72.21 3.46 -75.51
C LEU B 158 72.56 2.31 -74.56
N ILE B 159 71.56 1.55 -74.14
CA ILE B 159 71.76 0.40 -73.28
C ILE B 159 71.45 -0.85 -74.10
N THR B 160 72.40 -1.77 -74.17
CA THR B 160 72.23 -2.97 -74.97
C THR B 160 71.64 -4.10 -74.12
N GLY B 161 70.48 -3.81 -73.53
CA GLY B 161 69.85 -4.74 -72.62
C GLY B 161 68.88 -4.08 -71.65
N TYR C 3 -46.88 -51.35 57.09
CA TYR C 3 -46.44 -52.00 55.87
C TYR C 3 -45.69 -51.02 54.96
N GLU C 4 -44.94 -50.12 55.60
CA GLU C 4 -44.17 -49.12 54.85
C GLU C 4 -42.96 -49.72 54.15
N ASN C 5 -42.60 -50.96 54.49
CA ASN C 5 -41.38 -51.59 53.98
C ASN C 5 -41.69 -52.78 53.08
N GLU C 6 -42.71 -52.66 52.25
CA GLU C 6 -43.08 -53.70 51.30
C GLU C 6 -42.95 -53.17 49.88
N LEU C 7 -43.32 -54.01 48.92
CA LEU C 7 -43.27 -53.60 47.52
C LEU C 7 -44.37 -52.58 47.24
N GLY C 8 -44.08 -51.66 46.32
CA GLY C 8 -45.01 -50.61 45.95
C GLY C 8 -44.65 -49.23 46.46
N VAL C 9 -43.68 -49.13 47.36
CA VAL C 9 -43.21 -47.81 47.80
C VAL C 9 -42.30 -47.24 46.72
N ILE C 10 -42.66 -46.07 46.21
CA ILE C 10 -42.00 -45.47 45.06
C ILE C 10 -41.79 -43.98 45.35
N GLU C 11 -40.91 -43.37 44.55
CA GLU C 11 -40.37 -42.05 44.86
C GLU C 11 -41.36 -40.87 44.98
N PRO C 12 -42.33 -40.65 44.06
CA PRO C 12 -43.13 -39.40 44.17
C PRO C 12 -43.96 -39.28 45.44
N THR C 13 -44.44 -40.40 45.97
CA THR C 13 -45.33 -40.37 47.12
C THR C 13 -44.79 -41.11 48.34
N GLY C 14 -43.89 -42.06 48.15
CA GLY C 14 -43.52 -42.92 49.24
C GLY C 14 -44.65 -43.89 49.54
N PHE C 15 -44.77 -44.26 50.81
CA PHE C 15 -45.91 -45.07 51.22
C PHE C 15 -47.19 -44.24 51.16
N PHE C 16 -48.15 -44.70 50.36
CA PHE C 16 -49.38 -43.96 50.11
C PHE C 16 -50.52 -44.64 50.84
N ASP C 17 -50.91 -44.08 51.99
CA ASP C 17 -52.05 -44.55 52.78
C ASP C 17 -52.72 -43.37 53.47
N PRO C 18 -53.45 -42.55 52.71
CA PRO C 18 -54.11 -41.40 53.35
C PRO C 18 -55.34 -41.79 54.15
N LEU C 19 -56.03 -42.86 53.76
CA LEU C 19 -57.22 -43.31 54.47
C LEU C 19 -56.91 -44.30 55.59
N GLY C 20 -55.66 -44.75 55.69
CA GLY C 20 -55.27 -45.68 56.73
C GLY C 20 -55.93 -47.04 56.64
N LEU C 21 -55.98 -47.60 55.44
CA LEU C 21 -56.60 -48.89 55.20
C LEU C 21 -55.62 -50.05 55.36
N SER C 22 -54.44 -49.80 55.90
CA SER C 22 -53.46 -50.85 56.12
C SER C 22 -52.79 -50.77 57.49
N ALA C 23 -53.13 -49.80 58.33
CA ALA C 23 -52.48 -49.68 59.63
C ALA C 23 -52.96 -50.75 60.60
N ASN C 24 -54.26 -51.05 60.58
CA ASN C 24 -54.86 -52.00 61.51
C ASN C 24 -55.20 -53.34 60.86
N ILE C 25 -54.59 -53.67 59.74
CA ILE C 25 -54.87 -54.95 59.07
C ILE C 25 -53.75 -55.94 59.37
N ASP C 26 -54.00 -57.22 59.11
CA ASP C 26 -53.04 -58.29 59.34
C ASP C 26 -52.33 -58.63 58.04
N GLU C 27 -51.48 -59.66 58.10
CA GLU C 27 -50.69 -60.06 56.94
C GLU C 27 -51.59 -60.65 55.86
N GLU C 28 -52.55 -61.49 56.25
CA GLU C 28 -53.40 -62.17 55.28
C GLU C 28 -54.29 -61.18 54.54
N THR C 29 -54.64 -60.07 55.17
CA THR C 29 -55.38 -59.02 54.48
C THR C 29 -54.48 -58.29 53.48
N PHE C 30 -53.22 -58.05 53.85
CA PHE C 30 -52.31 -57.35 52.95
C PHE C 30 -51.92 -58.22 51.76
N ALA C 31 -51.73 -59.53 51.98
CA ALA C 31 -51.41 -60.42 50.89
C ALA C 31 -52.57 -60.51 49.90
N GLN C 32 -53.81 -60.49 50.43
CA GLN C 32 -54.97 -60.41 49.55
C GLN C 32 -55.06 -59.05 48.87
N TYR C 33 -54.69 -57.98 49.57
CA TYR C 33 -54.74 -56.64 48.98
C TYR C 33 -53.74 -56.50 47.85
N ARG C 34 -52.52 -57.03 48.04
CA ARG C 34 -51.51 -56.97 46.99
C ARG C 34 -51.88 -57.86 45.82
N THR C 35 -52.47 -59.03 46.11
CA THR C 35 -52.95 -59.90 45.04
C THR C 35 -54.11 -59.25 44.29
N ALA C 36 -54.97 -58.52 45.01
CA ALA C 36 -56.04 -57.77 44.35
C ALA C 36 -55.47 -56.64 43.52
N GLU C 37 -54.49 -55.90 44.05
CA GLU C 37 -53.89 -54.79 43.34
C GLU C 37 -53.15 -55.25 42.09
N LEU C 38 -52.43 -56.37 42.20
CA LEU C 38 -51.69 -56.89 41.04
C LEU C 38 -52.64 -57.36 39.95
N LYS C 39 -53.74 -58.02 40.33
CA LYS C 39 -54.66 -58.53 39.32
C LYS C 39 -55.56 -57.42 38.78
N HIS C 40 -55.91 -56.43 39.61
CA HIS C 40 -56.65 -55.28 39.11
C HIS C 40 -55.82 -54.52 38.08
N GLY C 41 -54.53 -54.39 38.37
CA GLY C 41 -53.61 -53.72 37.46
C GLY C 41 -53.37 -54.48 36.18
N ARG C 42 -53.25 -55.81 36.26
CA ARG C 42 -53.01 -56.62 35.07
C ARG C 42 -54.21 -56.58 34.13
N VAL C 43 -55.42 -56.63 34.68
CA VAL C 43 -56.63 -56.54 33.86
C VAL C 43 -56.77 -55.15 33.27
N ALA C 44 -56.48 -54.12 34.07
CA ALA C 44 -56.59 -52.75 33.59
C ALA C 44 -55.55 -52.44 32.52
N GLN C 45 -54.37 -53.07 32.62
CA GLN C 45 -53.37 -52.92 31.57
C GLN C 45 -53.85 -53.53 30.26
N LEU C 46 -54.48 -54.71 30.34
CA LEU C 46 -55.03 -55.33 29.14
C LEU C 46 -56.28 -54.61 28.65
N CYS C 47 -56.99 -53.93 29.55
CA CYS C 47 -58.19 -53.19 29.15
C CYS C 47 -57.82 -51.97 28.32
N VAL C 48 -56.73 -51.29 28.68
CA VAL C 48 -56.27 -50.14 27.88
C VAL C 48 -55.82 -50.62 26.51
N ILE C 49 -55.12 -51.75 26.46
CA ILE C 49 -54.74 -52.34 25.17
C ILE C 49 -55.98 -52.78 24.40
N GLY C 50 -56.94 -53.39 25.09
CA GLY C 50 -58.14 -53.88 24.44
C GLY C 50 -59.10 -52.80 23.98
N TYR C 51 -58.88 -51.56 24.41
CA TYR C 51 -59.67 -50.44 23.93
C TYR C 51 -59.10 -49.81 22.67
N VAL C 52 -57.85 -50.09 22.32
CA VAL C 52 -57.17 -49.46 21.21
C VAL C 52 -57.00 -50.40 20.03
N VAL C 53 -56.67 -51.67 20.30
CA VAL C 53 -56.40 -52.63 19.20
C VAL C 53 -57.58 -52.85 18.27
N PRO C 54 -58.84 -53.03 18.73
CA PRO C 54 -59.94 -53.19 17.76
C PRO C 54 -60.18 -51.98 16.87
N GLU C 55 -59.66 -50.80 17.21
CA GLU C 55 -59.76 -49.66 16.29
C GLU C 55 -58.83 -49.84 15.08
N ILE C 56 -57.80 -50.66 15.21
CA ILE C 56 -56.86 -50.91 14.13
C ILE C 56 -57.15 -52.23 13.42
N TYR C 57 -57.21 -53.32 14.19
CA TYR C 57 -57.34 -54.66 13.64
C TYR C 57 -58.50 -55.37 14.33
N ARG C 58 -59.31 -56.07 13.55
CA ARG C 58 -60.37 -56.93 14.06
C ARG C 58 -59.98 -58.37 13.76
N PHE C 59 -60.73 -59.32 14.32
CA PHE C 59 -60.47 -60.73 14.04
C PHE C 59 -61.25 -61.18 12.80
N PRO C 60 -60.60 -61.76 11.79
CA PRO C 60 -61.35 -62.37 10.68
C PRO C 60 -62.26 -63.47 11.19
N GLY C 61 -63.51 -63.46 10.75
CA GLY C 61 -64.43 -64.51 11.10
C GLY C 61 -65.64 -63.97 11.83
N GLU C 62 -66.39 -64.88 12.45
CA GLU C 62 -67.61 -64.57 13.17
C GLU C 62 -67.50 -65.03 14.61
N ILE C 63 -67.79 -64.13 15.54
CA ILE C 63 -67.78 -64.47 16.96
C ILE C 63 -68.97 -65.38 17.28
N ALA C 64 -70.10 -65.17 16.60
CA ALA C 64 -71.32 -65.93 16.72
C ALA C 64 -71.83 -66.24 15.31
N PRO C 65 -72.69 -67.27 15.13
CA PRO C 65 -73.24 -67.53 13.80
C PRO C 65 -74.04 -66.38 13.21
N GLY C 66 -74.60 -65.53 14.07
CA GLY C 66 -75.34 -64.37 13.61
C GLY C 66 -74.55 -63.08 13.60
N VAL C 67 -73.63 -62.92 14.55
CA VAL C 67 -72.89 -61.67 14.72
C VAL C 67 -71.46 -61.86 14.23
N ALA C 68 -71.04 -60.99 13.32
CA ALA C 68 -69.66 -60.99 12.86
C ALA C 68 -68.82 -60.05 13.72
N PHE C 69 -67.50 -60.15 13.56
CA PHE C 69 -66.56 -59.42 14.41
C PHE C 69 -66.51 -57.93 14.14
N ALA C 70 -66.94 -57.45 12.97
CA ALA C 70 -66.80 -56.05 12.60
C ALA C 70 -68.02 -55.19 12.94
N ASP C 71 -69.22 -55.78 13.02
CA ASP C 71 -70.40 -55.00 13.32
C ASP C 71 -70.46 -54.58 14.78
N ILE C 72 -69.70 -55.26 15.64
CA ILE C 72 -69.67 -54.97 17.07
C ILE C 72 -69.02 -53.61 17.30
N PRO C 73 -69.70 -52.67 17.93
CA PRO C 73 -69.07 -51.38 18.22
C PRO C 73 -68.03 -51.53 19.32
N ASN C 74 -66.99 -50.72 19.23
CA ASN C 74 -65.94 -50.76 20.23
C ASN C 74 -66.37 -50.05 21.50
N GLY C 75 -65.85 -50.52 22.63
CA GLY C 75 -66.19 -49.95 23.92
C GLY C 75 -67.25 -50.73 24.67
N VAL C 76 -67.97 -50.08 25.57
CA VAL C 76 -68.99 -50.76 26.36
C VAL C 76 -70.20 -51.19 25.55
N ALA C 77 -70.35 -50.67 24.33
CA ALA C 77 -71.47 -51.10 23.48
C ALA C 77 -71.27 -52.52 22.96
N ALA C 78 -70.04 -53.05 23.06
CA ALA C 78 -69.79 -54.43 22.63
C ALA C 78 -70.39 -55.44 23.58
N ILE C 79 -70.74 -55.00 24.80
CA ILE C 79 -71.31 -55.90 25.79
C ILE C 79 -72.68 -56.39 25.34
N ASN C 80 -73.54 -55.48 24.92
CA ASN C 80 -74.89 -55.84 24.52
C ASN C 80 -74.92 -56.43 23.11
N ALA C 81 -74.02 -55.97 22.23
CA ALA C 81 -74.01 -56.45 20.85
C ALA C 81 -73.57 -57.91 20.78
N ILE C 82 -72.62 -58.30 21.63
CA ILE C 82 -72.23 -59.71 21.70
C ILE C 82 -73.37 -60.51 22.32
N PRO C 83 -73.71 -61.68 21.79
CA PRO C 83 -74.75 -62.51 22.41
C PRO C 83 -74.39 -62.89 23.83
N SER C 84 -75.41 -62.96 24.68
CA SER C 84 -75.20 -63.08 26.13
C SER C 84 -74.57 -64.42 26.49
N LEU C 85 -75.01 -65.49 25.85
CA LEU C 85 -74.50 -66.82 26.17
C LEU C 85 -73.03 -66.96 25.80
N GLY C 86 -72.58 -66.16 24.82
CA GLY C 86 -71.17 -66.12 24.51
C GLY C 86 -70.34 -65.46 25.60
N TRP C 87 -70.93 -64.48 26.29
CA TRP C 87 -70.22 -63.79 27.36
C TRP C 87 -70.04 -64.69 28.59
N LEU C 88 -71.03 -65.54 28.87
CA LEU C 88 -70.97 -66.39 30.06
C LEU C 88 -69.83 -67.40 29.98
N GLN C 89 -69.63 -68.01 28.80
CA GLN C 89 -68.55 -68.97 28.66
C GLN C 89 -67.18 -68.29 28.62
N MET C 90 -67.11 -67.01 28.24
CA MET C 90 -65.84 -66.30 28.28
C MET C 90 -65.39 -66.05 29.72
N ILE C 91 -66.34 -65.76 30.61
CA ILE C 91 -66.02 -65.52 32.01
C ILE C 91 -65.47 -66.79 32.64
N PHE C 92 -66.08 -67.94 32.32
CA PHE C 92 -65.66 -69.18 32.94
C PHE C 92 -64.35 -69.70 32.36
N PHE C 93 -64.00 -69.34 31.13
CA PHE C 93 -62.69 -69.67 30.59
C PHE C 93 -61.60 -68.93 31.37
N ILE C 94 -61.68 -67.60 31.39
CA ILE C 94 -60.68 -66.81 32.11
C ILE C 94 -60.82 -66.97 33.61
N GLY C 95 -61.94 -67.52 34.10
CA GLY C 95 -62.04 -67.86 35.50
C GLY C 95 -61.35 -69.16 35.86
N ALA C 96 -61.28 -70.10 34.90
CA ALA C 96 -60.53 -71.33 35.13
C ALA C 96 -59.04 -71.03 35.23
N VAL C 97 -58.55 -70.10 34.41
CA VAL C 97 -57.18 -69.62 34.53
C VAL C 97 -57.01 -68.79 35.80
N ASP C 98 -58.06 -68.09 36.22
CA ASP C 98 -58.01 -67.28 37.43
C ASP C 98 -57.83 -68.16 38.66
N TYR C 99 -58.61 -69.23 38.76
CA TYR C 99 -58.57 -70.06 39.96
C TYR C 99 -57.47 -71.11 39.88
N TRP C 100 -57.52 -71.98 38.87
CA TRP C 100 -56.59 -73.07 38.77
C TRP C 100 -55.26 -72.64 38.17
N GLY C 101 -55.31 -72.13 36.94
CA GLY C 101 -54.10 -71.81 36.22
C GLY C 101 -54.02 -72.65 34.96
N VAL C 102 -55.18 -73.06 34.44
CA VAL C 102 -55.20 -73.86 33.23
C VAL C 102 -54.74 -72.99 32.06
N LEU C 103 -53.77 -73.51 31.29
CA LEU C 103 -53.09 -72.82 30.18
C LEU C 103 -52.66 -71.38 30.53
N GLY C 104 -52.32 -71.18 31.80
CA GLY C 104 -51.87 -69.90 32.30
C GLY C 104 -50.85 -70.03 33.42
N ASP C 105 -50.12 -71.14 33.46
CA ASP C 105 -49.14 -71.37 34.52
C ASP C 105 -47.82 -71.94 34.02
N PHE C 106 -47.44 -71.68 32.78
CA PHE C 106 -46.24 -72.29 32.22
C PHE C 106 -44.98 -71.66 32.82
N ASP C 107 -43.90 -72.45 32.87
CA ASP C 107 -42.63 -71.92 33.34
C ASP C 107 -41.86 -71.17 32.26
N ILE C 108 -42.41 -71.10 31.03
CA ILE C 108 -41.78 -70.30 29.97
C ILE C 108 -41.80 -68.83 30.34
N GLY C 109 -42.86 -68.40 31.01
CA GLY C 109 -42.99 -67.02 31.44
C GLY C 109 -42.01 -66.62 32.52
N LYS C 110 -42.08 -67.26 33.68
CA LYS C 110 -41.26 -66.95 34.86
C LYS C 110 -39.78 -67.08 34.56
N PRO C 111 -39.04 -65.97 34.51
CA PRO C 111 -37.61 -66.04 34.16
C PRO C 111 -36.71 -66.13 35.38
N LYS C 112 -35.44 -66.44 35.15
CA LYS C 112 -34.44 -66.51 36.22
C LYS C 112 -33.70 -65.18 36.25
N LEU C 113 -34.27 -64.23 36.99
CA LEU C 113 -33.71 -62.89 37.09
C LEU C 113 -32.97 -62.72 38.41
N ASP C 114 -32.16 -61.66 38.46
CA ASP C 114 -31.50 -61.26 39.69
C ASP C 114 -32.58 -60.89 40.71
N PRO C 115 -32.45 -61.31 41.98
CA PRO C 115 -33.45 -60.95 43.01
C PRO C 115 -33.71 -59.45 43.14
N ASP C 116 -32.70 -58.61 42.90
CA ASP C 116 -32.95 -57.17 42.87
C ASP C 116 -33.58 -56.75 41.55
N GLU C 117 -33.22 -57.41 40.45
CA GLU C 117 -33.77 -57.08 39.14
C GLU C 117 -35.23 -57.54 39.03
N LEU C 118 -35.51 -58.77 39.48
CA LEU C 118 -36.88 -59.28 39.46
C LEU C 118 -37.80 -58.44 40.34
N GLU C 119 -37.30 -58.02 41.50
CA GLU C 119 -38.06 -57.22 42.44
C GLU C 119 -38.30 -55.81 41.91
N LYS C 120 -37.30 -55.23 41.23
CA LYS C 120 -37.48 -53.94 40.59
C LYS C 120 -38.53 -54.02 39.50
N ARG C 121 -38.53 -55.12 38.74
CA ARG C 121 -39.54 -55.33 37.72
C ARG C 121 -40.93 -55.54 38.32
N GLN C 122 -40.99 -56.03 39.56
CA GLN C 122 -42.27 -56.20 40.24
C GLN C 122 -42.89 -54.85 40.59
N VAL C 123 -42.06 -53.91 41.06
CA VAL C 123 -42.55 -52.56 41.32
C VAL C 123 -42.94 -51.87 40.02
N GLN C 124 -42.20 -52.15 38.95
CA GLN C 124 -42.57 -51.66 37.62
C GLN C 124 -43.89 -52.25 37.16
N GLU C 125 -44.14 -53.52 37.49
CA GLU C 125 -45.41 -54.15 37.16
C GLU C 125 -46.55 -53.48 37.92
N LEU C 126 -46.35 -53.17 39.21
CA LEU C 126 -47.38 -52.52 39.99
C LEU C 126 -47.64 -51.10 39.51
N GLN C 127 -46.57 -50.36 39.20
CA GLN C 127 -46.72 -48.97 38.78
C GLN C 127 -47.45 -48.85 37.44
N HIS C 128 -47.15 -49.74 36.49
CA HIS C 128 -47.88 -49.74 35.23
C HIS C 128 -49.35 -50.12 35.45
N GLY C 129 -49.61 -51.07 36.35
CA GLY C 129 -50.97 -51.44 36.65
C GLY C 129 -51.73 -50.35 37.39
N ARG C 130 -51.06 -49.66 38.31
CA ARG C 130 -51.69 -48.56 39.02
C ARG C 130 -52.05 -47.41 38.08
N LEU C 131 -51.17 -47.15 37.11
CA LEU C 131 -51.45 -46.12 36.11
C LEU C 131 -52.59 -46.54 35.18
N ALA C 132 -52.64 -47.83 34.83
CA ALA C 132 -53.65 -48.31 33.90
C ALA C 132 -55.04 -48.31 34.52
N MET C 133 -55.12 -48.54 35.84
CA MET C 133 -56.41 -48.46 36.53
C MET C 133 -56.97 -47.06 36.48
N ILE C 134 -56.11 -46.05 36.64
CA ILE C 134 -56.53 -44.66 36.52
C ILE C 134 -56.95 -44.35 35.08
N ALA C 135 -56.24 -44.94 34.11
CA ALA C 135 -56.60 -44.75 32.71
C ALA C 135 -57.88 -45.49 32.35
N THR C 136 -58.13 -46.63 33.00
CA THR C 136 -59.34 -47.40 32.74
C THR C 136 -60.58 -46.63 33.18
N LEU C 137 -60.45 -45.85 34.26
CA LEU C 137 -61.58 -45.04 34.71
C LEU C 137 -61.93 -43.96 33.70
N GLU C 138 -60.91 -43.33 33.09
CA GLU C 138 -61.17 -42.29 32.10
C GLU C 138 -61.75 -42.88 30.82
N LEU C 139 -61.26 -44.05 30.40
CA LEU C 139 -61.79 -44.70 29.21
C LEU C 139 -63.25 -45.08 29.40
N LEU C 140 -63.58 -45.66 30.57
CA LEU C 140 -64.95 -46.08 30.84
C LEU C 140 -65.87 -44.88 31.03
N ARG C 141 -65.39 -43.83 31.68
CA ARG C 141 -66.21 -42.64 31.90
C ARG C 141 -66.54 -41.95 30.57
N HIS C 142 -65.55 -41.82 29.68
CA HIS C 142 -65.78 -41.17 28.41
C HIS C 142 -66.65 -42.02 27.49
N ASP C 143 -66.43 -43.34 27.49
CA ASP C 143 -67.14 -44.21 26.57
C ASP C 143 -68.60 -44.40 26.99
N SER C 144 -68.84 -44.65 28.28
CA SER C 144 -70.21 -44.91 28.72
C SER C 144 -71.08 -43.67 28.66
N GLN C 145 -70.52 -42.51 29.00
CA GLN C 145 -71.29 -41.27 28.92
C GLN C 145 -71.57 -40.88 27.48
N ASN C 146 -70.65 -41.20 26.56
CA ASN C 146 -70.90 -40.95 25.15
C ASN C 146 -71.97 -41.89 24.60
N LEU C 147 -72.07 -43.10 25.16
CA LEU C 147 -73.14 -44.00 24.76
C LEU C 147 -74.50 -43.49 25.20
N VAL C 148 -74.59 -42.93 26.40
CA VAL C 148 -75.86 -42.40 26.90
C VAL C 148 -76.25 -41.16 26.12
N THR C 149 -75.32 -40.22 25.97
CA THR C 149 -75.56 -39.00 25.19
C THR C 149 -74.40 -38.82 24.22
N PRO C 150 -74.61 -39.09 22.91
CA PRO C 150 -73.55 -38.85 21.92
C PRO C 150 -73.05 -37.41 21.92
N GLY C 151 -71.74 -37.24 21.98
CA GLY C 151 -71.16 -35.91 22.10
C GLY C 151 -71.46 -35.21 23.40
N PHE C 152 -71.42 -35.93 24.52
CA PHE C 152 -71.67 -35.32 25.82
C PHE C 152 -70.55 -34.35 26.19
N ASP C 153 -69.29 -34.79 26.07
CA ASP C 153 -68.18 -33.95 26.48
C ASP C 153 -67.63 -33.09 25.33
N GLY C 154 -67.96 -33.44 24.09
CA GLY C 154 -67.44 -32.72 22.94
C GLY C 154 -66.53 -33.59 22.09
N LEU C 155 -65.82 -34.50 22.74
CA LEU C 155 -64.95 -35.42 22.03
C LEU C 155 -65.78 -36.60 21.50
N ASP C 156 -65.88 -36.70 20.18
CA ASP C 156 -66.76 -37.66 19.53
C ASP C 156 -66.02 -38.92 19.09
N THR C 157 -64.84 -39.18 19.63
CA THR C 157 -64.06 -40.37 19.32
C THR C 157 -63.90 -41.22 20.56
N LEU C 158 -63.82 -42.53 20.38
CA LEU C 158 -63.65 -43.44 21.52
C LEU C 158 -62.30 -43.25 22.19
N ILE C 159 -61.23 -43.23 21.40
CA ILE C 159 -59.88 -43.02 21.90
C ILE C 159 -59.52 -41.58 21.56
N THR C 160 -59.77 -40.67 22.52
CA THR C 160 -59.61 -39.24 22.27
C THR C 160 -58.14 -38.86 22.09
N GLY C 161 -57.25 -39.42 22.90
CA GLY C 161 -55.86 -39.04 22.90
C GLY C 161 -55.00 -39.55 21.77
N LEU C 162 -55.54 -40.39 20.89
CA LEU C 162 -54.80 -40.95 19.76
C LEU C 162 -55.56 -40.66 18.48
N PRO C 163 -55.44 -39.43 17.95
CA PRO C 163 -56.19 -39.08 16.74
C PRO C 163 -55.67 -39.74 15.49
N PHE C 164 -54.46 -40.32 15.52
CA PHE C 164 -53.92 -40.96 14.32
C PHE C 164 -54.63 -42.26 14.00
N LEU C 165 -55.34 -42.83 14.99
CA LEU C 165 -56.15 -44.01 14.72
C LEU C 165 -57.33 -43.69 13.82
N TYR C 166 -57.87 -42.48 13.94
CA TYR C 166 -59.01 -42.06 13.14
C TYR C 166 -58.57 -41.18 11.98
N GLU D 9 -19.73 2.28 60.83
CA GLU D 9 -18.29 2.46 60.72
C GLU D 9 -17.85 2.32 59.26
N SER D 10 -18.69 1.70 58.44
CA SER D 10 -18.37 1.53 57.03
C SER D 10 -18.39 2.88 56.31
N ALA D 11 -17.52 3.01 55.32
CA ALA D 11 -17.46 4.25 54.55
C ALA D 11 -18.72 4.41 53.71
N SER D 12 -19.25 5.63 53.69
CA SER D 12 -20.44 5.90 52.89
C SER D 12 -20.09 5.86 51.41
N PHE D 13 -21.11 5.62 50.58
CA PHE D 13 -20.90 5.57 49.14
C PHE D 13 -20.43 6.91 48.60
N TRP D 14 -20.89 8.01 49.20
CA TRP D 14 -20.46 9.33 48.77
C TRP D 14 -18.98 9.56 49.07
N GLU D 15 -18.49 9.00 50.18
CA GLU D 15 -17.07 9.14 50.51
C GLU D 15 -16.20 8.42 49.49
N GLN D 16 -16.59 7.20 49.10
CA GLN D 16 -15.86 6.47 48.07
C GLN D 16 -15.95 7.17 46.72
N PHE D 17 -17.12 7.74 46.40
CA PHE D 17 -17.28 8.47 45.15
C PHE D 17 -16.40 9.72 45.12
N CYS D 18 -16.34 10.46 46.23
CA CYS D 18 -15.49 11.64 46.30
C CYS D 18 -14.02 11.27 46.27
N ALA D 19 -13.67 10.12 46.86
CA ALA D 19 -12.28 9.66 46.82
C ALA D 19 -11.87 9.25 45.42
N TRP D 20 -12.78 8.64 44.67
CA TRP D 20 -12.46 8.21 43.31
C TRP D 20 -12.44 9.39 42.34
N ILE D 21 -13.36 10.35 42.52
CA ILE D 21 -13.45 11.48 41.60
C ILE D 21 -12.21 12.36 41.71
N THR D 22 -11.81 12.70 42.94
CA THR D 22 -10.65 13.55 43.17
C THR D 22 -9.37 12.75 43.34
N SER D 23 -9.35 11.50 42.89
CA SER D 23 -8.15 10.69 42.99
C SER D 23 -7.10 11.16 41.99
N THR D 24 -5.86 11.27 42.47
CA THR D 24 -4.74 11.60 41.61
C THR D 24 -4.10 10.36 40.98
N GLU D 25 -4.63 9.18 41.27
CA GLU D 25 -4.11 7.94 40.70
C GLU D 25 -4.82 7.53 39.42
N ASN D 26 -5.87 8.25 39.02
CA ASN D 26 -6.53 7.97 37.75
C ASN D 26 -5.63 8.37 36.60
N ARG D 27 -5.73 7.62 35.50
CA ARG D 27 -4.90 7.89 34.32
C ARG D 27 -5.19 9.27 33.76
N LEU D 28 -6.47 9.63 33.66
CA LEU D 28 -6.89 11.00 33.38
C LEU D 28 -7.61 11.50 34.62
N TYR D 29 -7.19 12.64 35.14
CA TYR D 29 -7.84 13.21 36.32
C TYR D 29 -9.27 13.62 35.97
N ILE D 30 -10.21 13.26 36.83
CA ILE D 30 -11.60 13.59 36.56
C ILE D 30 -11.96 14.87 37.29
N GLY D 31 -12.03 14.81 38.62
CA GLY D 31 -12.42 15.99 39.37
C GLY D 31 -13.85 16.43 39.21
N TRP D 32 -14.27 17.37 40.06
CA TRP D 32 -15.64 17.85 40.03
C TRP D 32 -15.91 18.67 38.78
N PHE D 33 -14.91 19.43 38.32
CA PHE D 33 -15.05 20.12 37.04
C PHE D 33 -15.09 19.14 35.89
N GLY D 34 -14.39 18.01 36.02
CA GLY D 34 -14.46 17.00 34.98
C GLY D 34 -15.79 16.28 34.95
N CYS D 35 -16.51 16.28 36.07
CA CYS D 35 -17.88 15.75 36.08
C CYS D 35 -18.79 16.55 35.13
N LEU D 36 -18.48 17.82 34.88
CA LEU D 36 -19.14 18.60 33.84
C LEU D 36 -18.42 18.51 32.51
N MET D 37 -17.09 18.39 32.54
CA MET D 37 -16.30 18.48 31.32
C MET D 37 -16.45 17.24 30.45
N PHE D 38 -16.30 16.05 31.04
CA PHE D 38 -16.31 14.81 30.24
C PHE D 38 -17.64 14.53 29.55
N PRO D 39 -18.82 14.58 30.20
CA PRO D 39 -20.05 14.32 29.44
C PRO D 39 -20.37 15.39 28.42
N THR D 40 -20.03 16.66 28.67
CA THR D 40 -20.30 17.71 27.68
C THR D 40 -19.36 17.60 26.50
N LEU D 41 -18.07 17.39 26.74
CA LEU D 41 -17.11 17.29 25.64
C LEU D 41 -17.26 16.00 24.85
N LEU D 42 -17.67 14.90 25.49
CA LEU D 42 -17.95 13.69 24.75
C LEU D 42 -19.26 13.78 23.98
N THR D 43 -20.22 14.56 24.48
CA THR D 43 -21.45 14.81 23.72
C THR D 43 -21.15 15.62 22.46
N ALA D 44 -20.37 16.70 22.61
CA ALA D 44 -20.07 17.55 21.47
C ALA D 44 -19.15 16.85 20.48
N THR D 45 -18.28 15.95 20.95
CA THR D 45 -17.37 15.25 20.05
C THR D 45 -18.11 14.28 19.14
N SER D 46 -18.98 13.45 19.73
CA SER D 46 -19.74 12.49 18.93
C SER D 46 -20.72 13.18 18.00
N ALA D 47 -21.37 14.24 18.50
CA ALA D 47 -22.29 15.01 17.66
C ALA D 47 -21.56 15.69 16.51
N TYR D 48 -20.36 16.24 16.77
CA TYR D 48 -19.58 16.86 15.71
C TYR D 48 -19.15 15.85 14.67
N ILE D 49 -18.71 14.66 15.10
CA ILE D 49 -18.26 13.63 14.17
C ILE D 49 -19.42 13.15 13.30
N ILE D 50 -20.58 12.91 13.92
CA ILE D 50 -21.75 12.47 13.17
C ILE D 50 -22.22 13.54 12.20
N ALA D 51 -22.29 14.80 12.65
CA ALA D 51 -22.75 15.89 11.79
C ALA D 51 -21.74 16.20 10.69
N PHE D 52 -20.46 15.95 10.94
CA PHE D 52 -19.44 16.17 9.92
C PHE D 52 -19.50 15.07 8.87
N ILE D 53 -19.72 13.83 9.28
CA ILE D 53 -19.76 12.73 8.31
C ILE D 53 -21.07 12.76 7.51
N ALA D 54 -22.20 12.79 8.20
CA ALA D 54 -23.50 12.72 7.54
C ALA D 54 -24.46 13.68 8.23
N ALA D 55 -24.92 14.68 7.49
CA ALA D 55 -25.90 15.65 7.93
C ALA D 55 -26.48 16.34 6.71
N PRO D 56 -27.79 16.50 6.62
CA PRO D 56 -28.40 17.16 5.45
C PRO D 56 -28.05 18.64 5.44
N PRO D 57 -28.12 19.28 4.26
CA PRO D 57 -27.72 20.69 4.17
C PRO D 57 -28.58 21.60 5.03
N VAL D 58 -27.94 22.61 5.60
CA VAL D 58 -28.57 23.53 6.54
C VAL D 58 -28.90 24.82 5.80
N ASP D 59 -30.14 25.26 5.90
CA ASP D 59 -30.56 26.53 5.32
C ASP D 59 -30.19 27.64 6.30
N ILE D 60 -28.93 28.06 6.20
CA ILE D 60 -28.38 29.05 7.12
C ILE D 60 -28.95 30.44 6.85
N ASP D 61 -29.14 30.79 5.57
CA ASP D 61 -29.59 32.13 5.21
C ASP D 61 -31.04 32.38 5.58
N GLY D 62 -31.83 31.34 5.78
CA GLY D 62 -33.22 31.51 6.12
C GLY D 62 -34.16 31.71 4.93
N ILE D 63 -33.66 31.57 3.71
CA ILE D 63 -34.47 31.82 2.52
C ILE D 63 -34.54 30.61 1.58
N ARG D 64 -34.52 29.40 2.18
CA ARG D 64 -34.68 28.11 1.48
C ARG D 64 -33.59 27.85 0.45
N GLU D 65 -32.36 28.31 0.72
CA GLU D 65 -31.18 27.92 -0.05
C GLU D 65 -30.19 27.28 0.91
N PRO D 66 -30.11 25.95 0.94
CA PRO D 66 -29.29 25.29 1.97
C PRO D 66 -27.82 25.17 1.58
N VAL D 67 -26.98 25.06 2.60
CA VAL D 67 -25.54 24.93 2.45
C VAL D 67 -25.15 23.53 2.92
N ALA D 68 -24.48 22.78 2.04
CA ALA D 68 -24.03 21.44 2.38
C ALA D 68 -22.73 21.51 3.17
N GLY D 69 -22.64 20.72 4.24
CA GLY D 69 -21.46 20.74 5.07
C GLY D 69 -20.90 19.38 5.43
N SER D 70 -21.61 18.31 5.10
CA SER D 70 -21.21 16.97 5.50
C SER D 70 -20.47 16.26 4.38
N LEU D 71 -19.70 15.24 4.77
CA LEU D 71 -18.90 14.47 3.83
C LEU D 71 -19.78 13.69 2.86
N LEU D 72 -20.91 13.16 3.35
CA LEU D 72 -21.78 12.37 2.50
C LEU D 72 -22.55 13.20 1.48
N TYR D 73 -22.55 14.54 1.61
CA TYR D 73 -23.28 15.39 0.70
C TYR D 73 -22.36 16.15 -0.26
N GLY D 74 -21.16 15.62 -0.49
CA GLY D 74 -20.35 16.08 -1.60
C GLY D 74 -19.23 17.05 -1.32
N ASN D 75 -18.79 17.19 -0.07
CA ASN D 75 -17.66 18.04 0.23
C ASN D 75 -16.60 17.24 0.98
N ASN D 76 -15.37 17.71 0.89
CA ASN D 76 -14.22 17.04 1.47
C ASN D 76 -13.96 17.54 2.89
N ILE D 77 -12.79 17.18 3.43
CA ILE D 77 -12.42 17.56 4.79
C ILE D 77 -12.22 19.07 4.89
N ILE D 78 -11.65 19.68 3.85
CA ILE D 78 -11.40 21.12 3.87
C ILE D 78 -12.70 21.90 3.82
N SER D 79 -13.59 21.55 2.90
CA SER D 79 -14.85 22.28 2.76
C SER D 79 -15.93 21.79 3.71
N GLY D 80 -15.70 20.68 4.40
CA GLY D 80 -16.70 20.17 5.33
C GLY D 80 -16.79 21.04 6.57
N ALA D 81 -18.02 21.19 7.08
CA ALA D 81 -18.27 22.00 8.25
C ALA D 81 -19.59 21.61 8.87
N VAL D 82 -19.75 21.94 10.14
CA VAL D 82 -21.06 21.94 10.79
C VAL D 82 -21.58 23.36 10.62
N VAL D 83 -22.51 23.54 9.69
CA VAL D 83 -23.01 24.86 9.30
C VAL D 83 -23.72 25.50 10.49
N PRO D 84 -23.57 26.80 10.72
CA PRO D 84 -24.27 27.46 11.83
C PRO D 84 -25.78 27.37 11.70
N SER D 85 -26.45 27.72 12.80
CA SER D 85 -27.90 27.64 12.85
C SER D 85 -28.53 28.62 11.87
N SER D 86 -29.81 28.41 11.59
CA SER D 86 -30.50 29.20 10.59
C SER D 86 -30.71 30.64 11.07
N ASN D 87 -30.88 31.55 10.10
CA ASN D 87 -31.16 32.94 10.44
C ASN D 87 -32.55 33.10 11.02
N ALA D 88 -33.45 32.14 10.76
CA ALA D 88 -34.78 32.19 11.35
C ALA D 88 -34.73 31.99 12.86
N ILE D 89 -33.80 31.16 13.33
CA ILE D 89 -33.66 30.93 14.76
C ILE D 89 -33.11 32.18 15.45
N GLY D 90 -32.06 32.76 14.90
CA GLY D 90 -31.42 33.90 15.54
C GLY D 90 -30.64 33.46 16.76
N VAL D 91 -30.99 33.99 17.93
CA VAL D 91 -30.33 33.61 19.17
C VAL D 91 -31.32 32.83 20.02
N HIS D 92 -32.34 32.25 19.39
CA HIS D 92 -33.32 31.45 20.10
C HIS D 92 -32.72 30.11 20.51
N PHE D 93 -33.10 29.65 21.69
CA PHE D 93 -32.69 28.32 22.14
C PHE D 93 -33.41 27.28 21.31
N TYR D 94 -32.65 26.43 20.63
CA TYR D 94 -33.20 25.44 19.70
C TYR D 94 -32.69 24.04 20.04
N PRO D 95 -33.22 23.43 21.10
CA PRO D 95 -32.86 22.04 21.40
C PRO D 95 -33.57 21.08 20.46
N ILE D 96 -33.14 19.82 20.52
CA ILE D 96 -33.69 18.81 19.62
C ILE D 96 -35.15 18.50 19.94
N TRP D 97 -35.61 18.76 21.16
CA TRP D 97 -37.00 18.48 21.52
C TRP D 97 -37.94 19.65 21.21
N GLU D 98 -37.42 20.81 20.86
CA GLU D 98 -38.26 21.94 20.50
C GLU D 98 -38.49 22.05 19.00
N ALA D 99 -38.00 21.10 18.23
CA ALA D 99 -38.26 21.03 16.79
C ALA D 99 -39.37 20.02 16.53
N ALA D 100 -40.15 20.28 15.47
CA ALA D 100 -41.28 19.40 15.14
C ALA D 100 -40.79 18.03 14.71
N SER D 101 -39.70 17.97 13.95
CA SER D 101 -39.13 16.71 13.52
C SER D 101 -37.62 16.80 13.59
N ILE D 102 -36.98 15.64 13.53
CA ILE D 102 -35.51 15.59 13.43
C ILE D 102 -35.05 16.19 12.11
N ASP D 103 -35.84 15.99 11.04
CA ASP D 103 -35.52 16.58 9.75
C ASP D 103 -35.54 18.10 9.81
N GLU D 104 -36.52 18.68 10.51
CA GLU D 104 -36.58 20.13 10.63
C GLU D 104 -35.48 20.65 11.56
N TRP D 105 -35.09 19.85 12.56
CA TRP D 105 -33.99 20.23 13.43
C TRP D 105 -32.67 20.27 12.65
N LEU D 106 -32.45 19.28 11.80
CA LEU D 106 -31.24 19.25 10.99
C LEU D 106 -31.29 20.29 9.87
N TYR D 107 -32.49 20.67 9.43
CA TYR D 107 -32.59 21.67 8.37
C TYR D 107 -32.30 23.07 8.89
N ASN D 108 -32.48 23.32 10.19
CA ASN D 108 -32.33 24.65 10.75
C ASN D 108 -30.99 24.85 11.46
N GLY D 109 -30.08 23.89 11.38
CA GLY D 109 -28.78 24.05 12.01
C GLY D 109 -28.73 23.81 13.50
N GLY D 110 -29.59 22.94 14.00
CA GLY D 110 -29.56 22.50 15.39
C GLY D 110 -28.28 21.86 15.90
N PRO D 111 -27.61 20.97 15.07
CA PRO D 111 -26.32 20.40 15.50
C PRO D 111 -25.28 21.43 15.88
N TYR D 112 -25.28 22.58 15.19
CA TYR D 112 -24.37 23.66 15.54
C TYR D 112 -24.61 24.16 16.96
N GLN D 113 -25.88 24.39 17.31
CA GLN D 113 -26.21 24.87 18.65
C GLN D 113 -25.82 23.84 19.71
N LEU D 114 -26.12 22.56 19.45
CA LEU D 114 -25.80 21.51 20.40
C LEU D 114 -24.29 21.41 20.63
N VAL D 115 -23.52 21.31 19.55
CA VAL D 115 -22.07 21.17 19.64
C VAL D 115 -21.45 22.40 20.29
N VAL D 116 -21.90 23.60 19.91
CA VAL D 116 -21.30 24.83 20.41
C VAL D 116 -21.56 24.99 21.91
N PHE D 117 -22.79 24.72 22.36
CA PHE D 117 -23.09 24.89 23.78
C PHE D 117 -22.37 23.87 24.63
N HIS D 118 -22.35 22.60 24.19
CA HIS D 118 -21.65 21.58 24.95
C HIS D 118 -20.14 21.84 24.96
N PHE D 119 -19.59 22.33 23.85
CA PHE D 119 -18.16 22.64 23.78
C PHE D 119 -17.79 23.80 24.69
N PHE D 120 -18.65 24.83 24.74
CA PHE D 120 -18.37 25.98 25.60
C PHE D 120 -18.38 25.59 27.08
N ILE D 121 -19.38 24.80 27.48
CA ILE D 121 -19.41 24.30 28.84
C ILE D 121 -18.19 23.43 29.13
N GLY D 122 -17.79 22.61 28.14
CA GLY D 122 -16.65 21.74 28.32
C GLY D 122 -15.33 22.48 28.48
N VAL D 123 -15.14 23.57 27.73
CA VAL D 123 -13.86 24.28 27.86
C VAL D 123 -13.82 25.12 29.14
N CYS D 124 -14.96 25.66 29.59
CA CYS D 124 -14.95 26.32 30.89
C CYS D 124 -14.65 25.32 32.02
N ALA D 125 -15.24 24.14 31.94
CA ALA D 125 -14.94 23.10 32.91
C ALA D 125 -13.50 22.59 32.76
N TYR D 126 -12.93 22.69 31.56
CA TYR D 126 -11.52 22.34 31.37
C TYR D 126 -10.61 23.33 32.11
N ILE D 127 -10.95 24.62 32.06
CA ILE D 127 -10.22 25.62 32.85
C ILE D 127 -10.28 25.27 34.33
N GLY D 128 -11.49 24.98 34.81
CA GLY D 128 -11.65 24.60 36.21
C GLY D 128 -10.91 23.33 36.58
N ARG D 129 -10.89 22.36 35.66
CA ARG D 129 -10.20 21.10 35.89
C ARG D 129 -8.69 21.29 35.95
N GLU D 130 -8.16 22.20 35.13
CA GLU D 130 -6.73 22.51 35.20
C GLU D 130 -6.38 23.11 36.56
N TRP D 131 -7.23 24.03 37.05
CA TRP D 131 -7.02 24.52 38.42
C TRP D 131 -7.09 23.38 39.42
N GLU D 132 -8.06 22.48 39.25
CA GLU D 132 -8.31 21.42 40.23
C GLU D 132 -7.11 20.49 40.34
N LEU D 133 -6.57 20.07 39.20
CA LEU D 133 -5.39 19.20 39.26
C LEU D 133 -4.18 19.95 39.78
N SER D 134 -4.06 21.25 39.48
CA SER D 134 -2.98 22.03 40.07
C SER D 134 -3.11 22.10 41.59
N TYR D 135 -4.34 22.08 42.09
CA TYR D 135 -4.56 22.10 43.53
C TYR D 135 -4.25 20.75 44.17
N ARG D 136 -4.66 19.65 43.53
CA ARG D 136 -4.42 18.33 44.10
C ARG D 136 -2.94 17.96 44.07
N LEU D 137 -2.17 18.51 43.14
CA LEU D 137 -0.75 18.22 43.05
C LEU D 137 0.12 19.18 43.85
N GLY D 138 -0.47 20.21 44.44
CA GLY D 138 0.30 21.13 45.25
C GLY D 138 1.16 22.12 44.49
N MET D 139 0.74 22.52 43.30
CA MET D 139 1.46 23.49 42.50
C MET D 139 0.68 24.80 42.40
N ARG D 140 1.30 25.79 41.77
CA ARG D 140 0.69 27.11 41.66
C ARG D 140 -0.39 27.10 40.58
N PRO D 141 -1.52 27.76 40.84
CA PRO D 141 -2.70 27.59 39.99
C PRO D 141 -2.91 28.62 38.90
N TRP D 142 -1.96 28.88 38.01
CA TRP D 142 -2.17 29.91 37.01
C TRP D 142 -2.03 29.41 35.59
N ILE D 143 -1.99 28.09 35.39
CA ILE D 143 -2.07 27.55 34.04
C ILE D 143 -3.47 27.76 33.46
N CYS D 144 -4.48 27.68 34.32
CA CYS D 144 -5.86 27.91 33.89
C CYS D 144 -6.06 29.36 33.42
N VAL D 145 -5.34 30.31 34.02
CA VAL D 145 -5.39 31.69 33.56
C VAL D 145 -4.79 31.80 32.16
N ALA D 146 -3.73 31.03 31.89
CA ALA D 146 -3.15 31.01 30.55
C ALA D 146 -4.10 30.38 29.54
N PHE D 147 -4.82 29.32 29.95
CA PHE D 147 -5.80 28.72 29.06
C PHE D 147 -7.05 29.57 28.91
N SER D 148 -7.25 30.57 29.78
CA SER D 148 -8.42 31.42 29.67
C SER D 148 -8.39 32.31 28.42
N ALA D 149 -7.24 32.46 27.77
CA ALA D 149 -7.17 33.30 26.57
C ALA D 149 -7.72 32.61 25.32
N PRO D 150 -7.32 31.36 24.97
CA PRO D 150 -8.02 30.71 23.84
C PRO D 150 -9.48 30.41 24.12
N VAL D 151 -9.84 30.19 25.38
CA VAL D 151 -11.25 30.02 25.74
C VAL D 151 -12.02 31.31 25.50
N ALA D 152 -11.42 32.45 25.86
CA ALA D 152 -12.05 33.74 25.59
C ALA D 152 -12.20 33.97 24.09
N ALA D 153 -11.19 33.59 23.31
CA ALA D 153 -11.27 33.74 21.86
C ALA D 153 -12.37 32.87 21.27
N ALA D 154 -12.48 31.62 21.74
CA ALA D 154 -13.54 30.73 21.28
C ALA D 154 -14.91 31.25 21.68
N ALA D 155 -15.02 31.81 22.90
CA ALA D 155 -16.28 32.37 23.35
C ALA D 155 -16.69 33.57 22.50
N ALA D 156 -15.72 34.43 22.16
CA ALA D 156 -16.02 35.59 21.32
C ALA D 156 -16.37 35.17 19.91
N VAL D 157 -15.81 34.06 19.42
CA VAL D 157 -16.04 33.68 18.04
C VAL D 157 -17.31 32.84 17.91
N PHE D 158 -17.75 32.20 18.98
CA PHE D 158 -18.87 31.27 18.87
C PHE D 158 -20.14 31.74 19.57
N VAL D 159 -20.03 32.54 20.63
CA VAL D 159 -21.17 32.91 21.46
C VAL D 159 -21.40 34.42 21.43
N ILE D 160 -20.34 35.19 21.59
CA ILE D 160 -20.50 36.61 21.88
C ILE D 160 -20.75 37.41 20.61
N TYR D 161 -20.04 37.09 19.53
CA TYR D 161 -20.35 37.68 18.24
C TYR D 161 -21.78 37.36 17.77
N PRO D 162 -22.31 36.12 17.90
CA PRO D 162 -23.75 35.94 17.65
C PRO D 162 -24.66 36.75 18.57
N ILE D 163 -24.26 36.97 19.83
CA ILE D 163 -25.09 37.76 20.73
C ILE D 163 -25.16 39.21 20.27
N GLY D 164 -24.01 39.78 19.90
CA GLY D 164 -23.99 41.15 19.42
C GLY D 164 -24.68 41.31 18.08
N GLN D 165 -24.49 40.35 17.18
CA GLN D 165 -25.13 40.44 15.87
C GLN D 165 -26.57 39.95 15.88
N GLY D 166 -27.00 39.27 16.94
CA GLY D 166 -28.37 38.85 17.07
C GLY D 166 -28.74 37.57 16.38
N SER D 167 -27.77 36.74 15.99
CA SER D 167 -28.07 35.48 15.32
C SER D 167 -26.89 34.54 15.43
N PHE D 168 -27.16 33.26 15.75
CA PHE D 168 -26.12 32.25 15.75
C PHE D 168 -25.67 31.87 14.35
N SER D 169 -26.36 32.34 13.31
CA SER D 169 -25.90 32.16 11.93
C SER D 169 -24.61 32.93 11.66
N ASP D 170 -24.34 33.98 12.43
CA ASP D 170 -23.13 34.78 12.28
C ASP D 170 -21.96 34.21 13.07
N GLY D 171 -22.16 33.12 13.80
CA GLY D 171 -21.05 32.48 14.47
C GLY D 171 -20.13 31.79 13.49
N MET D 172 -18.95 31.44 13.96
CA MET D 172 -17.97 30.80 13.10
C MET D 172 -18.40 29.36 12.81
N PRO D 173 -18.44 28.96 11.55
CA PRO D 173 -18.76 27.56 11.24
C PRO D 173 -17.68 26.62 11.74
N LEU D 174 -18.10 25.41 12.09
CA LEU D 174 -17.19 24.40 12.62
C LEU D 174 -16.55 23.63 11.47
N GLY D 175 -15.71 24.34 10.73
CA GLY D 175 -15.01 23.79 9.60
C GLY D 175 -13.87 24.69 9.19
N ILE D 176 -13.13 24.24 8.19
CA ILE D 176 -11.95 24.98 7.73
C ILE D 176 -12.35 26.10 6.78
N SER D 177 -13.03 25.74 5.69
CA SER D 177 -13.51 26.75 4.74
C SER D 177 -14.55 27.66 5.38
N GLY D 178 -15.33 27.13 6.32
CA GLY D 178 -16.25 27.97 7.06
C GLY D 178 -15.53 28.99 7.92
N THR D 179 -14.39 28.60 8.51
CA THR D 179 -13.57 29.54 9.26
C THR D 179 -13.04 30.64 8.35
N PHE D 180 -12.58 30.27 7.15
CA PHE D 180 -12.10 31.30 6.21
C PHE D 180 -13.23 32.23 5.77
N ASN D 181 -14.43 31.68 5.56
CA ASN D 181 -15.58 32.49 5.19
C ASN D 181 -15.96 33.46 6.30
N PHE D 182 -15.90 32.99 7.55
CA PHE D 182 -16.14 33.86 8.70
C PHE D 182 -15.12 34.99 8.75
N MET D 183 -13.85 34.67 8.48
CA MET D 183 -12.79 35.68 8.52
C MET D 183 -13.02 36.75 7.46
N LEU D 184 -13.36 36.32 6.23
CA LEU D 184 -13.58 37.26 5.14
C LEU D 184 -14.79 38.15 5.39
N VAL D 185 -15.90 37.57 5.87
CA VAL D 185 -17.11 38.35 6.12
C VAL D 185 -16.88 39.32 7.28
N PHE D 186 -16.15 38.88 8.32
CA PHE D 186 -15.83 39.74 9.45
C PHE D 186 -14.95 40.91 9.01
N GLN D 187 -13.97 40.65 8.14
CA GLN D 187 -13.14 41.74 7.62
C GLN D 187 -13.96 42.72 6.80
N ALA D 188 -14.88 42.20 5.98
CA ALA D 188 -15.73 43.07 5.17
C ALA D 188 -16.61 43.96 6.03
N GLU D 189 -17.16 43.41 7.11
CA GLU D 189 -18.11 44.16 7.91
C GLU D 189 -17.49 45.03 8.99
N HIS D 190 -16.30 44.69 9.49
CA HIS D 190 -15.75 45.38 10.65
C HIS D 190 -14.34 45.90 10.49
N ASN D 191 -13.61 45.49 9.45
CA ASN D 191 -12.20 45.85 9.23
C ASN D 191 -11.34 45.50 10.45
N ILE D 192 -11.29 44.20 10.73
CA ILE D 192 -10.56 43.70 11.89
C ILE D 192 -9.06 43.92 11.73
N LEU D 193 -8.57 43.93 10.49
CA LEU D 193 -7.13 44.12 10.23
C LEU D 193 -6.66 45.48 10.73
N MET D 194 -7.51 46.50 10.66
CA MET D 194 -7.16 47.83 11.14
C MET D 194 -7.56 48.07 12.59
N HIS D 195 -8.10 47.05 13.26
CA HIS D 195 -8.40 47.17 14.68
C HIS D 195 -7.12 47.05 15.49
N PRO D 196 -6.87 47.94 16.45
CA PRO D 196 -5.65 47.84 17.26
C PRO D 196 -5.56 46.57 18.09
N PHE D 197 -6.70 45.99 18.48
CA PHE D 197 -6.67 44.78 19.28
C PHE D 197 -6.28 43.57 18.45
N HIS D 198 -6.67 43.53 17.17
CA HIS D 198 -6.16 42.46 16.30
C HIS D 198 -4.68 42.65 16.02
N MET D 199 -4.21 43.90 15.98
CA MET D 199 -2.78 44.14 15.87
C MET D 199 -2.04 43.62 17.10
N LEU D 200 -2.64 43.80 18.28
CA LEU D 200 -2.06 43.26 19.50
C LEU D 200 -2.10 41.73 19.49
N GLY D 201 -3.15 41.14 18.94
CA GLY D 201 -3.22 39.70 18.82
C GLY D 201 -2.19 39.12 17.86
N VAL D 202 -2.01 39.78 16.71
CA VAL D 202 -0.98 39.35 15.76
C VAL D 202 0.40 39.52 16.36
N ALA D 203 0.60 40.62 17.09
CA ALA D 203 1.86 40.81 17.80
C ALA D 203 2.09 39.72 18.83
N GLY D 204 1.03 39.33 19.54
CA GLY D 204 1.15 38.26 20.52
C GLY D 204 1.48 36.92 19.90
N VAL D 205 0.83 36.58 18.79
CA VAL D 205 1.06 35.29 18.15
C VAL D 205 2.43 35.25 17.47
N PHE D 206 2.78 36.30 16.72
CA PHE D 206 4.09 36.38 16.09
C PHE D 206 5.21 36.41 17.11
N GLY D 207 5.04 37.20 18.18
CA GLY D 207 6.03 37.25 19.23
C GLY D 207 6.13 35.95 20.00
N GLY D 208 5.00 35.28 20.21
CA GLY D 208 5.04 33.99 20.88
C GLY D 208 5.79 32.96 20.09
N SER D 209 5.60 32.93 18.76
CA SER D 209 6.38 32.04 17.92
C SER D 209 7.86 32.42 17.94
N LEU D 210 8.15 33.73 17.90
CA LEU D 210 9.53 34.20 17.98
C LEU D 210 10.19 33.77 19.27
N PHE D 211 9.51 34.00 20.41
CA PHE D 211 10.10 33.71 21.71
C PHE D 211 10.21 32.22 21.94
N SER D 212 9.25 31.44 21.42
CA SER D 212 9.33 29.99 21.52
C SER D 212 10.53 29.45 20.74
N ALA D 213 10.70 29.90 19.49
CA ALA D 213 11.85 29.46 18.70
C ALA D 213 13.16 29.96 19.30
N MET D 214 13.16 31.19 19.82
CA MET D 214 14.35 31.78 20.43
C MET D 214 14.78 31.01 21.67
N HIS D 215 13.84 30.78 22.60
CA HIS D 215 14.14 30.05 23.83
C HIS D 215 14.54 28.61 23.53
N GLY D 216 13.84 27.97 22.60
CA GLY D 216 14.19 26.60 22.24
C GLY D 216 15.56 26.48 21.62
N SER D 217 15.91 27.41 20.73
CA SER D 217 17.23 27.39 20.11
C SER D 217 18.31 27.73 21.12
N LEU D 218 18.02 28.62 22.07
CA LEU D 218 19.00 28.97 23.10
C LEU D 218 19.29 27.78 24.02
N VAL D 219 18.25 27.05 24.40
CA VAL D 219 18.45 25.90 25.27
C VAL D 219 19.10 24.74 24.50
N THR D 220 18.64 24.50 23.27
CA THR D 220 19.19 23.43 22.44
C THR D 220 20.65 23.69 22.09
N SER D 221 21.02 24.97 21.97
CA SER D 221 22.39 25.33 21.62
C SER D 221 23.36 24.99 22.74
N SER D 222 22.97 25.23 23.99
CA SER D 222 23.88 25.11 25.11
C SER D 222 23.67 23.83 25.92
N LEU D 223 23.22 22.76 25.28
CA LEU D 223 23.06 21.48 25.96
C LEU D 223 24.41 20.94 26.39
N ILE D 224 24.49 20.43 27.62
CA ILE D 224 25.74 19.91 28.15
C ILE D 224 25.95 18.50 27.60
N ARG D 225 27.18 18.21 27.19
CA ARG D 225 27.51 16.91 26.60
C ARG D 225 27.35 15.79 27.60
N GLU D 226 26.46 14.84 27.29
CA GLU D 226 26.22 13.69 28.14
C GLU D 226 26.11 12.38 27.37
N THR D 227 25.99 12.41 26.05
CA THR D 227 25.83 11.22 25.23
C THR D 227 27.06 11.03 24.35
N SER D 228 27.10 9.89 23.64
CA SER D 228 28.20 9.57 22.76
C SER D 228 27.98 10.24 21.40
N GLU D 229 28.82 9.90 20.42
CA GLU D 229 28.77 10.55 19.11
C GLU D 229 27.65 9.97 18.26
N ASN D 230 26.86 10.85 17.65
CA ASN D 230 25.69 10.60 16.79
C ASN D 230 24.53 9.97 17.53
N GLU D 231 24.67 9.67 18.82
CA GLU D 231 23.54 9.28 19.65
C GLU D 231 22.66 10.49 19.88
N SER D 232 21.36 10.25 20.06
CA SER D 232 20.43 11.34 20.31
C SER D 232 20.77 12.04 21.62
N LEU D 233 20.84 13.38 21.57
CA LEU D 233 21.22 14.14 22.75
C LEU D 233 20.15 14.13 23.83
N ASN D 234 18.90 13.78 23.47
CA ASN D 234 17.82 13.73 24.43
C ASN D 234 18.01 12.66 25.49
N TYR D 235 18.86 11.67 25.24
CA TYR D 235 19.20 10.70 26.28
C TYR D 235 20.15 11.28 27.32
N GLY D 236 20.71 12.47 27.07
CA GLY D 236 21.52 13.13 28.05
C GLY D 236 20.74 13.68 29.22
N TYR D 237 19.44 13.88 29.05
CA TYR D 237 18.57 14.32 30.13
C TYR D 237 17.90 13.10 30.74
N LYS D 238 17.92 13.03 32.07
CA LYS D 238 17.25 11.97 32.81
C LYS D 238 16.00 12.54 33.46
N PHE D 239 14.87 11.85 33.27
CA PHE D 239 13.61 12.31 33.83
C PHE D 239 13.66 12.23 35.35
N GLY D 240 13.50 13.37 36.01
CA GLY D 240 13.58 13.45 37.45
C GLY D 240 14.92 13.86 38.00
N GLN D 241 15.89 14.18 37.14
CA GLN D 241 17.20 14.62 37.60
C GLN D 241 17.11 16.01 38.21
N GLU D 242 18.10 16.33 39.05
CA GLU D 242 18.13 17.63 39.70
C GLU D 242 19.03 18.64 39.01
N GLU D 243 20.17 18.20 38.48
CA GLU D 243 21.11 19.11 37.84
C GLU D 243 20.54 19.65 36.53
N GLU D 244 21.00 20.85 36.17
CA GLU D 244 20.55 21.49 34.95
C GLU D 244 21.08 20.75 33.72
N THR D 245 20.26 20.68 32.68
CA THR D 245 20.62 19.95 31.47
C THR D 245 21.31 20.81 30.43
N TYR D 246 21.35 22.13 30.60
CA TYR D 246 22.01 23.00 29.64
C TYR D 246 22.81 24.06 30.38
N ASN D 247 23.78 24.63 29.67
CA ASN D 247 24.68 25.65 30.22
C ASN D 247 24.00 27.00 30.11
N ILE D 248 23.48 27.49 31.24
CA ILE D 248 22.71 28.73 31.24
C ILE D 248 23.60 29.94 30.99
N VAL D 249 24.83 29.93 31.53
CA VAL D 249 25.71 31.09 31.39
C VAL D 249 26.19 31.24 29.95
N ALA D 250 26.43 30.12 29.25
CA ALA D 250 26.85 30.19 27.85
C ALA D 250 25.73 30.73 26.96
N ALA D 251 24.49 30.28 27.19
CA ALA D 251 23.36 30.80 26.43
C ALA D 251 23.12 32.27 26.72
N HIS D 252 23.27 32.67 27.99
CA HIS D 252 23.10 34.07 28.35
C HIS D 252 24.19 34.94 27.71
N GLY D 253 25.42 34.44 27.67
CA GLY D 253 26.49 35.16 27.01
C GLY D 253 26.27 35.31 25.52
N TYR D 254 25.76 34.24 24.88
CA TYR D 254 25.42 34.31 23.46
C TYR D 254 24.33 35.33 23.19
N PHE D 255 23.26 35.30 24.00
CA PHE D 255 22.16 36.24 23.78
C PHE D 255 22.58 37.67 24.09
N GLY D 256 23.46 37.86 25.07
CA GLY D 256 23.99 39.17 25.36
C GLY D 256 24.84 39.70 24.24
N ARG D 257 25.71 38.86 23.65
CA ARG D 257 26.54 39.35 22.57
C ARG D 257 25.76 39.49 21.27
N LEU D 258 24.59 38.86 21.20
CA LEU D 258 23.80 38.89 19.96
C LEU D 258 23.19 40.25 19.70
N ILE D 259 22.60 40.87 20.73
CA ILE D 259 21.95 42.16 20.51
C ILE D 259 22.70 43.32 21.17
N PHE D 260 22.84 43.33 22.51
CA PHE D 260 23.65 44.34 23.20
C PHE D 260 24.08 43.79 24.55
N GLN D 261 25.19 44.34 25.06
CA GLN D 261 26.03 43.81 26.15
C GLN D 261 25.30 43.08 27.27
N TYR D 262 24.28 43.69 27.86
CA TYR D 262 23.49 43.02 28.89
C TYR D 262 22.03 43.07 28.50
N ALA D 263 21.56 42.02 27.84
CA ALA D 263 20.17 41.91 27.46
C ALA D 263 19.54 40.58 27.82
N SER D 264 20.34 39.58 28.22
CA SER D 264 19.82 38.28 28.57
C SER D 264 18.96 38.35 29.82
N PHE D 265 17.83 37.67 29.78
CA PHE D 265 16.97 37.55 30.96
C PHE D 265 17.70 36.60 31.90
N ASN D 266 18.56 37.20 32.74
CA ASN D 266 19.42 36.44 33.64
C ASN D 266 18.61 35.59 34.60
N ASN D 267 17.51 36.14 35.11
CA ASN D 267 16.59 35.39 35.96
C ASN D 267 15.65 34.61 35.04
N SER D 268 15.67 33.27 35.15
CA SER D 268 14.83 32.45 34.29
C SER D 268 13.37 32.54 34.67
N ARG D 269 13.09 32.97 35.91
CA ARG D 269 11.73 33.11 36.38
C ARG D 269 10.96 34.17 35.59
N ALA D 270 11.56 35.36 35.44
CA ALA D 270 10.89 36.42 34.69
C ALA D 270 10.93 36.14 33.19
N LEU D 271 11.94 35.41 32.73
CA LEU D 271 11.97 34.97 31.33
C LEU D 271 10.78 34.06 31.03
N HIS D 272 10.52 33.09 31.90
CA HIS D 272 9.40 32.19 31.68
C HIS D 272 8.06 32.87 31.96
N PHE D 273 8.04 33.85 32.88
CA PHE D 273 6.83 34.64 33.06
C PHE D 273 6.51 35.44 31.80
N PHE D 274 7.53 36.03 31.18
CA PHE D 274 7.35 36.76 29.93
C PHE D 274 6.88 35.84 28.80
N LEU D 275 7.46 34.63 28.73
CA LEU D 275 7.03 33.64 27.75
C LEU D 275 5.57 33.26 27.95
N GLY D 276 5.15 33.07 29.20
CA GLY D 276 3.77 32.70 29.46
C GLY D 276 2.81 33.87 29.33
N ALA D 277 3.32 35.10 29.45
CA ALA D 277 2.44 36.26 29.54
C ALA D 277 2.18 36.91 28.19
N TRP D 278 3.20 36.96 27.31
CA TRP D 278 3.07 37.72 26.07
C TRP D 278 1.96 37.19 25.14
N PRO D 279 1.94 35.92 24.73
CA PRO D 279 0.84 35.50 23.84
C PRO D 279 -0.51 35.41 24.54
N VAL D 280 -0.52 35.20 25.86
CA VAL D 280 -1.78 35.15 26.59
C VAL D 280 -2.45 36.53 26.60
N VAL D 281 -1.68 37.59 26.86
CA VAL D 281 -2.22 38.94 26.83
C VAL D 281 -2.61 39.33 25.40
N GLY D 282 -1.81 38.92 24.42
CA GLY D 282 -2.17 39.19 23.03
C GLY D 282 -3.47 38.54 22.61
N ILE D 283 -3.67 37.27 22.98
CA ILE D 283 -4.90 36.57 22.64
C ILE D 283 -6.08 37.13 23.43
N TRP D 284 -5.85 37.56 24.67
CA TRP D 284 -6.89 38.25 25.43
C TRP D 284 -7.36 39.51 24.70
N PHE D 285 -6.41 40.30 24.20
CA PHE D 285 -6.78 41.54 23.54
C PHE D 285 -7.44 41.28 22.19
N THR D 286 -7.01 40.27 21.45
CA THR D 286 -7.70 40.00 20.18
C THR D 286 -9.08 39.39 20.40
N ALA D 287 -9.27 38.63 21.49
CA ALA D 287 -10.59 38.13 21.84
C ALA D 287 -11.52 39.27 22.20
N MET D 288 -11.02 40.23 22.98
CA MET D 288 -11.83 41.38 23.33
C MET D 288 -12.07 42.29 22.14
N GLY D 289 -11.15 42.33 21.19
CA GLY D 289 -11.39 43.08 19.97
C GLY D 289 -12.49 42.47 19.13
N VAL D 290 -12.48 41.15 18.98
CA VAL D 290 -13.55 40.46 18.25
C VAL D 290 -14.88 40.63 18.97
N ALA D 291 -14.85 40.58 20.31
CA ALA D 291 -16.08 40.71 21.08
C ALA D 291 -16.63 42.14 21.03
N THR D 292 -15.75 43.14 21.01
CA THR D 292 -16.22 44.52 20.92
C THR D 292 -16.67 44.88 19.52
N MET D 293 -16.13 44.22 18.49
CA MET D 293 -16.60 44.44 17.13
C MET D 293 -17.96 43.80 16.88
N ALA D 294 -18.41 42.93 17.79
CA ALA D 294 -19.76 42.40 17.70
C ALA D 294 -20.80 43.48 17.91
N PHE D 295 -20.48 44.49 18.71
CA PHE D 295 -21.36 45.61 18.99
C PHE D 295 -21.02 46.84 18.16
N ASN D 296 -20.50 46.61 16.95
CA ASN D 296 -20.23 47.62 15.93
C ASN D 296 -19.24 48.69 16.37
N LEU D 297 -18.27 48.34 17.21
CA LEU D 297 -17.15 49.22 17.51
C LEU D 297 -15.98 48.76 16.64
N ASN D 298 -16.02 49.18 15.38
CA ASN D 298 -15.12 48.67 14.36
C ASN D 298 -13.72 49.25 14.50
N GLY D 299 -12.84 48.85 13.59
CA GLY D 299 -11.46 49.28 13.61
C GLY D 299 -11.27 50.69 13.09
N PHE D 300 -10.00 51.07 12.94
CA PHE D 300 -9.64 52.39 12.47
C PHE D 300 -10.12 52.61 11.03
N ASN D 301 -10.72 53.78 10.80
CA ASN D 301 -11.20 54.16 9.47
C ASN D 301 -10.38 55.34 8.99
N PHE D 302 -9.42 55.08 8.11
CA PHE D 302 -8.56 56.10 7.53
C PHE D 302 -8.91 56.32 6.07
N ASN D 303 -10.21 56.28 5.78
CA ASN D 303 -10.73 56.46 4.43
C ASN D 303 -10.76 57.95 4.08
N GLN D 304 -10.28 58.27 2.87
CA GLN D 304 -10.29 59.62 2.31
C GLN D 304 -9.57 60.61 3.23
N SER D 305 -8.45 60.14 3.81
CA SER D 305 -7.69 60.95 4.76
C SER D 305 -6.75 61.92 4.09
N VAL D 306 -6.46 61.75 2.80
CA VAL D 306 -5.56 62.62 2.06
C VAL D 306 -6.33 63.24 0.91
N VAL D 307 -6.39 64.57 0.89
CA VAL D 307 -7.01 65.31 -0.21
C VAL D 307 -6.03 66.35 -0.71
N ASP D 308 -6.19 66.75 -1.96
CA ASP D 308 -5.33 67.75 -2.55
C ASP D 308 -5.87 69.15 -2.23
N SER D 309 -5.34 70.17 -2.90
CA SER D 309 -5.78 71.54 -2.64
C SER D 309 -7.17 71.79 -3.18
N GLN D 310 -7.53 71.16 -4.30
CA GLN D 310 -8.83 71.36 -4.93
C GLN D 310 -9.92 70.44 -4.38
N GLY D 311 -9.59 69.59 -3.41
CA GLY D 311 -10.57 68.73 -2.78
C GLY D 311 -10.63 67.32 -3.35
N ARG D 312 -9.86 67.01 -4.38
CA ARG D 312 -9.83 65.66 -4.93
C ARG D 312 -9.17 64.71 -3.94
N VAL D 313 -9.69 63.49 -3.85
CA VAL D 313 -9.21 62.51 -2.89
C VAL D 313 -8.01 61.78 -3.48
N ILE D 314 -6.90 61.79 -2.76
CA ILE D 314 -5.72 61.00 -3.09
C ILE D 314 -5.77 59.74 -2.25
N ASN D 315 -5.80 58.58 -2.91
CA ASN D 315 -5.94 57.32 -2.20
C ASN D 315 -4.67 56.99 -1.41
N THR D 316 -4.84 56.19 -0.37
CA THR D 316 -3.74 55.60 0.37
C THR D 316 -3.89 54.08 0.32
N TRP D 317 -3.05 53.37 1.06
CA TRP D 317 -3.19 51.91 1.13
C TRP D 317 -4.47 51.51 1.86
N ALA D 318 -4.93 52.33 2.80
CA ALA D 318 -6.21 52.08 3.47
C ALA D 318 -7.37 52.13 2.49
N ASP D 319 -7.27 52.94 1.43
CA ASP D 319 -8.34 52.98 0.43
C ASP D 319 -8.37 51.69 -0.39
N ILE D 320 -7.21 51.12 -0.70
CA ILE D 320 -7.19 49.84 -1.41
C ILE D 320 -7.74 48.72 -0.53
N LEU D 321 -7.39 48.75 0.76
CA LEU D 321 -7.95 47.80 1.71
C LEU D 321 -9.47 47.96 1.81
N ASN D 322 -9.94 49.20 1.79
CA ASN D 322 -11.38 49.47 1.81
C ASN D 322 -12.06 48.97 0.55
N ARG D 323 -11.38 49.05 -0.59
CA ARG D 323 -11.95 48.52 -1.83
C ARG D 323 -12.11 47.00 -1.76
N SER D 324 -11.12 46.31 -1.18
CA SER D 324 -11.25 44.87 -0.96
C SER D 324 -12.40 44.55 0.00
N ASN D 325 -12.52 45.33 1.08
CA ASN D 325 -13.61 45.14 2.03
C ASN D 325 -14.97 45.36 1.37
N LEU D 326 -15.06 46.37 0.51
CA LEU D 326 -16.30 46.67 -0.18
C LEU D 326 -16.67 45.56 -1.16
N GLY D 327 -15.68 44.99 -1.84
CA GLY D 327 -15.96 43.86 -2.72
C GLY D 327 -16.50 42.65 -1.98
N MET D 328 -15.86 42.29 -0.86
CA MET D 328 -16.37 41.19 -0.04
C MET D 328 -17.75 41.50 0.52
N GLU D 329 -17.99 42.76 0.91
CA GLU D 329 -19.26 43.15 1.50
C GLU D 329 -20.39 43.09 0.49
N VAL D 330 -20.15 43.57 -0.74
CA VAL D 330 -21.22 43.52 -1.74
C VAL D 330 -21.43 42.09 -2.23
N MET D 331 -20.40 41.23 -2.15
CA MET D 331 -20.69 39.84 -2.49
C MET D 331 -21.31 39.06 -1.34
N HIS D 332 -21.26 39.60 -0.11
CA HIS D 332 -21.88 38.95 1.02
C HIS D 332 -23.32 39.40 1.27
N GLU D 333 -23.61 40.69 1.08
CA GLU D 333 -24.95 41.23 1.28
C GLU D 333 -25.85 40.81 0.11
N ARG D 334 -26.38 39.59 0.22
CA ARG D 334 -27.20 39.01 -0.83
C ARG D 334 -28.59 39.62 -0.80
N ASN D 335 -28.81 40.61 -1.66
CA ASN D 335 -30.06 41.37 -1.78
C ASN D 335 -30.43 42.05 -0.44
N ALA D 336 -29.56 42.96 -0.02
CA ALA D 336 -29.79 43.72 1.21
C ALA D 336 -30.86 44.78 0.98
N ALA E 2 20.85 2.84 18.80
CA ALA E 2 21.19 4.13 19.41
C ALA E 2 21.10 5.24 18.39
N LEU E 3 21.29 4.89 17.12
CA LEU E 3 21.23 5.87 16.04
C LEU E 3 19.78 6.21 15.74
N PRO E 4 19.39 7.47 15.81
CA PRO E 4 18.01 7.84 15.44
C PRO E 4 17.78 7.70 13.94
N TRP E 5 16.49 7.76 13.56
CA TRP E 5 16.10 7.50 12.18
C TRP E 5 16.67 8.52 11.21
N TYR E 6 16.85 9.77 11.66
CA TYR E 6 17.35 10.84 10.80
C TYR E 6 18.87 10.87 10.73
N ARG E 7 19.56 9.94 11.38
CA ARG E 7 21.02 9.87 11.34
C ARG E 7 21.50 8.51 10.87
N VAL E 8 20.64 7.71 10.23
CA VAL E 8 20.98 6.34 9.90
C VAL E 8 22.06 6.27 8.83
N HIS E 9 22.13 7.26 7.95
CA HIS E 9 23.10 7.19 6.85
C HIS E 9 24.47 7.72 7.24
N THR E 10 24.65 8.16 8.49
CA THR E 10 25.96 8.63 8.95
C THR E 10 26.94 7.49 9.20
N VAL E 11 26.52 6.24 9.11
CA VAL E 11 27.44 5.11 9.20
C VAL E 11 28.38 5.07 8.00
N VAL E 12 27.99 5.74 6.92
CA VAL E 12 28.78 5.83 5.68
C VAL E 12 29.80 6.97 5.73
N LEU E 13 29.71 7.85 6.75
CA LEU E 13 30.52 9.06 6.80
C LEU E 13 32.02 8.77 6.89
N ASN E 14 32.42 7.73 7.61
CA ASN E 14 33.82 7.36 7.74
C ASN E 14 34.13 6.05 7.02
N ASP E 15 33.34 5.71 6.00
CA ASP E 15 33.52 4.48 5.23
C ASP E 15 33.55 4.86 3.76
N PRO E 16 34.74 5.15 3.22
CA PRO E 16 34.83 5.54 1.79
C PRO E 16 34.35 4.48 0.82
N GLY E 17 34.53 3.20 1.16
CA GLY E 17 34.03 2.14 0.28
C GLY E 17 32.51 2.10 0.23
N ARG E 18 31.86 2.26 1.39
CA ARG E 18 30.41 2.26 1.42
C ARG E 18 29.82 3.62 1.05
N LEU E 19 30.64 4.68 1.04
CA LEU E 19 30.17 5.95 0.51
C LEU E 19 30.03 5.89 -1.00
N ILE E 20 30.97 5.20 -1.66
CA ILE E 20 30.87 4.97 -3.10
C ILE E 20 29.68 4.07 -3.40
N ALA E 21 29.40 3.11 -2.50
CA ALA E 21 28.30 2.18 -2.70
C ALA E 21 26.95 2.88 -2.66
N VAL E 22 26.74 3.77 -1.69
CA VAL E 22 25.46 4.47 -1.61
C VAL E 22 25.35 5.53 -2.69
N HIS E 23 26.49 6.03 -3.17
CA HIS E 23 26.47 6.98 -4.28
C HIS E 23 26.20 6.28 -5.61
N LEU E 24 26.67 5.04 -5.74
CA LEU E 24 26.36 4.25 -6.93
C LEU E 24 24.90 3.80 -6.90
N MET E 25 24.36 3.55 -5.71
CA MET E 25 22.95 3.20 -5.59
C MET E 25 22.05 4.37 -5.96
N HIS E 26 22.40 5.57 -5.51
CA HIS E 26 21.65 6.76 -5.91
C HIS E 26 21.76 7.00 -7.40
N THR E 27 22.94 6.73 -7.98
CA THR E 27 23.11 6.82 -9.42
C THR E 27 22.25 5.80 -10.15
N ALA E 28 22.14 4.59 -9.58
CA ALA E 28 21.29 3.56 -10.19
C ALA E 28 19.82 3.95 -10.14
N LEU E 29 19.38 4.59 -9.07
CA LEU E 29 17.99 4.99 -8.96
C LEU E 29 17.68 6.17 -9.88
N VAL E 30 18.60 7.13 -9.98
CA VAL E 30 18.37 8.30 -10.83
C VAL E 30 18.41 7.92 -12.30
N ALA E 31 19.39 7.10 -12.69
CA ALA E 31 19.43 6.62 -14.08
C ALA E 31 18.27 5.69 -14.37
N GLY E 32 17.84 4.93 -13.37
CA GLY E 32 16.66 4.10 -13.54
C GLY E 32 15.39 4.91 -13.71
N TRP E 33 15.29 6.03 -13.00
CA TRP E 33 14.14 6.90 -13.16
C TRP E 33 14.09 7.51 -14.56
N ALA E 34 15.24 7.94 -15.07
CA ALA E 34 15.30 8.59 -16.37
C ALA E 34 14.86 7.65 -17.49
N GLY E 35 15.32 6.40 -17.45
CA GLY E 35 14.87 5.43 -18.43
C GLY E 35 13.40 5.08 -18.26
N SER E 36 12.95 4.96 -17.01
CA SER E 36 11.55 4.62 -16.77
C SER E 36 10.62 5.77 -17.12
N MET E 37 11.02 7.01 -16.80
CA MET E 37 10.18 8.16 -17.11
C MET E 37 10.04 8.34 -18.61
N ALA E 38 11.13 8.11 -19.36
CA ALA E 38 11.07 8.26 -20.81
C ALA E 38 10.24 7.15 -21.45
N LEU E 39 10.31 5.94 -20.91
CA LEU E 39 9.52 4.84 -21.46
C LEU E 39 8.04 5.02 -21.18
N TYR E 40 7.68 5.49 -19.98
CA TYR E 40 6.29 5.81 -19.69
C TYR E 40 5.82 6.96 -20.55
N GLU E 41 6.68 7.95 -20.75
CA GLU E 41 6.32 9.10 -21.57
C GLU E 41 6.14 8.71 -23.03
N LEU E 42 6.96 7.78 -23.53
CA LEU E 42 6.80 7.31 -24.90
C LEU E 42 5.52 6.50 -25.09
N ALA E 43 4.95 5.98 -24.00
CA ALA E 43 3.72 5.21 -24.10
C ALA E 43 2.51 6.13 -24.29
N VAL E 44 2.52 7.30 -23.66
CA VAL E 44 1.37 8.20 -23.69
C VAL E 44 1.56 9.36 -24.66
N PHE E 45 2.65 9.38 -25.42
CA PHE E 45 2.91 10.47 -26.35
C PHE E 45 2.19 10.24 -27.67
N ASP E 46 1.55 11.29 -28.17
CA ASP E 46 0.88 11.27 -29.47
C ASP E 46 1.65 12.17 -30.42
N PRO E 47 2.45 11.62 -31.33
CA PRO E 47 3.24 12.44 -32.25
C PRO E 47 2.55 12.81 -33.55
N SER E 48 1.22 12.68 -33.63
CA SER E 48 0.51 12.90 -34.88
C SER E 48 0.54 14.36 -35.31
N ASP E 49 0.33 15.28 -34.37
CA ASP E 49 0.20 16.70 -34.68
C ASP E 49 1.17 17.53 -33.84
N PRO E 50 2.37 17.83 -34.33
CA PRO E 50 3.28 18.69 -33.57
C PRO E 50 2.95 20.18 -33.63
N VAL E 51 1.88 20.56 -34.32
CA VAL E 51 1.50 21.98 -34.45
C VAL E 51 0.60 22.38 -33.31
N LEU E 52 -0.53 21.69 -33.15
CA LEU E 52 -1.50 22.02 -32.11
C LEU E 52 -1.47 21.06 -30.93
N ASN E 53 -0.69 19.98 -31.01
CA ASN E 53 -0.49 19.06 -29.89
C ASN E 53 0.99 18.76 -29.70
N PRO E 54 1.79 19.73 -29.28
CA PRO E 54 3.22 19.47 -29.08
C PRO E 54 3.47 18.67 -27.81
N MET E 55 4.76 18.49 -27.51
CA MET E 55 5.15 17.73 -26.33
C MET E 55 4.74 18.45 -25.05
N TRP E 56 4.84 19.78 -25.02
CA TRP E 56 4.55 20.50 -23.79
C TRP E 56 3.05 20.55 -23.48
N ARG E 57 2.19 20.32 -24.47
CA ARG E 57 0.77 20.20 -24.21
C ARG E 57 0.41 18.84 -23.62
N GLN E 58 1.28 17.85 -23.76
CA GLN E 58 1.02 16.50 -23.31
C GLN E 58 1.74 16.14 -22.01
N GLY E 59 2.27 17.13 -21.29
CA GLY E 59 2.89 16.86 -20.01
C GLY E 59 4.22 16.14 -20.10
N MET E 60 4.96 16.34 -21.17
CA MET E 60 6.23 15.65 -21.39
C MET E 60 7.30 16.32 -20.54
N PHE E 61 7.97 15.55 -19.68
CA PHE E 61 8.98 16.15 -18.82
C PHE E 61 10.40 15.85 -19.26
N VAL E 62 10.75 14.57 -19.42
CA VAL E 62 12.11 14.25 -19.84
C VAL E 62 12.26 14.37 -21.35
N MET E 63 11.18 14.26 -22.10
CA MET E 63 11.25 14.38 -23.56
C MET E 63 11.79 15.72 -24.07
N PRO E 64 11.44 16.90 -23.51
CA PRO E 64 12.12 18.12 -23.98
C PRO E 64 13.61 18.14 -23.76
N PHE E 65 14.09 17.52 -22.68
CA PHE E 65 15.54 17.53 -22.42
C PHE E 65 16.28 16.60 -23.36
N MET E 66 15.63 15.51 -23.80
CA MET E 66 16.20 14.68 -24.85
C MET E 66 16.24 15.42 -26.18
N ALA E 67 15.16 16.17 -26.48
CA ALA E 67 15.08 16.88 -27.76
C ALA E 67 15.97 18.11 -27.78
N ARG E 68 16.26 18.68 -26.61
CA ARG E 68 17.10 19.88 -26.54
C ARG E 68 18.52 19.59 -27.00
N LEU E 69 19.02 18.39 -26.74
CA LEU E 69 20.40 18.04 -27.04
C LEU E 69 20.54 17.24 -28.33
N GLY E 70 19.46 17.01 -29.07
CA GLY E 70 19.56 16.42 -30.39
C GLY E 70 18.88 15.08 -30.59
N VAL E 71 18.19 14.53 -29.60
CA VAL E 71 17.47 13.28 -29.76
C VAL E 71 16.04 13.63 -30.12
N THR E 72 15.69 13.52 -31.41
CA THR E 72 14.38 13.89 -31.89
C THR E 72 13.63 12.76 -32.60
N ASP E 73 14.33 11.71 -33.03
CA ASP E 73 13.69 10.63 -33.77
C ASP E 73 13.37 9.47 -32.83
N SER E 74 12.45 8.61 -33.28
CA SER E 74 12.00 7.46 -32.51
C SER E 74 12.07 6.21 -33.38
N TRP E 75 12.15 5.05 -32.71
CA TRP E 75 12.15 3.78 -33.41
C TRP E 75 10.80 3.48 -34.06
N GLY E 76 9.74 4.18 -33.64
CA GLY E 76 8.42 4.03 -34.23
C GLY E 76 8.24 4.72 -35.56
N GLY E 77 9.28 5.41 -36.07
CA GLY E 77 9.22 6.03 -37.37
C GLY E 77 8.79 7.47 -37.42
N TRP E 78 8.67 8.13 -36.26
CA TRP E 78 8.27 9.53 -36.21
C TRP E 78 9.35 10.36 -35.55
N SER E 79 9.31 11.66 -35.81
CA SER E 79 10.22 12.62 -35.20
C SER E 79 9.41 13.73 -34.52
N ILE E 80 10.11 14.51 -33.71
CA ILE E 80 9.46 15.58 -32.95
C ILE E 80 9.02 16.69 -33.89
N THR E 81 9.83 16.99 -34.92
CA THR E 81 9.48 18.00 -35.91
C THR E 81 8.31 17.59 -36.81
N GLY E 82 7.89 16.33 -36.76
CA GLY E 82 6.81 15.84 -37.60
C GLY E 82 7.26 15.06 -38.81
N GLU E 83 8.53 15.17 -39.19
CA GLU E 83 9.06 14.43 -40.32
C GLU E 83 9.14 12.94 -40.02
N SER E 84 8.87 12.13 -41.03
CA SER E 84 9.02 10.68 -40.89
C SER E 84 10.49 10.31 -41.07
N VAL E 85 11.01 9.54 -40.11
CA VAL E 85 12.42 9.14 -40.09
C VAL E 85 12.50 7.64 -40.26
N SER E 86 13.50 7.19 -41.02
CA SER E 86 13.61 5.77 -41.33
C SER E 86 14.46 5.02 -40.30
N ASN E 87 15.72 5.41 -40.16
CA ASN E 87 16.68 4.69 -39.31
C ASN E 87 17.36 5.67 -38.36
N PRO E 88 16.82 5.85 -37.16
CA PRO E 88 17.46 6.77 -36.20
C PRO E 88 18.77 6.24 -35.63
N GLY E 89 18.94 4.93 -35.59
CA GLY E 89 20.07 4.33 -34.89
C GLY E 89 19.72 4.00 -33.47
N ILE E 90 20.76 3.79 -32.66
CA ILE E 90 20.54 3.51 -31.25
C ILE E 90 20.00 4.74 -30.53
N TRP E 91 20.55 5.92 -30.83
CA TRP E 91 20.19 7.13 -30.08
C TRP E 91 18.88 7.72 -30.59
N SER E 92 17.81 6.97 -30.36
CA SER E 92 16.44 7.43 -30.51
C SER E 92 15.89 7.69 -29.11
N PHE E 93 14.59 7.99 -29.03
CA PHE E 93 13.96 8.18 -27.73
C PHE E 93 13.95 6.88 -26.93
N GLU E 94 13.65 5.76 -27.59
CA GLU E 94 13.60 4.47 -26.90
C GLU E 94 15.00 3.97 -26.58
N GLY E 95 15.96 4.20 -27.48
CA GLY E 95 17.31 3.75 -27.22
C GLY E 95 17.98 4.51 -26.10
N VAL E 96 17.71 5.81 -25.99
CA VAL E 96 18.22 6.59 -24.87
C VAL E 96 17.62 6.09 -23.56
N ALA E 97 16.31 5.81 -23.57
CA ALA E 97 15.64 5.29 -22.37
C ALA E 97 16.18 3.93 -21.98
N LEU E 98 16.43 3.06 -22.97
CA LEU E 98 16.92 1.72 -22.66
C LEU E 98 18.35 1.74 -22.14
N THR E 99 19.18 2.65 -22.66
CA THR E 99 20.56 2.75 -22.20
C THR E 99 20.64 3.21 -20.75
N HIS E 100 19.73 4.10 -20.36
CA HIS E 100 19.70 4.54 -18.96
C HIS E 100 19.26 3.41 -18.04
N ILE E 101 18.42 2.50 -18.54
CA ILE E 101 18.01 1.34 -17.76
C ILE E 101 19.17 0.37 -17.60
N VAL E 102 19.94 0.12 -18.66
CA VAL E 102 21.09 -0.77 -18.60
C VAL E 102 22.17 -0.17 -17.70
N LEU E 103 22.36 1.16 -17.79
CA LEU E 103 23.31 1.85 -16.91
C LEU E 103 22.86 1.77 -15.46
N SER E 104 21.55 1.81 -15.22
CA SER E 104 21.03 1.70 -13.85
C SER E 104 21.32 0.33 -13.26
N GLY E 105 21.16 -0.73 -14.05
CA GLY E 105 21.45 -2.07 -13.55
C GLY E 105 22.92 -2.28 -13.29
N LEU E 106 23.78 -1.74 -14.15
CA LEU E 106 25.22 -1.90 -13.96
C LEU E 106 25.71 -1.12 -12.74
N CYS E 107 25.14 0.06 -12.50
CA CYS E 107 25.46 0.80 -11.28
C CYS E 107 24.94 0.09 -10.05
N PHE E 108 23.80 -0.61 -10.17
CA PHE E 108 23.26 -1.40 -9.08
C PHE E 108 24.20 -2.55 -8.71
N LEU E 109 24.76 -3.21 -9.72
CA LEU E 109 25.70 -4.30 -9.48
C LEU E 109 27.01 -3.77 -8.92
N ALA E 110 27.45 -2.60 -9.39
CA ALA E 110 28.69 -2.01 -8.90
C ALA E 110 28.53 -1.53 -7.46
N ALA E 111 27.32 -1.07 -7.10
CA ALA E 111 27.06 -0.65 -5.73
C ALA E 111 27.14 -1.83 -4.77
N ILE E 112 26.69 -3.00 -5.23
CA ILE E 112 26.76 -4.20 -4.41
C ILE E 112 28.21 -4.60 -4.14
N TRP E 113 29.04 -4.54 -5.18
CA TRP E 113 30.45 -4.89 -5.03
C TRP E 113 31.17 -3.94 -4.07
N HIS E 114 30.91 -2.64 -4.18
CA HIS E 114 31.60 -1.68 -3.32
C HIS E 114 31.07 -1.75 -1.89
N TRP E 115 29.81 -2.18 -1.72
CA TRP E 115 29.28 -2.38 -0.38
C TRP E 115 29.91 -3.60 0.27
N VAL E 116 30.06 -4.69 -0.48
CA VAL E 116 30.63 -5.91 0.07
C VAL E 116 32.13 -5.75 0.29
N TYR E 117 32.83 -5.27 -0.72
CA TYR E 117 34.28 -5.07 -0.63
C TYR E 117 34.59 -3.62 -0.25
N TRP E 118 34.17 -3.28 0.96
CA TRP E 118 34.37 -1.94 1.49
C TRP E 118 35.81 -1.69 1.93
N ASP E 119 36.49 -2.73 2.41
CA ASP E 119 37.82 -2.57 3.03
C ASP E 119 38.92 -2.72 1.98
N LEU E 120 39.10 -1.67 1.21
CA LEU E 120 40.18 -1.61 0.24
C LEU E 120 41.34 -0.83 0.81
N GLU E 121 42.56 -1.22 0.41
CA GLU E 121 43.77 -0.54 0.85
C GLU E 121 43.85 0.88 0.30
N LEU E 122 43.16 1.16 -0.80
CA LEU E 122 43.15 2.49 -1.39
C LEU E 122 42.57 3.53 -0.44
N PHE E 123 41.59 3.15 0.38
CA PHE E 123 40.92 4.09 1.27
C PHE E 123 41.63 4.31 2.60
N ARG E 124 42.75 3.63 2.84
CA ARG E 124 43.45 3.71 4.12
C ARG E 124 44.72 4.55 3.97
N ASP E 125 44.93 5.45 4.92
CA ASP E 125 46.12 6.28 4.93
C ASP E 125 47.34 5.42 5.28
N PRO E 126 48.39 5.41 4.45
CA PRO E 126 49.56 4.59 4.77
C PRO E 126 50.31 5.02 6.02
N ARG E 127 50.16 6.29 6.43
CA ARG E 127 50.85 6.77 7.63
C ARG E 127 50.20 6.27 8.91
N THR E 128 48.87 6.21 8.96
CA THR E 128 48.16 5.87 10.19
C THR E 128 47.34 4.58 10.09
N GLY E 129 46.93 4.16 8.91
CA GLY E 129 46.08 3.00 8.76
C GLY E 129 44.60 3.28 8.86
N GLU E 130 44.21 4.46 9.35
CA GLU E 130 42.82 4.82 9.45
C GLU E 130 42.25 5.14 8.06
N PRO E 131 40.94 4.98 7.88
CA PRO E 131 40.32 5.39 6.61
C PRO E 131 40.42 6.90 6.41
N ALA E 132 40.92 7.30 5.24
CA ALA E 132 41.13 8.71 4.96
C ALA E 132 40.90 8.98 3.49
N LEU E 133 40.36 10.16 3.21
CA LEU E 133 40.16 10.66 1.85
C LEU E 133 40.86 11.99 1.73
N ASP E 134 41.82 12.08 0.81
CA ASP E 134 42.52 13.34 0.55
C ASP E 134 41.62 14.19 -0.34
N LEU E 135 40.70 14.90 0.31
CA LEU E 135 39.67 15.65 -0.40
C LEU E 135 40.19 16.74 -1.34
N PRO E 136 41.20 17.56 -1.00
CA PRO E 136 41.70 18.53 -2.01
C PRO E 136 42.26 17.88 -3.27
N LYS E 137 42.90 16.72 -3.16
CA LYS E 137 43.40 16.04 -4.35
C LYS E 137 42.27 15.40 -5.13
N ILE E 138 41.29 14.84 -4.43
CA ILE E 138 40.11 14.26 -5.07
C ILE E 138 39.35 15.35 -5.84
N PHE E 139 39.30 16.56 -5.27
CA PHE E 139 38.66 17.68 -5.94
C PHE E 139 39.38 18.03 -7.24
N GLY E 140 40.70 18.00 -7.24
CA GLY E 140 41.45 18.29 -8.44
C GLY E 140 41.23 17.25 -9.54
N ILE E 141 41.10 15.99 -9.16
CA ILE E 141 40.81 14.93 -10.13
C ILE E 141 39.42 15.14 -10.72
N HIS E 142 38.43 15.41 -9.86
CA HIS E 142 37.06 15.53 -10.31
C HIS E 142 36.84 16.83 -11.08
N LEU E 143 37.54 17.90 -10.71
CA LEU E 143 37.44 19.16 -11.44
C LEU E 143 38.03 19.03 -12.85
N PHE E 144 39.16 18.32 -12.96
CA PHE E 144 39.77 18.09 -14.26
C PHE E 144 38.86 17.22 -15.14
N LEU E 145 38.25 16.19 -14.55
CA LEU E 145 37.38 15.30 -15.31
C LEU E 145 36.11 16.01 -15.75
N ALA E 146 35.53 16.83 -14.87
CA ALA E 146 34.32 17.58 -15.22
C ALA E 146 34.60 18.63 -16.29
N SER E 147 35.78 19.26 -16.23
CA SER E 147 36.12 20.30 -17.20
C SER E 147 36.37 19.72 -18.58
N LEU E 148 36.90 18.49 -18.65
CA LEU E 148 37.04 17.81 -19.93
C LEU E 148 35.68 17.55 -20.55
N LEU E 149 34.71 17.13 -19.72
CA LEU E 149 33.36 16.91 -20.22
C LEU E 149 32.67 18.22 -20.56
N CYS E 150 32.95 19.27 -19.80
CA CYS E 150 32.39 20.59 -20.10
C CYS E 150 32.94 21.12 -21.41
N PHE E 151 34.26 21.01 -21.60
CA PHE E 151 34.89 21.47 -22.84
C PHE E 151 34.44 20.60 -24.01
N GLY E 152 34.40 19.29 -23.82
CA GLY E 152 34.02 18.39 -24.90
C GLY E 152 32.57 18.56 -25.33
N PHE E 153 31.70 18.89 -24.38
CA PHE E 153 30.29 19.14 -24.71
C PHE E 153 30.14 20.40 -25.56
N GLY E 154 30.84 21.47 -25.19
CA GLY E 154 30.73 22.70 -25.94
C GLY E 154 31.45 22.65 -27.28
N ALA E 155 32.65 22.08 -27.31
CA ALA E 155 33.47 22.10 -28.52
C ALA E 155 33.01 21.09 -29.57
N PHE E 156 32.40 19.98 -29.17
CA PHE E 156 32.07 18.92 -30.12
C PHE E 156 30.57 18.69 -30.23
N HIS E 157 29.85 18.58 -29.11
CA HIS E 157 28.42 18.30 -29.18
C HIS E 157 27.65 19.53 -29.66
N VAL E 158 27.81 20.66 -28.97
CA VAL E 158 27.03 21.86 -29.29
C VAL E 158 27.48 22.46 -30.62
N THR E 159 28.81 22.55 -30.81
CA THR E 159 29.34 23.15 -32.03
C THR E 159 29.08 22.30 -33.26
N GLY E 160 28.80 21.02 -33.09
CA GLY E 160 28.56 20.14 -34.22
C GLY E 160 29.80 19.67 -34.92
N ALA E 161 30.99 19.96 -34.38
CA ALA E 161 32.24 19.45 -34.96
C ALA E 161 32.25 17.94 -34.93
N PHE E 162 31.97 17.36 -33.76
CA PHE E 162 31.67 15.94 -33.63
C PHE E 162 30.48 15.85 -32.68
N GLY E 163 29.28 15.98 -33.23
CA GLY E 163 28.08 16.00 -32.43
C GLY E 163 26.88 16.51 -33.19
N PRO E 164 25.69 16.35 -32.61
CA PRO E 164 24.45 16.70 -33.33
C PRO E 164 24.09 18.17 -33.27
N GLY E 165 24.64 18.94 -32.35
CA GLY E 165 24.15 20.27 -32.11
C GLY E 165 23.08 20.27 -31.03
N ILE E 166 22.41 21.41 -30.90
CA ILE E 166 21.34 21.58 -29.93
C ILE E 166 20.12 22.15 -30.64
N TRP E 167 19.00 22.17 -29.92
CA TRP E 167 17.76 22.69 -30.47
C TRP E 167 17.81 24.21 -30.56
N VAL E 168 17.57 24.74 -31.75
CA VAL E 168 17.45 26.18 -31.97
C VAL E 168 16.15 26.43 -32.72
N SER E 169 15.69 27.68 -32.66
CA SER E 169 14.43 28.05 -33.28
C SER E 169 14.47 29.53 -33.63
N ASP E 170 13.40 30.01 -34.25
CA ASP E 170 13.24 31.43 -34.51
C ASP E 170 12.73 32.13 -33.26
N ALA E 171 12.52 33.44 -33.37
CA ALA E 171 12.08 34.22 -32.21
C ALA E 171 10.63 33.94 -31.82
N TYR E 172 9.87 33.22 -32.62
CA TYR E 172 8.47 32.95 -32.33
C TYR E 172 8.14 31.46 -32.30
N GLY E 173 9.16 30.60 -32.37
CA GLY E 173 8.98 29.18 -32.14
C GLY E 173 8.15 28.44 -33.17
N VAL E 174 8.26 28.80 -34.44
CA VAL E 174 7.57 28.09 -35.49
C VAL E 174 8.49 27.16 -36.28
N THR E 175 9.76 27.53 -36.45
CA THR E 175 10.74 26.72 -37.16
C THR E 175 11.83 26.31 -36.17
N GLY E 176 11.59 25.21 -35.46
CA GLY E 176 12.53 24.69 -34.48
C GLY E 176 13.16 23.41 -34.99
N ARG E 177 14.48 23.30 -34.82
CA ARG E 177 15.22 22.14 -35.29
C ARG E 177 16.53 22.02 -34.53
N VAL E 178 17.13 20.84 -34.61
CA VAL E 178 18.43 20.61 -34.02
C VAL E 178 19.51 20.88 -35.06
N GLN E 179 20.45 21.76 -34.73
CA GLN E 179 21.51 22.11 -35.67
C GLN E 179 22.75 22.53 -34.90
N ALA E 180 23.88 22.51 -35.60
CA ALA E 180 25.14 22.94 -35.02
C ALA E 180 25.11 24.45 -34.76
N VAL E 181 25.67 24.85 -33.62
CA VAL E 181 25.68 26.24 -33.20
C VAL E 181 27.12 26.70 -33.06
N ALA E 182 27.47 27.75 -33.79
CA ALA E 182 28.81 28.32 -33.69
C ALA E 182 28.93 29.11 -32.40
N PRO E 183 30.09 29.06 -31.73
CA PRO E 183 30.26 29.83 -30.50
C PRO E 183 30.29 31.32 -30.77
N ALA E 184 29.64 32.08 -29.89
CA ALA E 184 29.61 33.53 -29.95
C ALA E 184 30.59 34.06 -28.91
N TRP E 185 31.74 34.55 -29.38
CA TRP E 185 32.82 34.95 -28.49
C TRP E 185 32.75 36.40 -28.06
N GLY E 186 31.82 37.19 -28.61
CA GLY E 186 31.71 38.57 -28.25
C GLY E 186 30.82 38.78 -27.04
N PRO E 187 30.35 40.01 -26.84
CA PRO E 187 29.42 40.27 -25.73
C PRO E 187 28.03 39.68 -25.98
N GLU E 188 27.72 39.29 -27.22
CA GLU E 188 26.44 38.67 -27.52
C GLU E 188 26.32 37.27 -26.96
N GLY E 189 27.43 36.65 -26.55
CA GLY E 189 27.37 35.36 -25.90
C GLY E 189 26.75 35.39 -24.52
N PHE E 190 26.71 36.57 -23.90
CA PHE E 190 26.08 36.73 -22.59
C PHE E 190 24.61 37.09 -22.69
N ASN E 191 24.09 37.25 -23.90
CA ASN E 191 22.65 37.34 -24.09
C ASN E 191 22.09 35.94 -23.86
N PRO E 192 21.21 35.75 -22.88
CA PRO E 192 20.77 34.40 -22.54
C PRO E 192 19.94 33.71 -23.62
N PHE E 193 19.36 34.46 -24.54
CA PHE E 193 18.59 33.87 -25.63
C PHE E 193 19.45 33.52 -26.84
N ASN E 194 20.73 33.88 -26.81
CA ASN E 194 21.63 33.54 -27.90
C ASN E 194 22.14 32.12 -27.70
N PRO E 195 21.84 31.18 -28.60
CA PRO E 195 22.36 29.81 -28.43
C PRO E 195 23.86 29.71 -28.65
N GLY E 196 24.47 30.71 -29.28
CA GLY E 196 25.92 30.69 -29.46
C GLY E 196 26.67 30.89 -28.15
N GLY E 197 26.00 31.47 -27.15
CA GLY E 197 26.62 31.59 -25.84
C GLY E 197 26.83 30.27 -25.15
N ILE E 198 25.96 29.28 -25.43
CA ILE E 198 26.08 27.96 -24.82
C ILE E 198 27.38 27.28 -25.27
N ALA E 199 27.67 27.35 -26.56
CA ALA E 199 28.90 26.75 -27.08
C ALA E 199 30.14 27.47 -26.57
N SER E 200 30.10 28.80 -26.55
CA SER E 200 31.28 29.55 -26.13
C SER E 200 31.51 29.49 -24.62
N HIS E 201 30.43 29.34 -23.84
CA HIS E 201 30.59 29.23 -22.40
C HIS E 201 31.31 27.94 -22.02
N HIS E 202 30.85 26.82 -22.57
CA HIS E 202 31.39 25.52 -22.18
C HIS E 202 32.82 25.34 -22.66
N ILE E 203 33.19 26.00 -23.76
CA ILE E 203 34.59 25.98 -24.19
C ILE E 203 35.44 26.83 -23.25
N ALA E 204 34.98 28.05 -22.94
CA ALA E 204 35.77 28.95 -22.10
C ALA E 204 35.81 28.49 -20.65
N ALA E 205 34.66 28.09 -20.09
CA ALA E 205 34.64 27.59 -18.72
C ALA E 205 35.33 26.24 -18.62
N GLY E 206 35.25 25.44 -19.68
CA GLY E 206 35.94 24.16 -19.67
C GLY E 206 37.46 24.30 -19.67
N ILE E 207 37.97 25.26 -20.44
CA ILE E 207 39.42 25.49 -20.48
C ILE E 207 39.90 26.02 -19.13
N LEU E 208 39.15 26.98 -18.55
CA LEU E 208 39.52 27.52 -17.24
C LEU E 208 39.43 26.47 -16.16
N GLY E 209 38.43 25.58 -16.25
CA GLY E 209 38.34 24.48 -15.30
C GLY E 209 39.47 23.48 -15.43
N ILE E 210 39.95 23.25 -16.65
CA ILE E 210 41.11 22.38 -16.85
C ILE E 210 42.35 23.01 -16.22
N LEU E 211 42.54 24.31 -16.41
CA LEU E 211 43.65 25.02 -15.78
C LEU E 211 43.50 25.05 -14.27
N ALA E 212 42.27 25.20 -13.78
CA ALA E 212 42.03 25.12 -12.34
C ALA E 212 42.26 23.72 -11.83
N GLY E 213 41.89 22.71 -12.62
CA GLY E 213 42.15 21.33 -12.24
C GLY E 213 43.64 21.02 -12.16
N VAL E 214 44.42 21.63 -13.05
CA VAL E 214 45.88 21.49 -12.99
C VAL E 214 46.42 22.12 -11.72
N PHE E 215 45.90 23.29 -11.36
CA PHE E 215 46.30 23.94 -10.12
C PHE E 215 45.91 23.10 -8.90
N HIS E 216 44.69 22.59 -8.88
CA HIS E 216 44.19 21.86 -7.72
C HIS E 216 44.79 20.47 -7.61
N LEU E 217 45.40 19.96 -8.67
CA LEU E 217 46.11 18.70 -8.64
C LEU E 217 47.58 18.85 -8.29
N THR E 218 48.08 20.08 -8.21
CA THR E 218 49.50 20.35 -8.03
C THR E 218 49.80 21.11 -6.75
N ILE E 219 49.01 22.14 -6.42
CA ILE E 219 49.25 22.98 -5.26
C ILE E 219 48.36 22.53 -4.12
N ARG E 220 48.98 22.26 -2.97
CA ARG E 220 48.27 21.87 -1.76
C ARG E 220 47.58 23.10 -1.16
N PRO E 221 46.53 22.89 -0.36
CA PRO E 221 45.81 24.03 0.22
C PRO E 221 46.67 24.76 1.24
N PRO E 222 46.37 26.03 1.48
CA PRO E 222 47.02 26.74 2.59
C PRO E 222 46.64 26.12 3.92
N GLN E 223 47.57 26.20 4.88
CA GLN E 223 47.32 25.66 6.20
C GLN E 223 46.19 26.42 6.90
N ARG E 224 46.15 27.74 6.71
CA ARG E 224 45.08 28.54 7.29
C ARG E 224 43.72 28.18 6.70
N LEU E 225 43.68 27.96 5.39
CA LEU E 225 42.41 27.62 4.74
C LEU E 225 41.97 26.20 5.07
N TYR E 226 42.94 25.30 5.27
CA TYR E 226 42.61 23.91 5.61
C TYR E 226 41.94 23.83 6.98
N ARG E 227 42.45 24.58 7.96
CA ARG E 227 41.84 24.56 9.28
C ARG E 227 40.55 25.39 9.32
N ALA E 228 40.50 26.48 8.56
CA ALA E 228 39.31 27.33 8.57
C ALA E 228 38.12 26.63 7.95
N LEU E 229 38.34 25.94 6.83
CA LEU E 229 37.26 25.28 6.12
C LEU E 229 37.09 23.82 6.53
N ARG E 230 37.92 23.33 7.46
CA ARG E 230 37.91 21.94 7.93
C ARG E 230 38.00 20.96 6.76
N MET E 231 39.06 21.10 5.97
CA MET E 231 39.20 20.33 4.74
C MET E 231 39.48 18.85 4.99
N GLY E 232 39.81 18.46 6.22
CA GLY E 232 39.92 17.07 6.56
C GLY E 232 38.61 16.39 6.88
N ASN E 233 37.52 17.15 6.93
CA ASN E 233 36.20 16.64 7.22
C ASN E 233 35.38 16.62 5.94
N ILE E 234 34.77 15.48 5.63
CA ILE E 234 34.01 15.33 4.40
C ILE E 234 32.70 16.10 4.45
N GLU E 235 32.23 16.48 5.65
CA GLU E 235 30.98 17.24 5.72
C GLU E 235 31.17 18.68 5.23
N THR E 236 32.41 19.17 5.18
CA THR E 236 32.62 20.50 4.60
C THR E 236 32.43 20.47 3.09
N VAL E 237 32.66 19.32 2.46
CA VAL E 237 32.39 19.19 1.03
C VAL E 237 30.89 19.16 0.81
N LEU E 238 30.16 18.49 1.70
CA LEU E 238 28.70 18.41 1.57
C LEU E 238 28.04 19.77 1.70
N SER E 239 28.51 20.59 2.64
CA SER E 239 27.90 21.90 2.84
C SER E 239 28.15 22.83 1.65
N SER E 240 29.37 22.79 1.10
CA SER E 240 29.68 23.67 -0.03
C SER E 240 29.08 23.14 -1.33
N SER E 241 29.02 21.82 -1.50
CA SER E 241 28.40 21.26 -2.70
C SER E 241 26.90 21.51 -2.70
N ILE E 242 26.26 21.41 -1.54
CA ILE E 242 24.84 21.73 -1.42
C ILE E 242 24.61 23.20 -1.76
N SER E 243 25.53 24.08 -1.32
CA SER E 243 25.42 25.50 -1.62
C SER E 243 25.55 25.77 -3.12
N ALA E 244 26.49 25.08 -3.77
CA ALA E 244 26.65 25.23 -5.21
C ALA E 244 25.47 24.62 -5.95
N VAL E 245 24.84 23.60 -5.36
CA VAL E 245 23.73 22.92 -6.00
C VAL E 245 22.46 23.76 -5.97
N PHE E 246 22.17 24.44 -4.84
CA PHE E 246 20.99 25.30 -4.85
C PHE E 246 21.28 26.62 -5.58
N PHE E 247 22.54 27.02 -5.66
CA PHE E 247 22.90 28.18 -6.47
C PHE E 247 22.57 27.93 -7.94
N ALA E 248 22.85 26.71 -8.42
CA ALA E 248 22.55 26.37 -9.80
C ALA E 248 21.05 26.21 -10.01
N ALA E 249 20.35 25.65 -9.02
CA ALA E 249 18.93 25.37 -9.16
C ALA E 249 18.10 26.65 -9.18
N PHE E 250 18.54 27.68 -8.45
CA PHE E 250 17.87 28.97 -8.52
C PHE E 250 18.06 29.60 -9.90
N ILE E 251 19.24 29.39 -10.50
CA ILE E 251 19.51 29.96 -11.81
C ILE E 251 18.71 29.23 -12.88
N THR E 252 18.67 27.89 -12.83
CA THR E 252 17.90 27.14 -13.81
C THR E 252 16.40 27.34 -13.62
N SER E 253 15.95 27.75 -12.43
CA SER E 253 14.54 28.07 -12.27
C SER E 253 14.21 29.39 -12.96
N GLY E 254 15.07 30.40 -12.79
CA GLY E 254 14.84 31.66 -13.48
C GLY E 254 15.04 31.56 -14.98
N THR E 255 16.03 30.77 -15.41
CA THR E 255 16.26 30.57 -16.84
C THR E 255 15.07 29.88 -17.49
N MET E 256 14.46 28.92 -16.79
CA MET E 256 13.25 28.27 -17.30
C MET E 256 12.06 29.22 -17.28
N TRP E 257 11.89 29.98 -16.19
CA TRP E 257 10.71 30.83 -16.05
C TRP E 257 10.77 32.03 -16.99
N TYR E 258 11.90 32.73 -17.03
CA TYR E 258 12.03 33.90 -17.89
C TYR E 258 12.33 33.53 -19.33
N GLY E 259 12.72 32.29 -19.59
CA GLY E 259 13.06 31.87 -20.94
C GLY E 259 14.51 32.16 -21.27
N ALA E 260 15.13 31.27 -22.03
CA ALA E 260 16.49 31.43 -22.52
C ALA E 260 16.65 30.53 -23.73
N ALA E 261 17.85 30.54 -24.30
CA ALA E 261 18.15 29.64 -25.41
C ALA E 261 18.16 28.18 -24.99
N THR E 262 18.36 27.91 -23.70
CA THR E 262 18.33 26.56 -23.18
C THR E 262 16.92 26.08 -22.86
N THR E 263 15.92 26.95 -22.91
CA THR E 263 14.53 26.58 -22.68
C THR E 263 13.67 27.11 -23.81
N PRO E 264 13.75 26.49 -24.99
CA PRO E 264 12.95 26.98 -26.12
C PRO E 264 11.48 26.67 -25.95
N ILE E 265 10.64 27.54 -26.54
CA ILE E 265 9.20 27.40 -26.40
C ILE E 265 8.64 26.24 -27.22
N GLU E 266 9.39 25.72 -28.18
CA GLU E 266 8.94 24.56 -28.94
C GLU E 266 8.97 23.30 -28.10
N LEU E 267 9.80 23.26 -27.06
CA LEU E 267 9.96 22.09 -26.21
C LEU E 267 9.29 22.24 -24.85
N PHE E 268 9.32 23.43 -24.26
CA PHE E 268 8.77 23.66 -22.94
C PHE E 268 7.52 24.51 -22.94
N GLY E 269 7.13 25.08 -24.07
CA GLY E 269 5.98 25.95 -24.12
C GLY E 269 6.35 27.40 -23.93
N PRO E 270 5.41 28.30 -24.16
CA PRO E 270 5.69 29.73 -24.00
C PRO E 270 5.83 30.10 -22.53
N THR E 271 6.39 31.29 -22.30
CA THR E 271 6.52 31.82 -20.95
C THR E 271 5.33 32.72 -20.63
N ARG E 272 5.18 33.05 -19.35
CA ARG E 272 4.09 33.92 -18.94
C ARG E 272 4.32 35.35 -19.37
N TYR E 273 5.58 35.73 -19.60
CA TYR E 273 5.91 37.09 -19.97
C TYR E 273 5.67 37.36 -21.45
N GLN E 274 5.51 36.31 -22.25
CA GLN E 274 5.13 36.50 -23.64
C GLN E 274 3.65 36.87 -23.76
N TRP E 275 2.82 36.33 -22.86
CA TRP E 275 1.41 36.71 -22.84
C TRP E 275 1.23 38.08 -22.20
N ASP E 276 2.04 38.39 -21.19
CA ASP E 276 1.91 39.67 -20.49
C ASP E 276 2.18 40.85 -21.41
N SER E 277 3.20 40.74 -22.27
CA SER E 277 3.58 41.81 -23.17
C SER E 277 2.94 41.69 -24.54
N GLY E 278 2.10 40.68 -24.77
CA GLY E 278 1.52 40.47 -26.09
C GLY E 278 2.56 40.15 -27.13
N TYR E 279 3.53 39.29 -26.79
CA TYR E 279 4.66 39.01 -27.66
C TYR E 279 4.22 38.36 -28.97
N PHE E 280 3.35 37.35 -28.87
CA PHE E 280 2.85 36.71 -30.08
C PHE E 280 1.75 37.54 -30.74
N GLN E 281 0.97 38.25 -29.93
CA GLN E 281 -0.12 39.06 -30.46
C GLN E 281 0.41 40.21 -31.31
N GLN E 282 1.50 40.84 -30.87
CA GLN E 282 2.09 41.93 -31.64
C GLN E 282 2.68 41.45 -32.95
N GLU E 283 3.31 40.26 -32.93
CA GLU E 283 3.89 39.71 -34.16
C GLU E 283 2.80 39.25 -35.11
N ILE E 284 1.69 38.73 -34.57
CA ILE E 284 0.58 38.30 -35.40
C ILE E 284 -0.05 39.49 -36.12
N GLU E 285 -0.28 40.59 -35.40
CA GLU E 285 -0.87 41.76 -36.04
C GLU E 285 0.15 42.50 -36.91
N ARG E 286 1.44 42.26 -36.69
CA ARG E 286 2.45 42.83 -37.58
C ARG E 286 2.44 42.13 -38.93
N ARG E 287 2.27 40.81 -38.94
CA ARG E 287 2.20 40.07 -40.19
C ARG E 287 0.89 40.34 -40.92
N VAL E 288 -0.19 40.57 -40.18
CA VAL E 288 -1.47 40.90 -40.80
C VAL E 288 -1.40 42.29 -41.43
N GLU E 289 -0.79 43.24 -40.72
CA GLU E 289 -0.67 44.59 -41.26
C GLU E 289 0.28 44.63 -42.45
N ALA E 290 1.27 43.75 -42.48
CA ALA E 290 2.15 43.66 -43.64
C ALA E 290 1.41 43.11 -44.85
N SER E 291 0.53 42.13 -44.64
CA SER E 291 -0.23 41.58 -45.76
C SER E 291 -1.32 42.53 -46.22
N ILE E 292 -1.87 43.35 -45.31
CA ILE E 292 -2.84 44.35 -45.68
C ILE E 292 -2.20 45.41 -46.57
N SER E 293 -0.99 45.84 -46.22
CA SER E 293 -0.27 46.84 -47.01
C SER E 293 0.14 46.32 -48.38
N GLU E 294 0.15 45.00 -48.57
CA GLU E 294 0.41 44.42 -49.88
C GLU E 294 -0.84 44.34 -50.75
N GLY E 295 -1.99 44.78 -50.23
CA GLY E 295 -3.22 44.79 -50.99
C GLY E 295 -4.15 43.62 -50.75
N LEU E 296 -3.77 42.68 -49.90
CA LEU E 296 -4.62 41.51 -49.64
C LEU E 296 -5.83 41.91 -48.79
N SER E 297 -6.85 41.06 -48.86
CA SER E 297 -8.04 41.25 -48.04
C SER E 297 -7.77 40.78 -46.61
N LEU E 298 -8.71 41.11 -45.72
CA LEU E 298 -8.57 40.69 -44.32
C LEU E 298 -8.66 39.18 -44.19
N SER E 299 -9.49 38.53 -45.01
CA SER E 299 -9.59 37.08 -44.99
C SER E 299 -8.30 36.44 -45.47
N GLN E 300 -7.67 37.04 -46.49
CA GLN E 300 -6.41 36.50 -46.99
C GLN E 300 -5.26 36.80 -46.03
N ALA E 301 -5.26 37.99 -45.41
CA ALA E 301 -4.19 38.37 -44.51
C ALA E 301 -4.16 37.49 -43.26
N TRP E 302 -5.33 37.21 -42.69
CA TRP E 302 -5.39 36.37 -41.50
C TRP E 302 -5.25 34.89 -41.83
N SER E 303 -5.42 34.49 -43.10
CA SER E 303 -5.19 33.11 -43.48
C SER E 303 -3.72 32.78 -43.62
N ARG E 304 -2.85 33.80 -43.77
CA ARG E 304 -1.42 33.57 -43.83
C ARG E 304 -0.81 33.29 -42.46
N ILE E 305 -1.52 33.63 -41.39
CA ILE E 305 -1.03 33.43 -40.03
C ILE E 305 -1.00 31.94 -39.74
N PRO E 306 0.17 31.39 -39.37
CA PRO E 306 0.25 29.97 -39.08
C PRO E 306 -0.53 29.59 -37.83
N ASP E 307 -1.01 28.34 -37.80
CA ASP E 307 -1.76 27.86 -36.65
C ASP E 307 -0.86 27.72 -35.43
N LYS E 308 0.41 27.41 -35.63
CA LYS E 308 1.35 27.31 -34.51
C LYS E 308 1.58 28.69 -33.89
N LEU E 309 1.67 29.73 -34.71
CA LEU E 309 1.85 31.08 -34.19
C LEU E 309 0.61 31.55 -33.44
N ALA E 310 -0.59 31.19 -33.94
CA ALA E 310 -1.82 31.57 -33.26
C ALA E 310 -2.02 30.77 -31.98
N PHE E 311 -1.51 29.53 -31.94
CA PHE E 311 -1.65 28.71 -30.74
C PHE E 311 -0.83 29.26 -29.59
N TYR E 312 0.29 29.92 -29.88
CA TYR E 312 1.10 30.53 -28.83
C TYR E 312 0.41 31.74 -28.22
N ASP E 313 -0.48 32.38 -28.97
CA ASP E 313 -1.22 33.56 -28.50
C ASP E 313 -2.54 33.15 -27.85
N TYR E 314 -2.45 32.23 -26.90
CA TYR E 314 -3.61 31.69 -26.20
C TYR E 314 -3.26 31.54 -24.74
N ILE E 315 -4.14 32.04 -23.86
CA ILE E 315 -3.84 32.02 -22.43
C ILE E 315 -3.88 30.62 -21.84
N GLY E 316 -4.45 29.65 -22.54
CA GLY E 316 -4.39 28.29 -22.04
C GLY E 316 -3.04 27.66 -22.17
N ASN E 317 -2.14 28.26 -22.95
CA ASN E 317 -0.75 27.84 -23.04
C ASN E 317 0.16 28.63 -22.09
N ASN E 318 -0.41 29.56 -21.34
CA ASN E 318 0.36 30.30 -20.34
C ASN E 318 0.71 29.37 -19.18
N PRO E 319 1.99 29.29 -18.80
CA PRO E 319 2.33 28.45 -17.64
C PRO E 319 1.86 29.01 -16.32
N ALA E 320 1.48 30.28 -16.25
CA ALA E 320 0.99 30.91 -15.03
C ALA E 320 -0.53 30.89 -14.95
N LYS E 321 -1.17 29.87 -15.52
CA LYS E 321 -2.62 29.75 -15.49
C LYS E 321 -3.08 28.47 -14.82
N GLY E 322 -2.18 27.59 -14.43
CA GLY E 322 -2.52 26.31 -13.85
C GLY E 322 -2.80 26.38 -12.36
N GLY E 323 -2.76 25.21 -11.74
CA GLY E 323 -2.98 25.12 -10.31
C GLY E 323 -2.05 24.10 -9.70
N LEU E 324 -1.88 24.20 -8.38
CA LEU E 324 -0.98 23.30 -7.66
C LEU E 324 -1.47 21.86 -7.72
N PHE E 325 -2.78 21.64 -7.59
CA PHE E 325 -3.35 20.31 -7.56
C PHE E 325 -4.18 20.00 -8.80
N ARG E 326 -3.95 20.74 -9.89
CA ARG E 326 -4.52 20.41 -11.20
C ARG E 326 -3.48 19.56 -11.92
N ALA E 327 -3.52 18.25 -11.64
CA ALA E 327 -2.50 17.35 -12.12
C ALA E 327 -2.75 16.96 -13.58
N GLY E 328 -1.71 16.41 -14.20
CA GLY E 328 -1.83 15.90 -15.54
C GLY E 328 -1.33 16.84 -16.61
N PRO E 329 -1.48 16.42 -17.87
CA PRO E 329 -1.03 17.25 -18.99
C PRO E 329 -1.91 18.48 -19.18
N MET E 330 -1.46 19.33 -20.10
CA MET E 330 -2.21 20.54 -20.43
C MET E 330 -3.49 20.20 -21.19
N ASN E 331 -3.50 19.05 -21.89
CA ASN E 331 -4.68 18.59 -22.60
C ASN E 331 -5.78 18.10 -21.65
N LYS E 332 -5.43 17.83 -20.39
CA LYS E 332 -6.42 17.48 -19.37
C LYS E 332 -7.26 18.69 -18.95
N GLY E 333 -6.91 19.89 -19.40
CA GLY E 333 -7.60 21.10 -19.02
C GLY E 333 -8.58 21.57 -20.07
N ASP E 334 -8.17 22.51 -20.91
CA ASP E 334 -9.05 23.03 -21.96
C ASP E 334 -9.41 21.97 -22.99
N GLY E 335 -8.58 20.92 -23.12
CA GLY E 335 -8.80 19.84 -24.06
C GLY E 335 -7.62 19.72 -24.99
N ILE E 336 -7.80 18.91 -26.03
CA ILE E 336 -6.79 18.74 -27.07
C ILE E 336 -7.14 19.66 -28.22
N ALA E 337 -6.21 20.52 -28.61
CA ALA E 337 -6.46 21.47 -29.69
C ALA E 337 -6.56 20.75 -31.02
N GLU E 338 -7.56 21.13 -31.80
CA GLU E 338 -7.81 20.50 -33.10
C GLU E 338 -7.71 21.48 -34.26
N ALA E 339 -8.25 22.69 -34.13
CA ALA E 339 -8.22 23.64 -35.22
C ALA E 339 -8.33 25.06 -34.70
N TRP E 340 -7.59 25.97 -35.32
CA TRP E 340 -7.74 27.39 -35.06
C TRP E 340 -9.04 27.86 -35.68
N LEU E 341 -9.89 28.52 -34.89
CA LEU E 341 -11.18 28.95 -35.41
C LEU E 341 -11.11 30.26 -36.17
N GLY E 342 -9.98 30.94 -36.14
CA GLY E 342 -9.82 32.22 -36.81
C GLY E 342 -9.85 33.37 -35.82
N HIS E 343 -9.65 34.57 -36.37
CA HIS E 343 -9.60 35.77 -35.56
C HIS E 343 -10.95 36.47 -35.60
N PRO E 344 -11.67 36.55 -34.49
CA PRO E 344 -12.94 37.27 -34.49
C PRO E 344 -12.74 38.77 -34.43
N VAL E 345 -13.56 39.48 -35.20
CA VAL E 345 -13.58 40.94 -35.19
C VAL E 345 -14.99 41.37 -34.81
N PHE E 346 -15.10 42.18 -33.76
CA PHE E 346 -16.39 42.56 -33.22
C PHE E 346 -16.74 43.99 -33.62
N GLN E 347 -17.93 44.15 -34.20
CA GLN E 347 -18.44 45.45 -34.60
C GLN E 347 -19.80 45.64 -33.96
N ASP E 348 -20.05 46.84 -33.44
CA ASP E 348 -21.36 47.14 -32.89
C ASP E 348 -22.30 47.60 -34.00
N LYS E 349 -23.46 48.13 -33.61
CA LYS E 349 -24.42 48.62 -34.60
C LYS E 349 -23.91 49.88 -35.29
N GLU E 350 -23.18 50.72 -34.56
CA GLU E 350 -22.69 51.96 -35.15
C GLU E 350 -21.47 51.72 -36.04
N GLY E 351 -20.91 50.51 -36.03
CA GLY E 351 -19.82 50.16 -36.91
C GLY E 351 -18.43 50.28 -36.32
N ARG E 352 -18.31 50.60 -35.03
CA ARG E 352 -17.00 50.70 -34.40
C ARG E 352 -16.41 49.32 -34.18
N GLU E 353 -15.13 49.17 -34.52
CA GLU E 353 -14.44 47.91 -34.29
C GLU E 353 -14.19 47.74 -32.79
N LEU E 354 -14.64 46.62 -32.23
CA LEU E 354 -14.52 46.34 -30.81
C LEU E 354 -13.55 45.21 -30.57
N THR E 355 -12.81 45.32 -29.48
CA THR E 355 -11.85 44.29 -29.06
C THR E 355 -12.17 43.87 -27.64
N VAL E 356 -12.26 42.56 -27.41
CA VAL E 356 -12.45 42.05 -26.06
C VAL E 356 -11.15 42.21 -25.29
N ARG E 357 -11.24 42.81 -24.10
CA ARG E 357 -10.05 42.99 -23.28
C ARG E 357 -9.55 41.63 -22.80
N ARG E 358 -8.25 41.41 -22.96
CA ARG E 358 -7.68 40.10 -22.68
C ARG E 358 -7.56 39.86 -21.18
N MET E 359 -7.61 38.60 -20.81
CA MET E 359 -7.53 38.19 -19.42
C MET E 359 -6.09 38.22 -18.94
N PRO E 360 -5.80 38.93 -17.85
CA PRO E 360 -4.47 38.82 -17.24
C PRO E 360 -4.31 37.47 -16.55
N ALA E 361 -3.05 37.02 -16.43
CA ALA E 361 -2.78 35.72 -15.85
C ALA E 361 -3.13 35.65 -14.36
N PHE E 362 -3.26 36.80 -13.69
CA PHE E 362 -3.65 36.83 -12.29
C PHE E 362 -5.07 36.31 -12.07
N PHE E 363 -6.00 36.68 -12.94
CA PHE E 363 -7.42 36.50 -12.69
C PHE E 363 -7.85 35.09 -13.04
N GLU E 364 -8.46 34.40 -12.07
CA GLU E 364 -9.11 33.13 -12.36
C GLU E 364 -10.32 33.33 -13.28
N THR E 365 -11.11 34.36 -13.00
CA THR E 365 -12.21 34.78 -13.85
C THR E 365 -12.07 36.28 -14.08
N PHE E 366 -12.36 36.72 -15.31
CA PHE E 366 -12.23 38.12 -15.68
C PHE E 366 -13.50 38.58 -16.37
N PRO E 367 -13.95 39.81 -16.10
CA PRO E 367 -15.13 40.33 -16.81
C PRO E 367 -14.88 40.46 -18.30
N VAL E 368 -15.92 40.17 -19.09
CA VAL E 368 -15.85 40.27 -20.54
C VAL E 368 -16.20 41.70 -20.91
N ILE E 369 -15.21 42.45 -21.37
CA ILE E 369 -15.33 43.86 -21.69
C ILE E 369 -14.99 44.07 -23.16
N LEU E 370 -15.85 44.80 -23.87
CA LEU E 370 -15.60 45.14 -25.27
C LEU E 370 -15.35 46.63 -25.35
N VAL E 371 -14.16 47.00 -25.83
CA VAL E 371 -13.73 48.39 -25.90
C VAL E 371 -13.43 48.75 -27.35
N ASP E 372 -13.59 50.03 -27.67
CA ASP E 372 -13.31 50.53 -29.00
C ASP E 372 -11.85 50.98 -29.08
N LYS E 373 -11.48 51.68 -30.16
CA LYS E 373 -10.12 52.15 -30.31
C LYS E 373 -9.81 53.29 -29.36
N ASP E 374 -10.82 53.99 -28.86
CA ASP E 374 -10.59 55.10 -27.94
C ASP E 374 -10.33 54.61 -26.52
N GLY E 375 -10.74 53.39 -26.20
CA GLY E 375 -10.61 52.86 -24.86
C GLY E 375 -11.88 52.91 -24.03
N ILE E 376 -12.98 53.35 -24.61
CA ILE E 376 -14.25 53.42 -23.89
C ILE E 376 -14.95 52.07 -24.01
N VAL E 377 -15.62 51.65 -22.94
CA VAL E 377 -16.36 50.40 -22.94
C VAL E 377 -17.63 50.61 -23.74
N ARG E 378 -17.86 49.75 -24.74
CA ARG E 378 -19.05 49.85 -25.58
C ARG E 378 -20.07 48.76 -25.25
N ALA E 379 -19.64 47.51 -25.27
CA ALA E 379 -20.49 46.37 -24.97
C ALA E 379 -20.00 45.69 -23.69
N ASP E 380 -20.80 44.73 -23.22
CA ASP E 380 -20.49 44.06 -21.97
C ASP E 380 -21.16 42.70 -21.93
N ILE E 381 -20.52 41.77 -21.22
CA ILE E 381 -21.22 40.58 -20.75
C ILE E 381 -21.30 40.77 -19.24
N PRO E 382 -22.47 41.14 -18.71
CA PRO E 382 -22.57 41.48 -17.28
C PRO E 382 -22.42 40.29 -16.37
N PHE E 383 -22.38 40.54 -15.06
CA PHE E 383 -22.39 39.45 -14.09
C PHE E 383 -23.71 38.70 -14.18
N ARG E 384 -23.72 37.47 -13.65
CA ARG E 384 -24.89 36.60 -13.76
C ARG E 384 -26.11 37.22 -13.10
N ARG E 385 -27.17 37.36 -13.90
CA ARG E 385 -28.44 37.96 -13.48
C ARG E 385 -28.26 39.39 -12.96
N ALA E 386 -27.52 40.21 -13.69
CA ALA E 386 -27.32 41.59 -13.30
C ALA E 386 -28.10 42.52 -14.23
N GLU E 387 -28.58 43.63 -13.67
CA GLU E 387 -29.28 44.62 -14.47
C GLU E 387 -28.32 45.24 -15.48
N SER E 388 -28.54 44.95 -16.75
CA SER E 388 -27.63 45.33 -17.82
C SER E 388 -28.11 46.60 -18.51
N LYS E 389 -27.15 47.39 -18.97
CA LYS E 389 -27.45 48.61 -19.73
C LYS E 389 -26.61 48.61 -21.01
N TYR E 390 -25.42 48.02 -20.94
CA TYR E 390 -24.48 47.96 -22.05
C TYR E 390 -24.24 46.52 -22.49
N SER E 391 -25.28 45.68 -22.44
CA SER E 391 -25.14 44.26 -22.73
C SER E 391 -24.94 44.03 -24.23
N ILE E 392 -24.61 42.77 -24.56
CA ILE E 392 -24.45 42.37 -25.96
C ILE E 392 -25.77 42.48 -26.70
N GLU E 393 -26.87 42.08 -26.06
CA GLU E 393 -28.19 42.17 -26.68
C GLU E 393 -28.63 43.61 -26.84
N GLN E 394 -28.33 44.46 -25.85
CA GLN E 394 -28.76 45.85 -25.92
C GLN E 394 -27.94 46.65 -26.93
N VAL E 395 -26.63 46.45 -26.96
CA VAL E 395 -25.80 47.15 -27.93
C VAL E 395 -25.92 46.53 -29.31
N GLY E 396 -26.06 45.20 -29.39
CA GLY E 396 -26.19 44.54 -30.67
C GLY E 396 -24.90 44.49 -31.46
N VAL E 397 -23.92 43.74 -30.97
CA VAL E 397 -22.63 43.63 -31.64
C VAL E 397 -22.64 42.38 -32.52
N SER E 398 -21.86 42.43 -33.59
CA SER E 398 -21.74 41.33 -34.54
C SER E 398 -20.29 40.85 -34.58
N CYS E 399 -20.11 39.61 -35.03
CA CYS E 399 -18.80 38.97 -35.02
C CYS E 399 -18.47 38.48 -36.42
N ASN E 400 -17.29 38.86 -36.91
CA ASN E 400 -16.77 38.40 -38.19
C ASN E 400 -15.44 37.69 -37.95
N PHE E 401 -15.34 36.46 -38.44
CA PHE E 401 -14.14 35.65 -38.27
C PHE E 401 -13.28 35.70 -39.52
N TYR E 402 -11.97 35.83 -39.33
CA TYR E 402 -11.02 35.85 -40.42
C TYR E 402 -9.97 34.77 -40.18
N GLY E 403 -9.72 33.96 -41.22
CA GLY E 403 -8.80 32.85 -41.08
C GLY E 403 -9.44 31.69 -40.37
N GLY E 404 -8.66 30.61 -40.23
CA GLY E 404 -9.13 29.44 -39.53
C GLY E 404 -10.23 28.70 -40.28
N LYS E 405 -10.99 27.90 -39.52
CA LYS E 405 -12.10 27.17 -40.10
C LYS E 405 -13.30 28.05 -40.40
N LEU E 406 -13.56 29.04 -39.54
CA LEU E 406 -14.72 29.92 -39.69
C LEU E 406 -14.41 31.15 -40.52
N ASN E 407 -13.43 31.05 -41.43
CA ASN E 407 -13.04 32.18 -42.26
C ASN E 407 -14.18 32.63 -43.16
N GLY E 408 -14.52 33.91 -43.09
CA GLY E 408 -15.60 34.49 -43.84
C GLY E 408 -16.96 34.42 -43.19
N GLN E 409 -17.11 33.62 -42.13
CA GLN E 409 -18.39 33.49 -41.48
C GLN E 409 -18.70 34.73 -40.63
N VAL E 410 -19.98 35.08 -40.57
CA VAL E 410 -20.47 36.21 -39.80
C VAL E 410 -21.52 35.72 -38.84
N PHE E 411 -21.36 36.05 -37.55
CA PHE E 411 -22.29 35.64 -36.51
C PHE E 411 -22.90 36.89 -35.89
N THR E 412 -24.23 36.87 -35.73
CA THR E 412 -24.94 38.02 -35.18
C THR E 412 -25.96 37.67 -34.11
N ASP E 413 -26.35 36.40 -33.96
CA ASP E 413 -27.25 36.04 -32.88
C ASP E 413 -26.53 36.12 -31.54
N ALA E 414 -27.25 36.55 -30.51
CA ALA E 414 -26.61 36.89 -29.24
C ALA E 414 -25.98 35.72 -28.49
N PRO E 415 -26.50 34.48 -28.54
CA PRO E 415 -25.71 33.37 -27.96
C PRO E 415 -24.31 33.20 -28.54
N THR E 416 -24.18 33.22 -29.87
CA THR E 416 -22.90 32.86 -30.48
C THR E 416 -21.86 33.97 -30.31
N VAL E 417 -22.29 35.23 -30.42
CA VAL E 417 -21.34 36.33 -30.28
C VAL E 417 -20.90 36.46 -28.82
N LYS E 418 -21.79 36.15 -27.88
CA LYS E 418 -21.40 36.11 -26.47
C LYS E 418 -20.42 34.98 -26.20
N LYS E 419 -20.65 33.82 -26.83
CA LYS E 419 -19.76 32.68 -26.65
C LYS E 419 -18.37 32.96 -27.22
N TYR E 420 -18.32 33.60 -28.40
CA TYR E 420 -17.03 33.89 -29.01
C TYR E 420 -16.34 35.08 -28.35
N ALA E 421 -17.09 35.98 -27.72
CA ALA E 421 -16.46 37.05 -26.95
C ALA E 421 -15.79 36.50 -25.70
N ARG E 422 -16.32 35.40 -25.16
CA ARG E 422 -15.71 34.76 -24.01
C ARG E 422 -14.41 34.07 -24.40
N LYS E 423 -14.42 33.38 -25.54
CA LYS E 423 -13.23 32.64 -25.97
C LYS E 423 -12.16 33.57 -26.53
N SER E 424 -12.54 34.74 -27.03
CA SER E 424 -11.55 35.71 -27.49
C SER E 424 -10.89 36.45 -26.34
N GLN E 425 -11.49 36.40 -25.16
CA GLN E 425 -10.86 36.93 -23.95
C GLN E 425 -9.60 36.14 -23.59
N LEU E 426 -9.53 34.88 -23.97
CA LEU E 426 -8.38 34.02 -23.75
C LEU E 426 -7.36 34.09 -24.88
N GLY E 427 -7.52 35.04 -25.80
CA GLY E 427 -6.59 35.16 -26.91
C GLY E 427 -7.17 34.65 -28.20
N GLU E 428 -6.41 33.85 -28.94
CA GLU E 428 -6.88 33.30 -30.19
C GLU E 428 -7.91 32.20 -29.95
N VAL E 429 -8.97 32.20 -30.76
CA VAL E 429 -10.05 31.25 -30.57
C VAL E 429 -9.70 29.89 -31.17
N PHE E 430 -9.88 28.84 -30.38
CA PHE E 430 -9.48 27.51 -30.80
C PHE E 430 -10.57 26.50 -30.49
N GLU E 431 -10.58 25.41 -31.24
CA GLU E 431 -11.52 24.31 -31.04
C GLU E 431 -10.81 23.18 -30.31
N PHE E 432 -11.45 22.65 -29.27
CA PHE E 432 -10.81 21.69 -28.38
C PHE E 432 -11.61 20.40 -28.29
N ASP E 433 -10.89 19.29 -28.16
CA ASP E 433 -11.48 17.97 -27.98
C ASP E 433 -11.43 17.65 -26.49
N ARG E 434 -12.53 17.89 -25.80
CA ARG E 434 -12.63 17.62 -24.36
C ARG E 434 -13.12 16.20 -24.07
N THR E 435 -13.29 15.36 -25.10
CA THR E 435 -13.89 14.05 -24.89
C THR E 435 -12.84 12.96 -24.75
N THR E 436 -11.68 13.11 -25.40
CA THR E 436 -10.67 12.06 -25.41
C THR E 436 -10.07 11.85 -24.03
N LEU E 437 -9.63 12.93 -23.39
CA LEU E 437 -8.96 12.85 -22.09
C LEU E 437 -9.90 13.18 -20.93
N GLU E 438 -11.19 13.34 -21.20
CA GLU E 438 -12.20 13.74 -20.20
C GLU E 438 -11.80 15.04 -19.52
N SER E 439 -11.42 16.03 -20.34
CA SER E 439 -10.90 17.30 -19.84
C SER E 439 -11.99 18.08 -19.11
N ASP E 440 -11.62 18.67 -17.98
CA ASP E 440 -12.57 19.32 -17.08
C ASP E 440 -12.68 20.83 -17.28
N GLY E 441 -11.87 21.43 -18.14
CA GLY E 441 -12.00 22.84 -18.45
C GLY E 441 -11.23 23.81 -17.57
N VAL E 442 -10.47 23.32 -16.60
CA VAL E 442 -9.65 24.18 -15.75
C VAL E 442 -8.21 24.14 -16.25
N PHE E 443 -7.60 25.31 -16.42
CA PHE E 443 -6.28 25.41 -17.04
C PHE E 443 -5.21 24.75 -16.19
N ARG E 444 -4.28 24.07 -16.84
CA ARG E 444 -3.16 23.42 -16.19
C ARG E 444 -1.86 24.09 -16.59
N SER E 445 -0.77 23.69 -15.95
CA SER E 445 0.53 24.28 -16.16
C SER E 445 1.37 23.42 -17.10
N SER E 446 2.28 24.09 -17.81
CA SER E 446 3.17 23.46 -18.77
C SER E 446 4.34 22.80 -18.04
N PRO E 447 5.20 22.06 -18.76
CA PRO E 447 6.47 21.63 -18.16
C PRO E 447 7.34 22.78 -17.69
N ARG E 448 7.21 23.95 -18.32
CA ARG E 448 7.92 25.14 -17.86
C ARG E 448 7.49 25.54 -16.45
N GLY E 449 6.18 25.50 -16.19
CA GLY E 449 5.69 25.86 -14.86
C GLY E 449 6.07 24.85 -13.79
N TRP E 450 6.00 23.55 -14.13
CA TRP E 450 6.27 22.53 -13.13
C TRP E 450 7.75 22.43 -12.81
N TYR E 451 8.62 22.64 -13.81
CA TYR E 451 10.07 22.62 -13.54
C TYR E 451 10.46 23.73 -12.58
N THR E 452 9.93 24.93 -12.81
CA THR E 452 10.27 26.07 -11.95
C THR E 452 9.77 25.85 -10.54
N PHE E 453 8.57 25.28 -10.39
CA PHE E 453 8.03 25.01 -9.07
C PHE E 453 8.86 23.96 -8.33
N GLY E 454 9.25 22.90 -9.04
CA GLY E 454 10.04 21.86 -8.41
C GLY E 454 11.42 22.34 -8.02
N HIS E 455 12.06 23.11 -8.89
CA HIS E 455 13.45 23.45 -8.66
C HIS E 455 13.65 24.72 -7.83
N ALA E 456 12.66 25.62 -7.80
CA ALA E 456 12.76 26.73 -6.86
C ALA E 456 12.44 26.29 -5.44
N ASN E 457 11.55 25.30 -5.29
CA ASN E 457 11.26 24.78 -3.97
C ASN E 457 12.38 23.86 -3.47
N PHE E 458 12.97 23.09 -4.39
CA PHE E 458 14.11 22.27 -4.02
C PHE E 458 15.31 23.13 -3.64
N ALA E 459 15.54 24.22 -4.37
CA ALA E 459 16.66 25.10 -4.05
C ALA E 459 16.48 25.79 -2.71
N LEU E 460 15.23 26.14 -2.37
CA LEU E 460 14.95 26.74 -1.07
C LEU E 460 15.22 25.75 0.05
N LEU E 461 14.79 24.50 -0.13
CA LEU E 461 15.07 23.48 0.88
C LEU E 461 16.55 23.15 0.95
N PHE E 462 17.26 23.27 -0.17
CA PHE E 462 18.70 23.02 -0.14
C PHE E 462 19.47 24.19 0.47
N PHE E 463 18.87 25.37 0.55
CA PHE E 463 19.48 26.45 1.31
C PHE E 463 19.49 26.10 2.79
N LEU E 464 18.42 25.46 3.28
CA LEU E 464 18.35 25.02 4.66
C LEU E 464 19.39 23.93 4.95
N GLY E 465 19.57 23.00 4.01
CA GLY E 465 20.58 21.97 4.18
C GLY E 465 21.99 22.51 4.21
N HIS E 466 22.23 23.60 3.46
CA HIS E 466 23.55 24.24 3.49
C HIS E 466 23.82 24.85 4.85
N LEU E 467 22.81 25.47 5.47
CA LEU E 467 22.99 26.04 6.80
C LEU E 467 23.18 24.95 7.84
N TRP E 468 22.45 23.84 7.70
CA TRP E 468 22.56 22.75 8.67
C TRP E 468 23.90 22.04 8.56
N HIS E 469 24.30 21.67 7.34
CA HIS E 469 25.54 20.94 7.17
C HIS E 469 26.75 21.86 7.28
N GLY E 470 26.57 23.15 7.00
CA GLY E 470 27.63 24.11 7.26
C GLY E 470 27.89 24.30 8.74
N GLY E 471 26.81 24.36 9.53
CA GLY E 471 26.96 24.47 10.97
C GLY E 471 27.56 23.21 11.59
N ARG E 472 27.21 22.04 11.05
CA ARG E 472 27.73 20.80 11.59
C ARG E 472 29.21 20.64 11.31
N THR E 473 29.70 21.28 10.25
CA THR E 473 31.12 21.23 9.95
C THR E 473 31.93 22.10 10.90
N LEU E 474 31.57 23.38 11.00
CA LEU E 474 32.31 24.32 11.82
C LEU E 474 32.11 24.12 13.31
N PHE E 475 31.13 23.32 13.71
CA PHE E 475 30.84 23.06 15.12
C PHE E 475 30.89 21.57 15.41
N ARG E 476 31.77 20.85 14.73
CA ARG E 476 31.85 19.39 14.89
C ARG E 476 32.32 19.01 16.29
N ASP E 477 33.16 19.83 16.91
CA ASP E 477 33.69 19.50 18.23
C ASP E 477 32.63 19.61 19.33
N VAL E 478 31.62 20.46 19.15
CA VAL E 478 30.65 20.73 20.19
C VAL E 478 29.26 20.23 19.82
N PHE E 479 29.13 19.41 18.77
CA PHE E 479 27.78 19.05 18.36
C PHE E 479 27.18 17.90 19.17
N ALA E 480 27.96 17.25 20.02
CA ALA E 480 27.41 16.31 20.99
C ALA E 480 27.05 16.98 22.30
N GLY E 481 27.27 18.29 22.40
CA GLY E 481 27.04 19.04 23.62
C GLY E 481 28.29 19.80 24.03
N ILE E 482 28.14 20.71 24.99
CA ILE E 482 29.26 21.55 25.42
C ILE E 482 29.61 21.23 26.86
N GLY E 483 30.65 21.89 27.38
CA GLY E 483 31.05 21.69 28.75
C GLY E 483 30.07 22.30 29.74
N ALA E 484 30.06 21.73 30.95
CA ALA E 484 29.12 22.16 31.98
C ALA E 484 29.53 23.48 32.64
N GLU E 485 30.83 23.78 32.67
CA GLU E 485 31.33 24.99 33.34
C GLU E 485 30.87 26.27 32.63
N ILE F 16 30.57 67.37 30.93
CA ILE F 16 29.79 68.60 30.90
C ILE F 16 30.16 69.39 29.64
N ARG F 17 31.36 69.15 29.11
CA ARG F 17 31.78 69.83 27.89
C ARG F 17 30.98 69.33 26.69
N TYR F 18 30.63 68.04 26.68
CA TYR F 18 29.82 67.51 25.59
C TYR F 18 28.35 67.88 25.76
N TRP F 19 27.91 68.19 26.98
CA TRP F 19 26.53 68.59 27.19
C TRP F 19 26.27 69.99 26.64
N ILE F 20 27.26 70.88 26.73
CA ILE F 20 27.06 72.25 26.28
C ILE F 20 27.11 72.32 24.75
N ILE F 21 27.74 71.34 24.11
CA ILE F 21 27.72 71.32 22.65
C ILE F 21 26.51 70.55 22.15
N HIS F 22 25.93 69.69 22.99
CA HIS F 22 24.67 69.04 22.62
C HIS F 22 23.51 70.01 22.83
N SER F 23 23.71 71.00 23.71
CA SER F 23 22.69 72.01 23.95
C SER F 23 22.51 72.96 22.77
N ILE F 24 23.44 72.97 21.81
CA ILE F 24 23.35 73.84 20.64
C ILE F 24 23.17 73.03 19.35
N THR F 25 23.75 71.83 19.28
CA THR F 25 23.67 71.05 18.03
C THR F 25 22.33 70.36 17.87
N ILE F 26 21.75 69.88 18.96
CA ILE F 26 20.44 69.24 18.95
C ILE F 26 19.36 70.26 18.55
N PRO F 27 19.30 71.49 19.11
CA PRO F 27 18.36 72.47 18.53
C PRO F 27 18.68 72.87 17.09
N SER F 28 19.97 72.90 16.73
CA SER F 28 20.34 73.23 15.37
C SER F 28 19.87 72.17 14.38
N LEU F 29 19.98 70.90 14.77
CA LEU F 29 19.55 69.81 13.90
C LEU F 29 18.03 69.73 13.83
N PHE F 30 17.35 69.98 14.95
CA PHE F 30 15.90 70.00 14.95
C PHE F 30 15.34 71.13 14.09
N VAL F 31 15.97 72.31 14.15
CA VAL F 31 15.56 73.44 13.34
C VAL F 31 15.84 73.16 11.86
N ALA F 32 16.96 72.50 11.57
CA ALA F 32 17.30 72.14 10.19
C ALA F 32 16.28 71.19 9.60
N GLY F 33 15.82 70.21 10.38
CA GLY F 33 14.75 69.34 9.91
C GLY F 33 13.43 70.08 9.76
N PHE F 34 13.15 71.01 10.68
CA PHE F 34 11.93 71.81 10.61
C PHE F 34 11.91 72.69 9.36
N LEU F 35 13.05 73.34 9.06
CA LEU F 35 13.10 74.23 7.91
C LEU F 35 13.17 73.45 6.60
N PHE F 36 13.62 72.20 6.65
CA PHE F 36 13.69 71.37 5.45
C PHE F 36 12.30 71.07 4.90
N VAL F 37 11.31 70.99 5.78
CA VAL F 37 9.94 70.73 5.36
C VAL F 37 9.17 72.03 5.16
N SER F 38 9.36 73.00 6.07
CA SER F 38 8.56 74.22 6.04
C SER F 38 8.92 75.12 4.85
N THR F 39 10.12 74.97 4.29
CA THR F 39 10.50 75.75 3.12
C THR F 39 10.19 75.05 1.80
N GLY F 40 9.64 73.84 1.84
CA GLY F 40 9.34 73.10 0.64
C GLY F 40 10.53 72.39 0.02
N LEU F 41 11.69 72.41 0.67
CA LEU F 41 12.86 71.72 0.12
C LEU F 41 12.69 70.21 0.13
N ALA F 42 11.86 69.69 1.04
CA ALA F 42 11.62 68.25 1.09
C ALA F 42 10.85 67.77 -0.14
N TYR F 43 9.95 68.61 -0.66
CA TYR F 43 9.19 68.24 -1.85
C TYR F 43 10.09 68.14 -3.07
N ASP F 44 11.02 69.09 -3.22
CA ASP F 44 11.89 69.10 -4.40
C ASP F 44 12.94 68.00 -4.32
N ALA F 45 13.45 67.73 -3.12
CA ALA F 45 14.51 66.75 -2.97
C ALA F 45 14.02 65.33 -3.25
N PHE F 46 12.81 65.01 -2.80
CA PHE F 46 12.30 63.64 -2.88
C PHE F 46 11.30 63.45 -4.01
N GLY F 47 10.92 64.50 -4.72
CA GLY F 47 9.94 64.36 -5.77
C GLY F 47 8.51 64.20 -5.28
N THR F 48 8.27 64.43 -4.00
CA THR F 48 6.93 64.35 -3.44
C THR F 48 6.11 65.55 -3.90
N PRO F 49 4.95 65.35 -4.52
CA PRO F 49 4.16 66.49 -4.97
C PRO F 49 3.49 67.23 -3.81
N ARG F 50 3.44 68.55 -3.96
CA ARG F 50 2.71 69.39 -3.03
C ARG F 50 1.20 69.18 -3.25
N PRO F 51 0.36 69.54 -2.28
CA PRO F 51 -1.09 69.34 -2.45
C PRO F 51 -1.71 70.08 -3.63
N ASN F 52 -1.06 71.11 -4.16
CA ASN F 52 -1.59 71.83 -5.31
C ASN F 52 -1.09 71.31 -6.64
N GLU F 53 -0.23 70.28 -6.65
CA GLU F 53 0.33 69.76 -7.89
C GLU F 53 0.14 68.24 -8.02
N TYR F 54 -0.84 67.66 -7.34
CA TYR F 54 -1.18 66.27 -7.60
C TYR F 54 -1.76 66.12 -9.00
N PHE F 55 -2.57 67.07 -9.42
CA PHE F 55 -3.12 67.13 -10.76
C PHE F 55 -2.84 68.50 -11.36
N THR F 56 -2.70 68.54 -12.67
CA THR F 56 -2.54 69.78 -13.40
C THR F 56 -3.77 70.01 -14.26
N GLN F 57 -3.79 71.16 -14.95
CA GLN F 57 -4.92 71.48 -15.81
C GLN F 57 -4.97 70.56 -17.03
N ASP F 58 -3.81 70.25 -17.60
CA ASP F 58 -3.72 69.39 -18.77
C ASP F 58 -3.67 67.90 -18.44
N ARG F 59 -3.58 67.54 -17.16
CA ARG F 59 -3.52 66.15 -16.74
C ARG F 59 -4.48 65.94 -15.56
N GLN F 60 -5.65 65.39 -15.84
CA GLN F 60 -6.64 65.08 -14.81
C GLN F 60 -6.54 63.65 -14.30
N GLN F 61 -5.69 62.82 -14.90
CA GLN F 61 -5.57 61.43 -14.51
C GLN F 61 -4.33 61.21 -13.64
N ILE F 62 -4.21 60.00 -13.12
CA ILE F 62 -3.08 59.62 -12.28
C ILE F 62 -1.84 59.50 -13.16
N PRO F 63 -0.77 60.22 -12.84
CA PRO F 63 0.44 60.18 -13.67
C PRO F 63 1.27 58.93 -13.38
N LEU F 64 1.24 57.98 -14.29
CA LEU F 64 1.92 56.71 -14.12
C LEU F 64 3.02 56.57 -15.16
N VAL F 65 4.12 55.95 -14.75
CA VAL F 65 5.23 55.68 -15.66
C VAL F 65 4.89 54.42 -16.45
N ASN F 66 4.90 54.53 -17.78
CA ASN F 66 4.52 53.43 -18.63
C ASN F 66 5.68 52.78 -19.36
N ASP F 67 6.87 53.38 -19.33
CA ASP F 67 8.04 52.82 -19.99
C ASP F 67 9.19 52.77 -18.99
N ARG F 68 10.01 51.72 -19.11
CA ARG F 68 11.10 51.50 -18.17
C ARG F 68 12.26 52.46 -18.41
N PHE F 69 12.84 52.42 -19.61
CA PHE F 69 14.07 53.15 -19.88
C PHE F 69 13.85 54.62 -20.22
N SER F 70 12.61 55.06 -20.42
CA SER F 70 12.31 56.47 -20.63
C SER F 70 11.62 57.08 -19.40
N ALA F 71 11.80 56.47 -18.23
CA ALA F 71 11.12 56.91 -17.02
C ALA F 71 11.57 58.29 -16.59
N LYS F 72 12.88 58.57 -16.71
CA LYS F 72 13.42 59.87 -16.34
C LYS F 72 12.86 60.98 -17.23
N GLN F 73 12.83 60.74 -18.55
CA GLN F 73 12.30 61.73 -19.47
C GLN F 73 10.79 61.90 -19.29
N GLU F 74 10.08 60.79 -19.10
CA GLU F 74 8.62 60.82 -18.95
C GLU F 74 8.21 61.61 -17.72
N LEU F 75 8.96 61.48 -16.63
CA LEU F 75 8.65 62.23 -15.42
C LEU F 75 8.94 63.71 -15.61
N GLU F 76 9.95 64.05 -16.43
CA GLU F 76 10.31 65.44 -16.63
C GLU F 76 9.32 66.16 -17.53
N ASP F 77 8.82 65.49 -18.58
CA ASP F 77 7.85 66.12 -19.46
C ASP F 77 6.43 66.10 -18.89
N LEU F 78 6.26 65.57 -17.69
CA LEU F 78 4.96 65.50 -17.02
C LEU F 78 4.90 66.30 -15.74
N THR F 79 6.01 66.46 -15.02
CA THR F 79 6.05 67.25 -13.80
C THR F 79 6.45 68.69 -14.06
N LYS F 80 6.61 69.07 -15.33
CA LYS F 80 7.02 70.43 -15.67
C LYS F 80 5.91 71.42 -15.38
N GLY F 81 6.31 72.66 -15.08
CA GLY F 81 5.36 73.71 -14.76
C GLY F 81 4.99 73.76 -13.29
N PRO G 11 35.05 62.76 19.79
CA PRO G 11 35.47 63.02 18.41
C PRO G 11 35.43 61.76 17.56
N ILE G 12 36.41 60.87 17.75
CA ILE G 12 36.48 59.59 17.06
C ILE G 12 36.86 58.53 18.09
N PHE G 13 35.86 57.78 18.55
CA PHE G 13 36.10 56.56 19.31
C PHE G 13 36.21 55.46 18.26
N THR G 14 36.73 54.30 18.66
CA THR G 14 36.90 53.17 17.73
C THR G 14 35.59 52.79 17.04
N PHE G 15 34.51 52.62 17.81
CA PHE G 15 33.22 52.26 17.21
C PHE G 15 32.03 53.12 17.66
N ARG G 16 31.99 53.47 18.94
CA ARG G 16 30.82 54.06 19.61
C ARG G 16 30.38 55.41 19.06
N TRP G 17 31.33 56.34 18.89
CA TRP G 17 30.96 57.70 18.49
C TRP G 17 30.35 57.73 17.09
N LEU G 18 30.92 56.96 16.16
CA LEU G 18 30.39 56.93 14.81
C LEU G 18 29.06 56.21 14.76
N THR G 19 28.89 55.16 15.56
CA THR G 19 27.66 54.37 15.50
C THR G 19 26.49 55.10 16.12
N ILE G 20 26.66 55.71 17.29
CA ILE G 20 25.52 56.36 17.93
C ILE G 20 25.18 57.67 17.22
N HIS G 21 26.15 58.31 16.57
CA HIS G 21 25.85 59.51 15.81
C HIS G 21 25.22 59.16 14.46
N ALA G 22 25.46 57.93 13.97
CA ALA G 22 24.78 57.48 12.77
C ALA G 22 23.29 57.28 12.98
N LEU G 23 22.86 57.12 14.23
CA LEU G 23 21.44 57.01 14.57
C LEU G 23 20.87 58.30 15.14
N ALA G 24 21.63 59.01 15.99
CA ALA G 24 21.09 60.17 16.68
C ALA G 24 20.90 61.36 15.74
N VAL G 25 21.89 61.62 14.89
CA VAL G 25 21.86 62.75 13.95
C VAL G 25 20.69 62.64 12.97
N PRO G 26 20.42 61.50 12.31
CA PRO G 26 19.21 61.48 11.46
C PRO G 26 17.90 61.45 12.23
N THR G 27 17.90 60.90 13.45
CA THR G 27 16.66 60.82 14.21
C THR G 27 16.15 62.20 14.62
N VAL G 28 17.06 63.06 15.08
CA VAL G 28 16.66 64.41 15.49
C VAL G 28 16.26 65.22 14.26
N PHE G 29 16.99 65.08 13.16
CA PHE G 29 16.64 65.76 11.92
C PHE G 29 15.28 65.31 11.41
N PHE G 30 15.01 64.00 11.49
CA PHE G 30 13.70 63.50 11.10
C PHE G 30 12.62 63.99 12.06
N LEU G 31 12.92 64.02 13.36
CA LEU G 31 11.96 64.49 14.36
C LEU G 31 11.57 65.95 14.13
N GLY G 32 12.54 66.78 13.76
CA GLY G 32 12.22 68.14 13.37
C GLY G 32 11.38 68.20 12.11
N ALA G 33 11.62 67.28 11.18
CA ALA G 33 10.85 67.24 9.95
C ALA G 33 9.42 66.75 10.19
N ILE G 34 9.25 65.78 11.10
CA ILE G 34 7.92 65.30 11.44
C ILE G 34 7.11 66.40 12.13
N THR G 35 7.76 67.16 13.00
CA THR G 35 7.08 68.25 13.71
C THR G 35 6.59 69.31 12.75
N SER G 36 7.38 69.62 11.72
CA SER G 36 6.97 70.60 10.72
C SER G 36 5.80 70.11 9.88
N MET G 37 5.63 68.79 9.74
CA MET G 37 4.51 68.25 8.96
C MET G 37 3.19 68.46 9.68
N GLN G 38 3.21 68.54 11.01
CA GLN G 38 1.98 68.75 11.76
C GLN G 38 1.41 70.14 11.56
N PHE G 39 2.20 71.08 11.05
CA PHE G 39 1.76 72.44 10.80
C PHE G 39 1.48 72.70 9.32
N ILE G 40 1.33 71.64 8.53
CA ILE G 40 0.93 71.77 7.13
C ILE G 40 -0.58 71.59 7.06
N GLN G 41 -1.27 72.57 6.47
CA GLN G 41 -2.72 72.48 6.27
C GLN G 41 -2.98 71.87 4.91
N ARG G 42 -3.78 70.80 4.89
CA ARG G 42 -4.09 70.11 3.64
C ARG G 42 -5.60 69.98 3.45
N ALA H 2 43.33 -4.64 5.04
CA ALA H 2 42.67 -4.05 3.88
C ALA H 2 43.05 -4.81 2.61
N LEU H 3 42.11 -4.89 1.67
CA LEU H 3 42.32 -5.63 0.44
C LEU H 3 43.07 -4.80 -0.58
N ARG H 4 44.06 -5.41 -1.22
CA ARG H 4 44.82 -4.79 -2.29
C ARG H 4 44.32 -5.34 -3.62
N THR H 5 43.85 -4.46 -4.49
CA THR H 5 43.37 -4.82 -5.81
C THR H 5 44.26 -4.20 -6.88
N ARG H 6 44.06 -4.65 -8.12
CA ARG H 6 44.84 -4.13 -9.24
C ARG H 6 44.54 -2.65 -9.46
N LEU H 7 43.27 -2.27 -9.42
CA LEU H 7 42.91 -0.87 -9.57
C LEU H 7 43.28 -0.06 -8.33
N GLY H 8 43.22 -0.69 -7.16
CA GLY H 8 43.59 0.00 -5.93
C GLY H 8 45.07 0.35 -5.87
N GLU H 9 45.92 -0.54 -6.38
CA GLU H 9 47.35 -0.25 -6.46
C GLU H 9 47.62 0.85 -7.47
N ILE H 10 46.82 0.90 -8.53
CA ILE H 10 46.96 1.93 -9.56
C ILE H 10 46.61 3.30 -9.01
N LEU H 11 45.49 3.39 -8.30
CA LEU H 11 44.99 4.66 -7.78
C LEU H 11 45.61 5.05 -6.45
N ARG H 12 46.51 4.23 -5.90
CA ARG H 12 47.12 4.46 -4.59
C ARG H 12 47.87 5.78 -4.44
N PRO H 13 48.70 6.24 -5.39
CA PRO H 13 49.35 7.56 -5.19
C PRO H 13 48.39 8.73 -5.21
N LEU H 14 47.19 8.57 -5.77
CA LEU H 14 46.25 9.68 -5.84
C LEU H 14 45.60 9.96 -4.49
N ASN H 15 45.63 9.00 -3.58
CA ASN H 15 45.04 9.15 -2.25
C ASN H 15 46.09 9.07 -1.15
N ALA H 16 47.35 9.34 -1.50
CA ALA H 16 48.48 9.15 -0.58
C ALA H 16 48.97 10.46 0.01
N GLU H 17 48.23 11.56 -0.14
CA GLU H 17 48.69 12.85 0.33
C GLU H 17 47.72 13.48 1.32
N TYR H 18 47.19 12.68 2.23
CA TYR H 18 46.22 13.17 3.21
C TYR H 18 46.89 14.09 4.23
N GLY H 19 46.28 15.24 4.48
CA GLY H 19 46.77 16.18 5.47
C GLY H 19 47.90 17.09 5.01
N LYS H 20 48.34 16.98 3.77
CA LYS H 20 49.44 17.80 3.26
C LYS H 20 48.92 19.19 2.95
N VAL H 21 49.57 20.22 3.52
CA VAL H 21 49.13 21.60 3.35
C VAL H 21 50.31 22.47 2.95
N ALA H 22 49.99 23.61 2.36
CA ALA H 22 50.97 24.67 2.18
C ALA H 22 51.03 25.50 3.45
N PRO H 23 52.21 25.76 4.00
CA PRO H 23 52.29 26.49 5.28
C PRO H 23 51.85 27.93 5.14
N GLY H 24 51.25 28.44 6.21
CA GLY H 24 50.82 29.82 6.23
C GLY H 24 49.61 30.07 5.35
N TRP H 25 49.56 31.27 4.77
CA TRP H 25 48.42 31.69 3.97
C TRP H 25 48.42 31.12 2.56
N GLY H 26 49.54 30.57 2.10
CA GLY H 26 49.58 29.90 0.81
C GLY H 26 49.23 30.81 -0.35
N THR H 27 48.28 30.35 -1.17
CA THR H 27 47.81 31.10 -2.33
C THR H 27 46.42 31.71 -2.09
N THR H 28 46.13 32.11 -0.85
CA THR H 28 44.83 32.69 -0.54
C THR H 28 44.64 34.06 -1.20
N SER H 29 45.73 34.81 -1.39
CA SER H 29 45.63 36.12 -2.03
C SER H 29 45.23 36.00 -3.49
N VAL H 30 45.74 34.99 -4.20
CA VAL H 30 45.34 34.76 -5.58
C VAL H 30 43.89 34.29 -5.63
N MET H 31 43.50 33.46 -4.67
CA MET H 31 42.13 32.96 -4.62
C MET H 31 41.13 34.08 -4.38
N GLY H 32 41.48 35.04 -3.52
CA GLY H 32 40.59 36.16 -3.28
C GLY H 32 40.42 37.04 -4.50
N VAL H 33 41.47 37.15 -5.33
CA VAL H 33 41.37 37.92 -6.57
C VAL H 33 40.43 37.23 -7.55
N PHE H 34 40.54 35.90 -7.66
CA PHE H 34 39.66 35.16 -8.55
C PHE H 34 38.22 35.16 -8.05
N MET H 35 38.04 35.14 -6.72
CA MET H 35 36.70 35.28 -6.15
C MET H 35 36.12 36.66 -6.44
N ALA H 36 36.93 37.69 -6.32
CA ALA H 36 36.45 39.06 -6.59
C ALA H 36 36.13 39.24 -8.06
N LEU H 37 36.94 38.67 -8.94
CA LEU H 37 36.66 38.75 -10.38
C LEU H 37 35.41 37.95 -10.73
N PHE H 38 35.21 36.82 -10.06
CA PHE H 38 34.01 36.01 -10.29
C PHE H 38 32.76 36.75 -9.80
N LEU H 39 32.87 37.47 -8.69
CA LEU H 39 31.74 38.24 -8.18
C LEU H 39 31.36 39.36 -9.14
N VAL H 40 32.35 40.05 -9.69
CA VAL H 40 32.07 41.12 -10.66
C VAL H 40 31.49 40.53 -11.93
N PHE H 41 32.02 39.38 -12.37
CA PHE H 41 31.50 38.73 -13.57
C PHE H 41 30.06 38.28 -13.40
N LEU H 42 29.71 37.74 -12.22
CA LEU H 42 28.35 37.30 -11.98
C LEU H 42 27.39 38.46 -11.92
N VAL H 43 27.84 39.61 -11.40
CA VAL H 43 27.00 40.81 -11.38
C VAL H 43 26.77 41.33 -12.79
N ILE H 44 27.79 41.21 -13.66
CA ILE H 44 27.66 41.69 -15.04
C ILE H 44 26.59 40.91 -15.79
N ILE H 45 26.66 39.58 -15.75
CA ILE H 45 25.72 38.77 -16.51
C ILE H 45 24.33 38.81 -15.87
N LEU H 46 24.25 39.12 -14.59
CA LEU H 46 22.94 39.33 -13.97
C LEU H 46 22.33 40.64 -14.44
N GLN H 47 23.13 41.71 -14.48
CA GLN H 47 22.61 43.00 -14.90
C GLN H 47 22.35 43.07 -16.40
N ILE H 48 23.03 42.22 -17.19
CA ILE H 48 22.71 42.12 -18.61
C ILE H 48 21.34 41.46 -18.78
N TYR H 49 21.12 40.36 -18.05
CA TYR H 49 19.82 39.69 -18.07
C TYR H 49 18.73 40.60 -17.50
N ASN H 50 19.06 41.35 -16.45
CA ASN H 50 18.13 42.29 -15.84
C ASN H 50 17.90 43.54 -16.67
N SER H 51 18.68 43.72 -17.75
CA SER H 51 18.69 44.92 -18.59
C SER H 51 19.07 46.16 -17.79
N SER H 52 19.85 45.99 -16.73
CA SER H 52 20.46 47.11 -16.02
C SER H 52 21.75 47.54 -16.70
N ILE H 53 22.35 46.66 -17.48
CA ILE H 53 23.45 46.99 -18.38
C ILE H 53 22.96 46.69 -19.79
N ILE H 54 22.84 47.72 -20.61
CA ILE H 54 22.46 47.57 -22.00
C ILE H 54 23.72 47.73 -22.85
N LEU H 55 24.11 46.68 -23.54
CA LEU H 55 25.32 46.70 -24.34
C LEU H 55 25.01 47.30 -25.71
N GLU H 56 26.02 47.35 -26.58
CA GLU H 56 25.88 48.02 -27.86
C GLU H 56 25.02 47.21 -28.83
N ASN H 57 25.45 45.99 -29.15
CA ASN H 57 24.75 45.14 -30.09
C ASN H 57 24.13 43.92 -29.42
N VAL H 58 23.87 44.00 -28.12
CA VAL H 58 23.28 42.90 -27.37
C VAL H 58 21.85 43.28 -27.01
N ASP H 59 20.88 42.51 -27.51
CA ASP H 59 19.48 42.73 -27.22
C ASP H 59 18.96 41.51 -26.48
N VAL H 60 18.56 41.69 -25.22
CA VAL H 60 18.06 40.59 -24.42
C VAL H 60 16.61 40.33 -24.80
N ASP H 61 16.42 39.46 -25.78
CA ASP H 61 15.12 39.07 -26.32
C ASP H 61 15.36 37.82 -27.14
N TRP H 62 14.27 37.12 -27.46
CA TRP H 62 14.36 35.88 -28.23
C TRP H 62 14.96 36.15 -29.61
N VAL H 63 15.91 35.31 -30.01
CA VAL H 63 16.65 35.51 -31.25
C VAL H 63 16.21 34.49 -32.28
N THR H 64 16.52 34.79 -33.54
CA THR H 64 16.22 33.92 -34.67
C THR H 64 17.50 33.23 -35.13
N VAL H 65 17.36 31.98 -35.58
CA VAL H 65 18.46 31.12 -36.03
C VAL H 65 19.56 31.00 -34.97
N MET I 1 -39.28 15.36 21.03
CA MET I 1 -39.96 14.38 21.88
C MET I 1 -39.84 14.76 23.35
N PHE I 2 -40.92 14.50 24.10
CA PHE I 2 -40.93 14.85 25.52
C PHE I 2 -40.08 13.90 26.34
N THR I 3 -40.02 12.63 25.93
CA THR I 3 -39.21 11.65 26.66
C THR I 3 -37.72 11.97 26.54
N LEU I 4 -37.27 12.38 25.36
CA LEU I 4 -35.88 12.79 25.18
C LEU I 4 -35.56 14.02 26.02
N LYS I 5 -36.51 14.96 26.11
CA LYS I 5 -36.33 16.13 26.96
C LYS I 5 -36.21 15.73 28.42
N ILE I 6 -37.02 14.76 28.86
CA ILE I 6 -36.98 14.29 30.25
C ILE I 6 -35.62 13.64 30.55
N LEU I 7 -35.14 12.79 29.63
CA LEU I 7 -33.87 12.10 29.84
C LEU I 7 -32.70 13.08 29.84
N VAL I 8 -32.70 14.05 28.91
CA VAL I 8 -31.62 15.03 28.88
C VAL I 8 -31.66 15.90 30.14
N TYR I 9 -32.86 16.29 30.58
CA TYR I 9 -32.99 17.10 31.79
C TYR I 9 -32.46 16.37 33.02
N THR I 10 -32.81 15.09 33.18
CA THR I 10 -32.34 14.38 34.37
C THR I 10 -30.84 14.08 34.29
N VAL I 11 -30.29 13.86 33.09
CA VAL I 11 -28.85 13.64 32.96
C VAL I 11 -28.09 14.93 33.31
N VAL I 12 -28.56 16.06 32.79
CA VAL I 12 -27.92 17.35 33.04
C VAL I 12 -27.98 17.69 34.53
N ILE I 13 -29.15 17.50 35.15
CA ILE I 13 -29.30 17.80 36.57
C ILE I 13 -28.45 16.85 37.41
N PHE I 14 -28.33 15.60 36.98
CA PHE I 14 -27.49 14.62 37.66
C PHE I 14 -26.03 15.06 37.69
N PHE I 15 -25.50 15.46 36.52
CA PHE I 15 -24.10 15.88 36.48
C PHE I 15 -23.86 17.19 37.20
N ILE I 16 -24.81 18.13 37.10
CA ILE I 16 -24.68 19.41 37.80
C ILE I 16 -24.72 19.19 39.31
N SER I 17 -25.60 18.31 39.79
CA SER I 17 -25.67 18.02 41.22
C SER I 17 -24.44 17.27 41.69
N LEU I 18 -23.87 16.41 40.84
CA LEU I 18 -22.60 15.77 41.17
C LEU I 18 -21.51 16.83 41.39
N PHE I 19 -21.41 17.79 40.47
CA PHE I 19 -20.47 18.90 40.59
C PHE I 19 -20.69 19.69 41.89
N THR I 20 -21.95 20.08 42.13
CA THR I 20 -22.29 20.96 43.24
C THR I 20 -22.05 20.30 44.59
N PHE I 21 -22.57 19.07 44.76
CA PHE I 21 -22.39 18.39 46.04
C PHE I 21 -20.96 17.89 46.22
N GLY I 22 -20.23 17.67 45.12
CA GLY I 22 -18.84 17.31 45.24
C GLY I 22 -17.99 18.47 45.73
N PHE I 23 -18.27 19.68 45.25
CA PHE I 23 -17.51 20.82 45.74
C PHE I 23 -17.93 21.24 47.15
N LEU I 24 -19.07 20.76 47.63
CA LEU I 24 -19.49 20.97 49.01
C LEU I 24 -18.96 19.91 49.96
N SER I 25 -18.29 18.88 49.44
CA SER I 25 -17.82 17.76 50.26
C SER I 25 -16.40 18.02 50.77
N SER I 26 -16.23 19.16 51.43
CA SER I 26 -14.97 19.59 52.06
C SER I 26 -13.82 19.60 51.05
N ASP I 27 -14.06 20.26 49.91
CA ASP I 27 -13.03 20.33 48.86
C ASP I 27 -11.71 20.99 49.27
N PRO I 28 -11.64 22.09 50.03
CA PRO I 28 -10.32 22.64 50.39
C PRO I 28 -9.44 21.69 51.19
N SER I 29 -10.02 20.68 51.86
CA SER I 29 -9.19 19.72 52.59
C SER I 29 -8.45 18.78 51.64
N ARG I 30 -9.00 18.52 50.46
CA ARG I 30 -8.41 17.57 49.51
C ARG I 30 -7.22 18.21 48.79
N ASN I 31 -6.14 18.40 49.56
CA ASN I 31 -4.91 18.98 49.05
C ASN I 31 -3.75 18.30 49.75
N PRO I 32 -2.59 18.18 49.09
CA PRO I 32 -1.48 17.42 49.67
C PRO I 32 -0.86 18.03 50.92
N ASN I 33 -1.09 19.32 51.18
CA ASN I 33 -0.54 19.99 52.35
C ASN I 33 -1.53 20.01 53.51
N ARG I 34 -2.38 18.98 53.61
CA ARG I 34 -3.39 18.93 54.66
C ARG I 34 -2.74 18.71 56.02
N LYS I 35 -3.16 19.50 57.00
CA LYS I 35 -2.67 19.39 58.37
C LYS I 35 -3.46 18.31 59.09
N ASP I 36 -2.77 17.27 59.53
CA ASP I 36 -3.40 16.16 60.23
C ASP I 36 -3.74 16.54 61.66
N GLY J 8 -67.23 -8.13 86.67
CA GLY J 8 -68.21 -7.29 85.98
C GLY J 8 -68.64 -6.09 86.79
N VAL J 9 -68.04 -5.92 87.97
CA VAL J 9 -68.38 -4.79 88.84
C VAL J 9 -67.63 -3.56 88.36
N ILE J 10 -68.38 -2.52 87.99
CA ILE J 10 -67.79 -1.31 87.42
C ILE J 10 -67.94 -0.16 88.42
N PRO J 11 -67.08 0.85 88.38
CA PRO J 11 -67.14 1.96 89.37
C PRO J 11 -68.46 2.73 89.40
N PRO J 12 -69.24 2.88 88.26
CA PRO J 12 -70.55 3.59 88.39
C PRO J 12 -71.51 3.02 89.43
N THR J 13 -71.62 1.71 89.52
CA THR J 13 -72.54 1.08 90.47
C THR J 13 -71.79 0.09 91.35
N GLY J 14 -72.52 -0.75 92.07
CA GLY J 14 -71.88 -1.79 92.86
C GLY J 14 -72.19 -3.17 92.33
N PHE J 15 -72.36 -4.13 93.24
CA PHE J 15 -72.75 -5.50 92.90
C PHE J 15 -74.24 -5.46 92.54
N PHE J 16 -74.51 -5.04 91.31
CA PHE J 16 -75.87 -4.76 90.87
C PHE J 16 -76.67 -6.06 90.75
N ASP J 17 -77.56 -6.28 91.71
CA ASP J 17 -78.43 -7.46 91.71
C ASP J 17 -79.68 -7.08 92.48
N PRO J 18 -80.71 -6.56 91.79
CA PRO J 18 -81.91 -6.11 92.50
C PRO J 18 -82.90 -7.20 92.84
N LEU J 19 -83.02 -8.23 92.00
CA LEU J 19 -84.07 -9.23 92.13
C LEU J 19 -83.61 -10.51 92.83
N GLY J 20 -82.49 -10.46 93.55
CA GLY J 20 -82.04 -11.61 94.32
C GLY J 20 -81.65 -12.83 93.50
N LEU J 21 -80.87 -12.62 92.44
CA LEU J 21 -80.48 -13.69 91.53
C LEU J 21 -79.04 -14.15 91.73
N SER J 22 -78.43 -13.80 92.86
CA SER J 22 -77.06 -14.20 93.13
C SER J 22 -76.83 -14.75 94.53
N LYS J 23 -77.87 -14.83 95.37
CA LYS J 23 -77.73 -15.36 96.72
C LYS J 23 -78.14 -16.82 96.80
N ASN J 24 -79.37 -17.15 96.37
CA ASN J 24 -79.82 -18.52 96.37
C ASN J 24 -79.09 -19.36 95.32
N ILE J 25 -78.76 -18.76 94.19
CA ILE J 25 -78.07 -19.47 93.11
C ILE J 25 -76.62 -19.70 93.53
N ASP J 26 -76.15 -20.95 93.39
CA ASP J 26 -74.81 -21.33 93.80
C ASP J 26 -73.76 -20.71 92.88
N GLU J 27 -72.50 -20.95 93.21
CA GLU J 27 -71.38 -20.35 92.50
C GLU J 27 -70.68 -21.31 91.54
N GLU J 28 -71.14 -22.56 91.44
CA GLU J 28 -70.61 -23.45 90.42
C GLU J 28 -71.33 -23.31 89.08
N THR J 29 -72.64 -23.16 89.10
CA THR J 29 -73.39 -22.86 87.89
C THR J 29 -73.40 -21.36 87.58
N PHE J 30 -72.83 -20.54 88.46
CA PHE J 30 -72.77 -19.09 88.23
C PHE J 30 -71.95 -18.77 86.99
N ALA J 31 -70.96 -19.61 86.68
CA ALA J 31 -70.18 -19.42 85.46
C ALA J 31 -71.04 -19.56 84.22
N GLN J 32 -72.07 -20.41 84.28
CA GLN J 32 -72.97 -20.59 83.14
C GLN J 32 -73.72 -19.30 82.82
N TYR J 33 -74.12 -18.53 83.84
CA TYR J 33 -74.76 -17.25 83.59
C TYR J 33 -73.77 -16.25 83.01
N ARG J 34 -72.49 -16.41 83.32
CA ARG J 34 -71.47 -15.50 82.80
C ARG J 34 -71.26 -15.71 81.30
N THR J 35 -71.17 -16.97 80.87
CA THR J 35 -71.09 -17.25 79.43
C THR J 35 -72.41 -16.90 78.74
N ALA J 36 -73.54 -17.07 79.44
CA ALA J 36 -74.82 -16.66 78.90
C ALA J 36 -74.87 -15.14 78.73
N GLU J 37 -74.29 -14.40 79.68
CA GLU J 37 -74.24 -12.95 79.58
C GLU J 37 -73.26 -12.51 78.49
N LEU J 38 -72.08 -13.15 78.45
CA LEU J 38 -71.06 -12.76 77.48
C LEU J 38 -71.49 -13.06 76.05
N LYS J 39 -72.14 -14.20 75.83
CA LYS J 39 -72.56 -14.56 74.48
C LYS J 39 -73.76 -13.73 74.02
N HIS J 40 -74.68 -13.41 74.96
CA HIS J 40 -75.81 -12.54 74.62
C HIS J 40 -75.32 -11.16 74.21
N GLY J 41 -74.34 -10.62 74.94
CA GLY J 41 -73.78 -9.33 74.58
C GLY J 41 -73.01 -9.38 73.29
N ARG J 42 -72.29 -10.48 73.05
CA ARG J 42 -71.57 -10.64 71.78
C ARG J 42 -72.53 -10.74 70.61
N VAL J 43 -73.63 -11.46 70.77
CA VAL J 43 -74.65 -11.53 69.72
C VAL J 43 -75.26 -10.16 69.47
N ALA J 44 -75.54 -9.43 70.56
CA ALA J 44 -76.12 -8.10 70.43
C ALA J 44 -75.15 -7.13 69.79
N GLN J 45 -73.85 -7.29 70.04
CA GLN J 45 -72.85 -6.38 69.49
C GLN J 45 -72.78 -6.49 67.96
N LEU J 46 -72.79 -7.72 67.43
CA LEU J 46 -72.86 -7.86 65.98
C LEU J 46 -74.24 -7.52 65.42
N CYS J 47 -75.28 -7.55 66.25
CA CYS J 47 -76.61 -7.18 65.77
C CYS J 47 -76.74 -5.67 65.60
N VAL J 48 -75.99 -4.90 66.38
CA VAL J 48 -76.02 -3.44 66.24
C VAL J 48 -75.41 -3.02 64.91
N ILE J 49 -74.21 -3.53 64.61
CA ILE J 49 -73.59 -3.23 63.32
C ILE J 49 -74.18 -4.06 62.20
N GLY J 50 -74.84 -5.17 62.53
CA GLY J 50 -75.59 -5.92 61.55
C GLY J 50 -76.90 -5.29 61.17
N TYR J 51 -77.33 -4.27 61.92
CA TYR J 51 -78.49 -3.46 61.61
C TYR J 51 -78.13 -2.17 60.91
N VAL J 52 -76.88 -1.73 61.03
CA VAL J 52 -76.46 -0.47 60.42
C VAL J 52 -75.92 -0.70 59.01
N VAL J 53 -75.08 -1.73 58.86
CA VAL J 53 -74.38 -1.97 57.59
C VAL J 53 -75.30 -2.22 56.39
N PRO J 54 -76.35 -3.07 56.48
CA PRO J 54 -77.16 -3.33 55.27
C PRO J 54 -77.96 -2.14 54.74
N GLU J 55 -77.83 -0.94 55.30
CA GLU J 55 -78.47 0.23 54.71
C GLU J 55 -77.76 0.67 53.44
N PHE J 56 -76.46 0.92 53.52
CA PHE J 56 -75.72 1.44 52.38
C PHE J 56 -75.12 0.35 51.51
N TYR J 57 -74.82 -0.82 52.06
CA TYR J 57 -74.20 -1.89 51.29
C TYR J 57 -74.99 -3.18 51.42
N ARG J 58 -75.11 -3.89 50.30
CA ARG J 58 -75.75 -5.20 50.24
C ARG J 58 -74.88 -6.13 49.41
N PHE J 59 -75.07 -7.43 49.62
CA PHE J 59 -74.33 -8.43 48.87
C PHE J 59 -74.81 -8.47 47.42
N PRO J 60 -73.92 -8.81 46.48
CA PRO J 60 -74.27 -8.64 45.06
C PRO J 60 -75.27 -9.65 44.51
N GLY J 61 -75.24 -10.90 44.96
CA GLY J 61 -76.05 -11.92 44.33
C GLY J 61 -77.43 -12.12 44.92
N ILE J 62 -77.90 -13.37 44.89
CA ILE J 62 -79.17 -13.75 45.48
C ILE J 62 -78.87 -14.63 46.69
N ILE J 63 -79.85 -14.74 47.59
CA ILE J 63 -79.65 -15.62 48.73
C ILE J 63 -80.33 -16.97 48.50
N ALA J 64 -81.47 -16.96 47.84
CA ALA J 64 -82.24 -18.15 47.48
C ALA J 64 -82.67 -17.97 46.03
N PRO J 65 -83.03 -19.08 45.35
CA PRO J 65 -83.57 -18.95 43.99
C PRO J 65 -84.82 -18.07 43.94
N GLY J 66 -84.71 -16.93 43.25
CA GLY J 66 -85.77 -15.95 43.17
C GLY J 66 -85.73 -14.91 44.27
N VAL J 67 -84.78 -14.99 45.19
CA VAL J 67 -84.68 -14.06 46.31
C VAL J 67 -83.36 -13.31 46.25
N PRO J 68 -83.29 -12.18 45.56
CA PRO J 68 -82.04 -11.40 45.55
C PRO J 68 -81.77 -10.72 46.88
N PHE J 69 -80.50 -10.38 47.09
CA PHE J 69 -80.10 -9.69 48.31
C PHE J 69 -80.64 -8.27 48.36
N ALA J 70 -80.89 -7.66 47.21
CA ALA J 70 -81.25 -6.25 47.16
C ALA J 70 -82.66 -6.00 47.69
N ASP J 71 -83.63 -6.81 47.29
CA ASP J 71 -85.02 -6.56 47.63
C ASP J 71 -85.43 -7.26 48.93
N ILE J 72 -84.59 -7.14 49.95
CA ILE J 72 -84.84 -7.71 51.27
C ILE J 72 -84.95 -6.54 52.25
N PRO J 73 -86.03 -6.45 53.04
CA PRO J 73 -86.08 -5.42 54.08
C PRO J 73 -85.02 -5.70 55.14
N ASN J 74 -84.38 -4.62 55.62
CA ASN J 74 -83.32 -4.75 56.61
C ASN J 74 -83.85 -5.21 57.96
N GLY J 75 -85.14 -5.01 58.23
CA GLY J 75 -85.70 -5.29 59.53
C GLY J 75 -85.95 -6.74 59.86
N VAL J 76 -86.93 -6.96 60.75
CA VAL J 76 -87.33 -8.30 61.12
C VAL J 76 -88.06 -9.02 59.99
N ALA J 77 -88.46 -8.28 58.95
CA ALA J 77 -89.04 -8.88 57.76
C ALA J 77 -88.03 -9.68 56.96
N ALA J 78 -86.73 -9.50 57.23
CA ALA J 78 -85.71 -10.30 56.56
C ALA J 78 -85.77 -11.75 56.98
N ILE J 79 -86.31 -12.03 58.17
CA ILE J 79 -86.41 -13.41 58.65
C ILE J 79 -87.37 -14.20 57.77
N ASN J 80 -88.56 -13.65 57.53
CA ASN J 80 -89.54 -14.36 56.71
C ASN J 80 -89.21 -14.24 55.22
N ALA J 81 -88.41 -13.25 54.83
CA ALA J 81 -88.02 -13.10 53.43
C ALA J 81 -87.10 -14.25 53.00
N ILE J 82 -86.09 -14.54 53.80
CA ILE J 82 -85.21 -15.68 53.54
C ILE J 82 -85.96 -16.96 53.86
N PRO J 83 -85.93 -17.97 53.00
CA PRO J 83 -86.66 -19.22 53.28
C PRO J 83 -86.09 -19.96 54.48
N ALA J 84 -86.92 -20.84 55.04
CA ALA J 84 -86.57 -21.52 56.29
C ALA J 84 -85.40 -22.47 56.12
N LEU J 85 -85.33 -23.16 54.97
CA LEU J 85 -84.22 -24.08 54.73
C LEU J 85 -82.90 -23.32 54.63
N GLY J 86 -82.93 -22.12 54.06
CA GLY J 86 -81.75 -21.26 54.10
C GLY J 86 -81.39 -20.85 55.50
N TRP J 87 -82.39 -20.68 56.37
CA TRP J 87 -82.11 -20.35 57.76
C TRP J 87 -81.53 -21.54 58.52
N PHE J 88 -81.91 -22.76 58.13
CA PHE J 88 -81.41 -23.95 58.80
C PHE J 88 -79.90 -24.10 58.62
N GLN J 89 -79.43 -23.84 57.39
CA GLN J 89 -78.00 -23.95 57.11
C GLN J 89 -77.21 -22.88 57.86
N MET J 90 -77.78 -21.67 57.96
CA MET J 90 -77.11 -20.60 58.71
C MET J 90 -77.08 -20.91 60.20
N VAL J 91 -78.20 -21.38 60.75
CA VAL J 91 -78.30 -21.63 62.19
C VAL J 91 -77.38 -22.80 62.58
N PHE J 92 -77.37 -23.86 61.78
CA PHE J 92 -76.54 -25.02 62.10
C PHE J 92 -75.04 -24.72 61.96
N LEU J 93 -74.66 -23.92 60.97
CA LEU J 93 -73.26 -23.51 60.85
C LEU J 93 -72.84 -22.65 62.03
N ILE J 94 -73.73 -21.77 62.49
CA ILE J 94 -73.46 -20.97 63.69
C ILE J 94 -73.32 -21.89 64.89
N GLY J 95 -74.20 -22.89 65.01
CA GLY J 95 -74.15 -23.78 66.15
C GLY J 95 -72.93 -24.67 66.18
N ALA J 96 -72.37 -24.99 65.01
CA ALA J 96 -71.10 -25.71 64.98
C ALA J 96 -70.00 -24.87 65.61
N VAL J 97 -69.98 -23.57 65.33
CA VAL J 97 -69.04 -22.68 66.02
C VAL J 97 -69.44 -22.50 67.47
N ASP J 98 -70.75 -22.44 67.74
CA ASP J 98 -71.23 -22.21 69.10
C ASP J 98 -70.90 -23.37 70.03
N TYR J 99 -71.08 -24.61 69.56
CA TYR J 99 -70.86 -25.78 70.40
C TYR J 99 -69.47 -26.37 70.19
N TRP J 100 -69.15 -26.75 68.96
CA TRP J 100 -67.88 -27.41 68.68
C TRP J 100 -66.71 -26.44 68.65
N GLY J 101 -66.95 -25.16 68.36
CA GLY J 101 -65.86 -24.25 68.13
C GLY J 101 -65.11 -24.62 66.86
N VAL J 102 -65.86 -24.82 65.78
CA VAL J 102 -65.25 -25.22 64.51
C VAL J 102 -64.40 -24.11 63.95
N LEU J 103 -64.99 -22.92 63.77
CA LEU J 103 -64.29 -21.78 63.19
C LEU J 103 -64.11 -20.65 64.18
N GLY J 104 -64.03 -20.97 65.46
CA GLY J 104 -63.82 -19.96 66.49
C GLY J 104 -62.82 -20.41 67.55
N ASP J 105 -61.93 -21.34 67.17
CA ASP J 105 -60.92 -21.84 68.08
C ASP J 105 -59.49 -21.53 67.69
N PHE J 106 -59.26 -20.66 66.71
CA PHE J 106 -57.92 -20.38 66.22
C PHE J 106 -57.10 -19.64 67.27
N ASP J 107 -55.84 -20.02 67.40
CA ASP J 107 -54.96 -19.47 68.43
C ASP J 107 -54.61 -18.00 68.18
N ALA J 108 -54.74 -17.53 66.94
CA ALA J 108 -54.42 -16.14 66.62
C ALA J 108 -55.41 -15.17 67.24
N GLY J 109 -56.64 -15.61 67.52
CA GLY J 109 -57.60 -14.78 68.21
C GLY J 109 -57.45 -14.77 69.71
N LYS J 110 -56.40 -15.43 70.22
CA LYS J 110 -56.12 -15.51 71.66
C LYS J 110 -54.78 -14.81 71.89
N PRO J 111 -54.75 -13.48 71.92
CA PRO J 111 -53.48 -12.77 72.08
C PRO J 111 -52.92 -12.92 73.49
N ASP J 112 -51.61 -13.10 73.56
CA ASP J 112 -50.94 -13.23 74.85
C ASP J 112 -50.80 -11.84 75.46
N LEU J 113 -51.72 -11.49 76.35
CA LEU J 113 -51.67 -10.24 77.07
C LEU J 113 -51.24 -10.51 78.50
N ALA J 114 -50.46 -9.61 79.05
CA ALA J 114 -50.07 -9.68 80.45
C ALA J 114 -51.31 -9.54 81.33
N PRO J 115 -51.30 -10.08 82.58
CA PRO J 115 -52.51 -10.06 83.42
C PRO J 115 -53.20 -8.72 83.61
N GLU J 116 -52.45 -7.64 83.84
CA GLU J 116 -53.05 -6.37 84.25
C GLU J 116 -54.00 -5.79 83.19
N GLU J 117 -53.62 -5.89 81.92
CA GLU J 117 -54.52 -5.52 80.84
C GLU J 117 -55.45 -6.65 80.43
N LEU J 118 -55.20 -7.88 80.91
CA LEU J 118 -55.99 -9.03 80.47
C LEU J 118 -57.39 -9.02 81.07
N GLU J 119 -57.51 -8.90 82.40
CA GLU J 119 -58.85 -8.85 82.98
C GLU J 119 -59.46 -7.47 82.82
N LYS J 120 -58.64 -6.45 82.54
CA LYS J 120 -59.18 -5.16 82.17
C LYS J 120 -59.85 -5.23 80.81
N ARG J 121 -59.34 -6.09 79.93
CA ARG J 121 -59.93 -6.23 78.60
C ARG J 121 -61.21 -7.07 78.63
N LYS J 122 -61.42 -7.85 79.70
CA LYS J 122 -62.71 -8.53 79.84
C LYS J 122 -63.77 -7.60 80.42
N LEU J 123 -63.35 -6.55 81.13
CA LEU J 123 -64.31 -5.72 81.86
C LEU J 123 -65.19 -4.91 80.92
N GLN J 124 -64.59 -4.26 79.92
CA GLN J 124 -65.42 -3.51 78.98
C GLN J 124 -65.88 -4.36 77.80
N GLU J 125 -65.41 -5.60 77.70
CA GLU J 125 -65.93 -6.49 76.67
C GLU J 125 -67.39 -6.83 76.94
N LEU J 126 -67.70 -7.26 78.17
CA LEU J 126 -69.09 -7.52 78.52
C LEU J 126 -69.85 -6.22 78.70
N GLN J 127 -69.16 -5.14 79.07
CA GLN J 127 -69.82 -3.85 79.27
C GLN J 127 -70.23 -3.23 77.93
N HIS J 128 -69.36 -3.34 76.91
CA HIS J 128 -69.77 -2.95 75.56
C HIS J 128 -70.93 -3.80 75.08
N GLY J 129 -70.90 -5.09 75.41
CA GLY J 129 -72.01 -5.95 75.10
C GLY J 129 -73.23 -5.67 75.95
N ARG J 130 -73.02 -5.14 77.16
CA ARG J 130 -74.13 -4.86 78.08
C ARG J 130 -75.05 -3.78 77.53
N LEU J 131 -74.47 -2.67 77.08
CA LEU J 131 -75.28 -1.62 76.48
C LEU J 131 -75.81 -2.06 75.13
N ALA J 132 -75.11 -3.00 74.48
CA ALA J 132 -75.53 -3.52 73.18
C ALA J 132 -76.80 -4.35 73.29
N MET J 133 -77.03 -4.99 74.44
CA MET J 133 -78.29 -5.70 74.65
C MET J 133 -79.47 -4.74 74.63
N LEU J 134 -79.36 -3.68 75.42
CA LEU J 134 -80.44 -2.69 75.51
C LEU J 134 -80.53 -1.87 74.23
N ALA J 135 -79.40 -1.64 73.57
CA ALA J 135 -79.42 -0.94 72.28
C ALA J 135 -80.10 -1.80 71.22
N VAL J 136 -79.84 -3.11 71.23
CA VAL J 136 -80.58 -4.03 70.36
C VAL J 136 -82.03 -4.08 70.77
N LEU J 137 -82.29 -4.09 72.08
CA LEU J 137 -83.66 -4.18 72.59
C LEU J 137 -84.52 -3.00 72.16
N GLU J 138 -83.91 -1.83 71.98
CA GLU J 138 -84.63 -0.71 71.37
C GLU J 138 -84.73 -0.87 69.86
N LEU J 139 -83.69 -1.44 69.23
CA LEU J 139 -83.64 -1.54 67.77
C LEU J 139 -84.72 -2.46 67.22
N LEU J 140 -84.89 -3.66 67.79
CA LEU J 140 -85.94 -4.49 67.24
C LEU J 140 -87.31 -4.12 67.78
N ARG J 141 -87.37 -3.31 68.85
CA ARG J 141 -88.64 -2.78 69.31
C ARG J 141 -89.24 -1.81 68.30
N HIS J 142 -88.44 -0.83 67.86
CA HIS J 142 -88.87 0.10 66.83
C HIS J 142 -89.18 -0.62 65.53
N ASP J 143 -88.50 -1.74 65.29
CA ASP J 143 -88.69 -2.51 64.07
C ASP J 143 -89.97 -3.36 64.15
N SER J 144 -90.27 -3.88 65.34
CA SER J 144 -91.53 -4.61 65.54
C SER J 144 -92.72 -3.68 65.64
N GLN J 145 -92.53 -2.49 66.22
CA GLN J 145 -93.60 -1.51 66.38
C GLN J 145 -93.88 -0.73 65.10
N ASN J 146 -93.20 -1.05 64.00
CA ASN J 146 -93.44 -0.36 62.73
C ASN J 146 -93.77 -1.36 61.61
N LEU J 147 -93.30 -2.60 61.76
CA LEU J 147 -93.62 -3.62 60.76
C LEU J 147 -95.10 -4.00 60.82
N VAL J 148 -95.68 -4.02 62.02
CA VAL J 148 -97.09 -4.36 62.16
C VAL J 148 -97.97 -3.24 61.62
N LYS J 149 -97.82 -2.04 62.18
CA LYS J 149 -98.54 -0.87 61.70
C LYS J 149 -97.54 0.25 61.43
N PRO J 150 -97.64 0.94 60.30
CA PRO J 150 -96.66 1.99 60.00
C PRO J 150 -97.02 3.34 60.61
N GLY J 151 -96.12 3.90 61.40
CA GLY J 151 -96.32 5.23 61.93
C GLY J 151 -96.72 5.30 63.39
N PHE J 152 -96.20 4.40 64.23
CA PHE J 152 -96.47 4.48 65.66
C PHE J 152 -95.77 5.68 66.27
N ASP J 153 -94.50 5.86 65.98
CA ASP J 153 -93.72 7.00 66.45
C ASP J 153 -93.63 8.04 65.34
N GLY J 154 -93.13 9.22 65.71
CA GLY J 154 -92.98 10.29 64.74
C GLY J 154 -91.93 9.98 63.67
N LEU J 155 -90.91 9.21 64.05
CA LEU J 155 -89.86 8.80 63.13
C LEU J 155 -90.17 7.45 62.50
N ASP J 156 -89.74 7.27 61.27
CA ASP J 156 -90.01 6.06 60.50
C ASP J 156 -88.75 5.59 59.77
N ASN J 157 -87.63 5.55 60.49
CA ASN J 157 -86.38 5.03 59.96
C ASN J 157 -85.83 3.97 60.89
N LEU J 158 -85.19 2.95 60.29
CA LEU J 158 -84.62 1.87 61.09
C LEU J 158 -83.48 2.37 61.96
N ILE J 159 -82.65 3.26 61.43
CA ILE J 159 -81.51 3.82 62.15
C ILE J 159 -81.77 5.32 62.34
N THR J 160 -81.72 5.77 63.59
CA THR J 160 -81.92 7.19 63.90
C THR J 160 -80.56 7.91 63.90
N GLY J 161 -79.89 7.86 62.76
CA GLY J 161 -78.57 8.45 62.64
C GLY J 161 -77.76 7.92 61.47
N ALA K 4 -25.76 74.96 28.04
CA ALA K 4 -24.49 74.51 28.59
C ALA K 4 -24.44 74.68 30.10
N LEU K 5 -23.30 75.14 30.60
CA LEU K 5 -23.15 75.39 32.02
C LEU K 5 -24.02 76.58 32.43
N PRO K 6 -24.66 76.54 33.60
CA PRO K 6 -25.45 77.68 34.09
C PRO K 6 -24.72 79.02 34.09
N GLU K 7 -25.48 80.11 33.92
CA GLU K 7 -24.92 81.46 33.75
C GLU K 7 -24.02 81.95 34.88
N PRO K 8 -24.35 81.77 36.18
CA PRO K 8 -23.39 82.23 37.21
C PRO K 8 -22.09 81.45 37.23
N TYR K 9 -22.03 80.25 36.64
CA TYR K 9 -20.83 79.42 36.65
C TYR K 9 -20.25 79.24 35.25
N THR K 10 -20.60 80.11 34.31
CA THR K 10 -20.04 80.04 32.95
C THR K 10 -18.56 80.39 32.93
N ALA K 11 -18.09 81.21 33.88
CA ALA K 11 -16.66 81.52 33.95
C ALA K 11 -15.84 80.32 34.37
N PHE K 12 -16.46 79.30 34.96
CA PHE K 12 -15.81 78.05 35.30
C PHE K 12 -15.80 77.06 34.15
N ARG K 13 -15.95 77.53 32.91
CA ARG K 13 -15.87 76.63 31.77
C ARG K 13 -14.49 76.00 31.56
N PRO K 14 -13.35 76.73 31.58
CA PRO K 14 -12.06 76.06 31.30
C PRO K 14 -11.66 75.00 32.31
N ILE K 15 -12.03 75.17 33.59
CA ILE K 15 -11.62 74.20 34.59
C ILE K 15 -12.40 72.89 34.44
N VAL K 16 -13.57 72.94 33.79
CA VAL K 16 -14.41 71.76 33.65
C VAL K 16 -13.79 70.74 32.68
N ASP K 17 -13.15 71.21 31.60
CA ASP K 17 -12.61 70.29 30.60
C ASP K 17 -11.48 69.42 31.15
N VAL K 18 -10.73 69.92 32.15
CA VAL K 18 -9.64 69.15 32.72
C VAL K 18 -10.11 68.33 33.92
N MET K 19 -11.34 68.56 34.38
CA MET K 19 -11.92 67.74 35.45
C MET K 19 -11.94 66.23 35.16
N PRO K 20 -12.26 65.75 33.94
CA PRO K 20 -12.18 64.29 33.72
C PRO K 20 -10.79 63.68 33.87
N ALA K 21 -9.73 64.42 33.60
CA ALA K 21 -8.41 63.83 33.57
C ALA K 21 -7.76 63.68 34.94
N ILE K 22 -8.37 64.21 36.00
CA ILE K 22 -7.80 64.06 37.34
C ILE K 22 -7.78 62.62 37.84
N PRO K 23 -8.87 61.83 37.72
CA PRO K 23 -8.76 60.42 38.18
C PRO K 23 -7.69 59.60 37.47
N VAL K 24 -7.49 59.78 36.17
CA VAL K 24 -6.48 58.98 35.48
C VAL K 24 -5.07 59.40 35.88
N LEU K 25 -4.84 60.69 36.18
CA LEU K 25 -3.50 61.11 36.56
C LEU K 25 -3.14 60.70 37.98
N PHE K 26 -4.11 60.29 38.79
CA PHE K 26 -3.77 59.71 40.08
C PHE K 26 -3.05 58.39 39.92
N LEU K 27 -3.33 57.66 38.83
CA LEU K 27 -2.64 56.41 38.55
C LEU K 27 -1.18 56.65 38.20
N LEU K 28 -0.90 57.70 37.41
CA LEU K 28 0.49 58.04 37.13
C LEU K 28 1.19 58.65 38.33
N LEU K 29 0.43 59.15 39.31
CA LEU K 29 1.05 59.67 40.52
C LEU K 29 1.64 58.55 41.36
N ALA K 30 1.00 57.37 41.32
CA ALA K 30 1.52 56.22 42.05
C ALA K 30 2.82 55.71 41.44
N PHE K 31 2.97 55.85 40.11
CA PHE K 31 4.18 55.39 39.45
C PHE K 31 5.36 56.31 39.72
N VAL K 32 5.12 57.63 39.72
CA VAL K 32 6.21 58.56 39.95
C VAL K 32 6.58 58.60 41.43
N TRP K 33 5.63 58.28 42.32
CA TRP K 33 5.94 58.20 43.75
C TRP K 33 6.87 57.03 44.03
N GLN K 34 6.65 55.89 43.38
CA GLN K 34 7.54 54.75 43.54
C GLN K 34 8.87 55.00 42.85
N ALA K 35 8.86 55.72 41.72
CA ALA K 35 10.10 56.06 41.04
C ALA K 35 10.91 57.07 41.83
N SER K 36 10.24 57.91 42.62
CA SER K 36 10.96 58.87 43.47
C SER K 36 11.71 58.15 44.59
N VAL K 37 11.10 57.11 45.18
CA VAL K 37 11.75 56.36 46.24
C VAL K 37 12.62 55.24 45.70
N GLY K 38 12.71 55.07 44.38
CA GLY K 38 13.55 54.05 43.81
C GLY K 38 12.96 52.65 43.82
N PHE K 39 11.62 52.54 43.84
CA PHE K 39 10.89 51.28 43.81
C PHE K 39 11.29 50.37 44.97
N ARG K 40 11.01 50.84 46.18
CA ARG K 40 11.31 50.09 47.39
C ARG K 40 10.45 48.83 47.51
N MET L 1 36.20 -5.83 2.55
CA MET L 1 36.57 -6.95 1.70
C MET L 1 35.82 -8.20 2.15
N SER L 2 34.51 -8.06 2.33
CA SER L 2 33.66 -9.07 2.96
C SER L 2 34.17 -9.38 4.37
N ALA L 3 34.56 -8.32 5.08
CA ALA L 3 35.02 -8.35 6.46
C ALA L 3 33.96 -7.69 7.34
N PRO L 4 33.97 -7.97 8.67
CA PRO L 4 33.03 -7.28 9.57
C PRO L 4 33.22 -5.77 9.59
N ASN L 5 32.20 -5.04 9.16
CA ASN L 5 32.28 -3.59 9.06
C ASN L 5 32.17 -2.96 10.44
N PRO L 6 33.15 -2.18 10.89
CA PRO L 6 33.06 -1.59 12.23
C PRO L 6 32.11 -0.41 12.32
N ASN L 7 31.67 0.14 11.18
CA ASN L 7 30.83 1.32 11.20
C ASN L 7 29.35 0.97 11.35
N LYS L 8 29.01 -0.31 11.44
CA LYS L 8 27.62 -0.72 11.61
C LYS L 8 27.09 -0.27 12.97
N GLN L 9 25.90 0.34 12.96
CA GLN L 9 25.29 0.84 14.18
C GLN L 9 23.84 0.40 14.25
N PRO L 10 23.34 0.10 15.44
CA PRO L 10 21.91 -0.19 15.59
C PRO L 10 21.08 1.07 15.43
N VAL L 11 19.81 0.88 15.07
CA VAL L 11 18.88 1.97 14.81
C VAL L 11 17.72 1.86 15.79
N GLU L 12 17.38 2.96 16.42
CA GLU L 12 16.33 3.01 17.43
C GLU L 12 15.19 3.92 16.98
N LEU L 13 14.01 3.63 17.53
CA LEU L 13 12.84 4.50 17.38
C LEU L 13 11.94 4.19 18.56
N ASN L 14 11.94 5.06 19.56
CA ASN L 14 11.12 4.78 20.74
C ASN L 14 9.64 5.01 20.42
N ARG L 15 8.79 4.60 21.37
CA ARG L 15 7.34 4.61 21.14
C ARG L 15 6.81 6.02 20.97
N THR L 16 7.40 7.00 21.66
CA THR L 16 6.99 8.39 21.49
C THR L 16 7.28 8.88 20.08
N SER L 17 8.46 8.54 19.54
CA SER L 17 8.79 8.91 18.17
C SER L 17 7.89 8.19 17.16
N LEU L 18 7.53 6.94 17.45
CA LEU L 18 6.59 6.21 16.60
C LEU L 18 5.22 6.88 16.60
N TYR L 19 4.74 7.32 17.76
CA TYR L 19 3.45 8.00 17.83
C TYR L 19 3.50 9.34 17.11
N TRP L 20 4.61 10.07 17.25
CA TRP L 20 4.76 11.33 16.53
C TRP L 20 4.77 11.11 15.03
N GLY L 21 5.46 10.07 14.56
CA GLY L 21 5.47 9.77 13.14
C GLY L 21 4.12 9.35 12.61
N LEU L 22 3.39 8.51 13.36
CA LEU L 22 2.07 8.08 12.94
C LEU L 22 1.11 9.25 12.89
N LEU L 23 1.17 10.13 13.89
CA LEU L 23 0.33 11.33 13.90
C LEU L 23 0.67 12.25 12.74
N LEU L 24 1.96 12.44 12.46
CA LEU L 24 2.37 13.31 11.37
C LEU L 24 1.89 12.77 10.02
N ILE L 25 2.07 11.47 9.79
CA ILE L 25 1.67 10.87 8.52
C ILE L 25 0.16 10.89 8.35
N PHE L 26 -0.58 10.55 9.41
CA PHE L 26 -2.04 10.53 9.32
C PHE L 26 -2.61 11.94 9.13
N VAL L 27 -2.06 12.93 9.84
CA VAL L 27 -2.54 14.30 9.71
C VAL L 27 -2.17 14.87 8.34
N LEU L 28 -0.99 14.52 7.82
CA LEU L 28 -0.61 14.96 6.48
C LEU L 28 -1.53 14.34 5.43
N ALA L 29 -1.89 13.07 5.60
CA ALA L 29 -2.82 12.42 4.67
C ALA L 29 -4.19 13.08 4.75
N VAL L 30 -4.64 13.40 5.97
CA VAL L 30 -5.93 14.07 6.17
C VAL L 30 -5.93 15.43 5.48
N LEU L 31 -4.82 16.16 5.60
CA LEU L 31 -4.74 17.50 5.02
C LEU L 31 -4.66 17.46 3.49
N PHE L 32 -3.89 16.52 2.94
CA PHE L 32 -3.61 16.54 1.50
C PHE L 32 -4.54 15.66 0.68
N SER L 33 -5.41 14.86 1.33
CA SER L 33 -6.30 13.97 0.58
C SER L 33 -7.31 14.76 -0.25
N SER L 34 -7.85 15.84 0.31
CA SER L 34 -8.83 16.66 -0.39
C SER L 34 -8.21 17.31 -1.63
N TYR L 35 -6.95 17.71 -1.52
CA TYR L 35 -6.27 18.35 -2.64
C TYR L 35 -5.88 17.34 -3.70
N PHE L 36 -5.48 16.14 -3.29
CA PHE L 36 -5.15 15.11 -4.26
C PHE L 36 -6.38 14.65 -5.03
N PHE L 37 -7.50 14.46 -4.31
CA PHE L 37 -8.72 13.99 -4.95
C PHE L 37 -9.35 15.03 -5.87
N ASN L 38 -8.97 16.29 -5.76
CA ASN L 38 -9.58 17.34 -6.56
C ASN L 38 -8.56 18.11 -7.38
N GLU M 78 -10.88 0.62 -19.94
CA GLU M 78 -11.61 0.50 -18.67
C GLU M 78 -10.69 -0.02 -17.58
N VAL M 79 -9.84 0.85 -17.06
CA VAL M 79 -8.93 0.48 -15.97
C VAL M 79 -9.74 0.29 -14.69
N SER M 80 -9.87 -0.96 -14.26
CA SER M 80 -10.62 -1.28 -13.05
C SER M 80 -9.88 -0.75 -11.82
N PHE M 81 -10.46 0.28 -11.19
CA PHE M 81 -9.81 0.95 -10.07
C PHE M 81 -9.65 0.03 -8.87
N GLY M 82 -10.67 -0.78 -8.57
CA GLY M 82 -10.57 -1.69 -7.45
C GLY M 82 -9.56 -2.80 -7.68
N ALA M 83 -9.37 -3.18 -8.94
CA ALA M 83 -8.43 -4.25 -9.26
C ALA M 83 -6.99 -3.80 -9.03
N PHE M 84 -6.70 -2.51 -9.27
CA PHE M 84 -5.36 -2.00 -9.02
C PHE M 84 -5.01 -2.05 -7.55
N LEU M 85 -5.97 -1.72 -6.68
CA LEU M 85 -5.72 -1.79 -5.25
C LEU M 85 -5.57 -3.23 -4.78
N ALA M 86 -6.31 -4.15 -5.41
CA ALA M 86 -6.20 -5.57 -5.04
C ALA M 86 -4.80 -6.10 -5.35
N VAL M 87 -4.24 -5.72 -6.49
CA VAL M 87 -2.89 -6.15 -6.84
C VAL M 87 -1.86 -5.46 -5.95
N ILE M 88 -2.03 -4.16 -5.72
CA ILE M 88 -1.04 -3.38 -4.97
C ILE M 88 -1.08 -3.76 -3.49
N LEU M 89 -2.26 -3.69 -2.87
CA LEU M 89 -2.35 -3.99 -1.45
C LEU M 89 -2.26 -5.48 -1.17
N GLY M 90 -2.68 -6.32 -2.11
CA GLY M 90 -2.49 -7.75 -1.96
C GLY M 90 -1.05 -8.19 -2.05
N LEU M 91 -0.18 -7.35 -2.60
CA LEU M 91 1.25 -7.59 -2.63
C LEU M 91 1.99 -6.84 -1.53
N PHE M 92 1.60 -5.59 -1.27
CA PHE M 92 2.35 -4.74 -0.34
C PHE M 92 2.23 -5.23 1.10
N ILE M 93 1.00 -5.48 1.56
CA ILE M 93 0.74 -5.83 2.95
C ILE M 93 1.42 -7.13 3.39
N PRO M 94 1.35 -8.26 2.65
CA PRO M 94 2.10 -9.43 3.13
C PRO M 94 3.60 -9.29 2.97
N VAL M 95 4.08 -8.54 1.98
CA VAL M 95 5.52 -8.28 1.83
C VAL M 95 6.01 -7.47 3.02
N VAL M 96 5.21 -6.48 3.43
CA VAL M 96 5.55 -5.65 4.58
C VAL M 96 5.61 -6.49 5.85
N PHE M 97 4.64 -7.39 6.02
CA PHE M 97 4.58 -8.24 7.21
C PHE M 97 5.78 -9.18 7.28
N LEU M 98 6.20 -9.71 6.13
CA LEU M 98 7.36 -10.59 6.10
C LEU M 98 8.65 -9.83 6.34
N VAL M 99 8.75 -8.62 5.78
CA VAL M 99 9.95 -7.81 5.93
C VAL M 99 10.09 -7.32 7.37
N THR M 100 8.98 -6.93 7.98
CA THR M 100 9.00 -6.49 9.38
C THR M 100 9.37 -7.64 10.31
N LEU M 101 8.88 -8.84 10.01
CA LEU M 101 9.19 -10.01 10.83
C LEU M 101 10.67 -10.39 10.75
N TYR M 102 11.27 -10.26 9.56
CA TYR M 102 12.67 -10.63 9.40
C TYR M 102 13.60 -9.61 10.06
N ILE M 103 13.23 -8.33 10.02
CA ILE M 103 14.12 -7.30 10.54
C ILE M 103 14.21 -7.36 12.06
N GLN M 104 13.07 -7.56 12.74
CA GLN M 104 13.11 -7.75 14.18
C GLN M 104 13.72 -9.09 14.55
N SER M 105 13.71 -10.06 13.63
CA SER M 105 14.41 -11.32 13.86
C SER M 105 15.92 -11.11 13.79
N GLU M 106 16.38 -10.23 12.90
CA GLU M 106 17.80 -9.89 12.83
C GLU M 106 18.26 -9.19 14.10
N ALA M 107 17.41 -8.33 14.67
CA ALA M 107 17.76 -7.63 15.89
C ALA M 107 17.87 -8.58 17.07
N GLN M 108 17.08 -9.65 17.09
CA GLN M 108 17.13 -10.64 18.16
C GLN M 108 18.18 -11.70 17.92
N GLY M 109 18.82 -11.72 16.75
CA GLY M 109 19.81 -12.74 16.46
C GLY M 109 19.23 -14.11 16.16
N THR M 110 18.01 -14.17 15.65
CA THR M 110 17.35 -15.44 15.34
C THR M 110 16.99 -15.54 13.86
N ALA M 111 17.59 -14.69 13.02
CA ALA M 111 17.24 -14.64 11.61
C ALA M 111 18.08 -15.59 10.76
N THR M 112 18.70 -16.60 11.39
CA THR M 112 19.45 -17.60 10.65
C THR M 112 19.01 -18.98 11.10
N ASN M 113 19.02 -19.93 10.16
CA ASN M 113 18.73 -21.31 10.50
C ASN M 113 19.98 -22.11 10.83
N PHE M 114 21.15 -21.50 10.69
CA PHE M 114 22.42 -22.17 11.00
C PHE M 114 22.87 -21.80 12.41
N ARG M 115 22.00 -22.16 13.36
CA ARG M 115 22.26 -21.93 14.78
C ARG M 115 21.65 -23.08 15.56
N LEU M 116 22.15 -23.28 16.77
CA LEU M 116 21.70 -24.37 17.61
C LEU M 116 20.29 -24.11 18.13
N PRO M 117 19.58 -25.15 18.58
CA PRO M 117 18.29 -24.93 19.24
C PRO M 117 18.45 -24.10 20.51
N ASP M 118 17.32 -23.60 21.00
CA ASP M 118 17.29 -22.67 22.14
C ASP M 118 17.89 -23.31 23.38
N LYS M 119 18.86 -22.60 23.99
CA LYS M 119 19.48 -23.07 25.22
C LYS M 119 18.48 -23.03 26.36
N ALA M 120 17.76 -21.94 26.48
CA ALA M 120 16.76 -21.67 27.49
C ALA M 120 15.56 -21.03 26.81
N PRO M 121 14.38 -20.99 27.47
CA PRO M 121 13.25 -20.25 26.90
C PRO M 121 13.58 -18.78 26.65
N GLY M 122 13.50 -18.37 25.39
CA GLY M 122 13.83 -17.02 24.99
C GLY M 122 15.30 -16.77 24.71
N VAL M 123 16.15 -17.78 24.87
CA VAL M 123 17.59 -17.63 24.63
C VAL M 123 17.98 -18.44 23.40
N PRO M 124 18.26 -17.81 22.27
CA PRO M 124 18.65 -18.55 21.08
C PRO M 124 20.01 -19.22 21.25
N GLY M 125 20.18 -20.36 20.58
CA GLY M 125 21.43 -21.07 20.63
C GLY M 125 22.52 -20.39 19.83
N ASP M 126 23.75 -20.86 20.01
CA ASP M 126 24.88 -20.30 19.31
C ASP M 126 24.83 -20.66 17.83
N ARG M 127 25.40 -19.79 17.00
CA ARG M 127 25.53 -20.08 15.58
C ARG M 127 26.56 -21.19 15.37
N TYR M 128 26.48 -21.83 14.20
CA TYR M 128 27.41 -22.91 13.91
C TYR M 128 28.84 -22.38 13.74
N ASP M 129 28.99 -21.18 13.18
CA ASP M 129 30.29 -20.55 13.10
C ASP M 129 30.75 -20.01 14.45
N ALA M 130 29.81 -19.45 15.21
CA ALA M 130 30.03 -18.90 16.56
C ALA M 130 31.14 -17.86 16.59
N ASN N 6 20.81 8.37 -40.75
CA ASN N 6 21.06 8.87 -39.40
C ASN N 6 21.76 7.81 -38.55
N ALA N 7 21.51 6.54 -38.87
CA ALA N 7 22.13 5.44 -38.13
C ALA N 7 23.61 5.30 -38.46
N GLY N 8 24.07 5.86 -39.57
CA GLY N 8 25.46 5.85 -39.93
C GLY N 8 26.24 7.09 -39.56
N ASP N 9 25.59 8.04 -38.87
CA ASP N 9 26.26 9.29 -38.51
C ASP N 9 27.28 9.06 -37.40
N PHE N 10 28.40 9.78 -37.49
CA PHE N 10 29.50 9.76 -36.52
C PHE N 10 30.04 8.35 -36.30
N GLY N 11 30.22 7.64 -37.41
CA GLY N 11 30.78 6.32 -37.40
C GLY N 11 29.80 5.18 -37.25
N GLY N 12 28.51 5.48 -37.06
CA GLY N 12 27.56 4.40 -36.87
C GLY N 12 27.69 3.80 -35.49
N TYR N 13 27.53 2.47 -35.43
CA TYR N 13 27.64 1.74 -34.18
C TYR N 13 29.08 1.45 -33.80
N THR N 14 30.06 1.95 -34.56
CA THR N 14 31.46 1.56 -34.38
C THR N 14 32.01 2.04 -33.04
N ILE N 15 31.85 3.33 -32.74
CA ILE N 15 32.38 3.88 -31.49
C ILE N 15 31.69 3.30 -30.25
N PRO N 16 30.34 3.18 -30.20
CA PRO N 16 29.75 2.49 -29.03
C PRO N 16 30.18 1.03 -28.87
N ILE N 17 30.39 0.31 -29.97
CA ILE N 17 30.81 -1.09 -29.86
C ILE N 17 32.26 -1.16 -29.38
N ILE N 18 33.14 -0.32 -29.97
CA ILE N 18 34.54 -0.30 -29.57
C ILE N 18 34.68 0.21 -28.13
N GLY N 19 33.91 1.24 -27.78
CA GLY N 19 33.94 1.80 -26.45
C GLY N 19 33.46 0.85 -25.37
N LEU N 20 32.35 0.15 -25.63
CA LEU N 20 31.84 -0.82 -24.66
C LEU N 20 32.78 -2.03 -24.54
N GLY N 21 33.36 -2.46 -25.66
CA GLY N 21 34.30 -3.56 -25.61
C GLY N 21 35.58 -3.19 -24.87
N LEU N 22 35.99 -1.92 -24.99
CA LEU N 22 37.19 -1.46 -24.29
C LEU N 22 36.96 -1.42 -22.78
N ILE N 23 35.78 -0.96 -22.36
CA ILE N 23 35.46 -0.89 -20.93
C ILE N 23 35.37 -2.30 -20.35
N GLY N 24 34.72 -3.20 -21.07
CA GLY N 24 34.60 -4.58 -20.61
C GLY N 24 35.93 -5.30 -20.54
N ALA N 25 36.83 -5.01 -21.48
CA ALA N 25 38.13 -5.65 -21.48
C ALA N 25 39.01 -5.13 -20.34
N THR N 26 38.90 -3.83 -20.04
CA THR N 26 39.70 -3.27 -18.95
C THR N 26 39.23 -3.76 -17.59
N ILE N 27 37.91 -3.93 -17.44
CA ILE N 27 37.37 -4.44 -16.18
C ILE N 27 37.83 -5.88 -15.95
N ALA N 28 37.80 -6.69 -17.02
CA ALA N 28 38.28 -8.07 -16.92
C ALA N 28 39.79 -8.12 -16.69
N LEU N 29 40.53 -7.16 -17.24
CA LEU N 29 41.97 -7.12 -17.05
C LEU N 29 42.33 -6.80 -15.60
N LEU N 30 41.57 -5.89 -14.98
CA LEU N 30 41.83 -5.48 -13.60
C LEU N 30 41.09 -6.33 -12.57
N ALA N 31 40.35 -7.35 -13.01
CA ALA N 31 39.53 -8.13 -12.08
C ALA N 31 40.35 -9.10 -11.23
N GLY N 32 41.49 -9.55 -11.72
CA GLY N 32 42.28 -10.54 -11.03
C GLY N 32 42.96 -10.00 -9.79
N PRO N 33 43.32 -10.90 -8.86
CA PRO N 33 44.06 -10.47 -7.67
C PRO N 33 45.47 -10.03 -8.01
N VAL N 34 46.08 -9.28 -7.08
CA VAL N 34 47.38 -8.66 -7.33
C VAL N 34 48.47 -9.71 -7.49
N ASP N 35 48.53 -10.68 -6.57
CA ASP N 35 49.54 -11.72 -6.62
C ASP N 35 48.89 -13.10 -6.59
N MET O 1 -16.94 7.13 -2.57
CA MET O 1 -15.62 6.53 -2.38
C MET O 1 -14.69 7.48 -1.64
N GLU O 2 -14.74 8.76 -2.01
CA GLU O 2 -13.88 9.76 -1.38
C GLU O 2 -14.25 9.96 0.09
N ALA O 3 -15.55 9.99 0.39
CA ALA O 3 -16.00 10.18 1.76
C ALA O 3 -15.59 9.02 2.65
N LEU O 4 -15.55 7.81 2.09
CA LEU O 4 -15.07 6.64 2.82
C LEU O 4 -13.60 6.81 3.19
N VAL O 5 -12.80 7.34 2.26
CA VAL O 5 -11.37 7.56 2.52
C VAL O 5 -11.19 8.63 3.58
N TYR O 6 -11.98 9.71 3.50
CA TYR O 6 -11.90 10.78 4.49
C TYR O 6 -12.26 10.28 5.89
N THR O 7 -13.33 9.48 5.97
CA THR O 7 -13.75 8.92 7.25
C THR O 7 -12.71 7.96 7.80
N PHE O 8 -12.12 7.13 6.93
CA PHE O 8 -11.08 6.20 7.36
C PHE O 8 -9.86 6.94 7.89
N LEU O 9 -9.47 8.03 7.22
CA LEU O 9 -8.32 8.81 7.67
C LEU O 9 -8.57 9.48 9.01
N LEU O 10 -9.77 10.06 9.19
CA LEU O 10 -10.08 10.73 10.46
C LEU O 10 -10.18 9.72 11.61
N ILE O 11 -10.80 8.57 11.36
CA ILE O 11 -10.95 7.55 12.39
C ILE O 11 -9.59 6.95 12.74
N GLY O 12 -8.73 6.77 11.73
CA GLY O 12 -7.38 6.29 12.00
C GLY O 12 -6.57 7.28 12.81
N THR O 13 -6.74 8.58 12.54
CA THR O 13 -6.07 9.60 13.35
C THR O 13 -6.54 9.54 14.80
N LEU O 14 -7.84 9.36 15.02
CA LEU O 14 -8.36 9.27 16.39
C LEU O 14 -7.87 8.00 17.07
N ILE O 15 -7.72 6.91 16.32
CA ILE O 15 -7.18 5.67 16.88
C ILE O 15 -5.73 5.86 17.30
N VAL O 16 -4.94 6.55 16.46
CA VAL O 16 -3.55 6.85 16.79
C VAL O 16 -3.47 7.71 18.05
N ILE O 17 -4.39 8.67 18.19
CA ILE O 17 -4.43 9.52 19.38
C ILE O 17 -4.76 8.68 20.62
N PHE O 18 -5.73 7.77 20.49
CA PHE O 18 -6.10 6.89 21.60
C PHE O 18 -4.93 6.03 22.05
N PHE O 19 -4.20 5.45 21.09
CA PHE O 19 -3.04 4.63 21.42
C PHE O 19 -1.91 5.45 22.01
N ALA O 20 -1.72 6.68 21.53
CA ALA O 20 -0.70 7.55 22.08
C ALA O 20 -1.00 8.00 23.50
N ILE O 21 -2.28 8.10 23.86
CA ILE O 21 -2.67 8.46 25.22
C ILE O 21 -2.57 7.27 26.17
N PHE O 22 -3.25 6.17 25.84
CA PHE O 22 -3.42 5.10 26.82
C PHE O 22 -2.36 4.01 26.73
N PHE O 23 -1.66 3.89 25.62
CA PHE O 23 -0.59 2.91 25.46
C PHE O 23 0.75 3.62 25.24
N ARG O 24 0.95 4.71 25.95
CA ARG O 24 2.18 5.48 25.86
C ARG O 24 3.29 4.78 26.65
N ASP O 25 4.50 5.27 26.46
CA ASP O 25 5.63 4.81 27.24
C ASP O 25 5.47 5.31 28.68
N PRO O 26 5.46 4.43 29.67
CA PRO O 26 5.24 4.88 31.06
C PRO O 26 6.45 5.64 31.58
N PRO O 27 6.25 6.86 32.08
CA PRO O 27 7.38 7.64 32.60
C PRO O 27 7.92 7.06 33.89
N ARG O 28 9.22 6.77 33.87
CA ARG O 28 9.94 6.26 35.04
C ARG O 28 10.90 7.34 35.53
N ILE O 29 10.90 7.57 36.84
CA ILE O 29 11.79 8.54 37.43
C ILE O 29 13.14 7.87 37.68
N VAL O 30 14.22 8.53 37.24
CA VAL O 30 15.56 7.98 37.43
C VAL O 30 15.89 7.93 38.92
N LYS O 31 16.58 6.87 39.33
CA LYS O 31 16.88 6.65 40.73
C LYS O 31 18.28 7.11 41.08
N ASP P 10 -41.45 15.32 36.06
CA ASP P 10 -42.03 14.82 34.82
C ASP P 10 -42.83 15.89 34.09
N ASP P 11 -44.07 16.10 34.53
CA ASP P 11 -45.01 16.93 33.78
C ASP P 11 -44.62 18.40 33.81
N SER P 12 -44.29 18.94 34.98
CA SER P 12 -43.94 20.34 35.10
C SER P 12 -42.43 20.59 35.08
N LEU P 13 -41.63 19.54 34.91
CA LEU P 13 -40.17 19.57 34.77
C LEU P 13 -39.42 20.01 36.02
N GLY P 14 -40.15 20.37 37.08
CA GLY P 14 -39.50 20.70 38.33
C GLY P 14 -39.29 19.49 39.22
N PHE P 15 -40.04 18.42 38.96
CA PHE P 15 -39.86 17.19 39.73
C PHE P 15 -38.58 16.48 39.34
N VAL P 16 -38.16 16.63 38.08
CA VAL P 16 -36.87 16.11 37.65
C VAL P 16 -35.75 16.84 38.36
N LEU P 17 -35.87 18.16 38.50
CA LEU P 17 -34.90 18.94 39.25
C LEU P 17 -34.89 18.54 40.72
N ILE P 18 -36.07 18.52 41.35
CA ILE P 18 -36.17 18.25 42.79
C ILE P 18 -35.75 16.82 43.11
N GLY P 19 -36.22 15.87 42.31
CA GLY P 19 -35.95 14.47 42.55
C GLY P 19 -34.50 14.05 42.47
N VAL P 20 -33.77 14.60 41.50
CA VAL P 20 -32.37 14.20 41.31
C VAL P 20 -31.48 14.81 42.38
N THR P 21 -31.67 16.09 42.70
CA THR P 21 -30.82 16.69 43.72
C THR P 21 -31.14 16.14 45.11
N ALA P 22 -32.33 15.56 45.26
CA ALA P 22 -32.64 14.85 46.49
C ALA P 22 -31.81 13.58 46.61
N VAL P 23 -31.76 12.79 45.53
CA VAL P 23 -31.07 11.49 45.58
C VAL P 23 -29.58 11.67 45.84
N ILE P 24 -28.94 12.59 45.11
CA ILE P 24 -27.54 12.89 45.39
C ILE P 24 -27.42 13.64 46.71
N GLY P 25 -28.46 14.39 47.09
CA GLY P 25 -28.43 15.09 48.36
C GLY P 25 -28.45 14.16 49.57
N LEU P 26 -29.22 13.07 49.49
CA LEU P 26 -29.22 12.10 50.58
C LEU P 26 -27.89 11.36 50.67
N ALA P 27 -27.24 11.12 49.53
CA ALA P 27 -25.90 10.53 49.56
C ALA P 27 -24.91 11.49 50.21
N TRP P 28 -25.01 12.78 49.89
CA TRP P 28 -24.14 13.77 50.51
C TRP P 28 -24.46 13.94 51.99
N ALA P 29 -25.74 13.85 52.36
CA ALA P 29 -26.13 13.97 53.75
C ALA P 29 -25.64 12.79 54.57
N GLN P 30 -25.60 11.60 53.96
CA GLN P 30 -25.04 10.43 54.64
C GLN P 30 -23.56 10.61 54.90
N TRP P 31 -22.83 11.20 53.95
CA TRP P 31 -21.43 11.52 54.18
C TRP P 31 -21.28 12.62 55.23
N GLN P 32 -22.20 13.59 55.22
CA GLN P 32 -22.11 14.72 56.15
C GLN P 32 -22.43 14.32 57.58
N SER P 33 -23.12 13.20 57.77
CA SER P 33 -23.60 12.82 59.10
C SER P 33 -22.45 12.51 60.05
N TYR P 34 -21.42 11.82 59.57
CA TYR P 34 -20.28 11.46 60.41
C TYR P 34 -19.12 12.43 60.27
N GLN P 35 -19.40 13.68 59.90
CA GLN P 35 -18.39 14.73 59.86
C GLN P 35 -18.48 15.52 61.17
N ASP P 36 -17.38 15.55 61.92
CA ASP P 36 -17.33 16.27 63.19
C ASP P 36 -17.00 17.75 62.97
N ASP P 37 -17.89 18.41 62.23
CA ASP P 37 -17.74 19.81 61.87
C ASP P 37 -18.50 20.75 62.79
N GLY P 38 -19.04 20.24 63.90
CA GLY P 38 -19.80 21.09 64.81
C GLY P 38 -18.94 22.15 65.48
N ASP P 39 -17.71 21.80 65.85
CA ASP P 39 -16.80 22.77 66.43
C ASP P 39 -16.29 23.71 65.34
N ASP P 40 -16.17 24.98 65.71
CA ASP P 40 -15.69 26.00 64.77
C ASP P 40 -14.18 26.12 64.87
N PHE P 41 -13.55 26.34 63.71
CA PHE P 41 -12.10 26.46 63.60
C PHE P 41 -11.72 27.91 63.31
N PHE P 42 -10.46 28.23 63.59
CA PHE P 42 -9.88 29.54 63.32
C PHE P 42 -8.70 29.31 62.35
N ASP P 43 -9.01 29.29 61.06
CA ASP P 43 -8.02 29.02 60.03
C ASP P 43 -8.56 29.50 58.70
N THR P 44 -7.68 29.49 57.69
CA THR P 44 -8.09 29.90 56.35
C THR P 44 -9.01 28.87 55.72
N TYR P 45 -8.81 27.59 56.00
CA TYR P 45 -9.67 26.53 55.48
C TYR P 45 -9.74 25.41 56.49
N ASP P 46 -10.82 24.63 56.40
CA ASP P 46 -11.02 23.49 57.30
C ASP P 46 -10.28 22.28 56.76
N SER P 47 -9.30 21.81 57.53
CA SER P 47 -8.53 20.63 57.17
C SER P 47 -9.08 19.35 57.80
N ARG P 48 -10.18 19.44 58.53
CA ARG P 48 -10.79 18.29 59.19
C ARG P 48 -11.76 17.62 58.24
N ARG P 49 -11.45 16.37 57.87
CA ARG P 49 -12.33 15.55 57.04
C ARG P 49 -12.34 14.15 57.62
N ALA P 50 -13.48 13.73 58.14
CA ALA P 50 -13.60 12.42 58.79
C ALA P 50 -13.78 11.36 57.70
N ALA P 51 -12.69 10.72 57.32
CA ALA P 51 -12.73 9.62 56.36
C ALA P 51 -12.94 8.33 57.14
N ALA P 52 -14.08 7.69 56.91
CA ALA P 52 -14.39 6.44 57.62
C ALA P 52 -13.46 5.31 57.18
N ALA P 53 -13.24 5.18 55.88
CA ALA P 53 -12.37 4.15 55.34
C ALA P 53 -11.80 4.56 53.98
N MET Q 1 31.19 51.94 -25.32
CA MET Q 1 30.84 52.05 -23.91
C MET Q 1 29.53 52.82 -23.74
N THR Q 2 28.44 52.08 -23.53
CA THR Q 2 27.14 52.68 -23.32
C THR Q 2 27.08 53.37 -21.96
N PRO Q 3 26.16 54.31 -21.78
CA PRO Q 3 26.03 54.97 -20.46
C PRO Q 3 25.72 54.01 -19.31
N SER Q 4 24.98 52.93 -19.57
CA SER Q 4 24.71 51.95 -18.52
C SER Q 4 25.98 51.18 -18.15
N LEU Q 5 26.78 50.82 -19.15
CA LEU Q 5 28.05 50.14 -18.87
C LEU Q 5 29.02 51.04 -18.13
N SER Q 6 29.10 52.31 -18.54
CA SER Q 6 29.95 53.27 -17.85
C SER Q 6 29.46 53.50 -16.43
N ALA Q 7 28.13 53.52 -16.23
CA ALA Q 7 27.58 53.66 -14.89
C ALA Q 7 27.92 52.47 -14.02
N PHE Q 8 27.89 51.26 -14.58
CA PHE Q 8 28.28 50.06 -13.84
C PHE Q 8 29.75 50.11 -13.43
N LEU Q 9 30.61 50.51 -14.38
CA LEU Q 9 32.05 50.58 -14.08
C LEU Q 9 32.32 51.64 -13.02
N SER Q 10 31.63 52.79 -13.11
CA SER Q 10 31.76 53.82 -12.10
C SER Q 10 31.25 53.33 -10.75
N SER Q 11 30.20 52.52 -10.75
CA SER Q 11 29.67 51.98 -9.49
C SER Q 11 30.66 51.02 -8.83
N VAL Q 12 31.31 50.17 -9.64
CA VAL Q 12 32.30 49.23 -9.09
C VAL Q 12 33.49 50.00 -8.53
N ILE Q 13 33.99 50.97 -9.30
CA ILE Q 13 35.12 51.79 -8.87
C ILE Q 13 34.77 52.56 -7.61
N LEU Q 14 33.56 53.12 -7.58
CA LEU Q 14 33.09 53.89 -6.43
C LEU Q 14 32.98 53.02 -5.18
N ALA Q 15 32.42 51.81 -5.33
CA ALA Q 15 32.27 50.91 -4.19
C ALA Q 15 33.62 50.55 -3.60
N VAL Q 16 34.59 50.22 -4.47
CA VAL Q 16 35.93 49.91 -3.99
C VAL Q 16 36.59 51.12 -3.34
N VAL Q 17 36.39 52.30 -3.94
CA VAL Q 17 37.16 53.48 -3.54
C VAL Q 17 36.61 54.08 -2.24
N ILE Q 18 35.30 54.19 -2.09
CA ILE Q 18 34.73 54.84 -0.90
C ILE Q 18 34.03 53.87 0.05
N ILE Q 19 34.09 52.55 -0.17
CA ILE Q 19 33.49 51.66 0.81
C ILE Q 19 34.51 50.62 1.28
N VAL Q 20 35.08 49.87 0.35
CA VAL Q 20 35.94 48.74 0.73
C VAL Q 20 37.26 49.22 1.29
N ILE Q 21 37.97 50.05 0.53
CA ILE Q 21 39.27 50.60 0.91
C ILE Q 21 39.21 51.45 2.18
N PRO Q 22 38.26 52.41 2.36
CA PRO Q 22 38.26 53.16 3.63
C PRO Q 22 37.95 52.31 4.86
N ILE Q 23 37.01 51.37 4.74
CA ILE Q 23 36.69 50.50 5.88
C ILE Q 23 37.88 49.60 6.20
N GLY Q 24 38.55 49.06 5.17
CA GLY Q 24 39.71 48.23 5.41
C GLY Q 24 40.87 49.00 6.03
N ALA Q 25 41.10 50.23 5.55
CA ALA Q 25 42.15 51.07 6.12
C ALA Q 25 41.85 51.46 7.56
N ALA Q 26 40.58 51.79 7.85
CA ALA Q 26 40.19 52.11 9.22
C ALA Q 26 40.35 50.90 10.13
N LEU Q 27 39.98 49.71 9.63
CA LEU Q 27 40.13 48.48 10.40
C LEU Q 27 41.60 48.19 10.71
N VAL Q 28 42.48 48.37 9.71
CA VAL Q 28 43.90 48.16 9.91
C VAL Q 28 44.46 49.16 10.92
N PHE Q 29 44.05 50.42 10.82
CA PHE Q 29 44.53 51.45 11.73
C PHE Q 29 44.09 51.18 13.17
N VAL Q 30 42.82 50.85 13.37
CA VAL Q 30 42.35 50.63 14.74
C VAL Q 30 42.84 49.30 15.27
N SER Q 31 43.19 48.36 14.40
CA SER Q 31 43.68 47.06 14.86
C SER Q 31 45.14 47.15 15.28
N THR Q 32 45.93 47.95 14.56
CA THR Q 32 47.32 48.15 14.96
C THR Q 32 47.42 49.11 16.14
N SER Q 33 46.51 50.09 16.21
CA SER Q 33 46.53 51.06 17.30
C SER Q 33 46.11 50.42 18.62
N ASP Q 34 45.01 49.68 18.61
CA ASP Q 34 44.50 49.04 19.83
C ASP Q 34 45.19 47.71 20.06
N GLU R 9 58.25 -19.98 -16.17
CA GLU R 9 58.09 -19.82 -14.73
C GLU R 9 56.74 -19.16 -14.42
N SER R 10 56.39 -18.14 -15.19
CA SER R 10 55.10 -17.49 -15.03
C SER R 10 54.01 -18.34 -15.66
N ALA R 11 52.95 -18.60 -14.90
CA ALA R 11 51.85 -19.43 -15.39
C ALA R 11 51.16 -18.78 -16.57
N SER R 12 50.85 -19.59 -17.58
CA SER R 12 50.25 -19.09 -18.81
C SER R 12 48.83 -18.60 -18.54
N PHE R 13 48.35 -17.73 -19.44
CA PHE R 13 46.99 -17.20 -19.31
C PHE R 13 45.95 -18.30 -19.44
N TRP R 14 46.22 -19.29 -20.30
CA TRP R 14 45.28 -20.40 -20.47
C TRP R 14 45.18 -21.24 -19.21
N GLU R 15 46.31 -21.43 -18.50
CA GLU R 15 46.26 -22.21 -17.27
C GLU R 15 45.43 -21.51 -16.20
N GLN R 16 45.60 -20.19 -16.07
CA GLN R 16 44.79 -19.42 -15.12
C GLN R 16 43.32 -19.41 -15.53
N PHE R 17 43.05 -19.34 -16.83
CA PHE R 17 41.68 -19.37 -17.32
C PHE R 17 41.02 -20.72 -17.03
N CYS R 18 41.76 -21.82 -17.25
CA CYS R 18 41.24 -23.15 -16.95
C CYS R 18 41.05 -23.35 -15.46
N ALA R 19 41.93 -22.76 -14.64
CA ALA R 19 41.79 -22.86 -13.20
C ALA R 19 40.59 -22.07 -12.70
N TRP R 20 40.29 -20.92 -13.32
CA TRP R 20 39.14 -20.14 -12.90
C TRP R 20 37.83 -20.74 -13.40
N ILE R 21 37.83 -21.30 -14.62
CA ILE R 21 36.61 -21.84 -15.20
C ILE R 21 36.15 -23.07 -14.42
N THR R 22 37.06 -23.99 -14.16
CA THR R 22 36.74 -25.22 -13.43
C THR R 22 36.92 -25.07 -11.92
N SER R 23 36.95 -23.84 -11.42
CA SER R 23 37.09 -23.61 -9.99
C SER R 23 35.80 -23.99 -9.26
N THR R 24 35.95 -24.70 -8.15
CA THR R 24 34.82 -25.02 -7.30
C THR R 24 34.56 -23.95 -6.25
N GLU R 25 35.35 -22.88 -6.25
CA GLU R 25 35.17 -21.78 -5.29
C GLU R 25 34.28 -20.68 -5.84
N ASN R 26 33.87 -20.75 -7.10
CA ASN R 26 32.95 -19.77 -7.63
C ASN R 26 31.56 -19.96 -7.02
N ARG R 27 30.85 -18.83 -6.86
CA ARG R 27 29.50 -18.88 -6.27
C ARG R 27 28.56 -19.72 -7.11
N LEU R 28 28.61 -19.54 -8.43
CA LEU R 28 27.96 -20.43 -9.37
C LEU R 28 29.06 -21.09 -10.19
N TYR R 29 29.05 -22.42 -10.24
CA TYR R 29 30.05 -23.14 -11.02
C TYR R 29 29.87 -22.84 -12.50
N ILE R 30 30.98 -22.52 -13.16
CA ILE R 30 30.88 -22.19 -14.58
C ILE R 30 31.16 -23.44 -15.40
N GLY R 31 32.40 -23.92 -15.40
CA GLY R 31 32.74 -25.07 -16.19
C GLY R 31 32.73 -24.87 -17.69
N TRP R 32 33.26 -25.86 -18.42
CA TRP R 32 33.34 -25.77 -19.87
C TRP R 32 31.96 -25.86 -20.50
N PHE R 33 31.07 -26.66 -19.91
CA PHE R 33 29.69 -26.68 -20.37
C PHE R 33 29.00 -25.36 -20.07
N GLY R 34 29.38 -24.72 -18.96
CA GLY R 34 28.80 -23.42 -18.66
C GLY R 34 29.29 -22.33 -19.58
N CYS R 35 30.46 -22.53 -20.21
CA CYS R 35 30.91 -21.61 -21.24
C CYS R 35 29.94 -21.56 -22.43
N LEU R 36 29.19 -22.63 -22.66
CA LEU R 36 28.10 -22.62 -23.62
C LEU R 36 26.77 -22.26 -22.97
N MET R 37 26.58 -22.67 -21.71
CA MET R 37 25.29 -22.52 -21.05
C MET R 37 24.98 -21.07 -20.72
N PHE R 38 25.92 -20.36 -20.09
CA PHE R 38 25.63 -19.00 -19.62
C PHE R 38 25.35 -18.01 -20.73
N PRO R 39 26.15 -17.89 -21.81
CA PRO R 39 25.76 -16.92 -22.87
C PRO R 39 24.47 -17.28 -23.58
N THR R 40 24.23 -18.57 -23.89
CA THR R 40 23.02 -18.96 -24.59
C THR R 40 21.79 -18.75 -23.73
N LEU R 41 21.84 -19.15 -22.46
CA LEU R 41 20.69 -18.95 -21.59
C LEU R 41 20.47 -17.48 -21.29
N LEU R 42 21.54 -16.69 -21.21
CA LEU R 42 21.36 -15.26 -20.96
C LEU R 42 20.75 -14.55 -22.17
N THR R 43 21.18 -14.90 -23.39
CA THR R 43 20.58 -14.24 -24.54
C THR R 43 19.16 -14.72 -24.76
N ALA R 44 18.87 -15.98 -24.44
CA ALA R 44 17.50 -16.48 -24.53
C ALA R 44 16.60 -15.79 -23.50
N THR R 45 17.13 -15.56 -22.30
CA THR R 45 16.36 -14.87 -21.26
C THR R 45 16.10 -13.41 -21.64
N SER R 46 17.13 -12.71 -22.13
CA SER R 46 16.96 -11.31 -22.52
C SER R 46 15.99 -11.18 -23.68
N ALA R 47 16.13 -12.03 -24.69
CA ALA R 47 15.25 -12.00 -25.84
C ALA R 47 13.82 -12.34 -25.46
N TYR R 48 13.64 -13.32 -24.57
CA TYR R 48 12.30 -13.69 -24.13
C TYR R 48 11.65 -12.57 -23.35
N ILE R 49 12.40 -11.91 -22.47
CA ILE R 49 11.82 -10.83 -21.66
C ILE R 49 11.44 -9.65 -22.55
N ILE R 50 12.30 -9.30 -23.50
CA ILE R 50 12.01 -8.18 -24.40
C ILE R 50 10.82 -8.51 -25.29
N ALA R 51 10.79 -9.74 -25.85
CA ALA R 51 9.70 -10.12 -26.75
C ALA R 51 8.38 -10.29 -26.00
N PHE R 52 8.45 -10.66 -24.72
CA PHE R 52 7.23 -10.78 -23.92
C PHE R 52 6.68 -9.42 -23.56
N ILE R 53 7.56 -8.46 -23.26
CA ILE R 53 7.07 -7.13 -22.90
C ILE R 53 6.59 -6.38 -24.12
N ALA R 54 7.44 -6.24 -25.13
CA ALA R 54 7.12 -5.46 -26.33
C ALA R 54 7.58 -6.23 -27.56
N ALA R 55 6.64 -6.60 -28.42
CA ALA R 55 6.89 -7.26 -29.70
C ALA R 55 5.64 -7.11 -30.55
N PRO R 56 5.78 -6.75 -31.83
CA PRO R 56 4.61 -6.62 -32.70
C PRO R 56 3.99 -7.97 -32.98
N PRO R 57 2.71 -8.02 -33.35
CA PRO R 57 2.03 -9.31 -33.54
C PRO R 57 2.66 -10.11 -34.68
N VAL R 58 2.68 -11.43 -34.49
CA VAL R 58 3.33 -12.36 -35.41
C VAL R 58 2.26 -13.03 -36.25
N ASP R 59 2.43 -12.99 -37.57
CA ASP R 59 1.53 -13.69 -38.49
C ASP R 59 1.98 -15.15 -38.56
N ILE R 60 1.46 -15.95 -37.63
CA ILE R 60 1.83 -17.35 -37.52
C ILE R 60 1.19 -18.20 -38.63
N ASP R 61 -0.03 -17.88 -39.05
CA ASP R 61 -0.77 -18.71 -39.98
C ASP R 61 -0.31 -18.54 -41.43
N GLY R 62 -0.07 -17.29 -41.86
CA GLY R 62 0.32 -16.99 -43.23
C GLY R 62 -0.75 -16.29 -44.04
N ILE R 63 -1.94 -16.13 -43.46
CA ILE R 63 -3.06 -15.50 -44.16
C ILE R 63 -3.22 -14.05 -43.73
N ARG R 64 -2.12 -13.46 -43.24
CA ARG R 64 -2.00 -12.03 -42.93
C ARG R 64 -2.94 -11.58 -41.81
N GLU R 65 -3.25 -12.49 -40.88
CA GLU R 65 -3.91 -12.12 -39.64
C GLU R 65 -2.99 -12.45 -38.49
N PRO R 66 -2.33 -11.47 -37.88
CA PRO R 66 -1.30 -11.77 -36.87
C PRO R 66 -1.87 -11.98 -35.48
N VAL R 67 -1.09 -12.68 -34.66
CA VAL R 67 -1.44 -12.99 -33.28
C VAL R 67 -0.62 -12.11 -32.35
N ALA R 68 -1.31 -11.35 -31.50
CA ALA R 68 -0.63 -10.49 -30.53
C ALA R 68 -0.19 -11.33 -29.34
N GLY R 69 1.06 -11.13 -28.90
CA GLY R 69 1.58 -11.91 -27.79
C GLY R 69 2.29 -11.11 -26.73
N SER R 70 2.50 -9.83 -26.97
CA SER R 70 3.26 -8.99 -26.04
C SER R 70 2.32 -8.22 -25.12
N LEU R 71 2.88 -7.77 -23.99
CA LEU R 71 2.10 -7.02 -23.01
C LEU R 71 1.69 -5.66 -23.54
N LEU R 72 2.53 -5.03 -24.34
CA LEU R 72 2.22 -3.70 -24.86
C LEU R 72 1.14 -3.72 -25.93
N TYR R 73 0.80 -4.90 -26.47
CA TYR R 73 -0.20 -5.01 -27.52
C TYR R 73 -1.49 -5.64 -27.01
N GLY R 74 -1.82 -5.44 -25.74
CA GLY R 74 -3.10 -5.86 -25.21
C GLY R 74 -3.17 -7.26 -24.63
N ASN R 75 -2.06 -7.77 -24.10
CA ASN R 75 -2.05 -9.06 -23.43
C ASN R 75 -1.76 -8.88 -21.95
N ASN R 76 -2.19 -9.86 -21.17
CA ASN R 76 -1.79 -9.98 -19.78
C ASN R 76 -0.72 -11.06 -19.66
N ILE R 77 -0.37 -11.39 -18.43
CA ILE R 77 0.66 -12.40 -18.20
C ILE R 77 0.18 -13.78 -18.65
N ILE R 78 -1.11 -14.06 -18.44
CA ILE R 78 -1.66 -15.35 -18.82
C ILE R 78 -1.73 -15.50 -20.34
N SER R 79 -2.28 -14.49 -21.03
CA SER R 79 -2.44 -14.59 -22.47
C SER R 79 -1.19 -14.22 -23.25
N GLY R 80 -0.21 -13.59 -22.60
CA GLY R 80 1.00 -13.20 -23.29
C GLY R 80 1.86 -14.40 -23.64
N ALA R 81 2.53 -14.30 -24.80
CA ALA R 81 3.38 -15.39 -25.27
C ALA R 81 4.35 -14.85 -26.32
N VAL R 82 5.41 -15.60 -26.53
CA VAL R 82 6.26 -15.41 -27.70
C VAL R 82 5.72 -16.36 -28.76
N VAL R 83 4.99 -15.80 -29.72
CA VAL R 83 4.27 -16.57 -30.73
C VAL R 83 5.28 -17.35 -31.58
N PRO R 84 4.98 -18.59 -31.97
CA PRO R 84 5.91 -19.34 -32.84
C PRO R 84 6.11 -18.66 -34.18
N SER R 85 7.14 -19.13 -34.88
CA SER R 85 7.50 -18.57 -36.17
C SER R 85 6.40 -18.80 -37.20
N SER R 86 6.46 -18.03 -38.29
CA SER R 86 5.42 -18.06 -39.30
C SER R 86 5.40 -19.40 -40.03
N ASN R 87 4.23 -19.74 -40.57
CA ASN R 87 4.09 -20.94 -41.39
C ASN R 87 4.84 -20.81 -42.72
N ALA R 88 5.11 -19.58 -43.16
CA ALA R 88 5.89 -19.39 -44.38
C ALA R 88 7.33 -19.83 -44.18
N ILE R 89 7.88 -19.64 -42.98
CA ILE R 89 9.23 -20.08 -42.68
C ILE R 89 9.32 -21.61 -42.66
N GLY R 90 8.38 -22.24 -41.98
CA GLY R 90 8.43 -23.68 -41.83
C GLY R 90 9.53 -24.10 -40.88
N VAL R 91 10.47 -24.91 -41.36
CA VAL R 91 11.63 -25.30 -40.59
C VAL R 91 12.89 -24.61 -41.10
N HIS R 92 12.73 -23.47 -41.76
CA HIS R 92 13.87 -22.72 -42.28
C HIS R 92 14.61 -22.03 -41.15
N PHE R 93 15.93 -21.97 -41.28
CA PHE R 93 16.73 -21.17 -40.36
C PHE R 93 16.48 -19.69 -40.62
N TYR R 94 16.03 -18.97 -39.59
CA TYR R 94 15.63 -17.58 -39.74
C TYR R 94 16.29 -16.70 -38.67
N PRO R 95 17.56 -16.37 -38.84
CA PRO R 95 18.20 -15.40 -37.95
C PRO R 95 17.84 -13.98 -38.36
N ILE R 96 18.33 -13.01 -37.58
CA ILE R 96 18.02 -11.61 -37.86
C ILE R 96 18.68 -11.16 -39.16
N TRP R 97 19.90 -11.64 -39.43
CA TRP R 97 20.61 -11.19 -40.63
C TRP R 97 20.05 -11.78 -41.92
N GLU R 98 19.18 -12.78 -41.84
CA GLU R 98 18.54 -13.34 -43.02
C GLU R 98 17.21 -12.67 -43.34
N ALA R 99 16.77 -11.71 -42.53
CA ALA R 99 15.56 -10.97 -42.78
C ALA R 99 15.89 -9.61 -43.38
N ALA R 100 15.01 -9.15 -44.28
CA ALA R 100 15.23 -7.87 -44.96
C ALA R 100 15.21 -6.70 -43.98
N SER R 101 14.31 -6.75 -43.01
CA SER R 101 14.22 -5.70 -42.00
C SER R 101 13.97 -6.34 -40.65
N ILE R 102 14.19 -5.54 -39.59
CA ILE R 102 13.85 -5.98 -38.24
C ILE R 102 12.34 -6.13 -38.11
N ASP R 103 11.59 -5.25 -38.79
CA ASP R 103 10.13 -5.34 -38.80
C ASP R 103 9.65 -6.65 -39.43
N GLU R 104 10.31 -7.07 -40.53
CA GLU R 104 9.92 -8.32 -41.16
C GLU R 104 10.34 -9.52 -40.32
N TRP R 105 11.46 -9.40 -39.61
CA TRP R 105 11.90 -10.47 -38.70
C TRP R 105 10.92 -10.64 -37.55
N LEU R 106 10.44 -9.52 -36.99
CA LEU R 106 9.47 -9.60 -35.91
C LEU R 106 8.09 -10.00 -36.41
N TYR R 107 7.78 -9.70 -37.66
CA TYR R 107 6.49 -10.08 -38.22
C TYR R 107 6.39 -11.58 -38.51
N ASN R 108 7.53 -12.23 -38.75
CA ASN R 108 7.54 -13.63 -39.13
C ASN R 108 7.82 -14.57 -37.95
N GLY R 109 7.95 -14.04 -36.74
CA GLY R 109 8.18 -14.90 -35.59
C GLY R 109 9.61 -15.34 -35.37
N GLY R 110 10.58 -14.54 -35.82
CA GLY R 110 11.99 -14.78 -35.57
C GLY R 110 12.44 -14.89 -34.12
N PRO R 111 11.91 -14.02 -33.19
CA PRO R 111 12.26 -14.16 -31.77
C PRO R 111 11.99 -15.53 -31.19
N TYR R 112 10.95 -16.22 -31.69
CA TYR R 112 10.69 -17.58 -31.26
C TYR R 112 11.85 -18.51 -31.60
N GLN R 113 12.34 -18.42 -32.84
CA GLN R 113 13.46 -19.25 -33.26
C GLN R 113 14.72 -18.94 -32.45
N LEU R 114 14.97 -17.65 -32.22
CA LEU R 114 16.14 -17.23 -31.45
C LEU R 114 16.10 -17.79 -30.03
N VAL R 115 14.98 -17.56 -29.33
CA VAL R 115 14.82 -18.00 -27.95
C VAL R 115 14.86 -19.53 -27.86
N VAL R 116 14.18 -20.22 -28.76
CA VAL R 116 14.09 -21.67 -28.70
C VAL R 116 15.44 -22.32 -28.94
N PHE R 117 16.19 -21.85 -29.94
CA PHE R 117 17.49 -22.46 -30.23
C PHE R 117 18.49 -22.21 -29.11
N HIS R 118 18.53 -20.96 -28.61
CA HIS R 118 19.46 -20.66 -27.52
C HIS R 118 19.08 -21.40 -26.24
N PHE R 119 17.78 -21.56 -25.98
CA PHE R 119 17.32 -22.29 -24.80
C PHE R 119 17.66 -23.78 -24.90
N PHE R 120 17.51 -24.36 -26.09
CA PHE R 120 17.82 -25.78 -26.26
C PHE R 120 19.31 -26.05 -26.05
N ILE R 121 20.16 -25.19 -26.63
CA ILE R 121 21.59 -25.32 -26.40
C ILE R 121 21.91 -25.13 -24.91
N GLY R 122 21.23 -24.19 -24.26
CA GLY R 122 21.47 -23.93 -22.86
C GLY R 122 21.09 -25.09 -21.96
N VAL R 123 19.98 -25.77 -22.25
CA VAL R 123 19.59 -26.86 -21.37
C VAL R 123 20.45 -28.11 -21.61
N CYS R 124 20.89 -28.35 -22.85
CA CYS R 124 21.85 -29.44 -23.06
C CYS R 124 23.17 -29.16 -22.33
N ALA R 125 23.64 -27.91 -22.39
CA ALA R 125 24.83 -27.54 -21.65
C ALA R 125 24.58 -27.57 -20.14
N TYR R 126 23.34 -27.36 -19.70
CA TYR R 126 23.00 -27.50 -18.28
C TYR R 126 23.14 -28.96 -17.83
N ILE R 127 22.72 -29.90 -18.67
CA ILE R 127 22.93 -31.32 -18.37
C ILE R 127 24.42 -31.61 -18.22
N GLY R 128 25.21 -31.13 -19.18
CA GLY R 128 26.66 -31.33 -19.12
C GLY R 128 27.29 -30.67 -17.92
N ARG R 129 26.80 -29.48 -17.55
CA ARG R 129 27.33 -28.76 -16.39
C ARG R 129 27.01 -29.48 -15.08
N GLU R 130 25.82 -30.10 -15.00
CA GLU R 130 25.49 -30.90 -13.82
C GLU R 130 26.44 -32.07 -13.69
N TRP R 131 26.74 -32.75 -14.81
CA TRP R 131 27.76 -33.79 -14.76
C TRP R 131 29.11 -33.22 -14.33
N GLU R 132 29.46 -32.05 -14.85
CA GLU R 132 30.78 -31.47 -14.61
C GLU R 132 30.98 -31.16 -13.14
N LEU R 133 29.99 -30.53 -12.51
CA LEU R 133 30.10 -30.24 -11.08
C LEU R 133 30.08 -31.52 -10.26
N SER R 134 29.31 -32.53 -10.68
CA SER R 134 29.35 -33.80 -9.98
C SER R 134 30.74 -34.43 -10.07
N TYR R 135 31.45 -34.19 -11.17
CA TYR R 135 32.81 -34.72 -11.31
C TYR R 135 33.81 -33.94 -10.46
N ARG R 136 33.68 -32.61 -10.42
CA ARG R 136 34.62 -31.81 -9.64
C ARG R 136 34.45 -32.02 -8.15
N LEU R 137 33.25 -32.38 -7.69
CA LEU R 137 32.99 -32.60 -6.28
C LEU R 137 33.20 -34.05 -5.86
N GLY R 138 33.54 -34.93 -6.79
CA GLY R 138 33.78 -36.33 -6.47
C GLY R 138 32.55 -37.11 -6.06
N MET R 139 31.41 -36.84 -6.69
CA MET R 139 30.18 -37.57 -6.43
C MET R 139 29.76 -38.34 -7.67
N ARG R 140 28.72 -39.15 -7.51
CA ARG R 140 28.26 -40.00 -8.60
C ARG R 140 27.49 -39.18 -9.65
N PRO R 141 27.72 -39.45 -10.92
CA PRO R 141 27.25 -38.54 -11.98
C PRO R 141 25.94 -38.89 -12.65
N TRP R 142 24.85 -39.09 -11.92
CA TRP R 142 23.61 -39.49 -12.59
C TRP R 142 22.45 -38.55 -12.31
N ILE R 143 22.72 -37.37 -11.74
CA ILE R 143 21.70 -36.34 -11.64
C ILE R 143 21.38 -35.78 -13.03
N CYS R 144 22.40 -35.69 -13.89
CA CYS R 144 22.20 -35.23 -15.26
C CYS R 144 21.30 -36.17 -16.04
N VAL R 145 21.37 -37.47 -15.76
CA VAL R 145 20.47 -38.43 -16.39
C VAL R 145 19.04 -38.18 -15.95
N ALA R 146 18.84 -37.79 -14.68
CA ALA R 146 17.52 -37.44 -14.21
C ALA R 146 17.01 -36.16 -14.87
N PHE R 147 17.89 -35.19 -15.07
CA PHE R 147 17.50 -33.96 -15.76
C PHE R 147 17.31 -34.18 -17.25
N SER R 148 17.79 -35.29 -17.79
CA SER R 148 17.61 -35.56 -19.22
C SER R 148 16.15 -35.81 -19.60
N ALA R 149 15.27 -36.08 -18.64
CA ALA R 149 13.87 -36.33 -18.96
C ALA R 149 13.09 -35.04 -19.25
N PRO R 150 13.12 -33.99 -18.39
CA PRO R 150 12.46 -32.74 -18.80
C PRO R 150 13.12 -32.08 -20.00
N VAL R 151 14.42 -32.27 -20.19
CA VAL R 151 15.09 -31.77 -21.38
C VAL R 151 14.57 -32.49 -22.62
N ALA R 152 14.37 -33.80 -22.53
CA ALA R 152 13.79 -34.56 -23.63
C ALA R 152 12.38 -34.10 -23.93
N ALA R 153 11.59 -33.82 -22.88
CA ALA R 153 10.23 -33.33 -23.10
C ALA R 153 10.22 -31.96 -23.77
N ALA R 154 11.11 -31.06 -23.33
CA ALA R 154 11.21 -29.75 -23.96
C ALA R 154 11.68 -29.85 -25.41
N ALA R 155 12.62 -30.78 -25.68
CA ALA R 155 13.08 -30.99 -27.05
C ALA R 155 11.95 -31.51 -27.93
N ALA R 156 11.16 -32.45 -27.41
CA ALA R 156 10.04 -32.99 -28.19
C ALA R 156 8.97 -31.93 -28.41
N VAL R 157 8.81 -31.00 -27.47
CA VAL R 157 7.73 -30.03 -27.59
C VAL R 157 8.16 -28.82 -28.42
N PHE R 158 9.46 -28.57 -28.53
CA PHE R 158 9.91 -27.35 -29.19
C PHE R 158 10.63 -27.58 -30.51
N VAL R 159 11.27 -28.73 -30.71
CA VAL R 159 12.12 -28.92 -31.87
C VAL R 159 11.62 -30.10 -32.71
N ILE R 160 11.35 -31.22 -32.03
CA ILE R 160 11.16 -32.49 -32.71
C ILE R 160 9.76 -32.59 -33.29
N TYR R 161 8.76 -32.10 -32.56
CA TYR R 161 7.42 -31.98 -33.14
C TYR R 161 7.35 -31.02 -34.32
N PRO R 162 7.98 -29.83 -34.30
CA PRO R 162 8.08 -29.05 -35.55
C PRO R 162 8.82 -29.77 -36.67
N ILE R 163 9.83 -30.59 -36.35
CA ILE R 163 10.53 -31.34 -37.38
C ILE R 163 9.60 -32.35 -38.04
N GLY R 164 8.83 -33.08 -37.23
CA GLY R 164 7.89 -34.04 -37.78
C GLY R 164 6.76 -33.39 -38.56
N GLN R 165 6.23 -32.28 -38.04
CA GLN R 165 5.15 -31.59 -38.72
C GLN R 165 5.63 -30.68 -39.84
N GLY R 166 6.94 -30.44 -39.94
CA GLY R 166 7.48 -29.67 -41.04
C GLY R 166 7.43 -28.18 -40.89
N SER R 167 7.13 -27.66 -39.70
CA SER R 167 7.07 -26.22 -39.50
C SER R 167 7.22 -25.90 -38.02
N PHE R 168 7.96 -24.82 -37.72
CA PHE R 168 8.09 -24.34 -36.35
C PHE R 168 6.84 -23.62 -35.86
N SER R 169 5.85 -23.41 -36.74
CA SER R 169 4.63 -22.71 -36.35
C SER R 169 3.79 -23.52 -35.37
N ASP R 170 3.79 -24.84 -35.49
CA ASP R 170 3.01 -25.69 -34.60
C ASP R 170 3.81 -26.14 -33.38
N GLY R 171 5.00 -25.60 -33.18
CA GLY R 171 5.69 -25.80 -31.92
C GLY R 171 4.97 -25.09 -30.79
N MET R 172 5.32 -25.46 -29.57
CA MET R 172 4.62 -24.92 -28.41
C MET R 172 4.96 -23.46 -28.22
N PRO R 173 3.97 -22.57 -28.13
CA PRO R 173 4.25 -21.15 -27.87
C PRO R 173 4.84 -20.95 -26.48
N LEU R 174 5.66 -19.91 -26.35
CA LEU R 174 6.32 -19.60 -25.08
C LEU R 174 5.39 -18.72 -24.25
N GLY R 175 4.31 -19.33 -23.79
CA GLY R 175 3.32 -18.64 -22.99
C GLY R 175 2.39 -19.64 -22.34
N ILE R 176 1.49 -19.12 -21.51
CA ILE R 176 0.58 -19.96 -20.75
C ILE R 176 -0.60 -20.39 -21.61
N SER R 177 -1.34 -19.41 -22.14
CA SER R 177 -2.46 -19.70 -23.03
C SER R 177 -1.99 -20.35 -24.32
N GLY R 178 -0.79 -20.01 -24.78
CA GLY R 178 -0.22 -20.69 -25.92
C GLY R 178 0.06 -22.16 -25.64
N THR R 179 0.49 -22.46 -24.42
CA THR R 179 0.68 -23.86 -24.02
C THR R 179 -0.65 -24.60 -24.02
N PHE R 180 -1.71 -23.98 -23.51
CA PHE R 180 -3.02 -24.62 -23.53
C PHE R 180 -3.52 -24.82 -24.96
N ASN R 181 -3.27 -23.84 -25.84
CA ASN R 181 -3.66 -23.97 -27.24
C ASN R 181 -2.91 -25.11 -27.92
N PHE R 182 -1.62 -25.24 -27.62
CA PHE R 182 -0.84 -26.36 -28.14
C PHE R 182 -1.41 -27.69 -27.66
N MET R 183 -1.79 -27.77 -26.39
CA MET R 183 -2.34 -29.00 -25.84
C MET R 183 -3.65 -29.38 -26.53
N LEU R 184 -4.54 -28.40 -26.72
CA LEU R 184 -5.84 -28.68 -27.34
C LEU R 184 -5.67 -29.09 -28.80
N VAL R 185 -4.81 -28.41 -29.55
CA VAL R 185 -4.61 -28.74 -30.96
C VAL R 185 -3.94 -30.11 -31.09
N PHE R 186 -2.98 -30.41 -30.21
CA PHE R 186 -2.32 -31.71 -30.21
C PHE R 186 -3.30 -32.84 -29.90
N GLN R 187 -4.22 -32.61 -28.95
CA GLN R 187 -5.24 -33.61 -28.65
C GLN R 187 -6.17 -33.81 -29.83
N ALA R 188 -6.55 -32.72 -30.49
CA ALA R 188 -7.43 -32.82 -31.66
C ALA R 188 -6.78 -33.60 -32.79
N GLU R 189 -5.48 -33.39 -33.01
CA GLU R 189 -4.82 -33.99 -34.15
C GLU R 189 -4.27 -35.39 -33.89
N HIS R 190 -3.93 -35.73 -32.64
CA HIS R 190 -3.24 -36.98 -32.38
C HIS R 190 -3.86 -37.86 -31.31
N ASN R 191 -4.81 -37.36 -30.53
CA ASN R 191 -5.41 -38.08 -29.39
C ASN R 191 -4.34 -38.56 -28.42
N ILE R 192 -3.64 -37.60 -27.82
CA ILE R 192 -2.56 -37.90 -26.91
C ILE R 192 -3.09 -38.57 -25.64
N LEU R 193 -4.32 -38.25 -25.24
CA LEU R 193 -4.90 -38.82 -24.02
C LEU R 193 -5.02 -40.34 -24.12
N MET R 194 -5.29 -40.87 -25.31
CA MET R 194 -5.40 -42.30 -25.51
C MET R 194 -4.08 -42.95 -25.92
N HIS R 195 -3.00 -42.19 -25.97
CA HIS R 195 -1.69 -42.76 -26.24
C HIS R 195 -1.15 -43.43 -24.98
N PRO R 196 -0.64 -44.66 -25.07
CA PRO R 196 -0.10 -45.33 -23.87
C PRO R 196 1.08 -44.62 -23.25
N PHE R 197 1.87 -43.89 -24.04
CA PHE R 197 3.03 -43.21 -23.49
C PHE R 197 2.62 -41.99 -22.67
N HIS R 198 1.54 -41.29 -23.06
CA HIS R 198 1.03 -40.23 -22.21
C HIS R 198 0.40 -40.80 -20.95
N MET R 199 -0.17 -42.00 -21.03
CA MET R 199 -0.64 -42.66 -19.82
C MET R 199 0.52 -42.98 -18.89
N LEU R 200 1.65 -43.41 -19.46
CA LEU R 200 2.84 -43.65 -18.65
C LEU R 200 3.38 -42.35 -18.07
N GLY R 201 3.29 -41.26 -18.82
CA GLY R 201 3.72 -39.97 -18.29
C GLY R 201 2.84 -39.47 -17.16
N VAL R 202 1.52 -39.61 -17.31
CA VAL R 202 0.60 -39.22 -16.24
C VAL R 202 0.81 -40.12 -15.02
N ALA R 203 1.05 -41.41 -15.25
CA ALA R 203 1.36 -42.32 -14.15
C ALA R 203 2.65 -41.90 -13.46
N GLY R 204 3.66 -41.48 -14.23
CA GLY R 204 4.90 -41.04 -13.64
C GLY R 204 4.74 -39.76 -12.83
N VAL R 205 3.98 -38.80 -13.34
CA VAL R 205 3.81 -37.52 -12.64
C VAL R 205 2.94 -37.69 -11.40
N PHE R 206 1.81 -38.40 -11.54
CA PHE R 206 0.94 -38.67 -10.40
C PHE R 206 1.66 -39.50 -9.35
N GLY R 207 2.37 -40.54 -9.77
CA GLY R 207 3.11 -41.36 -8.84
C GLY R 207 4.25 -40.62 -8.19
N GLY R 208 4.91 -39.72 -8.94
CA GLY R 208 5.98 -38.93 -8.37
C GLY R 208 5.46 -38.01 -7.28
N SER R 209 4.31 -37.39 -7.51
CA SER R 209 3.70 -36.57 -6.47
C SER R 209 3.28 -37.42 -5.27
N LEU R 210 2.72 -38.61 -5.53
CA LEU R 210 2.36 -39.53 -4.46
C LEU R 210 3.56 -39.93 -3.63
N PHE R 211 4.64 -40.34 -4.29
CA PHE R 211 5.82 -40.85 -3.59
C PHE R 211 6.54 -39.72 -2.88
N SER R 212 6.53 -38.52 -3.46
CA SER R 212 7.13 -37.36 -2.78
C SER R 212 6.38 -37.02 -1.50
N ALA R 213 5.04 -36.95 -1.58
CA ALA R 213 4.24 -36.67 -0.40
C ALA R 213 4.36 -37.79 0.63
N MET R 214 4.41 -39.04 0.15
CA MET R 214 4.50 -40.20 1.03
C MET R 214 5.82 -40.21 1.78
N HIS R 215 6.94 -40.06 1.06
CA HIS R 215 8.26 -40.05 1.68
C HIS R 215 8.43 -38.87 2.61
N GLY R 216 7.92 -37.70 2.21
CA GLY R 216 8.02 -36.53 3.07
C GLY R 216 7.21 -36.67 4.34
N SER R 217 6.00 -37.24 4.22
CA SER R 217 5.17 -37.44 5.40
C SER R 217 5.76 -38.51 6.32
N LEU R 218 6.38 -39.54 5.74
CA LEU R 218 6.99 -40.58 6.54
C LEU R 218 8.19 -40.06 7.32
N VAL R 219 9.01 -39.22 6.68
CA VAL R 219 10.17 -38.67 7.38
C VAL R 219 9.74 -37.62 8.39
N THR R 220 8.80 -36.74 8.02
CA THR R 220 8.31 -35.71 8.93
C THR R 220 7.59 -36.31 10.13
N SER R 221 6.96 -37.46 9.94
CA SER R 221 6.24 -38.12 11.03
C SER R 221 7.18 -38.63 12.11
N SER R 222 8.32 -39.20 11.71
CA SER R 222 9.21 -39.88 12.64
C SER R 222 10.44 -39.06 13.01
N LEU R 223 10.33 -37.73 13.00
CA LEU R 223 11.44 -36.88 13.40
C LEU R 223 11.75 -37.07 14.88
N ILE R 224 13.03 -37.15 15.21
CA ILE R 224 13.47 -37.34 16.58
C ILE R 224 13.43 -36.01 17.31
N ARG R 225 12.92 -36.04 18.55
CA ARG R 225 12.76 -34.80 19.33
C ARG R 225 14.11 -34.21 19.71
N GLU R 226 14.34 -32.98 19.25
CA GLU R 226 15.55 -32.23 19.61
C GLU R 226 15.28 -30.79 20.00
N THR R 227 14.08 -30.26 19.76
CA THR R 227 13.76 -28.86 20.00
C THR R 227 12.83 -28.72 21.20
N SER R 228 12.39 -27.48 21.45
CA SER R 228 11.57 -27.15 22.60
C SER R 228 10.08 -27.38 22.34
N GLU R 229 9.23 -26.81 23.20
CA GLU R 229 7.80 -27.08 23.18
C GLU R 229 7.15 -26.62 21.88
N ASN R 230 7.40 -25.37 21.46
CA ASN R 230 6.77 -24.87 20.24
C ASN R 230 7.79 -24.32 19.26
N GLU R 231 9.08 -24.56 19.48
CA GLU R 231 10.12 -24.18 18.53
C GLU R 231 9.96 -25.01 17.27
N SER R 232 10.38 -24.43 16.13
CA SER R 232 10.36 -25.15 14.87
C SER R 232 11.27 -26.37 14.94
N LEU R 233 10.74 -27.50 14.48
CA LEU R 233 11.48 -28.76 14.56
C LEU R 233 12.68 -28.79 13.63
N ASN R 234 12.74 -27.91 12.63
CA ASN R 234 13.85 -27.88 11.69
C ASN R 234 15.16 -27.47 12.35
N TYR R 235 15.11 -26.84 13.53
CA TYR R 235 16.33 -26.55 14.27
C TYR R 235 16.90 -27.80 14.92
N GLY R 236 16.13 -28.89 14.98
CA GLY R 236 16.64 -30.14 15.50
C GLY R 236 17.66 -30.79 14.60
N TYR R 237 17.69 -30.42 13.33
CA TYR R 237 18.69 -30.91 12.40
C TYR R 237 19.83 -29.90 12.29
N LYS R 238 21.06 -30.39 12.40
CA LYS R 238 22.26 -29.57 12.26
C LYS R 238 22.90 -29.88 10.92
N PHE R 239 23.20 -28.83 10.16
CA PHE R 239 23.82 -29.00 8.85
C PHE R 239 25.21 -29.59 8.98
N GLY R 240 25.41 -30.77 8.41
CA GLY R 240 26.67 -31.47 8.50
C GLY R 240 26.75 -32.52 9.58
N GLN R 241 25.66 -32.80 10.28
CA GLN R 241 25.67 -33.80 11.34
C GLN R 241 25.77 -35.21 10.73
N GLU R 242 26.20 -36.16 11.55
CA GLU R 242 26.40 -37.53 11.10
C GLU R 242 25.22 -38.43 11.43
N GLU R 243 24.59 -38.24 12.59
CA GLU R 243 23.54 -39.13 13.02
C GLU R 243 22.25 -38.88 12.24
N GLU R 244 21.34 -39.85 12.31
CA GLU R 244 20.05 -39.75 11.65
C GLU R 244 19.18 -38.69 12.33
N THR R 245 18.40 -37.98 11.52
CA THR R 245 17.50 -36.96 12.04
C THR R 245 16.09 -37.48 12.28
N TYR R 246 15.77 -38.69 11.81
CA TYR R 246 14.45 -39.27 12.01
C TYR R 246 14.58 -40.74 12.33
N ASN R 247 13.55 -41.28 12.98
CA ASN R 247 13.53 -42.67 13.40
C ASN R 247 13.09 -43.54 12.23
N ILE R 248 14.05 -44.23 11.61
CA ILE R 248 13.76 -44.98 10.39
C ILE R 248 12.91 -46.22 10.70
N VAL R 249 13.15 -46.86 11.85
CA VAL R 249 12.44 -48.10 12.17
C VAL R 249 10.97 -47.82 12.47
N ALA R 250 10.68 -46.68 13.10
CA ALA R 250 9.29 -46.33 13.40
C ALA R 250 8.51 -46.03 12.12
N ALA R 251 9.14 -45.30 11.18
CA ALA R 251 8.49 -45.02 9.90
C ALA R 251 8.30 -46.29 9.09
N HIS R 252 9.28 -47.19 9.12
CA HIS R 252 9.15 -48.46 8.42
C HIS R 252 8.04 -49.32 9.02
N GLY R 253 7.93 -49.33 10.35
CA GLY R 253 6.84 -50.06 10.99
C GLY R 253 5.48 -49.49 10.65
N TYR R 254 5.37 -48.16 10.62
CA TYR R 254 4.12 -47.51 10.23
C TYR R 254 3.75 -47.87 8.80
N PHE R 255 4.70 -47.80 7.88
CA PHE R 255 4.40 -48.09 6.49
C PHE R 255 4.09 -49.56 6.26
N GLY R 256 4.75 -50.44 7.02
CA GLY R 256 4.47 -51.87 6.93
C GLY R 256 3.09 -52.20 7.45
N ARG R 257 2.67 -51.55 8.52
CA ARG R 257 1.34 -51.81 9.05
C ARG R 257 0.26 -51.09 8.23
N LEU R 258 0.64 -50.08 7.45
CA LEU R 258 -0.34 -49.32 6.68
C LEU R 258 -0.93 -50.14 5.54
N ILE R 259 -0.08 -50.83 4.77
CA ILE R 259 -0.62 -51.67 3.71
C ILE R 259 -0.32 -53.17 3.90
N PHE R 260 0.95 -53.57 3.89
CA PHE R 260 1.40 -54.93 4.21
C PHE R 260 2.92 -54.90 4.44
N GLN R 261 3.41 -55.85 5.23
CA GLN R 261 4.75 -55.73 5.80
C GLN R 261 5.86 -55.97 4.78
N TYR R 262 5.58 -56.69 3.69
CA TYR R 262 6.59 -57.01 2.69
C TYR R 262 6.90 -55.83 1.75
N ALA R 263 5.98 -54.87 1.63
CA ALA R 263 6.17 -53.76 0.70
C ALA R 263 6.97 -52.61 1.29
N SER R 264 7.28 -52.64 2.59
CA SER R 264 8.09 -51.59 3.20
C SER R 264 9.53 -51.69 2.69
N PHE R 265 10.04 -50.59 2.16
CA PHE R 265 11.42 -50.56 1.66
C PHE R 265 12.36 -50.61 2.85
N ASN R 266 12.93 -51.79 3.11
CA ASN R 266 13.88 -51.94 4.20
C ASN R 266 15.21 -51.26 3.94
N ASN R 267 15.46 -50.86 2.70
CA ASN R 267 16.68 -50.16 2.32
C ASN R 267 16.33 -48.76 1.84
N SER R 268 16.98 -47.75 2.43
CA SER R 268 16.75 -46.38 2.00
C SER R 268 17.33 -46.12 0.62
N ARG R 269 18.39 -46.86 0.26
CA ARG R 269 19.03 -46.68 -1.04
C ARG R 269 18.13 -47.14 -2.17
N ALA R 270 17.49 -48.30 -2.02
CA ALA R 270 16.56 -48.80 -3.03
C ALA R 270 15.33 -47.90 -3.13
N LEU R 271 14.83 -47.43 -1.98
CA LEU R 271 13.70 -46.51 -1.97
C LEU R 271 14.03 -45.22 -2.70
N HIS R 272 15.23 -44.68 -2.48
CA HIS R 272 15.59 -43.42 -3.13
C HIS R 272 15.87 -43.63 -4.61
N PHE R 273 16.39 -44.79 -4.99
CA PHE R 273 16.52 -45.09 -6.42
C PHE R 273 15.15 -45.15 -7.08
N PHE R 274 14.18 -45.76 -6.40
CA PHE R 274 12.81 -45.82 -6.93
C PHE R 274 12.20 -44.43 -7.06
N LEU R 275 12.43 -43.57 -6.05
CA LEU R 275 11.96 -42.18 -6.09
C LEU R 275 12.57 -41.42 -7.26
N GLY R 276 13.87 -41.60 -7.49
CA GLY R 276 14.51 -40.91 -8.59
C GLY R 276 14.18 -41.50 -9.95
N ALA R 277 13.78 -42.77 -9.99
CA ALA R 277 13.61 -43.45 -11.27
C ALA R 277 12.19 -43.35 -11.82
N TRP R 278 11.16 -43.40 -10.95
CA TRP R 278 9.78 -43.48 -11.44
C TRP R 278 9.35 -42.27 -12.28
N PRO R 279 9.44 -41.02 -11.80
CA PRO R 279 8.99 -39.91 -12.67
C PRO R 279 9.93 -39.65 -13.83
N VAL R 280 11.21 -40.01 -13.70
CA VAL R 280 12.15 -39.82 -14.81
C VAL R 280 11.79 -40.73 -15.97
N VAL R 281 11.50 -42.00 -15.69
CA VAL R 281 11.10 -42.94 -16.74
C VAL R 281 9.74 -42.55 -17.31
N GLY R 282 8.83 -42.07 -16.45
CA GLY R 282 7.53 -41.63 -16.94
C GLY R 282 7.64 -40.43 -17.89
N ILE R 283 8.48 -39.46 -17.54
CA ILE R 283 8.65 -38.28 -18.39
C ILE R 283 9.41 -38.65 -19.66
N TRP R 284 10.34 -39.61 -19.58
CA TRP R 284 11.01 -40.13 -20.77
C TRP R 284 9.99 -40.71 -21.75
N PHE R 285 9.06 -41.52 -21.22
CA PHE R 285 8.09 -42.16 -22.09
C PHE R 285 7.08 -41.17 -22.65
N THR R 286 6.68 -40.16 -21.87
CA THR R 286 5.76 -39.18 -22.44
C THR R 286 6.45 -38.27 -23.46
N ALA R 287 7.74 -38.00 -23.28
CA ALA R 287 8.50 -37.25 -24.28
C ALA R 287 8.62 -38.04 -25.57
N MET R 288 8.90 -39.34 -25.45
CA MET R 288 8.99 -40.19 -26.64
C MET R 288 7.63 -40.37 -27.29
N GLY R 289 6.56 -40.32 -26.50
CA GLY R 289 5.23 -40.38 -27.09
C GLY R 289 4.91 -39.13 -27.90
N VAL R 290 5.22 -37.95 -27.35
CA VAL R 290 4.98 -36.70 -28.05
C VAL R 290 5.82 -36.62 -29.32
N ALA R 291 7.06 -37.09 -29.24
CA ALA R 291 7.93 -37.02 -30.41
C ALA R 291 7.56 -38.08 -31.43
N THR R 292 6.98 -39.21 -31.00
CA THR R 292 6.51 -40.19 -31.98
C THR R 292 5.17 -39.79 -32.59
N MET R 293 4.35 -39.01 -31.88
CA MET R 293 3.13 -38.50 -32.50
C MET R 293 3.43 -37.40 -33.51
N ALA R 294 4.67 -36.88 -33.52
CA ALA R 294 5.06 -35.92 -34.54
C ALA R 294 5.07 -36.55 -35.92
N PHE R 295 5.41 -37.84 -35.99
CA PHE R 295 5.43 -38.58 -37.25
C PHE R 295 4.17 -39.40 -37.47
N ASN R 296 3.03 -38.91 -36.96
CA ASN R 296 1.69 -39.42 -37.17
C ASN R 296 1.47 -40.84 -36.67
N LEU R 297 2.22 -41.27 -35.64
CA LEU R 297 1.93 -42.52 -34.95
C LEU R 297 1.08 -42.16 -33.75
N ASN R 298 -0.22 -42.03 -33.99
CA ASN R 298 -1.14 -41.48 -33.00
C ASN R 298 -1.51 -42.52 -31.94
N GLY R 299 -2.38 -42.12 -31.03
CA GLY R 299 -2.80 -42.98 -29.93
C GLY R 299 -3.80 -44.02 -30.35
N PHE R 300 -4.32 -44.72 -29.34
CA PHE R 300 -5.29 -45.78 -29.56
C PHE R 300 -6.59 -45.23 -30.15
N ASN R 301 -7.09 -45.90 -31.18
CA ASN R 301 -8.34 -45.52 -31.83
C ASN R 301 -9.36 -46.62 -31.56
N PHE R 302 -10.29 -46.36 -30.66
CA PHE R 302 -11.35 -47.29 -30.31
C PHE R 302 -12.70 -46.74 -30.78
N ASN R 303 -12.71 -46.17 -31.97
CA ASN R 303 -13.91 -45.58 -32.55
C ASN R 303 -14.76 -46.65 -33.20
N GLN R 304 -16.06 -46.62 -32.89
CA GLN R 304 -17.06 -47.55 -33.44
C GLN R 304 -16.68 -49.00 -33.17
N SER R 305 -16.17 -49.25 -31.97
CA SER R 305 -15.74 -50.59 -31.58
C SER R 305 -16.89 -51.48 -31.13
N VAL R 306 -18.06 -50.91 -30.88
CA VAL R 306 -19.24 -51.66 -30.45
C VAL R 306 -20.35 -51.43 -31.46
N VAL R 307 -20.85 -52.50 -32.05
CA VAL R 307 -21.98 -52.45 -32.96
C VAL R 307 -23.02 -53.48 -32.50
N ASP R 308 -24.27 -53.24 -32.86
CA ASP R 308 -25.34 -54.16 -32.52
C ASP R 308 -25.42 -55.28 -33.55
N SER R 309 -26.48 -56.07 -33.51
CA SER R 309 -26.63 -57.19 -34.44
C SER R 309 -26.93 -56.69 -35.85
N GLN R 310 -27.64 -55.58 -35.97
CA GLN R 310 -28.04 -55.07 -37.28
C GLN R 310 -27.04 -54.07 -37.86
N GLY R 311 -25.91 -53.85 -37.20
CA GLY R 311 -24.86 -52.99 -37.73
C GLY R 311 -24.85 -51.58 -37.21
N ARG R 312 -25.85 -51.18 -36.41
CA ARG R 312 -25.86 -49.84 -35.86
C ARG R 312 -24.75 -49.68 -34.82
N VAL R 313 -24.12 -48.51 -34.82
CA VAL R 313 -22.98 -48.24 -33.95
C VAL R 313 -23.50 -47.79 -32.59
N ILE R 314 -23.07 -48.49 -31.55
CA ILE R 314 -23.34 -48.09 -30.16
C ILE R 314 -22.10 -47.37 -29.66
N ASN R 315 -22.28 -46.11 -29.25
CA ASN R 315 -21.16 -45.29 -28.81
C ASN R 315 -20.60 -45.80 -27.49
N THR R 316 -19.32 -45.51 -27.27
CA THR R 316 -18.67 -45.69 -25.99
C THR R 316 -18.15 -44.34 -25.52
N TRP R 317 -17.38 -44.33 -24.44
CA TRP R 317 -16.78 -43.08 -23.97
C TRP R 317 -15.72 -42.57 -24.94
N ALA R 318 -15.06 -43.49 -25.65
CA ALA R 318 -14.10 -43.10 -26.69
C ALA R 318 -14.78 -42.33 -27.81
N ASP R 319 -16.04 -42.62 -28.10
CA ASP R 319 -16.76 -41.88 -29.13
C ASP R 319 -17.05 -40.44 -28.69
N ILE R 320 -17.36 -40.24 -27.40
CA ILE R 320 -17.55 -38.88 -26.89
C ILE R 320 -16.24 -38.11 -26.90
N LEU R 321 -15.15 -38.78 -26.54
CA LEU R 321 -13.83 -38.16 -26.64
C LEU R 321 -13.50 -37.80 -28.08
N ASN R 322 -13.87 -38.68 -29.02
CA ASN R 322 -13.65 -38.39 -30.44
C ASN R 322 -14.50 -37.21 -30.91
N ARG R 323 -15.70 -37.06 -30.36
CA ARG R 323 -16.53 -35.90 -30.71
C ARG R 323 -15.89 -34.61 -30.24
N SER R 324 -15.32 -34.60 -29.04
CA SER R 324 -14.58 -33.43 -28.56
C SER R 324 -13.37 -33.14 -29.44
N ASN R 325 -12.64 -34.20 -29.82
CA ASN R 325 -11.48 -34.04 -30.70
C ASN R 325 -11.90 -33.48 -32.06
N LEU R 326 -13.05 -33.94 -32.57
CA LEU R 326 -13.57 -33.44 -33.84
C LEU R 326 -13.94 -31.97 -33.76
N GLY R 327 -14.53 -31.54 -32.64
CA GLY R 327 -14.85 -30.13 -32.48
C GLY R 327 -13.62 -29.25 -32.46
N MET R 328 -12.61 -29.65 -31.68
CA MET R 328 -11.36 -28.90 -31.67
C MET R 328 -10.67 -28.93 -33.04
N GLU R 329 -10.79 -30.04 -33.76
CA GLU R 329 -10.14 -30.18 -35.06
C GLU R 329 -10.80 -29.29 -36.10
N VAL R 330 -12.13 -29.24 -36.14
CA VAL R 330 -12.80 -28.40 -37.12
C VAL R 330 -12.65 -26.93 -36.76
N MET R 331 -12.43 -26.61 -35.48
CA MET R 331 -12.13 -25.22 -35.19
C MET R 331 -10.67 -24.86 -35.45
N HIS R 332 -9.78 -25.86 -35.44
CA HIS R 332 -8.37 -25.57 -35.72
C HIS R 332 -8.13 -25.29 -37.19
N GLU R 333 -8.79 -26.04 -38.08
CA GLU R 333 -8.61 -25.88 -39.52
C GLU R 333 -9.33 -24.62 -39.99
N ARG R 334 -8.70 -23.47 -39.72
CA ARG R 334 -9.29 -22.18 -40.04
C ARG R 334 -9.17 -21.93 -41.54
N ASN R 335 -10.28 -22.09 -42.26
CA ASN R 335 -10.37 -21.88 -43.70
C ASN R 335 -9.34 -22.71 -44.46
N ALA R 336 -9.15 -23.96 -44.02
CA ALA R 336 -8.21 -24.84 -44.69
C ALA R 336 -8.72 -25.25 -46.08
N HIS R 337 -10.03 -25.25 -46.27
CA HIS R 337 -10.61 -25.59 -47.55
C HIS R 337 -11.35 -24.40 -48.14
N ALA S 2 11.89 -17.52 18.86
CA ALA S 2 11.99 -18.92 18.46
C ALA S 2 10.67 -19.42 17.88
N LEU S 3 9.61 -18.68 18.15
CA LEU S 3 8.29 -19.04 17.63
C LEU S 3 8.20 -18.70 16.15
N PRO S 4 7.89 -19.66 15.29
CA PRO S 4 7.71 -19.35 13.87
C PRO S 4 6.44 -18.52 13.65
N TRP S 5 6.32 -17.98 12.43
CA TRP S 5 5.24 -17.06 12.12
C TRP S 5 3.88 -17.72 12.18
N TYR S 6 3.80 -19.02 11.88
CA TYR S 6 2.54 -19.74 11.87
C TYR S 6 2.15 -20.29 13.23
N ARG S 7 2.94 -20.00 14.27
CA ARG S 7 2.64 -20.45 15.63
C ARG S 7 2.60 -19.28 16.61
N VAL S 8 2.45 -18.05 16.11
CA VAL S 8 2.56 -16.87 16.99
C VAL S 8 1.40 -16.78 17.96
N HIS S 9 0.23 -17.26 17.57
CA HIS S 9 -0.93 -17.08 18.43
C HIS S 9 -1.05 -18.16 19.49
N THR S 10 -0.12 -19.10 19.56
CA THR S 10 -0.11 -20.13 20.59
C THR S 10 0.38 -19.62 21.94
N VAL S 11 0.79 -18.35 22.05
CA VAL S 11 1.09 -17.77 23.34
C VAL S 11 -0.18 -17.61 24.17
N VAL S 12 -1.33 -17.60 23.50
CA VAL S 12 -2.65 -17.50 24.11
C VAL S 12 -3.19 -18.86 24.55
N LEU S 13 -2.53 -19.96 24.17
CA LEU S 13 -3.03 -21.31 24.39
C LEU S 13 -3.20 -21.63 25.88
N ASN S 14 -2.25 -21.21 26.71
CA ASN S 14 -2.32 -21.46 28.15
C ASN S 14 -2.59 -20.19 28.95
N ASP S 15 -3.24 -19.20 28.34
CA ASP S 15 -3.53 -17.92 28.99
C ASP S 15 -5.01 -17.62 28.80
N PRO S 16 -5.86 -18.05 29.75
CA PRO S 16 -7.31 -17.82 29.59
C PRO S 16 -7.71 -16.36 29.54
N GLY S 17 -7.00 -15.49 30.26
CA GLY S 17 -7.29 -14.07 30.17
C GLY S 17 -6.97 -13.49 28.81
N ARG S 18 -5.82 -13.86 28.25
CA ARG S 18 -5.45 -13.39 26.93
C ARG S 18 -6.23 -14.11 25.83
N LEU S 19 -6.79 -15.30 26.13
CA LEU S 19 -7.64 -15.99 25.15
C LEU S 19 -8.97 -15.27 24.99
N ILE S 20 -9.51 -14.76 26.10
CA ILE S 20 -10.73 -13.96 26.03
C ILE S 20 -10.47 -12.66 25.28
N ALA S 21 -9.26 -12.10 25.45
CA ALA S 21 -8.91 -10.84 24.80
C ALA S 21 -8.85 -10.98 23.28
N VAL S 22 -8.23 -12.05 22.78
CA VAL S 22 -8.15 -12.22 21.33
C VAL S 22 -9.50 -12.62 20.76
N HIS S 23 -10.34 -13.28 21.56
CA HIS S 23 -11.68 -13.62 21.10
C HIS S 23 -12.59 -12.39 21.08
N LEU S 24 -12.37 -11.46 22.03
CA LEU S 24 -13.09 -10.21 22.00
C LEU S 24 -12.63 -9.31 20.87
N MET S 25 -11.34 -9.40 20.52
CA MET S 25 -10.82 -8.63 19.38
C MET S 25 -11.41 -9.15 18.07
N HIS S 26 -11.50 -10.47 17.92
CA HIS S 26 -12.13 -11.04 16.73
C HIS S 26 -13.61 -10.67 16.68
N THR S 27 -14.26 -10.64 17.83
CA THR S 27 -15.65 -10.19 17.89
C THR S 27 -15.78 -8.73 17.49
N ALA S 28 -14.81 -7.90 17.91
CA ALA S 28 -14.82 -6.48 17.53
C ALA S 28 -14.63 -6.31 16.03
N LEU S 29 -13.78 -7.12 15.42
CA LEU S 29 -13.55 -7.01 13.98
C LEU S 29 -14.75 -7.52 13.18
N VAL S 30 -15.37 -8.62 13.63
CA VAL S 30 -16.50 -9.17 12.91
C VAL S 30 -17.72 -8.27 13.03
N ALA S 31 -18.00 -7.77 14.24
CA ALA S 31 -19.09 -6.82 14.42
C ALA S 31 -18.80 -5.50 13.73
N GLY S 32 -17.52 -5.12 13.68
CA GLY S 32 -17.14 -3.92 12.94
C GLY S 32 -17.33 -4.09 11.45
N TRP S 33 -17.06 -5.29 10.94
CA TRP S 33 -17.28 -5.55 9.52
C TRP S 33 -18.76 -5.48 9.17
N ALA S 34 -19.62 -6.03 10.04
CA ALA S 34 -21.05 -6.08 9.75
C ALA S 34 -21.65 -4.68 9.70
N GLY S 35 -21.24 -3.80 10.61
CA GLY S 35 -21.70 -2.42 10.57
C GLY S 35 -21.16 -1.67 9.37
N SER S 36 -19.88 -1.90 9.05
CA SER S 36 -19.26 -1.21 7.92
C SER S 36 -19.79 -1.70 6.58
N MET S 37 -20.02 -3.01 6.46
CA MET S 37 -20.55 -3.57 5.23
C MET S 37 -21.96 -3.08 4.97
N ALA S 38 -22.77 -2.95 6.01
CA ALA S 38 -24.13 -2.48 5.86
C ALA S 38 -24.16 -1.00 5.51
N LEU S 39 -23.24 -0.22 6.08
CA LEU S 39 -23.19 1.21 5.79
C LEU S 39 -22.71 1.47 4.36
N TYR S 40 -21.72 0.71 3.90
CA TYR S 40 -21.29 0.82 2.52
C TYR S 40 -22.38 0.37 1.57
N GLU S 41 -23.10 -0.69 1.94
CA GLU S 41 -24.19 -1.19 1.11
C GLU S 41 -25.35 -0.20 1.05
N LEU S 42 -25.62 0.49 2.16
CA LEU S 42 -26.68 1.50 2.16
C LEU S 42 -26.32 2.71 1.31
N ALA S 43 -25.02 2.91 1.06
CA ALA S 43 -24.60 4.04 0.23
C ALA S 43 -24.86 3.76 -1.25
N VAL S 44 -24.69 2.51 -1.69
CA VAL S 44 -24.79 2.17 -3.10
C VAL S 44 -26.12 1.52 -3.45
N PHE S 45 -27.06 1.45 -2.50
CA PHE S 45 -28.34 0.82 -2.74
C PHE S 45 -29.32 1.79 -3.38
N ASP S 46 -30.03 1.32 -4.40
CA ASP S 46 -31.07 2.11 -5.07
C ASP S 46 -32.42 1.48 -4.75
N PRO S 47 -33.20 2.06 -3.84
CA PRO S 47 -34.48 1.44 -3.46
C PRO S 47 -35.65 1.88 -4.31
N SER S 48 -35.38 2.47 -5.48
CA SER S 48 -36.44 3.06 -6.29
C SER S 48 -37.39 2.01 -6.84
N ASP S 49 -36.86 0.91 -7.36
CA ASP S 49 -37.67 -0.11 -8.03
C ASP S 49 -37.36 -1.51 -7.48
N PRO S 50 -38.16 -2.01 -6.54
CA PRO S 50 -37.95 -3.37 -6.04
C PRO S 50 -38.46 -4.47 -6.96
N VAL S 51 -39.01 -4.12 -8.12
CA VAL S 51 -39.55 -5.11 -9.04
C VAL S 51 -38.46 -5.59 -9.99
N LEU S 52 -37.84 -4.65 -10.73
CA LEU S 52 -36.82 -4.99 -11.70
C LEU S 52 -35.41 -4.68 -11.22
N ASN S 53 -35.26 -4.01 -10.08
CA ASN S 53 -33.95 -3.77 -9.47
C ASN S 53 -33.98 -4.11 -7.99
N PRO S 54 -34.10 -5.40 -7.64
CA PRO S 54 -34.11 -5.77 -6.22
C PRO S 54 -32.71 -5.73 -5.63
N MET S 55 -32.63 -6.15 -4.37
CA MET S 55 -31.35 -6.14 -3.65
C MET S 55 -30.36 -7.11 -4.26
N TRP S 56 -30.83 -8.27 -4.71
CA TRP S 56 -29.91 -9.27 -5.22
C TRP S 56 -29.36 -8.92 -6.60
N ARG S 57 -30.01 -7.99 -7.32
CA ARG S 57 -29.44 -7.51 -8.58
C ARG S 57 -28.34 -6.49 -8.35
N GLN S 58 -28.30 -5.88 -7.17
CA GLN S 58 -27.32 -4.85 -6.83
C GLN S 58 -26.16 -5.37 -5.99
N GLY S 59 -26.04 -6.68 -5.85
CA GLY S 59 -24.94 -7.25 -5.09
C GLY S 59 -24.97 -6.98 -3.61
N MET S 60 -26.17 -7.03 -3.01
CA MET S 60 -26.36 -6.79 -1.59
C MET S 60 -26.02 -8.07 -0.83
N PHE S 61 -25.07 -8.00 0.10
CA PHE S 61 -24.70 -9.21 0.83
C PHE S 61 -25.29 -9.26 2.23
N VAL S 62 -25.04 -8.24 3.07
CA VAL S 62 -25.58 -8.27 4.43
C VAL S 62 -27.03 -7.84 4.47
N MET S 63 -27.47 -7.03 3.50
CA MET S 63 -28.85 -6.57 3.46
C MET S 63 -29.90 -7.68 3.37
N PRO S 64 -29.74 -8.76 2.58
CA PRO S 64 -30.74 -9.86 2.66
C PRO S 64 -30.84 -10.51 4.01
N PHE S 65 -29.74 -10.60 4.76
CA PHE S 65 -29.79 -11.23 6.07
C PHE S 65 -30.48 -10.33 7.10
N MET S 66 -30.37 -9.01 6.92
CA MET S 66 -31.14 -8.09 7.74
C MET S 66 -32.63 -8.19 7.41
N ALA S 67 -32.95 -8.30 6.12
CA ALA S 67 -34.35 -8.35 5.71
C ALA S 67 -34.99 -9.69 6.01
N ARG S 68 -34.19 -10.75 6.09
CA ARG S 68 -34.73 -12.07 6.37
C ARG S 68 -35.32 -12.16 7.77
N LEU S 69 -34.74 -11.47 8.73
CA LEU S 69 -35.17 -11.53 10.12
C LEU S 69 -36.09 -10.40 10.53
N GLY S 70 -36.46 -9.49 9.63
CA GLY S 70 -37.46 -8.49 9.93
C GLY S 70 -37.02 -7.04 9.79
N VAL S 71 -35.78 -6.73 9.45
CA VAL S 71 -35.36 -5.34 9.27
C VAL S 71 -35.53 -5.01 7.79
N THR S 72 -36.60 -4.28 7.47
CA THR S 72 -36.91 -3.93 6.09
C THR S 72 -37.01 -2.44 5.83
N ASP S 73 -37.17 -1.62 6.86
CA ASP S 73 -37.33 -0.18 6.69
C ASP S 73 -36.02 0.54 6.93
N SER S 74 -35.94 1.77 6.42
CA SER S 74 -34.74 2.58 6.54
C SER S 74 -35.09 3.94 7.12
N TRP S 75 -34.07 4.61 7.65
CA TRP S 75 -34.24 5.97 8.17
C TRP S 75 -34.47 6.97 7.05
N GLY S 76 -34.15 6.62 5.80
CA GLY S 76 -34.36 7.47 4.66
C GLY S 76 -35.78 7.51 4.14
N GLY S 77 -36.69 6.74 4.74
CA GLY S 77 -38.08 6.79 4.37
C GLY S 77 -38.54 5.75 3.38
N TRP S 78 -37.71 4.75 3.07
CA TRP S 78 -38.08 3.70 2.13
C TRP S 78 -38.01 2.34 2.81
N SER S 79 -38.65 1.35 2.19
CA SER S 79 -38.61 -0.02 2.66
C SER S 79 -38.26 -0.94 1.51
N ILE S 80 -37.92 -2.18 1.85
CA ILE S 80 -37.53 -3.17 0.85
C ILE S 80 -38.72 -3.55 -0.03
N THR S 81 -39.90 -3.65 0.58
CA THR S 81 -41.11 -3.96 -0.18
C THR S 81 -41.54 -2.83 -1.10
N GLY S 82 -40.98 -1.63 -0.95
CA GLY S 82 -41.32 -0.49 -1.77
C GLY S 82 -42.28 0.49 -1.12
N GLU S 83 -42.96 0.08 -0.06
CA GLU S 83 -43.89 0.96 0.63
C GLU S 83 -43.13 1.99 1.45
N SER S 84 -43.52 3.25 1.33
CA SER S 84 -42.87 4.32 2.06
C SER S 84 -43.21 4.24 3.54
N VAL S 85 -42.18 4.19 4.39
CA VAL S 85 -42.35 4.06 5.83
C VAL S 85 -42.09 5.42 6.48
N SER S 86 -42.87 5.73 7.51
CA SER S 86 -42.71 7.00 8.20
C SER S 86 -41.63 6.94 9.28
N ASN S 87 -41.84 6.10 10.29
CA ASN S 87 -40.92 6.00 11.43
C ASN S 87 -40.59 4.54 11.68
N PRO S 88 -39.36 4.10 11.41
CA PRO S 88 -38.99 2.70 11.65
C PRO S 88 -38.48 2.45 13.05
N GLY S 89 -38.10 3.50 13.76
CA GLY S 89 -37.46 3.35 15.05
C GLY S 89 -35.97 3.15 14.90
N ILE S 90 -35.35 2.64 15.98
CA ILE S 90 -33.92 2.39 15.92
C ILE S 90 -33.59 1.24 14.98
N TRP S 91 -34.38 0.17 15.00
CA TRP S 91 -34.05 -1.02 14.21
C TRP S 91 -34.45 -0.85 12.74
N SER S 92 -33.78 0.10 12.10
CA SER S 92 -33.79 0.24 10.66
C SER S 92 -32.48 -0.35 10.12
N PHE S 93 -32.25 -0.17 8.82
CA PHE S 93 -30.99 -0.63 8.24
C PHE S 93 -29.80 0.14 8.79
N GLU S 94 -29.96 1.46 8.95
CA GLU S 94 -28.86 2.27 9.46
C GLU S 94 -28.67 2.06 10.96
N GLY S 95 -29.77 1.90 11.70
CA GLY S 95 -29.66 1.67 13.13
C GLY S 95 -29.04 0.33 13.48
N VAL S 96 -29.34 -0.69 12.69
CA VAL S 96 -28.69 -1.99 12.88
C VAL S 96 -27.20 -1.88 12.58
N ALA S 97 -26.85 -1.18 11.51
CA ALA S 97 -25.45 -0.99 11.15
C ALA S 97 -24.70 -0.18 12.21
N LEU S 98 -25.34 0.85 12.76
CA LEU S 98 -24.67 1.68 13.76
C LEU S 98 -24.50 0.95 15.08
N THR S 99 -25.46 0.10 15.45
CA THR S 99 -25.35 -0.64 16.70
C THR S 99 -24.22 -1.66 16.64
N HIS S 100 -23.98 -2.25 15.47
CA HIS S 100 -22.87 -3.17 15.31
C HIS S 100 -21.53 -2.44 15.41
N ILE S 101 -21.51 -1.17 15.00
CA ILE S 101 -20.30 -0.36 15.12
C ILE S 101 -20.02 -0.05 16.58
N VAL S 102 -21.07 0.33 17.33
CA VAL S 102 -20.91 0.63 18.75
C VAL S 102 -20.53 -0.62 19.53
N LEU S 103 -21.12 -1.76 19.15
CA LEU S 103 -20.75 -3.03 19.77
C LEU S 103 -19.31 -3.39 19.46
N SER S 104 -18.84 -3.07 18.25
CA SER S 104 -17.45 -3.33 17.88
C SER S 104 -16.48 -2.53 18.74
N GLY S 105 -16.80 -1.26 18.98
CA GLY S 105 -15.93 -0.44 19.81
C GLY S 105 -15.90 -0.89 21.27
N LEU S 106 -17.06 -1.30 21.79
CA LEU S 106 -17.12 -1.76 23.17
C LEU S 106 -16.38 -3.08 23.35
N CYS S 107 -16.46 -3.97 22.37
CA CYS S 107 -15.68 -5.20 22.41
C CYS S 107 -14.19 -4.91 22.28
N PHE S 108 -13.83 -3.87 21.52
CA PHE S 108 -12.44 -3.46 21.39
C PHE S 108 -11.89 -2.98 22.73
N LEU S 109 -12.68 -2.20 23.46
CA LEU S 109 -12.27 -1.72 24.78
C LEU S 109 -12.22 -2.86 25.79
N ALA S 110 -13.14 -3.81 25.69
CA ALA S 110 -13.15 -4.95 26.60
C ALA S 110 -11.98 -5.88 26.31
N ALA S 111 -11.57 -5.99 25.05
CA ALA S 111 -10.42 -6.80 24.69
C ALA S 111 -9.14 -6.22 25.27
N ILE S 112 -9.04 -4.89 25.33
CA ILE S 112 -7.88 -4.24 25.91
C ILE S 112 -7.79 -4.53 27.41
N TRP S 113 -8.93 -4.46 28.11
CA TRP S 113 -8.95 -4.73 29.54
C TRP S 113 -8.55 -6.17 29.85
N HIS S 114 -9.07 -7.12 29.08
CA HIS S 114 -8.75 -8.52 29.35
C HIS S 114 -7.33 -8.86 28.94
N TRP S 115 -6.78 -8.13 27.97
CA TRP S 115 -5.38 -8.29 27.61
C TRP S 115 -4.48 -7.76 28.72
N VAL S 116 -4.80 -6.58 29.26
CA VAL S 116 -3.97 -5.97 30.30
C VAL S 116 -4.13 -6.72 31.62
N TYR S 117 -5.37 -7.00 32.02
CA TYR S 117 -5.63 -7.70 33.27
C TYR S 117 -5.85 -9.19 32.99
N TRP S 118 -4.79 -9.82 32.50
CA TRP S 118 -4.83 -11.24 32.18
C TRP S 118 -4.80 -12.12 33.41
N ASP S 119 -4.13 -11.68 34.48
CA ASP S 119 -3.88 -12.52 35.65
C ASP S 119 -5.01 -12.35 36.66
N LEU S 120 -6.10 -13.05 36.39
CA LEU S 120 -7.24 -13.08 37.30
C LEU S 120 -7.22 -14.39 38.09
N GLU S 121 -7.68 -14.32 39.34
CA GLU S 121 -7.76 -15.51 40.19
C GLU S 121 -8.79 -16.51 39.66
N LEU S 122 -9.76 -16.03 38.87
CA LEU S 122 -10.78 -16.91 38.30
C LEU S 122 -10.18 -17.97 37.39
N PHE S 123 -9.11 -17.66 36.68
CA PHE S 123 -8.49 -18.58 35.75
C PHE S 123 -7.49 -19.52 36.41
N ARG S 124 -7.30 -19.42 37.72
CA ARG S 124 -6.32 -20.23 38.43
C ARG S 124 -7.01 -21.38 39.14
N ASP S 125 -6.44 -22.58 39.02
CA ASP S 125 -6.95 -23.73 39.73
C ASP S 125 -6.59 -23.60 41.21
N PRO S 126 -7.55 -23.65 42.13
CA PRO S 126 -7.22 -23.50 43.56
C PRO S 126 -6.38 -24.63 44.11
N ARG S 127 -6.42 -25.81 43.50
CA ARG S 127 -5.63 -26.93 43.99
C ARG S 127 -4.15 -26.80 43.65
N THR S 128 -3.82 -26.33 42.44
CA THR S 128 -2.44 -26.27 41.98
C THR S 128 -1.90 -24.87 41.76
N GLY S 129 -2.74 -23.87 41.53
CA GLY S 129 -2.28 -22.53 41.23
C GLY S 129 -1.93 -22.28 39.78
N GLU S 130 -1.99 -23.31 38.94
CA GLU S 130 -1.73 -23.18 37.51
C GLU S 130 -2.97 -22.67 36.79
N PRO S 131 -2.79 -22.01 35.64
CA PRO S 131 -3.96 -21.61 34.84
C PRO S 131 -4.70 -22.83 34.31
N ALA S 132 -6.01 -22.87 34.58
CA ALA S 132 -6.81 -24.03 34.20
C ALA S 132 -8.21 -23.57 33.81
N LEU S 133 -8.78 -24.27 32.83
CA LEU S 133 -10.15 -24.06 32.39
C LEU S 133 -10.89 -25.38 32.48
N ASP S 134 -11.92 -25.43 33.31
CA ASP S 134 -12.74 -26.64 33.43
C ASP S 134 -13.67 -26.68 32.22
N LEU S 135 -13.15 -27.22 31.12
CA LEU S 135 -13.86 -27.19 29.84
C LEU S 135 -15.21 -27.90 29.82
N PRO S 136 -15.40 -29.09 30.42
CA PRO S 136 -16.77 -29.67 30.44
C PRO S 136 -17.79 -28.81 31.16
N LYS S 137 -17.40 -28.11 32.23
CA LYS S 137 -18.34 -27.23 32.92
C LYS S 137 -18.61 -25.97 32.09
N ILE S 138 -17.57 -25.44 31.44
CA ILE S 138 -17.74 -24.27 30.57
C ILE S 138 -18.67 -24.60 29.41
N PHE S 139 -18.57 -25.83 28.90
CA PHE S 139 -19.46 -26.28 27.84
C PHE S 139 -20.90 -26.29 28.29
N GLY S 140 -21.17 -26.74 29.52
CA GLY S 140 -22.53 -26.76 30.02
C GLY S 140 -23.11 -25.37 30.18
N ILE S 141 -22.28 -24.41 30.61
CA ILE S 141 -22.73 -23.03 30.73
C ILE S 141 -23.06 -22.45 29.35
N HIS S 142 -22.16 -22.67 28.39
CA HIS S 142 -22.34 -22.10 27.06
C HIS S 142 -23.46 -22.79 26.29
N LEU S 143 -23.65 -24.09 26.51
CA LEU S 143 -24.75 -24.80 25.84
C LEU S 143 -26.10 -24.37 26.39
N PHE S 144 -26.18 -24.14 27.70
CA PHE S 144 -27.41 -23.63 28.30
C PHE S 144 -27.73 -22.24 27.80
N LEU S 145 -26.70 -21.39 27.68
CA LEU S 145 -26.91 -20.03 27.21
C LEU S 145 -27.30 -19.99 25.73
N ALA S 146 -26.68 -20.86 24.92
CA ALA S 146 -27.00 -20.90 23.50
C ALA S 146 -28.41 -21.45 23.26
N SER S 147 -28.79 -22.48 24.03
CA SER S 147 -30.12 -23.07 23.87
C SER S 147 -31.22 -22.12 24.33
N LEU S 148 -30.92 -21.29 25.33
CA LEU S 148 -31.86 -20.26 25.75
C LEU S 148 -32.08 -19.25 24.64
N LEU S 149 -31.02 -18.89 23.92
CA LEU S 149 -31.16 -18.00 22.78
C LEU S 149 -31.83 -18.69 21.60
N CYS S 150 -31.53 -19.98 21.41
CA CYS S 150 -32.16 -20.74 20.33
C CYS S 150 -33.66 -20.87 20.57
N PHE S 151 -34.05 -21.19 21.80
CA PHE S 151 -35.47 -21.28 22.13
C PHE S 151 -36.14 -19.92 22.03
N GLY S 152 -35.48 -18.87 22.54
CA GLY S 152 -36.08 -17.55 22.52
C GLY S 152 -36.24 -16.99 21.12
N PHE S 153 -35.30 -17.30 20.23
CA PHE S 153 -35.40 -16.87 18.84
C PHE S 153 -36.58 -17.55 18.16
N GLY S 154 -36.74 -18.85 18.38
CA GLY S 154 -37.84 -19.56 17.74
C GLY S 154 -39.19 -19.22 18.34
N ALA S 155 -39.27 -19.18 19.67
CA ALA S 155 -40.55 -19.00 20.34
C ALA S 155 -41.08 -17.58 20.28
N PHE S 156 -40.21 -16.57 20.22
CA PHE S 156 -40.65 -15.18 20.30
C PHE S 156 -40.37 -14.39 19.04
N HIS S 157 -39.17 -14.50 18.47
CA HIS S 157 -38.85 -13.72 17.27
C HIS S 157 -39.57 -14.28 16.06
N VAL S 158 -39.41 -15.57 15.79
CA VAL S 158 -39.95 -16.15 14.56
C VAL S 158 -41.46 -16.23 14.61
N THR S 159 -42.02 -16.70 15.73
CA THR S 159 -43.47 -16.86 15.83
C THR S 159 -44.21 -15.55 15.96
N GLY S 160 -43.50 -14.45 16.22
CA GLY S 160 -44.14 -13.16 16.36
C GLY S 160 -44.85 -12.97 17.69
N ALA S 161 -44.68 -13.87 18.65
CA ALA S 161 -45.27 -13.69 19.97
C ALA S 161 -44.70 -12.44 20.64
N PHE S 162 -43.38 -12.32 20.66
CA PHE S 162 -42.70 -11.07 20.97
C PHE S 162 -41.55 -10.95 19.98
N GLY S 163 -41.87 -10.42 18.80
CA GLY S 163 -40.89 -10.33 17.73
C GLY S 163 -41.53 -10.02 16.39
N PRO S 164 -40.69 -9.67 15.40
CA PRO S 164 -41.22 -9.23 14.10
C PRO S 164 -41.61 -10.36 13.17
N GLY S 165 -41.17 -11.58 13.41
CA GLY S 165 -41.34 -12.64 12.44
C GLY S 165 -40.16 -12.71 11.50
N ILE S 166 -40.33 -13.48 10.43
CA ILE S 166 -39.29 -13.65 9.42
C ILE S 166 -39.90 -13.43 8.04
N TRP S 167 -39.02 -13.32 7.06
CA TRP S 167 -39.46 -13.10 5.68
C TRP S 167 -40.10 -14.35 5.12
N VAL S 168 -41.32 -14.22 4.60
CA VAL S 168 -42.01 -15.31 3.93
C VAL S 168 -42.56 -14.78 2.62
N SER S 169 -42.71 -15.67 1.64
CA SER S 169 -43.20 -15.28 0.33
C SER S 169 -44.10 -16.37 -0.25
N ASP S 170 -44.56 -16.16 -1.48
CA ASP S 170 -45.30 -17.18 -2.18
C ASP S 170 -44.32 -18.12 -2.88
N ALA S 171 -44.86 -19.10 -3.62
CA ALA S 171 -44.01 -20.07 -4.29
C ALA S 171 -43.24 -19.50 -5.47
N TYR S 172 -43.56 -18.28 -5.89
CA TYR S 172 -42.92 -17.68 -7.05
C TYR S 172 -42.30 -16.32 -6.75
N GLY S 173 -42.25 -15.93 -5.47
CA GLY S 173 -41.53 -14.74 -5.04
C GLY S 173 -42.04 -13.43 -5.56
N VAL S 174 -43.35 -13.24 -5.60
CA VAL S 174 -43.93 -11.96 -5.99
C VAL S 174 -44.53 -11.20 -4.82
N THR S 175 -44.99 -11.89 -3.77
CA THR S 175 -45.56 -11.27 -2.58
C THR S 175 -44.72 -11.70 -1.38
N GLY S 176 -43.65 -10.97 -1.11
CA GLY S 176 -42.76 -11.26 0.01
C GLY S 176 -42.92 -10.20 1.08
N ARG S 177 -42.97 -10.65 2.33
CA ARG S 177 -43.16 -9.74 3.46
C ARG S 177 -42.65 -10.41 4.73
N VAL S 178 -42.36 -9.59 5.73
CA VAL S 178 -41.99 -10.09 7.05
C VAL S 178 -43.26 -10.36 7.82
N GLN S 179 -43.39 -11.57 8.34
CA GLN S 179 -44.65 -12.01 8.93
C GLN S 179 -44.36 -13.05 10.01
N ALA S 180 -45.20 -13.05 11.04
CA ALA S 180 -45.12 -14.06 12.08
C ALA S 180 -45.42 -15.44 11.50
N VAL S 181 -44.65 -16.44 11.94
CA VAL S 181 -44.72 -17.78 11.37
C VAL S 181 -45.07 -18.76 12.47
N ALA S 182 -46.20 -19.43 12.33
CA ALA S 182 -46.60 -20.43 13.31
C ALA S 182 -45.73 -21.68 13.16
N PRO S 183 -45.35 -22.32 14.27
CA PRO S 183 -44.52 -23.53 14.17
C PRO S 183 -45.31 -24.69 13.59
N ALA S 184 -44.62 -25.46 12.73
CA ALA S 184 -45.20 -26.66 12.11
C ALA S 184 -44.63 -27.86 12.84
N TRP S 185 -45.46 -28.50 13.66
CA TRP S 185 -45.01 -29.58 14.52
C TRP S 185 -45.12 -30.96 13.89
N GLY S 186 -45.71 -31.07 12.70
CA GLY S 186 -45.84 -32.34 12.04
C GLY S 186 -44.63 -32.67 11.20
N PRO S 187 -44.78 -33.63 10.28
CA PRO S 187 -43.67 -33.95 9.38
C PRO S 187 -43.40 -32.86 8.35
N GLU S 188 -44.33 -31.92 8.18
CA GLU S 188 -44.13 -30.79 7.27
C GLU S 188 -43.11 -29.78 7.77
N GLY S 189 -42.72 -29.86 9.05
CA GLY S 189 -41.66 -29.01 9.54
C GLY S 189 -40.29 -29.38 8.99
N PHE S 190 -40.15 -30.61 8.49
CA PHE S 190 -38.91 -31.05 7.87
C PHE S 190 -38.87 -30.79 6.38
N ASN S 191 -39.92 -30.19 5.82
CA ASN S 191 -39.84 -29.64 4.49
C ASN S 191 -38.96 -28.40 4.56
N PRO S 192 -37.83 -28.36 3.85
CA PRO S 192 -36.93 -27.20 3.99
C PRO S 192 -37.50 -25.90 3.47
N PHE S 193 -38.49 -25.96 2.58
CA PHE S 193 -39.12 -24.75 2.06
C PHE S 193 -40.28 -24.28 2.92
N ASN S 194 -40.68 -25.05 3.91
CA ASN S 194 -41.77 -24.65 4.81
C ASN S 194 -41.20 -23.77 5.90
N PRO S 195 -41.58 -22.49 5.99
CA PRO S 195 -41.03 -21.62 7.04
C PRO S 195 -41.50 -21.98 8.44
N GLY S 196 -42.57 -22.76 8.57
CA GLY S 196 -43.01 -23.21 9.88
C GLY S 196 -42.04 -24.14 10.56
N GLY S 197 -41.18 -24.80 9.79
CA GLY S 197 -40.15 -25.64 10.38
C GLY S 197 -39.10 -24.87 11.13
N ILE S 198 -38.84 -23.62 10.72
CA ILE S 198 -37.83 -22.80 11.39
C ILE S 198 -38.26 -22.49 12.82
N ALA S 199 -39.53 -22.14 13.01
CA ALA S 199 -40.03 -21.85 14.35
C ALA S 199 -40.05 -23.10 15.21
N SER S 200 -40.49 -24.23 14.64
CA SER S 200 -40.63 -25.45 15.43
C SER S 200 -39.27 -26.08 15.71
N HIS S 201 -38.29 -25.89 14.83
CA HIS S 201 -36.96 -26.44 15.07
C HIS S 201 -36.30 -25.76 16.27
N HIS S 202 -36.32 -24.42 16.29
CA HIS S 202 -35.60 -23.70 17.33
C HIS S 202 -36.27 -23.86 18.70
N ILE S 203 -37.58 -24.10 18.71
CA ILE S 203 -38.25 -24.41 19.97
C ILE S 203 -37.87 -25.81 20.45
N ALA S 204 -37.91 -26.78 19.53
CA ALA S 204 -37.63 -28.17 19.93
C ALA S 204 -36.14 -28.38 20.20
N ALA S 205 -35.27 -27.86 19.34
CA ALA S 205 -33.84 -28.00 19.57
C ALA S 205 -33.39 -27.15 20.76
N GLY S 206 -34.04 -26.00 20.96
CA GLY S 206 -33.72 -25.18 22.11
C GLY S 206 -34.09 -25.84 23.42
N ILE S 207 -35.24 -26.51 23.47
CA ILE S 207 -35.67 -27.22 24.68
C ILE S 207 -34.72 -28.37 24.98
N LEU S 208 -34.36 -29.14 23.95
CA LEU S 208 -33.45 -30.27 24.13
C LEU S 208 -32.06 -29.79 24.53
N GLY S 209 -31.62 -28.66 23.99
CA GLY S 209 -30.34 -28.10 24.38
C GLY S 209 -30.33 -27.61 25.82
N ILE S 210 -31.45 -27.07 26.29
CA ILE S 210 -31.56 -26.68 27.69
C ILE S 210 -31.47 -27.90 28.59
N LEU S 211 -32.16 -28.98 28.22
CA LEU S 211 -32.08 -30.23 28.96
C LEU S 211 -30.66 -30.82 28.89
N ALA S 212 -30.02 -30.71 27.73
CA ALA S 212 -28.63 -31.15 27.61
C ALA S 212 -27.70 -30.24 28.42
N GLY S 213 -28.00 -28.95 28.46
CA GLY S 213 -27.21 -28.04 29.27
C GLY S 213 -27.31 -28.33 30.75
N VAL S 214 -28.49 -28.77 31.20
CA VAL S 214 -28.67 -29.18 32.59
C VAL S 214 -27.84 -30.42 32.87
N PHE S 215 -27.83 -31.38 31.94
CA PHE S 215 -27.00 -32.57 32.09
C PHE S 215 -25.52 -32.21 32.12
N HIS S 216 -25.08 -31.35 31.21
CA HIS S 216 -23.67 -31.04 31.10
C HIS S 216 -23.19 -30.11 32.22
N LEU S 217 -24.11 -29.48 32.94
CA LEU S 217 -23.77 -28.67 34.11
C LEU S 217 -23.80 -29.48 35.40
N THR S 218 -24.28 -30.71 35.36
CA THR S 218 -24.48 -31.52 36.55
C THR S 218 -23.64 -32.79 36.56
N ILE S 219 -23.58 -33.51 35.44
CA ILE S 219 -22.87 -34.78 35.37
C ILE S 219 -21.49 -34.55 34.79
N ARG S 220 -20.46 -35.01 35.50
CA ARG S 220 -19.08 -34.93 35.06
C ARG S 220 -18.81 -35.96 33.95
N PRO S 221 -17.80 -35.72 33.12
CA PRO S 221 -17.52 -36.67 32.03
C PRO S 221 -17.02 -37.99 32.57
N PRO S 222 -17.17 -39.07 31.81
CA PRO S 222 -16.53 -40.33 32.17
C PRO S 222 -15.02 -40.19 32.12
N GLN S 223 -14.34 -40.96 32.99
CA GLN S 223 -12.88 -40.93 33.04
C GLN S 223 -12.29 -41.42 31.73
N ARG S 224 -12.85 -42.48 31.17
CA ARG S 224 -12.32 -43.04 29.94
C ARG S 224 -12.61 -42.14 28.74
N LEU S 225 -13.72 -41.40 28.80
CA LEU S 225 -14.02 -40.43 27.75
C LEU S 225 -13.17 -39.17 27.89
N TYR S 226 -12.85 -38.80 29.14
CA TYR S 226 -11.98 -37.65 29.38
C TYR S 226 -10.58 -37.89 28.85
N ARG S 227 -10.06 -39.11 29.04
CA ARG S 227 -8.71 -39.42 28.58
C ARG S 227 -8.67 -39.64 27.07
N ALA S 228 -9.72 -40.26 26.51
CA ALA S 228 -9.73 -40.54 25.08
C ALA S 228 -9.85 -39.27 24.26
N LEU S 229 -10.66 -38.32 24.71
CA LEU S 229 -10.88 -37.08 23.98
C LEU S 229 -9.97 -35.96 24.44
N ARG S 230 -9.12 -36.21 25.44
CA ARG S 230 -8.19 -35.22 26.01
C ARG S 230 -8.92 -33.95 26.44
N MET S 231 -9.93 -34.12 27.28
CA MET S 231 -10.80 -33.01 27.67
C MET S 231 -10.10 -31.96 28.54
N GLY S 232 -8.91 -32.27 29.05
CA GLY S 232 -8.12 -31.28 29.75
C GLY S 232 -7.31 -30.38 28.85
N ASN S 233 -7.38 -30.60 27.53
CA ASN S 233 -6.61 -29.83 26.55
C ASN S 233 -7.57 -28.92 25.79
N ILE S 234 -7.21 -27.63 25.68
CA ILE S 234 -8.01 -26.66 24.97
C ILE S 234 -8.02 -26.90 23.46
N GLU S 235 -7.08 -27.68 22.93
CA GLU S 235 -7.09 -27.92 21.50
C GLU S 235 -8.10 -28.98 21.08
N THR S 236 -8.64 -29.76 22.03
CA THR S 236 -9.61 -30.79 21.63
C THR S 236 -10.98 -30.17 21.32
N VAL S 237 -11.32 -29.07 21.98
CA VAL S 237 -12.56 -28.38 21.65
C VAL S 237 -12.37 -27.56 20.39
N LEU S 238 -11.15 -27.08 20.11
CA LEU S 238 -10.88 -26.39 18.86
C LEU S 238 -11.08 -27.32 17.67
N SER S 239 -10.59 -28.56 17.78
CA SER S 239 -10.76 -29.51 16.69
C SER S 239 -12.21 -29.92 16.51
N SER S 240 -12.95 -30.08 17.61
CA SER S 240 -14.34 -30.49 17.52
C SER S 240 -15.24 -29.34 17.09
N SER S 241 -14.94 -28.11 17.56
CA SER S 241 -15.74 -26.96 17.14
C SER S 241 -15.52 -26.65 15.67
N ILE S 242 -14.29 -26.81 15.18
CA ILE S 242 -14.00 -26.63 13.77
C ILE S 242 -14.78 -27.64 12.93
N SER S 243 -14.89 -28.88 13.44
CA SER S 243 -15.65 -29.91 12.74
C SER S 243 -17.14 -29.56 12.69
N ALA S 244 -17.69 -29.06 13.79
CA ALA S 244 -19.08 -28.65 13.80
C ALA S 244 -19.29 -27.40 12.96
N VAL S 245 -18.25 -26.59 12.82
CA VAL S 245 -18.35 -25.34 12.07
C VAL S 245 -18.38 -25.62 10.56
N PHE S 246 -17.55 -26.55 10.08
CA PHE S 246 -17.62 -26.85 8.65
C PHE S 246 -18.81 -27.76 8.34
N PHE S 247 -19.29 -28.51 9.34
CA PHE S 247 -20.52 -29.28 9.16
C PHE S 247 -21.70 -28.35 8.89
N ALA S 248 -21.75 -27.24 9.62
CA ALA S 248 -22.84 -26.29 9.42
C ALA S 248 -22.67 -25.52 8.12
N ALA S 249 -21.42 -25.22 7.75
CA ALA S 249 -21.17 -24.42 6.55
C ALA S 249 -21.47 -25.20 5.28
N PHE S 250 -21.26 -26.51 5.29
CA PHE S 250 -21.65 -27.34 4.15
C PHE S 250 -23.17 -27.37 4.02
N ILE S 251 -23.88 -27.38 5.15
CA ILE S 251 -25.34 -27.42 5.11
C ILE S 251 -25.90 -26.08 4.64
N THR S 252 -25.36 -24.96 5.15
CA THR S 252 -25.83 -23.65 4.70
C THR S 252 -25.43 -23.37 3.26
N SER S 253 -24.41 -24.04 2.74
CA SER S 253 -24.08 -23.87 1.33
C SER S 253 -25.11 -24.59 0.45
N GLY S 254 -25.49 -25.81 0.84
CA GLY S 254 -26.52 -26.52 0.09
C GLY S 254 -27.89 -25.89 0.25
N THR S 255 -28.21 -25.41 1.45
CA THR S 255 -29.48 -24.74 1.69
C THR S 255 -29.59 -23.47 0.84
N MET S 256 -28.49 -22.73 0.72
CA MET S 256 -28.50 -21.54 -0.15
C MET S 256 -28.57 -21.92 -1.62
N TRP S 257 -27.81 -22.95 -2.04
CA TRP S 257 -27.75 -23.30 -3.45
C TRP S 257 -29.05 -23.95 -3.92
N TYR S 258 -29.55 -24.93 -3.17
CA TYR S 258 -30.78 -25.60 -3.57
C TYR S 258 -32.03 -24.82 -3.21
N GLY S 259 -31.91 -23.81 -2.36
CA GLY S 259 -33.05 -23.03 -1.95
C GLY S 259 -33.76 -23.64 -0.75
N ALA S 260 -34.24 -22.81 0.15
CA ALA S 260 -35.02 -23.23 1.30
C ALA S 260 -35.84 -22.04 1.77
N ALA S 261 -36.60 -22.24 2.84
CA ALA S 261 -37.35 -21.14 3.42
C ALA S 261 -36.46 -20.09 4.04
N THR S 262 -35.23 -20.46 4.40
CA THR S 262 -34.26 -19.51 4.95
C THR S 262 -33.52 -18.74 3.87
N THR S 263 -33.68 -19.10 2.60
CA THR S 263 -33.05 -18.38 1.49
C THR S 263 -34.11 -18.06 0.44
N PRO S 264 -34.98 -17.10 0.72
CA PRO S 264 -36.03 -16.76 -0.26
C PRO S 264 -35.46 -16.05 -1.48
N ILE S 265 -36.15 -16.23 -2.61
CA ILE S 265 -35.67 -15.70 -3.88
C ILE S 265 -35.85 -14.19 -3.98
N GLU S 266 -36.69 -13.59 -3.13
CA GLU S 266 -36.82 -12.14 -3.18
C GLU S 266 -35.67 -11.43 -2.50
N LEU S 267 -34.89 -12.14 -1.70
CA LEU S 267 -33.74 -11.56 -1.01
C LEU S 267 -32.42 -12.01 -1.60
N PHE S 268 -32.32 -13.25 -2.07
CA PHE S 268 -31.07 -13.78 -2.59
C PHE S 268 -31.10 -14.04 -4.10
N GLY S 269 -32.25 -13.93 -4.74
CA GLY S 269 -32.37 -14.23 -6.15
C GLY S 269 -32.82 -15.66 -6.37
N PRO S 270 -33.18 -15.99 -7.60
CA PRO S 270 -33.60 -17.35 -7.92
C PRO S 270 -32.43 -18.32 -7.89
N THR S 271 -32.75 -19.60 -7.85
CA THR S 271 -31.74 -20.64 -7.90
C THR S 271 -31.53 -21.11 -9.33
N ARG S 272 -30.45 -21.86 -9.54
CA ARG S 272 -30.16 -22.37 -10.88
C ARG S 272 -31.11 -23.49 -11.27
N TYR S 273 -31.71 -24.16 -10.27
CA TYR S 273 -32.59 -25.28 -10.55
C TYR S 273 -33.99 -24.81 -10.93
N GLN S 274 -34.32 -23.54 -10.69
CA GLN S 274 -35.58 -23.00 -11.17
C GLN S 274 -35.51 -22.74 -12.67
N TRP S 275 -34.34 -22.35 -13.17
CA TRP S 275 -34.18 -22.18 -14.62
C TRP S 275 -34.04 -23.53 -15.32
N ASP S 276 -33.41 -24.50 -14.66
CA ASP S 276 -33.19 -25.81 -15.26
C ASP S 276 -34.51 -26.52 -15.53
N SER S 277 -35.44 -26.45 -14.58
CA SER S 277 -36.72 -27.12 -14.70
C SER S 277 -37.80 -26.24 -15.31
N GLY S 278 -37.49 -25.00 -15.67
CA GLY S 278 -38.49 -24.07 -16.16
C GLY S 278 -39.54 -23.75 -15.13
N TYR S 279 -39.11 -23.50 -13.89
CA TYR S 279 -40.04 -23.31 -12.78
C TYR S 279 -40.90 -22.06 -12.97
N PHE S 280 -40.25 -20.94 -13.30
CA PHE S 280 -41.02 -19.72 -13.55
C PHE S 280 -41.67 -19.75 -14.92
N GLN S 281 -41.06 -20.44 -15.88
CA GLN S 281 -41.63 -20.53 -17.22
C GLN S 281 -42.95 -21.28 -17.19
N GLN S 282 -42.99 -22.44 -16.53
CA GLN S 282 -44.19 -23.26 -16.50
C GLN S 282 -45.35 -22.55 -15.82
N GLU S 283 -45.06 -21.81 -14.75
CA GLU S 283 -46.10 -21.04 -14.08
C GLU S 283 -46.59 -19.90 -14.95
N ILE S 284 -45.69 -19.33 -15.76
CA ILE S 284 -46.07 -18.23 -16.65
C ILE S 284 -47.02 -18.72 -17.73
N GLU S 285 -46.72 -19.88 -18.35
CA GLU S 285 -47.64 -20.42 -19.35
C GLU S 285 -48.91 -20.94 -18.69
N ARG S 286 -48.84 -21.35 -17.42
CA ARG S 286 -50.05 -21.79 -16.73
C ARG S 286 -51.00 -20.63 -16.48
N ARG S 287 -50.46 -19.46 -16.13
CA ARG S 287 -51.30 -18.29 -15.92
C ARG S 287 -51.82 -17.74 -17.24
N VAL S 288 -51.03 -17.86 -18.32
CA VAL S 288 -51.47 -17.42 -19.63
C VAL S 288 -52.57 -18.33 -20.17
N GLU S 289 -52.40 -19.65 -20.02
CA GLU S 289 -53.40 -20.60 -20.50
C GLU S 289 -54.69 -20.49 -19.71
N ALA S 290 -54.61 -20.08 -18.43
CA ALA S 290 -55.81 -19.84 -17.65
C ALA S 290 -56.57 -18.62 -18.17
N SER S 291 -55.83 -17.60 -18.60
CA SER S 291 -56.46 -16.39 -19.12
C SER S 291 -57.04 -16.63 -20.51
N ILE S 292 -56.42 -17.53 -21.29
CA ILE S 292 -56.94 -17.87 -22.61
C ILE S 292 -58.28 -18.58 -22.48
N SER S 293 -58.39 -19.50 -21.52
CA SER S 293 -59.65 -20.18 -21.27
C SER S 293 -60.73 -19.25 -20.74
N GLU S 294 -60.35 -18.10 -20.17
CA GLU S 294 -61.30 -17.10 -19.73
C GLU S 294 -61.83 -16.26 -20.88
N GLY S 295 -61.26 -16.39 -22.08
CA GLY S 295 -61.71 -15.65 -23.24
C GLY S 295 -60.87 -14.43 -23.60
N LEU S 296 -59.81 -14.17 -22.85
CA LEU S 296 -58.96 -13.03 -23.15
C LEU S 296 -58.11 -13.31 -24.39
N SER S 297 -57.79 -12.25 -25.13
CA SER S 297 -56.87 -12.36 -26.25
C SER S 297 -55.45 -12.54 -25.74
N LEU S 298 -54.55 -12.93 -26.65
CA LEU S 298 -53.15 -13.17 -26.31
C LEU S 298 -52.47 -11.91 -25.76
N SER S 299 -52.85 -10.75 -26.28
CA SER S 299 -52.28 -9.48 -25.83
C SER S 299 -52.65 -9.19 -24.38
N GLN S 300 -53.92 -9.40 -24.01
CA GLN S 300 -54.33 -9.12 -22.63
C GLN S 300 -53.99 -10.28 -21.71
N ALA S 301 -53.93 -11.51 -22.24
CA ALA S 301 -53.54 -12.65 -21.42
C ALA S 301 -52.10 -12.52 -20.95
N TRP S 302 -51.20 -12.13 -21.85
CA TRP S 302 -49.81 -11.92 -21.50
C TRP S 302 -49.59 -10.61 -20.76
N SER S 303 -50.58 -9.70 -20.78
CA SER S 303 -50.45 -8.45 -20.04
C SER S 303 -50.72 -8.64 -18.55
N ARG S 304 -51.42 -9.70 -18.16
CA ARG S 304 -51.65 -9.96 -16.75
C ARG S 304 -50.41 -10.52 -16.05
N ILE S 305 -49.44 -11.01 -16.82
CA ILE S 305 -48.22 -11.58 -16.25
C ILE S 305 -47.43 -10.46 -15.60
N PRO S 306 -47.12 -10.56 -14.29
CA PRO S 306 -46.36 -9.50 -13.63
C PRO S 306 -44.93 -9.43 -14.14
N ASP S 307 -44.37 -8.22 -14.08
CA ASP S 307 -42.99 -8.01 -14.50
C ASP S 307 -42.01 -8.71 -13.56
N LYS S 308 -42.38 -8.83 -12.28
CA LYS S 308 -41.52 -9.56 -11.33
C LYS S 308 -41.46 -11.05 -11.67
N LEU S 309 -42.60 -11.62 -12.08
CA LEU S 309 -42.62 -13.03 -12.44
C LEU S 309 -41.85 -13.27 -13.74
N ALA S 310 -41.93 -12.33 -14.69
CA ALA S 310 -41.20 -12.49 -15.94
C ALA S 310 -39.71 -12.26 -15.74
N PHE S 311 -39.33 -11.42 -14.76
CA PHE S 311 -37.93 -11.17 -14.51
C PHE S 311 -37.23 -12.40 -13.94
N TYR S 312 -37.96 -13.23 -13.20
CA TYR S 312 -37.38 -14.46 -12.67
C TYR S 312 -37.11 -15.47 -13.77
N ASP S 313 -37.86 -15.41 -14.87
CA ASP S 313 -37.69 -16.32 -15.99
C ASP S 313 -36.70 -15.77 -17.01
N TYR S 314 -35.52 -15.40 -16.52
CA TYR S 314 -34.47 -14.80 -17.35
C TYR S 314 -33.14 -15.37 -16.88
N ILE S 315 -32.32 -15.85 -17.83
CA ILE S 315 -31.09 -16.53 -17.48
C ILE S 315 -30.02 -15.58 -16.93
N GLY S 316 -30.21 -14.27 -17.08
CA GLY S 316 -29.29 -13.34 -16.46
C GLY S 316 -29.45 -13.24 -14.97
N ASN S 317 -30.56 -13.76 -14.43
CA ASN S 317 -30.76 -13.86 -13.00
C ASN S 317 -30.36 -15.23 -12.46
N ASN S 318 -29.89 -16.13 -13.32
CA ASN S 318 -29.40 -17.42 -12.87
C ASN S 318 -28.08 -17.25 -12.13
N PRO S 319 -27.95 -17.78 -10.91
CA PRO S 319 -26.67 -17.68 -10.20
C PRO S 319 -25.56 -18.52 -10.82
N ALA S 320 -25.89 -19.48 -11.67
CA ALA S 320 -24.90 -20.33 -12.32
C ALA S 320 -24.51 -19.81 -13.69
N LYS S 321 -24.56 -18.49 -13.89
CA LYS S 321 -24.17 -17.87 -15.14
C LYS S 321 -23.00 -16.91 -15.01
N GLY S 322 -22.53 -16.63 -13.80
CA GLY S 322 -21.48 -15.66 -13.60
C GLY S 322 -20.10 -16.24 -13.80
N GLY S 323 -19.11 -15.49 -13.33
CA GLY S 323 -17.72 -15.91 -13.43
C GLY S 323 -17.00 -15.64 -12.12
N LEU S 324 -15.88 -16.33 -11.96
CA LEU S 324 -15.08 -16.19 -10.74
C LEU S 324 -14.52 -14.79 -10.59
N PHE S 325 -14.07 -14.18 -11.68
CA PHE S 325 -13.47 -12.87 -11.63
C PHE S 325 -14.32 -11.81 -12.33
N ARG S 326 -15.61 -12.09 -12.48
CA ARG S 326 -16.57 -11.07 -12.92
C ARG S 326 -17.14 -10.42 -11.67
N ALA S 327 -16.41 -9.43 -11.17
CA ALA S 327 -16.72 -8.82 -9.90
C ALA S 327 -17.87 -7.82 -10.03
N GLY S 328 -18.46 -7.48 -8.89
CA GLY S 328 -19.48 -6.46 -8.83
C GLY S 328 -20.90 -6.99 -8.79
N PRO S 329 -21.86 -6.09 -8.93
CA PRO S 329 -23.27 -6.49 -8.87
C PRO S 329 -23.71 -7.17 -10.15
N MET S 330 -24.95 -7.66 -10.12
CA MET S 330 -25.54 -8.26 -11.31
C MET S 330 -25.87 -7.20 -12.35
N ASN S 331 -26.08 -5.95 -11.90
CA ASN S 331 -26.33 -4.84 -12.80
C ASN S 331 -25.07 -4.43 -13.56
N LYS S 332 -23.89 -4.81 -13.06
CA LYS S 332 -22.64 -4.58 -13.76
C LYS S 332 -22.50 -5.43 -15.02
N GLY S 333 -23.38 -6.42 -15.20
CA GLY S 333 -23.30 -7.34 -16.31
C GLY S 333 -24.22 -6.98 -17.46
N ASP S 334 -25.40 -7.59 -17.49
CA ASP S 334 -26.36 -7.31 -18.57
C ASP S 334 -26.88 -5.87 -18.51
N GLY S 335 -26.80 -5.23 -17.34
CA GLY S 335 -27.24 -3.88 -17.15
C GLY S 335 -28.29 -3.80 -16.05
N ILE S 336 -28.89 -2.63 -15.91
CA ILE S 336 -29.97 -2.42 -14.96
C ILE S 336 -31.28 -2.60 -15.71
N ALA S 337 -32.14 -3.49 -15.22
CA ALA S 337 -33.40 -3.77 -15.88
C ALA S 337 -34.33 -2.57 -15.80
N GLU S 338 -34.93 -2.22 -16.95
CA GLU S 338 -35.81 -1.08 -17.05
C GLU S 338 -37.26 -1.46 -17.30
N ALA S 339 -37.51 -2.31 -18.28
CA ALA S 339 -38.89 -2.70 -18.60
C ALA S 339 -38.91 -4.07 -19.27
N TRP S 340 -39.95 -4.84 -18.99
CA TRP S 340 -40.18 -6.08 -19.70
C TRP S 340 -40.65 -5.76 -21.11
N LEU S 341 -40.02 -6.37 -22.11
CA LEU S 341 -40.38 -6.08 -23.49
C LEU S 341 -41.56 -6.90 -23.99
N GLY S 342 -42.04 -7.85 -23.19
CA GLY S 342 -43.12 -8.72 -23.60
C GLY S 342 -42.61 -10.08 -24.06
N HIS S 343 -43.57 -10.95 -24.37
CA HIS S 343 -43.24 -12.30 -24.78
C HIS S 343 -43.26 -12.40 -26.30
N PRO S 344 -42.12 -12.63 -26.94
CA PRO S 344 -42.11 -12.77 -28.40
C PRO S 344 -42.62 -14.14 -28.83
N VAL S 345 -43.45 -14.14 -29.88
CA VAL S 345 -43.94 -15.36 -30.49
C VAL S 345 -43.45 -15.37 -31.92
N PHE S 346 -42.65 -16.37 -32.26
CA PHE S 346 -42.04 -16.45 -33.58
C PHE S 346 -42.85 -17.36 -34.49
N GLN S 347 -42.95 -16.96 -35.75
CA GLN S 347 -43.76 -17.68 -36.72
C GLN S 347 -43.09 -17.59 -38.09
N ASP S 348 -43.05 -18.70 -38.81
CA ASP S 348 -42.53 -18.71 -40.18
C ASP S 348 -43.62 -18.27 -41.14
N LYS S 349 -43.40 -18.48 -42.44
CA LYS S 349 -44.38 -18.13 -43.45
C LYS S 349 -45.48 -19.17 -43.59
N GLU S 350 -45.39 -20.27 -42.84
CA GLU S 350 -46.40 -21.33 -42.91
C GLU S 350 -47.29 -21.33 -41.67
N GLY S 351 -47.19 -20.30 -40.83
CA GLY S 351 -48.03 -20.20 -39.66
C GLY S 351 -47.60 -21.09 -38.51
N ARG S 352 -46.45 -21.75 -38.63
CA ARG S 352 -45.96 -22.62 -37.58
C ARG S 352 -45.37 -21.78 -36.46
N GLU S 353 -45.86 -21.98 -35.24
CA GLU S 353 -45.31 -21.27 -34.08
C GLU S 353 -43.95 -21.83 -33.75
N LEU S 354 -42.94 -20.95 -33.76
CA LEU S 354 -41.55 -21.35 -33.51
C LEU S 354 -41.11 -20.84 -32.16
N THR S 355 -40.41 -21.70 -31.41
CA THR S 355 -39.88 -21.36 -30.11
C THR S 355 -38.37 -21.47 -30.14
N VAL S 356 -37.69 -20.44 -29.62
CA VAL S 356 -36.24 -20.46 -29.54
C VAL S 356 -35.82 -21.43 -28.44
N ARG S 357 -34.89 -22.32 -28.76
CA ARG S 357 -34.37 -23.26 -27.78
C ARG S 357 -33.59 -22.51 -26.71
N ARG S 358 -33.99 -22.68 -25.45
CA ARG S 358 -33.40 -21.90 -24.38
C ARG S 358 -31.98 -22.36 -24.06
N MET S 359 -31.19 -21.42 -23.58
CA MET S 359 -29.79 -21.66 -23.27
C MET S 359 -29.64 -22.38 -21.94
N PRO S 360 -28.96 -23.53 -21.90
CA PRO S 360 -28.64 -24.14 -20.61
C PRO S 360 -27.57 -23.35 -19.89
N ALA S 361 -27.54 -23.47 -18.56
CA ALA S 361 -26.60 -22.69 -17.75
C ALA S 361 -25.15 -23.11 -17.98
N PHE S 362 -24.93 -24.30 -18.53
CA PHE S 362 -23.57 -24.76 -18.84
C PHE S 362 -22.91 -23.90 -19.91
N PHE S 363 -23.65 -23.53 -20.94
CA PHE S 363 -23.06 -22.98 -22.17
C PHE S 363 -22.79 -21.48 -21.99
N GLU S 364 -21.54 -21.09 -22.24
CA GLU S 364 -21.23 -19.66 -22.32
C GLU S 364 -21.90 -19.03 -23.54
N THR S 365 -21.85 -19.73 -24.68
CA THR S 365 -22.56 -19.36 -25.89
C THR S 365 -23.33 -20.57 -26.38
N PHE S 366 -24.55 -20.34 -26.86
CA PHE S 366 -25.41 -21.41 -27.33
C PHE S 366 -25.96 -21.08 -28.70
N PRO S 367 -26.07 -22.05 -29.60
CA PRO S 367 -26.66 -21.77 -30.92
C PRO S 367 -28.10 -21.35 -30.82
N VAL S 368 -28.49 -20.39 -31.66
CA VAL S 368 -29.86 -19.91 -31.71
C VAL S 368 -30.63 -20.80 -32.68
N ILE S 369 -31.61 -21.53 -32.17
CA ILE S 369 -32.34 -22.53 -32.93
C ILE S 369 -33.83 -22.35 -32.66
N LEU S 370 -34.63 -22.31 -33.72
CA LEU S 370 -36.07 -22.19 -33.63
C LEU S 370 -36.70 -23.51 -34.02
N VAL S 371 -37.53 -24.05 -33.12
CA VAL S 371 -38.16 -25.35 -33.32
C VAL S 371 -39.67 -25.20 -33.22
N ASP S 372 -40.39 -26.11 -33.87
CA ASP S 372 -41.84 -26.11 -33.85
C ASP S 372 -42.34 -26.97 -32.69
N LYS S 373 -43.64 -27.26 -32.68
CA LYS S 373 -44.20 -28.07 -31.60
C LYS S 373 -43.78 -29.53 -31.72
N ASP S 374 -43.36 -29.96 -32.91
CA ASP S 374 -42.94 -31.35 -33.09
C ASP S 374 -41.54 -31.57 -32.54
N GLY S 375 -40.70 -30.53 -32.58
CA GLY S 375 -39.31 -30.65 -32.18
C GLY S 375 -38.32 -30.55 -33.32
N ILE S 376 -38.80 -30.42 -34.56
CA ILE S 376 -37.91 -30.29 -35.71
C ILE S 376 -37.42 -28.86 -35.81
N VAL S 377 -36.15 -28.70 -36.18
CA VAL S 377 -35.59 -27.36 -36.35
C VAL S 377 -36.12 -26.77 -37.65
N ARG S 378 -36.66 -25.56 -37.57
CA ARG S 378 -37.20 -24.87 -38.74
C ARG S 378 -36.33 -23.70 -39.19
N ALA S 379 -35.91 -22.85 -38.25
CA ALA S 379 -35.08 -21.71 -38.55
C ALA S 379 -33.77 -21.81 -37.78
N ASP S 380 -32.84 -20.91 -38.11
CA ASP S 380 -31.51 -20.95 -37.51
C ASP S 380 -30.88 -19.57 -37.56
N ILE S 381 -29.90 -19.37 -36.68
CA ILE S 381 -28.93 -18.28 -36.82
C ILE S 381 -27.58 -18.97 -36.99
N PRO S 382 -27.03 -19.00 -38.20
CA PRO S 382 -25.81 -19.76 -38.45
C PRO S 382 -24.59 -19.13 -37.77
N PHE S 383 -23.54 -19.94 -37.64
CA PHE S 383 -22.32 -19.54 -36.96
C PHE S 383 -21.53 -18.61 -37.87
N ARG S 384 -21.50 -17.32 -37.52
CA ARG S 384 -20.76 -16.27 -38.23
C ARG S 384 -21.04 -16.24 -39.73
N ARG S 385 -20.07 -16.69 -40.53
CA ARG S 385 -20.17 -16.70 -41.98
C ARG S 385 -20.41 -18.09 -42.55
N ALA S 386 -21.09 -18.96 -41.81
CA ALA S 386 -21.36 -20.30 -42.30
C ALA S 386 -22.35 -20.26 -43.45
N GLU S 387 -22.25 -21.23 -44.35
CA GLU S 387 -23.16 -21.32 -45.48
C GLU S 387 -24.55 -21.67 -44.97
N SER S 388 -25.45 -20.69 -45.00
CA SER S 388 -26.78 -20.83 -44.43
C SER S 388 -27.71 -21.53 -45.40
N LYS S 389 -28.57 -22.36 -44.86
CA LYS S 389 -29.65 -23.00 -45.61
C LYS S 389 -31.00 -22.81 -44.92
N TYR S 390 -31.03 -22.82 -43.58
CA TYR S 390 -32.24 -22.65 -42.80
C TYR S 390 -32.21 -21.35 -42.00
N SER S 391 -31.64 -20.30 -42.58
CA SER S 391 -31.46 -19.03 -41.87
C SER S 391 -32.79 -18.31 -41.68
N ILE S 392 -32.75 -17.26 -40.85
CA ILE S 392 -33.94 -16.44 -40.60
C ILE S 392 -34.39 -15.75 -41.87
N GLU S 393 -33.43 -15.23 -42.65
CA GLU S 393 -33.75 -14.57 -43.91
C GLU S 393 -34.36 -15.54 -44.92
N GLN S 394 -33.83 -16.76 -45.00
CA GLN S 394 -34.33 -17.72 -45.98
C GLN S 394 -35.69 -18.29 -45.56
N VAL S 395 -35.83 -18.66 -44.29
CA VAL S 395 -37.09 -19.22 -43.81
C VAL S 395 -38.17 -18.15 -43.76
N GLY S 396 -37.80 -16.93 -43.38
CA GLY S 396 -38.76 -15.85 -43.31
C GLY S 396 -39.60 -15.88 -42.04
N VAL S 397 -38.96 -15.67 -40.90
CA VAL S 397 -39.61 -15.75 -39.60
C VAL S 397 -40.03 -14.37 -39.16
N SER S 398 -41.28 -14.24 -38.70
CA SER S 398 -41.82 -13.01 -38.16
C SER S 398 -42.03 -13.17 -36.66
N CYS S 399 -41.97 -12.06 -35.93
CA CYS S 399 -42.06 -12.06 -34.48
C CYS S 399 -43.19 -11.14 -34.02
N ASN S 400 -44.05 -11.65 -33.15
CA ASN S 400 -45.13 -10.87 -32.55
C ASN S 400 -44.94 -10.85 -31.05
N PHE S 401 -44.93 -9.66 -30.46
CA PHE S 401 -44.73 -9.48 -29.03
C PHE S 401 -46.08 -9.32 -28.34
N TYR S 402 -46.23 -9.97 -27.19
CA TYR S 402 -47.42 -9.86 -26.37
C TYR S 402 -47.03 -9.44 -24.96
N GLY S 403 -47.73 -8.43 -24.44
CA GLY S 403 -47.40 -7.88 -23.15
C GLY S 403 -46.20 -6.96 -23.24
N GLY S 404 -45.82 -6.42 -22.08
CA GLY S 404 -44.65 -5.56 -22.00
C GLY S 404 -44.84 -4.23 -22.72
N LYS S 405 -43.72 -3.63 -23.08
CA LYS S 405 -43.77 -2.35 -23.79
C LYS S 405 -44.15 -2.54 -25.25
N LEU S 406 -43.72 -3.63 -25.88
CA LEU S 406 -43.96 -3.89 -27.29
C LEU S 406 -45.23 -4.69 -27.53
N ASN S 407 -46.22 -4.54 -26.65
CA ASN S 407 -47.47 -5.29 -26.76
C ASN S 407 -48.20 -4.93 -28.06
N GLY S 408 -48.48 -5.96 -28.87
CA GLY S 408 -49.16 -5.78 -30.13
C GLY S 408 -48.26 -5.49 -31.31
N GLN S 409 -46.99 -5.16 -31.08
CA GLN S 409 -46.08 -4.85 -32.17
C GLN S 409 -45.67 -6.11 -32.91
N VAL S 410 -45.48 -5.98 -34.21
CA VAL S 410 -45.07 -7.07 -35.08
C VAL S 410 -43.81 -6.67 -35.81
N PHE S 411 -42.77 -7.49 -35.70
CA PHE S 411 -41.49 -7.26 -36.36
C PHE S 411 -41.26 -8.37 -37.36
N THR S 412 -41.04 -8.00 -38.63
CA THR S 412 -40.84 -8.97 -39.68
C THR S 412 -39.52 -8.80 -40.42
N ASP S 413 -38.82 -7.67 -40.26
CA ASP S 413 -37.52 -7.52 -40.88
C ASP S 413 -36.51 -8.40 -40.14
N ALA S 414 -35.65 -9.08 -40.91
CA ALA S 414 -34.74 -10.09 -40.37
C ALA S 414 -33.77 -9.59 -39.29
N PRO S 415 -33.13 -8.38 -39.39
CA PRO S 415 -32.25 -7.95 -38.30
C PRO S 415 -32.92 -7.82 -36.93
N THR S 416 -34.17 -7.34 -36.87
CA THR S 416 -34.84 -7.24 -35.59
C THR S 416 -35.33 -8.59 -35.10
N VAL S 417 -35.73 -9.46 -36.04
CA VAL S 417 -36.15 -10.80 -35.66
C VAL S 417 -34.97 -11.61 -35.14
N LYS S 418 -33.81 -11.46 -35.78
CA LYS S 418 -32.59 -12.12 -35.30
C LYS S 418 -32.18 -11.59 -33.93
N LYS S 419 -32.33 -10.29 -33.71
CA LYS S 419 -31.96 -9.70 -32.43
C LYS S 419 -32.87 -10.18 -31.31
N TYR S 420 -34.16 -10.34 -31.60
CA TYR S 420 -35.09 -10.81 -30.57
C TYR S 420 -35.03 -12.32 -30.42
N ALA S 421 -34.60 -13.04 -31.45
CA ALA S 421 -34.40 -14.48 -31.30
C ALA S 421 -33.20 -14.77 -30.40
N ARG S 422 -32.18 -13.90 -30.44
CA ARG S 422 -31.07 -14.03 -29.51
C ARG S 422 -31.50 -13.74 -28.09
N LYS S 423 -32.36 -12.73 -27.90
CA LYS S 423 -32.82 -12.38 -26.57
C LYS S 423 -33.83 -13.38 -26.04
N SER S 424 -34.57 -14.06 -26.93
CA SER S 424 -35.51 -15.09 -26.50
C SER S 424 -34.79 -16.34 -26.02
N GLN S 425 -33.53 -16.53 -26.43
CA GLN S 425 -32.75 -17.67 -25.98
C GLN S 425 -32.44 -17.55 -24.49
N LEU S 426 -32.34 -16.33 -23.97
CA LEU S 426 -32.09 -16.08 -22.56
C LEU S 426 -33.35 -16.01 -21.73
N GLY S 427 -34.49 -16.44 -22.27
CA GLY S 427 -35.73 -16.39 -21.52
C GLY S 427 -36.61 -15.21 -21.89
N GLU S 428 -37.13 -14.51 -20.89
CA GLU S 428 -37.99 -13.36 -21.14
C GLU S 428 -37.15 -12.17 -21.61
N VAL S 429 -37.67 -11.43 -22.58
CA VAL S 429 -36.92 -10.32 -23.16
C VAL S 429 -37.08 -9.08 -22.31
N PHE S 430 -35.96 -8.41 -22.03
CA PHE S 430 -35.96 -7.26 -21.14
C PHE S 430 -35.10 -6.15 -21.72
N GLU S 431 -35.39 -4.93 -21.30
CA GLU S 431 -34.64 -3.74 -21.70
C GLU S 431 -33.71 -3.34 -20.57
N PHE S 432 -32.44 -3.10 -20.90
CA PHE S 432 -31.41 -2.90 -19.89
C PHE S 432 -30.71 -1.57 -20.07
N ASP S 433 -30.39 -0.92 -18.95
CA ASP S 433 -29.63 0.32 -18.92
C ASP S 433 -28.17 -0.05 -18.71
N ARG S 434 -27.40 -0.07 -19.80
CA ARG S 434 -25.99 -0.46 -19.76
C ARG S 434 -25.06 0.74 -19.60
N THR S 435 -25.59 1.93 -19.35
CA THR S 435 -24.78 3.13 -19.29
C THR S 435 -24.58 3.69 -17.89
N THR S 436 -25.49 3.39 -16.95
CA THR S 436 -25.35 3.92 -15.60
C THR S 436 -24.14 3.35 -14.88
N LEU S 437 -23.90 2.04 -15.01
CA LEU S 437 -22.80 1.38 -14.35
C LEU S 437 -21.70 0.94 -15.32
N GLU S 438 -21.78 1.37 -16.59
CA GLU S 438 -20.86 0.96 -17.65
C GLU S 438 -20.78 -0.56 -17.77
N SER S 439 -21.96 -1.17 -17.88
CA SER S 439 -22.06 -2.63 -17.90
C SER S 439 -21.44 -3.21 -19.17
N ASP S 440 -20.70 -4.31 -19.00
CA ASP S 440 -19.92 -4.87 -20.09
C ASP S 440 -20.62 -5.99 -20.85
N GLY S 441 -21.73 -6.52 -20.33
CA GLY S 441 -22.50 -7.50 -21.06
C GLY S 441 -22.24 -8.95 -20.72
N VAL S 442 -21.35 -9.25 -19.79
CA VAL S 442 -21.08 -10.61 -19.35
C VAL S 442 -21.81 -10.86 -18.03
N PHE S 443 -22.48 -12.00 -17.95
CA PHE S 443 -23.34 -12.30 -16.80
C PHE S 443 -22.53 -12.46 -15.52
N ARG S 444 -23.07 -11.95 -14.43
CA ARG S 444 -22.46 -12.06 -13.11
C ARG S 444 -23.34 -12.92 -12.21
N SER S 445 -22.82 -13.26 -11.05
CA SER S 445 -23.50 -14.14 -10.11
C SER S 445 -24.22 -13.34 -9.02
N SER S 446 -25.27 -13.93 -8.48
CA SER S 446 -26.10 -13.31 -7.46
C SER S 446 -25.44 -13.46 -6.09
N PRO S 447 -26.00 -12.84 -5.05
CA PRO S 447 -25.54 -13.16 -3.68
C PRO S 447 -25.70 -14.63 -3.32
N ARG S 448 -26.68 -15.31 -3.91
CA ARG S 448 -26.83 -16.75 -3.70
C ARG S 448 -25.61 -17.52 -4.22
N GLY S 449 -25.12 -17.14 -5.40
CA GLY S 449 -23.95 -17.80 -5.95
C GLY S 449 -22.68 -17.52 -5.17
N TRP S 450 -22.51 -16.27 -4.72
CA TRP S 450 -21.27 -15.91 -4.04
C TRP S 450 -21.23 -16.48 -2.63
N TYR S 451 -22.38 -16.55 -1.94
CA TYR S 451 -22.41 -17.15 -0.60
C TYR S 451 -22.00 -18.62 -0.65
N THR S 452 -22.53 -19.35 -1.63
CA THR S 452 -22.24 -20.77 -1.75
C THR S 452 -20.76 -21.00 -2.05
N PHE S 453 -20.19 -20.15 -2.91
CA PHE S 453 -18.77 -20.27 -3.25
C PHE S 453 -17.89 -20.02 -2.03
N GLY S 454 -18.21 -18.97 -1.27
CA GLY S 454 -17.42 -18.65 -0.10
C GLY S 454 -17.52 -19.69 0.98
N HIS S 455 -18.72 -20.21 1.21
CA HIS S 455 -18.93 -21.07 2.37
C HIS S 455 -18.66 -22.54 2.07
N ALA S 456 -18.74 -22.94 0.80
CA ALA S 456 -18.31 -24.31 0.48
C ALA S 456 -16.79 -24.40 0.43
N ASN S 457 -16.12 -23.32 0.03
CA ASN S 457 -14.66 -23.30 0.06
C ASN S 457 -14.13 -23.12 1.47
N PHE S 458 -14.82 -22.32 2.30
CA PHE S 458 -14.41 -22.18 3.69
C PHE S 458 -14.61 -23.49 4.44
N ALA S 459 -15.72 -24.19 4.17
CA ALA S 459 -15.97 -25.48 4.82
C ALA S 459 -14.94 -26.52 4.42
N LEU S 460 -14.52 -26.50 3.16
CA LEU S 460 -13.49 -27.44 2.71
C LEU S 460 -12.17 -27.16 3.41
N LEU S 461 -11.79 -25.89 3.52
CA LEU S 461 -10.57 -25.52 4.23
C LEU S 461 -10.68 -25.82 5.71
N PHE S 462 -11.88 -25.69 6.28
CA PHE S 462 -12.05 -26.02 7.69
C PHE S 462 -12.07 -27.52 7.94
N PHE S 463 -12.30 -28.33 6.91
CA PHE S 463 -12.10 -29.77 7.08
C PHE S 463 -10.63 -30.08 7.28
N LEU S 464 -9.75 -29.36 6.57
CA LEU S 464 -8.31 -29.53 6.76
C LEU S 464 -7.88 -29.10 8.15
N GLY S 465 -8.45 -28.00 8.66
CA GLY S 465 -8.12 -27.57 10.01
C GLY S 465 -8.57 -28.54 11.08
N HIS S 466 -9.69 -29.23 10.83
CA HIS S 466 -10.15 -30.25 11.76
C HIS S 466 -9.17 -31.42 11.83
N LEU S 467 -8.64 -31.85 10.68
CA LEU S 467 -7.67 -32.93 10.66
C LEU S 467 -6.36 -32.50 11.33
N TRP S 468 -5.94 -31.26 11.10
CA TRP S 468 -4.69 -30.77 11.68
C TRP S 468 -4.82 -30.59 13.19
N HIS S 469 -5.88 -29.92 13.64
CA HIS S 469 -6.02 -29.67 15.07
C HIS S 469 -6.48 -30.92 15.80
N GLY S 470 -7.15 -31.84 15.11
CA GLY S 470 -7.46 -33.12 15.71
C GLY S 470 -6.23 -33.97 15.93
N GLY S 471 -5.31 -33.96 14.96
CA GLY S 471 -4.05 -34.68 15.13
C GLY S 471 -3.18 -34.08 16.21
N ARG S 472 -3.19 -32.74 16.32
CA ARG S 472 -2.36 -32.08 17.33
C ARG S 472 -2.87 -32.35 18.74
N THR S 473 -4.15 -32.69 18.88
CA THR S 473 -4.69 -33.03 20.19
C THR S 473 -4.30 -34.44 20.62
N LEU S 474 -4.58 -35.43 19.77
CA LEU S 474 -4.33 -36.82 20.08
C LEU S 474 -2.85 -37.18 20.06
N PHE S 475 -2.01 -36.33 19.49
CA PHE S 475 -0.57 -36.57 19.40
C PHE S 475 0.22 -35.45 20.06
N ARG S 476 -0.32 -34.90 21.14
CA ARG S 476 0.32 -33.77 21.81
C ARG S 476 1.64 -34.16 22.44
N ASP S 477 1.76 -35.41 22.89
CA ASP S 477 2.96 -35.86 23.56
C ASP S 477 4.14 -36.00 22.60
N VAL S 478 3.88 -36.31 21.34
CA VAL S 478 4.93 -36.60 20.38
C VAL S 478 5.06 -35.53 19.31
N PHE S 479 4.40 -34.39 19.47
CA PHE S 479 4.41 -33.41 18.38
C PHE S 479 5.67 -32.55 18.34
N ALA S 480 6.52 -32.62 19.36
CA ALA S 480 7.83 -32.02 19.27
C ALA S 480 8.87 -33.00 18.75
N GLY S 481 8.45 -34.20 18.39
CA GLY S 481 9.34 -35.26 17.97
C GLY S 481 9.19 -36.50 18.83
N ILE S 482 9.73 -37.60 18.31
CA ILE S 482 9.65 -38.88 19.00
C ILE S 482 11.03 -39.29 19.49
N GLY S 483 11.09 -40.39 20.23
CA GLY S 483 12.37 -40.88 20.72
C GLY S 483 13.11 -41.68 19.67
N ALA S 484 14.44 -41.73 19.82
CA ALA S 484 15.28 -42.47 18.90
C ALA S 484 15.30 -43.94 19.32
N GLU S 485 15.01 -44.83 18.37
CA GLU S 485 14.99 -46.26 18.66
C GLU S 485 15.95 -47.01 17.73
N ILE T 16 -2.02 -81.48 1.59
CA ILE T 16 -2.60 -82.43 0.65
C ILE T 16 -4.05 -82.04 0.34
N ARG T 17 -4.85 -81.80 1.39
CA ARG T 17 -6.24 -81.43 1.19
C ARG T 17 -6.36 -80.01 0.65
N TYR T 18 -5.29 -79.22 0.74
CA TYR T 18 -5.26 -77.88 0.16
C TYR T 18 -5.44 -77.94 -1.35
N TRP T 19 -4.74 -78.87 -2.00
CA TRP T 19 -4.76 -78.94 -3.45
C TRP T 19 -6.03 -79.60 -3.98
N ILE T 20 -6.54 -80.61 -3.28
CA ILE T 20 -7.69 -81.36 -3.80
C ILE T 20 -8.96 -80.52 -3.73
N ILE T 21 -9.03 -79.61 -2.75
CA ILE T 21 -10.13 -78.64 -2.71
C ILE T 21 -10.00 -77.67 -3.88
N HIS T 22 -8.80 -77.15 -4.11
CA HIS T 22 -8.56 -76.18 -5.17
C HIS T 22 -8.45 -76.82 -6.55
N SER T 23 -8.44 -78.15 -6.63
CA SER T 23 -8.54 -78.84 -7.90
C SER T 23 -10.00 -79.04 -8.31
N ILE T 24 -10.95 -78.75 -7.42
CA ILE T 24 -12.36 -78.96 -7.68
C ILE T 24 -13.10 -77.64 -7.61
N THR T 25 -12.92 -76.89 -6.51
CA THR T 25 -13.65 -75.65 -6.31
C THR T 25 -13.21 -74.57 -7.29
N ILE T 26 -11.90 -74.47 -7.55
CA ILE T 26 -11.41 -73.48 -8.51
C ILE T 26 -11.92 -73.73 -9.94
N PRO T 27 -11.86 -74.95 -10.49
CA PRO T 27 -12.49 -75.14 -11.81
C PRO T 27 -14.00 -74.99 -11.78
N SER T 28 -14.65 -75.31 -10.64
CA SER T 28 -16.09 -75.13 -10.54
C SER T 28 -16.47 -73.66 -10.61
N LEU T 29 -15.66 -72.79 -9.99
CA LEU T 29 -15.95 -71.37 -9.99
C LEU T 29 -15.70 -70.74 -11.36
N PHE T 30 -14.61 -71.13 -12.01
CA PHE T 30 -14.34 -70.67 -13.37
C PHE T 30 -15.42 -71.12 -14.33
N VAL T 31 -15.88 -72.37 -14.18
CA VAL T 31 -16.98 -72.88 -15.00
C VAL T 31 -18.27 -72.12 -14.72
N ALA T 32 -18.52 -71.80 -13.44
CA ALA T 32 -19.73 -71.08 -13.08
C ALA T 32 -19.74 -69.69 -13.68
N GLY T 33 -18.58 -69.03 -13.71
CA GLY T 33 -18.49 -67.75 -14.39
C GLY T 33 -18.67 -67.86 -15.89
N PHE T 34 -18.15 -68.93 -16.48
CA PHE T 34 -18.26 -69.13 -17.93
C PHE T 34 -19.70 -69.36 -18.35
N LEU T 35 -20.44 -70.21 -17.62
CA LEU T 35 -21.84 -70.49 -17.90
C LEU T 35 -22.78 -69.44 -17.34
N PHE T 36 -22.27 -68.38 -16.73
CA PHE T 36 -23.09 -67.23 -16.35
C PHE T 36 -23.22 -66.22 -17.48
N VAL T 37 -22.22 -66.17 -18.37
CA VAL T 37 -22.27 -65.27 -19.52
C VAL T 37 -22.76 -66.00 -20.76
N SER T 38 -22.27 -67.23 -20.97
CA SER T 38 -22.60 -67.96 -22.20
C SER T 38 -24.05 -68.41 -22.24
N THR T 39 -24.71 -68.51 -21.09
CA THR T 39 -26.13 -68.87 -21.05
C THR T 39 -27.05 -67.66 -21.06
N GLY T 40 -26.48 -66.46 -21.11
CA GLY T 40 -27.28 -65.25 -21.15
C GLY T 40 -27.83 -64.79 -19.82
N LEU T 41 -27.48 -65.47 -18.72
CA LEU T 41 -27.98 -65.07 -17.40
C LEU T 41 -27.40 -63.73 -16.96
N ALA T 42 -26.21 -63.38 -17.47
CA ALA T 42 -25.59 -62.10 -17.10
C ALA T 42 -26.38 -60.93 -17.66
N TYR T 43 -26.97 -61.09 -18.84
CA TYR T 43 -27.77 -60.02 -19.44
C TYR T 43 -29.03 -59.76 -18.64
N ASP T 44 -29.70 -60.82 -18.19
CA ASP T 44 -30.96 -60.65 -17.47
C ASP T 44 -30.72 -60.15 -16.04
N ALA T 45 -29.62 -60.57 -15.42
CA ALA T 45 -29.35 -60.20 -14.04
C ALA T 45 -29.00 -58.72 -13.91
N PHE T 46 -28.22 -58.19 -14.85
CA PHE T 46 -27.72 -56.84 -14.77
C PHE T 46 -28.48 -55.85 -15.65
N GLY T 47 -29.42 -56.33 -16.45
CA GLY T 47 -30.13 -55.44 -17.35
C GLY T 47 -29.34 -55.00 -18.56
N THR T 48 -28.20 -55.63 -18.82
CA THR T 48 -27.40 -55.29 -19.99
C THR T 48 -28.08 -55.84 -21.25
N PRO T 49 -28.34 -55.00 -22.25
CA PRO T 49 -29.01 -55.50 -23.45
C PRO T 49 -28.09 -56.36 -24.30
N ARG T 50 -28.66 -57.40 -24.91
CA ARG T 50 -27.95 -58.20 -25.89
C ARG T 50 -27.78 -57.39 -27.17
N PRO T 51 -26.85 -57.78 -28.06
CA PRO T 51 -26.66 -57.02 -29.31
C PRO T 51 -27.88 -56.95 -30.22
N ASN T 52 -28.86 -57.83 -30.06
CA ASN T 52 -30.06 -57.78 -30.89
C ASN T 52 -31.19 -56.97 -30.26
N GLU T 53 -31.01 -56.43 -29.06
CA GLU T 53 -32.06 -55.66 -28.39
C GLU T 53 -31.59 -54.28 -27.94
N TYR T 54 -30.56 -53.72 -28.59
CA TYR T 54 -30.24 -52.32 -28.34
C TYR T 54 -31.36 -51.42 -28.86
N PHE T 55 -31.91 -51.77 -30.01
CA PHE T 55 -33.06 -51.09 -30.60
C PHE T 55 -34.12 -52.11 -30.94
N THR T 56 -35.38 -51.69 -30.91
CA THR T 56 -36.50 -52.51 -31.33
C THR T 56 -37.16 -51.88 -32.55
N GLN T 57 -38.18 -52.55 -33.07
CA GLN T 57 -38.88 -52.06 -34.26
C GLN T 57 -39.64 -50.77 -33.96
N ASP T 58 -40.28 -50.70 -32.79
CA ASP T 58 -41.06 -49.54 -32.40
C ASP T 58 -40.23 -48.46 -31.71
N ARG T 59 -38.95 -48.72 -31.45
CA ARG T 59 -38.07 -47.77 -30.76
C ARG T 59 -36.74 -47.70 -31.50
N GLN T 60 -36.56 -46.66 -32.30
CA GLN T 60 -35.35 -46.44 -33.09
C GLN T 60 -34.38 -45.47 -32.45
N GLN T 61 -34.77 -44.79 -31.37
CA GLN T 61 -33.90 -43.84 -30.71
C GLN T 61 -33.33 -44.43 -29.43
N ILE T 62 -32.44 -43.67 -28.80
CA ILE T 62 -31.78 -44.15 -27.57
C ILE T 62 -32.79 -44.13 -26.43
N PRO T 63 -33.01 -45.25 -25.75
CA PRO T 63 -34.00 -45.31 -24.66
C PRO T 63 -33.43 -44.69 -23.39
N LEU T 64 -33.91 -43.49 -23.07
CA LEU T 64 -33.43 -42.74 -21.91
C LEU T 64 -34.54 -42.58 -20.89
N VAL T 65 -34.17 -42.64 -19.61
CA VAL T 65 -35.12 -42.42 -18.53
C VAL T 65 -35.31 -40.92 -18.38
N ASN T 66 -36.57 -40.47 -18.43
CA ASN T 66 -36.89 -39.06 -18.37
C ASN T 66 -37.58 -38.64 -17.07
N ASP T 67 -37.97 -39.58 -16.22
CA ASP T 67 -38.62 -39.25 -14.96
C ASP T 67 -37.92 -40.02 -13.84
N ARG T 68 -37.83 -39.38 -12.68
CA ARG T 68 -37.11 -39.97 -11.54
C ARG T 68 -37.92 -41.09 -10.88
N PHE T 69 -39.12 -40.78 -10.40
CA PHE T 69 -39.88 -41.71 -9.58
C PHE T 69 -40.68 -42.72 -10.40
N SER T 70 -40.76 -42.55 -11.72
CA SER T 70 -41.37 -43.54 -12.60
C SER T 70 -40.32 -44.29 -13.41
N ALA T 71 -39.07 -44.30 -12.94
CA ALA T 71 -37.97 -44.92 -13.68
C ALA T 71 -38.13 -46.43 -13.78
N LYS T 72 -38.64 -47.07 -12.72
CA LYS T 72 -38.85 -48.51 -12.74
C LYS T 72 -39.92 -48.90 -13.75
N GLN T 73 -41.06 -48.20 -13.71
CA GLN T 73 -42.16 -48.50 -14.63
C GLN T 73 -41.76 -48.19 -16.07
N GLU T 74 -41.05 -47.07 -16.29
CA GLU T 74 -40.64 -46.66 -17.62
C GLU T 74 -39.75 -47.69 -18.28
N LEU T 75 -38.86 -48.31 -17.49
CA LEU T 75 -37.96 -49.32 -18.04
C LEU T 75 -38.71 -50.60 -18.41
N GLU T 76 -39.73 -50.96 -17.63
CA GLU T 76 -40.46 -52.20 -17.89
C GLU T 76 -41.32 -52.10 -19.15
N ASP T 77 -41.97 -50.95 -19.36
CA ASP T 77 -42.78 -50.80 -20.58
C ASP T 77 -41.94 -50.51 -21.81
N LEU T 78 -40.63 -50.32 -21.64
CA LEU T 78 -39.72 -50.05 -22.75
C LEU T 78 -38.82 -51.23 -23.09
N THR T 79 -38.51 -52.08 -22.12
CA THR T 79 -37.69 -53.27 -22.35
C THR T 79 -38.51 -54.52 -22.57
N LYS T 80 -39.84 -54.41 -22.61
CA LYS T 80 -40.69 -55.58 -22.80
C LYS T 80 -40.59 -56.08 -24.24
N GLY T 81 -40.59 -57.40 -24.40
CA GLY T 81 -40.50 -58.02 -25.70
C GLY T 81 -39.10 -57.96 -26.30
N PRO U 11 -13.26 -76.18 7.64
CA PRO U 11 -12.04 -76.27 8.45
C PRO U 11 -11.60 -74.92 8.99
N ILE U 12 -10.80 -74.20 8.21
CA ILE U 12 -10.30 -72.88 8.60
C ILE U 12 -11.34 -71.84 8.24
N PHE U 13 -11.83 -71.12 9.25
CA PHE U 13 -12.80 -70.04 9.06
C PHE U 13 -12.35 -68.77 9.79
N THR U 14 -11.05 -68.56 9.93
CA THR U 14 -10.53 -67.42 10.67
C THR U 14 -10.60 -66.15 9.83
N PHE U 15 -10.01 -65.07 10.37
CA PHE U 15 -9.99 -63.78 9.69
C PHE U 15 -9.15 -63.86 8.41
N ARG U 16 -8.06 -64.63 8.44
CA ARG U 16 -7.23 -64.85 7.27
C ARG U 16 -8.01 -65.53 6.16
N TRP U 17 -8.81 -66.54 6.51
CA TRP U 17 -9.57 -67.29 5.52
C TRP U 17 -10.70 -66.45 4.93
N LEU U 18 -11.41 -65.71 5.79
CA LEU U 18 -12.56 -64.92 5.33
C LEU U 18 -12.11 -63.78 4.43
N THR U 19 -10.95 -63.19 4.70
CA THR U 19 -10.48 -62.05 3.93
C THR U 19 -10.05 -62.46 2.52
N ILE U 20 -9.24 -63.50 2.40
CA ILE U 20 -8.69 -63.79 1.07
C ILE U 20 -9.69 -64.56 0.22
N HIS U 21 -10.65 -65.25 0.85
CA HIS U 21 -11.73 -65.86 0.06
C HIS U 21 -12.74 -64.83 -0.39
N ALA U 22 -12.80 -63.69 0.30
CA ALA U 22 -13.68 -62.61 -0.13
C ALA U 22 -13.16 -61.95 -1.41
N LEU U 23 -11.88 -62.12 -1.72
CA LEU U 23 -11.29 -61.62 -2.95
C LEU U 23 -11.13 -62.71 -4.01
N ALA U 24 -10.69 -63.91 -3.60
CA ALA U 24 -10.37 -64.95 -4.57
C ALA U 24 -11.63 -65.52 -5.21
N VAL U 25 -12.68 -65.72 -4.42
CA VAL U 25 -13.93 -66.28 -4.96
C VAL U 25 -14.57 -65.40 -6.02
N PRO U 26 -14.73 -64.08 -5.83
CA PRO U 26 -15.26 -63.28 -6.95
C PRO U 26 -14.27 -63.09 -8.08
N THR U 27 -12.96 -63.12 -7.82
CA THR U 27 -11.98 -62.92 -8.87
C THR U 27 -11.98 -64.07 -9.87
N VAL U 28 -12.04 -65.31 -9.38
CA VAL U 28 -12.06 -66.47 -10.26
C VAL U 28 -13.38 -66.54 -11.01
N PHE U 29 -14.48 -66.21 -10.35
CA PHE U 29 -15.78 -66.17 -11.01
C PHE U 29 -15.81 -65.10 -12.10
N PHE U 30 -15.24 -63.93 -11.81
CA PHE U 30 -15.16 -62.87 -12.81
C PHE U 30 -14.23 -63.26 -13.95
N LEU U 31 -13.14 -63.98 -13.63
CA LEU U 31 -12.19 -64.41 -14.67
C LEU U 31 -12.85 -65.39 -15.64
N GLY U 32 -13.69 -66.29 -15.12
CA GLY U 32 -14.43 -67.18 -16.00
C GLY U 32 -15.45 -66.43 -16.84
N ALA U 33 -16.04 -65.37 -16.29
CA ALA U 33 -17.01 -64.57 -17.04
C ALA U 33 -16.31 -63.75 -18.12
N ILE U 34 -15.12 -63.25 -17.83
CA ILE U 34 -14.36 -62.49 -18.82
C ILE U 34 -13.96 -63.39 -19.98
N THR U 35 -13.55 -64.62 -19.69
CA THR U 35 -13.17 -65.58 -20.72
C THR U 35 -14.34 -65.92 -21.63
N SER U 36 -15.54 -66.03 -21.05
CA SER U 36 -16.73 -66.30 -21.85
C SER U 36 -17.08 -65.15 -22.79
N MET U 37 -16.76 -63.91 -22.41
CA MET U 37 -17.01 -62.77 -23.29
C MET U 37 -16.09 -62.74 -24.50
N GLN U 38 -14.92 -63.38 -24.41
CA GLN U 38 -14.01 -63.43 -25.55
C GLN U 38 -14.56 -64.28 -26.69
N PHE U 39 -15.51 -65.18 -26.40
CA PHE U 39 -16.12 -66.04 -27.40
C PHE U 39 -17.49 -65.57 -27.82
N ILE U 40 -17.89 -64.35 -27.43
CA ILE U 40 -19.14 -63.77 -27.89
C ILE U 40 -18.90 -63.17 -29.27
N GLN U 41 -19.61 -63.66 -30.28
CA GLN U 41 -19.45 -63.14 -31.63
C GLN U 41 -20.15 -61.81 -31.76
N ARG U 42 -19.39 -60.75 -32.01
CA ARG U 42 -19.94 -59.40 -32.10
C ARG U 42 -19.64 -58.78 -33.46
N ALA V 2 -2.36 -13.43 41.63
CA ALA V 2 -3.48 -13.21 40.73
C ALA V 2 -4.46 -12.21 41.31
N LEU V 3 -5.17 -11.49 40.44
CA LEU V 3 -6.08 -10.44 40.87
C LEU V 3 -7.45 -11.01 41.21
N ARG V 4 -7.99 -10.55 42.34
CA ARG V 4 -9.35 -10.91 42.76
C ARG V 4 -10.28 -9.76 42.41
N THR V 5 -11.34 -10.05 41.66
CA THR V 5 -12.32 -9.06 41.27
C THR V 5 -13.68 -9.46 41.80
N ARG V 6 -14.62 -8.50 41.74
CA ARG V 6 -15.98 -8.78 42.18
C ARG V 6 -16.64 -9.83 41.30
N LEU V 7 -16.47 -9.71 39.99
CA LEU V 7 -17.03 -10.71 39.07
C LEU V 7 -16.27 -12.02 39.15
N GLY V 8 -14.95 -11.94 39.40
CA GLY V 8 -14.15 -13.15 39.50
C GLY V 8 -14.52 -13.99 40.71
N GLU V 9 -14.83 -13.32 41.84
CA GLU V 9 -15.30 -14.05 43.01
C GLU V 9 -16.67 -14.66 42.77
N ILE V 10 -17.50 -13.97 41.97
CA ILE V 10 -18.84 -14.47 41.66
C ILE V 10 -18.75 -15.73 40.80
N LEU V 11 -17.90 -15.71 39.78
CA LEU V 11 -17.76 -16.81 38.84
C LEU V 11 -16.80 -17.89 39.31
N ARG V 12 -16.22 -17.74 40.51
CA ARG V 12 -15.22 -18.68 41.00
C ARG V 12 -15.71 -20.12 41.13
N PRO V 13 -16.90 -20.43 41.69
CA PRO V 13 -17.32 -21.84 41.75
C PRO V 13 -17.58 -22.48 40.39
N LEU V 14 -17.79 -21.69 39.34
CA LEU V 14 -18.04 -22.24 38.01
C LEU V 14 -16.78 -22.75 37.34
N ASN V 15 -15.59 -22.44 37.87
CA ASN V 15 -14.33 -22.88 37.30
C ASN V 15 -13.49 -23.59 38.36
N ALA V 16 -14.16 -24.21 39.33
CA ALA V 16 -13.49 -24.82 40.47
C ALA V 16 -13.48 -26.34 40.41
N GLU V 17 -13.99 -26.96 39.34
CA GLU V 17 -14.08 -28.41 39.25
C GLU V 17 -13.20 -28.97 38.14
N TYR V 18 -11.98 -28.44 38.02
CA TYR V 18 -11.06 -28.89 36.99
C TYR V 18 -10.56 -30.30 37.26
N GLY V 19 -10.61 -31.16 36.25
CA GLY V 19 -10.13 -32.52 36.36
C GLY V 19 -11.09 -33.50 36.98
N LYS V 20 -12.28 -33.06 37.40
CA LYS V 20 -13.25 -33.95 38.03
C LYS V 20 -13.94 -34.80 36.97
N VAL V 21 -13.90 -36.12 37.16
CA VAL V 21 -14.48 -37.06 36.20
C VAL V 21 -15.37 -38.06 36.93
N ALA V 22 -16.28 -38.65 36.17
CA ALA V 22 -17.02 -39.81 36.63
C ALA V 22 -16.18 -41.05 36.38
N PRO V 23 -16.01 -41.93 37.35
CA PRO V 23 -15.10 -43.07 37.17
C PRO V 23 -15.64 -44.07 36.14
N GLY V 24 -14.71 -44.71 35.44
CA GLY V 24 -15.08 -45.73 34.49
C GLY V 24 -15.72 -45.17 33.23
N TRP V 25 -16.69 -45.92 32.69
CA TRP V 25 -17.34 -45.56 31.45
C TRP V 25 -18.43 -44.50 31.62
N GLY V 26 -18.88 -44.25 32.85
CA GLY V 26 -19.83 -43.17 33.11
C GLY V 26 -21.14 -43.34 32.37
N THR V 27 -21.54 -42.29 31.66
CA THR V 27 -22.77 -42.28 30.87
C THR V 27 -22.49 -42.41 29.37
N THR V 28 -21.44 -43.15 28.99
CA THR V 28 -21.12 -43.31 27.57
C THR V 28 -22.17 -44.12 26.83
N SER V 29 -22.81 -45.06 27.51
CA SER V 29 -23.86 -45.86 26.86
C SER V 29 -25.06 -45.00 26.49
N VAL V 30 -25.43 -44.06 27.36
CA VAL V 30 -26.52 -43.12 27.05
C VAL V 30 -26.12 -42.22 25.90
N MET V 31 -24.86 -41.77 25.90
CA MET V 31 -24.36 -40.89 24.85
C MET V 31 -24.35 -41.58 23.49
N GLY V 32 -23.99 -42.87 23.46
CA GLY V 32 -24.00 -43.60 22.21
C GLY V 32 -25.39 -43.78 21.65
N VAL V 33 -26.39 -43.90 22.52
CA VAL V 33 -27.78 -44.02 22.06
C VAL V 33 -28.24 -42.70 21.44
N PHE V 34 -27.90 -41.59 22.08
CA PHE V 34 -28.27 -40.28 21.54
C PHE V 34 -27.51 -39.98 20.25
N MET V 35 -26.26 -40.44 20.15
CA MET V 35 -25.52 -40.30 18.90
C MET V 35 -26.14 -41.13 17.80
N ALA V 36 -26.57 -42.35 18.11
CA ALA V 36 -27.20 -43.22 17.12
C ALA V 36 -28.55 -42.66 16.67
N LEU V 37 -29.32 -42.11 17.62
CA LEU V 37 -30.59 -41.50 17.26
C LEU V 37 -30.39 -40.23 16.43
N PHE V 38 -29.32 -39.49 16.73
CA PHE V 38 -29.01 -38.31 15.95
C PHE V 38 -28.58 -38.67 14.53
N LEU V 39 -27.85 -39.78 14.39
CA LEU V 39 -27.43 -40.23 13.07
C LEU V 39 -28.62 -40.64 12.22
N VAL V 40 -29.58 -41.36 12.82
CA VAL V 40 -30.79 -41.75 12.11
C VAL V 40 -31.63 -40.52 11.75
N PHE V 41 -31.70 -39.56 12.68
CA PHE V 41 -32.47 -38.33 12.43
C PHE V 41 -31.86 -37.52 11.30
N LEU V 42 -30.52 -37.43 11.26
CA LEU V 42 -29.87 -36.66 10.20
C LEU V 42 -30.05 -37.33 8.84
N VAL V 43 -30.07 -38.66 8.81
CA VAL V 43 -30.30 -39.37 7.57
C VAL V 43 -31.74 -39.17 7.08
N ILE V 44 -32.69 -39.08 8.01
CA ILE V 44 -34.09 -38.87 7.66
C ILE V 44 -34.29 -37.54 6.97
N ILE V 45 -33.78 -36.45 7.56
CA ILE V 45 -33.99 -35.13 7.00
C ILE V 45 -33.15 -34.93 5.75
N LEU V 46 -32.06 -35.70 5.60
CA LEU V 46 -31.32 -35.67 4.36
C LEU V 46 -32.10 -36.35 3.24
N GLN V 47 -32.67 -37.52 3.54
CA GLN V 47 -33.42 -38.27 2.52
C GLN V 47 -34.75 -37.61 2.20
N ILE V 48 -35.31 -36.84 3.13
CA ILE V 48 -36.50 -36.06 2.82
C ILE V 48 -36.15 -34.95 1.83
N TYR V 49 -35.06 -34.23 2.10
CA TYR V 49 -34.58 -33.19 1.20
C TYR V 49 -34.17 -33.79 -0.14
N ASN V 50 -33.53 -34.97 -0.11
CA ASN V 50 -33.11 -35.67 -1.31
C ASN V 50 -34.28 -36.29 -2.07
N SER V 51 -35.49 -36.29 -1.49
CA SER V 51 -36.68 -36.97 -2.01
C SER V 51 -36.46 -38.47 -2.14
N SER V 52 -35.60 -39.03 -1.29
CA SER V 52 -35.48 -40.47 -1.16
C SER V 52 -36.50 -41.04 -0.18
N ILE V 53 -37.04 -40.18 0.67
CA ILE V 53 -38.18 -40.52 1.51
C ILE V 53 -39.29 -39.56 1.10
N ILE V 54 -40.34 -40.09 0.48
CA ILE V 54 -41.51 -39.29 0.12
C ILE V 54 -42.55 -39.53 1.21
N LEU V 55 -42.91 -38.47 1.92
CA LEU V 55 -43.84 -38.61 3.03
C LEU V 55 -45.28 -38.53 2.52
N GLU V 56 -46.22 -38.39 3.44
CA GLU V 56 -47.64 -38.52 3.09
C GLU V 56 -48.13 -37.34 2.28
N ASN V 57 -48.09 -36.14 2.86
CA ASN V 57 -48.55 -34.97 2.13
C ASN V 57 -47.62 -33.78 2.33
N VAL V 58 -46.32 -34.03 2.50
CA VAL V 58 -45.33 -32.98 2.48
C VAL V 58 -44.59 -33.06 1.15
N ASP V 59 -44.36 -31.92 0.53
CA ASP V 59 -43.72 -31.87 -0.78
C ASP V 59 -42.52 -30.96 -0.71
N VAL V 60 -41.36 -31.47 -1.11
CA VAL V 60 -40.14 -30.67 -1.09
C VAL V 60 -40.17 -29.79 -2.33
N ASP V 61 -40.74 -28.60 -2.19
CA ASP V 61 -40.91 -27.61 -3.23
C ASP V 61 -41.28 -26.31 -2.54
N TRP V 62 -41.11 -25.20 -3.26
CA TRP V 62 -41.40 -23.88 -2.70
C TRP V 62 -42.87 -23.78 -2.32
N VAL V 63 -43.15 -23.24 -1.14
CA VAL V 63 -44.50 -23.18 -0.60
C VAL V 63 -44.98 -21.73 -0.59
N THR V 64 -46.29 -21.57 -0.53
CA THR V 64 -46.95 -20.28 -0.48
C THR V 64 -47.38 -19.99 0.95
N VAL V 65 -47.30 -18.70 1.33
CA VAL V 65 -47.61 -18.20 2.67
C VAL V 65 -46.83 -18.94 3.75
N MET W 1 23.64 -5.24 -41.16
CA MET W 1 23.07 -6.58 -41.11
C MET W 1 24.16 -7.64 -41.23
N PHE W 2 25.10 -7.41 -42.17
CA PHE W 2 26.25 -8.30 -42.28
C PHE W 2 27.19 -8.15 -41.09
N THR W 3 27.29 -6.93 -40.55
CA THR W 3 28.13 -6.70 -39.37
C THR W 3 27.60 -7.47 -38.16
N LEU W 4 26.27 -7.50 -37.98
CA LEU W 4 25.68 -8.26 -36.89
C LEU W 4 25.95 -9.75 -37.06
N LYS W 5 25.88 -10.24 -38.30
CA LYS W 5 26.24 -11.62 -38.58
C LYS W 5 27.70 -11.90 -38.25
N ILE W 6 28.58 -10.95 -38.55
CA ILE W 6 30.01 -11.10 -38.25
C ILE W 6 30.22 -11.20 -36.75
N LEU W 7 29.61 -10.30 -35.98
CA LEU W 7 29.79 -10.29 -34.54
C LEU W 7 29.20 -11.54 -33.88
N VAL W 8 28.03 -11.96 -34.34
CA VAL W 8 27.39 -13.16 -33.78
C VAL W 8 28.23 -14.40 -34.09
N TYR W 9 28.73 -14.49 -35.33
CA TYR W 9 29.59 -15.62 -35.71
C TYR W 9 30.85 -15.66 -34.87
N THR W 10 31.48 -14.49 -34.65
CA THR W 10 32.70 -14.43 -33.86
C THR W 10 32.45 -14.84 -32.41
N VAL W 11 31.34 -14.36 -31.83
CA VAL W 11 31.02 -14.68 -30.43
C VAL W 11 30.73 -16.17 -30.28
N VAL W 12 29.95 -16.74 -31.21
CA VAL W 12 29.57 -18.15 -31.16
C VAL W 12 30.81 -19.03 -31.31
N ILE W 13 31.68 -18.70 -32.26
CA ILE W 13 32.90 -19.47 -32.48
C ILE W 13 33.83 -19.32 -31.29
N PHE W 14 33.87 -18.15 -30.67
CA PHE W 14 34.70 -17.91 -29.49
C PHE W 14 34.27 -18.80 -28.32
N PHE W 15 32.96 -18.88 -28.07
CA PHE W 15 32.50 -19.70 -26.95
C PHE W 15 32.63 -21.19 -27.24
N ILE W 16 32.40 -21.61 -28.50
CA ILE W 16 32.59 -23.02 -28.85
C ILE W 16 34.06 -23.40 -28.73
N SER W 17 34.96 -22.50 -29.15
CA SER W 17 36.38 -22.77 -29.05
C SER W 17 36.84 -22.81 -27.59
N LEU W 18 36.25 -21.95 -26.74
CA LEU W 18 36.52 -22.02 -25.31
C LEU W 18 36.14 -23.37 -24.75
N PHE W 19 34.94 -23.84 -25.09
CA PHE W 19 34.47 -25.16 -24.66
C PHE W 19 35.40 -26.28 -25.14
N THR W 20 35.74 -26.25 -26.43
CA THR W 20 36.51 -27.33 -27.05
C THR W 20 37.93 -27.39 -26.52
N PHE W 21 38.62 -26.25 -26.47
CA PHE W 21 39.99 -26.25 -25.97
C PHE W 21 40.04 -26.40 -24.47
N GLY W 22 38.96 -26.05 -23.76
CA GLY W 22 38.92 -26.30 -22.34
C GLY W 22 38.79 -27.78 -22.01
N PHE W 23 37.97 -28.50 -22.78
CA PHE W 23 37.87 -29.94 -22.52
C PHE W 23 39.10 -30.69 -23.03
N LEU W 24 39.93 -30.07 -23.85
CA LEU W 24 41.20 -30.66 -24.26
C LEU W 24 42.33 -30.35 -23.30
N SER W 25 42.10 -29.52 -22.29
CA SER W 25 43.16 -29.08 -21.37
C SER W 25 43.24 -30.01 -20.16
N SER W 26 43.39 -31.31 -20.45
CA SER W 26 43.56 -32.37 -19.44
C SER W 26 42.40 -32.37 -18.43
N ASP W 27 41.18 -32.38 -18.96
CA ASP W 27 39.99 -32.38 -18.10
C ASP W 27 39.86 -33.56 -17.14
N PRO W 28 40.16 -34.82 -17.51
CA PRO W 28 40.05 -35.90 -16.51
C PRO W 28 40.94 -35.74 -15.29
N SER W 29 42.01 -34.95 -15.38
CA SER W 29 42.86 -34.72 -14.22
C SER W 29 42.19 -33.81 -13.19
N ARG W 30 41.31 -32.92 -13.64
CA ARG W 30 40.69 -31.94 -12.74
C ARG W 30 39.56 -32.62 -11.95
N ASN W 31 39.96 -33.45 -11.01
CA ASN W 31 39.05 -34.18 -10.14
C ASN W 31 39.70 -34.31 -8.77
N PRO W 32 38.89 -34.36 -7.70
CA PRO W 32 39.48 -34.34 -6.35
C PRO W 32 40.24 -35.60 -5.96
N ASN W 33 40.07 -36.70 -6.70
CA ASN W 33 40.75 -37.95 -6.42
C ASN W 33 42.00 -38.13 -7.27
N ARG W 34 42.68 -37.02 -7.58
CA ARG W 34 43.89 -37.08 -8.40
C ARG W 34 45.00 -37.83 -7.67
N LYS W 35 45.68 -38.71 -8.40
CA LYS W 35 46.73 -39.54 -7.81
C LYS W 35 47.90 -38.69 -7.33
N ASP W 36 48.33 -37.73 -8.13
CA ASP W 36 49.45 -36.87 -7.77
C ASP W 36 49.40 -35.55 -8.53
N ALA X 4 3.77 -65.30 -50.40
CA ALA X 4 4.23 -65.78 -51.70
C ALA X 4 5.62 -66.39 -51.59
N LEU X 5 5.73 -67.47 -50.84
CA LEU X 5 6.99 -68.16 -50.69
C LEU X 5 7.32 -68.94 -51.96
N PRO X 6 8.59 -69.23 -52.20
CA PRO X 6 8.97 -70.06 -53.35
C PRO X 6 8.31 -71.44 -53.30
N GLU X 7 8.06 -71.99 -54.50
CA GLU X 7 7.27 -73.22 -54.63
C GLU X 7 7.82 -74.44 -53.91
N PRO X 8 9.12 -74.80 -54.00
CA PRO X 8 9.56 -76.02 -53.30
C PRO X 8 9.66 -75.88 -51.78
N TYR X 9 9.45 -74.69 -51.23
CA TYR X 9 9.53 -74.48 -49.79
C TYR X 9 8.22 -73.96 -49.21
N THR X 10 7.10 -74.12 -49.91
CA THR X 10 5.81 -73.66 -49.40
C THR X 10 5.33 -74.48 -48.20
N ALA X 11 5.81 -75.71 -48.05
CA ALA X 11 5.48 -76.52 -46.89
C ALA X 11 6.18 -76.05 -45.62
N PHE X 12 7.15 -75.14 -45.76
CA PHE X 12 7.79 -74.51 -44.63
C PHE X 12 7.14 -73.19 -44.25
N ARG X 13 5.91 -72.95 -44.69
CA ARG X 13 5.20 -71.72 -44.32
C ARG X 13 4.93 -71.60 -42.82
N PRO X 14 4.35 -72.62 -42.09
CA PRO X 14 4.03 -72.39 -40.66
C PRO X 14 5.21 -72.10 -39.75
N ILE X 15 6.38 -72.66 -40.05
CA ILE X 15 7.54 -72.43 -39.19
C ILE X 15 8.09 -71.03 -39.43
N VAL X 16 7.77 -70.43 -40.58
CA VAL X 16 8.27 -69.10 -40.92
C VAL X 16 7.65 -68.02 -40.03
N ASP X 17 6.35 -68.15 -39.72
CA ASP X 17 5.69 -67.09 -38.95
C ASP X 17 6.21 -67.00 -37.51
N VAL X 18 6.78 -68.08 -36.98
CA VAL X 18 7.26 -68.03 -35.60
C VAL X 18 8.75 -67.71 -35.54
N MET X 19 9.45 -67.74 -36.69
CA MET X 19 10.84 -67.29 -36.75
C MET X 19 11.08 -65.87 -36.23
N PRO X 20 10.22 -64.86 -36.47
CA PRO X 20 10.49 -63.55 -35.86
C PRO X 20 10.52 -63.51 -34.34
N ALA X 21 9.75 -64.35 -33.65
CA ALA X 21 9.64 -64.24 -32.21
C ALA X 21 10.80 -64.88 -31.45
N ILE X 22 11.66 -65.63 -32.13
CA ILE X 22 12.78 -66.29 -31.44
C ILE X 22 13.77 -65.32 -30.79
N PRO X 23 14.16 -64.20 -31.43
CA PRO X 23 15.01 -63.22 -30.70
C PRO X 23 14.39 -62.69 -29.41
N VAL X 24 13.08 -62.51 -29.36
CA VAL X 24 12.45 -62.00 -28.15
C VAL X 24 12.55 -63.01 -27.01
N LEU X 25 12.26 -64.28 -27.29
CA LEU X 25 12.32 -65.29 -26.24
C LEU X 25 13.74 -65.61 -25.80
N PHE X 26 14.76 -65.21 -26.56
CA PHE X 26 16.13 -65.30 -26.07
C PHE X 26 16.34 -64.36 -24.88
N LEU X 27 15.65 -63.21 -24.88
CA LEU X 27 15.71 -62.31 -23.74
C LEU X 27 15.04 -62.91 -22.51
N LEU X 28 13.88 -63.57 -22.72
CA LEU X 28 13.25 -64.26 -21.60
C LEU X 28 14.02 -65.51 -21.19
N LEU X 29 14.85 -66.04 -22.09
CA LEU X 29 15.70 -67.17 -21.74
C LEU X 29 16.76 -66.77 -20.72
N ALA X 30 17.25 -65.53 -20.81
CA ALA X 30 18.22 -65.05 -19.83
C ALA X 30 17.58 -64.84 -18.47
N PHE X 31 16.30 -64.46 -18.45
CA PHE X 31 15.62 -64.21 -17.19
C PHE X 31 15.30 -65.52 -16.46
N VAL X 32 14.88 -66.56 -17.20
CA VAL X 32 14.55 -67.82 -16.56
C VAL X 32 15.81 -68.57 -16.15
N TRP X 33 16.92 -68.34 -16.85
CA TRP X 33 18.18 -68.96 -16.46
C TRP X 33 18.67 -68.42 -15.12
N GLN X 34 18.53 -67.11 -14.91
CA GLN X 34 18.88 -66.53 -13.62
C GLN X 34 17.89 -66.95 -12.54
N ALA X 35 16.61 -67.06 -12.90
CA ALA X 35 15.61 -67.49 -11.94
C ALA X 35 15.79 -68.95 -11.56
N SER X 36 16.26 -69.79 -12.49
CA SER X 36 16.52 -71.19 -12.17
C SER X 36 17.76 -71.35 -11.30
N VAL X 37 18.77 -70.50 -11.50
CA VAL X 37 19.99 -70.59 -10.69
C VAL X 37 19.84 -69.88 -9.35
N GLY X 38 18.76 -69.13 -9.15
CA GLY X 38 18.54 -68.44 -7.90
C GLY X 38 19.12 -67.04 -7.89
N PHE X 39 19.20 -66.42 -9.07
CA PHE X 39 19.70 -65.06 -9.27
C PHE X 39 21.13 -64.91 -8.75
N ARG X 40 21.97 -65.87 -9.13
CA ARG X 40 23.37 -65.85 -8.73
C ARG X 40 24.17 -64.90 -9.64
N MET Y 1 -4.75 -8.92 36.55
CA MET Y 1 -3.60 -8.20 37.09
C MET Y 1 -2.60 -7.87 36.00
N SER Y 2 -1.93 -6.72 36.15
CA SER Y 2 -0.96 -6.26 35.16
C SER Y 2 0.45 -6.72 35.53
N ALA Y 3 0.56 -8.02 35.76
CA ALA Y 3 1.83 -8.67 36.04
C ALA Y 3 2.59 -8.91 34.73
N PRO Y 4 3.92 -9.11 34.79
CA PRO Y 4 4.64 -9.53 33.58
C PRO Y 4 4.16 -10.88 33.08
N ASN Y 5 3.68 -10.92 31.85
CA ASN Y 5 3.11 -12.14 31.29
C ASN Y 5 4.19 -13.17 30.99
N PRO Y 6 4.13 -14.37 31.59
CA PRO Y 6 5.17 -15.38 31.34
C PRO Y 6 5.02 -16.11 30.02
N ASN Y 7 3.90 -15.94 29.33
CA ASN Y 7 3.68 -16.63 28.06
C ASN Y 7 4.20 -15.84 26.87
N LYS Y 8 4.82 -14.69 27.09
CA LYS Y 8 5.40 -13.91 26.00
C LYS Y 8 6.56 -14.67 25.37
N GLN Y 9 6.54 -14.75 24.04
CA GLN Y 9 7.57 -15.47 23.31
C GLN Y 9 8.09 -14.62 22.15
N PRO Y 10 9.38 -14.68 21.87
CA PRO Y 10 9.90 -14.00 20.67
C PRO Y 10 9.46 -14.71 19.40
N VAL Y 11 9.46 -13.96 18.31
CA VAL Y 11 9.02 -14.46 17.01
C VAL Y 11 10.20 -14.45 16.05
N GLU Y 12 10.33 -15.52 15.29
CA GLU Y 12 11.49 -15.77 14.46
C GLU Y 12 11.09 -15.95 13.00
N LEU Y 13 11.83 -15.32 12.10
CA LEU Y 13 11.67 -15.52 10.65
C LEU Y 13 13.06 -15.37 10.04
N ASN Y 14 13.68 -16.49 9.67
CA ASN Y 14 15.01 -16.43 9.10
C ASN Y 14 14.94 -15.94 7.65
N ARG Y 15 16.12 -15.72 7.06
CA ARG Y 15 16.19 -15.12 5.73
C ARG Y 15 15.63 -16.05 4.66
N THR Y 16 15.80 -17.37 4.83
CA THR Y 16 15.24 -18.32 3.88
C THR Y 16 13.71 -18.26 3.88
N SER Y 17 13.10 -18.18 5.07
CA SER Y 17 11.66 -18.06 5.15
C SER Y 17 11.18 -16.73 4.58
N LEU Y 18 11.97 -15.66 4.78
CA LEU Y 18 11.63 -14.37 4.17
C LEU Y 18 11.65 -14.45 2.65
N TYR Y 19 12.67 -15.11 2.09
CA TYR Y 19 12.74 -15.27 0.64
C TYR Y 19 11.61 -16.11 0.11
N TRP Y 20 11.25 -17.18 0.83
CA TRP Y 20 10.12 -18.02 0.42
C TRP Y 20 8.81 -17.24 0.46
N GLY Y 21 8.60 -16.43 1.49
CA GLY Y 21 7.39 -15.63 1.56
C GLY Y 21 7.34 -14.55 0.49
N LEU Y 22 8.47 -13.89 0.22
CA LEU Y 22 8.51 -12.87 -0.83
C LEU Y 22 8.24 -13.49 -2.20
N LEU Y 23 8.85 -14.66 -2.47
CA LEU Y 23 8.61 -15.34 -3.73
C LEU Y 23 7.15 -15.77 -3.85
N LEU Y 24 6.57 -16.28 -2.76
CA LEU Y 24 5.17 -16.71 -2.80
C LEU Y 24 4.23 -15.55 -3.06
N ILE Y 25 4.45 -14.41 -2.39
CA ILE Y 25 3.58 -13.26 -2.56
C ILE Y 25 3.73 -12.66 -3.95
N PHE Y 26 4.97 -12.53 -4.44
CA PHE Y 26 5.18 -11.97 -5.77
C PHE Y 26 4.63 -12.87 -6.87
N VAL Y 27 4.81 -14.20 -6.74
CA VAL Y 27 4.30 -15.13 -7.73
C VAL Y 27 2.77 -15.19 -7.70
N LEU Y 28 2.19 -15.10 -6.50
CA LEU Y 28 0.73 -15.06 -6.40
C LEU Y 28 0.17 -13.78 -7.02
N ALA Y 29 0.85 -12.65 -6.83
CA ALA Y 29 0.43 -11.40 -7.45
C ALA Y 29 0.54 -11.50 -8.98
N VAL Y 30 1.63 -12.10 -9.47
CA VAL Y 30 1.82 -12.30 -10.91
C VAL Y 30 0.71 -13.15 -11.48
N LEU Y 31 0.34 -14.22 -10.76
CA LEU Y 31 -0.69 -15.14 -11.24
C LEU Y 31 -2.08 -14.50 -11.22
N PHE Y 32 -2.40 -13.78 -10.15
CA PHE Y 32 -3.77 -13.31 -9.97
C PHE Y 32 -4.02 -11.89 -10.50
N SER Y 33 -2.99 -11.18 -10.94
CA SER Y 33 -3.17 -9.81 -11.42
C SER Y 33 -4.01 -9.78 -12.70
N SER Y 34 -3.76 -10.73 -13.61
CA SER Y 34 -4.50 -10.79 -14.87
C SER Y 34 -5.98 -11.04 -14.61
N TYR Y 35 -6.28 -11.88 -13.62
CA TYR Y 35 -7.67 -12.19 -13.30
C TYR Y 35 -8.36 -11.05 -12.57
N PHE Y 36 -7.63 -10.36 -11.69
CA PHE Y 36 -8.22 -9.21 -11.01
C PHE Y 36 -8.51 -8.09 -11.99
N PHE Y 37 -7.58 -7.81 -12.91
CA PHE Y 37 -7.74 -6.73 -13.88
C PHE Y 37 -8.82 -7.01 -14.91
N ASN Y 38 -9.28 -8.25 -15.05
CA ASN Y 38 -10.27 -8.58 -16.06
C ASN Y 38 -11.49 -9.26 -15.46
N GLU Z 78 -16.10 11.91 -11.42
CA GLU Z 78 -15.03 11.01 -11.85
C GLU Z 78 -14.00 10.82 -10.74
N VAL Z 79 -13.91 9.60 -10.23
CA VAL Z 79 -12.94 9.29 -9.18
C VAL Z 79 -11.54 9.29 -9.80
N SER Z 80 -10.67 10.16 -9.28
CA SER Z 80 -9.30 10.24 -9.77
C SER Z 80 -8.55 9.00 -9.30
N PHE Z 81 -8.20 8.14 -10.25
CA PHE Z 81 -7.58 6.85 -9.92
C PHE Z 81 -6.21 7.03 -9.28
N GLY Z 82 -5.38 7.92 -9.83
CA GLY Z 82 -4.05 8.11 -9.28
C GLY Z 82 -4.05 8.80 -7.93
N ALA Z 83 -5.10 9.58 -7.67
CA ALA Z 83 -5.21 10.26 -6.37
C ALA Z 83 -5.46 9.27 -5.24
N PHE Z 84 -6.15 8.18 -5.51
CA PHE Z 84 -6.40 7.16 -4.49
C PHE Z 84 -5.09 6.49 -4.08
N LEU Z 85 -4.23 6.19 -5.05
CA LEU Z 85 -2.94 5.60 -4.73
C LEU Z 85 -2.04 6.58 -3.99
N ALA Z 86 -2.16 7.88 -4.30
CA ALA Z 86 -1.37 8.90 -3.62
C ALA Z 86 -1.74 8.98 -2.14
N VAL Z 87 -3.03 8.90 -1.84
CA VAL Z 87 -3.47 8.93 -0.45
C VAL Z 87 -3.10 7.62 0.25
N ILE Z 88 -3.30 6.49 -0.43
CA ILE Z 88 -3.09 5.18 0.19
C ILE Z 88 -1.60 4.92 0.38
N LEU Z 89 -0.82 5.00 -0.70
CA LEU Z 89 0.60 4.70 -0.61
C LEU Z 89 1.35 5.82 0.10
N GLY Z 90 0.85 7.05 0.02
CA GLY Z 90 1.45 8.13 0.76
C GLY Z 90 1.26 8.01 2.25
N LEU Z 91 0.25 7.26 2.69
CA LEU Z 91 0.03 6.97 4.10
C LEU Z 91 0.63 5.63 4.51
N PHE Z 92 0.49 4.60 3.68
CA PHE Z 92 0.88 3.25 4.06
C PHE Z 92 2.39 3.11 4.20
N ILE Z 93 3.14 3.57 3.20
CA ILE Z 93 4.59 3.37 3.15
C ILE Z 93 5.33 4.04 4.32
N PRO Z 94 5.09 5.33 4.66
CA PRO Z 94 5.80 5.85 5.85
C PRO Z 94 5.31 5.27 7.17
N VAL Z 95 4.04 4.88 7.26
CA VAL Z 95 3.53 4.21 8.45
C VAL Z 95 4.22 2.85 8.61
N VAL Z 96 4.39 2.14 7.50
CA VAL Z 96 5.09 0.86 7.51
C VAL Z 96 6.53 1.03 7.96
N PHE Z 97 7.20 2.07 7.45
CA PHE Z 97 8.60 2.33 7.80
C PHE Z 97 8.74 2.65 9.28
N LEU Z 98 7.80 3.41 9.84
CA LEU Z 98 7.86 3.74 11.26
C LEU Z 98 7.55 2.54 12.13
N VAL Z 99 6.59 1.72 11.71
CA VAL Z 99 6.22 0.55 12.50
C VAL Z 99 7.34 -0.49 12.48
N THR Z 100 7.98 -0.69 11.32
CA THR Z 100 9.09 -1.62 11.21
C THR Z 100 10.28 -1.16 12.05
N LEU Z 101 10.54 0.16 12.08
CA LEU Z 101 11.64 0.69 12.87
C LEU Z 101 11.39 0.52 14.37
N TYR Z 102 10.14 0.69 14.80
CA TYR Z 102 9.84 0.57 16.22
C TYR Z 102 9.89 -0.88 16.68
N ILE Z 103 9.43 -1.81 15.84
CA ILE Z 103 9.36 -3.21 16.23
C ILE Z 103 10.76 -3.80 16.41
N GLN Z 104 11.67 -3.50 15.48
CA GLN Z 104 13.05 -3.96 15.66
C GLN Z 104 13.75 -3.21 16.78
N SER Z 105 13.27 -2.00 17.11
CA SER Z 105 13.82 -1.28 18.26
C SER Z 105 13.39 -1.94 19.57
N GLU Z 106 12.18 -2.50 19.59
CA GLU Z 106 11.72 -3.23 20.77
C GLU Z 106 12.51 -4.51 20.97
N ALA Z 107 12.93 -5.15 19.88
CA ALA Z 107 13.71 -6.38 19.98
C ALA Z 107 15.09 -6.11 20.56
N GLN Z 108 15.65 -4.93 20.31
CA GLN Z 108 16.96 -4.56 20.84
C GLN Z 108 16.87 -3.88 22.20
N GLY Z 109 15.69 -3.65 22.72
CA GLY Z 109 15.54 -2.94 23.99
C GLY Z 109 15.94 -1.48 23.93
N THR Z 110 15.72 -0.83 22.79
CA THR Z 110 16.01 0.58 22.63
C THR Z 110 14.78 1.40 22.28
N ALA Z 111 13.59 0.86 22.48
CA ALA Z 111 12.35 1.53 22.11
C ALA Z 111 11.75 2.33 23.25
N THR Z 112 12.54 2.67 24.26
CA THR Z 112 12.10 3.50 25.37
C THR Z 112 13.08 4.64 25.55
N ASN Z 113 12.55 5.84 25.85
CA ASN Z 113 13.41 6.96 26.16
C ASN Z 113 13.75 7.05 27.65
N PHE Z 114 13.15 6.18 28.47
CA PHE Z 114 13.42 6.16 29.90
C PHE Z 114 14.49 5.13 30.23
N ARG Z 115 15.64 5.32 29.60
CA ARG Z 115 16.81 4.49 29.81
C ARG Z 115 18.05 5.37 29.75
N LEU Z 116 19.13 4.90 30.35
CA LEU Z 116 20.37 5.64 30.38
C LEU Z 116 21.02 5.65 29.00
N PRO Z 117 21.91 6.60 28.73
CA PRO Z 117 22.68 6.57 27.48
C PRO Z 117 23.57 5.35 27.41
N ASP Z 118 24.12 5.11 26.21
CA ASP Z 118 24.88 3.90 25.93
C ASP Z 118 26.14 3.82 26.80
N LYS Z 119 26.30 2.66 27.46
CA LYS Z 119 27.51 2.41 28.24
C LYS Z 119 28.68 2.08 27.34
N ALA Z 120 28.40 1.61 26.13
CA ALA Z 120 29.41 1.24 25.15
C ALA Z 120 28.77 1.32 23.77
N PRO Z 121 29.56 1.43 22.70
CA PRO Z 121 28.98 1.42 21.35
C PRO Z 121 28.27 0.12 21.05
N GLY Z 122 26.97 0.22 20.76
CA GLY Z 122 26.14 -0.93 20.49
C GLY Z 122 25.48 -1.54 21.71
N VAL Z 123 25.80 -1.05 22.91
CA VAL Z 123 25.23 -1.56 24.15
C VAL Z 123 24.32 -0.49 24.73
N PRO Z 124 23.00 -0.72 24.71
CA PRO Z 124 22.08 0.26 25.27
C PRO Z 124 22.21 0.39 26.78
N GLY Z 125 21.91 1.57 27.29
CA GLY Z 125 21.99 1.83 28.71
C GLY Z 125 20.88 1.14 29.49
N ASP Z 126 21.05 1.15 30.81
CA ASP Z 126 20.09 0.53 31.70
C ASP Z 126 18.80 1.35 31.75
N ARG Z 127 17.68 0.65 31.92
CA ARG Z 127 16.41 1.31 32.10
C ARG Z 127 16.35 1.97 33.47
N TYR Z 128 15.47 2.97 33.62
CA TYR Z 128 15.39 3.72 34.86
C TYR Z 128 14.90 2.85 36.00
N ASP Z 129 13.93 1.99 35.74
CA ASP Z 129 13.45 1.01 36.73
C ASP Z 129 14.15 -0.32 36.51
N ALA Z 130 15.41 -0.38 36.97
CA ALA Z 130 16.33 -1.51 36.83
C ALA Z 130 16.50 -1.98 35.39
N ASN AA 6 -43.76 1.64 12.83
CA ASN AA 6 -42.89 0.60 13.35
C ASN AA 6 -42.32 0.98 14.71
N ALA AA 7 -42.02 2.27 14.88
CA ALA AA 7 -41.59 2.76 16.18
C ALA AA 7 -42.75 2.71 17.16
N GLY AA 8 -42.46 2.34 18.40
CA GLY AA 8 -43.48 2.10 19.40
C GLY AA 8 -43.87 0.65 19.54
N ASP AA 9 -43.53 -0.19 18.56
CA ASP AA 9 -43.80 -1.62 18.66
C ASP AA 9 -42.87 -2.25 19.68
N PHE AA 10 -43.42 -3.23 20.42
CA PHE AA 10 -42.68 -4.01 21.42
C PHE AA 10 -42.07 -3.11 22.50
N GLY AA 11 -42.83 -2.11 22.93
CA GLY AA 11 -42.41 -1.22 23.98
C GLY AA 11 -41.75 0.06 23.52
N GLY AA 12 -41.45 0.19 22.24
CA GLY AA 12 -40.75 1.38 21.78
C GLY AA 12 -39.29 1.34 22.19
N TYR AA 13 -38.78 2.50 22.60
CA TYR AA 13 -37.39 2.59 23.05
C TYR AA 13 -37.19 2.16 24.49
N THR AA 14 -38.26 1.67 25.15
CA THR AA 14 -38.22 1.42 26.59
C THR AA 14 -37.25 0.30 26.95
N ILE AA 15 -37.44 -0.88 26.36
CA ILE AA 15 -36.61 -2.05 26.66
C ILE AA 15 -35.14 -1.83 26.28
N PRO AA 16 -34.79 -1.27 25.09
CA PRO AA 16 -33.36 -0.96 24.87
C PRO AA 16 -32.77 0.05 25.85
N ILE AA 17 -33.55 1.04 26.29
CA ILE AA 17 -33.02 2.02 27.24
C ILE AA 17 -32.83 1.37 28.60
N ILE AA 18 -33.84 0.61 29.06
CA ILE AA 18 -33.76 -0.05 30.36
C ILE AA 18 -32.68 -1.12 30.34
N GLY AA 19 -32.59 -1.87 29.25
CA GLY AA 19 -31.57 -2.90 29.09
C GLY AA 19 -30.15 -2.37 29.08
N LEU AA 20 -29.92 -1.28 28.35
CA LEU AA 20 -28.59 -0.67 28.31
C LEU AA 20 -28.25 -0.03 29.65
N GLY AA 21 -29.23 0.59 30.30
CA GLY AA 21 -28.99 1.15 31.62
C GLY AA 21 -28.70 0.09 32.66
N LEU AA 22 -29.33 -1.08 32.52
CA LEU AA 22 -29.10 -2.17 33.46
C LEU AA 22 -27.70 -2.74 33.30
N ILE AA 23 -27.23 -2.88 32.05
CA ILE AA 23 -25.90 -3.40 31.80
C ILE AA 23 -24.84 -2.42 32.31
N GLY AA 24 -25.05 -1.13 32.06
CA GLY AA 24 -24.10 -0.13 32.54
C GLY AA 24 -24.04 -0.03 34.05
N ALA AA 25 -25.19 -0.22 34.70
CA ALA AA 25 -25.23 -0.15 36.17
C ALA AA 25 -24.56 -1.36 36.80
N THR AA 26 -24.72 -2.54 36.20
CA THR AA 26 -24.09 -3.74 36.75
C THR AA 26 -22.57 -3.71 36.57
N ILE AA 27 -22.10 -3.16 35.45
CA ILE AA 27 -20.66 -3.02 35.21
C ILE AA 27 -20.06 -2.06 36.23
N ALA AA 28 -20.74 -0.94 36.48
CA ALA AA 28 -20.27 0.01 37.48
C ALA AA 28 -20.35 -0.56 38.89
N LEU AA 29 -21.33 -1.41 39.16
CA LEU AA 29 -21.44 -2.02 40.49
C LEU AA 29 -20.32 -3.02 40.74
N LEU AA 30 -19.93 -3.76 39.70
CA LEU AA 30 -18.87 -4.76 39.81
C LEU AA 30 -17.49 -4.20 39.52
N ALA AA 31 -17.37 -2.90 39.24
CA ALA AA 31 -16.09 -2.32 38.85
C ALA AA 31 -15.14 -2.15 40.03
N GLY AA 32 -15.67 -1.92 41.23
CA GLY AA 32 -14.83 -1.68 42.39
C GLY AA 32 -14.07 -2.93 42.83
N PRO AA 33 -12.92 -2.74 43.45
CA PRO AA 33 -12.15 -3.88 43.95
C PRO AA 33 -12.79 -4.48 45.19
N VAL AA 34 -12.39 -5.71 45.50
CA VAL AA 34 -12.94 -6.42 46.65
C VAL AA 34 -12.16 -6.06 47.90
N ASP AA 35 -12.89 -5.94 49.01
CA ASP AA 35 -12.36 -5.73 50.36
C ASP AA 35 -11.37 -4.56 50.50
N MET BA 1 -2.29 1.20 -18.01
CA MET BA 1 -1.24 1.04 -17.00
C MET BA 1 -1.16 -0.40 -16.51
N GLU BA 2 -1.94 -1.29 -17.13
CA GLU BA 2 -1.93 -2.69 -16.73
C GLU BA 2 -0.61 -3.36 -17.08
N ALA BA 3 -0.09 -3.07 -18.28
CA ALA BA 3 1.18 -3.64 -18.71
C ALA BA 3 2.33 -3.18 -17.83
N LEU BA 4 2.25 -1.94 -17.33
CA LEU BA 4 3.23 -1.44 -16.38
C LEU BA 4 3.22 -2.24 -15.09
N VAL BA 5 2.02 -2.57 -14.60
CA VAL BA 5 1.89 -3.37 -13.39
C VAL BA 5 2.43 -4.78 -13.61
N TYR BA 6 2.12 -5.37 -14.76
CA TYR BA 6 2.63 -6.71 -15.09
C TYR BA 6 4.15 -6.73 -15.15
N THR BA 7 4.73 -5.72 -15.80
CA THR BA 7 6.18 -5.62 -15.91
C THR BA 7 6.82 -5.41 -14.54
N PHE BA 8 6.21 -4.57 -13.70
CA PHE BA 8 6.73 -4.33 -12.36
C PHE BA 8 6.70 -5.60 -11.53
N LEU BA 9 5.63 -6.37 -11.64
CA LEU BA 9 5.52 -7.62 -10.89
C LEU BA 9 6.57 -8.64 -11.34
N LEU BA 10 6.77 -8.77 -12.65
CA LEU BA 10 7.75 -9.73 -13.16
C LEU BA 10 9.18 -9.32 -12.78
N ILE BA 11 9.49 -8.03 -12.90
CA ILE BA 11 10.84 -7.55 -12.56
C ILE BA 11 11.08 -7.67 -11.06
N GLY BA 12 10.04 -7.41 -10.25
CA GLY BA 12 10.18 -7.60 -8.82
C GLY BA 12 10.41 -9.05 -8.44
N THR BA 13 9.75 -9.97 -9.14
CA THR BA 13 9.99 -11.39 -8.91
C THR BA 13 11.42 -11.77 -9.25
N LEU BA 14 11.94 -11.25 -10.37
CA LEU BA 14 13.33 -11.54 -10.73
C LEU BA 14 14.32 -10.92 -9.75
N ILE BA 15 13.99 -9.75 -9.19
CA ILE BA 15 14.83 -9.11 -8.18
C ILE BA 15 14.86 -9.97 -6.91
N VAL BA 16 13.70 -10.49 -6.51
CA VAL BA 16 13.61 -11.36 -5.34
C VAL BA 16 14.45 -12.62 -5.56
N ILE BA 17 14.40 -13.17 -6.79
CA ILE BA 17 15.20 -14.35 -7.11
C ILE BA 17 16.69 -14.04 -7.04
N PHE BA 18 17.09 -12.87 -7.55
CA PHE BA 18 18.48 -12.45 -7.49
C PHE BA 18 18.97 -12.33 -6.05
N PHE BA 19 18.16 -11.72 -5.19
CA PHE BA 19 18.52 -11.56 -3.79
C PHE BA 19 18.56 -12.90 -3.06
N ALA BA 20 17.65 -13.81 -3.43
CA ALA BA 20 17.64 -15.14 -2.81
C ALA BA 20 18.85 -15.96 -3.23
N ILE BA 21 19.36 -15.75 -4.44
CA ILE BA 21 20.54 -16.49 -4.87
C ILE BA 21 21.80 -15.90 -4.24
N PHE BA 22 22.03 -14.61 -4.40
CA PHE BA 22 23.33 -14.04 -4.09
C PHE BA 22 23.44 -13.46 -2.69
N PHE BA 23 22.32 -13.14 -2.04
CA PHE BA 23 22.33 -12.66 -0.67
C PHE BA 23 21.62 -13.64 0.26
N ARG BA 24 21.82 -14.92 0.01
CA ARG BA 24 21.23 -15.97 0.83
C ARG BA 24 21.96 -16.09 2.16
N ASP BA 25 21.37 -16.86 3.06
CA ASP BA 25 22.02 -17.19 4.31
C ASP BA 25 23.19 -18.11 4.02
N PRO BA 26 24.42 -17.76 4.40
CA PRO BA 26 25.57 -18.60 4.09
C PRO BA 26 25.55 -19.88 4.92
N PRO BA 27 25.60 -21.05 4.27
CA PRO BA 27 25.57 -22.31 5.01
C PRO BA 27 26.88 -22.55 5.77
N ARG BA 28 26.74 -22.81 7.06
CA ARG BA 28 27.86 -23.10 7.94
C ARG BA 28 27.72 -24.53 8.45
N ILE BA 29 28.80 -25.29 8.36
CA ILE BA 29 28.80 -26.68 8.83
C ILE BA 29 29.00 -26.69 10.34
N VAL BA 30 28.15 -27.43 11.05
CA VAL BA 30 28.27 -27.52 12.50
C VAL BA 30 29.54 -28.30 12.86
N LYS BA 31 30.10 -27.99 14.02
CA LYS BA 31 31.33 -28.62 14.47
C LYS BA 31 31.06 -29.73 15.49
N ASP CA 10 35.11 -10.83 -47.42
CA ASP CA 10 34.63 -11.87 -46.52
C ASP CA 10 33.35 -12.51 -47.05
N ASP CA 11 33.44 -13.11 -48.25
CA ASP CA 11 32.29 -13.82 -48.79
C ASP CA 11 32.01 -15.10 -48.01
N SER CA 12 32.99 -16.01 -47.98
CA SER CA 12 32.90 -17.16 -47.11
C SER CA 12 33.13 -16.71 -45.67
N LEU CA 13 32.59 -17.48 -44.73
CA LEU CA 13 32.69 -17.13 -43.32
C LEU CA 13 33.67 -18.01 -42.57
N GLY CA 14 34.62 -18.63 -43.27
CA GLY CA 14 35.63 -19.43 -42.63
C GLY CA 14 36.77 -18.63 -42.02
N PHE CA 15 36.86 -17.34 -42.35
CA PHE CA 15 37.90 -16.51 -41.76
C PHE CA 15 37.64 -16.28 -40.28
N VAL CA 16 36.37 -16.14 -39.90
CA VAL CA 16 36.01 -16.02 -38.49
C VAL CA 16 36.33 -17.31 -37.75
N LEU CA 17 36.03 -18.45 -38.37
CA LEU CA 17 36.29 -19.74 -37.77
C LEU CA 17 37.78 -19.95 -37.58
N ILE CA 18 38.56 -19.70 -38.64
CA ILE CA 18 40.01 -19.91 -38.59
C ILE CA 18 40.66 -18.93 -37.63
N GLY CA 19 40.29 -17.65 -37.72
CA GLY CA 19 40.90 -16.62 -36.91
C GLY CA 19 40.69 -16.76 -35.41
N VAL CA 20 39.46 -17.06 -35.00
CA VAL CA 20 39.19 -17.18 -33.57
C VAL CA 20 39.76 -18.48 -33.02
N THR CA 21 39.66 -19.58 -33.78
CA THR CA 21 40.20 -20.85 -33.27
C THR CA 21 41.72 -20.81 -33.22
N ALA CA 22 42.33 -19.93 -34.02
CA ALA CA 22 43.77 -19.71 -33.91
C ALA CA 22 44.12 -19.04 -32.59
N VAL CA 23 43.41 -17.96 -32.25
CA VAL CA 23 43.74 -17.15 -31.08
C VAL CA 23 43.62 -17.97 -29.80
N ILE CA 24 42.50 -18.68 -29.64
CA ILE CA 24 42.36 -19.55 -28.48
C ILE CA 24 43.27 -20.77 -28.60
N GLY CA 25 43.52 -21.22 -29.82
CA GLY CA 25 44.41 -22.37 -30.01
C GLY CA 25 45.86 -22.07 -29.65
N LEU CA 26 46.32 -20.85 -29.94
CA LEU CA 26 47.68 -20.49 -29.55
C LEU CA 26 47.80 -20.33 -28.04
N ALA CA 27 46.72 -19.89 -27.38
CA ALA CA 27 46.71 -19.86 -25.92
C ALA CA 27 46.77 -21.28 -25.35
N TRP CA 28 46.03 -22.21 -25.96
CA TRP CA 28 46.07 -23.59 -25.52
C TRP CA 28 47.42 -24.23 -25.82
N ALA CA 29 48.03 -23.84 -26.94
CA ALA CA 29 49.35 -24.37 -27.29
C ALA CA 29 50.42 -23.91 -26.31
N GLN CA 30 50.28 -22.68 -25.80
CA GLN CA 30 51.22 -22.18 -24.80
C GLN CA 30 51.09 -22.97 -23.50
N TRP CA 31 49.87 -23.34 -23.13
CA TRP CA 31 49.67 -24.20 -21.97
C TRP CA 31 50.21 -25.60 -22.23
N GLN CA 32 50.06 -26.10 -23.46
CA GLN CA 32 50.48 -27.45 -23.78
C GLN CA 32 52.00 -27.59 -23.82
N SER CA 33 52.71 -26.47 -24.01
CA SER CA 33 54.16 -26.52 -24.20
C SER CA 33 54.89 -27.03 -22.97
N TYR CA 34 54.47 -26.63 -21.77
CA TYR CA 34 55.13 -27.11 -20.58
C TYR CA 34 54.45 -28.33 -19.97
N GLN CA 35 53.53 -28.96 -20.68
CA GLN CA 35 52.97 -30.24 -20.25
C GLN CA 35 53.92 -31.35 -20.63
N ASP CA 36 54.45 -32.06 -19.64
CA ASP CA 36 55.39 -33.17 -19.89
C ASP CA 36 54.61 -34.45 -20.19
N ASP CA 37 53.89 -34.41 -21.30
CA ASP CA 37 53.02 -35.50 -21.74
C ASP CA 37 53.70 -36.44 -22.73
N GLY CA 38 55.00 -36.26 -22.98
CA GLY CA 38 55.68 -37.10 -23.95
C GLY CA 38 55.76 -38.56 -23.53
N ASP CA 39 55.98 -38.80 -22.24
CA ASP CA 39 56.01 -40.16 -21.74
C ASP CA 39 54.59 -40.74 -21.70
N ASP CA 40 54.47 -42.00 -22.09
CA ASP CA 40 53.18 -42.67 -22.09
C ASP CA 40 52.87 -43.25 -20.71
N PHE CA 41 51.58 -43.30 -20.39
CA PHE CA 41 51.10 -43.80 -19.11
C PHE CA 41 50.21 -45.01 -19.34
N PHE CA 42 50.15 -45.89 -18.34
CA PHE CA 42 49.30 -47.07 -18.36
C PHE CA 42 48.29 -46.92 -17.23
N ASP CA 43 47.19 -46.24 -17.53
CA ASP CA 43 46.15 -45.97 -16.55
C ASP CA 43 44.86 -45.65 -17.31
N THR CA 44 43.77 -45.55 -16.56
CA THR CA 44 42.49 -45.21 -17.18
C THR CA 44 42.46 -43.76 -17.63
N TYR CA 45 43.11 -42.87 -16.88
CA TYR CA 45 43.19 -41.46 -17.25
C TYR CA 45 44.54 -40.91 -16.80
N ASP CA 46 44.95 -39.83 -17.44
CA ASP CA 46 46.23 -39.20 -17.14
C ASP CA 46 46.08 -38.23 -15.98
N SER CA 47 46.74 -38.53 -14.86
CA SER CA 47 46.72 -37.65 -13.70
C SER CA 47 47.76 -36.55 -13.78
N ARG CA 48 48.70 -36.63 -14.72
CA ARG CA 48 49.79 -35.66 -14.81
C ARG CA 48 49.29 -34.37 -15.45
N ARG CA 49 49.42 -33.27 -14.73
CA ARG CA 49 49.08 -31.94 -15.25
C ARG CA 49 50.06 -30.94 -14.63
N ALA CA 50 50.93 -30.37 -15.46
CA ALA CA 50 51.90 -29.40 -14.98
C ALA CA 50 51.23 -28.06 -14.73
N ALA CA 51 51.36 -27.55 -13.52
CA ALA CA 51 50.79 -26.27 -13.12
C ALA CA 51 51.90 -25.27 -12.83
N ALA CA 52 51.54 -23.99 -12.93
CA ALA CA 52 52.45 -22.85 -12.71
C ALA CA 52 53.66 -22.92 -13.63
N ALA CA 53 53.40 -23.04 -14.92
CA ALA CA 53 54.40 -23.13 -15.99
C ALA CA 53 55.42 -24.25 -15.78
N MET DA 1 -47.75 -44.70 6.42
CA MET DA 1 -46.44 -45.21 6.06
C MET DA 1 -46.33 -45.44 4.55
N THR DA 2 -45.70 -44.49 3.87
CA THR DA 2 -45.49 -44.59 2.43
C THR DA 2 -44.47 -45.68 2.13
N PRO DA 3 -44.46 -46.21 0.90
CA PRO DA 3 -43.47 -47.24 0.55
C PRO DA 3 -42.02 -46.81 0.70
N SER DA 4 -41.70 -45.53 0.46
CA SER DA 4 -40.34 -45.06 0.65
C SER DA 4 -39.96 -45.00 2.12
N LEU DA 5 -40.90 -44.56 2.98
CA LEU DA 5 -40.63 -44.54 4.42
C LEU DA 5 -40.49 -45.95 4.98
N SER DA 6 -41.35 -46.87 4.52
CA SER DA 6 -41.23 -48.26 4.93
C SER DA 6 -39.93 -48.87 4.46
N ALA DA 7 -39.49 -48.50 3.25
CA ALA DA 7 -38.21 -48.98 2.73
C ALA DA 7 -37.06 -48.45 3.56
N PHE DA 8 -37.13 -47.19 4.00
CA PHE DA 8 -36.09 -46.63 4.86
C PHE DA 8 -36.04 -47.36 6.21
N LEU DA 9 -37.20 -47.61 6.80
CA LEU DA 9 -37.24 -48.29 8.09
C LEU DA 9 -36.72 -49.72 7.96
N SER DA 10 -37.08 -50.40 6.87
CA SER DA 10 -36.56 -51.73 6.60
C SER DA 10 -35.05 -51.69 6.40
N SER DA 11 -34.54 -50.64 5.74
CA SER DA 11 -33.10 -50.51 5.53
C SER DA 11 -32.36 -50.32 6.85
N VAL DA 12 -32.92 -49.51 7.76
CA VAL DA 12 -32.29 -49.31 9.06
C VAL DA 12 -32.27 -50.61 9.86
N ILE DA 13 -33.41 -51.31 9.88
CA ILE DA 13 -33.50 -52.58 10.60
C ILE DA 13 -32.54 -53.61 10.01
N LEU DA 14 -32.46 -53.67 8.68
CA LEU DA 14 -31.58 -54.61 8.00
C LEU DA 14 -30.12 -54.29 8.27
N ALA DA 15 -29.76 -53.00 8.29
CA ALA DA 15 -28.39 -52.63 8.58
C ALA DA 15 -27.99 -53.07 9.98
N VAL DA 16 -28.88 -52.84 10.95
CA VAL DA 16 -28.59 -53.23 12.33
C VAL DA 16 -28.48 -54.75 12.46
N VAL DA 17 -29.41 -55.49 11.85
CA VAL DA 17 -29.45 -56.94 12.11
C VAL DA 17 -28.62 -57.78 11.15
N ILE DA 18 -28.07 -57.22 10.08
CA ILE DA 18 -27.20 -57.96 9.17
C ILE DA 18 -25.75 -57.48 9.25
N ILE DA 19 -25.51 -56.20 9.52
CA ILE DA 19 -24.15 -55.65 9.52
C ILE DA 19 -23.65 -55.41 10.95
N VAL DA 20 -24.36 -54.60 11.73
CA VAL DA 20 -23.87 -54.13 13.01
C VAL DA 20 -23.79 -55.26 14.05
N ILE DA 21 -24.94 -55.88 14.33
CA ILE DA 21 -25.02 -56.94 15.34
C ILE DA 21 -24.18 -58.17 14.98
N PRO DA 22 -24.19 -58.72 13.75
CA PRO DA 22 -23.28 -59.85 13.47
C PRO DA 22 -21.80 -59.53 13.59
N ILE DA 23 -21.37 -58.35 13.15
CA ILE DA 23 -19.96 -57.98 13.24
C ILE DA 23 -19.57 -57.77 14.70
N GLY DA 24 -20.46 -57.15 15.48
CA GLY DA 24 -20.19 -56.98 16.91
C GLY DA 24 -20.12 -58.29 17.65
N ALA DA 25 -21.04 -59.22 17.33
CA ALA DA 25 -21.02 -60.54 17.97
C ALA DA 25 -19.77 -61.32 17.59
N ALA DA 26 -19.38 -61.24 16.32
CA ALA DA 26 -18.15 -61.92 15.89
C ALA DA 26 -16.92 -61.33 16.58
N LEU DA 27 -16.88 -60.01 16.72
CA LEU DA 27 -15.77 -59.35 17.41
C LEU DA 27 -15.70 -59.77 18.87
N VAL DA 28 -16.86 -59.82 19.54
CA VAL DA 28 -16.91 -60.24 20.94
C VAL DA 28 -16.44 -61.68 21.09
N PHE DA 29 -16.89 -62.55 20.18
CA PHE DA 29 -16.51 -63.96 20.22
C PHE DA 29 -15.02 -64.15 20.01
N VAL DA 30 -14.45 -63.51 18.99
CA VAL DA 30 -13.02 -63.69 18.72
C VAL DA 30 -12.16 -62.95 19.72
N SER DA 31 -12.69 -61.94 20.42
CA SER DA 31 -11.90 -61.24 21.43
C SER DA 31 -11.90 -62.01 22.74
N THR DA 32 -13.02 -62.65 23.09
CA THR DA 32 -13.04 -63.47 24.30
C THR DA 32 -12.34 -64.81 24.05
N SER DA 33 -12.32 -65.29 22.81
CA SER DA 33 -11.64 -66.55 22.51
C SER DA 33 -10.13 -66.37 22.53
N ASP DA 34 -9.61 -65.49 21.67
CA ASP DA 34 -8.18 -65.22 21.60
C ASP DA 34 -7.71 -64.42 22.82
N ALA EA 8 73.75 35.17 -11.62
CA ALA EA 8 73.82 35.62 -10.24
C ALA EA 8 73.00 36.90 -10.04
N LYS EA 9 73.17 37.84 -10.97
CA LYS EA 9 72.45 39.10 -10.90
C LYS EA 9 71.06 38.94 -11.49
N GLY EA 10 70.06 39.46 -10.79
CA GLY EA 10 68.68 39.36 -11.25
C GLY EA 10 68.09 37.97 -11.12
N ARG EA 11 68.66 37.13 -10.27
CA ARG EA 11 68.14 35.78 -10.04
C ARG EA 11 67.71 35.53 -8.61
N GLY EA 12 68.04 36.40 -7.65
CA GLY EA 12 67.70 36.16 -6.26
C GLY EA 12 66.25 36.48 -5.93
N TRP EA 13 65.51 37.09 -6.85
CA TRP EA 13 64.10 37.36 -6.61
C TRP EA 13 63.28 36.07 -6.66
N LEU EA 14 63.81 35.03 -7.32
CA LEU EA 14 63.13 33.74 -7.38
C LEU EA 14 63.05 33.08 -6.01
N GLN EA 15 64.12 33.18 -5.22
CA GLN EA 15 64.14 32.54 -3.91
C GLN EA 15 63.13 33.17 -2.96
N LYS EA 16 62.95 34.49 -3.04
CA LYS EA 16 61.92 35.14 -2.24
C LYS EA 16 60.53 34.88 -2.77
N ALA EA 17 60.38 34.69 -4.08
CA ALA EA 17 59.07 34.36 -4.66
C ALA EA 17 58.77 32.87 -4.59
N ARG EA 18 59.74 32.05 -4.22
CA ARG EA 18 59.53 30.61 -4.14
C ARG EA 18 58.61 30.27 -2.97
N ILE EA 19 57.58 29.47 -3.23
CA ILE EA 19 56.68 29.08 -2.16
C ILE EA 19 57.35 28.05 -1.28
N ALA EA 20 56.99 28.05 0.01
CA ALA EA 20 57.63 27.19 0.98
C ALA EA 20 57.24 25.73 0.78
N ASP EA 21 58.03 24.84 1.38
CA ASP EA 21 57.80 23.41 1.27
C ASP EA 21 56.52 23.02 1.99
N GLU EA 22 55.82 22.04 1.43
CA GLU EA 22 54.55 21.59 2.01
C GLU EA 22 54.80 20.84 3.32
N ILE EA 23 53.94 21.10 4.29
CA ILE EA 23 54.05 20.48 5.62
C ILE EA 23 52.77 19.75 5.94
N ASP EA 24 52.73 19.10 7.11
CA ASP EA 24 51.52 18.49 7.62
C ASP EA 24 50.63 19.58 8.22
N VAL EA 25 49.33 19.29 8.32
CA VAL EA 25 48.38 20.28 8.83
C VAL EA 25 48.63 20.56 10.30
N THR EA 26 49.12 19.55 11.03
CA THR EA 26 49.41 19.73 12.45
C THR EA 26 50.57 20.69 12.66
N GLY EA 27 51.53 20.71 11.74
CA GLY EA 27 52.66 21.60 11.83
C GLY EA 27 53.99 20.90 11.60
N SER EA 28 53.99 19.58 11.74
CA SER EA 28 55.20 18.79 11.54
C SER EA 28 55.54 18.70 10.07
N GLN EA 29 56.77 18.26 9.79
CA GLN EA 29 57.21 18.06 8.42
C GLN EA 29 56.46 16.89 7.79
N TYR EA 30 56.17 17.03 6.50
CA TYR EA 30 55.38 16.01 5.80
C TYR EA 30 56.22 14.78 5.50
N VAL EA 31 55.68 13.61 5.80
CA VAL EA 31 56.33 12.34 5.49
C VAL EA 31 55.92 11.92 4.10
N ASN EA 32 56.91 11.64 3.24
CA ASN EA 32 56.64 11.40 1.82
C ASN EA 32 55.85 10.12 1.58
N VAL EA 33 56.20 9.05 2.30
CA VAL EA 33 55.68 7.67 2.16
C VAL EA 33 55.46 7.23 0.72
N GLN EA 39 57.87 -0.97 -9.29
CA GLN EA 39 56.79 -1.38 -10.19
C GLN EA 39 56.82 -0.55 -11.47
N TYR EA 40 56.64 0.77 -11.33
CA TYR EA 40 56.66 1.70 -12.45
C TYR EA 40 57.85 2.63 -12.26
N ASP EA 41 59.01 2.19 -12.75
CA ASP EA 41 60.25 2.95 -12.64
C ASP EA 41 60.80 3.41 -13.98
N GLU EA 42 60.42 2.73 -15.05
CA GLU EA 42 60.90 3.05 -16.39
C GLU EA 42 59.80 3.78 -17.17
N ILE EA 43 60.21 4.73 -18.00
CA ILE EA 43 59.29 5.41 -18.90
C ILE EA 43 58.71 4.39 -19.87
N GLY EA 44 57.38 4.39 -20.00
CA GLY EA 44 56.68 3.39 -20.77
C GLY EA 44 56.08 2.27 -19.93
N VAL EA 45 56.51 2.15 -18.68
CA VAL EA 45 55.95 1.17 -17.75
C VAL EA 45 55.04 1.96 -16.81
N LEU EA 46 53.73 1.83 -17.00
CA LEU EA 46 52.72 2.62 -16.32
C LEU EA 46 51.58 1.74 -15.83
N PRO EA 47 50.65 2.28 -15.01
CA PRO EA 47 49.57 1.48 -14.36
C PRO EA 47 48.91 0.35 -15.14
N PRO EA 48 48.30 0.59 -16.35
CA PRO EA 48 47.36 -0.42 -16.89
C PRO EA 48 47.92 -1.81 -17.13
N LEU EA 49 49.08 -1.89 -17.75
CA LEU EA 49 49.70 -3.16 -18.06
C LEU EA 49 51.01 -3.40 -17.31
N GLY EA 50 51.61 -2.36 -16.75
CA GLY EA 50 52.90 -2.50 -16.13
C GLY EA 50 53.96 -2.74 -17.18
N ARG EA 51 54.87 -3.66 -16.92
CA ARG EA 51 55.88 -4.04 -17.91
C ARG EA 51 55.28 -5.13 -18.79
N TRP EA 52 54.74 -4.73 -19.94
CA TRP EA 52 54.12 -5.65 -20.88
C TRP EA 52 55.19 -6.07 -21.88
N ASP EA 53 55.86 -7.19 -21.60
CA ASP EA 53 56.96 -7.70 -22.42
C ASP EA 53 56.67 -9.16 -22.78
N PRO EA 54 55.78 -9.40 -23.75
CA PRO EA 54 55.47 -10.79 -24.11
C PRO EA 54 56.61 -11.52 -24.81
N LEU EA 55 57.45 -10.80 -25.55
CA LEU EA 55 58.55 -11.41 -26.28
C LEU EA 55 59.86 -11.42 -25.49
N ASN EA 56 59.87 -10.81 -24.30
CA ASN EA 56 61.03 -10.73 -23.42
C ASN EA 56 62.24 -10.12 -24.12
N ILE EA 57 62.05 -8.90 -24.63
CA ILE EA 57 63.13 -8.18 -25.29
C ILE EA 57 64.17 -7.75 -24.26
N LYS EA 58 63.74 -7.49 -23.02
CA LYS EA 58 64.69 -7.13 -21.96
C LYS EA 58 65.64 -8.27 -21.65
N GLY EA 59 65.21 -9.52 -21.89
CA GLY EA 59 66.09 -10.65 -21.64
C GLY EA 59 67.09 -10.88 -22.76
N GLN EA 60 66.87 -10.27 -23.92
CA GLN EA 60 67.79 -10.47 -25.04
C GLN EA 60 69.15 -9.84 -24.77
N GLY EA 61 69.18 -8.70 -24.10
CA GLY EA 61 70.42 -8.03 -23.77
C GLY EA 61 70.22 -6.58 -23.43
N GLU EA 62 71.16 -5.99 -22.68
CA GLU EA 62 71.04 -4.59 -22.33
C GLU EA 62 71.25 -3.68 -23.54
N ALA EA 63 72.16 -4.08 -24.44
CA ALA EA 63 72.34 -3.32 -25.67
C ALA EA 63 71.16 -3.49 -26.61
N ARG EA 64 70.59 -4.70 -26.65
CA ARG EA 64 69.42 -4.93 -27.49
C ARG EA 64 68.18 -4.24 -26.94
N TYR EA 65 68.04 -4.16 -25.61
CA TYR EA 65 66.90 -3.49 -25.03
C TYR EA 65 66.98 -1.97 -25.18
N ARG EA 66 68.18 -1.39 -25.07
CA ARG EA 66 68.34 0.04 -25.30
C ARG EA 66 68.01 0.39 -26.75
N ARG EA 67 68.34 -0.51 -27.68
CA ARG EA 67 67.97 -0.32 -29.07
C ARG EA 67 66.46 -0.26 -29.25
N PHE EA 68 65.74 -1.12 -28.53
CA PHE EA 68 64.28 -1.17 -28.69
C PHE EA 68 63.60 0.03 -28.06
N VAL EA 69 64.20 0.62 -27.02
CA VAL EA 69 63.63 1.81 -26.40
C VAL EA 69 63.74 3.00 -27.35
N GLU EA 70 64.92 3.18 -27.95
CA GLU EA 70 65.10 4.25 -28.94
C GLU EA 70 64.26 3.99 -30.19
N MET EA 71 64.01 2.72 -30.49
CA MET EA 71 63.27 2.33 -31.68
C MET EA 71 61.78 2.60 -31.49
N GLU EA 72 61.27 2.33 -30.29
CA GLU EA 72 59.88 2.66 -29.97
C GLU EA 72 59.67 4.17 -29.91
N ILE EA 73 60.64 4.89 -29.35
CA ILE EA 73 60.55 6.33 -29.23
C ILE EA 73 60.55 6.98 -30.62
N LYS EA 74 61.45 6.53 -31.51
CA LYS EA 74 61.53 7.11 -32.83
C LYS EA 74 60.30 6.76 -33.67
N HIS EA 75 59.90 5.48 -33.65
CA HIS EA 75 58.72 5.04 -34.41
C HIS EA 75 57.47 5.75 -33.92
N GLY EA 76 57.33 5.91 -32.61
CA GLY EA 76 56.20 6.62 -32.03
C GLY EA 76 56.19 8.10 -32.35
N ARG EA 77 57.37 8.69 -32.48
CA ARG EA 77 57.44 10.13 -32.77
C ARG EA 77 56.97 10.43 -34.19
N MET EA 78 57.47 9.69 -35.18
CA MET EA 78 57.02 9.91 -36.55
C MET EA 78 55.55 9.55 -36.73
N ALA EA 79 55.05 8.61 -35.96
CA ALA EA 79 53.64 8.24 -36.06
C ALA EA 79 52.72 9.34 -35.55
N MET EA 80 53.12 10.04 -34.48
CA MET EA 80 52.33 11.17 -33.99
C MET EA 80 52.29 12.29 -35.01
N ALA EA 81 53.43 12.57 -35.65
CA ALA EA 81 53.47 13.58 -36.69
C ALA EA 81 52.68 13.13 -37.92
N ALA EA 82 52.75 11.84 -38.26
CA ALA EA 82 52.01 11.33 -39.41
C ALA EA 82 50.51 11.38 -39.18
N VAL EA 83 50.06 11.03 -37.97
CA VAL EA 83 48.63 11.05 -37.67
C VAL EA 83 48.11 12.47 -37.71
N LEU EA 84 48.82 13.40 -37.07
CA LEU EA 84 48.43 14.81 -37.10
C LEU EA 84 48.53 15.38 -38.51
N GLY EA 85 49.45 14.84 -39.31
CA GLY EA 85 49.57 15.29 -40.69
C GLY EA 85 48.35 14.95 -41.52
N VAL EA 86 47.85 13.72 -41.41
CA VAL EA 86 46.69 13.31 -42.19
C VAL EA 86 45.43 14.02 -41.70
N LEU EA 87 45.29 14.15 -40.38
CA LEU EA 87 44.06 14.70 -39.81
C LEU EA 87 43.83 16.14 -40.23
N THR EA 88 44.89 16.94 -40.31
CA THR EA 88 44.73 18.31 -40.80
C THR EA 88 44.57 18.32 -42.33
N THR EA 89 45.33 17.48 -43.02
CA THR EA 89 45.31 17.48 -44.48
C THR EA 89 44.00 16.91 -45.03
N TYR EA 90 43.49 15.84 -44.42
CA TYR EA 90 42.23 15.27 -44.86
C TYR EA 90 41.04 16.17 -44.51
N SER EA 91 41.20 17.04 -43.51
CA SER EA 91 40.13 17.97 -43.18
C SER EA 91 39.98 19.06 -44.23
N GLY EA 92 41.04 19.33 -44.98
CA GLY EA 92 41.05 20.41 -45.94
C GLY EA 92 41.94 21.57 -45.56
N ILE EA 93 42.61 21.50 -44.40
CA ILE EA 93 43.53 22.56 -44.00
C ILE EA 93 44.75 22.52 -44.91
N ARG EA 94 45.09 23.66 -45.50
CA ARG EA 94 46.19 23.75 -46.45
C ARG EA 94 47.05 24.96 -46.14
N PHE EA 95 48.33 24.85 -46.48
CA PHE EA 95 49.20 26.00 -46.50
C PHE EA 95 48.79 26.92 -47.65
N PRO EA 96 48.97 28.23 -47.52
CA PRO EA 96 48.63 29.12 -48.63
C PRO EA 96 49.72 29.15 -49.69
N GLY EA 97 49.30 29.19 -50.95
CA GLY EA 97 50.24 29.34 -52.05
C GLY EA 97 50.44 28.12 -52.91
N TYR EA 98 51.63 27.99 -53.48
CA TYR EA 98 51.98 26.92 -54.40
C TYR EA 98 52.96 25.96 -53.73
N LEU EA 99 52.68 24.66 -53.83
CA LEU EA 99 53.68 23.68 -53.41
C LEU EA 99 54.80 23.59 -54.43
N SER EA 100 54.46 23.72 -55.72
CA SER EA 100 55.43 23.67 -56.81
C SER EA 100 55.00 24.68 -57.86
N LYS EA 101 55.71 25.81 -57.92
CA LYS EA 101 55.38 26.83 -58.91
C LYS EA 101 55.79 26.40 -60.31
N THR EA 102 56.86 25.62 -60.41
CA THR EA 102 57.30 25.13 -61.72
C THR EA 102 56.32 24.10 -62.27
N LEU EA 103 55.73 23.29 -61.40
CA LEU EA 103 54.78 22.25 -61.81
C LEU EA 103 53.33 22.72 -61.73
N ASP EA 104 53.12 23.97 -61.34
CA ASP EA 104 51.79 24.57 -61.14
C ASP EA 104 50.97 23.71 -60.16
N LEU EA 105 51.56 23.50 -58.98
CA LEU EA 105 50.97 22.66 -57.95
C LEU EA 105 50.62 23.54 -56.75
N LYS EA 106 49.39 24.03 -56.73
CA LYS EA 106 48.90 24.72 -55.54
C LYS EA 106 48.66 23.70 -54.44
N PHE EA 107 48.66 24.17 -53.19
CA PHE EA 107 48.38 23.30 -52.07
C PHE EA 107 46.95 22.81 -52.10
N GLU EA 108 46.03 23.63 -52.62
CA GLU EA 108 44.61 23.26 -52.65
C GLU EA 108 44.34 22.10 -53.59
N ASP EA 109 45.19 21.89 -54.59
CA ASP EA 109 45.02 20.82 -55.56
C ASP EA 109 45.72 19.52 -55.15
N VAL EA 110 46.36 19.50 -54.00
CA VAL EA 110 46.95 18.27 -53.48
C VAL EA 110 45.88 17.54 -52.67
N PRO EA 111 45.61 16.27 -52.96
CA PRO EA 111 44.51 15.57 -52.27
C PRO EA 111 44.78 15.39 -50.79
N GLY EA 112 43.69 15.35 -50.02
CA GLY EA 112 43.81 15.09 -48.58
C GLY EA 112 44.12 13.64 -48.29
N THR EA 113 43.87 12.76 -49.24
CA THR EA 113 44.11 11.33 -49.10
C THR EA 113 45.60 11.04 -48.95
N MET EA 114 45.94 10.08 -48.07
CA MET EA 114 47.35 9.75 -47.81
C MET EA 114 48.06 9.27 -49.06
N ILE EA 115 47.43 8.35 -49.80
CA ILE EA 115 48.01 7.90 -51.07
C ILE EA 115 47.96 9.03 -52.09
N GLY EA 116 46.91 9.84 -52.06
CA GLY EA 116 46.81 10.98 -52.96
C GLY EA 116 47.88 12.03 -52.68
N SER EA 117 48.15 12.29 -51.40
CA SER EA 117 49.21 13.25 -51.06
C SER EA 117 50.59 12.66 -51.30
N TRP EA 118 50.72 11.33 -51.17
CA TRP EA 118 52.00 10.68 -51.41
C TRP EA 118 52.35 10.68 -52.90
N ALA EA 119 51.34 10.66 -53.77
CA ALA EA 119 51.59 10.58 -55.19
C ALA EA 119 51.68 11.96 -55.84
N THR EA 120 50.83 12.89 -55.42
CA THR EA 120 50.75 14.19 -56.08
C THR EA 120 51.98 15.04 -55.76
N VAL EA 121 52.50 14.93 -54.54
CA VAL EA 121 53.69 15.66 -54.12
C VAL EA 121 54.87 15.21 -54.98
N PRO EA 122 55.60 16.15 -55.60
CA PRO EA 122 56.68 15.76 -56.51
C PRO EA 122 57.80 15.00 -55.80
N VAL EA 123 58.44 14.10 -56.56
CA VAL EA 123 59.51 13.29 -56.02
C VAL EA 123 60.71 14.15 -55.64
N THR EA 124 60.92 15.26 -56.35
CA THR EA 124 61.92 16.23 -55.93
C THR EA 124 61.55 16.84 -54.59
N GLY EA 125 60.26 17.07 -54.37
CA GLY EA 125 59.81 17.53 -53.06
C GLY EA 125 59.96 16.48 -51.98
N TRP EA 126 59.70 15.22 -52.33
CA TRP EA 126 59.85 14.14 -51.35
C TRP EA 126 61.31 13.92 -51.01
N ILE EA 127 62.21 14.16 -51.96
CA ILE EA 127 63.65 14.03 -51.70
C ILE EA 127 64.07 15.06 -50.67
N GLN EA 128 63.57 16.29 -50.78
CA GLN EA 128 63.90 17.34 -49.82
C GLN EA 128 63.44 17.00 -48.41
N ILE EA 129 62.28 16.35 -48.30
CA ILE EA 129 61.79 15.90 -47.00
C ILE EA 129 62.68 14.78 -46.47
N VAL EA 130 63.05 13.84 -47.33
CA VAL EA 130 63.87 12.71 -46.93
C VAL EA 130 65.27 13.17 -46.55
N LEU EA 131 65.87 14.06 -47.35
CA LEU EA 131 67.22 14.53 -47.07
C LEU EA 131 67.28 15.33 -45.78
N PHE EA 132 66.20 16.02 -45.42
CA PHE EA 132 66.17 16.69 -44.12
C PHE EA 132 66.18 15.67 -42.99
N VAL EA 133 65.45 14.56 -43.16
CA VAL EA 133 65.46 13.51 -42.15
C VAL EA 133 66.82 12.82 -42.12
N VAL EA 134 67.45 12.61 -43.28
CA VAL EA 134 68.78 12.01 -43.34
C VAL EA 134 69.80 12.91 -42.65
N LEU EA 135 69.71 14.22 -42.90
CA LEU EA 135 70.63 15.17 -42.25
C LEU EA 135 70.43 15.18 -40.74
N LEU EA 136 69.18 15.11 -40.28
CA LEU EA 136 68.90 15.06 -38.85
C LEU EA 136 69.38 13.75 -38.25
N GLU EA 137 69.16 12.64 -38.96
CA GLU EA 137 69.50 11.33 -38.42
C GLU EA 137 71.00 11.08 -38.36
N ALA EA 138 71.75 11.57 -39.34
CA ALA EA 138 73.17 11.24 -39.48
C ALA EA 138 74.11 12.22 -38.79
N SER EA 139 73.79 13.52 -38.80
CA SER EA 139 74.71 14.50 -38.21
C SER EA 139 74.07 15.32 -37.10
N TRP EA 140 72.94 15.95 -37.36
CA TRP EA 140 72.43 16.98 -36.45
C TRP EA 140 71.88 16.39 -35.17
N TRP EA 141 70.96 15.43 -35.27
CA TRP EA 141 70.30 14.83 -34.11
C TRP EA 141 70.71 13.37 -34.06
N LYS EA 142 71.87 13.09 -33.48
CA LYS EA 142 72.34 11.74 -33.25
C LYS EA 142 72.11 11.37 -31.80
N GLN EA 143 71.79 10.09 -31.57
CA GLN EA 143 71.63 9.63 -30.20
C GLN EA 143 72.99 9.47 -29.54
N ASP EA 144 73.21 10.19 -28.48
CA ASP EA 144 74.42 10.04 -27.67
C ASP EA 144 74.25 8.82 -26.77
N PRO EA 145 75.20 7.87 -26.80
CA PRO EA 145 75.08 6.70 -25.90
C PRO EA 145 75.06 7.06 -24.43
N ALA EA 146 75.71 8.15 -24.04
CA ALA EA 146 75.66 8.59 -22.65
C ALA EA 146 74.30 9.20 -22.32
N LYS EA 147 73.67 9.86 -23.29
CA LYS EA 147 72.40 10.53 -23.06
C LYS EA 147 71.26 9.52 -22.97
N ALA EA 148 70.12 10.00 -22.49
CA ALA EA 148 68.92 9.19 -22.37
C ALA EA 148 68.38 8.83 -23.76
N PRO EA 149 67.68 7.70 -23.89
CA PRO EA 149 67.11 7.34 -25.19
C PRO EA 149 66.06 8.35 -25.64
N GLY EA 150 66.17 8.77 -26.90
CA GLY EA 150 65.30 9.76 -27.49
C GLY EA 150 65.79 11.18 -27.33
N ASP EA 151 66.77 11.42 -26.46
CA ASP EA 151 67.35 12.74 -26.26
C ASP EA 151 68.36 12.99 -27.37
N VAL EA 152 67.86 13.43 -28.52
CA VAL EA 152 68.72 13.65 -29.68
C VAL EA 152 68.91 15.13 -30.01
N VAL EA 153 68.12 16.03 -29.42
CA VAL EA 153 68.29 17.46 -29.64
C VAL EA 153 69.50 17.93 -28.85
N PRO EA 154 70.49 18.53 -29.49
CA PRO EA 154 71.70 18.96 -28.77
C PRO EA 154 71.46 20.24 -27.98
N GLU EA 155 72.41 20.53 -27.09
CA GLU EA 155 72.36 21.76 -26.32
C GLU EA 155 72.62 22.96 -27.23
N GLY EA 156 71.96 24.07 -26.91
CA GLY EA 156 72.04 25.26 -27.75
C GLY EA 156 70.80 25.40 -28.60
N VAL EA 157 70.25 24.26 -29.03
CA VAL EA 157 68.99 24.26 -29.76
C VAL EA 157 67.86 24.52 -28.78
N TRP EA 158 66.97 25.45 -29.13
CA TRP EA 158 65.86 25.81 -28.26
C TRP EA 158 64.84 24.67 -28.20
N TRP EA 159 64.80 23.98 -27.07
CA TRP EA 159 63.86 22.88 -26.88
C TRP EA 159 63.20 23.00 -25.52
N ALA EA 160 61.92 22.67 -25.46
CA ALA EA 160 61.19 22.67 -24.20
C ALA EA 160 61.69 21.52 -23.34
N ARG EA 161 62.38 21.85 -22.26
CA ARG EA 161 62.90 20.86 -21.34
C ARG EA 161 62.26 21.06 -19.98
N TYR EA 162 62.08 19.96 -19.26
CA TYR EA 162 61.42 19.96 -17.96
C TYR EA 162 62.32 19.24 -16.96
N PRO EA 163 63.42 19.85 -16.53
CA PRO EA 163 64.31 19.20 -15.57
C PRO EA 163 63.68 19.16 -14.19
N ASP EA 164 64.24 18.32 -13.33
CA ASP EA 164 63.72 18.16 -11.97
C ASP EA 164 63.89 19.46 -11.19
N GLY EA 165 62.78 19.97 -10.68
CA GLY EA 165 62.81 21.22 -9.95
C GLY EA 165 62.73 22.47 -10.80
N TYR EA 166 62.24 22.37 -12.04
CA TYR EA 166 62.10 23.55 -12.87
C TYR EA 166 60.96 24.43 -12.36
N SER EA 167 61.03 25.70 -12.72
CA SER EA 167 60.15 26.71 -12.14
C SER EA 167 58.89 26.91 -12.97
N ILE EA 168 57.77 27.05 -12.28
CA ILE EA 168 56.50 27.48 -12.86
C ILE EA 168 56.02 28.66 -12.05
N PHE EA 169 55.15 29.47 -12.63
CA PHE EA 169 54.79 30.75 -12.05
C PHE EA 169 53.28 30.88 -11.87
N LEU EA 170 52.88 31.40 -10.73
CA LEU EA 170 51.50 31.53 -10.33
C LEU EA 170 50.99 32.94 -10.59
N GLY EA 171 49.77 33.22 -10.12
CA GLY EA 171 49.13 34.50 -10.43
C GLY EA 171 49.80 35.69 -9.76
N ASP EA 172 50.19 35.54 -8.50
CA ASP EA 172 50.81 36.64 -7.77
C ASP EA 172 52.28 36.82 -8.13
N GLY EA 173 52.85 35.91 -8.91
CA GLY EA 173 54.27 35.92 -9.18
C GLY EA 173 55.06 34.91 -8.37
N SER EA 174 54.39 34.09 -7.56
CA SER EA 174 55.07 33.08 -6.78
C SER EA 174 55.60 31.97 -7.68
N VAL EA 175 56.67 31.33 -7.23
CA VAL EA 175 57.39 30.34 -8.01
C VAL EA 175 57.26 28.98 -7.34
N LYS EA 176 56.84 27.97 -8.11
CA LYS EA 176 56.79 26.59 -7.64
C LYS EA 176 57.77 25.76 -8.44
N THR EA 177 58.54 24.92 -7.73
CA THR EA 177 59.43 23.97 -8.38
C THR EA 177 58.70 22.67 -8.61
N VAL EA 178 58.83 22.13 -9.82
CA VAL EA 178 58.10 20.94 -10.23
C VAL EA 178 59.06 19.76 -10.23
N ALA EA 179 58.77 18.77 -9.38
CA ALA EA 179 59.56 17.56 -9.35
C ALA EA 179 59.22 16.68 -10.55
N GLU EA 180 60.01 15.61 -10.71
CA GLU EA 180 59.79 14.70 -11.83
C GLU EA 180 58.51 13.91 -11.68
N ASP EA 181 58.07 13.67 -10.45
CA ASP EA 181 56.90 12.84 -10.18
C ASP EA 181 55.60 13.64 -10.13
N GLU EA 182 55.63 14.93 -10.44
CA GLU EA 182 54.42 15.75 -10.42
C GLU EA 182 53.47 15.34 -11.53
N LEU EA 183 52.17 15.38 -11.22
CA LEU EA 183 51.16 15.07 -12.23
C LEU EA 183 51.05 16.21 -13.22
N PHE EA 184 51.03 15.85 -14.52
CA PHE EA 184 50.80 16.70 -15.69
C PHE EA 184 51.95 17.68 -15.97
N LEU EA 185 52.90 17.80 -15.06
CA LEU EA 185 53.96 18.79 -15.19
C LEU EA 185 55.35 18.22 -14.98
N GLY EA 186 55.48 17.05 -14.35
CA GLY EA 186 56.78 16.46 -14.17
C GLY EA 186 57.34 15.91 -15.47
N LYS EA 187 58.65 15.63 -15.44
CA LYS EA 187 59.31 15.08 -16.62
C LYS EA 187 58.82 13.67 -16.93
N THR EA 188 58.59 12.86 -15.90
CA THR EA 188 58.17 11.48 -16.09
C THR EA 188 56.77 11.40 -16.69
N TRP EA 189 55.89 12.35 -16.34
CA TRP EA 189 54.57 12.38 -16.94
C TRP EA 189 54.65 12.69 -18.42
N LYS EA 190 55.42 13.72 -18.78
CA LYS EA 190 55.54 14.10 -20.19
C LYS EA 190 56.31 13.04 -20.98
N LEU EA 191 57.30 12.41 -20.34
CA LEU EA 191 58.00 11.31 -21.00
C LEU EA 191 57.08 10.12 -21.24
N ASN EA 192 56.23 9.80 -20.26
CA ASN EA 192 55.29 8.69 -20.43
C ASN EA 192 54.22 9.02 -21.45
N ALA EA 193 53.72 10.25 -21.45
CA ALA EA 193 52.69 10.67 -22.38
C ALA EA 193 53.19 10.74 -23.81
N GLU EA 194 54.48 10.98 -24.03
CA GLU EA 194 55.08 10.89 -25.35
C GLU EA 194 55.15 9.46 -25.86
N ARG EA 195 55.53 8.52 -24.99
CA ARG EA 195 55.61 7.12 -25.40
C ARG EA 195 54.24 6.55 -25.73
N ASN EA 196 53.24 6.90 -24.92
CA ASN EA 196 51.91 6.31 -25.07
C ASN EA 196 51.17 6.90 -26.26
N ASN EA 197 51.23 8.22 -26.44
CA ASN EA 197 50.66 8.83 -27.63
C ASN EA 197 51.40 8.36 -28.87
N GLY EA 198 52.71 8.08 -28.72
CA GLY EA 198 53.44 7.46 -29.80
C GLY EA 198 52.96 6.04 -30.09
N ARG EA 199 52.71 5.26 -29.04
CA ARG EA 199 52.19 3.90 -29.24
C ARG EA 199 50.80 3.92 -29.84
N ALA EA 200 49.94 4.84 -29.40
CA ALA EA 200 48.59 4.93 -29.93
C ALA EA 200 48.58 5.44 -31.36
N ALA EA 201 49.51 6.35 -31.69
CA ALA EA 201 49.57 6.86 -33.05
C ALA EA 201 50.20 5.84 -33.99
N MET EA 202 51.07 4.98 -33.46
CA MET EA 202 51.65 3.89 -34.26
C MET EA 202 50.57 2.94 -34.74
N MET EA 203 49.62 2.59 -33.86
CA MET EA 203 48.49 1.80 -34.32
C MET EA 203 47.54 2.67 -35.14
N GLY EA 204 47.45 3.95 -34.81
CA GLY EA 204 46.55 4.84 -35.53
C GLY EA 204 46.94 5.05 -36.98
N ILE EA 205 48.22 5.31 -37.23
CA ILE EA 205 48.65 5.62 -38.59
C ILE EA 205 48.59 4.38 -39.48
N THR EA 206 48.82 3.19 -38.91
CA THR EA 206 48.69 1.97 -39.69
C THR EA 206 47.23 1.65 -39.96
N GLY EA 207 46.36 1.90 -38.98
CA GLY EA 207 44.95 1.71 -39.18
C GLY EA 207 44.36 2.69 -40.19
N MET EA 208 44.86 3.91 -40.19
CA MET EA 208 44.40 4.90 -41.16
C MET EA 208 44.88 4.56 -42.57
N TYR EA 209 46.02 3.89 -42.67
CA TYR EA 209 46.53 3.47 -43.97
C TYR EA 209 45.69 2.34 -44.55
N VAL EA 210 45.39 1.32 -43.74
CA VAL EA 210 44.67 0.15 -44.25
C VAL EA 210 43.19 0.47 -44.48
N HIS EA 211 42.61 1.35 -43.67
CA HIS EA 211 41.22 1.74 -43.87
C HIS EA 211 41.07 2.53 -45.15
N GLU EA 212 42.06 3.37 -45.46
CA GLU EA 212 42.04 4.12 -46.71
C GLU EA 212 42.38 3.23 -47.90
N LEU EA 213 43.18 2.19 -47.67
CA LEU EA 213 43.42 1.21 -48.73
C LEU EA 213 42.15 0.48 -49.10
N LEU EA 214 41.32 0.15 -48.10
CA LEU EA 214 40.11 -0.61 -48.36
C LEU EA 214 38.98 0.29 -48.85
N THR EA 215 38.82 1.47 -48.25
CA THR EA 215 37.66 2.31 -48.51
C THR EA 215 37.96 3.65 -49.16
N GLY EA 216 39.20 4.14 -49.09
CA GLY EA 216 39.49 5.49 -49.53
C GLY EA 216 39.32 6.54 -48.47
N ASN EA 217 38.87 6.16 -47.26
CA ASN EA 217 38.69 7.07 -46.15
C ASN EA 217 39.72 6.72 -45.08
N PRO EA 218 40.66 7.63 -44.77
CA PRO EA 218 41.63 7.32 -43.71
C PRO EA 218 41.02 7.17 -42.33
N VAL EA 219 39.94 7.91 -42.06
CA VAL EA 219 39.30 7.88 -40.75
C VAL EA 219 37.98 7.12 -40.80
N TYR EA 220 37.87 6.12 -41.67
CA TYR EA 220 36.66 5.32 -41.79
C TYR EA 220 36.34 4.64 -40.47
N PRO EA 221 35.08 4.65 -40.01
CA PRO EA 221 33.89 5.15 -40.70
C PRO EA 221 33.51 6.62 -40.46
N LEU EA 222 34.38 7.40 -39.82
CA LEU EA 222 34.05 8.81 -39.59
C LEU EA 222 34.12 9.60 -40.90
N GLY EA 223 33.18 10.52 -41.07
CA GLY EA 223 33.12 11.33 -42.27
C GLY EA 223 31.96 10.99 -43.17
N ALA FA 8 -40.63 -57.23 52.03
CA ALA FA 8 -39.45 -56.95 51.21
C ALA FA 8 -39.42 -55.49 50.79
N LYS FA 9 -38.37 -54.77 51.19
CA LYS FA 9 -38.24 -53.36 50.84
C LYS FA 9 -37.94 -53.20 49.35
N GLY FA 10 -38.74 -52.38 48.68
CA GLY FA 10 -38.63 -52.23 47.24
C GLY FA 10 -37.60 -51.24 46.75
N ARG FA 11 -36.57 -50.97 47.56
CA ARG FA 11 -35.62 -49.90 47.23
C ARG FA 11 -34.19 -50.42 47.09
N GLY FA 12 -34.02 -51.72 46.86
CA GLY FA 12 -32.69 -52.28 46.74
C GLY FA 12 -32.03 -52.02 45.40
N TRP FA 13 -32.85 -51.80 44.36
CA TRP FA 13 -32.31 -51.54 43.04
C TRP FA 13 -31.72 -50.13 42.94
N LEU FA 14 -32.09 -49.24 43.87
CA LEU FA 14 -31.62 -47.86 43.84
C LEU FA 14 -30.12 -47.78 44.05
N GLN FA 15 -29.60 -48.59 44.98
CA GLN FA 15 -28.17 -48.51 45.30
C GLN FA 15 -27.31 -49.05 44.17
N LYS FA 16 -27.79 -50.06 43.47
CA LYS FA 16 -27.03 -50.60 42.34
C LYS FA 16 -27.09 -49.68 41.13
N ALA FA 17 -28.22 -48.98 40.95
CA ALA FA 17 -28.34 -48.03 39.86
C ALA FA 17 -27.65 -46.71 40.16
N ARG FA 18 -27.21 -46.50 41.40
CA ARG FA 18 -26.56 -45.25 41.78
C ARG FA 18 -25.21 -45.09 41.09
N ILE FA 19 -24.98 -43.91 40.53
CA ILE FA 19 -23.70 -43.62 39.90
C ILE FA 19 -22.63 -43.47 40.96
N ALA FA 20 -21.42 -43.94 40.66
CA ALA FA 20 -20.32 -43.87 41.61
C ALA FA 20 -19.88 -42.42 41.83
N ASP FA 21 -19.18 -42.21 42.94
CA ASP FA 21 -18.73 -40.87 43.30
C ASP FA 21 -17.68 -40.37 42.32
N GLU FA 22 -17.76 -39.09 41.99
CA GLU FA 22 -16.84 -38.50 41.01
C GLU FA 22 -15.44 -38.39 41.60
N ILE FA 23 -14.44 -38.73 40.79
CA ILE FA 23 -13.06 -38.76 41.22
C ILE FA 23 -12.22 -37.82 40.37
N ASP FA 24 -10.94 -37.72 40.69
CA ASP FA 24 -9.98 -37.00 39.86
C ASP FA 24 -9.65 -37.84 38.63
N VAL FA 25 -9.18 -37.17 37.57
CA VAL FA 25 -8.88 -37.85 36.32
C VAL FA 25 -7.69 -38.79 36.49
N THR FA 26 -6.75 -38.42 37.36
CA THR FA 26 -5.58 -39.27 37.61
C THR FA 26 -5.98 -40.59 38.26
N GLY FA 27 -6.99 -40.55 39.13
CA GLY FA 27 -7.46 -41.75 39.79
C GLY FA 27 -7.72 -41.56 41.26
N SER FA 28 -7.13 -40.50 41.83
CA SER FA 28 -7.28 -40.21 43.24
C SER FA 28 -8.67 -39.62 43.52
N GLN FA 29 -9.02 -39.57 44.80
CA GLN FA 29 -10.28 -38.97 45.21
C GLN FA 29 -10.25 -37.46 45.00
N TYR FA 30 -11.41 -36.90 44.66
CA TYR FA 30 -11.47 -35.48 44.34
C TYR FA 30 -11.48 -34.62 45.60
N VAL FA 31 -10.67 -33.56 45.56
CA VAL FA 31 -10.64 -32.58 46.65
C VAL FA 31 -11.72 -31.55 46.37
N ASN FA 32 -12.59 -31.33 47.36
CA ASN FA 32 -13.76 -30.47 47.14
C ASN FA 32 -13.38 -29.01 46.94
N VAL FA 33 -12.44 -28.50 47.75
CA VAL FA 33 -11.96 -27.11 47.83
C VAL FA 33 -13.07 -26.07 47.71
N PRO FA 38 -19.24 -18.81 48.83
CA PRO FA 38 -18.40 -18.63 50.02
C PRO FA 38 -19.06 -17.77 51.07
N GLN FA 39 -19.33 -16.50 50.74
CA GLN FA 39 -20.01 -15.57 51.63
C GLN FA 39 -21.51 -15.57 51.42
N TYR FA 40 -22.03 -16.42 50.53
CA TYR FA 40 -23.47 -16.54 50.30
C TYR FA 40 -23.94 -17.82 50.99
N ASP FA 41 -24.24 -17.69 52.28
CA ASP FA 41 -24.70 -18.82 53.08
C ASP FA 41 -26.21 -18.83 53.28
N GLU FA 42 -26.82 -17.66 53.46
CA GLU FA 42 -28.25 -17.57 53.70
C GLU FA 42 -28.98 -17.51 52.37
N ILE FA 43 -30.17 -18.14 52.32
CA ILE FA 43 -31.03 -18.02 51.15
C ILE FA 43 -31.47 -16.57 50.99
N GLY FA 44 -31.32 -16.03 49.78
CA GLY FA 44 -31.57 -14.64 49.50
C GLY FA 44 -30.30 -13.82 49.37
N VAL FA 45 -29.18 -14.32 49.88
CA VAL FA 45 -27.88 -13.69 49.71
C VAL FA 45 -27.27 -14.26 48.44
N LEU FA 46 -27.22 -13.45 47.39
CA LEU FA 46 -26.83 -13.89 46.06
C LEU FA 46 -25.57 -13.15 45.61
N PRO FA 47 -24.88 -13.66 44.58
CA PRO FA 47 -23.61 -13.05 44.11
C PRO FA 47 -23.62 -11.56 43.83
N PRO FA 48 -24.63 -10.96 43.16
CA PRO FA 48 -24.45 -9.54 42.77
C PRO FA 48 -24.35 -8.57 43.93
N LEU FA 49 -25.30 -8.60 44.85
CA LEU FA 49 -25.31 -7.66 45.96
C LEU FA 49 -24.83 -8.25 47.28
N GLY FA 50 -24.73 -9.57 47.38
CA GLY FA 50 -24.38 -10.17 48.65
C GLY FA 50 -25.50 -9.97 49.64
N ARG FA 51 -25.14 -9.62 50.87
CA ARG FA 51 -26.12 -9.26 51.89
C ARG FA 51 -26.40 -7.77 51.75
N TRP FA 52 -27.48 -7.44 51.05
CA TRP FA 52 -27.89 -6.06 50.81
C TRP FA 52 -28.88 -5.67 51.89
N ASP FA 53 -28.39 -5.09 52.98
CA ASP FA 53 -29.21 -4.69 54.13
C ASP FA 53 -28.94 -3.23 54.45
N PRO FA 54 -29.53 -2.30 53.68
CA PRO FA 54 -29.30 -0.88 53.95
C PRO FA 54 -29.89 -0.40 55.28
N LEU FA 55 -31.02 -0.99 55.70
CA LEU FA 55 -31.67 -0.58 56.93
C LEU FA 55 -31.20 -1.36 58.15
N ASN FA 56 -30.33 -2.35 57.95
CA ASN FA 56 -29.77 -3.20 59.01
C ASN FA 56 -30.86 -3.86 59.85
N ILE FA 57 -31.78 -4.54 59.16
CA ILE FA 57 -32.86 -5.25 59.83
C ILE FA 57 -32.30 -6.45 60.59
N LYS FA 58 -31.19 -7.01 60.11
CA LYS FA 58 -30.51 -8.10 60.81
C LYS FA 58 -30.01 -7.68 62.18
N GLY FA 59 -29.71 -6.39 62.37
CA GLY FA 59 -29.30 -5.87 63.65
C GLY FA 59 -30.43 -5.51 64.60
N GLN FA 60 -31.68 -5.66 64.17
CA GLN FA 60 -32.83 -5.36 65.03
C GLN FA 60 -33.22 -6.52 65.92
N GLY FA 61 -32.49 -7.63 65.87
CA GLY FA 61 -32.82 -8.78 66.68
C GLY FA 61 -33.06 -10.01 65.84
N GLU FA 62 -32.80 -11.19 66.41
CA GLU FA 62 -33.02 -12.43 65.68
C GLU FA 62 -34.50 -12.71 65.48
N ALA FA 63 -35.33 -12.35 66.47
CA ALA FA 63 -36.78 -12.51 66.32
C ALA FA 63 -37.32 -11.55 65.28
N ARG FA 64 -36.83 -10.31 65.26
CA ARG FA 64 -37.25 -9.34 64.26
C ARG FA 64 -36.72 -9.64 62.88
N TYR FA 65 -35.58 -10.33 62.77
CA TYR FA 65 -35.06 -10.72 61.47
C TYR FA 65 -35.74 -11.98 60.94
N ARG FA 66 -36.09 -12.90 61.83
CA ARG FA 66 -36.86 -14.09 61.43
C ARG FA 66 -38.24 -13.67 60.92
N ARG FA 67 -38.80 -12.61 61.48
CA ARG FA 67 -40.06 -12.07 60.98
C ARG FA 67 -39.92 -11.58 59.54
N PHE FA 68 -38.81 -10.91 59.24
CA PHE FA 68 -38.64 -10.31 57.92
C PHE FA 68 -38.37 -11.34 56.83
N VAL FA 69 -37.75 -12.47 57.18
CA VAL FA 69 -37.50 -13.52 56.19
C VAL FA 69 -38.82 -14.16 55.77
N GLU FA 70 -39.67 -14.50 56.74
CA GLU FA 70 -40.99 -15.06 56.43
C GLU FA 70 -41.86 -14.03 55.72
N MET FA 71 -41.63 -12.75 56.01
CA MET FA 71 -42.42 -11.68 55.43
C MET FA 71 -42.04 -11.45 53.96
N GLU FA 72 -40.75 -11.53 53.66
CA GLU FA 72 -40.29 -11.44 52.27
C GLU FA 72 -40.75 -12.66 51.48
N ILE FA 73 -40.69 -13.84 52.10
CA ILE FA 73 -41.09 -15.07 51.43
C ILE FA 73 -42.58 -15.05 51.12
N LYS FA 74 -43.39 -14.62 52.08
CA LYS FA 74 -44.84 -14.58 51.87
C LYS FA 74 -45.22 -13.51 50.85
N HIS FA 75 -44.67 -12.30 50.99
CA HIS FA 75 -44.96 -11.22 50.05
C HIS FA 75 -44.53 -11.58 48.64
N GLY FA 76 -43.37 -12.24 48.51
CA GLY FA 76 -42.91 -12.64 47.20
C GLY FA 76 -43.72 -13.76 46.58
N ARG FA 77 -44.30 -14.62 47.42
CA ARG FA 77 -45.09 -15.74 46.90
C ARG FA 77 -46.43 -15.27 46.34
N MET FA 78 -47.11 -14.35 47.04
CA MET FA 78 -48.35 -13.80 46.49
C MET FA 78 -48.09 -12.96 45.26
N ALA FA 79 -46.98 -12.20 45.24
CA ALA FA 79 -46.68 -11.36 44.10
C ALA FA 79 -46.34 -12.18 42.85
N MET FA 80 -45.68 -13.33 43.03
CA MET FA 80 -45.43 -14.21 41.90
C MET FA 80 -46.73 -14.76 41.32
N ALA FA 81 -47.67 -15.16 42.18
CA ALA FA 81 -48.97 -15.61 41.72
C ALA FA 81 -49.78 -14.45 41.14
N ALA FA 82 -49.66 -13.27 41.73
CA ALA FA 82 -50.41 -12.11 41.24
C ALA FA 82 -49.93 -11.69 39.85
N VAL FA 83 -48.61 -11.73 39.62
CA VAL FA 83 -48.07 -11.34 38.31
C VAL FA 83 -48.54 -12.33 37.24
N LEU FA 84 -48.47 -13.63 37.55
CA LEU FA 84 -48.90 -14.64 36.60
C LEU FA 84 -50.40 -14.56 36.32
N GLY FA 85 -51.18 -14.13 37.32
CA GLY FA 85 -52.61 -14.00 37.12
C GLY FA 85 -52.97 -12.90 36.16
N VAL FA 86 -52.31 -11.75 36.27
CA VAL FA 86 -52.61 -10.62 35.38
C VAL FA 86 -52.13 -10.91 33.97
N LEU FA 87 -50.93 -11.50 33.85
CA LEU FA 87 -50.38 -11.80 32.54
C LEU FA 87 -51.23 -12.83 31.80
N THR FA 88 -51.92 -13.68 32.55
CA THR FA 88 -52.81 -14.68 31.92
C THR FA 88 -54.13 -14.05 31.51
N THR FA 89 -54.74 -13.27 32.41
CA THR FA 89 -56.07 -12.72 32.12
C THR FA 89 -56.01 -11.56 31.15
N TYR FA 90 -54.97 -10.72 31.23
CA TYR FA 90 -54.84 -9.61 30.29
C TYR FA 90 -54.53 -10.10 28.89
N SER FA 91 -53.93 -11.29 28.77
CA SER FA 91 -53.70 -11.88 27.47
C SER FA 91 -54.97 -12.46 26.84
N GLY FA 92 -56.05 -12.57 27.62
CA GLY FA 92 -57.29 -13.11 27.13
C GLY FA 92 -57.58 -14.55 27.51
N ILE FA 93 -56.67 -15.21 28.21
CA ILE FA 93 -56.89 -16.59 28.63
C ILE FA 93 -57.92 -16.62 29.75
N ARG FA 94 -58.96 -17.43 29.59
CA ARG FA 94 -60.03 -17.53 30.57
C ARG FA 94 -60.38 -18.99 30.81
N PHE FA 95 -60.93 -19.26 31.99
CA PHE FA 95 -61.50 -20.57 32.26
C PHE FA 95 -62.79 -20.72 31.46
N PRO FA 96 -63.19 -21.94 31.11
CA PRO FA 96 -64.46 -22.13 30.40
C PRO FA 96 -65.65 -22.08 31.35
N GLY FA 97 -66.76 -21.56 30.84
CA GLY FA 97 -68.00 -21.58 31.59
C GLY FA 97 -68.38 -20.27 32.27
N TYR FA 98 -69.02 -20.38 33.43
CA TYR FA 98 -69.54 -19.24 34.17
C TYR FA 98 -68.79 -19.05 35.46
N LEU FA 99 -68.55 -17.78 35.82
CA LEU FA 99 -68.03 -17.46 37.14
C LEU FA 99 -69.17 -17.36 38.15
N SER FA 100 -70.33 -16.87 37.71
CA SER FA 100 -71.51 -16.73 38.55
C SER FA 100 -72.73 -16.97 37.68
N LYS FA 101 -73.37 -18.13 37.82
CA LYS FA 101 -74.59 -18.40 37.08
C LYS FA 101 -75.77 -17.59 37.62
N THR FA 102 -75.72 -17.23 38.90
CA THR FA 102 -76.78 -16.40 39.48
C THR FA 102 -76.74 -14.98 38.91
N LEU FA 103 -75.53 -14.44 38.74
CA LEU FA 103 -75.34 -13.08 38.26
C LEU FA 103 -75.12 -13.01 36.76
N ASP FA 104 -75.22 -14.16 36.07
CA ASP FA 104 -74.98 -14.27 34.63
C ASP FA 104 -73.60 -13.72 34.27
N LEU FA 105 -72.59 -14.18 35.01
CA LEU FA 105 -71.22 -13.69 34.87
C LEU FA 105 -70.36 -14.81 34.28
N LYS FA 106 -70.19 -14.77 32.97
CA LYS FA 106 -69.27 -15.69 32.32
C LYS FA 106 -67.84 -15.24 32.60
N PHE FA 107 -66.90 -16.18 32.42
CA PHE FA 107 -65.48 -15.84 32.58
C PHE FA 107 -65.04 -14.85 31.52
N GLU FA 108 -65.58 -14.98 30.30
CA GLU FA 108 -65.15 -14.14 29.18
C GLU FA 108 -65.59 -12.70 29.36
N ASP FA 109 -66.66 -12.46 30.13
CA ASP FA 109 -67.18 -11.11 30.26
C ASP FA 109 -66.31 -10.25 31.18
N VAL FA 110 -65.67 -10.87 32.16
CA VAL FA 110 -64.86 -10.16 33.14
C VAL FA 110 -63.60 -9.63 32.48
N PRO FA 111 -63.24 -8.36 32.70
CA PRO FA 111 -62.01 -7.82 32.12
C PRO FA 111 -60.77 -8.49 32.68
N GLY FA 112 -59.74 -8.59 31.82
CA GLY FA 112 -58.50 -9.23 32.25
C GLY FA 112 -57.60 -8.27 33.01
N THR FA 113 -57.93 -6.98 32.98
CA THR FA 113 -57.15 -5.98 33.67
C THR FA 113 -57.32 -6.11 35.18
N MET FA 114 -56.36 -5.57 35.94
CA MET FA 114 -56.36 -5.73 37.40
C MET FA 114 -57.56 -5.03 38.04
N ILE FA 115 -57.76 -3.76 37.72
CA ILE FA 115 -58.90 -3.02 38.27
C ILE FA 115 -60.21 -3.57 37.70
N GLY FA 116 -60.20 -3.97 36.43
CA GLY FA 116 -61.40 -4.52 35.83
C GLY FA 116 -61.82 -5.84 36.43
N SER FA 117 -60.85 -6.71 36.71
CA SER FA 117 -61.18 -8.00 37.32
C SER FA 117 -61.49 -7.85 38.81
N TRP FA 118 -60.90 -6.85 39.46
CA TRP FA 118 -61.15 -6.66 40.89
C TRP FA 118 -62.57 -6.17 41.14
N ALA FA 119 -63.12 -5.36 40.23
CA ALA FA 119 -64.46 -4.82 40.42
C ALA FA 119 -65.53 -5.78 39.93
N THR FA 120 -65.27 -6.46 38.82
CA THR FA 120 -66.31 -7.28 38.19
C THR FA 120 -66.53 -8.59 38.95
N VAL FA 121 -65.50 -9.12 39.59
CA VAL FA 121 -65.69 -10.34 40.39
C VAL FA 121 -66.57 -10.01 41.60
N PRO FA 122 -67.64 -10.76 41.84
CA PRO FA 122 -68.54 -10.42 42.94
C PRO FA 122 -67.87 -10.55 44.30
N VAL FA 123 -68.34 -9.72 45.23
CA VAL FA 123 -67.75 -9.65 46.57
C VAL FA 123 -67.98 -10.95 47.33
N THR FA 124 -69.09 -11.64 47.07
CA THR FA 124 -69.28 -12.97 47.63
C THR FA 124 -68.24 -13.95 47.08
N GLY FA 125 -67.89 -13.79 45.80
CA GLY FA 125 -66.80 -14.56 45.23
C GLY FA 125 -65.46 -14.17 45.80
N TRP FA 126 -65.25 -12.88 46.05
CA TRP FA 126 -63.99 -12.41 46.65
C TRP FA 126 -63.84 -12.89 48.09
N ILE FA 127 -64.96 -13.03 48.80
CA ILE FA 127 -64.93 -13.50 50.18
C ILE FA 127 -64.41 -14.94 50.23
N GLN FA 128 -64.82 -15.77 49.27
CA GLN FA 128 -64.38 -17.16 49.22
C GLN FA 128 -62.87 -17.26 48.98
N ILE FA 129 -62.30 -16.34 48.20
CA ILE FA 129 -60.85 -16.31 48.03
C ILE FA 129 -60.18 -15.92 49.34
N VAL FA 130 -60.70 -14.89 50.00
CA VAL FA 130 -60.11 -14.39 51.23
C VAL FA 130 -60.21 -15.43 52.34
N LEU FA 131 -61.38 -16.06 52.48
CA LEU FA 131 -61.57 -17.06 53.52
C LEU FA 131 -60.66 -18.27 53.32
N PHE FA 132 -60.40 -18.64 52.06
CA PHE FA 132 -59.46 -19.72 51.81
C PHE FA 132 -58.04 -19.33 52.25
N VAL FA 133 -57.66 -18.07 52.02
CA VAL FA 133 -56.36 -17.59 52.49
C VAL FA 133 -56.36 -17.51 54.01
N VAL FA 134 -57.47 -17.08 54.61
CA VAL FA 134 -57.58 -17.04 56.07
C VAL FA 134 -57.50 -18.44 56.66
N LEU FA 135 -58.18 -19.41 56.04
CA LEU FA 135 -58.11 -20.80 56.48
C LEU FA 135 -56.70 -21.34 56.34
N LEU FA 136 -56.02 -21.01 55.25
CA LEU FA 136 -54.64 -21.46 55.07
C LEU FA 136 -53.70 -20.77 56.06
N GLU FA 137 -53.90 -19.47 56.29
CA GLU FA 137 -52.99 -18.72 57.15
C GLU FA 137 -53.15 -19.07 58.62
N ALA FA 138 -54.38 -19.35 59.07
CA ALA FA 138 -54.64 -19.51 60.49
C ALA FA 138 -54.60 -20.95 60.98
N SER FA 139 -54.97 -21.93 60.17
CA SER FA 139 -54.97 -23.32 60.62
C SER FA 139 -54.08 -24.23 59.81
N TRP FA 140 -54.27 -24.28 58.48
CA TRP FA 140 -53.64 -25.33 57.68
C TRP FA 140 -52.16 -25.07 57.47
N TRP FA 141 -51.84 -23.98 56.76
CA TRP FA 141 -50.46 -23.67 56.42
C TRP FA 141 -49.94 -22.63 57.41
N LYS FA 142 -49.69 -23.09 58.64
CA LYS FA 142 -49.16 -22.26 59.70
C LYS FA 142 -47.65 -22.46 59.81
N GLN FA 143 -46.93 -21.37 60.06
CA GLN FA 143 -45.48 -21.45 60.17
C GLN FA 143 -45.10 -22.05 61.51
N ASP FA 144 -44.32 -23.12 61.47
CA ASP FA 144 -43.75 -23.72 62.66
C ASP FA 144 -42.47 -23.00 63.04
N PRO FA 145 -42.34 -22.52 64.29
CA PRO FA 145 -41.09 -21.85 64.68
C PRO FA 145 -39.85 -22.74 64.56
N ALA FA 146 -40.00 -24.05 64.73
CA ALA FA 146 -38.86 -24.95 64.57
C ALA FA 146 -38.53 -25.14 63.10
N LYS FA 147 -39.52 -25.07 62.23
CA LYS FA 147 -39.30 -25.29 60.81
C LYS FA 147 -38.63 -24.08 60.15
N ALA FA 148 -38.15 -24.29 58.93
CA ALA FA 148 -37.51 -23.23 58.17
C ALA FA 148 -38.53 -22.16 57.79
N PRO FA 149 -38.10 -20.91 57.60
CA PRO FA 149 -39.03 -19.86 57.20
C PRO FA 149 -39.62 -20.13 55.82
N GLY FA 150 -40.94 -20.00 55.72
CA GLY FA 150 -41.66 -20.28 54.50
C GLY FA 150 -42.10 -21.71 54.34
N ASP FA 151 -41.60 -22.62 55.17
CA ASP FA 151 -41.99 -24.04 55.14
C ASP FA 151 -43.28 -24.19 55.92
N VAL FA 152 -44.40 -23.88 55.26
CA VAL FA 152 -45.70 -23.91 55.90
C VAL FA 152 -46.56 -25.09 55.47
N VAL FA 153 -46.18 -25.79 54.41
CA VAL FA 153 -46.92 -26.97 53.98
C VAL FA 153 -46.61 -28.12 54.93
N PRO FA 154 -47.61 -28.73 55.55
CA PRO FA 154 -47.33 -29.85 56.47
C PRO FA 154 -46.91 -31.10 55.74
N GLU FA 155 -46.60 -32.13 56.52
CA GLU FA 155 -46.22 -33.41 55.94
C GLU FA 155 -47.46 -34.17 55.45
N GLY FA 156 -47.33 -34.81 54.29
CA GLY FA 156 -48.42 -35.54 53.70
C GLY FA 156 -49.40 -34.73 52.89
N VAL FA 157 -49.02 -33.53 52.44
CA VAL FA 157 -49.90 -32.68 51.66
C VAL FA 157 -49.36 -32.62 50.23
N TRP FA 158 -48.49 -33.58 49.90
CA TRP FA 158 -48.02 -33.84 48.53
C TRP FA 158 -47.35 -32.62 47.91
N TRP FA 159 -46.22 -32.22 48.51
CA TRP FA 159 -45.48 -31.07 48.04
C TRP FA 159 -44.16 -31.51 47.45
N ALA FA 160 -43.74 -30.85 46.36
CA ALA FA 160 -42.46 -31.13 45.74
C ALA FA 160 -41.34 -30.68 46.66
N ARG FA 161 -40.61 -31.64 47.20
CA ARG FA 161 -39.49 -31.37 48.09
C ARG FA 161 -38.20 -31.81 47.43
N TYR FA 162 -37.12 -31.10 47.76
CA TYR FA 162 -35.80 -31.38 47.20
C TYR FA 162 -34.80 -31.51 48.34
N PRO FA 163 -34.87 -32.59 49.11
CA PRO FA 163 -33.92 -32.76 50.22
C PRO FA 163 -32.53 -33.07 49.70
N ASP FA 164 -31.54 -32.87 50.58
CA ASP FA 164 -30.15 -33.10 50.20
C ASP FA 164 -29.92 -34.58 49.91
N GLY FA 165 -29.43 -34.88 48.71
CA GLY FA 165 -29.24 -36.24 48.29
C GLY FA 165 -30.45 -36.90 47.66
N TYR FA 166 -31.43 -36.12 47.20
CA TYR FA 166 -32.58 -36.72 46.55
C TYR FA 166 -32.20 -37.28 45.19
N SER FA 167 -33.00 -38.22 44.71
CA SER FA 167 -32.65 -38.99 43.53
C SER FA 167 -33.23 -38.38 42.25
N ILE FA 168 -32.39 -38.34 41.21
CA ILE FA 168 -32.82 -38.05 39.85
C ILE FA 168 -32.37 -39.22 38.98
N PHE FA 169 -32.98 -39.34 37.82
CA PHE FA 169 -32.82 -40.53 37.00
C PHE FA 169 -32.42 -40.17 35.58
N LEU FA 170 -31.50 -40.95 35.02
CA LEU FA 170 -30.97 -40.72 33.69
C LEU FA 170 -31.60 -41.66 32.67
N GLY FA 171 -31.08 -41.62 31.44
CA GLY FA 171 -31.66 -42.38 30.35
C GLY FA 171 -31.50 -43.89 30.50
N ASP FA 172 -30.38 -44.34 31.05
CA ASP FA 172 -30.15 -45.76 31.24
C ASP FA 172 -30.84 -46.32 32.48
N GLY FA 173 -31.47 -45.47 33.28
CA GLY FA 173 -32.01 -45.88 34.55
C GLY FA 173 -31.08 -45.65 35.72
N SER FA 174 -29.91 -45.08 35.49
CA SER FA 174 -28.98 -44.79 36.57
C SER FA 174 -29.50 -43.65 37.43
N VAL FA 175 -29.09 -43.66 38.70
CA VAL FA 175 -29.62 -42.75 39.71
C VAL FA 175 -28.50 -41.84 40.18
N LYS FA 176 -28.74 -40.53 40.14
CA LYS FA 176 -27.81 -39.54 40.67
C LYS FA 176 -28.42 -38.86 41.87
N THR FA 177 -27.65 -38.74 42.94
CA THR FA 177 -28.08 -38.01 44.13
C THR FA 177 -27.67 -36.55 44.00
N VAL FA 178 -28.60 -35.65 44.31
CA VAL FA 178 -28.42 -34.22 44.10
C VAL FA 178 -28.20 -33.57 45.46
N ALA FA 179 -27.02 -32.99 45.64
CA ALA FA 179 -26.71 -32.24 46.86
C ALA FA 179 -27.43 -30.90 46.83
N GLU FA 180 -27.38 -30.20 47.97
CA GLU FA 180 -28.05 -28.91 48.08
C GLU FA 180 -27.38 -27.82 47.28
N ASP FA 181 -26.08 -27.97 46.97
CA ASP FA 181 -25.31 -26.96 46.26
C ASP FA 181 -25.26 -27.18 44.76
N GLU FA 182 -26.03 -28.16 44.25
CA GLU FA 182 -26.02 -28.44 42.82
C GLU FA 182 -26.69 -27.31 42.04
N LEU FA 183 -26.15 -27.02 40.85
CA LEU FA 183 -26.74 -26.00 40.00
C LEU FA 183 -28.04 -26.50 39.39
N PHE FA 184 -29.08 -25.68 39.50
CA PHE FA 184 -30.42 -25.82 38.93
C PHE FA 184 -31.25 -26.92 39.58
N LEU FA 185 -30.66 -27.76 40.43
CA LEU FA 185 -31.36 -28.90 41.00
C LEU FA 185 -31.24 -29.01 42.50
N GLY FA 186 -30.27 -28.34 43.11
CA GLY FA 186 -30.17 -28.37 44.55
C GLY FA 186 -31.27 -27.56 45.22
N LYS FA 187 -31.42 -27.78 46.53
CA LYS FA 187 -32.43 -27.07 47.29
C LYS FA 187 -32.11 -25.59 47.39
N THR FA 188 -30.83 -25.25 47.56
CA THR FA 188 -30.44 -23.85 47.74
C THR FA 188 -30.66 -23.05 46.46
N TRP FA 189 -30.50 -23.68 45.29
CA TRP FA 189 -30.78 -23.00 44.04
C TRP FA 189 -32.27 -22.67 43.93
N LYS FA 190 -33.12 -23.66 44.21
CA LYS FA 190 -34.56 -23.46 44.11
C LYS FA 190 -35.07 -22.52 45.19
N LEU FA 191 -34.46 -22.58 46.38
CA LEU FA 191 -34.82 -21.65 47.45
C LEU FA 191 -34.42 -20.23 47.07
N ASN FA 192 -33.24 -20.05 46.48
CA ASN FA 192 -32.81 -18.72 46.05
C ASN FA 192 -33.67 -18.21 44.90
N ALA FA 193 -34.01 -19.09 43.95
CA ALA FA 193 -34.81 -18.69 42.82
C ALA FA 193 -36.24 -18.34 43.21
N GLU FA 194 -36.78 -18.96 44.27
CA GLU FA 194 -38.08 -18.57 44.78
C GLU FA 194 -38.01 -17.18 45.39
N ARG FA 195 -36.93 -16.87 46.12
CA ARG FA 195 -36.80 -15.57 46.76
C ARG FA 195 -36.56 -14.47 45.72
N ASN FA 196 -35.74 -14.73 44.71
CA ASN FA 196 -35.42 -13.70 43.74
C ASN FA 196 -36.57 -13.44 42.79
N ASN FA 197 -37.23 -14.51 42.31
CA ASN FA 197 -38.42 -14.31 41.48
C ASN FA 197 -39.53 -13.67 42.29
N GLY FA 198 -39.59 -13.96 43.58
CA GLY FA 198 -40.52 -13.26 44.45
C GLY FA 198 -40.20 -11.79 44.60
N ARG FA 199 -38.91 -11.46 44.68
CA ARG FA 199 -38.50 -10.06 44.77
C ARG FA 199 -38.79 -9.33 43.47
N ALA FA 200 -38.54 -9.97 42.33
CA ALA FA 200 -38.78 -9.33 41.05
C ALA FA 200 -40.26 -9.20 40.76
N ALA FA 201 -41.06 -10.19 41.16
CA ALA FA 201 -42.50 -10.09 40.98
C ALA FA 201 -43.12 -9.10 41.96
N MET FA 202 -42.47 -8.90 43.11
CA MET FA 202 -42.94 -7.89 44.06
C MET FA 202 -42.86 -6.50 43.45
N MET FA 203 -41.74 -6.19 42.80
CA MET FA 203 -41.65 -4.93 42.08
C MET FA 203 -42.51 -4.98 40.81
N GLY FA 204 -42.65 -6.16 40.23
CA GLY FA 204 -43.44 -6.29 39.02
C GLY FA 204 -44.92 -6.02 39.22
N ILE FA 205 -45.49 -6.54 40.32
CA ILE FA 205 -46.94 -6.42 40.51
C ILE FA 205 -47.32 -4.99 40.89
N THR FA 206 -46.46 -4.29 41.63
CA THR FA 206 -46.79 -2.91 41.97
C THR FA 206 -46.55 -1.99 40.77
N GLY FA 207 -45.59 -2.34 39.91
CA GLY FA 207 -45.40 -1.60 38.69
C GLY FA 207 -46.55 -1.78 37.71
N MET FA 208 -47.09 -3.00 37.66
CA MET FA 208 -48.23 -3.25 36.79
C MET FA 208 -49.48 -2.55 37.32
N TYR FA 209 -49.55 -2.35 38.64
CA TYR FA 209 -50.68 -1.65 39.22
C TYR FA 209 -50.66 -0.16 38.88
N VAL FA 210 -49.49 0.48 39.00
CA VAL FA 210 -49.42 1.92 38.77
C VAL FA 210 -49.44 2.25 37.28
N HIS FA 211 -48.92 1.36 36.43
CA HIS FA 211 -48.99 1.60 34.99
C HIS FA 211 -50.43 1.50 34.51
N GLU FA 212 -51.18 0.59 35.12
CA GLU FA 212 -52.61 0.49 34.88
C GLU FA 212 -53.38 1.69 35.41
N LEU FA 213 -53.00 2.19 36.59
CA LEU FA 213 -53.66 3.36 37.15
C LEU FA 213 -53.48 4.58 36.26
N LEU FA 214 -52.33 4.67 35.60
CA LEU FA 214 -52.01 5.82 34.75
C LEU FA 214 -52.48 5.66 33.32
N THR FA 215 -52.42 4.46 32.74
CA THR FA 215 -52.73 4.27 31.33
C THR FA 215 -53.84 3.27 31.05
N GLY FA 216 -54.23 2.42 32.00
CA GLY FA 216 -55.16 1.35 31.75
C GLY FA 216 -54.52 0.08 31.24
N ASN FA 217 -53.21 0.09 31.00
CA ASN FA 217 -52.47 -1.06 30.52
C ASN FA 217 -51.50 -1.50 31.59
N PRO FA 218 -51.64 -2.72 32.14
CA PRO FA 218 -50.70 -3.17 33.19
C PRO FA 218 -49.26 -3.33 32.71
N VAL FA 219 -49.06 -3.59 31.43
CA VAL FA 219 -47.73 -3.83 30.87
C VAL FA 219 -47.44 -2.73 29.87
N TYR FA 220 -47.86 -1.50 30.21
CA TYR FA 220 -48.14 -0.36 29.30
C TYR FA 220 -47.25 -0.22 28.06
N PRO FA 221 -45.91 -0.28 28.12
CA PRO FA 221 -45.15 -0.21 26.85
C PRO FA 221 -45.47 -1.35 25.91
N LEU FA 222 -45.71 -2.54 26.45
CA LEU FA 222 -46.04 -3.69 25.62
C LEU FA 222 -47.54 -3.72 25.35
N GLY FA 223 -47.90 -4.05 24.12
CA GLY FA 223 -49.30 -4.11 23.73
C GLY FA 223 -49.70 -3.00 22.78
N ASP GA 10 47.60 38.73 16.86
CA ASP GA 10 48.47 37.58 17.04
C ASP GA 10 49.73 37.72 16.17
N ARG GA 11 49.71 37.10 14.98
CA ARG GA 11 50.87 37.04 14.12
C ARG GA 11 50.86 38.05 12.99
N GLY GA 12 49.85 38.00 12.12
CA GLY GA 12 49.79 38.87 10.96
C GLY GA 12 48.69 39.92 11.07
N VAL GA 13 48.60 40.75 10.03
CA VAL GA 13 47.65 41.86 10.01
C VAL GA 13 46.21 41.35 10.03
N PHE GA 14 45.96 40.16 9.47
CA PHE GA 14 44.63 39.55 9.56
C PHE GA 14 44.29 39.21 11.01
N ASP GA 15 45.30 38.86 11.81
CA ASP GA 15 45.04 38.45 13.18
C ASP GA 15 44.69 39.63 14.09
N LEU GA 16 45.31 40.80 13.84
CA LEU GA 16 44.95 41.98 14.62
C LEU GA 16 43.54 42.44 14.31
N ILE GA 17 43.14 42.37 13.04
CA ILE GA 17 41.77 42.74 12.66
C ILE GA 17 40.78 41.74 13.25
N ASP GA 18 41.13 40.46 13.23
CA ASP GA 18 40.27 39.44 13.82
C ASP GA 18 40.13 39.63 15.33
N ASP GA 19 41.21 40.01 16.01
CA ASP GA 19 41.15 40.27 17.44
C ASP GA 19 40.32 41.50 17.74
N TRP GA 20 40.45 42.54 16.93
CA TRP GA 20 39.70 43.78 17.16
C TRP GA 20 38.21 43.59 16.93
N LEU GA 21 37.84 42.79 15.92
CA LEU GA 21 36.44 42.62 15.59
C LEU GA 21 35.72 41.77 16.63
N LYS GA 22 36.41 40.82 17.26
CA LYS GA 22 35.81 39.95 18.26
C LYS GA 22 36.02 40.46 19.68
N ARG GA 23 36.50 41.68 19.83
CA ARG GA 23 36.74 42.24 21.16
C ARG GA 23 35.44 42.50 21.90
N ASP GA 24 35.46 42.27 23.20
CA ASP GA 24 34.28 42.43 24.05
C ASP GA 24 34.06 43.93 24.27
N ARG GA 25 33.20 44.53 23.44
CA ARG GA 25 32.84 45.93 23.58
C ARG GA 25 31.35 46.05 23.82
N PHE GA 26 30.81 47.27 23.76
CA PHE GA 26 29.41 47.49 24.08
C PHE GA 26 28.47 46.82 23.07
N VAL GA 27 28.92 46.63 21.83
CA VAL GA 27 28.18 45.84 20.85
C VAL GA 27 29.18 45.00 20.06
N PHE GA 28 28.88 43.71 19.92
CA PHE GA 28 29.75 42.82 19.15
C PHE GA 28 29.68 43.19 17.67
N VAL GA 29 30.85 43.20 17.02
CA VAL GA 29 30.95 43.51 15.60
C VAL GA 29 31.24 42.25 14.78
N GLY GA 30 32.40 41.64 14.98
CA GLY GA 30 32.77 40.46 14.24
C GLY GA 30 33.01 40.73 12.76
N TRP GA 31 33.29 39.67 12.01
CA TRP GA 31 33.46 39.83 10.56
C TRP GA 31 32.11 39.98 9.87
N SER GA 32 31.06 39.40 10.44
CA SER GA 32 29.72 39.53 9.87
C SER GA 32 29.19 40.94 10.02
N GLY GA 33 29.71 41.70 10.99
CA GLY GA 33 29.29 43.08 11.17
C GLY GA 33 29.71 44.00 10.04
N LEU GA 34 30.73 43.62 9.28
CA LEU GA 34 31.10 44.39 8.10
C LEU GA 34 30.03 44.33 7.02
N LEU GA 35 29.25 43.26 6.99
CA LEU GA 35 28.12 43.13 6.07
C LEU GA 35 26.80 43.50 6.73
N LEU GA 36 26.61 43.12 8.00
CA LEU GA 36 25.34 43.34 8.66
C LEU GA 36 25.10 44.82 8.94
N PHE GA 37 26.05 45.47 9.61
CA PHE GA 37 25.85 46.83 10.12
C PHE GA 37 25.58 47.89 9.05
N PRO GA 38 26.31 47.96 7.91
CA PRO GA 38 25.89 48.95 6.91
C PRO GA 38 24.61 48.57 6.18
N CYS GA 39 24.41 47.29 5.88
CA CYS GA 39 23.23 46.88 5.12
C CYS GA 39 21.95 47.02 5.95
N ALA GA 40 22.02 46.68 7.24
CA ALA GA 40 20.84 46.82 8.09
C ALA GA 40 20.53 48.27 8.39
N PHE GA 41 21.56 49.11 8.56
CA PHE GA 41 21.34 50.52 8.81
C PHE GA 41 20.75 51.21 7.60
N LEU GA 42 21.17 50.81 6.40
CA LEU GA 42 20.63 51.42 5.19
C LEU GA 42 19.21 50.96 4.91
N ALA GA 43 18.90 49.69 5.23
CA ALA GA 43 17.56 49.19 4.99
C ALA GA 43 16.55 49.83 5.94
N VAL GA 44 16.90 49.92 7.22
CA VAL GA 44 16.02 50.58 8.19
C VAL GA 44 15.99 52.08 7.95
N GLY GA 45 17.15 52.68 7.68
CA GLY GA 45 17.18 54.10 7.38
C GLY GA 45 16.49 54.44 6.07
N GLY GA 46 16.59 53.56 5.08
CA GLY GA 46 15.87 53.75 3.84
C GLY GA 46 14.37 53.64 4.02
N TRP GA 47 13.93 52.72 4.87
CA TRP GA 47 12.50 52.58 5.14
C TRP GA 47 11.95 53.79 5.88
N LEU GA 48 12.71 54.31 6.85
CA LEU GA 48 12.27 55.47 7.60
C LEU GA 48 12.25 56.72 6.72
N THR GA 49 13.16 56.79 5.76
CA THR GA 49 13.16 57.89 4.80
C THR GA 49 11.94 57.83 3.90
N GLY GA 50 11.58 56.62 3.46
CA GLY GA 50 10.45 56.47 2.52
C GLY GA 50 9.11 56.77 3.15
N ILE GA 51 8.90 56.32 4.39
CA ILE GA 51 7.62 56.55 5.04
C ILE GA 51 7.46 57.99 5.48
N THR GA 52 8.52 58.78 5.46
CA THR GA 52 8.49 60.17 5.90
C THR GA 52 8.36 61.14 4.72
N PHE GA 53 9.12 60.94 3.66
CA PHE GA 53 9.17 61.91 2.56
C PHE GA 53 8.72 61.34 1.22
N VAL GA 54 9.06 60.09 0.91
CA VAL GA 54 8.89 59.59 -0.44
C VAL GA 54 7.45 59.18 -0.70
N THR GA 55 6.90 59.64 -1.82
CA THR GA 55 5.54 59.35 -2.24
C THR GA 55 5.49 58.10 -3.11
N SER GA 56 4.26 57.66 -3.38
CA SER GA 56 3.98 56.57 -4.29
C SER GA 56 3.03 57.00 -5.39
N TRP GA 57 2.98 58.32 -5.66
CA TRP GA 57 2.00 58.87 -6.59
C TRP GA 57 2.26 58.44 -8.02
N TYR GA 58 3.53 58.34 -8.42
CA TYR GA 58 3.88 58.03 -9.80
C TYR GA 58 4.00 56.53 -10.06
N THR GA 59 3.94 55.70 -9.03
CA THR GA 59 3.99 54.24 -9.18
C THR GA 59 2.66 53.57 -8.89
N HIS GA 60 1.93 54.05 -7.89
CA HIS GA 60 0.67 53.45 -7.49
C HIS GA 60 -0.51 54.40 -7.55
N GLY GA 61 -0.28 55.69 -7.71
CA GLY GA 61 -1.35 56.65 -7.55
C GLY GA 61 -1.81 56.75 -6.11
N LEU GA 62 -0.88 56.67 -5.16
CA LEU GA 62 -1.19 56.73 -3.74
C LEU GA 62 -0.28 57.72 -3.04
N ALA GA 63 -0.80 58.31 -1.97
CA ALA GA 63 0.02 59.06 -1.03
C ALA GA 63 0.42 58.10 0.09
N SER GA 64 1.72 58.00 0.35
CA SER GA 64 2.19 57.01 1.31
C SER GA 64 3.32 57.52 2.18
N SER GA 65 3.36 58.83 2.46
CA SER GA 65 4.41 59.40 3.27
C SER GA 65 3.80 60.33 4.32
N PHE GA 66 4.59 60.59 5.37
CA PHE GA 66 4.16 61.52 6.41
C PHE GA 66 4.05 62.94 5.87
N LEU GA 67 4.81 63.25 4.81
CA LEU GA 67 4.75 64.57 4.20
C LEU GA 67 3.41 64.82 3.53
N GLU GA 68 2.75 63.77 3.05
CA GLU GA 68 1.48 63.91 2.35
C GLU GA 68 0.27 63.78 3.24
N GLY GA 69 0.45 63.50 4.54
CA GLY GA 69 -0.66 63.38 5.46
C GLY GA 69 -0.92 61.99 5.97
N CYS GA 70 -0.12 61.00 5.58
CA CYS GA 70 -0.30 59.65 6.09
C CYS GA 70 0.17 59.55 7.53
N ASN GA 71 -0.39 58.60 8.26
CA ASN GA 71 0.04 58.27 9.60
C ASN GA 71 0.92 57.03 9.55
N PHE GA 72 1.29 56.50 10.72
CA PHE GA 72 2.17 55.35 10.77
C PHE GA 72 1.50 54.10 10.20
N LEU GA 73 0.18 54.01 10.31
CA LEU GA 73 -0.51 52.82 9.83
C LEU GA 73 -0.62 52.81 8.30
N THR GA 74 -0.73 53.98 7.67
CA THR GA 74 -0.95 54.03 6.23
C THR GA 74 0.29 54.38 5.43
N ALA GA 75 1.35 54.88 6.05
CA ALA GA 75 2.58 55.19 5.32
C ALA GA 75 3.27 53.89 4.90
N ALA GA 76 3.95 53.94 3.75
CA ALA GA 76 4.63 52.76 3.25
C ALA GA 76 5.74 53.16 2.29
N VAL GA 77 6.68 52.23 2.09
CA VAL GA 77 7.63 52.32 0.99
C VAL GA 77 7.09 51.40 -0.09
N SER GA 78 6.39 51.99 -1.06
CA SER GA 78 5.66 51.19 -2.03
C SER GA 78 6.60 50.59 -3.07
N THR GA 79 6.12 49.53 -3.70
CA THR GA 79 6.88 48.79 -4.69
C THR GA 79 7.06 49.64 -5.95
N PRO GA 80 8.04 49.29 -6.80
CA PRO GA 80 8.23 50.03 -8.05
C PRO GA 80 7.03 49.92 -8.99
N ALA GA 81 7.03 50.78 -10.01
CA ALA GA 81 5.99 50.74 -11.02
C ALA GA 81 6.06 49.44 -11.81
N ASN GA 82 4.91 49.04 -12.36
CA ASN GA 82 4.84 47.79 -13.12
C ASN GA 82 5.67 47.86 -14.39
N SER GA 83 5.87 49.06 -14.93
CA SER GA 83 6.68 49.23 -16.14
C SER GA 83 8.15 48.91 -15.87
N MET GA 84 8.59 49.04 -14.63
CA MET GA 84 9.97 48.74 -14.28
C MET GA 84 10.30 47.26 -14.39
N GLY GA 85 9.30 46.39 -14.32
CA GLY GA 85 9.57 44.96 -14.39
C GLY GA 85 10.29 44.48 -13.15
N HIS GA 86 11.23 43.56 -13.34
CA HIS GA 86 12.09 43.09 -12.27
C HIS GA 86 13.45 43.78 -12.31
N SER GA 87 13.47 45.05 -12.67
CA SER GA 87 14.71 45.82 -12.70
C SER GA 87 15.27 45.96 -11.29
N LEU GA 88 16.60 45.92 -11.18
CA LEU GA 88 17.24 46.17 -9.90
C LEU GA 88 17.03 47.62 -9.44
N LEU GA 89 16.75 48.52 -10.38
CA LEU GA 89 16.46 49.93 -10.12
C LEU GA 89 17.59 50.60 -9.34
N LEU GA 90 18.81 50.35 -9.78
CA LEU GA 90 19.97 51.00 -9.19
C LEU GA 90 19.90 52.50 -9.41
N LEU GA 91 20.48 53.24 -8.47
CA LEU GA 91 20.48 54.70 -8.57
C LEU GA 91 21.20 55.16 -9.82
N TRP GA 92 22.28 54.47 -10.19
CA TRP GA 92 23.02 54.74 -11.41
C TRP GA 92 22.48 53.96 -12.60
N GLY GA 93 21.38 53.23 -12.44
CA GLY GA 93 20.84 52.39 -13.47
C GLY GA 93 20.25 53.17 -14.63
N PRO GA 94 19.89 52.46 -15.71
CA PRO GA 94 19.37 53.14 -16.90
C PRO GA 94 17.99 53.76 -16.72
N GLU GA 95 17.29 53.46 -15.62
CA GLU GA 95 15.99 54.05 -15.37
C GLU GA 95 16.08 55.43 -14.71
N ALA GA 96 16.88 55.55 -13.64
CA ALA GA 96 17.02 56.81 -12.93
C ALA GA 96 18.20 57.65 -13.39
N GLN GA 97 19.29 57.00 -13.83
CA GLN GA 97 20.48 57.64 -14.39
C GLN GA 97 21.11 58.65 -13.42
N GLY GA 98 21.17 58.26 -12.15
CA GLY GA 98 21.84 59.07 -11.16
C GLY GA 98 20.95 60.08 -10.47
N ASP GA 99 19.79 60.36 -11.06
CA ASP GA 99 18.85 61.33 -10.49
C ASP GA 99 18.14 60.69 -9.31
N ILE GA 100 18.48 61.14 -8.10
CA ILE GA 100 17.88 60.53 -6.90
C ILE GA 100 16.41 60.91 -6.77
N THR GA 101 16.01 62.06 -7.32
CA THR GA 101 14.60 62.47 -7.26
C THR GA 101 13.74 61.56 -8.13
N ARG GA 102 14.18 61.29 -9.37
CA ARG GA 102 13.47 60.35 -10.23
C ARG GA 102 13.55 58.94 -9.69
N TRP GA 103 14.65 58.63 -8.98
CA TRP GA 103 14.82 57.31 -8.37
C TRP GA 103 13.78 57.08 -7.29
N PHE GA 104 13.46 58.11 -6.51
CA PHE GA 104 12.44 57.99 -5.48
C PHE GA 104 11.05 57.86 -6.10
N GLN GA 105 10.81 58.54 -7.22
CA GLN GA 105 9.49 58.57 -7.81
C GLN GA 105 9.14 57.26 -8.53
N ILE GA 106 10.14 56.57 -9.09
CA ILE GA 106 9.88 55.32 -9.79
C ILE GA 106 9.91 54.11 -8.86
N GLY GA 107 10.05 54.32 -7.56
CA GLY GA 107 10.05 53.21 -6.62
C GLY GA 107 11.38 52.57 -6.39
N GLY GA 108 12.49 53.25 -6.71
CA GLY GA 108 13.80 52.69 -6.50
C GLY GA 108 14.16 52.50 -5.04
N LEU GA 109 13.49 53.21 -4.13
CA LEU GA 109 13.72 53.03 -2.71
C LEU GA 109 13.24 51.67 -2.23
N TRP GA 110 12.24 51.10 -2.89
CA TRP GA 110 11.77 49.77 -2.50
C TRP GA 110 12.84 48.72 -2.76
N THR GA 111 13.46 48.76 -3.94
CA THR GA 111 14.52 47.81 -4.24
C THR GA 111 15.75 48.09 -3.39
N PHE GA 112 15.93 49.34 -2.98
CA PHE GA 112 17.00 49.67 -2.05
C PHE GA 112 16.80 49.00 -0.70
N VAL GA 113 15.58 49.08 -0.16
CA VAL GA 113 15.28 48.50 1.14
C VAL GA 113 15.29 46.98 1.07
N ALA GA 114 14.72 46.42 -0.01
CA ALA GA 114 14.61 44.96 -0.12
C ALA GA 114 15.97 44.31 -0.32
N LEU GA 115 16.82 44.90 -1.16
CA LEU GA 115 18.13 44.30 -1.43
C LEU GA 115 19.08 44.48 -0.26
N HIS GA 116 19.11 45.67 0.34
CA HIS GA 116 19.95 45.87 1.51
C HIS GA 116 19.39 45.12 2.73
N GLY GA 117 18.07 44.94 2.77
CA GLY GA 117 17.48 44.11 3.81
C GLY GA 117 17.79 42.64 3.60
N SER GA 118 17.95 42.23 2.35
CA SER GA 118 18.29 40.83 2.06
C SER GA 118 19.70 40.51 2.52
N PHE GA 119 20.65 41.42 2.26
CA PHE GA 119 22.00 41.20 2.75
C PHE GA 119 22.11 41.50 4.24
N GLY GA 120 21.16 42.25 4.78
CA GLY GA 120 21.13 42.45 6.22
C GLY GA 120 20.79 41.17 6.97
N VAL GA 121 19.80 40.42 6.50
CA VAL GA 121 19.42 39.20 7.20
C VAL GA 121 20.42 38.09 6.94
N ILE GA 122 21.18 38.18 5.83
CA ILE GA 122 22.30 37.27 5.62
C ILE GA 122 23.39 37.56 6.64
N GLY GA 123 23.69 38.85 6.84
CA GLY GA 123 24.69 39.24 7.82
C GLY GA 123 24.29 38.93 9.25
N PHE GA 124 23.00 39.02 9.56
CA PHE GA 124 22.55 38.69 10.92
C PHE GA 124 22.65 37.20 11.18
N CYS GA 125 22.32 36.37 10.18
CA CYS GA 125 22.46 34.93 10.35
C CYS GA 125 23.92 34.53 10.42
N LEU GA 126 24.79 35.23 9.67
CA LEU GA 126 26.22 35.02 9.82
C LEU GA 126 26.71 35.47 11.19
N ARG GA 127 26.09 36.53 11.73
CA ARG GA 127 26.42 36.99 13.08
C ARG GA 127 26.04 35.94 14.12
N GLN GA 128 24.91 35.27 13.92
CA GLN GA 128 24.51 34.19 14.82
C GLN GA 128 25.48 33.03 14.76
N PHE GA 129 25.99 32.72 13.56
CA PHE GA 129 27.02 31.68 13.43
C PHE GA 129 28.32 32.12 14.10
N GLU GA 130 28.67 33.40 13.97
CA GLU GA 130 29.96 33.89 14.47
C GLU GA 130 29.99 33.92 15.99
N ILE GA 131 28.92 34.40 16.62
CA ILE GA 131 28.90 34.47 18.08
C ILE GA 131 28.78 33.08 18.70
N ALA GA 132 28.07 32.16 18.03
CA ALA GA 132 27.98 30.79 18.52
C ALA GA 132 29.33 30.11 18.52
N ARG GA 133 30.16 30.40 17.51
CA ARG GA 133 31.51 29.84 17.48
C ARG GA 133 32.41 30.53 18.50
N LEU GA 134 32.17 31.81 18.75
CA LEU GA 134 32.98 32.53 19.73
C LEU GA 134 32.64 32.10 21.15
N VAL GA 135 31.35 32.00 21.47
CA VAL GA 135 30.94 31.55 22.80
C VAL GA 135 31.24 30.06 22.97
N GLY GA 136 31.02 29.28 21.93
CA GLY GA 136 31.29 27.86 21.95
C GLY GA 136 30.07 26.97 22.04
N ILE GA 137 28.91 27.44 21.59
CA ILE GA 137 27.68 26.66 21.64
C ILE GA 137 27.32 26.21 20.23
N ARG GA 138 26.32 25.34 20.14
CA ARG GA 138 25.87 24.85 18.84
C ARG GA 138 25.06 25.95 18.15
N PRO GA 139 25.09 25.99 16.81
CA PRO GA 139 24.43 27.09 16.07
C PRO GA 139 22.95 26.82 15.76
N TYR GA 140 22.16 26.57 16.80
CA TYR GA 140 20.75 26.32 16.60
C TYR GA 140 19.93 27.60 16.44
N ASN GA 141 20.43 28.73 16.94
CA ASN GA 141 19.74 30.00 16.72
C ASN GA 141 19.84 30.42 15.27
N ALA GA 142 20.93 30.07 14.60
CA ALA GA 142 21.06 30.38 13.18
C ALA GA 142 20.11 29.54 12.34
N ILE GA 143 19.91 28.27 12.73
CA ILE GA 143 18.96 27.41 12.04
C ILE GA 143 17.53 27.90 12.29
N ALA GA 144 17.25 28.38 13.50
CA ALA GA 144 15.92 28.90 13.81
C ALA GA 144 15.64 30.20 13.06
N PHE GA 145 16.67 31.00 12.82
CA PHE GA 145 16.48 32.24 12.07
C PHE GA 145 16.33 31.99 10.57
N SER GA 146 16.62 30.78 10.09
CA SER GA 146 16.42 30.45 8.69
C SER GA 146 14.94 30.43 8.33
N GLY GA 147 14.05 30.29 9.31
CA GLY GA 147 12.62 30.42 9.12
C GLY GA 147 12.22 31.80 8.65
N PRO GA 148 12.54 32.83 9.44
CA PRO GA 148 12.31 34.21 8.98
C PRO GA 148 13.04 34.57 7.69
N ILE GA 149 14.22 33.98 7.46
CA ILE GA 149 14.93 34.22 6.21
C ILE GA 149 14.14 33.66 5.03
N ALA GA 150 13.61 32.44 5.19
CA ALA GA 150 12.85 31.81 4.12
C ALA GA 150 11.55 32.58 3.85
N VAL GA 151 10.93 33.12 4.89
CA VAL GA 151 9.70 33.88 4.70
C VAL GA 151 10.01 35.20 3.99
N PHE GA 152 11.07 35.89 4.41
CA PHE GA 152 11.43 37.16 3.77
C PHE GA 152 11.86 36.96 2.32
N VAL GA 153 12.62 35.90 2.05
CA VAL GA 153 13.13 35.67 0.71
C VAL GA 153 12.00 35.28 -0.23
N THR GA 154 11.09 34.41 0.21
CA THR GA 154 10.03 33.95 -0.67
C THR GA 154 8.99 35.04 -0.92
N VAL GA 155 8.61 35.76 0.13
CA VAL GA 155 7.53 36.74 0.00
C VAL GA 155 8.01 38.01 -0.70
N PHE GA 156 9.17 38.53 -0.32
CA PHE GA 156 9.62 39.80 -0.84
C PHE GA 156 10.51 39.68 -2.09
N LEU GA 157 11.08 38.51 -2.35
CA LEU GA 157 11.90 38.34 -3.55
C LEU GA 157 11.35 37.30 -4.50
N VAL GA 158 11.10 36.08 -4.04
CA VAL GA 158 10.72 34.99 -4.95
C VAL GA 158 9.34 35.22 -5.53
N TYR GA 159 8.39 35.68 -4.71
CA TYR GA 159 7.04 35.92 -5.22
C TYR GA 159 6.98 37.02 -6.29
N PRO GA 160 7.58 38.20 -6.14
CA PRO GA 160 7.56 39.14 -7.27
C PRO GA 160 8.39 38.69 -8.47
N LEU GA 161 9.43 37.90 -8.24
CA LEU GA 161 10.25 37.43 -9.36
C LEU GA 161 9.50 36.45 -10.24
N GLY GA 162 8.53 35.72 -9.67
CA GLY GA 162 7.68 34.88 -10.48
C GLY GA 162 6.53 35.63 -11.11
N GLN GA 163 6.15 36.76 -10.53
CA GLN GA 163 5.04 37.56 -11.03
C GLN GA 163 5.53 38.45 -12.17
N ALA GA 164 4.72 39.44 -12.54
CA ALA GA 164 5.06 40.31 -13.66
C ALA GA 164 6.22 41.25 -13.33
N SER GA 165 6.23 41.80 -12.11
CA SER GA 165 7.19 42.83 -11.75
C SER GA 165 7.35 42.88 -10.24
N TRP GA 166 8.18 43.82 -9.78
CA TRP GA 166 8.31 44.10 -8.36
C TRP GA 166 7.04 44.71 -7.78
N PHE GA 167 6.14 45.21 -8.64
CA PHE GA 167 4.92 45.89 -8.22
C PHE GA 167 4.05 45.01 -7.33
N PHE GA 168 4.01 43.71 -7.61
CA PHE GA 168 3.11 42.81 -6.90
C PHE GA 168 3.73 42.25 -5.62
N ALA GA 169 4.94 42.65 -5.28
CA ALA GA 169 5.52 42.34 -4.00
C ALA GA 169 4.82 43.15 -2.91
N PRO GA 170 4.92 42.75 -1.64
CA PRO GA 170 4.39 43.60 -0.57
C PRO GA 170 5.17 44.90 -0.46
N SER GA 171 4.45 45.95 -0.11
CA SER GA 171 5.07 47.24 0.18
C SER GA 171 5.36 47.33 1.66
N PHE GA 172 6.46 48.00 2.00
CA PHE GA 172 6.94 48.07 3.37
C PHE GA 172 6.09 49.07 4.15
N GLY GA 173 4.93 48.59 4.60
CA GLY GA 173 4.02 49.42 5.37
C GLY GA 173 2.99 48.56 6.07
N VAL GA 174 2.31 49.17 7.02
CA VAL GA 174 1.32 48.45 7.82
C VAL GA 174 0.07 48.15 7.01
N ALA GA 175 -0.58 49.19 6.49
CA ALA GA 175 -1.79 48.98 5.70
C ALA GA 175 -1.45 48.38 4.34
N ALA GA 176 -0.24 48.60 3.85
CA ALA GA 176 0.18 48.01 2.59
C ALA GA 176 0.32 46.49 2.72
N ILE GA 177 0.80 46.02 3.88
CA ILE GA 177 0.84 44.59 4.14
C ILE GA 177 -0.58 44.03 4.25
N PHE GA 178 -1.49 44.81 4.83
CA PHE GA 178 -2.89 44.39 4.95
C PHE GA 178 -3.53 44.20 3.58
N ARG GA 179 -3.18 45.06 2.62
CA ARG GA 179 -3.62 44.86 1.24
C ARG GA 179 -3.04 43.58 0.66
N PHE GA 180 -1.77 43.30 0.95
CA PHE GA 180 -1.11 42.12 0.41
C PHE GA 180 -1.76 40.83 0.93
N LEU GA 181 -2.27 40.86 2.16
CA LEU GA 181 -3.00 39.71 2.68
C LEU GA 181 -4.28 39.47 1.89
N LEU GA 182 -5.06 40.53 1.66
CA LEU GA 182 -6.33 40.37 0.95
C LEU GA 182 -6.10 40.18 -0.55
N PHE GA 183 -4.98 40.66 -1.08
CA PHE GA 183 -4.65 40.43 -2.48
C PHE GA 183 -4.40 38.96 -2.75
N LEU GA 184 -3.62 38.31 -1.88
CA LEU GA 184 -3.29 36.90 -2.09
C LEU GA 184 -4.48 36.01 -1.77
N GLN GA 185 -5.38 36.47 -0.90
CA GLN GA 185 -6.62 35.73 -0.66
C GLN GA 185 -7.53 35.81 -1.88
N GLY GA 186 -7.74 37.03 -2.41
CA GLY GA 186 -8.65 37.21 -3.52
C GLY GA 186 -8.14 36.59 -4.81
N PHE GA 187 -6.84 36.71 -5.07
CA PHE GA 187 -6.30 36.29 -6.35
C PHE GA 187 -5.75 34.86 -6.33
N HIS GA 188 -5.27 34.38 -5.19
CA HIS GA 188 -4.68 33.05 -5.14
C HIS GA 188 -5.43 32.04 -4.26
N ASN GA 189 -6.44 32.48 -3.50
CA ASN GA 189 -7.10 31.66 -2.48
C ASN GA 189 -6.07 31.07 -1.52
N TRP GA 190 -5.25 31.96 -0.95
CA TRP GA 190 -4.08 31.55 -0.19
C TRP GA 190 -4.44 30.84 1.11
N THR GA 191 -5.62 31.11 1.65
CA THR GA 191 -6.04 30.41 2.87
C THR GA 191 -6.32 28.94 2.60
N LEU GA 192 -6.77 28.62 1.38
CA LEU GA 192 -7.06 27.24 1.02
C LEU GA 192 -5.79 26.45 0.67
N ASN GA 193 -4.64 27.10 0.60
CA ASN GA 193 -3.41 26.39 0.32
C ASN GA 193 -2.99 25.56 1.53
N PRO GA 194 -2.70 24.27 1.35
CA PRO GA 194 -2.27 23.45 2.49
C PRO GA 194 -0.93 23.86 3.07
N PHE GA 195 -0.11 24.59 2.31
CA PHE GA 195 1.17 25.05 2.84
C PHE GA 195 0.99 26.23 3.78
N HIS GA 196 0.01 27.09 3.52
CA HIS GA 196 -0.30 28.15 4.47
C HIS GA 196 -0.94 27.57 5.73
N MET GA 197 -1.74 26.51 5.58
CA MET GA 197 -2.37 25.85 6.73
C MET GA 197 -1.32 25.25 7.64
N MET GA 198 -0.28 24.65 7.06
CA MET GA 198 0.84 24.16 7.87
C MET GA 198 1.57 25.31 8.52
N GLY GA 199 1.62 26.46 7.85
CA GLY GA 199 2.23 27.64 8.44
C GLY GA 199 1.44 28.19 9.61
N VAL GA 200 0.10 28.19 9.49
CA VAL GA 200 -0.75 28.66 10.59
C VAL GA 200 -0.62 27.74 11.79
N ALA GA 201 -0.53 26.43 11.53
CA ALA GA 201 -0.37 25.46 12.62
C ALA GA 201 0.95 25.66 13.36
N GLY GA 202 2.02 25.94 12.63
CA GLY GA 202 3.31 26.16 13.28
C GLY GA 202 3.35 27.45 14.06
N ILE GA 203 2.76 28.51 13.51
CA ILE GA 203 2.81 29.82 14.17
C ILE GA 203 1.86 29.87 15.36
N LEU GA 204 0.64 29.34 15.20
CA LEU GA 204 -0.26 29.27 16.34
C LEU GA 204 0.22 28.24 17.36
N GLY GA 205 0.82 27.15 16.88
CA GLY GA 205 1.41 26.18 17.78
C GLY GA 205 2.61 26.73 18.53
N GLY GA 206 3.40 27.58 17.87
CA GLY GA 206 4.51 28.22 18.55
C GLY GA 206 4.06 29.18 19.64
N ALA GA 207 2.96 29.90 19.39
CA ALA GA 207 2.40 30.76 20.42
C ALA GA 207 1.80 29.95 21.55
N LEU GA 208 1.19 28.80 21.23
CA LEU GA 208 0.72 27.89 22.26
C LEU GA 208 1.87 27.36 23.09
N LEU GA 209 2.96 26.94 22.43
CA LEU GA 209 4.10 26.38 23.14
C LEU GA 209 4.78 27.43 24.01
N CYS GA 210 4.81 28.68 23.55
CA CYS GA 210 5.37 29.76 24.35
C CYS GA 210 4.52 30.01 25.60
N ALA GA 211 3.19 29.99 25.44
CA ALA GA 211 2.30 30.27 26.56
C ALA GA 211 2.28 29.10 27.54
N ILE GA 212 2.22 27.87 27.03
CA ILE GA 212 2.03 26.72 27.90
C ILE GA 212 3.31 26.36 28.63
N HIS GA 213 4.47 26.63 28.02
CA HIS GA 213 5.72 26.32 28.70
C HIS GA 213 6.06 27.35 29.76
N GLY GA 214 5.78 28.63 29.46
CA GLY GA 214 6.03 29.67 30.42
C GLY GA 214 5.12 29.58 31.64
N ALA GA 215 3.87 29.18 31.42
CA ALA GA 215 2.94 29.00 32.54
C ALA GA 215 3.31 27.79 33.37
N THR GA 216 3.74 26.70 32.73
CA THR GA 216 4.06 25.47 33.44
C THR GA 216 5.29 25.64 34.32
N VAL GA 217 6.32 26.32 33.80
CA VAL GA 217 7.54 26.56 34.59
C VAL GA 217 7.24 27.46 35.77
N GLU GA 218 6.43 28.50 35.54
CA GLU GA 218 6.09 29.44 36.61
C GLU GA 218 5.22 28.80 37.68
N ASN GA 219 4.48 27.74 37.33
CA ASN GA 219 3.53 27.14 38.25
C ASN GA 219 4.01 25.85 38.89
N THR GA 220 4.97 25.16 38.27
CA THR GA 220 5.63 24.03 38.92
C THR GA 220 6.96 24.44 39.54
N LEU GA 221 7.09 25.70 39.91
CA LEU GA 221 8.32 26.25 40.47
C LEU GA 221 8.63 25.62 41.83
N PHE GA 222 9.92 25.57 42.15
CA PHE GA 222 10.37 25.09 43.44
C PHE GA 222 10.42 26.23 44.43
N GLU GA 223 10.01 25.95 45.68
CA GLU GA 223 10.02 26.94 46.75
C GLU GA 223 11.47 27.25 47.11
N ASP GA 224 11.95 28.42 46.71
CA ASP GA 224 13.32 28.82 46.96
C ASP GA 224 13.38 30.22 47.58
N PHE GA 234 15.70 33.18 40.67
CA PHE GA 234 16.71 32.32 40.05
C PHE GA 234 18.11 32.90 40.19
N THR GA 235 18.93 32.25 40.99
CA THR GA 235 20.35 32.61 41.05
C THR GA 235 20.98 32.21 39.73
N PRO GA 236 21.79 33.07 39.09
CA PRO GA 236 22.37 32.71 37.78
C PRO GA 236 23.23 31.46 37.78
N THR GA 237 24.01 31.23 38.83
CA THR GA 237 24.81 30.01 38.94
C THR GA 237 24.10 28.97 39.80
N GLN GA 238 22.93 28.56 39.33
CA GLN GA 238 22.14 27.52 39.99
C GLN GA 238 22.37 26.21 39.25
N SER GA 239 23.03 25.26 39.91
CA SER GA 239 23.28 23.96 39.28
C SER GA 239 22.00 23.14 39.18
N GLU GA 240 21.03 23.40 40.06
CA GLU GA 240 19.80 22.64 40.11
C GLU GA 240 18.69 23.35 39.34
N GLU GA 241 17.74 22.57 38.84
CA GLU GA 241 16.60 23.11 38.12
C GLU GA 241 15.65 23.79 39.08
N THR GA 242 15.00 24.86 38.61
CA THR GA 242 14.13 25.67 39.46
C THR GA 242 12.67 25.23 39.44
N TYR GA 243 12.29 24.30 38.57
CA TYR GA 243 10.92 23.83 38.52
C TYR GA 243 10.91 22.30 38.44
N SER GA 244 9.82 21.72 38.91
CA SER GA 244 9.70 20.27 39.01
C SER GA 244 9.21 19.70 37.68
N MET GA 245 10.09 18.97 36.98
CA MET GA 245 9.69 18.32 35.75
C MET GA 245 8.77 17.14 36.01
N VAL GA 246 8.95 16.46 37.14
CA VAL GA 246 8.09 15.33 37.49
C VAL GA 246 6.66 15.80 37.76
N THR GA 247 6.52 16.90 38.51
CA THR GA 247 5.19 17.46 38.77
C THR GA 247 4.54 17.96 37.50
N ALA GA 248 5.32 18.61 36.64
CA ALA GA 248 4.80 19.12 35.37
C ALA GA 248 4.37 17.98 34.45
N ASN GA 249 5.16 16.90 34.41
CA ASN GA 249 4.80 15.74 33.61
C ASN GA 249 3.54 15.07 34.15
N ARG GA 250 3.41 15.01 35.48
CA ARG GA 250 2.24 14.39 36.09
C ARG GA 250 0.98 15.22 35.82
N PHE GA 251 1.12 16.54 35.84
CA PHE GA 251 -0.03 17.43 35.63
C PHE GA 251 -0.58 17.29 34.21
N TRP GA 252 0.29 17.35 33.21
CA TRP GA 252 -0.19 17.34 31.83
C TRP GA 252 -0.56 15.93 31.38
N SER GA 253 -0.06 14.89 32.04
CA SER GA 253 -0.47 13.53 31.71
C SER GA 253 -1.91 13.29 32.12
N GLN GA 254 -2.35 13.90 33.22
CA GLN GA 254 -3.71 13.71 33.69
C GLN GA 254 -4.68 14.75 33.12
N ILE GA 255 -4.19 15.94 32.77
CA ILE GA 255 -5.04 16.96 32.15
C ILE GA 255 -5.23 16.68 30.66
N PHE GA 256 -4.13 16.51 29.94
CA PHE GA 256 -4.16 16.42 28.49
C PHE GA 256 -4.05 15.00 27.96
N GLY GA 257 -3.47 14.08 28.72
CA GLY GA 257 -3.31 12.72 28.26
C GLY GA 257 -1.86 12.37 28.00
N VAL GA 258 -1.11 13.33 27.44
CA VAL GA 258 0.32 13.16 27.19
C VAL GA 258 1.03 14.37 27.78
N ALA GA 259 2.33 14.18 28.04
CA ALA GA 259 3.13 15.22 28.66
C ALA GA 259 4.58 15.04 28.26
N PHE GA 260 5.32 16.14 28.29
CA PHE GA 260 6.76 16.08 28.06
C PHE GA 260 7.43 15.43 29.27
N SER GA 261 8.42 14.60 29.00
CA SER GA 261 9.26 14.04 30.04
C SER GA 261 10.73 14.36 29.84
N ASN GA 262 11.13 14.70 28.61
CA ASN GA 262 12.50 15.07 28.28
C ASN GA 262 12.56 16.59 28.12
N LYS GA 263 13.45 17.22 28.89
CA LYS GA 263 13.61 18.67 28.79
C LYS GA 263 14.26 19.06 27.47
N ARG GA 264 15.17 18.22 26.97
CA ARG GA 264 15.86 18.54 25.72
C ARG GA 264 14.94 18.39 24.53
N TRP GA 265 14.05 17.39 24.57
CA TRP GA 265 13.08 17.22 23.48
C TRP GA 265 12.03 18.33 23.51
N LEU GA 266 11.69 18.79 24.72
CA LEU GA 266 10.71 19.87 24.86
C LEU GA 266 11.24 21.17 24.23
N HIS GA 267 12.54 21.42 24.36
CA HIS GA 267 13.08 22.66 23.83
C HIS GA 267 13.42 22.57 22.34
N PHE GA 268 13.73 21.37 21.84
CA PHE GA 268 13.84 21.23 20.39
C PHE GA 268 12.48 21.41 19.74
N PHE GA 269 11.42 20.93 20.41
CA PHE GA 269 10.07 21.08 19.89
C PHE GA 269 9.65 22.54 19.85
N MET GA 270 10.09 23.34 20.84
CA MET GA 270 9.80 24.76 20.82
C MET GA 270 10.53 25.46 19.67
N LEU GA 271 11.69 24.93 19.28
CA LEU GA 271 12.36 25.40 18.08
C LEU GA 271 11.61 24.94 16.83
N PHE GA 272 11.25 23.66 16.77
CA PHE GA 272 10.84 23.04 15.52
C PHE GA 272 9.49 23.56 15.04
N VAL GA 273 8.51 23.69 15.93
CA VAL GA 273 7.14 23.98 15.50
C VAL GA 273 6.98 25.33 14.80
N PRO GA 274 7.46 26.46 15.36
CA PRO GA 274 7.30 27.71 14.60
C PRO GA 274 8.22 27.81 13.39
N VAL GA 275 9.41 27.21 13.45
CA VAL GA 275 10.34 27.27 12.33
C VAL GA 275 9.84 26.45 11.16
N ALA GA 276 9.29 25.26 11.43
CA ALA GA 276 8.73 24.45 10.35
C ALA GA 276 7.49 25.10 9.76
N GLY GA 277 6.78 25.90 10.56
CA GLY GA 277 5.66 26.66 10.03
C GLY GA 277 6.10 27.72 9.04
N MET GA 278 7.23 28.38 9.32
CA MET GA 278 7.77 29.36 8.38
C MET GA 278 8.26 28.69 7.11
N TRP GA 279 8.84 27.50 7.24
CA TRP GA 279 9.41 26.82 6.07
C TRP GA 279 8.32 26.20 5.20
N THR GA 280 7.26 25.69 5.82
CA THR GA 280 6.18 25.08 5.03
C THR GA 280 5.40 26.14 4.26
N SER GA 281 5.13 27.28 4.89
CA SER GA 281 4.40 28.34 4.21
C SER GA 281 5.22 28.99 3.12
N SER GA 282 6.56 28.96 3.25
CA SER GA 282 7.42 29.52 2.22
C SER GA 282 7.40 28.68 0.95
N LEU GA 283 7.19 27.37 1.09
CA LEU GA 283 7.11 26.51 -0.09
C LEU GA 283 5.85 26.78 -0.88
N GLY GA 284 4.77 27.17 -0.20
CA GLY GA 284 3.54 27.51 -0.91
C GLY GA 284 3.60 28.85 -1.60
N ILE GA 285 4.37 29.78 -1.03
CA ILE GA 285 4.55 31.09 -1.66
C ILE GA 285 5.34 30.96 -2.95
N VAL GA 286 6.29 30.03 -3.00
CA VAL GA 286 7.02 29.73 -4.23
C VAL GA 286 6.08 29.23 -5.31
N GLY GA 287 5.12 28.37 -4.94
CA GLY GA 287 4.10 27.97 -5.88
C GLY GA 287 3.21 29.12 -6.29
N LEU GA 288 2.94 30.02 -5.36
CA LEU GA 288 2.11 31.19 -5.67
C LEU GA 288 2.84 32.18 -6.56
N ALA GA 289 4.17 32.12 -6.60
CA ALA GA 289 4.93 32.99 -7.49
C ALA GA 289 4.64 32.67 -8.95
N LEU GA 290 4.41 31.39 -9.25
CA LEU GA 290 4.13 30.93 -10.60
C LEU GA 290 2.65 30.69 -10.84
N ASN GA 291 1.80 31.21 -9.95
CA ASN GA 291 0.35 31.01 -9.96
C ASN GA 291 -0.05 29.54 -9.86
N LEU GA 292 0.83 28.70 -9.30
CA LEU GA 292 0.49 27.31 -9.01
C LEU GA 292 -0.20 27.30 -7.65
N ARG GA 293 -1.43 27.80 -7.65
CA ARG GA 293 -2.20 28.04 -6.45
C ARG GA 293 -3.19 26.90 -6.23
N SER GA 294 -3.63 26.76 -4.98
CA SER GA 294 -4.73 25.87 -4.64
C SER GA 294 -6.02 26.68 -4.62
N TYR GA 295 -6.47 27.04 -5.82
CA TYR GA 295 -7.63 27.92 -5.91
C TYR GA 295 -8.94 27.17 -5.77
N ASP GA 296 -9.07 26.03 -6.44
CA ASP GA 296 -10.38 25.38 -6.54
C ASP GA 296 -10.28 23.89 -6.30
N PHE GA 297 -11.40 23.33 -5.86
CA PHE GA 297 -11.64 21.89 -5.88
C PHE GA 297 -12.47 21.64 -7.13
N VAL GA 298 -11.89 20.94 -8.11
CA VAL GA 298 -12.49 20.84 -9.44
C VAL GA 298 -13.81 20.08 -9.39
N SER GA 299 -13.85 18.99 -8.62
CA SER GA 299 -15.08 18.19 -8.53
C SER GA 299 -16.21 18.98 -7.87
N GLN GA 300 -15.88 19.82 -6.88
CA GLN GA 300 -16.90 20.66 -6.27
C GLN GA 300 -17.31 21.81 -7.16
N GLU GA 301 -16.38 22.32 -7.98
CA GLU GA 301 -16.73 23.38 -8.92
C GLU GA 301 -17.59 22.85 -10.06
N LEU GA 302 -17.32 21.63 -10.51
CA LEU GA 302 -18.14 21.03 -11.57
C LEU GA 302 -19.53 20.69 -11.06
N ARG GA 303 -19.63 20.26 -9.80
CA ARG GA 303 -20.93 19.93 -9.22
C ARG GA 303 -21.81 21.16 -9.08
N ALA GA 304 -21.23 22.29 -8.65
CA ALA GA 304 -22.01 23.51 -8.50
C ALA GA 304 -22.41 24.10 -9.84
N ALA GA 305 -21.67 23.78 -10.90
CA ALA GA 305 -22.02 24.29 -12.23
C ALA GA 305 -23.27 23.61 -12.77
N GLU GA 306 -23.33 22.28 -12.65
CA GLU GA 306 -24.50 21.54 -13.13
C GLU GA 306 -25.67 21.69 -12.18
N ASP GA 307 -25.39 21.81 -10.88
CA ASP GA 307 -26.43 21.86 -9.85
C ASP GA 307 -26.35 23.21 -9.15
N PRO GA 308 -27.16 24.20 -9.54
CA PRO GA 308 -27.09 25.51 -8.89
C PRO GA 308 -27.50 25.51 -7.42
N GLU GA 309 -28.25 24.49 -6.99
CA GLU GA 309 -28.65 24.40 -5.59
C GLU GA 309 -27.48 24.01 -4.70
N PHE GA 310 -26.46 23.36 -5.28
CA PHE GA 310 -25.31 22.91 -4.51
C PHE GA 310 -24.48 24.10 -4.06
N GLU GA 311 -24.14 24.13 -2.78
CA GLU GA 311 -23.37 25.23 -2.21
C GLU GA 311 -22.70 24.78 -0.93
N THR GA 312 -21.39 24.93 -0.86
CA THR GA 312 -20.61 24.68 0.35
C THR GA 312 -19.92 25.97 0.76
N PHE GA 313 -19.16 25.91 1.86
CA PHE GA 313 -18.45 27.10 2.30
C PHE GA 313 -17.25 27.41 1.40
N TYR GA 314 -16.72 26.40 0.72
CA TYR GA 314 -15.67 26.65 -0.26
C TYR GA 314 -16.21 27.39 -1.48
N THR GA 315 -17.43 27.06 -1.92
CA THR GA 315 -18.02 27.74 -3.07
C THR GA 315 -18.41 29.17 -2.72
N LYS GA 316 -18.83 29.40 -1.46
CA LYS GA 316 -19.10 30.75 -1.02
C LYS GA 316 -17.83 31.59 -0.93
N ASN GA 317 -16.70 30.93 -0.61
CA ASN GA 317 -15.43 31.65 -0.52
C ASN GA 317 -14.92 32.07 -1.89
N ASN GA 318 -15.13 31.24 -2.91
CA ASN GA 318 -14.71 31.60 -4.26
C ASN GA 318 -15.53 32.77 -4.79
N LEU GA 319 -16.76 32.93 -4.30
CA LEU GA 319 -17.56 34.10 -4.64
C LEU GA 319 -16.97 35.36 -4.00
N LEU GA 320 -16.49 35.25 -2.76
CA LEU GA 320 -15.86 36.40 -2.11
C LEU GA 320 -14.52 36.74 -2.74
N ASN GA 321 -13.82 35.74 -3.26
CA ASN GA 321 -12.56 35.99 -3.96
C ASN GA 321 -12.80 36.76 -5.25
N GLU GA 322 -13.89 36.44 -5.94
CA GLU GA 322 -14.27 37.19 -7.14
C GLU GA 322 -14.65 38.62 -6.78
N GLY GA 323 -15.27 38.80 -5.62
CA GLY GA 323 -15.59 40.16 -5.17
C GLY GA 323 -14.36 40.96 -4.82
N ILE GA 324 -13.35 40.31 -4.23
CA ILE GA 324 -12.10 41.00 -3.92
C ILE GA 324 -11.42 41.43 -5.21
N ARG GA 325 -11.31 40.51 -6.17
CA ARG GA 325 -10.51 40.74 -7.38
C ARG GA 325 -11.06 41.90 -8.21
N SER GA 326 -12.37 41.87 -8.50
CA SER GA 326 -12.92 42.84 -9.44
C SER GA 326 -13.07 44.22 -8.81
N TRP GA 327 -13.28 44.29 -7.49
CA TRP GA 327 -13.51 45.58 -6.86
C TRP GA 327 -12.21 46.30 -6.47
N MET GA 328 -11.09 45.59 -6.36
CA MET GA 328 -9.82 46.26 -6.07
C MET GA 328 -8.95 46.49 -7.31
N ALA GA 329 -9.16 45.74 -8.39
CA ALA GA 329 -8.22 45.73 -9.52
C ALA GA 329 -8.09 47.09 -10.20
N ALA GA 330 -9.15 47.89 -10.18
CA ALA GA 330 -9.11 49.21 -10.81
C ALA GA 330 -8.12 50.13 -10.10
N GLN GA 331 -8.07 50.05 -8.77
CA GLN GA 331 -7.20 50.94 -8.01
C GLN GA 331 -5.93 50.25 -7.54
N ASP GA 332 -5.97 48.93 -7.33
CA ASP GA 332 -4.77 48.20 -6.92
C ASP GA 332 -3.78 48.10 -8.07
N GLN GA 333 -4.27 47.99 -9.29
CA GLN GA 333 -3.41 47.92 -10.47
C GLN GA 333 -3.78 49.05 -11.41
N PRO GA 334 -3.37 50.28 -11.11
CA PRO GA 334 -3.77 51.42 -11.95
C PRO GA 334 -3.01 51.53 -13.26
N HIS GA 335 -1.89 50.84 -13.41
CA HIS GA 335 -1.13 50.88 -14.65
C HIS GA 335 -1.95 50.31 -15.80
N GLU GA 336 -2.67 49.23 -15.54
CA GLU GA 336 -3.70 48.75 -16.45
C GLU GA 336 -4.95 49.59 -16.24
N ASN GA 337 -5.69 49.84 -17.33
CA ASN GA 337 -6.85 50.73 -17.25
C ASN GA 337 -7.94 50.15 -16.37
N PHE GA 338 -8.44 48.97 -16.74
CA PHE GA 338 -9.43 48.20 -15.98
C PHE GA 338 -10.70 49.01 -15.73
N ILE GA 339 -11.29 49.50 -16.82
CA ILE GA 339 -12.57 50.20 -16.74
C ILE GA 339 -13.67 49.16 -16.59
N PHE GA 340 -14.16 48.98 -15.38
CA PHE GA 340 -15.20 47.99 -15.10
C PHE GA 340 -16.54 48.70 -14.86
N PRO GA 341 -17.51 48.55 -15.76
CA PRO GA 341 -18.84 49.10 -15.50
C PRO GA 341 -19.53 48.36 -14.37
N GLU GA 342 -20.60 48.98 -13.86
CA GLU GA 342 -21.27 48.46 -12.67
C GLU GA 342 -21.97 47.13 -12.93
N GLU GA 343 -22.32 46.84 -14.20
CA GLU GA 343 -23.03 45.60 -14.49
C GLU GA 343 -22.11 44.39 -14.40
N VAL GA 344 -20.83 44.55 -14.76
CA VAL GA 344 -19.90 43.43 -14.68
C VAL GA 344 -19.26 43.27 -13.31
N LEU GA 345 -19.42 44.25 -12.42
CA LEU GA 345 -18.92 44.11 -11.06
C LEU GA 345 -19.79 43.09 -10.32
N PRO GA 346 -19.19 42.02 -9.78
CA PRO GA 346 -19.99 40.97 -9.14
C PRO GA 346 -20.65 41.46 -7.86
N ARG GA 347 -21.91 41.07 -7.69
CA ARG GA 347 -22.70 41.43 -6.52
C ARG GA 347 -23.49 40.23 -6.07
N GLY GA 348 -23.64 40.08 -4.75
CA GLY GA 348 -24.52 39.04 -4.24
C GLY GA 348 -25.98 39.34 -4.51
N ASN GA 349 -26.33 40.63 -4.57
CA ASN GA 349 -27.69 41.04 -4.85
C ASN GA 349 -28.14 40.61 -6.24
N ALA GA 350 -27.35 40.95 -7.26
CA ALA GA 350 -27.65 40.56 -8.63
C ALA GA 350 -26.80 39.34 -8.98
N LEU GA 351 -27.20 38.20 -8.45
CA LEU GA 351 -26.46 36.96 -8.64
C LEU GA 351 -27.26 35.96 -9.47
N ASP HA 10 -7.71 -56.74 28.16
CA ASP HA 10 -7.62 -56.25 29.53
C ASP HA 10 -8.94 -56.45 30.26
N ARG HA 11 -9.31 -55.51 31.13
CA ARG HA 11 -10.53 -55.62 31.92
C ARG HA 11 -11.67 -54.91 31.18
N GLY HA 12 -12.73 -55.64 30.91
CA GLY HA 12 -13.88 -55.08 30.21
C GLY HA 12 -13.89 -55.55 28.77
N VAL HA 13 -15.10 -55.76 28.23
CA VAL HA 13 -15.27 -56.37 26.91
C VAL HA 13 -14.74 -55.45 25.82
N PHE HA 14 -14.80 -54.14 26.05
CA PHE HA 14 -14.27 -53.18 25.09
C PHE HA 14 -12.75 -53.33 24.94
N ASP HA 15 -12.07 -53.69 26.02
CA ASP HA 15 -10.61 -53.79 25.98
C ASP HA 15 -10.14 -55.04 25.25
N LEU HA 16 -10.90 -56.14 25.34
CA LEU HA 16 -10.56 -57.33 24.57
C LEU HA 16 -10.72 -57.08 23.07
N ILE HA 17 -11.79 -56.38 22.68
CA ILE HA 17 -11.99 -56.04 21.27
C ILE HA 17 -10.90 -55.08 20.80
N ASP HA 18 -10.54 -54.12 21.65
CA ASP HA 18 -9.47 -53.19 21.31
C ASP HA 18 -8.13 -53.90 21.17
N ASP HA 19 -7.88 -54.89 22.03
CA ASP HA 19 -6.63 -55.65 21.92
C ASP HA 19 -6.62 -56.52 20.67
N TRP HA 20 -7.76 -57.12 20.34
CA TRP HA 20 -7.82 -58.01 19.17
C TRP HA 20 -7.69 -57.21 17.87
N LEU HA 21 -8.27 -56.01 17.82
CA LEU HA 21 -8.23 -55.22 16.60
C LEU HA 21 -6.85 -54.67 16.32
N LYS HA 22 -6.07 -54.37 17.36
CA LYS HA 22 -4.73 -53.85 17.21
C LYS HA 22 -3.65 -54.93 17.24
N ARG HA 23 -4.04 -56.20 17.24
CA ARG HA 23 -3.07 -57.29 17.30
C ARG HA 23 -2.27 -57.36 16.00
N ASP HA 24 -0.99 -57.73 16.12
CA ASP HA 24 -0.12 -57.83 14.97
C ASP HA 24 -0.48 -59.08 14.20
N ARG HA 25 -1.10 -58.90 13.05
CA ARG HA 25 -1.46 -60.02 12.16
C ARG HA 25 -0.99 -59.72 10.76
N PHE HA 26 -1.45 -60.51 9.77
CA PHE HA 26 -0.98 -60.34 8.40
C PHE HA 26 -1.43 -59.01 7.81
N VAL HA 27 -2.55 -58.46 8.28
CA VAL HA 27 -2.97 -57.12 7.91
C VAL HA 27 -3.57 -56.45 9.14
N PHE HA 28 -3.16 -55.21 9.40
CA PHE HA 28 -3.72 -54.47 10.53
C PHE HA 28 -5.18 -54.13 10.26
N VAL HA 29 -6.01 -54.29 11.30
CA VAL HA 29 -7.44 -54.00 11.21
C VAL HA 29 -7.79 -52.72 11.95
N GLY HA 30 -7.63 -52.71 13.27
CA GLY HA 30 -7.98 -51.54 14.06
C GLY HA 30 -9.47 -51.26 14.11
N TRP HA 31 -9.85 -50.16 14.76
CA TRP HA 31 -11.25 -49.78 14.77
C TRP HA 31 -11.67 -49.14 13.45
N SER HA 32 -10.72 -48.48 12.77
CA SER HA 32 -11.00 -47.89 11.48
C SER HA 32 -11.26 -48.95 10.42
N GLY HA 33 -10.73 -50.16 10.60
CA GLY HA 33 -10.98 -51.25 9.68
C GLY HA 33 -12.41 -51.72 9.65
N LEU HA 34 -13.17 -51.45 10.71
CA LEU HA 34 -14.60 -51.76 10.71
C LEU HA 34 -15.35 -50.91 9.69
N LEU HA 35 -14.87 -49.72 9.40
CA LEU HA 35 -15.44 -48.85 8.38
C LEU HA 35 -14.70 -48.95 7.05
N LEU HA 36 -13.36 -49.05 7.09
CA LEU HA 36 -12.58 -49.06 5.86
C LEU HA 36 -12.78 -50.34 5.07
N PHE HA 37 -12.64 -51.50 5.73
CA PHE HA 37 -12.61 -52.77 4.99
C PHE HA 37 -13.91 -53.12 4.27
N PRO HA 38 -15.11 -52.99 4.85
CA PRO HA 38 -16.30 -53.27 4.02
C PRO HA 38 -16.56 -52.19 2.98
N CYS HA 39 -16.34 -50.92 3.30
CA CYS HA 39 -16.64 -49.85 2.36
C CYS HA 39 -15.68 -49.85 1.17
N ALA HA 40 -14.39 -50.12 1.42
CA ALA HA 40 -13.43 -50.15 0.32
C ALA HA 40 -13.61 -51.39 -0.54
N PHE HA 41 -13.96 -52.52 0.07
CA PHE HA 41 -14.19 -53.75 -0.69
C PHE HA 41 -15.43 -53.63 -1.57
N LEU HA 42 -16.46 -52.95 -1.07
CA LEU HA 42 -17.68 -52.78 -1.86
C LEU HA 42 -17.47 -51.77 -2.99
N ALA HA 43 -16.68 -50.73 -2.74
CA ALA HA 43 -16.44 -49.72 -3.77
C ALA HA 43 -15.61 -50.30 -4.91
N VAL HA 44 -14.54 -51.03 -4.57
CA VAL HA 44 -13.71 -51.65 -5.60
C VAL HA 44 -14.46 -52.80 -6.26
N GLY HA 45 -15.15 -53.62 -5.45
CA GLY HA 45 -15.94 -54.71 -6.01
C GLY HA 45 -17.12 -54.21 -6.84
N GLY HA 46 -17.72 -53.10 -6.42
CA GLY HA 46 -18.79 -52.50 -7.20
C GLY HA 46 -18.28 -51.94 -8.52
N TRP HA 47 -17.08 -51.37 -8.52
CA TRP HA 47 -16.50 -50.84 -9.75
C TRP HA 47 -16.14 -51.97 -10.71
N LEU HA 48 -15.59 -53.07 -10.20
CA LEU HA 48 -15.23 -54.19 -11.05
C LEU HA 48 -16.47 -54.88 -11.60
N THR HA 49 -17.56 -54.86 -10.84
CA THR HA 49 -18.83 -55.40 -11.33
C THR HA 49 -19.39 -54.55 -12.46
N GLY HA 50 -19.29 -53.22 -12.32
CA GLY HA 50 -19.86 -52.33 -13.32
C GLY HA 50 -19.13 -52.36 -14.64
N ILE HA 51 -17.79 -52.42 -14.60
CA ILE HA 51 -17.02 -52.41 -15.84
C ILE HA 51 -17.09 -53.76 -16.55
N THR HA 52 -17.62 -54.79 -15.89
CA THR HA 52 -17.71 -56.11 -16.47
C THR HA 52 -19.10 -56.41 -17.03
N PHE HA 53 -20.15 -56.09 -16.30
CA PHE HA 53 -21.51 -56.47 -16.69
C PHE HA 53 -22.43 -55.29 -16.93
N VAL HA 54 -22.34 -54.24 -16.13
CA VAL HA 54 -23.37 -53.20 -16.12
C VAL HA 54 -23.16 -52.24 -17.29
N THR HA 55 -24.24 -51.97 -18.01
CA THR HA 55 -24.25 -51.07 -19.16
C THR HA 55 -24.58 -49.64 -18.75
N SER HA 56 -24.43 -48.73 -19.70
CA SER HA 56 -24.82 -47.34 -19.55
C SER HA 56 -25.80 -46.92 -20.65
N TRP HA 57 -26.50 -47.89 -21.23
CA TRP HA 57 -27.35 -47.65 -22.39
C TRP HA 57 -28.56 -46.78 -22.03
N TYR HA 58 -29.13 -46.99 -20.85
CA TYR HA 58 -30.35 -46.29 -20.46
C TYR HA 58 -30.10 -44.97 -19.76
N THR HA 59 -28.84 -44.66 -19.42
CA THR HA 59 -28.48 -43.39 -18.80
C THR HA 59 -27.71 -42.46 -19.72
N HIS HA 60 -26.79 -43.01 -20.52
CA HIS HA 60 -25.96 -42.22 -21.40
C HIS HA 60 -26.09 -42.58 -22.86
N GLY HA 61 -26.76 -43.68 -23.19
CA GLY HA 61 -26.75 -44.18 -24.55
C GLY HA 61 -25.38 -44.70 -24.97
N LEU HA 62 -24.68 -45.34 -24.05
CA LEU HA 62 -23.34 -45.86 -24.32
C LEU HA 62 -23.23 -47.31 -23.85
N ALA HA 63 -22.36 -48.06 -24.51
CA ALA HA 63 -21.92 -49.36 -24.03
C ALA HA 63 -20.65 -49.14 -23.23
N SER HA 64 -20.63 -49.64 -21.98
CA SER HA 64 -19.50 -49.37 -21.11
C SER HA 64 -19.11 -50.57 -20.26
N SER HA 65 -19.32 -51.77 -20.76
CA SER HA 65 -19.00 -52.98 -20.00
C SER HA 65 -18.25 -53.96 -20.89
N PHE HA 66 -17.54 -54.88 -20.24
CA PHE HA 66 -16.84 -55.93 -20.97
C PHE HA 66 -17.82 -56.87 -21.67
N LEU HA 67 -19.04 -56.98 -21.13
CA LEU HA 67 -20.07 -57.81 -21.74
C LEU HA 67 -20.51 -57.27 -23.10
N GLU HA 68 -20.44 -55.96 -23.28
CA GLU HA 68 -20.87 -55.32 -24.53
C GLU HA 68 -19.75 -55.16 -25.54
N GLY HA 69 -18.52 -55.53 -25.21
CA GLY HA 69 -17.40 -55.42 -26.12
C GLY HA 69 -16.40 -54.35 -25.78
N CYS HA 70 -16.57 -53.63 -24.67
CA CYS HA 70 -15.58 -52.64 -24.28
C CYS HA 70 -14.33 -53.31 -23.73
N ASN HA 71 -13.22 -52.59 -23.84
CA ASN HA 71 -11.96 -53.02 -23.25
C ASN HA 71 -11.75 -52.27 -21.93
N PHE HA 72 -10.56 -52.43 -21.34
CA PHE HA 72 -10.29 -51.78 -20.06
C PHE HA 72 -10.22 -50.27 -20.21
N LEU HA 73 -9.82 -49.76 -21.36
CA LEU HA 73 -9.70 -48.33 -21.54
C LEU HA 73 -11.05 -47.65 -21.70
N THR HA 74 -12.03 -48.33 -22.29
CA THR HA 74 -13.33 -47.71 -22.57
C THR HA 74 -14.44 -48.13 -21.62
N ALA HA 75 -14.25 -49.17 -20.83
CA ALA HA 75 -15.27 -49.56 -19.86
C ALA HA 75 -15.34 -48.55 -18.72
N ALA HA 76 -16.52 -48.38 -18.16
CA ALA HA 76 -16.72 -47.43 -17.08
C ALA HA 76 -17.94 -47.78 -16.27
N VAL HA 77 -18.01 -47.23 -15.07
CA VAL HA 77 -19.22 -47.22 -14.25
C VAL HA 77 -19.78 -45.81 -14.44
N SER HA 78 -20.72 -45.67 -15.36
CA SER HA 78 -21.18 -44.34 -15.74
C SER HA 78 -22.10 -43.74 -14.69
N THR HA 79 -22.19 -42.42 -14.73
CA THR HA 79 -22.99 -41.65 -13.80
C THR HA 79 -24.48 -41.92 -14.02
N PRO HA 80 -25.33 -41.65 -13.02
CA PRO HA 80 -26.78 -41.83 -13.21
C PRO HA 80 -27.34 -40.93 -14.29
N ALA HA 81 -28.58 -41.25 -14.68
CA ALA HA 81 -29.29 -40.44 -15.66
C ALA HA 81 -29.57 -39.05 -15.09
N ASN HA 82 -29.69 -38.08 -16.00
CA ASN HA 82 -29.92 -36.69 -15.58
C ASN HA 82 -31.27 -36.52 -14.90
N SER HA 83 -32.24 -37.37 -15.24
CA SER HA 83 -33.56 -37.30 -14.61
C SER HA 83 -33.50 -37.67 -13.13
N MET HA 84 -32.50 -38.43 -12.71
CA MET HA 84 -32.36 -38.81 -11.31
C MET HA 84 -32.01 -37.64 -10.42
N GLY HA 85 -31.44 -36.57 -10.96
CA GLY HA 85 -31.06 -35.45 -10.13
C GLY HA 85 -29.88 -35.79 -9.25
N HIS HA 86 -29.91 -35.28 -8.01
CA HIS HA 86 -28.94 -35.64 -7.00
C HIS HA 86 -29.48 -36.69 -6.04
N SER HA 87 -30.29 -37.62 -6.56
CA SER HA 87 -30.82 -38.70 -5.74
C SER HA 87 -29.69 -39.59 -5.23
N LEU HA 88 -29.86 -40.08 -4.00
CA LEU HA 88 -28.90 -41.04 -3.47
C LEU HA 88 -28.95 -42.36 -4.23
N LEU HA 89 -30.08 -42.64 -4.89
CA LEU HA 89 -30.29 -43.83 -5.71
C LEU HA 89 -30.03 -45.11 -4.92
N LEU HA 90 -30.60 -45.16 -3.72
CA LEU HA 90 -30.52 -46.35 -2.90
C LEU HA 90 -31.24 -47.50 -3.59
N LEU HA 91 -30.77 -48.72 -3.32
CA LEU HA 91 -31.37 -49.90 -3.92
C LEU HA 91 -32.83 -50.04 -3.50
N TRP HA 92 -33.14 -49.69 -2.25
CA TRP HA 92 -34.50 -49.68 -1.75
C TRP HA 92 -35.19 -48.33 -1.95
N GLY HA 93 -34.56 -47.39 -2.65
CA GLY HA 93 -35.09 -46.07 -2.83
C GLY HA 93 -36.30 -46.03 -3.74
N PRO HA 94 -36.95 -44.87 -3.84
CA PRO HA 94 -38.18 -44.77 -4.63
C PRO HA 94 -37.98 -44.83 -6.14
N GLU HA 95 -36.74 -44.94 -6.61
CA GLU HA 95 -36.46 -45.08 -8.04
C GLU HA 95 -36.34 -46.54 -8.46
N ALA HA 96 -35.47 -47.31 -7.81
CA ALA HA 96 -35.31 -48.72 -8.13
C ALA HA 96 -36.32 -49.61 -7.43
N GLN HA 97 -36.73 -49.22 -6.22
CA GLN HA 97 -37.74 -49.93 -5.42
C GLN HA 97 -37.36 -51.39 -5.17
N GLY HA 98 -36.10 -51.64 -4.87
CA GLY HA 98 -35.63 -52.97 -4.56
C GLY HA 98 -35.22 -53.80 -5.76
N ASP HA 99 -35.51 -53.34 -6.98
CA ASP HA 99 -35.17 -54.09 -8.17
C ASP HA 99 -33.70 -53.86 -8.50
N ILE HA 100 -32.88 -54.90 -8.32
CA ILE HA 100 -31.44 -54.78 -8.53
C ILE HA 100 -31.14 -54.56 -10.01
N THR HA 101 -31.95 -55.12 -10.91
CA THR HA 101 -31.73 -54.95 -12.35
C THR HA 101 -32.00 -53.52 -12.79
N ARG HA 102 -33.14 -52.96 -12.36
CA ARG HA 102 -33.45 -51.57 -12.69
C ARG HA 102 -32.50 -50.60 -12.00
N TRP HA 103 -31.97 -51.00 -10.83
CA TRP HA 103 -30.99 -50.19 -10.14
C TRP HA 103 -29.71 -50.05 -10.95
N PHE HA 104 -29.29 -51.13 -11.60
CA PHE HA 104 -28.10 -51.07 -12.46
C PHE HA 104 -28.35 -50.22 -13.70
N GLN HA 105 -29.57 -50.26 -14.23
CA GLN HA 105 -29.87 -49.58 -15.48
C GLN HA 105 -29.98 -48.06 -15.30
N ILE HA 106 -30.43 -47.60 -14.13
CA ILE HA 106 -30.58 -46.16 -13.90
C ILE HA 106 -29.31 -45.53 -13.34
N GLY HA 107 -28.22 -46.28 -13.24
CA GLY HA 107 -26.97 -45.73 -12.75
C GLY HA 107 -26.80 -45.76 -11.26
N GLY HA 108 -27.55 -46.59 -10.54
CA GLY HA 108 -27.42 -46.67 -9.10
C GLY HA 108 -26.09 -47.24 -8.63
N LEU HA 109 -25.39 -47.96 -9.50
CA LEU HA 109 -24.07 -48.47 -9.14
C LEU HA 109 -23.05 -47.35 -9.02
N TRP HA 110 -23.24 -46.24 -9.74
CA TRP HA 110 -22.33 -45.11 -9.60
C TRP HA 110 -22.41 -44.51 -8.21
N THR HA 111 -23.63 -44.28 -7.71
CA THR HA 111 -23.78 -43.74 -6.37
C THR HA 111 -23.35 -44.75 -5.33
N PHE HA 112 -23.45 -46.05 -5.65
CA PHE HA 112 -22.94 -47.08 -4.77
C PHE HA 112 -21.42 -46.99 -4.63
N VAL HA 113 -20.72 -46.84 -5.75
CA VAL HA 113 -19.26 -46.78 -5.73
C VAL HA 113 -18.79 -45.47 -5.11
N ALA HA 114 -19.46 -44.37 -5.44
CA ALA HA 114 -19.02 -43.06 -4.97
C ALA HA 114 -19.25 -42.90 -3.47
N LEU HA 115 -20.39 -43.36 -2.96
CA LEU HA 115 -20.68 -43.20 -1.53
C LEU HA 115 -19.86 -44.17 -0.69
N HIS HA 116 -19.76 -45.43 -1.12
CA HIS HA 116 -18.91 -46.37 -0.38
C HIS HA 116 -17.44 -46.04 -0.55
N GLY HA 117 -17.06 -45.47 -1.69
CA GLY HA 117 -15.70 -45.01 -1.85
C GLY HA 117 -15.38 -43.80 -0.98
N SER HA 118 -16.38 -42.93 -0.77
CA SER HA 118 -16.17 -41.75 0.07
C SER HA 118 -16.01 -42.15 1.53
N PHE HA 119 -16.79 -43.13 1.99
CA PHE HA 119 -16.58 -43.63 3.35
C PHE HA 119 -15.36 -44.52 3.43
N GLY HA 120 -14.92 -45.07 2.30
CA GLY HA 120 -13.67 -45.82 2.29
C GLY HA 120 -12.46 -44.94 2.53
N VAL HA 121 -12.42 -43.77 1.90
CA VAL HA 121 -11.26 -42.89 2.07
C VAL HA 121 -11.30 -42.20 3.43
N ILE HA 122 -12.49 -42.09 4.03
CA ILE HA 122 -12.58 -41.64 5.41
C ILE HA 122 -11.98 -42.70 6.34
N GLY HA 123 -12.31 -43.97 6.09
CA GLY HA 123 -11.76 -45.04 6.89
C GLY HA 123 -10.27 -45.22 6.72
N PHE HA 124 -9.75 -44.96 5.52
CA PHE HA 124 -8.31 -45.07 5.30
C PHE HA 124 -7.55 -43.96 6.01
N CYS HA 125 -8.11 -42.74 6.00
CA CYS HA 125 -7.47 -41.65 6.72
C CYS HA 125 -7.55 -41.86 8.23
N LEU HA 126 -8.65 -42.45 8.70
CA LEU HA 126 -8.73 -42.84 10.10
C LEU HA 126 -7.74 -43.95 10.41
N ARG HA 127 -7.49 -44.83 9.44
CA ARG HA 127 -6.50 -45.88 9.61
C ARG HA 127 -5.10 -45.30 9.74
N GLN HA 128 -4.81 -44.24 8.97
CA GLN HA 128 -3.52 -43.56 9.08
C GLN HA 128 -3.37 -42.91 10.45
N PHE HA 129 -4.45 -42.35 10.98
CA PHE HA 129 -4.41 -41.80 12.33
C PHE HA 129 -4.22 -42.88 13.38
N GLU HA 130 -4.84 -44.05 13.17
CA GLU HA 130 -4.81 -45.11 14.17
C GLU HA 130 -3.44 -45.78 14.25
N ILE HA 131 -2.83 -46.07 13.10
CA ILE HA 131 -1.51 -46.70 13.10
C ILE HA 131 -0.45 -45.73 13.59
N ALA HA 132 -0.60 -44.44 13.30
CA ALA HA 132 0.34 -43.44 13.80
C ALA HA 132 0.30 -43.36 15.33
N ARG HA 133 -0.90 -43.48 15.90
CA ARG HA 133 -1.01 -43.51 17.36
C ARG HA 133 -0.49 -44.81 17.93
N LEU HA 134 -0.65 -45.91 17.19
CA LEU HA 134 -0.17 -47.21 17.66
C LEU HA 134 1.36 -47.28 17.61
N VAL HA 135 1.95 -46.87 16.49
CA VAL HA 135 3.40 -46.87 16.36
C VAL HA 135 4.02 -45.80 17.25
N GLY HA 136 3.39 -44.64 17.33
CA GLY HA 136 3.87 -43.55 18.15
C GLY HA 136 4.50 -42.40 17.40
N ILE HA 137 4.16 -42.20 16.13
CA ILE HA 137 4.72 -41.13 15.32
C ILE HA 137 3.67 -40.05 15.13
N ARG HA 138 4.10 -38.92 14.57
CA ARG HA 138 3.19 -37.83 14.28
C ARG HA 138 2.32 -38.18 13.07
N PRO HA 139 1.08 -37.67 13.02
CA PRO HA 139 0.15 -38.06 11.95
C PRO HA 139 0.26 -37.19 10.70
N TYR HA 140 1.45 -37.13 10.12
CA TYR HA 140 1.63 -36.33 8.92
C TYR HA 140 1.21 -37.05 7.65
N ASN HA 141 1.16 -38.38 7.67
CA ASN HA 141 0.66 -39.12 6.52
C ASN HA 141 -0.85 -38.93 6.36
N ALA HA 142 -1.55 -38.75 7.48
CA ALA HA 142 -2.99 -38.47 7.42
C ALA HA 142 -3.26 -37.09 6.85
N ILE HA 143 -2.41 -36.11 7.20
CA ILE HA 143 -2.55 -34.76 6.64
C ILE HA 143 -2.21 -34.77 5.16
N ALA HA 144 -1.23 -35.57 4.76
CA ALA HA 144 -0.85 -35.66 3.36
C ALA HA 144 -1.93 -36.34 2.53
N PHE HA 145 -2.66 -37.29 3.14
CA PHE HA 145 -3.74 -37.97 2.43
C PHE HA 145 -4.99 -37.09 2.33
N SER HA 146 -5.05 -35.99 3.08
CA SER HA 146 -6.17 -35.07 2.96
C SER HA 146 -6.20 -34.37 1.61
N GLY HA 147 -5.07 -34.33 0.90
CA GLY HA 147 -5.02 -33.84 -0.46
C GLY HA 147 -5.84 -34.68 -1.42
N PRO HA 148 -5.55 -35.98 -1.51
CA PRO HA 148 -6.42 -36.86 -2.31
C PRO HA 148 -7.87 -36.91 -1.84
N ILE HA 149 -8.11 -36.74 -0.53
CA ILE HA 149 -9.48 -36.69 -0.02
C ILE HA 149 -10.20 -35.46 -0.57
N ALA HA 150 -9.51 -34.31 -0.55
CA ALA HA 150 -10.12 -33.07 -1.05
C ALA HA 150 -10.38 -33.15 -2.55
N VAL HA 151 -9.49 -33.80 -3.30
CA VAL HA 151 -9.68 -33.94 -4.73
C VAL HA 151 -10.86 -34.86 -5.03
N PHE HA 152 -10.95 -35.99 -4.31
CA PHE HA 152 -12.04 -36.92 -4.54
C PHE HA 152 -13.38 -36.32 -4.12
N VAL HA 153 -13.40 -35.59 -3.00
CA VAL HA 153 -14.66 -35.04 -2.49
C VAL HA 153 -15.16 -33.92 -3.41
N THR HA 154 -14.25 -33.05 -3.86
CA THR HA 154 -14.68 -31.92 -4.68
C THR HA 154 -15.08 -32.36 -6.09
N VAL HA 155 -14.35 -33.29 -6.67
CA VAL HA 155 -14.58 -33.66 -8.06
C VAL HA 155 -15.76 -34.61 -8.19
N PHE HA 156 -15.82 -35.64 -7.33
CA PHE HA 156 -16.86 -36.66 -7.46
C PHE HA 156 -18.11 -36.36 -6.64
N LEU HA 157 -18.05 -35.47 -5.66
CA LEU HA 157 -19.24 -35.13 -4.88
C LEU HA 157 -19.63 -33.66 -5.00
N VAL HA 158 -18.72 -32.74 -4.72
CA VAL HA 158 -19.09 -31.32 -4.64
C VAL HA 158 -19.43 -30.78 -6.03
N TYR HA 159 -18.66 -31.15 -7.05
CA TYR HA 159 -18.94 -30.67 -8.40
C TYR HA 159 -20.29 -31.13 -8.95
N PRO HA 160 -20.69 -32.41 -8.87
CA PRO HA 160 -22.05 -32.74 -9.33
C PRO HA 160 -23.15 -32.17 -8.44
N LEU HA 161 -22.88 -31.96 -7.16
CA LEU HA 161 -23.90 -31.42 -6.26
C LEU HA 161 -24.20 -29.95 -6.59
N GLY HA 162 -23.23 -29.24 -7.15
CA GLY HA 162 -23.50 -27.89 -7.61
C GLY HA 162 -24.12 -27.85 -8.99
N GLN HA 163 -23.90 -28.90 -9.78
CA GLN HA 163 -24.42 -28.98 -11.14
C GLN HA 163 -25.87 -29.44 -11.10
N ALA HA 164 -26.40 -29.83 -12.26
CA ALA HA 164 -27.80 -30.23 -12.35
C ALA HA 164 -28.06 -31.56 -11.66
N SER HA 165 -27.15 -32.52 -11.82
CA SER HA 165 -27.38 -33.87 -11.34
C SER HA 165 -26.06 -34.60 -11.18
N TRP HA 166 -26.14 -35.87 -10.78
CA TRP HA 166 -24.97 -36.73 -10.72
C TRP HA 166 -24.40 -37.03 -12.09
N PHE HA 167 -25.18 -36.78 -13.15
CA PHE HA 167 -24.80 -37.10 -14.53
C PHE HA 167 -23.50 -36.41 -14.94
N PHE HA 168 -23.27 -35.19 -14.46
CA PHE HA 168 -22.12 -34.41 -14.89
C PHE HA 168 -20.87 -34.67 -14.04
N ALA HA 169 -20.96 -35.58 -13.09
CA ALA HA 169 -19.79 -36.04 -12.36
C ALA HA 169 -18.94 -36.92 -13.29
N PRO HA 170 -17.66 -37.14 -12.94
CA PRO HA 170 -16.88 -38.10 -13.72
C PRO HA 170 -17.42 -39.51 -13.55
N SER HA 171 -17.33 -40.29 -14.63
CA SER HA 171 -17.66 -41.70 -14.58
C SER HA 171 -16.39 -42.49 -14.29
N PHE HA 172 -16.53 -43.56 -13.52
CA PHE HA 172 -15.39 -44.34 -13.06
C PHE HA 172 -14.88 -45.19 -14.22
N GLY HA 173 -14.04 -44.58 -15.06
CA GLY HA 173 -13.46 -45.26 -16.19
C GLY HA 173 -12.32 -44.47 -16.76
N VAL HA 174 -11.52 -45.13 -17.61
CA VAL HA 174 -10.33 -44.49 -18.16
C VAL HA 174 -10.73 -43.46 -19.22
N ALA HA 175 -11.44 -43.90 -20.26
CA ALA HA 175 -11.86 -42.97 -21.31
C ALA HA 175 -12.95 -42.02 -20.81
N ALA HA 176 -13.71 -42.44 -19.81
CA ALA HA 176 -14.73 -41.57 -19.24
C ALA HA 176 -14.11 -40.41 -18.49
N ILE HA 177 -12.98 -40.65 -17.83
CA ILE HA 177 -12.23 -39.56 -17.20
C ILE HA 177 -11.65 -38.63 -18.26
N PHE HA 178 -11.21 -39.20 -19.39
CA PHE HA 178 -10.69 -38.39 -20.48
C PHE HA 178 -11.74 -37.46 -21.05
N ARG HA 179 -13.00 -37.92 -21.11
CA ARG HA 179 -14.09 -37.03 -21.49
C ARG HA 179 -14.27 -35.91 -20.47
N PHE HA 180 -14.17 -36.25 -19.19
CA PHE HA 180 -14.36 -35.27 -18.12
C PHE HA 180 -13.31 -34.17 -18.17
N LEU HA 181 -12.09 -34.51 -18.61
CA LEU HA 181 -11.05 -33.51 -18.80
C LEU HA 181 -11.43 -32.53 -19.90
N LEU HA 182 -11.87 -33.04 -21.04
CA LEU HA 182 -12.21 -32.18 -22.16
C LEU HA 182 -13.56 -31.49 -21.95
N PHE HA 183 -14.44 -32.08 -21.14
CA PHE HA 183 -15.70 -31.43 -20.80
C PHE HA 183 -15.47 -30.17 -19.99
N LEU HA 184 -14.61 -30.25 -18.97
CA LEU HA 184 -14.37 -29.09 -18.12
C LEU HA 184 -13.51 -28.05 -18.82
N GLN HA 185 -12.70 -28.47 -19.78
CA GLN HA 185 -11.98 -27.50 -20.61
C GLN HA 185 -12.93 -26.75 -21.53
N GLY HA 186 -13.79 -27.50 -22.23
CA GLY HA 186 -14.70 -26.86 -23.18
C GLY HA 186 -15.76 -26.01 -22.52
N PHE HA 187 -16.29 -26.47 -21.39
CA PHE HA 187 -17.42 -25.77 -20.77
C PHE HA 187 -17.01 -24.78 -19.71
N HIS HA 188 -15.88 -24.99 -19.02
CA HIS HA 188 -15.48 -24.11 -17.94
C HIS HA 188 -14.18 -23.36 -18.18
N ASN HA 189 -13.43 -23.68 -19.24
CA ASN HA 189 -12.08 -23.17 -19.48
C ASN HA 189 -11.20 -23.42 -18.25
N TRP HA 190 -11.19 -24.68 -17.83
CA TRP HA 190 -10.58 -25.08 -16.56
C TRP HA 190 -9.08 -24.89 -16.56
N THR HA 191 -8.44 -24.92 -17.72
CA THR HA 191 -7.00 -24.67 -17.78
C THR HA 191 -6.66 -23.23 -17.46
N LEU HA 192 -7.56 -22.29 -17.78
CA LEU HA 192 -7.30 -20.88 -17.49
C LEU HA 192 -7.60 -20.53 -16.04
N ASN HA 193 -8.14 -21.45 -15.26
CA ASN HA 193 -8.40 -21.19 -13.84
C ASN HA 193 -7.08 -21.13 -13.09
N PRO HA 194 -6.83 -20.08 -12.30
CA PRO HA 194 -5.59 -20.01 -11.52
C PRO HA 194 -5.48 -21.08 -10.45
N PHE HA 195 -6.59 -21.68 -10.03
CA PHE HA 195 -6.53 -22.74 -9.03
C PHE HA 195 -6.06 -24.05 -9.64
N HIS HA 196 -6.43 -24.33 -10.89
CA HIS HA 196 -5.85 -25.48 -11.57
C HIS HA 196 -4.38 -25.26 -11.85
N MET HA 197 -4.00 -24.01 -12.15
CA MET HA 197 -2.60 -23.68 -12.40
C MET HA 197 -1.75 -23.93 -11.16
N MET HA 198 -2.27 -23.57 -9.99
CA MET HA 198 -1.56 -23.88 -8.74
C MET HA 198 -1.53 -25.38 -8.51
N GLY HA 199 -2.56 -26.10 -8.97
CA GLY HA 199 -2.56 -27.54 -8.87
C GLY HA 199 -1.52 -28.19 -9.76
N VAL HA 200 -1.38 -27.68 -10.99
CA VAL HA 200 -0.37 -28.21 -11.92
C VAL HA 200 1.03 -27.96 -11.38
N ALA HA 201 1.25 -26.78 -10.80
CA ALA HA 201 2.55 -26.46 -10.22
C ALA HA 201 2.89 -27.38 -9.06
N GLY HA 202 1.91 -27.70 -8.23
CA GLY HA 202 2.15 -28.61 -7.12
C GLY HA 202 2.40 -30.04 -7.56
N ILE HA 203 1.65 -30.51 -8.56
CA ILE HA 203 1.77 -31.89 -8.98
C ILE HA 203 3.04 -32.09 -9.81
N LEU HA 204 3.33 -31.16 -10.72
CA LEU HA 204 4.58 -31.23 -11.47
C LEU HA 204 5.77 -30.95 -10.57
N GLY HA 205 5.60 -30.05 -9.60
CA GLY HA 205 6.65 -29.81 -8.62
C GLY HA 205 6.90 -31.00 -7.72
N GLY HA 206 5.83 -31.74 -7.38
CA GLY HA 206 6.00 -32.96 -6.59
C GLY HA 206 6.75 -34.04 -7.35
N ALA HA 207 6.49 -34.14 -8.65
CA ALA HA 207 7.24 -35.09 -9.47
C ALA HA 207 8.69 -34.64 -9.64
N LEU HA 208 8.91 -33.33 -9.74
CA LEU HA 208 10.27 -32.81 -9.76
C LEU HA 208 10.99 -33.10 -8.45
N LEU HA 209 10.30 -32.90 -7.33
CA LEU HA 209 10.92 -33.12 -6.01
C LEU HA 209 11.21 -34.60 -5.79
N CYS HA 210 10.34 -35.47 -6.30
CA CYS HA 210 10.59 -36.91 -6.20
C CYS HA 210 11.81 -37.31 -7.01
N ALA HA 211 11.93 -36.77 -8.22
CA ALA HA 211 13.04 -37.14 -9.09
C ALA HA 211 14.35 -36.55 -8.60
N ILE HA 212 14.33 -35.29 -8.17
CA ILE HA 212 15.57 -34.59 -7.82
C ILE HA 212 16.10 -35.06 -6.47
N HIS HA 213 15.21 -35.47 -5.56
CA HIS HA 213 15.67 -35.93 -4.26
C HIS HA 213 16.21 -37.35 -4.34
N GLY HA 214 15.56 -38.20 -5.14
CA GLY HA 214 16.02 -39.56 -5.31
C GLY HA 214 17.35 -39.63 -6.04
N ALA HA 215 17.54 -38.75 -7.02
CA ALA HA 215 18.80 -38.70 -7.75
C ALA HA 215 19.92 -38.16 -6.87
N THR HA 216 19.63 -37.13 -6.07
CA THR HA 216 20.66 -36.49 -5.24
C THR HA 216 21.15 -37.41 -4.15
N VAL HA 217 20.23 -38.13 -3.50
CA VAL HA 217 20.60 -39.04 -2.42
C VAL HA 217 21.44 -40.18 -2.96
N GLU HA 218 21.02 -40.74 -4.10
CA GLU HA 218 21.75 -41.86 -4.70
C GLU HA 218 23.09 -41.44 -5.29
N ASN HA 219 23.27 -40.16 -5.61
CA ASN HA 219 24.50 -39.70 -6.22
C ASN HA 219 25.43 -38.99 -5.25
N THR HA 220 25.00 -38.76 -4.00
CA THR HA 220 25.87 -38.24 -2.96
C THR HA 220 26.07 -39.27 -1.85
N LEU HA 221 25.94 -40.56 -2.18
CA LEU HA 221 26.07 -41.63 -1.19
C LEU HA 221 27.49 -41.73 -0.67
N PHE HA 222 27.61 -42.31 0.51
CA PHE HA 222 28.90 -42.65 1.09
C PHE HA 222 29.26 -44.08 0.70
N GLU HA 223 30.54 -44.32 0.43
CA GLU HA 223 30.97 -45.67 0.12
C GLU HA 223 30.95 -46.50 1.39
N ASP HA 224 30.10 -47.52 1.42
CA ASP HA 224 29.95 -48.34 2.62
C ASP HA 224 30.06 -49.83 2.27
N GLU HA 240 23.70 -43.90 11.25
CA GLU HA 240 24.33 -42.72 10.67
C GLU HA 240 23.68 -42.36 9.33
N GLU HA 241 24.16 -41.29 8.72
CA GLU HA 241 23.63 -40.81 7.44
C GLU HA 241 24.25 -41.59 6.30
N THR HA 242 23.44 -41.92 5.29
CA THR HA 242 23.92 -42.71 4.17
C THR HA 242 24.42 -41.86 3.01
N TYR HA 243 24.07 -40.58 2.97
CA TYR HA 243 24.50 -39.68 1.92
C TYR HA 243 25.00 -38.37 2.52
N SER HA 244 25.80 -37.65 1.75
CA SER HA 244 26.44 -36.43 2.22
C SER HA 244 25.54 -35.24 1.97
N MET HA 245 25.02 -34.64 3.04
CA MET HA 245 24.19 -33.46 2.90
C MET HA 245 25.03 -32.24 2.55
N VAL HA 246 26.27 -32.18 3.03
CA VAL HA 246 27.15 -31.06 2.72
C VAL HA 246 27.53 -31.05 1.24
N THR HA 247 27.85 -32.22 0.69
CA THR HA 247 28.16 -32.33 -0.73
C THR HA 247 26.94 -32.01 -1.59
N ALA HA 248 25.77 -32.49 -1.17
CA ALA HA 248 24.54 -32.22 -1.91
C ALA HA 248 24.19 -30.74 -1.87
N ASN HA 249 24.38 -30.09 -0.72
CA ASN HA 249 24.12 -28.66 -0.62
C ASN HA 249 25.12 -27.87 -1.46
N ARG HA 250 26.37 -28.31 -1.49
CA ARG HA 250 27.38 -27.62 -2.30
C ARG HA 250 27.09 -27.76 -3.79
N PHE HA 251 26.62 -28.94 -4.22
CA PHE HA 251 26.34 -29.18 -5.62
C PHE HA 251 25.21 -28.29 -6.12
N TRP HA 252 24.10 -28.26 -5.41
CA TRP HA 252 22.94 -27.51 -5.89
C TRP HA 252 23.10 -26.00 -5.68
N SER HA 253 23.98 -25.59 -4.77
CA SER HA 253 24.25 -24.16 -4.61
C SER HA 253 25.01 -23.61 -5.81
N GLN HA 254 25.87 -24.42 -6.41
CA GLN HA 254 26.64 -23.96 -7.56
C GLN HA 254 25.95 -24.27 -8.88
N ILE HA 255 25.10 -25.29 -8.94
CA ILE HA 255 24.34 -25.59 -10.15
C ILE HA 255 23.12 -24.69 -10.27
N PHE HA 256 22.30 -24.64 -9.22
CA PHE HA 256 21.01 -23.97 -9.27
C PHE HA 256 21.01 -22.60 -8.61
N GLY HA 257 21.94 -22.34 -7.69
CA GLY HA 257 21.96 -21.05 -7.01
C GLY HA 257 21.55 -21.17 -5.55
N VAL HA 258 20.56 -22.02 -5.29
CA VAL HA 258 20.10 -22.29 -3.93
C VAL HA 258 20.07 -23.80 -3.74
N ALA HA 259 20.11 -24.21 -2.47
CA ALA HA 259 20.12 -25.62 -2.13
C ALA HA 259 19.51 -25.81 -0.77
N PHE HA 260 19.04 -27.04 -0.52
CA PHE HA 260 18.56 -27.40 0.80
C PHE HA 260 19.75 -27.58 1.73
N SER HA 261 19.62 -27.10 2.97
CA SER HA 261 20.59 -27.36 4.01
C SER HA 261 19.99 -28.08 5.20
N ASN HA 262 18.68 -27.97 5.39
CA ASN HA 262 17.97 -28.63 6.46
C ASN HA 262 17.28 -29.86 5.89
N LYS HA 263 17.58 -31.02 6.47
CA LYS HA 263 16.96 -32.26 6.00
C LYS HA 263 15.49 -32.33 6.41
N ARG HA 264 15.14 -31.73 7.55
CA ARG HA 264 13.76 -31.74 7.99
C ARG HA 264 12.90 -30.80 7.17
N TRP HA 265 13.45 -29.65 6.76
CA TRP HA 265 12.71 -28.75 5.91
C TRP HA 265 12.56 -29.31 4.51
N LEU HA 266 13.55 -30.08 4.05
CA LEU HA 266 13.49 -30.69 2.73
C LEU HA 266 12.35 -31.72 2.66
N HIS HA 267 12.11 -32.44 3.75
CA HIS HA 267 11.08 -33.46 3.72
C HIS HA 267 9.70 -32.90 4.02
N PHE HA 268 9.59 -31.80 4.76
CA PHE HA 268 8.30 -31.14 4.85
C PHE HA 268 7.91 -30.54 3.51
N PHE HA 269 8.91 -30.02 2.78
CA PHE HA 269 8.65 -29.46 1.46
C PHE HA 269 8.19 -30.53 0.48
N MET HA 270 8.73 -31.74 0.58
CA MET HA 270 8.28 -32.83 -0.27
C MET HA 270 6.84 -33.22 0.04
N LEU HA 271 6.41 -33.04 1.29
CA LEU HA 271 5.00 -33.21 1.63
C LEU HA 271 4.17 -32.05 1.10
N PHE HA 272 4.67 -30.82 1.28
CA PHE HA 272 3.83 -29.63 1.14
C PHE HA 272 3.36 -29.40 -0.29
N VAL HA 273 4.31 -29.35 -1.25
CA VAL HA 273 3.96 -28.90 -2.60
C VAL HA 273 2.99 -29.80 -3.35
N PRO HA 274 3.05 -31.16 -3.27
CA PRO HA 274 2.00 -31.89 -3.99
C PRO HA 274 0.66 -31.85 -3.26
N VAL HA 275 0.69 -31.80 -1.93
CA VAL HA 275 -0.55 -31.72 -1.15
C VAL HA 275 -1.20 -30.35 -1.33
N ALA HA 276 -0.40 -29.29 -1.34
CA ALA HA 276 -0.95 -27.95 -1.57
C ALA HA 276 -1.49 -27.82 -2.99
N GLY HA 277 -0.91 -28.56 -3.94
CA GLY HA 277 -1.44 -28.58 -5.29
C GLY HA 277 -2.81 -29.24 -5.34
N MET HA 278 -3.00 -30.30 -4.57
CA MET HA 278 -4.31 -30.94 -4.49
C MET HA 278 -5.34 -30.03 -3.84
N TRP HA 279 -4.92 -29.30 -2.81
CA TRP HA 279 -5.87 -28.45 -2.08
C TRP HA 279 -6.22 -27.20 -2.85
N THR HA 280 -5.27 -26.63 -3.59
CA THR HA 280 -5.55 -25.42 -4.35
C THR HA 280 -6.46 -25.70 -5.54
N SER HA 281 -6.24 -26.84 -6.22
CA SER HA 281 -7.10 -27.18 -7.35
C SER HA 281 -8.50 -27.59 -6.90
N SER HA 282 -8.62 -28.09 -5.67
CA SER HA 282 -9.94 -28.45 -5.16
C SER HA 282 -10.78 -27.21 -4.87
N LEU HA 283 -10.14 -26.10 -4.53
CA LEU HA 283 -10.89 -24.86 -4.31
C LEU HA 283 -11.48 -24.33 -5.61
N GLY HA 284 -10.79 -24.54 -6.72
CA GLY HA 284 -11.31 -24.09 -8.00
C GLY HA 284 -12.43 -24.97 -8.53
N ILE HA 285 -12.40 -26.25 -8.17
CA ILE HA 285 -13.46 -27.17 -8.56
C ILE HA 285 -14.77 -26.81 -7.87
N VAL HA 286 -14.67 -26.34 -6.62
CA VAL HA 286 -15.84 -25.87 -5.89
C VAL HA 286 -16.46 -24.67 -6.60
N GLY HA 287 -15.61 -23.76 -7.09
CA GLY HA 287 -16.11 -22.66 -7.89
C GLY HA 287 -16.72 -23.13 -9.20
N LEU HA 288 -16.14 -24.18 -9.79
CA LEU HA 288 -16.69 -24.75 -11.02
C LEU HA 288 -17.99 -25.49 -10.79
N ALA HA 289 -18.27 -25.89 -9.55
CA ALA HA 289 -19.55 -26.53 -9.24
C ALA HA 289 -20.70 -25.57 -9.44
N LEU HA 290 -20.48 -24.29 -9.15
CA LEU HA 290 -21.48 -23.25 -9.28
C LEU HA 290 -21.33 -22.44 -10.55
N ASN HA 291 -20.54 -22.93 -11.49
CA ASN HA 291 -20.17 -22.26 -12.75
C ASN HA 291 -19.49 -20.92 -12.50
N LEU HA 292 -18.86 -20.75 -11.34
CA LEU HA 292 -18.04 -19.56 -11.07
C LEU HA 292 -16.66 -19.84 -11.62
N ARG HA 293 -16.59 -19.83 -12.95
CA ARG HA 293 -15.42 -20.23 -13.70
C ARG HA 293 -14.63 -19.01 -14.14
N SER HA 294 -13.34 -19.22 -14.37
CA SER HA 294 -12.48 -18.22 -15.01
C SER HA 294 -12.50 -18.49 -16.51
N TYR HA 295 -13.63 -18.13 -17.13
CA TYR HA 295 -13.79 -18.43 -18.55
C TYR HA 295 -13.13 -17.37 -19.43
N ASP HA 296 -13.31 -16.10 -19.12
CA ASP HA 296 -12.92 -15.05 -20.04
C ASP HA 296 -12.16 -13.93 -19.34
N PHE HA 297 -11.35 -13.23 -20.14
CA PHE HA 297 -10.81 -11.93 -19.79
C PHE HA 297 -11.69 -10.91 -20.49
N VAL HA 298 -12.45 -10.15 -19.70
CA VAL HA 298 -13.53 -9.32 -20.25
C VAL HA 298 -12.97 -8.22 -21.15
N SER HA 299 -11.90 -7.55 -20.70
CA SER HA 299 -11.30 -6.48 -21.50
C SER HA 299 -10.72 -7.02 -22.80
N GLN HA 300 -10.17 -8.24 -22.76
CA GLN HA 300 -9.65 -8.85 -23.98
C GLN HA 300 -10.79 -9.32 -24.88
N GLU HA 301 -11.92 -9.72 -24.28
CA GLU HA 301 -13.08 -10.11 -25.08
C GLU HA 301 -13.76 -8.91 -25.72
N LEU HA 302 -13.85 -7.80 -24.98
CA LEU HA 302 -14.47 -6.59 -25.53
C LEU HA 302 -13.64 -5.99 -26.65
N ARG HA 303 -12.32 -6.01 -26.52
CA ARG HA 303 -11.45 -5.42 -27.52
C ARG HA 303 -11.44 -6.24 -28.81
N ALA HA 304 -11.58 -7.57 -28.69
CA ALA HA 304 -11.64 -8.40 -29.89
C ALA HA 304 -12.99 -8.28 -30.58
N ALA HA 305 -14.03 -7.91 -29.83
CA ALA HA 305 -15.35 -7.75 -30.43
C ALA HA 305 -15.41 -6.51 -31.31
N GLU HA 306 -14.86 -5.40 -30.83
CA GLU HA 306 -14.86 -4.16 -31.61
C GLU HA 306 -13.81 -4.19 -32.72
N ASP HA 307 -12.71 -4.90 -32.50
CA ASP HA 307 -11.61 -4.98 -33.47
C ASP HA 307 -11.44 -6.42 -33.90
N PRO HA 308 -11.96 -6.82 -35.07
CA PRO HA 308 -11.87 -8.22 -35.49
C PRO HA 308 -10.46 -8.68 -35.82
N GLU HA 309 -9.53 -7.78 -36.09
CA GLU HA 309 -8.16 -8.17 -36.38
C GLU HA 309 -7.38 -8.57 -35.13
N PHE HA 310 -7.87 -8.20 -33.94
CA PHE HA 310 -7.19 -8.55 -32.70
C PHE HA 310 -7.36 -10.03 -32.40
N GLU HA 311 -6.27 -10.68 -32.01
CA GLU HA 311 -6.29 -12.11 -31.76
C GLU HA 311 -5.08 -12.49 -30.92
N THR HA 312 -5.34 -13.15 -29.79
CA THR HA 312 -4.30 -13.70 -28.93
C THR HA 312 -4.55 -15.21 -28.77
N PHE HA 313 -3.66 -15.87 -28.02
CA PHE HA 313 -3.83 -17.30 -27.79
C PHE HA 313 -5.00 -17.58 -26.86
N TYR HA 314 -5.37 -16.63 -26.01
CA TYR HA 314 -6.55 -16.79 -25.18
C TYR HA 314 -7.82 -16.73 -26.02
N THR HA 315 -7.86 -15.85 -27.02
CA THR HA 315 -9.04 -15.76 -27.88
C THR HA 315 -9.16 -16.97 -28.79
N LYS HA 316 -8.03 -17.52 -29.22
CA LYS HA 316 -8.05 -18.76 -30.00
C LYS HA 316 -8.52 -19.93 -29.16
N ASN HA 317 -8.22 -19.89 -27.86
CA ASN HA 317 -8.63 -20.97 -26.96
C ASN HA 317 -10.14 -20.96 -26.73
N ASN HA 318 -10.73 -19.77 -26.64
CA ASN HA 318 -12.18 -19.67 -26.47
C ASN HA 318 -12.91 -20.15 -27.71
N LEU HA 319 -12.28 -20.05 -28.88
CA LEU HA 319 -12.85 -20.61 -30.09
C LEU HA 319 -12.83 -22.13 -30.07
N LEU HA 320 -11.75 -22.72 -29.52
CA LEU HA 320 -11.68 -24.17 -29.40
C LEU HA 320 -12.65 -24.68 -28.34
N ASN HA 321 -12.91 -23.89 -27.30
CA ASN HA 321 -13.89 -24.27 -26.28
C ASN HA 321 -15.29 -24.31 -26.86
N GLU HA 322 -15.60 -23.38 -27.76
CA GLU HA 322 -16.88 -23.39 -28.46
C GLU HA 322 -16.99 -24.61 -29.37
N GLY HA 323 -15.87 -25.02 -29.97
CA GLY HA 323 -15.87 -26.21 -30.79
C GLY HA 323 -16.08 -27.48 -29.99
N ILE HA 324 -15.51 -27.53 -28.77
CA ILE HA 324 -15.72 -28.67 -27.89
C ILE HA 324 -17.19 -28.76 -27.50
N ARG HA 325 -17.76 -27.63 -27.06
CA ARG HA 325 -19.10 -27.62 -26.49
C ARG HA 325 -20.16 -28.05 -27.49
N SER HA 326 -20.15 -27.46 -28.68
CA SER HA 326 -21.24 -27.70 -29.62
C SER HA 326 -21.12 -29.08 -30.29
N TRP HA 327 -19.90 -29.57 -30.48
CA TRP HA 327 -19.75 -30.84 -31.18
C TRP HA 327 -19.90 -32.06 -30.27
N MET HA 328 -19.82 -31.89 -28.95
CA MET HA 328 -20.03 -33.01 -28.04
C MET HA 328 -21.40 -33.02 -27.37
N ALA HA 329 -22.09 -31.88 -27.33
CA ALA HA 329 -23.30 -31.75 -26.50
C ALA HA 329 -24.42 -32.66 -27.01
N ALA HA 330 -24.44 -32.96 -28.30
CA ALA HA 330 -25.49 -33.83 -28.84
C ALA HA 330 -25.38 -35.24 -28.29
N GLN HA 331 -24.16 -35.75 -28.13
CA GLN HA 331 -23.95 -37.11 -27.64
C GLN HA 331 -23.52 -37.18 -26.18
N ASP HA 332 -22.86 -36.15 -25.65
CA ASP HA 332 -22.48 -36.17 -24.24
C ASP HA 332 -23.69 -35.95 -23.32
N GLN HA 333 -24.68 -35.20 -23.78
CA GLN HA 333 -25.92 -34.96 -23.04
C GLN HA 333 -27.09 -35.37 -23.91
N PRO HA 334 -27.33 -36.68 -24.06
CA PRO HA 334 -28.42 -37.12 -24.94
C PRO HA 334 -29.80 -36.91 -24.36
N HIS HA 335 -29.91 -36.64 -23.05
CA HIS HA 335 -31.19 -36.39 -22.43
C HIS HA 335 -31.79 -35.06 -22.85
N GLU HA 336 -30.95 -34.11 -23.28
CA GLU HA 336 -31.43 -32.79 -23.68
C GLU HA 336 -32.04 -32.79 -25.08
N ASN HA 337 -31.78 -33.84 -25.87
CA ASN HA 337 -32.25 -33.95 -27.26
C ASN HA 337 -31.83 -32.75 -28.10
N PHE HA 338 -30.53 -32.42 -28.04
CA PHE HA 338 -30.00 -31.34 -28.84
C PHE HA 338 -29.99 -31.73 -30.31
N ILE HA 339 -30.55 -30.88 -31.15
CA ILE HA 339 -30.56 -31.08 -32.60
C ILE HA 339 -29.82 -29.87 -33.19
N PHE HA 340 -28.55 -30.05 -33.50
CA PHE HA 340 -27.73 -28.96 -34.01
C PHE HA 340 -27.52 -29.13 -35.51
N PRO HA 341 -28.09 -28.27 -36.34
CA PRO HA 341 -27.80 -28.33 -37.78
C PRO HA 341 -26.36 -27.92 -38.08
N GLU HA 342 -25.92 -28.25 -39.29
CA GLU HA 342 -24.53 -27.99 -39.67
C GLU HA 342 -24.22 -26.51 -39.78
N GLU HA 343 -25.24 -25.67 -39.96
CA GLU HA 343 -25.02 -24.23 -40.05
C GLU HA 343 -24.57 -23.65 -38.72
N VAL HA 344 -25.18 -24.10 -37.62
CA VAL HA 344 -24.85 -23.53 -36.30
C VAL HA 344 -23.66 -24.20 -35.65
N LEU HA 345 -23.17 -25.30 -36.19
CA LEU HA 345 -21.97 -25.94 -35.65
C LEU HA 345 -20.77 -25.07 -35.99
N PRO HA 346 -20.00 -24.62 -35.01
CA PRO HA 346 -18.85 -23.75 -35.30
C PRO HA 346 -17.77 -24.47 -36.10
N ARG HA 347 -17.16 -23.73 -37.01
CA ARG HA 347 -16.15 -24.27 -37.90
C ARG HA 347 -15.07 -23.22 -38.13
N GLY HA 348 -13.88 -23.70 -38.51
CA GLY HA 348 -12.80 -22.78 -38.82
C GLY HA 348 -12.99 -22.09 -40.16
N ASN HA 349 -13.78 -22.67 -41.05
CA ASN HA 349 -14.06 -22.09 -42.35
C ASN HA 349 -14.88 -20.80 -42.26
N ALA HA 350 -15.67 -20.63 -41.19
CA ALA HA 350 -16.44 -19.43 -40.97
C ALA HA 350 -15.77 -18.48 -39.99
N LEU HA 351 -14.49 -18.72 -39.68
CA LEU HA 351 -13.69 -17.94 -38.73
C LEU HA 351 -14.32 -17.85 -37.35
N GLU IA 1 10.68 41.68 50.25
CA GLU IA 1 11.18 42.44 51.39
C GLU IA 1 10.53 41.99 52.70
N SER IA 2 9.96 42.91 53.48
CA SER IA 2 9.30 42.56 54.73
C SER IA 2 8.10 41.64 54.49
N THR IA 3 7.30 41.97 53.48
CA THR IA 3 6.15 41.14 53.12
C THR IA 3 6.42 40.25 51.91
N GLY IA 4 7.51 40.49 51.18
CA GLY IA 4 7.84 39.71 50.01
C GLY IA 4 7.27 40.22 48.71
N PHE IA 5 6.33 41.16 48.77
CA PHE IA 5 5.72 41.72 47.57
C PHE IA 5 6.56 42.85 47.03
N ALA IA 6 6.76 42.86 45.72
CA ALA IA 6 7.53 43.90 45.05
C ALA IA 6 6.68 45.16 44.90
N TRP IA 7 7.24 46.17 44.23
CA TRP IA 7 6.54 47.43 44.07
C TRP IA 7 5.35 47.30 43.12
N TRP IA 8 5.47 46.43 42.11
CA TRP IA 8 4.38 46.28 41.13
C TRP IA 8 3.19 45.52 41.70
N SER IA 9 3.36 44.86 42.84
CA SER IA 9 2.27 44.25 43.58
C SER IA 9 2.22 44.81 45.00
N GLY IA 10 2.39 46.12 45.11
CA GLY IA 10 2.54 46.74 46.41
C GLY IA 10 1.25 46.88 47.18
N ASN IA 11 0.11 46.82 46.50
CA ASN IA 11 -1.16 46.89 47.22
C ASN IA 11 -1.47 45.59 47.94
N ALA IA 12 -0.73 44.52 47.65
CA ALA IA 12 -0.86 43.27 48.40
C ALA IA 12 -0.27 43.37 49.79
N ARG IA 13 0.50 44.44 50.08
CA ARG IA 13 1.03 44.65 51.41
C ARG IA 13 -0.02 45.15 52.39
N LEU IA 14 -1.22 45.48 51.92
CA LEU IA 14 -2.30 46.00 52.73
C LEU IA 14 -3.31 44.94 53.13
N ILE IA 15 -3.02 43.65 52.90
CA ILE IA 15 -3.98 42.59 53.18
C ILE IA 15 -4.23 42.48 54.67
N ASN IA 16 -3.15 42.45 55.47
CA ASN IA 16 -3.28 42.32 56.91
C ASN IA 16 -3.25 43.66 57.64
N VAL IA 17 -3.23 44.77 56.92
CA VAL IA 17 -3.21 46.11 57.50
C VAL IA 17 -4.59 46.71 57.26
N SER IA 18 -5.47 46.60 58.25
CA SER IA 18 -6.87 46.98 58.05
C SER IA 18 -7.08 48.49 57.97
N GLY IA 19 -6.29 49.27 58.71
CA GLY IA 19 -6.47 50.72 58.68
C GLY IA 19 -6.11 51.32 57.34
N LYS IA 20 -4.94 50.96 56.81
CA LYS IA 20 -4.56 51.43 55.48
C LYS IA 20 -5.42 50.81 54.39
N LEU IA 21 -5.94 49.61 54.60
CA LEU IA 21 -6.88 49.03 53.64
C LEU IA 21 -8.16 49.85 53.58
N LEU IA 22 -8.67 50.28 54.74
CA LEU IA 22 -9.82 51.15 54.79
C LEU IA 22 -9.53 52.49 54.11
N GLY IA 23 -8.32 53.03 54.35
CA GLY IA 23 -7.95 54.28 53.70
C GLY IA 23 -7.91 54.17 52.19
N ALA IA 24 -7.34 53.07 51.69
CA ALA IA 24 -7.27 52.85 50.24
C ALA IA 24 -8.66 52.69 49.64
N HIS IA 25 -9.54 51.95 50.32
CA HIS IA 25 -10.89 51.75 49.80
C HIS IA 25 -11.69 53.05 49.78
N VAL IA 26 -11.57 53.85 50.84
CA VAL IA 26 -12.30 55.13 50.88
C VAL IA 26 -11.74 56.10 49.85
N ALA IA 27 -10.42 56.08 49.63
CA ALA IA 27 -9.82 56.93 48.59
C ALA IA 27 -10.29 56.53 47.20
N HIS IA 28 -10.38 55.21 46.94
CA HIS IA 28 -10.88 54.76 45.65
C HIS IA 28 -12.34 55.13 45.46
N ALA IA 29 -13.13 55.04 46.53
CA ALA IA 29 -14.52 55.47 46.46
C ALA IA 29 -14.61 56.96 46.15
N GLY IA 30 -13.73 57.76 46.76
CA GLY IA 30 -13.69 59.18 46.44
C GLY IA 30 -13.34 59.44 44.99
N LEU IA 31 -12.43 58.63 44.43
CA LEU IA 31 -12.12 58.74 43.01
C LEU IA 31 -13.32 58.41 42.14
N MET IA 32 -14.09 57.39 42.52
CA MET IA 32 -15.29 57.01 41.78
C MET IA 32 -16.32 58.15 41.78
N VAL IA 33 -16.57 58.73 42.95
CA VAL IA 33 -17.52 59.84 43.06
C VAL IA 33 -16.99 61.06 42.31
N PHE IA 34 -15.67 61.29 42.34
CA PHE IA 34 -15.07 62.39 41.59
C PHE IA 34 -15.29 62.24 40.11
N TRP IA 35 -15.10 61.03 39.57
CA TRP IA 35 -15.35 60.82 38.16
C TRP IA 35 -16.81 61.03 37.82
N CYS IA 36 -17.71 60.54 38.68
CA CYS IA 36 -19.14 60.70 38.41
C CYS IA 36 -19.54 62.17 38.31
N GLY IA 37 -19.17 62.95 39.32
CA GLY IA 37 -19.51 64.37 39.29
C GLY IA 37 -18.82 65.14 38.19
N ALA IA 38 -17.53 64.89 37.98
CA ALA IA 38 -16.79 65.59 36.95
C ALA IA 38 -17.29 65.23 35.55
N MET IA 39 -17.72 63.99 35.34
CA MET IA 39 -18.24 63.60 34.04
C MET IA 39 -19.60 64.23 33.76
N THR IA 40 -20.49 64.29 34.77
CA THR IA 40 -21.76 64.94 34.46
C THR IA 40 -21.59 66.45 34.33
N LEU IA 41 -20.60 67.04 35.03
CA LEU IA 41 -20.27 68.45 34.80
C LEU IA 41 -19.72 68.67 33.40
N PHE IA 42 -18.85 67.77 32.93
CA PHE IA 42 -18.32 67.84 31.57
C PHE IA 42 -19.43 67.69 30.54
N GLU IA 43 -20.39 66.81 30.82
CA GLU IA 43 -21.46 66.55 29.87
C GLU IA 43 -22.44 67.72 29.81
N VAL IA 44 -22.73 68.36 30.94
CA VAL IA 44 -23.62 69.51 30.88
C VAL IA 44 -22.91 70.72 30.30
N ALA IA 45 -21.58 70.79 30.45
CA ALA IA 45 -20.85 71.92 29.89
C ALA IA 45 -20.82 71.86 28.36
N HIS IA 46 -20.80 70.67 27.80
CA HIS IA 46 -20.79 70.48 26.35
C HIS IA 46 -22.15 70.16 25.78
N TYR IA 47 -23.21 70.23 26.59
CA TYR IA 47 -24.53 69.83 26.12
C TYR IA 47 -25.12 70.87 25.18
N ILE IA 48 -25.52 70.43 23.99
CA ILE IA 48 -26.18 71.27 23.00
C ILE IA 48 -27.68 71.04 23.13
N PRO IA 49 -28.49 72.09 23.34
CA PRO IA 49 -29.91 71.90 23.63
C PRO IA 49 -30.72 71.26 22.51
N GLU IA 50 -30.37 71.52 21.24
CA GLU IA 50 -31.20 71.03 20.16
C GLU IA 50 -30.97 69.55 19.86
N LYS IA 51 -29.74 69.07 20.03
CA LYS IA 51 -29.43 67.69 19.70
C LYS IA 51 -29.94 66.73 20.79
N PRO IA 52 -30.25 65.49 20.42
CA PRO IA 52 -30.56 64.48 21.44
C PRO IA 52 -29.33 64.10 22.23
N LEU IA 53 -29.56 63.45 23.37
CA LEU IA 53 -28.48 63.11 24.29
C LEU IA 53 -27.52 62.10 23.69
N TYR IA 54 -28.03 61.16 22.90
CA TYR IA 54 -27.19 60.13 22.33
C TYR IA 54 -26.37 60.62 21.13
N GLU IA 55 -26.63 61.83 20.66
CA GLU IA 55 -25.87 62.39 19.54
C GLU IA 55 -24.64 63.16 19.99
N GLN IA 56 -24.46 63.37 21.30
CA GLN IA 56 -23.33 64.15 21.79
C GLN IA 56 -22.48 63.37 22.80
N GLY IA 57 -22.52 62.04 22.75
CA GLY IA 57 -21.68 61.21 23.59
C GLY IA 57 -21.92 61.32 25.08
N CYS IA 58 -23.19 61.36 25.48
CA CYS IA 58 -23.55 61.48 26.89
C CYS IA 58 -23.93 60.12 27.44
N ILE IA 59 -23.34 59.75 28.57
CA ILE IA 59 -23.62 58.46 29.21
C ILE IA 59 -24.17 58.67 30.60
N LEU IA 60 -23.83 59.80 31.23
CA LEU IA 60 -24.28 60.08 32.59
C LEU IA 60 -25.56 60.91 32.64
N ILE IA 61 -25.70 61.88 31.74
CA ILE IA 61 -26.98 62.59 31.61
C ILE IA 61 -28.13 61.67 31.23
N PRO IA 62 -27.99 60.72 30.29
CA PRO IA 62 -29.09 59.77 30.06
C PRO IA 62 -29.45 58.94 31.28
N HIS IA 63 -28.50 58.65 32.16
CA HIS IA 63 -28.82 57.97 33.41
C HIS IA 63 -29.64 58.84 34.35
N LEU IA 64 -29.58 60.16 34.19
CA LEU IA 64 -30.35 61.09 35.01
C LEU IA 64 -31.74 61.34 34.45
N THR IA 65 -31.88 61.37 33.12
CA THR IA 65 -33.18 61.55 32.51
C THR IA 65 -34.06 60.31 32.70
N THR IA 66 -33.44 59.14 32.86
CA THR IA 66 -34.19 57.94 33.19
C THR IA 66 -34.85 58.05 34.55
N LEU IA 67 -34.23 58.80 35.47
CA LEU IA 67 -34.74 58.98 36.82
C LEU IA 67 -35.77 60.10 36.91
N GLY IA 68 -36.07 60.77 35.80
CA GLY IA 68 -37.08 61.81 35.82
C GLY IA 68 -36.61 63.17 36.28
N TRP IA 69 -35.34 63.50 36.05
CA TRP IA 69 -34.79 64.80 36.40
C TRP IA 69 -34.59 65.62 35.13
N GLY IA 70 -35.23 66.78 35.07
CA GLY IA 70 -35.07 67.71 33.96
C GLY IA 70 -35.46 67.16 32.60
N VAL IA 71 -36.56 66.43 32.54
CA VAL IA 71 -37.02 65.81 31.31
C VAL IA 71 -38.51 66.07 31.14
N GLY IA 72 -38.91 66.44 29.92
CA GLY IA 72 -40.30 66.70 29.62
C GLY IA 72 -40.96 65.57 28.89
N PRO IA 73 -42.18 65.78 28.41
CA PRO IA 73 -42.88 64.74 27.65
C PRO IA 73 -42.19 64.48 26.32
N GLY IA 74 -42.23 63.22 25.88
CA GLY IA 74 -41.60 62.82 24.64
C GLY IA 74 -40.10 62.66 24.71
N GLY IA 75 -39.49 62.81 25.88
CA GLY IA 75 -38.06 62.69 26.02
C GLY IA 75 -37.28 63.97 25.84
N GLU IA 76 -37.96 65.11 25.80
CA GLU IA 76 -37.26 66.38 25.65
C GLU IA 76 -36.53 66.76 26.93
N VAL IA 77 -35.35 67.36 26.77
CA VAL IA 77 -34.57 67.84 27.90
C VAL IA 77 -34.92 69.30 28.13
N THR IA 78 -35.37 69.62 29.35
CA THR IA 78 -35.85 70.95 29.68
C THR IA 78 -34.81 71.78 30.44
N ASP IA 79 -34.34 71.28 31.58
CA ASP IA 79 -33.47 72.04 32.46
C ASP IA 79 -32.21 71.24 32.74
N VAL IA 80 -31.05 71.93 32.68
CA VAL IA 80 -29.76 71.32 32.95
C VAL IA 80 -29.41 71.40 34.44
N TYR IA 81 -30.08 72.29 35.18
CA TYR IA 81 -29.80 72.52 36.60
C TYR IA 81 -29.85 71.28 37.50
N PRO IA 82 -30.82 70.34 37.39
CA PRO IA 82 -30.73 69.14 38.25
C PRO IA 82 -29.48 68.30 38.01
N PHE IA 83 -29.04 68.17 36.77
CA PHE IA 83 -27.80 67.47 36.48
C PHE IA 83 -26.62 68.21 37.10
N PHE IA 84 -26.68 69.55 37.08
CA PHE IA 84 -25.62 70.37 37.66
C PHE IA 84 -25.52 70.16 39.17
N VAL IA 85 -26.66 70.13 39.86
CA VAL IA 85 -26.59 69.95 41.32
C VAL IA 85 -26.18 68.52 41.65
N VAL IA 86 -26.51 67.56 40.79
CA VAL IA 86 -26.03 66.20 40.99
C VAL IA 86 -24.51 66.15 40.90
N GLY IA 87 -23.96 66.82 39.89
CA GLY IA 87 -22.52 66.93 39.74
C GLY IA 87 -21.81 67.64 40.86
N VAL IA 88 -22.38 68.75 41.33
CA VAL IA 88 -21.80 69.52 42.43
C VAL IA 88 -21.82 68.69 43.72
N LEU IA 89 -22.94 68.02 43.98
CA LEU IA 89 -23.05 67.18 45.17
C LEU IA 89 -22.04 66.03 45.14
N HIS IA 90 -21.85 65.42 43.96
CA HIS IA 90 -20.88 64.35 43.86
C HIS IA 90 -19.44 64.89 43.99
N LEU IA 91 -19.18 66.10 43.50
CA LEU IA 91 -17.87 66.71 43.71
C LEU IA 91 -17.57 66.95 45.19
N ILE IA 92 -18.55 67.48 45.92
CA ILE IA 92 -18.32 67.78 47.34
C ILE IA 92 -18.19 66.50 48.15
N SER IA 93 -19.04 65.51 47.87
CA SER IA 93 -18.94 64.22 48.54
C SER IA 93 -17.62 63.53 48.20
N SER IA 94 -17.13 63.73 46.97
CA SER IA 94 -15.83 63.19 46.59
C SER IA 94 -14.70 63.85 47.36
N ALA IA 95 -14.80 65.16 47.58
CA ALA IA 95 -13.78 65.85 48.38
C ALA IA 95 -13.75 65.30 49.80
N VAL IA 96 -14.93 65.09 50.39
CA VAL IA 96 -15.02 64.54 51.74
C VAL IA 96 -14.44 63.13 51.79
N LEU IA 97 -14.81 62.29 50.81
CA LEU IA 97 -14.33 60.91 50.78
C LEU IA 97 -12.82 60.84 50.53
N GLY IA 98 -12.30 61.73 49.66
CA GLY IA 98 -10.87 61.76 49.44
C GLY IA 98 -10.09 62.16 50.66
N PHE IA 99 -10.59 63.17 51.40
CA PHE IA 99 -9.94 63.55 52.65
C PHE IA 99 -9.96 62.42 53.66
N GLY IA 100 -11.10 61.73 53.79
CA GLY IA 100 -11.19 60.63 54.73
C GLY IA 100 -10.28 59.46 54.36
N GLY IA 101 -10.23 59.12 53.07
CA GLY IA 101 -9.35 58.05 52.64
C GLY IA 101 -7.88 58.38 52.80
N VAL IA 102 -7.50 59.62 52.48
CA VAL IA 102 -6.11 60.05 52.67
C VAL IA 102 -5.74 60.01 54.14
N TYR IA 103 -6.65 60.46 55.03
CA TYR IA 103 -6.38 60.42 56.45
C TYR IA 103 -6.20 58.98 56.95
N HIS IA 104 -7.14 58.11 56.61
CA HIS IA 104 -7.09 56.73 57.10
C HIS IA 104 -5.90 55.97 56.52
N SER IA 105 -5.45 56.35 55.32
CA SER IA 105 -4.30 55.68 54.71
C SER IA 105 -2.99 56.19 55.29
N LEU IA 106 -2.88 57.49 55.56
CA LEU IA 106 -1.61 58.08 55.94
C LEU IA 106 -1.45 58.27 57.45
N ILE IA 107 -2.34 59.02 58.08
CA ILE IA 107 -2.19 59.40 59.48
C ILE IA 107 -3.25 58.76 60.38
N GLY IA 108 -4.09 57.90 59.84
CA GLY IA 108 -5.10 57.25 60.63
C GLY IA 108 -4.50 56.13 61.47
N PRO IA 109 -5.36 55.47 62.25
CA PRO IA 109 -4.87 54.36 63.09
C PRO IA 109 -4.48 53.14 62.27
N ASP IA 110 -3.18 52.90 62.15
CA ASP IA 110 -2.69 51.73 61.47
C ASP IA 110 -3.01 50.48 62.27
N THR IA 111 -3.53 49.45 61.58
CA THR IA 111 -4.01 48.20 62.17
C THR IA 111 -4.97 48.47 63.33
N LEU IA 112 -6.13 49.00 62.99
CA LEU IA 112 -7.16 49.47 63.91
C LEU IA 112 -7.92 48.35 64.66
N GLU IA 113 -7.44 47.10 64.64
CA GLU IA 113 -8.11 46.03 65.38
C GLU IA 113 -8.03 46.28 66.88
N GLU IA 114 -6.90 46.78 67.36
CA GLU IA 114 -6.72 46.98 68.80
C GLU IA 114 -7.47 48.21 69.31
N SER IA 115 -7.46 49.30 68.53
CA SER IA 115 -8.04 50.55 68.99
C SER IA 115 -9.56 50.53 68.91
N PHE IA 116 -10.10 50.01 67.82
CA PHE IA 116 -11.55 49.98 67.59
C PHE IA 116 -11.95 48.54 67.34
N PRO IA 117 -12.32 47.80 68.39
CA PRO IA 117 -12.73 46.40 68.19
C PRO IA 117 -13.99 46.25 67.35
N PHE IA 118 -14.85 47.27 67.32
CA PHE IA 118 -16.01 47.22 66.45
C PHE IA 118 -15.64 47.30 64.98
N PHE IA 119 -14.63 48.10 64.64
CA PHE IA 119 -14.20 48.27 63.26
C PHE IA 119 -13.09 47.31 62.88
N GLY IA 120 -12.28 46.88 63.85
CA GLY IA 120 -11.23 45.92 63.55
C GLY IA 120 -11.78 44.56 63.20
N TYR IA 121 -11.00 43.81 62.43
CA TYR IA 121 -11.45 42.50 61.98
C TYR IA 121 -10.24 41.61 61.69
N ASP IA 122 -10.52 40.31 61.62
CA ASP IA 122 -9.60 39.31 61.13
C ASP IA 122 -10.31 38.58 60.00
N TRP IA 123 -9.54 38.20 58.97
CA TRP IA 123 -10.14 37.57 57.80
C TRP IA 123 -10.74 36.21 58.14
N ARG IA 124 -10.21 35.52 59.15
CA ARG IA 124 -10.70 34.21 59.53
C ARG IA 124 -11.86 34.27 60.52
N ASP IA 125 -12.13 35.42 61.12
CA ASP IA 125 -13.24 35.58 62.07
C ASP IA 125 -14.52 35.69 61.25
N LYS IA 126 -15.16 34.54 61.00
CA LYS IA 126 -16.31 34.48 60.11
C LYS IA 126 -17.50 35.29 60.63
N ASN IA 127 -17.65 35.38 61.95
CA ASN IA 127 -18.72 36.18 62.53
C ASN IA 127 -18.58 37.65 62.16
N LYS IA 128 -17.36 38.18 62.26
CA LYS IA 128 -17.13 39.59 61.96
C LYS IA 128 -17.33 39.90 60.49
N MET IA 129 -16.85 39.01 59.60
CA MET IA 129 -17.03 39.25 58.17
C MET IA 129 -18.49 39.14 57.77
N THR IA 130 -19.24 38.21 58.38
CA THR IA 130 -20.66 38.14 58.11
C THR IA 130 -21.38 39.38 58.64
N THR IA 131 -20.91 39.94 59.76
CA THR IA 131 -21.49 41.19 60.27
C THR IA 131 -21.26 42.34 59.30
N ILE IA 132 -20.04 42.46 58.76
CA ILE IA 132 -19.73 43.53 57.81
C ILE IA 132 -20.55 43.36 56.54
N LEU IA 133 -20.66 42.12 56.05
CA LEU IA 133 -21.46 41.82 54.86
C LEU IA 133 -22.93 42.15 55.10
N GLY IA 134 -23.44 41.85 56.29
CA GLY IA 134 -24.82 42.18 56.60
C GLY IA 134 -25.09 43.66 56.66
N ILE IA 135 -24.16 44.43 57.24
CA ILE IA 135 -24.32 45.88 57.28
C ILE IA 135 -24.35 46.46 55.88
N HIS IA 136 -23.42 46.02 55.02
CA HIS IA 136 -23.38 46.56 53.67
C HIS IA 136 -24.57 46.06 52.84
N LEU IA 137 -25.09 44.87 53.14
CA LEU IA 137 -26.31 44.40 52.50
C LEU IA 137 -27.50 45.24 52.89
N ILE IA 138 -27.56 45.65 54.15
CA ILE IA 138 -28.63 46.55 54.62
C ILE IA 138 -28.54 47.88 53.88
N LEU IA 139 -27.32 48.40 53.71
CA LEU IA 139 -27.14 49.64 52.97
C LEU IA 139 -27.57 49.51 51.51
N LEU IA 140 -27.26 48.37 50.88
CA LEU IA 140 -27.69 48.15 49.50
C LEU IA 140 -29.20 48.06 49.38
N GLY IA 141 -29.85 47.38 50.34
CA GLY IA 141 -31.31 47.35 50.34
C GLY IA 141 -31.92 48.72 50.56
N ILE IA 142 -31.27 49.55 51.38
CA ILE IA 142 -31.72 50.93 51.59
C ILE IA 142 -31.59 51.73 50.30
N GLY IA 143 -30.52 51.49 49.53
CA GLY IA 143 -30.38 52.17 48.25
C GLY IA 143 -31.45 51.76 47.24
N SER IA 144 -31.78 50.46 47.21
CA SER IA 144 -32.87 50.00 46.35
C SER IA 144 -34.20 50.63 46.79
N PHE IA 145 -34.41 50.74 48.10
CA PHE IA 145 -35.60 51.42 48.60
C PHE IA 145 -35.59 52.91 48.26
N LEU IA 146 -34.40 53.52 48.15
CA LEU IA 146 -34.32 54.90 47.71
C LEU IA 146 -34.75 55.03 46.26
N LEU IA 147 -34.39 54.06 45.43
CA LEU IA 147 -34.87 54.08 44.05
C LEU IA 147 -36.38 53.91 44.00
N VAL IA 148 -36.93 53.05 44.86
CA VAL IA 148 -38.39 52.88 44.89
C VAL IA 148 -39.08 54.15 45.40
N ALA IA 149 -38.44 54.85 46.33
CA ALA IA 149 -38.98 56.14 46.80
C ALA IA 149 -38.98 57.16 45.67
N LYS IA 150 -37.94 57.14 44.83
CA LYS IA 150 -37.93 58.00 43.65
C LYS IA 150 -39.02 57.60 42.66
N ALA IA 151 -39.26 56.30 42.52
CA ALA IA 151 -40.22 55.83 41.51
C ALA IA 151 -41.66 56.09 41.92
N CYS IA 152 -42.00 55.85 43.19
CA CYS IA 152 -43.39 55.85 43.61
C CYS IA 152 -43.82 57.08 44.40
N PHE IA 153 -42.89 57.86 44.93
CA PHE IA 153 -43.32 58.99 45.75
C PHE IA 153 -42.70 60.32 45.35
N VAL IA 154 -41.43 60.33 44.95
CA VAL IA 154 -40.69 61.57 44.72
C VAL IA 154 -40.52 61.76 43.23
N GLY IA 155 -41.39 62.57 42.61
CA GLY IA 155 -41.25 62.90 41.21
C GLY IA 155 -41.70 61.81 40.25
N GLY IA 156 -40.99 60.69 40.24
CA GLY IA 156 -41.31 59.58 39.39
C GLY IA 156 -40.15 59.18 38.50
N LEU IA 157 -40.40 58.20 37.64
CA LEU IA 157 -39.44 57.68 36.70
C LEU IA 157 -39.94 57.89 35.28
N TYR IA 158 -39.01 58.12 34.35
CA TYR IA 158 -39.39 58.31 32.95
C TYR IA 158 -39.89 57.00 32.38
N ASP IA 159 -41.17 56.95 32.02
CA ASP IA 159 -41.78 55.77 31.43
C ASP IA 159 -41.76 55.96 29.91
N THR IA 160 -40.87 55.23 29.24
CA THR IA 160 -40.80 55.30 27.78
C THR IA 160 -41.99 54.64 27.11
N TRP IA 161 -42.71 53.78 27.83
CA TRP IA 161 -43.87 53.08 27.30
C TRP IA 161 -45.18 53.81 27.55
N ALA IA 162 -45.11 55.05 28.04
CA ALA IA 162 -46.31 55.86 28.21
C ALA IA 162 -46.91 56.20 26.85
N PRO IA 163 -48.23 56.30 26.76
CA PRO IA 163 -48.87 56.62 25.47
C PRO IA 163 -48.51 58.01 24.98
N GLY IA 164 -48.40 58.14 23.66
CA GLY IA 164 -48.09 59.41 23.03
C GLY IA 164 -46.63 59.66 22.74
N GLY IA 165 -45.73 58.86 23.32
CA GLY IA 165 -44.31 59.06 23.09
C GLY IA 165 -43.48 59.04 24.34
N GLY IA 166 -44.07 58.64 25.45
CA GLY IA 166 -43.33 58.55 26.69
C GLY IA 166 -43.38 59.82 27.50
N ASP IA 167 -43.37 59.65 28.82
CA ASP IA 167 -43.41 60.77 29.76
C ASP IA 167 -42.91 60.27 31.11
N VAL IA 168 -42.48 61.22 31.95
CA VAL IA 168 -42.12 60.88 33.32
C VAL IA 168 -43.40 60.55 34.07
N ARG IA 169 -43.56 59.28 34.46
CA ARG IA 169 -44.78 58.79 35.08
C ARG IA 169 -44.47 58.25 36.46
N ILE IA 170 -45.26 58.68 37.44
CA ILE IA 170 -45.13 58.17 38.80
C ILE IA 170 -45.88 56.85 38.89
N VAL IA 171 -45.17 55.79 39.27
CA VAL IA 171 -45.76 54.46 39.32
C VAL IA 171 -46.41 54.27 40.68
N THR IA 172 -47.66 53.79 40.66
CA THR IA 172 -48.42 53.60 41.89
C THR IA 172 -48.82 52.15 42.15
N ALA IA 173 -48.68 51.25 41.18
CA ALA IA 173 -49.04 49.84 41.35
C ALA IA 173 -47.88 48.96 40.91
N PRO IA 174 -46.84 48.83 41.73
CA PRO IA 174 -45.72 47.96 41.37
C PRO IA 174 -46.13 46.49 41.36
N THR IA 175 -45.47 45.72 40.50
CA THR IA 175 -45.74 44.30 40.37
C THR IA 175 -45.12 43.58 41.58
N LEU IA 176 -45.95 43.30 42.58
CA LEU IA 176 -45.50 42.67 43.81
C LEU IA 176 -45.67 41.17 43.80
N ASN IA 177 -46.19 40.60 42.72
CA ASN IA 177 -46.35 39.15 42.63
C ASN IA 177 -44.98 38.51 42.48
N PRO IA 178 -44.56 37.64 43.41
CA PRO IA 178 -43.24 37.02 43.30
C PRO IA 178 -43.11 36.05 42.14
N LEU IA 179 -44.23 35.55 41.61
CA LEU IA 179 -44.16 34.64 40.48
C LEU IA 179 -43.58 35.33 39.25
N ILE IA 180 -44.10 36.50 38.90
CA ILE IA 180 -43.58 37.26 37.76
C ILE IA 180 -42.17 37.78 38.04
N ILE IA 181 -41.97 38.32 39.24
CA ILE IA 181 -40.69 38.96 39.61
C ILE IA 181 -39.56 37.94 39.58
N PHE IA 182 -39.78 36.76 40.17
CA PHE IA 182 -38.76 35.74 40.17
C PHE IA 182 -38.77 34.86 38.93
N GLY IA 183 -39.83 34.90 38.13
CA GLY IA 183 -39.78 34.26 36.84
C GLY IA 183 -38.94 35.05 35.86
N TYR IA 184 -38.80 36.36 36.11
CA TYR IA 184 -37.81 37.13 35.38
C TYR IA 184 -36.40 36.64 35.67
N VAL IA 185 -36.12 36.32 36.93
CA VAL IA 185 -34.80 35.83 37.31
C VAL IA 185 -34.57 34.41 36.80
N LEU IA 186 -35.60 33.58 36.85
CA LEU IA 186 -35.51 32.19 36.37
C LEU IA 186 -35.81 32.05 34.90
N LYS IA 187 -35.96 33.17 34.17
CA LYS IA 187 -36.23 33.12 32.74
C LYS IA 187 -35.00 32.61 31.99
N SER IA 188 -35.25 31.95 30.86
CA SER IA 188 -34.17 31.49 30.02
C SER IA 188 -33.43 32.70 29.45
N PRO IA 189 -32.11 32.60 29.23
CA PRO IA 189 -31.35 33.74 28.70
C PRO IA 189 -31.22 33.80 27.18
N PHE IA 190 -31.98 33.03 26.43
CA PHE IA 190 -31.81 32.95 24.98
C PHE IA 190 -32.76 33.89 24.26
N GLY IA 191 -32.89 33.72 22.95
CA GLY IA 191 -33.76 34.59 22.18
C GLY IA 191 -35.23 34.43 22.53
N GLY IA 192 -35.99 35.48 22.25
CA GLY IA 192 -37.39 35.51 22.61
C GLY IA 192 -37.60 36.05 24.00
N ASP IA 193 -37.21 35.27 25.01
CA ASP IA 193 -37.29 35.70 26.41
C ASP IA 193 -35.86 35.92 26.90
N GLY IA 194 -35.51 37.17 27.17
CA GLY IA 194 -34.13 37.51 27.48
C GLY IA 194 -33.70 37.63 28.92
N TRP IA 195 -34.08 36.67 29.78
CA TRP IA 195 -33.73 36.63 31.22
C TRP IA 195 -34.17 37.93 31.88
N ILE IA 196 -33.30 38.64 32.58
CA ILE IA 196 -33.64 39.88 33.28
C ILE IA 196 -33.71 41.05 32.30
N ILE IA 197 -33.00 40.96 31.18
CA ILE IA 197 -32.94 42.02 30.18
C ILE IA 197 -34.33 42.28 29.58
N SER IA 198 -35.17 41.26 29.50
CA SER IA 198 -36.49 41.35 28.87
C SER IA 198 -37.52 42.12 29.69
N VAL IA 199 -37.12 42.85 30.74
CA VAL IA 199 -38.07 43.67 31.48
C VAL IA 199 -38.54 44.81 30.58
N ASN IA 200 -39.84 44.83 30.32
CA ASN IA 200 -40.41 45.70 29.29
C ASN IA 200 -41.35 46.76 29.83
N ASN IA 201 -41.38 46.99 31.15
CA ASN IA 201 -42.22 48.02 31.71
C ASN IA 201 -41.67 48.47 33.06
N LEU IA 202 -42.16 49.62 33.52
CA LEU IA 202 -41.71 50.21 34.77
C LEU IA 202 -42.24 49.48 35.99
N GLU IA 203 -43.41 48.83 35.87
CA GLU IA 203 -44.04 48.20 37.03
C GLU IA 203 -43.23 47.01 37.53
N ASP IA 204 -42.81 46.13 36.62
CA ASP IA 204 -41.94 45.02 37.02
C ASP IA 204 -40.61 45.51 37.54
N LEU IA 205 -40.12 46.63 37.01
CA LEU IA 205 -38.86 47.22 37.48
C LEU IA 205 -38.95 47.64 38.94
N VAL IA 206 -39.97 48.44 39.28
CA VAL IA 206 -40.08 48.95 40.64
C VAL IA 206 -40.49 47.84 41.60
N GLY IA 207 -41.31 46.88 41.14
CA GLY IA 207 -41.66 45.75 41.99
C GLY IA 207 -40.48 44.84 42.28
N GLY IA 208 -39.66 44.58 41.26
CA GLY IA 208 -38.45 43.80 41.47
C GLY IA 208 -37.45 44.51 42.36
N HIS IA 209 -37.39 45.84 42.29
CA HIS IA 209 -36.52 46.55 43.22
C HIS IA 209 -37.07 46.54 44.64
N ILE IA 210 -38.40 46.50 44.80
CA ILE IA 210 -38.99 46.32 46.13
C ILE IA 210 -38.59 44.96 46.69
N TRP IA 211 -38.70 43.91 45.85
CA TRP IA 211 -38.36 42.57 46.29
C TRP IA 211 -36.87 42.46 46.61
N LEU IA 212 -36.03 43.10 45.79
CA LEU IA 212 -34.59 43.08 46.04
C LEU IA 212 -34.24 43.83 47.32
N GLY IA 213 -34.88 44.98 47.57
CA GLY IA 213 -34.60 45.70 48.79
C GLY IA 213 -35.01 44.94 50.02
N PHE IA 214 -36.19 44.28 49.97
CA PHE IA 214 -36.63 43.46 51.09
C PHE IA 214 -35.69 42.28 51.31
N LEU IA 215 -35.27 41.62 50.23
CA LEU IA 215 -34.36 40.48 50.33
C LEU IA 215 -33.01 40.90 50.89
N CYS IA 216 -32.48 42.03 50.43
CA CYS IA 216 -31.19 42.51 50.91
C CYS IA 216 -31.26 42.93 52.37
N VAL IA 217 -32.39 43.52 52.79
CA VAL IA 217 -32.54 43.91 54.19
C VAL IA 217 -32.58 42.68 55.09
N VAL IA 218 -33.41 41.69 54.74
CA VAL IA 218 -33.54 40.52 55.60
C VAL IA 218 -32.25 39.69 55.58
N GLY IA 219 -31.58 39.62 54.43
CA GLY IA 219 -30.28 38.95 54.38
C GLY IA 219 -29.22 39.69 55.16
N GLY IA 220 -29.31 41.02 55.21
CA GLY IA 220 -28.38 41.80 56.00
C GLY IA 220 -28.52 41.52 57.48
N ILE IA 221 -29.75 41.53 57.99
CA ILE IA 221 -29.90 41.24 59.41
C ILE IA 221 -29.60 39.77 59.70
N TRP IA 222 -29.86 38.89 58.73
CA TRP IA 222 -29.54 37.48 58.86
C TRP IA 222 -28.03 37.27 59.00
N HIS IA 223 -27.25 37.94 58.15
CA HIS IA 223 -25.81 37.76 58.19
C HIS IA 223 -25.18 38.49 59.36
N ILE IA 224 -25.84 39.56 59.84
CA ILE IA 224 -25.36 40.22 61.05
C ILE IA 224 -25.58 39.33 62.27
N LEU IA 225 -26.77 38.76 62.38
CA LEU IA 225 -27.16 38.05 63.60
C LEU IA 225 -26.75 36.58 63.62
N THR IA 226 -26.33 36.01 62.49
CA THR IA 226 -25.97 34.60 62.44
C THR IA 226 -24.50 34.43 62.10
N LYS IA 227 -24.10 33.18 61.93
CA LYS IA 227 -22.78 32.72 61.55
C LYS IA 227 -22.93 31.74 60.40
N PRO IA 228 -21.90 31.57 59.56
CA PRO IA 228 -21.98 30.56 58.51
C PRO IA 228 -22.09 29.16 59.09
N PHE IA 229 -22.87 28.31 58.43
CA PHE IA 229 -23.12 26.97 58.90
C PHE IA 229 -21.92 26.08 58.61
N ALA IA 230 -22.03 24.81 59.02
CA ALA IA 230 -20.91 23.87 58.91
C ALA IA 230 -20.53 23.59 57.46
N TRP IA 231 -21.53 23.45 56.59
CA TRP IA 231 -21.25 23.21 55.18
C TRP IA 231 -20.56 24.41 54.54
N ALA IA 232 -21.02 25.62 54.86
CA ALA IA 232 -20.38 26.82 54.35
C ALA IA 232 -18.98 26.99 54.92
N ARG IA 233 -18.79 26.64 56.18
CA ARG IA 233 -17.47 26.75 56.80
C ARG IA 233 -16.49 25.75 56.19
N ARG IA 234 -16.96 24.55 55.84
CA ARG IA 234 -16.09 23.56 55.24
C ARG IA 234 -15.90 23.76 53.74
N THR IA 235 -16.74 24.58 53.10
CA THR IA 235 -16.64 24.76 51.66
C THR IA 235 -15.71 25.90 51.26
N PHE IA 236 -15.77 27.02 51.95
CA PHE IA 236 -15.10 28.24 51.50
C PHE IA 236 -13.70 28.39 52.09
N VAL IA 237 -12.98 29.37 51.58
CA VAL IA 237 -11.67 29.77 52.07
C VAL IA 237 -11.84 31.10 52.80
N TRP IA 238 -11.33 31.17 54.02
CA TRP IA 238 -11.57 32.32 54.88
C TRP IA 238 -10.30 33.18 54.94
N SER IA 239 -10.16 34.03 53.91
CA SER IA 239 -9.04 34.94 53.79
C SER IA 239 -9.48 36.11 52.93
N GLY IA 240 -8.71 37.20 52.99
CA GLY IA 240 -9.07 38.40 52.27
C GLY IA 240 -9.03 38.24 50.76
N GLU IA 241 -8.03 37.51 50.27
CA GLU IA 241 -7.92 37.26 48.83
C GLU IA 241 -9.08 36.42 48.33
N ALA IA 242 -9.55 35.48 49.16
CA ALA IA 242 -10.71 34.67 48.77
C ALA IA 242 -11.97 35.50 48.66
N TYR IA 243 -12.19 36.40 49.62
CA TYR IA 243 -13.37 37.27 49.58
C TYR IA 243 -13.30 38.21 48.37
N LEU IA 244 -12.09 38.69 48.08
CA LEU IA 244 -11.88 39.50 46.88
C LEU IA 244 -12.19 38.71 45.62
N SER IA 245 -11.81 37.44 45.58
CA SER IA 245 -12.08 36.61 44.40
C SER IA 245 -13.58 36.36 44.22
N TYR IA 246 -14.30 36.13 45.32
CA TYR IA 246 -15.75 35.94 45.22
C TYR IA 246 -16.42 37.21 44.71
N SER IA 247 -15.98 38.36 45.22
CA SER IA 247 -16.51 39.64 44.76
C SER IA 247 -16.16 39.88 43.30
N LEU IA 248 -14.98 39.43 42.87
CA LEU IA 248 -14.58 39.60 41.48
C LEU IA 248 -15.45 38.76 40.56
N ALA IA 249 -15.77 37.52 40.96
CA ALA IA 249 -16.66 36.69 40.16
C ALA IA 249 -18.05 37.31 40.05
N ALA IA 250 -18.59 37.80 41.18
CA ALA IA 250 -19.91 38.42 41.17
C ALA IA 250 -19.91 39.69 40.32
N LEU IA 251 -18.86 40.51 40.44
CA LEU IA 251 -18.79 41.76 39.70
C LEU IA 251 -18.59 41.51 38.21
N SER IA 252 -17.87 40.45 37.85
CA SER IA 252 -17.73 40.08 36.45
C SER IA 252 -19.07 39.67 35.85
N VAL IA 253 -19.84 38.87 36.60
CA VAL IA 253 -21.17 38.46 36.15
C VAL IA 253 -22.05 39.68 35.95
N MET IA 254 -22.02 40.61 36.90
CA MET IA 254 -22.83 41.81 36.79
C MET IA 254 -22.37 42.72 35.65
N GLY IA 255 -21.07 42.78 35.38
CA GLY IA 255 -20.59 43.58 34.26
C GLY IA 255 -21.05 43.06 32.93
N LEU IA 256 -20.96 41.73 32.73
CA LEU IA 256 -21.45 41.14 31.48
C LEU IA 256 -22.95 41.31 31.35
N THR IA 257 -23.68 41.15 32.46
CA THR IA 257 -25.13 41.32 32.45
C THR IA 257 -25.52 42.74 32.07
N ALA IA 258 -24.83 43.74 32.62
CA ALA IA 258 -25.16 45.13 32.32
C ALA IA 258 -24.77 45.49 30.89
N SER IA 259 -23.70 44.87 30.37
CA SER IA 259 -23.34 45.08 28.97
C SER IA 259 -24.45 44.61 28.04
N VAL IA 260 -24.94 43.39 28.26
CA VAL IA 260 -26.06 42.90 27.44
C VAL IA 260 -27.33 43.70 27.71
N PHE IA 261 -27.49 44.21 28.94
CA PHE IA 261 -28.66 45.00 29.32
C PHE IA 261 -28.73 46.30 28.54
N VAL IA 262 -27.62 47.05 28.51
CA VAL IA 262 -27.61 48.30 27.76
C VAL IA 262 -27.63 48.03 26.26
N TRP IA 263 -27.20 46.83 25.83
CA TRP IA 263 -27.27 46.54 24.40
C TRP IA 263 -28.70 46.26 23.94
N TYR IA 264 -29.48 45.53 24.74
CA TYR IA 264 -30.78 45.05 24.28
C TYR IA 264 -31.97 45.79 24.87
N ASN IA 265 -31.98 46.02 26.18
CA ASN IA 265 -33.16 46.56 26.85
C ASN IA 265 -33.35 48.04 26.55
N ASN IA 266 -34.59 48.42 26.18
CA ASN IA 266 -34.92 49.82 25.94
C ASN IA 266 -35.91 50.37 26.97
N THR IA 267 -36.09 49.67 28.09
CA THR IA 267 -36.99 50.16 29.13
C THR IA 267 -36.22 50.93 30.20
N ALA IA 268 -35.25 50.29 30.83
CA ALA IA 268 -34.38 50.99 31.77
C ALA IA 268 -33.41 51.92 31.04
N TYR IA 269 -33.22 51.70 29.74
CA TYR IA 269 -32.37 52.55 28.90
C TYR IA 269 -33.18 52.94 27.67
N PRO IA 270 -34.07 53.93 27.80
CA PRO IA 270 -34.94 54.31 26.69
C PRO IA 270 -34.16 54.83 25.49
N SER IA 271 -34.73 54.63 24.31
CA SER IA 271 -34.10 55.02 23.05
C SER IA 271 -34.22 56.51 22.76
N GLU IA 272 -34.68 57.31 23.73
CA GLU IA 272 -34.73 58.75 23.60
C GLU IA 272 -33.49 59.43 24.17
N PHE IA 273 -32.79 58.79 25.09
CA PHE IA 273 -31.57 59.32 25.68
C PHE IA 273 -30.35 58.47 25.38
N PHE IA 274 -30.50 57.15 25.28
CA PHE IA 274 -29.41 56.27 24.91
C PHE IA 274 -29.41 55.93 23.42
N GLY IA 275 -30.45 56.28 22.69
CA GLY IA 275 -30.54 55.95 21.29
C GLY IA 275 -31.12 54.57 21.08
N PRO IA 276 -31.45 54.24 19.85
CA PRO IA 276 -32.06 52.94 19.57
C PRO IA 276 -31.04 51.81 19.72
N THR IA 277 -31.56 50.61 20.00
CA THR IA 277 -30.72 49.44 19.95
C THR IA 277 -30.49 49.03 18.50
N GLY IA 278 -29.62 48.05 18.32
CA GLY IA 278 -29.36 47.48 17.01
C GLY IA 278 -30.59 46.90 16.33
N PRO IA 279 -31.27 45.96 17.01
CA PRO IA 279 -32.57 45.50 16.48
C PRO IA 279 -33.58 46.62 16.32
N GLU IA 280 -33.59 47.58 17.24
CA GLU IA 280 -34.51 48.71 17.15
C GLU IA 280 -34.26 49.52 15.89
N ALA IA 281 -32.98 49.79 15.58
CA ALA IA 281 -32.64 50.56 14.39
C ALA IA 281 -32.97 49.79 13.11
N SER IA 282 -32.75 48.47 13.12
CA SER IA 282 -33.04 47.67 11.93
C SER IA 282 -34.55 47.63 11.64
N GLN IA 283 -35.36 47.36 12.67
CA GLN IA 283 -36.80 47.41 12.49
C GLN IA 283 -37.29 48.83 12.23
N SER IA 284 -36.55 49.85 12.67
CA SER IA 284 -36.91 51.23 12.35
C SER IA 284 -36.75 51.49 10.87
N GLN IA 285 -35.64 51.02 10.28
CA GLN IA 285 -35.42 51.15 8.85
C GLN IA 285 -36.52 50.45 8.07
N ALA IA 286 -36.84 49.21 8.47
CA ALA IA 286 -37.88 48.45 7.79
C ALA IA 286 -39.25 49.13 7.92
N PHE IA 287 -39.56 49.65 9.11
CA PHE IA 287 -40.85 50.27 9.35
C PHE IA 287 -41.01 51.58 8.59
N THR IA 288 -39.96 52.40 8.56
CA THR IA 288 -40.04 53.67 7.83
C THR IA 288 -40.13 53.42 6.32
N PHE IA 289 -39.42 52.40 5.83
CA PHE IA 289 -39.54 52.07 4.40
C PHE IA 289 -40.94 51.57 4.08
N LEU IA 290 -41.54 50.78 4.99
CA LEU IA 290 -42.92 50.35 4.79
C LEU IA 290 -43.89 51.51 4.84
N VAL IA 291 -43.61 52.50 5.69
CA VAL IA 291 -44.45 53.71 5.76
C VAL IA 291 -44.40 54.47 4.44
N ARG IA 292 -43.19 54.63 3.89
CA ARG IA 292 -43.04 55.28 2.59
C ARG IA 292 -43.78 54.52 1.48
N ASP IA 293 -43.64 53.19 1.48
CA ASP IA 293 -44.28 52.38 0.44
C ASP IA 293 -45.80 52.40 0.57
N GLN IA 294 -46.32 52.47 1.80
CA GLN IA 294 -47.76 52.54 1.99
C GLN IA 294 -48.30 53.91 1.63
N ARG IA 295 -47.53 54.97 1.93
CA ARG IA 295 -47.93 56.32 1.54
C ARG IA 295 -47.85 56.55 0.05
N LEU IA 296 -47.06 55.74 -0.67
CA LEU IA 296 -46.97 55.88 -2.12
C LEU IA 296 -48.32 55.60 -2.78
N GLY IA 297 -49.04 54.60 -2.29
CA GLY IA 297 -50.35 54.27 -2.82
C GLY IA 297 -50.48 52.82 -3.26
N LEU IA 309 -49.05 39.10 -0.06
CA LEU IA 309 -48.78 40.24 0.80
C LEU IA 309 -47.65 41.11 0.27
N GLY IA 310 -47.41 42.25 0.93
CA GLY IA 310 -46.32 43.12 0.58
C GLY IA 310 -44.97 42.49 0.84
N LYS IA 311 -43.97 42.82 0.03
CA LYS IA 311 -42.64 42.23 0.20
C LYS IA 311 -41.94 42.76 1.44
N TYR IA 312 -42.41 43.90 1.95
CA TYR IA 312 -41.81 44.50 3.14
C TYR IA 312 -42.12 43.73 4.41
N LEU IA 313 -43.12 42.86 4.39
CA LEU IA 313 -43.50 42.06 5.54
C LEU IA 313 -43.50 40.59 5.14
N MET IA 314 -43.53 39.72 6.14
CA MET IA 314 -43.55 38.28 5.90
C MET IA 314 -44.30 37.60 7.01
N ARG IA 315 -44.79 36.38 6.72
CA ARG IA 315 -45.55 35.59 7.68
C ARG IA 315 -44.61 34.60 8.36
N SER IA 316 -44.43 34.76 9.66
CA SER IA 316 -43.60 33.83 10.41
C SER IA 316 -44.33 32.48 10.53
N PRO IA 317 -43.59 31.39 10.75
CA PRO IA 317 -44.25 30.08 10.96
C PRO IA 317 -45.18 30.04 12.16
N SER IA 318 -44.97 30.90 13.16
CA SER IA 318 -45.84 31.00 14.32
C SER IA 318 -47.03 31.92 14.08
N GLY IA 319 -47.34 32.25 12.84
CA GLY IA 319 -48.45 33.13 12.54
C GLY IA 319 -48.22 34.58 12.89
N GLU IA 320 -46.97 35.01 12.97
CA GLU IA 320 -46.61 36.37 13.36
C GLU IA 320 -46.30 37.19 12.11
N ILE IA 321 -46.97 38.33 11.96
CA ILE IA 321 -46.65 39.24 10.87
C ILE IA 321 -45.46 40.09 11.28
N ILE IA 322 -44.34 39.91 10.57
CA ILE IA 322 -43.09 40.59 10.90
C ILE IA 322 -42.45 41.09 9.62
N PHE IA 323 -41.50 42.02 9.78
CA PHE IA 323 -40.75 42.54 8.65
C PHE IA 323 -39.86 41.46 8.04
N GLY IA 324 -39.74 41.48 6.72
CA GLY IA 324 -38.96 40.50 6.00
C GLY IA 324 -37.53 40.95 5.79
N GLY IA 325 -36.86 40.27 4.86
CA GLY IA 325 -35.47 40.56 4.58
C GLY IA 325 -34.55 40.06 5.69
N GLU IA 326 -33.42 40.74 5.84
CA GLU IA 326 -32.48 40.42 6.91
C GLU IA 326 -32.98 40.89 8.28
N THR IA 327 -34.01 41.72 8.31
CA THR IA 327 -34.58 42.24 9.55
C THR IA 327 -35.41 41.21 10.30
N MET IA 328 -35.68 40.05 9.68
CA MET IA 328 -36.52 39.03 10.29
C MET IA 328 -35.89 38.38 11.50
N ARG IA 329 -34.57 38.50 11.68
CA ARG IA 329 -33.94 37.94 12.86
C ARG IA 329 -34.19 38.78 14.11
N PHE IA 330 -34.66 40.01 13.95
CA PHE IA 330 -34.97 40.90 15.05
C PHE IA 330 -36.47 40.98 15.32
N TRP IA 331 -37.19 39.90 15.06
CA TRP IA 331 -38.65 39.90 15.22
C TRP IA 331 -39.10 39.93 16.67
N ASP IA 332 -38.19 39.75 17.62
CA ASP IA 332 -38.53 39.85 19.04
C ASP IA 332 -38.37 41.26 19.59
N MET IA 333 -38.05 42.24 18.73
CA MET IA 333 -37.86 43.60 19.19
C MET IA 333 -39.19 44.24 19.56
N ARG IA 334 -39.25 44.86 20.73
CA ARG IA 334 -40.42 45.58 21.19
C ARG IA 334 -40.03 47.03 21.42
N ALA IA 335 -40.77 47.95 20.81
CA ALA IA 335 -40.51 49.37 20.92
C ALA IA 335 -41.79 50.11 21.25
N PRO IA 336 -41.69 51.24 21.96
CA PRO IA 336 -42.91 52.01 22.29
C PRO IA 336 -43.63 52.59 21.07
N TRP IA 337 -42.98 52.65 19.92
CA TRP IA 337 -43.60 53.16 18.69
C TRP IA 337 -44.01 52.04 17.74
N VAL IA 338 -43.89 50.77 18.16
CA VAL IA 338 -44.41 49.65 17.40
C VAL IA 338 -45.60 49.00 18.09
N GLU IA 339 -45.58 48.96 19.42
CA GLU IA 339 -46.65 48.36 20.22
C GLU IA 339 -48.05 48.95 19.98
N PRO IA 340 -48.25 50.27 19.77
CA PRO IA 340 -49.59 50.72 19.37
C PRO IA 340 -50.09 50.12 18.07
N LEU IA 341 -49.19 49.86 17.12
CA LEU IA 341 -49.55 49.24 15.87
C LEU IA 341 -49.45 47.71 15.91
N ARG IA 342 -49.12 47.14 17.06
CA ARG IA 342 -49.00 45.70 17.22
C ARG IA 342 -50.19 45.20 18.02
N GLY IA 343 -50.93 44.24 17.46
CA GLY IA 343 -52.11 43.71 18.10
C GLY IA 343 -51.89 42.30 18.62
N PRO IA 344 -52.89 41.42 18.40
CA PRO IA 344 -52.78 40.05 18.92
C PRO IA 344 -51.83 39.16 18.13
N ASN IA 345 -51.83 39.26 16.80
CA ASN IA 345 -50.98 38.43 15.96
C ASN IA 345 -49.74 39.17 15.47
N GLY IA 346 -49.36 40.24 16.17
CA GLY IA 346 -48.20 41.02 15.77
C GLY IA 346 -48.58 42.27 15.02
N LEU IA 347 -47.88 42.54 13.91
CA LEU IA 347 -48.11 43.74 13.12
C LEU IA 347 -49.42 43.60 12.38
N ASP IA 348 -50.48 44.20 12.92
CA ASP IA 348 -51.79 44.14 12.29
C ASP IA 348 -51.82 45.03 11.06
N LEU IA 349 -52.24 44.46 9.93
CA LEU IA 349 -52.28 45.20 8.67
C LEU IA 349 -53.28 46.35 8.74
N ASN IA 350 -54.41 46.13 9.42
CA ASN IA 350 -55.41 47.19 9.59
C ASN IA 350 -54.85 48.35 10.41
N LYS IA 351 -54.05 48.04 11.43
CA LYS IA 351 -53.53 49.08 12.31
C LYS IA 351 -52.42 49.88 11.66
N ILE IA 352 -51.83 49.36 10.57
CA ILE IA 352 -50.67 50.01 9.97
C ILE IA 352 -51.05 51.32 9.28
N ARG IA 353 -52.09 51.28 8.44
CA ARG IA 353 -52.43 52.43 7.61
C ARG IA 353 -53.65 53.19 8.12
N ASN IA 354 -54.15 52.85 9.30
CA ASN IA 354 -55.33 53.52 9.82
C ASN IA 354 -55.03 54.57 10.89
N ASP IA 355 -54.28 54.23 11.92
CA ASP IA 355 -54.09 55.13 13.07
C ASP IA 355 -52.61 55.29 13.41
N ILE IA 356 -51.78 55.47 12.39
CA ILE IA 356 -50.35 55.70 12.59
C ILE IA 356 -50.16 57.17 12.95
N GLN IA 357 -49.77 57.42 14.20
CA GLN IA 357 -49.63 58.78 14.67
C GLN IA 357 -48.31 59.38 14.17
N PRO IA 358 -48.24 60.71 13.98
CA PRO IA 358 -47.01 61.31 13.44
C PRO IA 358 -45.82 61.31 14.39
N TRP IA 359 -46.00 61.04 15.69
CA TRP IA 359 -44.84 60.98 16.58
C TRP IA 359 -44.04 59.70 16.36
N GLN IA 360 -44.70 58.61 15.97
CA GLN IA 360 -43.97 57.38 15.67
C GLN IA 360 -43.23 57.48 14.35
N GLU IA 361 -43.74 58.27 13.41
CA GLU IA 361 -43.14 58.37 12.09
C GLU IA 361 -41.78 59.06 12.16
N ARG IA 362 -41.67 60.13 12.95
CA ARG IA 362 -40.40 60.83 13.07
C ARG IA 362 -39.38 60.04 13.88
N ARG IA 363 -39.83 59.29 14.89
CA ARG IA 363 -38.93 58.54 15.76
C ARG IA 363 -38.20 57.45 15.00
N ALA IA 364 -38.91 56.70 14.17
CA ALA IA 364 -38.28 55.66 13.37
C ALA IA 364 -37.38 56.24 12.30
N ALA IA 365 -37.78 57.36 11.69
CA ALA IA 365 -36.93 58.04 10.73
C ALA IA 365 -35.68 58.59 11.42
N GLU IA 366 -35.81 59.00 12.68
CA GLU IA 366 -34.66 59.45 13.45
C GLU IA 366 -33.74 58.27 13.78
N TYR IA 367 -34.32 57.10 14.04
CA TYR IA 367 -33.51 55.92 14.36
C TYR IA 367 -32.92 55.28 13.11
N MET IA 368 -33.39 55.66 11.92
CA MET IA 368 -32.82 55.16 10.68
C MET IA 368 -31.37 55.58 10.53
N THR IA 369 -31.06 56.85 10.81
CA THR IA 369 -29.71 57.36 10.60
C THR IA 369 -28.73 56.84 11.65
N HIS IA 370 -29.21 56.54 12.85
CA HIS IA 370 -28.37 55.99 13.91
C HIS IA 370 -28.45 54.46 13.90
N ALA IA 371 -28.12 53.88 12.76
CA ALA IA 371 -28.17 52.44 12.57
C ALA IA 371 -27.05 51.74 13.34
N ASN IA 390 -18.69 56.21 11.10
CA ASN IA 390 -17.89 57.06 11.99
C ASN IA 390 -18.61 57.30 13.31
N TYR IA 391 -19.91 56.98 13.34
CA TYR IA 391 -20.72 57.19 14.52
C TYR IA 391 -20.72 55.95 15.40
N VAL IA 392 -20.48 56.14 16.69
CA VAL IA 392 -20.58 55.08 17.69
C VAL IA 392 -21.63 55.51 18.71
N SER IA 393 -22.67 54.70 18.86
CA SER IA 393 -23.73 55.02 19.79
C SER IA 393 -23.25 54.86 21.23
N PRO IA 394 -23.83 55.60 22.18
CA PRO IA 394 -23.47 55.39 23.60
C PRO IA 394 -23.81 54.00 24.10
N ARG IA 395 -24.81 53.34 23.50
CA ARG IA 395 -25.07 51.94 23.82
C ARG IA 395 -23.86 51.07 23.45
N SER IA 396 -23.26 51.33 22.30
CA SER IA 396 -22.08 50.57 21.89
C SER IA 396 -20.90 50.81 22.82
N TRP IA 397 -20.69 52.07 23.22
CA TRP IA 397 -19.61 52.39 24.16
C TRP IA 397 -19.81 51.71 25.50
N LEU IA 398 -21.02 51.80 26.05
CA LEU IA 398 -21.31 51.19 27.34
C LEU IA 398 -21.18 49.67 27.28
N THR IA 399 -21.74 49.06 26.22
CA THR IA 399 -21.69 47.62 26.04
C THR IA 399 -20.26 47.12 25.93
N THR IA 400 -19.48 47.72 25.04
CA THR IA 400 -18.11 47.26 24.81
C THR IA 400 -17.22 47.48 26.03
N SER IA 401 -17.33 48.65 26.67
CA SER IA 401 -16.48 48.96 27.81
C SER IA 401 -16.80 48.05 29.00
N HIS IA 402 -18.09 47.91 29.34
CA HIS IA 402 -18.42 47.08 30.48
C HIS IA 402 -18.26 45.60 30.18
N PHE IA 403 -18.32 45.20 28.91
CA PHE IA 403 -17.98 43.82 28.58
C PHE IA 403 -16.49 43.55 28.77
N PHE IA 404 -15.65 44.47 28.31
CA PHE IA 404 -14.20 44.37 28.53
C PHE IA 404 -13.89 44.24 30.02
N LEU IA 405 -14.52 45.10 30.82
CA LEU IA 405 -14.29 45.07 32.26
C LEU IA 405 -14.82 43.79 32.89
N GLY IA 406 -15.97 43.29 32.43
CA GLY IA 406 -16.51 42.06 32.99
C GLY IA 406 -15.63 40.85 32.69
N PHE IA 407 -15.14 40.75 31.46
CA PHE IA 407 -14.26 39.64 31.13
C PHE IA 407 -12.96 39.69 31.92
N PHE IA 408 -12.35 40.87 32.03
CA PHE IA 408 -11.09 40.92 32.74
C PHE IA 408 -11.30 40.77 34.25
N LEU IA 409 -12.48 41.09 34.76
CA LEU IA 409 -12.76 40.80 36.16
C LEU IA 409 -12.98 39.31 36.38
N TRP IA 410 -13.50 38.59 35.37
CA TRP IA 410 -13.54 37.13 35.47
C TRP IA 410 -12.14 36.54 35.50
N VAL IA 411 -11.23 37.09 34.67
CA VAL IA 411 -9.83 36.68 34.70
C VAL IA 411 -9.21 36.94 36.07
N GLY IA 412 -9.51 38.11 36.64
CA GLY IA 412 -9.05 38.42 37.99
C GLY IA 412 -9.62 37.50 39.04
N HIS IA 413 -10.87 37.06 38.85
CA HIS IA 413 -11.47 36.07 39.74
C HIS IA 413 -10.70 34.77 39.69
N LEU IA 414 -10.34 34.33 38.47
CA LEU IA 414 -9.56 33.11 38.32
C LEU IA 414 -8.22 33.22 39.05
N TRP IA 415 -7.53 34.35 38.84
CA TRP IA 415 -6.23 34.57 39.46
C TRP IA 415 -6.33 34.59 40.98
N HIS IA 416 -7.23 35.41 41.52
CA HIS IA 416 -7.29 35.58 42.97
C HIS IA 416 -7.89 34.36 43.66
N ALA IA 417 -8.81 33.65 43.00
CA ALA IA 417 -9.35 32.42 43.58
C ALA IA 417 -8.30 31.33 43.66
N GLY IA 418 -7.53 31.15 42.58
CA GLY IA 418 -6.45 30.20 42.62
C GLY IA 418 -5.41 30.55 43.66
N ARG IA 419 -5.01 31.82 43.71
CA ARG IA 419 -3.98 32.23 44.67
C ARG IA 419 -4.47 32.11 46.10
N ALA IA 420 -5.74 32.42 46.36
CA ALA IA 420 -6.28 32.31 47.71
C ALA IA 420 -6.32 30.86 48.16
N ARG IA 421 -6.78 29.96 47.28
CA ARG IA 421 -6.83 28.54 47.63
C ARG IA 421 -5.43 27.98 47.85
N ALA IA 422 -4.48 28.34 46.99
CA ALA IA 422 -3.13 27.81 47.11
C ALA IA 422 -2.39 28.39 48.31
N ALA IA 423 -2.67 29.66 48.64
CA ALA IA 423 -2.03 30.27 49.80
C ALA IA 423 -2.63 29.75 51.10
N ALA IA 424 -3.93 29.45 51.10
CA ALA IA 424 -4.54 28.83 52.26
C ALA IA 424 -3.99 27.43 52.48
N ALA IA 425 -3.84 26.66 51.40
CA ALA IA 425 -3.28 25.31 51.53
C ALA IA 425 -1.80 25.35 51.88
N GLY IA 426 -1.08 26.35 51.38
CA GLY IA 426 0.28 26.59 51.78
C GLY IA 426 1.38 26.36 50.74
N PHE IA 427 1.04 26.21 49.46
CA PHE IA 427 2.05 26.02 48.42
C PHE IA 427 1.97 27.10 47.34
N GLU IA 428 1.61 28.32 47.72
CA GLU IA 428 1.61 29.42 46.77
C GLU IA 428 3.01 29.96 46.50
N LYS IA 429 3.98 29.61 47.34
CA LYS IA 429 5.38 29.99 47.15
C LYS IA 429 6.13 29.02 46.24
N GLY IA 430 5.56 27.87 45.93
CA GLY IA 430 6.23 26.87 45.12
C GLY IA 430 6.23 25.51 45.77
N ILE IA 431 6.73 24.53 45.03
CA ILE IA 431 6.77 23.16 45.50
C ILE IA 431 7.97 22.97 46.42
N ASN IA 432 7.72 22.40 47.60
CA ASN IA 432 8.80 22.11 48.54
C ASN IA 432 9.68 20.98 47.98
N ARG IA 433 11.00 21.21 47.98
CA ARG IA 433 11.91 20.22 47.43
C ARG IA 433 12.01 18.98 48.32
N GLU IA 434 11.93 19.17 49.64
CA GLU IA 434 12.13 18.06 50.56
C GLU IA 434 10.97 17.07 50.50
N ASN IA 435 9.74 17.57 50.37
CA ASN IA 435 8.56 16.72 50.28
C ASN IA 435 7.75 17.16 49.06
N GLU IA 436 8.12 16.64 47.90
CA GLU IA 436 7.36 16.88 46.68
C GLU IA 436 6.18 15.94 46.65
N PRO IA 437 4.94 16.45 46.54
CA PRO IA 437 3.77 15.56 46.60
C PRO IA 437 3.70 14.51 45.51
N VAL IA 438 4.17 14.83 44.30
CA VAL IA 438 4.07 13.91 43.17
C VAL IA 438 4.98 12.70 43.38
N LEU IA 439 6.15 12.90 43.99
CA LEU IA 439 7.09 11.81 44.22
C LEU IA 439 6.55 10.76 45.18
N SER IA 440 5.56 11.10 46.01
CA SER IA 440 4.96 10.16 46.94
C SER IA 440 3.80 9.37 46.34
N MET IA 441 3.34 9.72 45.14
CA MET IA 441 2.26 9.00 44.49
C MET IA 441 2.80 7.87 43.62
N ARG IA 442 2.00 6.83 43.47
CA ARG IA 442 2.37 5.71 42.63
C ARG IA 442 2.30 6.12 41.16
N PRO IA 443 3.04 5.43 40.28
CA PRO IA 443 3.05 5.81 38.86
C PRO IA 443 1.68 5.70 38.20
N LEU IA 444 1.46 6.58 37.23
CA LEU IA 444 0.19 6.63 36.52
C LEU IA 444 -0.06 5.37 35.71
N ASP IA 445 0.97 4.85 35.07
CA ASP IA 445 0.83 3.64 34.26
C ASP IA 445 2.14 2.86 34.22
N GLU JA 1 27.78 -61.91 -7.24
CA GLU JA 1 27.64 -60.83 -6.27
C GLU JA 1 28.99 -60.43 -5.72
N SER JA 2 29.94 -61.38 -5.70
CA SER JA 2 31.29 -61.08 -5.24
C SER JA 2 32.04 -60.21 -6.23
N THR JA 3 31.61 -60.19 -7.49
CA THR JA 3 32.23 -59.32 -8.48
C THR JA 3 31.80 -57.87 -8.33
N GLY JA 4 30.79 -57.60 -7.50
CA GLY JA 4 30.30 -56.26 -7.27
C GLY JA 4 29.07 -55.89 -8.06
N PHE JA 5 28.56 -56.80 -8.89
CA PHE JA 5 27.37 -56.55 -9.70
C PHE JA 5 26.31 -57.60 -9.39
N ALA JA 6 25.06 -57.16 -9.27
CA ALA JA 6 23.96 -58.06 -9.03
C ALA JA 6 23.54 -58.73 -10.33
N TRP JA 7 22.46 -59.53 -10.27
CA TRP JA 7 21.99 -60.24 -11.45
C TRP JA 7 21.42 -59.30 -12.50
N TRP JA 8 20.78 -58.20 -12.08
CA TRP JA 8 20.21 -57.26 -13.02
C TRP JA 8 21.25 -56.42 -13.74
N SER JA 9 22.50 -56.46 -13.29
CA SER JA 9 23.64 -55.83 -13.94
C SER JA 9 24.70 -56.89 -14.23
N GLY JA 10 24.27 -58.05 -14.72
CA GLY JA 10 25.15 -59.19 -14.80
C GLY JA 10 26.16 -59.15 -15.93
N ASN JA 11 25.82 -58.49 -17.04
CA ASN JA 11 26.77 -58.41 -18.14
C ASN JA 11 27.93 -57.48 -17.85
N ALA JA 12 27.87 -56.71 -16.77
CA ALA JA 12 28.99 -55.90 -16.31
C ALA JA 12 30.14 -56.74 -15.76
N ARG JA 13 29.91 -58.02 -15.50
CA ARG JA 13 30.96 -58.93 -15.04
C ARG JA 13 31.90 -59.35 -16.17
N LEU JA 14 31.58 -59.00 -17.41
CA LEU JA 14 32.38 -59.39 -18.57
C LEU JA 14 33.29 -58.28 -19.08
N ILE JA 15 33.49 -57.21 -18.30
CA ILE JA 15 34.32 -56.09 -18.75
C ILE JA 15 35.77 -56.53 -18.88
N ASN JA 16 36.30 -57.19 -17.84
CA ASN JA 16 37.68 -57.63 -17.89
C ASN JA 16 37.82 -58.99 -18.55
N VAL JA 17 36.72 -59.76 -18.63
CA VAL JA 17 36.74 -61.09 -19.22
C VAL JA 17 36.61 -60.98 -20.73
N SER JA 18 37.74 -61.02 -21.44
CA SER JA 18 37.76 -60.74 -22.87
C SER JA 18 37.13 -61.86 -23.71
N GLY JA 19 37.39 -63.12 -23.39
CA GLY JA 19 36.85 -64.22 -24.17
C GLY JA 19 35.34 -64.33 -24.09
N LYS JA 20 34.79 -64.21 -22.87
CA LYS JA 20 33.35 -64.23 -22.72
C LYS JA 20 32.71 -62.97 -23.32
N LEU JA 21 33.41 -61.85 -23.29
CA LEU JA 21 32.92 -60.64 -23.96
C LEU JA 21 32.84 -60.86 -25.46
N LEU JA 22 33.85 -61.51 -26.03
CA LEU JA 22 33.82 -61.85 -27.45
C LEU JA 22 32.67 -62.80 -27.76
N GLY JA 23 32.44 -63.78 -26.88
CA GLY JA 23 31.33 -64.70 -27.07
C GLY JA 23 29.98 -64.01 -27.04
N ALA JA 24 29.80 -63.09 -26.09
CA ALA JA 24 28.55 -62.34 -26.00
C ALA JA 24 28.34 -61.45 -27.23
N HIS JA 25 29.40 -60.80 -27.71
CA HIS JA 25 29.27 -59.94 -28.88
C HIS JA 25 28.96 -60.74 -30.14
N VAL JA 26 29.62 -61.89 -30.32
CA VAL JA 26 29.36 -62.72 -31.49
C VAL JA 26 27.96 -63.33 -31.42
N ALA JA 27 27.51 -63.70 -30.22
CA ALA JA 27 26.15 -64.21 -30.07
C ALA JA 27 25.11 -63.15 -30.37
N HIS JA 28 25.35 -61.90 -29.93
CA HIS JA 28 24.42 -60.82 -30.26
C HIS JA 28 24.40 -60.53 -31.76
N ALA JA 29 25.58 -60.59 -32.40
CA ALA JA 29 25.64 -60.42 -33.85
C ALA JA 29 24.85 -61.51 -34.56
N GLY JA 30 24.97 -62.75 -34.06
CA GLY JA 30 24.18 -63.84 -34.61
C GLY JA 30 22.69 -63.63 -34.43
N LEU JA 31 22.30 -63.04 -33.30
CA LEU JA 31 20.89 -62.70 -33.10
C LEU JA 31 20.42 -61.65 -34.09
N MET JA 32 21.26 -60.65 -34.36
CA MET JA 32 20.92 -59.62 -35.35
C MET JA 32 20.73 -60.21 -36.74
N VAL JA 33 21.67 -61.07 -37.16
CA VAL JA 33 21.55 -61.70 -38.48
C VAL JA 33 20.37 -62.66 -38.53
N PHE JA 34 20.07 -63.32 -37.41
CA PHE JA 34 18.91 -64.22 -37.35
C PHE JA 34 17.62 -63.44 -37.52
N TRP JA 35 17.51 -62.30 -36.85
CA TRP JA 35 16.32 -61.46 -37.03
C TRP JA 35 16.21 -60.99 -38.47
N CYS JA 36 17.35 -60.61 -39.07
CA CYS JA 36 17.34 -60.17 -40.46
C CYS JA 36 16.79 -61.24 -41.41
N GLY JA 37 17.34 -62.45 -41.31
CA GLY JA 37 16.89 -63.53 -42.16
C GLY JA 37 15.46 -63.92 -41.91
N ALA JA 38 15.07 -63.99 -40.62
CA ALA JA 38 13.71 -64.38 -40.26
C ALA JA 38 12.69 -63.34 -40.74
N MET JA 39 13.01 -62.05 -40.61
CA MET JA 39 12.11 -61.01 -41.12
C MET JA 39 12.02 -61.02 -42.63
N THR JA 40 13.13 -61.28 -43.33
CA THR JA 40 13.06 -61.36 -44.78
C THR JA 40 12.17 -62.51 -45.22
N LEU JA 41 12.30 -63.67 -44.55
CA LEU JA 41 11.43 -64.80 -44.86
C LEU JA 41 9.98 -64.52 -44.51
N PHE JA 42 9.74 -63.85 -43.38
CA PHE JA 42 8.39 -63.50 -42.97
C PHE JA 42 7.75 -62.54 -43.97
N GLU JA 43 8.52 -61.58 -44.46
CA GLU JA 43 7.97 -60.59 -45.38
C GLU JA 43 7.71 -61.19 -46.76
N VAL JA 44 8.56 -62.13 -47.20
CA VAL JA 44 8.28 -62.74 -48.50
C VAL JA 44 7.17 -63.78 -48.38
N ALA JA 45 6.96 -64.34 -47.18
CA ALA JA 45 5.89 -65.32 -47.01
C ALA JA 45 4.52 -64.65 -47.06
N HIS JA 46 4.42 -63.43 -46.55
CA HIS JA 46 3.16 -62.70 -46.52
C HIS JA 46 3.03 -61.71 -47.67
N TYR JA 47 3.94 -61.73 -48.63
CA TYR JA 47 3.92 -60.77 -49.71
C TYR JA 47 2.77 -61.05 -50.68
N ILE JA 48 1.98 -60.03 -50.97
CA ILE JA 48 0.89 -60.09 -51.94
C ILE JA 48 1.38 -59.40 -53.22
N PRO JA 49 1.35 -60.07 -54.37
CA PRO JA 49 1.96 -59.48 -55.59
C PRO JA 49 1.30 -58.20 -56.09
N GLU JA 50 -0.01 -58.05 -55.92
CA GLU JA 50 -0.69 -56.89 -56.50
C GLU JA 50 -0.44 -55.63 -55.69
N LYS JA 51 -0.37 -55.75 -54.37
CA LYS JA 51 -0.23 -54.59 -53.50
C LYS JA 51 1.21 -54.05 -53.55
N PRO JA 52 1.39 -52.74 -53.40
CA PRO JA 52 2.73 -52.19 -53.24
C PRO JA 52 3.35 -52.61 -51.91
N LEU JA 53 4.67 -52.47 -51.84
CA LEU JA 53 5.41 -52.97 -50.69
C LEU JA 53 5.09 -52.20 -49.42
N TYR JA 54 4.76 -50.91 -49.54
CA TYR JA 54 4.50 -50.12 -48.35
C TYR JA 54 3.11 -50.34 -47.78
N GLU JA 55 2.26 -51.12 -48.45
CA GLU JA 55 0.93 -51.45 -47.95
C GLU JA 55 0.91 -52.77 -47.17
N GLN JA 56 2.01 -53.51 -47.15
CA GLN JA 56 2.05 -54.81 -46.49
C GLN JA 56 2.93 -54.81 -45.24
N GLY JA 57 3.27 -53.63 -44.73
CA GLY JA 57 4.11 -53.55 -43.53
C GLY JA 57 5.50 -54.08 -43.73
N CYS JA 58 6.06 -53.91 -44.92
CA CYS JA 58 7.39 -54.43 -45.24
C CYS JA 58 8.44 -53.35 -45.01
N ILE JA 59 9.47 -53.71 -44.26
CA ILE JA 59 10.60 -52.82 -44.01
C ILE JA 59 11.89 -53.38 -44.60
N LEU JA 60 12.06 -54.70 -44.58
CA LEU JA 60 13.32 -55.28 -45.06
C LEU JA 60 13.31 -55.47 -46.57
N ILE JA 61 12.20 -55.94 -47.13
CA ILE JA 61 12.09 -56.03 -48.60
C ILE JA 61 12.25 -54.68 -49.29
N PRO JA 62 11.67 -53.55 -48.79
CA PRO JA 62 11.97 -52.27 -49.45
C PRO JA 62 13.44 -51.88 -49.49
N HIS JA 63 14.26 -52.30 -48.53
CA HIS JA 63 15.68 -52.02 -48.62
C HIS JA 63 16.35 -52.85 -49.69
N LEU JA 64 15.87 -54.08 -49.92
CA LEU JA 64 16.50 -54.97 -50.89
C LEU JA 64 16.18 -54.57 -52.32
N THR JA 65 14.98 -54.05 -52.59
CA THR JA 65 14.63 -53.60 -53.92
C THR JA 65 15.22 -52.24 -54.26
N THR JA 66 15.83 -51.56 -53.29
CA THR JA 66 16.61 -50.36 -53.59
C THR JA 66 17.99 -50.68 -54.12
N LEU JA 67 18.45 -51.92 -53.92
CA LEU JA 67 19.74 -52.36 -54.42
C LEU JA 67 19.64 -53.05 -55.78
N GLY JA 68 18.45 -53.07 -56.38
CA GLY JA 68 18.29 -53.64 -57.71
C GLY JA 68 18.06 -55.14 -57.73
N TRP JA 69 17.45 -55.69 -56.69
CA TRP JA 69 17.13 -57.11 -56.63
C TRP JA 69 15.62 -57.27 -56.83
N GLY JA 70 15.24 -58.00 -57.89
CA GLY JA 70 13.85 -58.27 -58.17
C GLY JA 70 13.00 -57.04 -58.44
N VAL JA 71 13.53 -56.11 -59.22
CA VAL JA 71 12.87 -54.84 -59.47
C VAL JA 71 12.56 -54.75 -60.96
N GLY JA 72 11.57 -53.93 -61.29
CA GLY JA 72 11.25 -53.63 -62.67
C GLY JA 72 11.14 -52.14 -62.87
N PRO JA 73 10.90 -51.71 -64.12
CA PRO JA 73 10.69 -50.28 -64.37
C PRO JA 73 9.43 -49.77 -63.68
N GLY JA 74 9.51 -48.56 -63.15
CA GLY JA 74 8.41 -47.98 -62.41
C GLY JA 74 8.27 -48.46 -60.98
N GLY JA 75 9.20 -49.29 -60.50
CA GLY JA 75 9.13 -49.79 -59.15
C GLY JA 75 8.34 -51.07 -58.97
N GLU JA 76 8.06 -51.79 -60.06
CA GLU JA 76 7.31 -53.02 -59.97
C GLU JA 76 8.18 -54.14 -59.40
N VAL JA 77 7.59 -54.94 -58.50
CA VAL JA 77 8.28 -56.09 -57.96
C VAL JA 77 7.99 -57.28 -58.87
N THR JA 78 9.05 -57.95 -59.33
CA THR JA 78 8.92 -59.02 -60.31
C THR JA 78 9.07 -60.41 -59.70
N ASP JA 79 10.17 -60.67 -59.00
CA ASP JA 79 10.48 -61.99 -58.47
C ASP JA 79 10.95 -61.84 -57.03
N VAL JA 80 10.35 -62.63 -56.13
CA VAL JA 80 10.73 -62.61 -54.72
C VAL JA 80 11.86 -63.57 -54.41
N TYR JA 81 12.36 -64.30 -55.40
CA TYR JA 81 13.48 -65.21 -55.17
C TYR JA 81 14.78 -64.53 -54.72
N PRO JA 82 15.21 -63.38 -55.27
CA PRO JA 82 16.40 -62.71 -54.68
C PRO JA 82 16.21 -62.34 -53.22
N PHE JA 83 15.02 -61.88 -52.83
CA PHE JA 83 14.75 -61.60 -51.43
C PHE JA 83 14.83 -62.87 -50.60
N PHE JA 84 14.28 -63.97 -51.13
CA PHE JA 84 14.34 -65.25 -50.44
C PHE JA 84 15.77 -65.73 -50.25
N VAL JA 85 16.61 -65.57 -51.28
CA VAL JA 85 17.98 -66.05 -51.17
C VAL JA 85 18.78 -65.16 -50.22
N VAL JA 86 18.45 -63.86 -50.15
CA VAL JA 86 19.11 -62.97 -49.18
C VAL JA 86 18.72 -63.38 -47.76
N GLY JA 87 17.43 -63.63 -47.54
CA GLY JA 87 16.96 -64.02 -46.22
C GLY JA 87 17.54 -65.36 -45.77
N VAL JA 88 17.61 -66.32 -46.69
CA VAL JA 88 18.15 -67.62 -46.33
C VAL JA 88 19.67 -67.56 -46.15
N LEU JA 89 20.35 -66.65 -46.87
CA LEU JA 89 21.78 -66.48 -46.65
C LEU JA 89 22.05 -65.91 -45.27
N HIS JA 90 21.27 -64.90 -44.86
CA HIS JA 90 21.43 -64.36 -43.52
C HIS JA 90 21.05 -65.39 -42.46
N LEU JA 91 20.02 -66.19 -42.72
CA LEU JA 91 19.64 -67.24 -41.78
C LEU JA 91 20.72 -68.31 -41.63
N ILE JA 92 21.38 -68.71 -42.72
CA ILE JA 92 22.47 -69.66 -42.63
C ILE JA 92 23.67 -69.06 -41.91
N SER JA 93 23.99 -67.78 -42.19
CA SER JA 93 25.10 -67.13 -41.53
C SER JA 93 24.88 -66.93 -40.04
N SER JA 94 23.61 -66.87 -39.61
CA SER JA 94 23.30 -66.66 -38.20
C SER JA 94 23.66 -67.88 -37.36
N ALA JA 95 23.47 -69.08 -37.92
CA ALA JA 95 23.77 -70.31 -37.19
C ALA JA 95 25.26 -70.45 -36.93
N VAL JA 96 26.08 -69.98 -37.87
CA VAL JA 96 27.53 -70.00 -37.69
C VAL JA 96 27.92 -69.02 -36.58
N LEU JA 97 27.33 -67.83 -36.60
CA LEU JA 97 27.66 -66.82 -35.59
C LEU JA 97 27.12 -67.21 -34.22
N GLY JA 98 25.95 -67.84 -34.17
CA GLY JA 98 25.41 -68.27 -32.89
C GLY JA 98 26.26 -69.34 -32.23
N PHE JA 99 26.71 -70.33 -33.02
CA PHE JA 99 27.56 -71.38 -32.49
C PHE JA 99 28.91 -70.84 -32.02
N GLY JA 100 29.52 -69.94 -32.80
CA GLY JA 100 30.78 -69.35 -32.38
C GLY JA 100 30.63 -68.50 -31.14
N GLY JA 101 29.52 -67.75 -31.05
CA GLY JA 101 29.29 -66.94 -29.87
C GLY JA 101 29.08 -67.77 -28.62
N VAL JA 102 28.27 -68.84 -28.72
CA VAL JA 102 28.05 -69.67 -27.55
C VAL JA 102 29.31 -70.44 -27.18
N TYR JA 103 30.13 -70.81 -28.17
CA TYR JA 103 31.39 -71.49 -27.88
C TYR JA 103 32.35 -70.56 -27.12
N HIS JA 104 32.55 -69.35 -27.64
CA HIS JA 104 33.48 -68.41 -27.01
C HIS JA 104 32.97 -67.95 -25.65
N SER JA 105 31.64 -67.91 -25.47
CA SER JA 105 31.10 -67.50 -24.18
C SER JA 105 31.17 -68.61 -23.14
N LEU JA 106 30.96 -69.87 -23.55
CA LEU JA 106 30.83 -70.96 -22.59
C LEU JA 106 32.10 -71.81 -22.47
N ILE JA 107 32.55 -72.40 -23.57
CA ILE JA 107 33.64 -73.38 -23.53
C ILE JA 107 34.95 -72.86 -24.09
N GLY JA 108 34.97 -71.61 -24.55
CA GLY JA 108 36.21 -71.03 -25.03
C GLY JA 108 37.07 -70.56 -23.88
N PRO JA 109 38.19 -69.91 -24.22
CA PRO JA 109 39.04 -69.32 -23.19
C PRO JA 109 38.30 -68.23 -22.45
N ASP JA 110 38.53 -68.16 -21.13
CA ASP JA 110 37.91 -67.12 -20.32
C ASP JA 110 38.49 -65.75 -20.65
N THR JA 111 39.79 -65.59 -20.44
CA THR JA 111 40.51 -64.39 -20.84
C THR JA 111 41.59 -64.86 -21.82
N LEU JA 112 41.48 -64.45 -23.08
CA LEU JA 112 42.40 -64.87 -24.12
C LEU JA 112 43.64 -63.97 -24.17
N GLU JA 113 44.26 -63.79 -23.01
CA GLU JA 113 45.46 -62.99 -22.84
C GLU JA 113 46.73 -63.83 -22.72
N GLU JA 114 46.69 -64.89 -21.92
CA GLU JA 114 47.86 -65.75 -21.77
C GLU JA 114 48.13 -66.53 -23.05
N SER JA 115 47.08 -66.93 -23.74
CA SER JA 115 47.16 -67.53 -25.06
C SER JA 115 46.51 -66.61 -26.07
N PHE JA 116 46.93 -66.75 -27.34
CA PHE JA 116 46.55 -65.89 -28.46
C PHE JA 116 46.81 -64.43 -28.12
N PRO JA 117 48.07 -63.99 -28.04
CA PRO JA 117 48.35 -62.59 -27.68
C PRO JA 117 47.90 -61.60 -28.74
N PHE JA 118 47.67 -62.05 -29.98
CA PHE JA 118 47.15 -61.17 -31.01
C PHE JA 118 45.71 -60.74 -30.71
N PHE JA 119 44.91 -61.65 -30.16
CA PHE JA 119 43.52 -61.33 -29.85
C PHE JA 119 43.34 -60.79 -28.44
N GLY JA 120 44.33 -60.97 -27.56
CA GLY JA 120 44.23 -60.47 -26.21
C GLY JA 120 44.40 -58.98 -26.17
N TYR JA 121 43.64 -58.30 -25.33
CA TYR JA 121 43.70 -56.85 -25.23
C TYR JA 121 43.51 -56.41 -23.78
N ASP JA 122 43.96 -55.20 -23.51
CA ASP JA 122 43.69 -54.51 -22.26
C ASP JA 122 43.03 -53.19 -22.59
N TRP JA 123 42.09 -52.77 -21.76
CA TRP JA 123 41.36 -51.53 -22.03
C TRP JA 123 42.27 -50.31 -21.99
N ARG JA 124 43.33 -50.35 -21.19
CA ARG JA 124 44.27 -49.25 -21.07
C ARG JA 124 45.36 -49.27 -22.12
N ASP JA 125 45.51 -50.37 -22.87
CA ASP JA 125 46.53 -50.47 -23.91
C ASP JA 125 46.08 -49.66 -25.11
N LYS JA 126 46.49 -48.39 -25.13
CA LYS JA 126 46.09 -47.46 -26.19
C LYS JA 126 46.59 -47.87 -27.57
N ASN JA 127 47.72 -48.55 -27.65
CA ASN JA 127 48.22 -49.06 -28.93
C ASN JA 127 47.39 -50.23 -29.45
N LYS JA 128 47.02 -51.16 -28.57
CA LYS JA 128 46.23 -52.31 -28.98
C LYS JA 128 44.80 -51.92 -29.35
N MET JA 129 44.22 -50.95 -28.66
CA MET JA 129 42.83 -50.59 -28.94
C MET JA 129 42.70 -49.87 -30.27
N THR JA 130 43.70 -49.07 -30.64
CA THR JA 130 43.68 -48.44 -31.94
C THR JA 130 43.87 -49.45 -33.07
N THR JA 131 44.48 -50.61 -32.78
CA THR JA 131 44.64 -51.65 -33.79
C THR JA 131 43.30 -52.30 -34.11
N ILE JA 132 42.51 -52.64 -33.09
CA ILE JA 132 41.20 -53.24 -33.29
C ILE JA 132 40.27 -52.27 -34.01
N LEU JA 133 40.30 -51.00 -33.60
CA LEU JA 133 39.52 -49.96 -34.25
C LEU JA 133 39.95 -49.80 -35.70
N GLY JA 134 41.26 -49.89 -35.97
CA GLY JA 134 41.74 -49.79 -37.34
C GLY JA 134 41.30 -50.95 -38.21
N ILE JA 135 41.34 -52.16 -37.66
CA ILE JA 135 40.90 -53.34 -38.40
C ILE JA 135 39.42 -53.25 -38.74
N HIS JA 136 38.60 -52.86 -37.76
CA HIS JA 136 37.17 -52.77 -38.00
C HIS JA 136 36.83 -51.58 -38.90
N LEU JA 137 37.65 -50.52 -38.86
CA LEU JA 137 37.48 -49.40 -39.78
C LEU JA 137 37.79 -49.83 -41.20
N ILE JA 138 38.83 -50.66 -41.39
CA ILE JA 138 39.14 -51.19 -42.70
C ILE JA 138 38.00 -52.07 -43.21
N LEU JA 139 37.43 -52.88 -42.32
CA LEU JA 139 36.29 -53.72 -42.68
C LEU JA 139 35.08 -52.89 -43.10
N LEU JA 140 34.80 -51.81 -42.37
CA LEU JA 140 33.67 -50.95 -42.71
C LEU JA 140 33.93 -50.20 -44.02
N GLY JA 141 35.18 -49.81 -44.27
CA GLY JA 141 35.51 -49.18 -45.54
C GLY JA 141 35.37 -50.14 -46.70
N ILE JA 142 35.71 -51.41 -46.48
CA ILE JA 142 35.49 -52.43 -47.50
C ILE JA 142 33.99 -52.61 -47.74
N GLY JA 143 33.20 -52.62 -46.67
CA GLY JA 143 31.75 -52.73 -46.81
C GLY JA 143 31.11 -51.58 -47.54
N SER JA 144 31.67 -50.37 -47.38
CA SER JA 144 31.16 -49.23 -48.14
C SER JA 144 31.47 -49.37 -49.63
N PHE JA 145 32.57 -50.05 -49.96
CA PHE JA 145 32.90 -50.32 -51.35
C PHE JA 145 32.05 -51.43 -51.96
N LEU JA 146 31.41 -52.25 -51.13
CA LEU JA 146 30.51 -53.27 -51.65
C LEU JA 146 29.26 -52.63 -52.25
N LEU JA 147 28.82 -51.50 -51.70
CA LEU JA 147 27.72 -50.76 -52.30
C LEU JA 147 28.13 -50.13 -53.62
N VAL JA 148 29.39 -49.69 -53.71
CA VAL JA 148 29.90 -49.09 -54.94
C VAL JA 148 29.96 -50.15 -56.05
N ALA JA 149 30.33 -51.38 -55.69
CA ALA JA 149 30.31 -52.47 -56.66
C ALA JA 149 28.89 -52.73 -57.14
N LYS JA 150 27.93 -52.75 -56.21
CA LYS JA 150 26.52 -52.92 -56.55
C LYS JA 150 25.96 -51.76 -57.35
N ALA JA 151 26.58 -50.58 -57.28
CA ALA JA 151 26.09 -49.41 -57.99
C ALA JA 151 26.73 -49.21 -59.36
N CYS JA 152 27.98 -49.60 -59.53
CA CYS JA 152 28.70 -49.33 -60.77
C CYS JA 152 28.96 -50.56 -61.62
N PHE JA 153 29.07 -51.76 -61.02
CA PHE JA 153 29.39 -52.94 -61.80
C PHE JA 153 28.33 -54.03 -61.69
N VAL JA 154 27.89 -54.36 -60.49
CA VAL JA 154 27.00 -55.50 -60.29
C VAL JA 154 25.56 -55.01 -60.32
N GLY JA 155 24.88 -55.20 -61.45
CA GLY JA 155 23.45 -54.94 -61.53
C GLY JA 155 23.04 -53.49 -61.59
N GLY JA 156 23.33 -52.74 -60.55
CA GLY JA 156 22.93 -51.35 -60.44
C GLY JA 156 22.06 -51.11 -59.21
N LEU JA 157 21.76 -49.84 -59.00
CA LEU JA 157 20.88 -49.41 -57.93
C LEU JA 157 19.62 -48.81 -58.53
N TYR JA 158 18.49 -49.01 -57.85
CA TYR JA 158 17.21 -48.48 -58.34
C TYR JA 158 17.24 -46.96 -58.24
N ASP JA 159 17.30 -46.30 -59.40
CA ASP JA 159 17.31 -44.84 -59.46
C ASP JA 159 15.87 -44.37 -59.61
N THR JA 160 15.29 -43.86 -58.52
CA THR JA 160 13.92 -43.37 -58.56
C THR JA 160 13.78 -42.10 -59.39
N TRP JA 161 14.87 -41.40 -59.66
CA TRP JA 161 14.84 -40.18 -60.44
C TRP JA 161 15.07 -40.43 -61.94
N ALA JA 162 15.11 -41.69 -62.35
CA ALA JA 162 15.24 -42.00 -63.77
C ALA JA 162 13.96 -41.58 -64.50
N PRO JA 163 14.07 -41.15 -65.76
CA PRO JA 163 12.87 -40.73 -66.50
C PRO JA 163 11.92 -41.89 -66.75
N GLY JA 164 10.62 -41.58 -66.75
CA GLY JA 164 9.59 -42.55 -67.01
C GLY JA 164 9.02 -43.23 -65.77
N GLY JA 165 9.64 -43.09 -64.62
CA GLY JA 165 9.13 -43.72 -63.41
C GLY JA 165 10.17 -44.44 -62.59
N GLY JA 166 11.43 -44.34 -63.00
CA GLY JA 166 12.48 -44.99 -62.22
C GLY JA 166 12.80 -46.37 -62.74
N ASP JA 167 14.08 -46.75 -62.60
CA ASP JA 167 14.56 -48.05 -63.05
C ASP JA 167 15.87 -48.36 -62.34
N VAL JA 168 16.26 -49.62 -62.42
CA VAL JA 168 17.59 -50.03 -61.94
C VAL JA 168 18.61 -49.49 -62.93
N ARG JA 169 19.38 -48.49 -62.50
CA ARG JA 169 20.33 -47.81 -63.38
C ARG JA 169 21.76 -48.05 -62.89
N ILE JA 170 22.63 -48.41 -63.82
CA ILE JA 170 24.05 -48.56 -63.54
C ILE JA 170 24.70 -47.19 -63.57
N VAL JA 171 25.43 -46.85 -62.50
CA VAL JA 171 26.08 -45.55 -62.39
C VAL JA 171 27.51 -45.67 -62.91
N THR JA 172 27.83 -44.87 -63.93
CA THR JA 172 29.16 -44.86 -64.52
C THR JA 172 29.96 -43.62 -64.17
N ALA JA 173 29.30 -42.54 -63.73
CA ALA JA 173 29.97 -41.29 -63.39
C ALA JA 173 29.57 -40.85 -61.98
N PRO JA 174 30.15 -41.46 -60.95
CA PRO JA 174 29.89 -41.01 -59.58
C PRO JA 174 30.50 -39.63 -59.32
N THR JA 175 29.87 -38.89 -58.42
CA THR JA 175 30.34 -37.55 -58.07
C THR JA 175 31.55 -37.67 -57.16
N LEU JA 176 32.75 -37.60 -57.75
CA LEU JA 176 33.99 -37.74 -57.01
C LEU JA 176 34.56 -36.42 -56.53
N ASN JA 177 33.93 -35.30 -56.88
CA ASN JA 177 34.44 -34.00 -56.46
C ASN JA 177 34.18 -33.80 -54.97
N PRO JA 178 35.21 -33.59 -54.15
CA PRO JA 178 34.99 -33.48 -52.70
C PRO JA 178 34.25 -32.23 -52.28
N LEU JA 179 34.19 -31.19 -53.14
CA LEU JA 179 33.45 -30.00 -52.78
C LEU JA 179 31.97 -30.29 -52.59
N ILE JA 180 31.37 -31.03 -53.53
CA ILE JA 180 29.95 -31.38 -53.43
C ILE JA 180 29.70 -32.33 -52.27
N ILE JA 181 30.57 -33.34 -52.12
CA ILE JA 181 30.39 -34.36 -51.08
C ILE JA 181 30.48 -33.75 -49.69
N PHE JA 182 31.54 -33.00 -49.43
CA PHE JA 182 31.72 -32.43 -48.12
C PHE JA 182 30.93 -31.13 -47.93
N GLY JA 183 30.33 -30.59 -49.00
CA GLY JA 183 29.33 -29.56 -48.81
C GLY JA 183 28.01 -30.17 -48.41
N TYR JA 184 27.74 -31.40 -48.86
CA TYR JA 184 26.61 -32.16 -48.32
C TYR JA 184 26.83 -32.48 -46.85
N VAL JA 185 28.07 -32.85 -46.48
CA VAL JA 185 28.36 -33.14 -45.08
C VAL JA 185 28.29 -31.87 -44.23
N LEU JA 186 28.77 -30.75 -44.77
CA LEU JA 186 28.81 -29.49 -44.02
C LEU JA 186 27.59 -28.61 -44.30
N LYS JA 187 26.54 -29.18 -44.88
CA LYS JA 187 25.34 -28.40 -45.19
C LYS JA 187 24.57 -28.07 -43.92
N SER JA 188 23.80 -26.99 -43.98
CA SER JA 188 22.97 -26.59 -42.86
C SER JA 188 21.89 -27.64 -42.63
N PRO JA 189 21.52 -27.92 -41.38
CA PRO JA 189 20.50 -28.94 -41.10
C PRO JA 189 19.07 -28.41 -41.07
N PHE JA 190 18.82 -27.17 -41.48
CA PHE JA 190 17.50 -26.59 -41.37
C PHE JA 190 16.74 -26.75 -42.69
N GLY JA 191 15.59 -26.09 -42.78
CA GLY JA 191 14.76 -26.23 -43.97
C GLY JA 191 15.41 -25.63 -45.20
N GLY JA 192 15.18 -26.28 -46.34
CA GLY JA 192 15.79 -25.91 -47.60
C GLY JA 192 17.11 -26.61 -47.84
N ASP JA 193 18.02 -26.55 -46.87
CA ASP JA 193 19.30 -27.23 -47.00
C ASP JA 193 19.18 -28.70 -46.63
N GLY JA 194 18.87 -28.99 -45.36
CA GLY JA 194 18.58 -30.34 -44.93
C GLY JA 194 19.75 -31.25 -44.63
N TRP JA 195 20.98 -30.71 -44.57
CA TRP JA 195 22.22 -31.46 -44.24
C TRP JA 195 22.41 -32.59 -45.25
N ILE JA 196 22.68 -33.82 -44.81
CA ILE JA 196 22.94 -34.93 -45.73
C ILE JA 196 21.68 -35.65 -46.16
N ILE JA 197 20.51 -35.23 -45.67
CA ILE JA 197 19.26 -35.90 -46.04
C ILE JA 197 18.82 -35.47 -47.43
N SER JA 198 19.31 -34.33 -47.90
CA SER JA 198 18.91 -33.78 -49.19
C SER JA 198 19.67 -34.37 -50.37
N VAL JA 199 20.28 -35.55 -50.22
CA VAL JA 199 20.93 -36.22 -51.34
C VAL JA 199 19.84 -36.63 -52.32
N ASN JA 200 19.78 -35.94 -53.46
CA ASN JA 200 18.68 -36.07 -54.39
C ASN JA 200 19.04 -36.80 -55.69
N ASN JA 201 20.15 -37.53 -55.71
CA ASN JA 201 20.53 -38.27 -56.90
C ASN JA 201 21.42 -39.44 -56.50
N LEU JA 202 21.51 -40.43 -57.39
CA LEU JA 202 22.30 -41.62 -57.10
C LEU JA 202 23.79 -41.33 -57.20
N GLU JA 203 24.17 -40.38 -58.08
CA GLU JA 203 25.58 -40.07 -58.31
C GLU JA 203 26.25 -39.54 -57.06
N ASP JA 204 25.59 -38.60 -56.36
CA ASP JA 204 26.11 -38.08 -55.11
C ASP JA 204 26.20 -39.17 -54.06
N LEU JA 205 25.23 -40.09 -54.05
CA LEU JA 205 25.22 -41.19 -53.09
C LEU JA 205 26.43 -42.11 -53.27
N VAL JA 206 26.65 -42.57 -54.50
CA VAL JA 206 27.74 -43.52 -54.74
C VAL JA 206 29.10 -42.82 -54.64
N GLY JA 207 29.18 -41.55 -55.04
CA GLY JA 207 30.43 -40.81 -54.87
C GLY JA 207 30.77 -40.57 -53.41
N GLY JA 208 29.76 -40.24 -52.60
CA GLY JA 208 29.98 -40.09 -51.17
C GLY JA 208 30.36 -41.39 -50.52
N HIS JA 209 29.80 -42.51 -50.99
CA HIS JA 209 30.22 -43.79 -50.44
C HIS JA 209 31.64 -44.16 -50.87
N ILE JA 210 32.06 -43.75 -52.06
CA ILE JA 210 33.45 -43.92 -52.48
C ILE JA 210 34.38 -43.15 -51.55
N TRP JA 211 34.04 -41.88 -51.31
CA TRP JA 211 34.85 -41.03 -50.43
C TRP JA 211 34.87 -41.57 -49.01
N LEU JA 212 33.73 -42.05 -48.52
CA LEU JA 212 33.65 -42.61 -47.17
C LEU JA 212 34.46 -43.89 -47.06
N GLY JA 213 34.40 -44.75 -48.08
CA GLY JA 213 35.20 -45.97 -48.05
C GLY JA 213 36.69 -45.70 -48.08
N PHE JA 214 37.11 -44.74 -48.91
CA PHE JA 214 38.52 -44.35 -48.94
C PHE JA 214 38.96 -43.76 -47.61
N LEU JA 215 38.13 -42.88 -47.03
CA LEU JA 215 38.46 -42.29 -45.73
C LEU JA 215 38.55 -43.36 -44.66
N CYS JA 216 37.61 -44.30 -44.65
CA CYS JA 216 37.60 -45.35 -43.64
C CYS JA 216 38.79 -46.29 -43.77
N VAL JA 217 39.18 -46.63 -45.01
CA VAL JA 217 40.32 -47.54 -45.15
C VAL JA 217 41.64 -46.85 -44.79
N VAL JA 218 41.80 -45.57 -45.16
CA VAL JA 218 43.05 -44.90 -44.78
C VAL JA 218 43.07 -44.61 -43.28
N GLY JA 219 41.90 -44.34 -42.68
CA GLY JA 219 41.84 -44.16 -41.25
C GLY JA 219 42.10 -45.45 -40.49
N GLY JA 220 41.63 -46.58 -41.03
CA GLY JA 220 41.92 -47.85 -40.41
C GLY JA 220 43.39 -48.21 -40.48
N ILE JA 221 44.02 -47.98 -41.64
CA ILE JA 221 45.46 -48.21 -41.78
C ILE JA 221 46.23 -47.31 -40.81
N TRP JA 222 45.80 -46.05 -40.72
CA TRP JA 222 46.46 -45.08 -39.85
C TRP JA 222 46.32 -45.45 -38.38
N HIS JA 223 45.12 -45.90 -37.97
CA HIS JA 223 44.91 -46.25 -36.58
C HIS JA 223 45.60 -47.57 -36.23
N ILE JA 224 45.77 -48.45 -37.21
CA ILE JA 224 46.57 -49.66 -36.96
C ILE JA 224 48.04 -49.30 -36.77
N LEU JA 225 48.56 -48.45 -37.64
CA LEU JA 225 49.99 -48.16 -37.66
C LEU JA 225 50.43 -47.08 -36.68
N THR JA 226 49.52 -46.32 -36.09
CA THR JA 226 49.90 -45.24 -35.18
C THR JA 226 49.38 -45.53 -33.77
N LYS JA 227 49.60 -44.55 -32.90
CA LYS JA 227 49.20 -44.52 -31.50
C LYS JA 227 48.50 -43.20 -31.22
N PRO JA 228 47.67 -43.13 -30.19
CA PRO JA 228 47.06 -41.85 -29.83
C PRO JA 228 48.11 -40.82 -29.44
N PHE JA 229 47.89 -39.58 -29.89
CA PHE JA 229 48.80 -38.49 -29.59
C PHE JA 229 48.60 -38.02 -28.15
N ALA JA 230 49.48 -37.11 -27.72
CA ALA JA 230 49.50 -36.68 -26.32
C ALA JA 230 48.21 -35.96 -25.92
N TRP JA 231 47.66 -35.13 -26.82
CA TRP JA 231 46.42 -34.45 -26.51
C TRP JA 231 45.25 -35.45 -26.39
N ALA JA 232 45.22 -36.45 -27.28
CA ALA JA 232 44.19 -37.47 -27.20
C ALA JA 232 44.35 -38.32 -25.96
N ARG JA 233 45.60 -38.61 -25.57
CA ARG JA 233 45.85 -39.40 -24.37
C ARG JA 233 45.44 -38.64 -23.11
N ARG JA 234 45.67 -37.33 -23.09
CA ARG JA 234 45.30 -36.54 -21.93
C ARG JA 234 43.82 -36.15 -21.91
N THR JA 235 43.11 -36.31 -23.03
CA THR JA 235 41.71 -35.93 -23.09
C THR JA 235 40.74 -37.06 -22.73
N PHE JA 236 41.01 -38.28 -23.19
CA PHE JA 236 40.04 -39.36 -23.10
C PHE JA 236 40.23 -40.22 -21.86
N VAL JA 237 39.24 -41.08 -21.62
CA VAL JA 237 39.28 -42.09 -20.56
C VAL JA 237 39.52 -43.44 -21.23
N TRP JA 238 40.50 -44.18 -20.73
CA TRP JA 238 40.91 -45.42 -21.37
C TRP JA 238 40.40 -46.62 -20.55
N SER JA 239 39.15 -46.97 -20.82
CA SER JA 239 38.48 -48.09 -20.17
C SER JA 239 37.35 -48.55 -21.07
N GLY JA 240 36.86 -49.77 -20.79
CA GLY JA 240 35.83 -50.37 -21.64
C GLY JA 240 34.52 -49.61 -21.61
N GLU JA 241 34.12 -49.15 -20.43
CA GLU JA 241 32.89 -48.37 -20.30
C GLU JA 241 32.98 -47.06 -21.05
N ALA JA 242 34.18 -46.45 -21.09
CA ALA JA 242 34.36 -45.20 -21.83
C ALA JA 242 34.19 -45.42 -23.32
N TYR JA 243 34.79 -46.48 -23.86
CA TYR JA 243 34.68 -46.78 -25.28
C TYR JA 243 33.24 -47.11 -25.63
N LEU JA 244 32.55 -47.83 -24.73
CA LEU JA 244 31.13 -48.10 -24.91
C LEU JA 244 30.32 -46.82 -24.95
N SER JA 245 30.66 -45.86 -24.08
CA SER JA 245 29.95 -44.59 -24.06
C SER JA 245 30.16 -43.77 -25.33
N TYR JA 246 31.40 -43.77 -25.84
CA TYR JA 246 31.66 -43.06 -27.10
C TYR JA 246 30.88 -43.68 -28.24
N SER JA 247 30.85 -45.02 -28.30
CA SER JA 247 30.07 -45.70 -29.32
C SER JA 247 28.58 -45.46 -29.14
N LEU JA 248 28.12 -45.31 -27.90
CA LEU JA 248 26.71 -45.03 -27.65
C LEU JA 248 26.33 -43.63 -28.15
N ALA JA 249 27.20 -42.65 -27.92
CA ALA JA 249 26.95 -41.30 -28.44
C ALA JA 249 26.91 -41.30 -29.96
N ALA JA 250 27.87 -41.99 -30.59
CA ALA JA 250 27.90 -42.07 -32.04
C ALA JA 250 26.66 -42.77 -32.59
N LEU JA 251 26.26 -43.89 -31.97
CA LEU JA 251 25.11 -44.64 -32.44
C LEU JA 251 23.81 -43.87 -32.23
N SER JA 252 23.73 -43.07 -31.16
CA SER JA 252 22.57 -42.22 -30.96
C SER JA 252 22.46 -41.17 -32.05
N VAL JA 253 23.60 -40.57 -32.43
CA VAL JA 253 23.61 -39.60 -33.52
C VAL JA 253 23.14 -40.26 -34.82
N MET JA 254 23.65 -41.46 -35.11
CA MET JA 254 23.24 -42.17 -36.31
C MET JA 254 21.77 -42.55 -36.28
N GLY JA 255 21.25 -42.95 -35.12
CA GLY JA 255 19.84 -43.32 -35.03
C GLY JA 255 18.92 -42.15 -35.31
N LEU JA 256 19.20 -40.99 -34.69
CA LEU JA 256 18.39 -39.80 -34.97
C LEU JA 256 18.51 -39.38 -36.43
N THR JA 257 19.73 -39.43 -36.98
CA THR JA 257 19.95 -39.05 -38.37
C THR JA 257 19.18 -39.97 -39.33
N ALA JA 258 19.19 -41.28 -39.07
CA ALA JA 258 18.47 -42.20 -39.94
C ALA JA 258 16.96 -42.07 -39.79
N SER JA 259 16.47 -41.74 -38.60
CA SER JA 259 15.04 -41.51 -38.43
C SER JA 259 14.59 -40.33 -39.28
N VAL JA 260 15.31 -39.21 -39.20
CA VAL JA 260 14.94 -38.06 -40.04
C VAL JA 260 15.20 -38.36 -41.52
N PHE JA 261 16.17 -39.23 -41.81
CA PHE JA 261 16.49 -39.62 -43.18
C PHE JA 261 15.32 -40.37 -43.82
N VAL JA 262 14.83 -41.42 -43.14
CA VAL JA 262 13.69 -42.16 -43.67
C VAL JA 262 12.42 -41.31 -43.63
N TRP JA 263 12.37 -40.29 -42.78
CA TRP JA 263 11.19 -39.43 -42.80
C TRP JA 263 11.20 -38.49 -44.00
N TYR JA 264 12.37 -37.98 -44.41
CA TYR JA 264 12.42 -36.92 -45.42
C TYR JA 264 12.95 -37.35 -46.77
N ASN JA 265 13.99 -38.18 -46.82
CA ASN JA 265 14.70 -38.43 -48.07
C ASN JA 265 13.88 -39.29 -49.03
N ASN JA 266 13.99 -38.96 -50.32
CA ASN JA 266 13.27 -39.66 -51.39
C ASN JA 266 14.17 -40.51 -52.28
N THR JA 267 15.49 -40.35 -52.20
CA THR JA 267 16.38 -41.05 -53.12
C THR JA 267 16.80 -42.42 -52.56
N ALA JA 268 17.40 -42.43 -51.37
CA ALA JA 268 17.76 -43.68 -50.74
C ALA JA 268 16.55 -44.44 -50.25
N TYR JA 269 15.42 -43.76 -50.09
CA TYR JA 269 14.15 -44.37 -49.68
C TYR JA 269 13.09 -43.90 -50.68
N PRO JA 270 13.01 -44.57 -51.83
CA PRO JA 270 12.07 -44.13 -52.88
C PRO JA 270 10.62 -44.32 -52.46
N SER JA 271 9.75 -43.48 -53.01
CA SER JA 271 8.33 -43.55 -52.70
C SER JA 271 7.62 -44.56 -53.60
N GLU JA 272 8.19 -45.76 -53.71
CA GLU JA 272 7.58 -46.87 -54.40
C GLU JA 272 7.62 -48.14 -53.59
N PHE JA 273 8.51 -48.24 -52.63
CA PHE JA 273 8.61 -49.35 -51.69
C PHE JA 273 8.48 -48.91 -50.25
N PHE JA 274 8.83 -47.65 -49.93
CA PHE JA 274 8.62 -47.09 -48.61
C PHE JA 274 7.40 -46.17 -48.55
N GLY JA 275 6.80 -45.85 -49.69
CA GLY JA 275 5.68 -44.95 -49.73
C GLY JA 275 6.11 -43.51 -49.74
N PRO JA 276 5.17 -42.60 -49.95
CA PRO JA 276 5.50 -41.17 -49.99
C PRO JA 276 5.85 -40.65 -48.61
N THR JA 277 6.60 -39.55 -48.59
CA THR JA 277 6.81 -38.85 -47.34
C THR JA 277 5.58 -38.00 -47.03
N GLY JA 278 5.58 -37.41 -45.83
CA GLY JA 278 4.53 -36.50 -45.41
C GLY JA 278 4.36 -35.30 -46.33
N PRO JA 279 5.45 -34.53 -46.54
CA PRO JA 279 5.40 -33.46 -47.55
C PRO JA 279 5.05 -33.97 -48.94
N GLU JA 280 5.55 -35.14 -49.32
CA GLU JA 280 5.24 -35.72 -50.61
C GLU JA 280 3.74 -36.00 -50.74
N ALA JA 281 3.13 -36.54 -49.69
CA ALA JA 281 1.71 -36.84 -49.72
C ALA JA 281 0.87 -35.57 -49.77
N SER JA 282 1.29 -34.53 -49.04
CA SER JA 282 0.54 -33.27 -49.06
C SER JA 282 0.59 -32.62 -50.45
N GLN JA 283 1.79 -32.55 -51.04
CA GLN JA 283 1.88 -31.98 -52.38
C GLN JA 283 1.24 -32.90 -53.43
N SER JA 284 1.16 -34.21 -53.15
CA SER JA 284 0.45 -35.11 -54.05
C SER JA 284 -1.04 -34.81 -54.04
N GLN JA 285 -1.60 -34.55 -52.86
CA GLN JA 285 -3.01 -34.18 -52.77
C GLN JA 285 -3.26 -32.88 -53.52
N ALA JA 286 -2.40 -31.88 -53.32
CA ALA JA 286 -2.57 -30.60 -54.00
C ALA JA 286 -2.43 -30.74 -55.52
N PHE JA 287 -1.42 -31.49 -55.98
CA PHE JA 287 -1.17 -31.66 -57.40
C PHE JA 287 -2.28 -32.45 -58.08
N THR JA 288 -2.74 -33.53 -57.44
CA THR JA 288 -3.82 -34.32 -58.02
C THR JA 288 -5.09 -33.49 -58.12
N PHE JA 289 -5.41 -32.73 -57.06
CA PHE JA 289 -6.60 -31.88 -57.09
C PHE JA 289 -6.51 -30.81 -58.17
N LEU JA 290 -5.31 -30.25 -58.37
CA LEU JA 290 -5.11 -29.29 -59.46
C LEU JA 290 -5.30 -29.95 -60.81
N VAL JA 291 -4.89 -31.22 -60.94
CA VAL JA 291 -5.08 -31.94 -62.20
C VAL JA 291 -6.56 -32.15 -62.48
N ARG JA 292 -7.33 -32.52 -61.45
CA ARG JA 292 -8.79 -32.66 -61.62
C ARG JA 292 -9.42 -31.33 -61.98
N ASP JA 293 -8.94 -30.24 -61.39
CA ASP JA 293 -9.49 -28.92 -61.67
C ASP JA 293 -9.21 -28.48 -63.11
N GLN JA 294 -7.99 -28.75 -63.59
CA GLN JA 294 -7.63 -28.37 -64.96
C GLN JA 294 -8.38 -29.21 -65.98
N ARG JA 295 -8.59 -30.50 -65.67
CA ARG JA 295 -9.31 -31.37 -66.58
C ARG JA 295 -10.78 -30.96 -66.71
N LEU JA 296 -11.45 -30.77 -65.57
CA LEU JA 296 -12.87 -30.45 -65.56
C LEU JA 296 -13.05 -28.93 -65.55
N GLY JA 297 -12.62 -28.32 -66.65
CA GLY JA 297 -12.71 -26.89 -66.82
C GLY JA 297 -11.74 -26.11 -65.95
N LEU JA 309 -3.62 -21.23 -62.02
CA LEU JA 309 -4.83 -21.16 -61.22
C LEU JA 309 -4.52 -20.73 -59.80
N GLY JA 310 -4.95 -19.52 -59.44
CA GLY JA 310 -4.63 -18.95 -58.15
C GLY JA 310 -5.37 -19.57 -56.99
N LYS JA 311 -6.42 -20.36 -57.26
CA LYS JA 311 -7.15 -21.01 -56.18
C LYS JA 311 -6.33 -22.16 -55.59
N TYR JA 312 -5.45 -22.75 -56.40
CA TYR JA 312 -4.65 -23.89 -55.98
C TYR JA 312 -3.17 -23.57 -55.88
N LEU JA 313 -2.72 -22.45 -56.44
CA LEU JA 313 -1.32 -22.07 -56.43
C LEU JA 313 -1.17 -20.66 -55.87
N MET JA 314 0.06 -20.30 -55.51
CA MET JA 314 0.34 -18.99 -54.98
C MET JA 314 1.75 -18.58 -55.37
N ARG JA 315 2.00 -17.28 -55.29
CA ARG JA 315 3.27 -16.67 -55.69
C ARG JA 315 4.16 -16.59 -54.46
N SER JA 316 5.21 -17.41 -54.43
CA SER JA 316 6.18 -17.32 -53.34
C SER JA 316 6.99 -16.04 -53.49
N PRO JA 317 7.39 -15.40 -52.38
CA PRO JA 317 8.18 -14.16 -52.49
C PRO JA 317 9.57 -14.36 -53.09
N SER JA 318 10.08 -15.58 -53.18
CA SER JA 318 11.41 -15.86 -53.73
C SER JA 318 11.38 -16.14 -55.23
N GLY JA 319 10.38 -15.66 -55.93
CA GLY JA 319 10.25 -15.92 -57.36
C GLY JA 319 9.93 -17.36 -57.68
N GLU JA 320 9.05 -17.99 -56.89
CA GLU JA 320 8.76 -19.40 -57.03
C GLU JA 320 7.25 -19.62 -57.18
N ILE JA 321 6.89 -20.64 -57.95
CA ILE JA 321 5.50 -21.06 -58.10
C ILE JA 321 5.35 -22.36 -57.32
N ILE JA 322 4.57 -22.34 -56.24
CA ILE JA 322 4.35 -23.53 -55.43
C ILE JA 322 2.87 -23.62 -55.06
N PHE JA 323 2.47 -24.82 -54.63
CA PHE JA 323 1.09 -25.07 -54.25
C PHE JA 323 0.71 -24.28 -53.00
N GLY JA 324 -0.49 -23.71 -53.02
CA GLY JA 324 -0.97 -22.90 -51.91
C GLY JA 324 -1.71 -23.71 -50.88
N GLY JA 325 -2.32 -22.99 -49.93
CA GLY JA 325 -3.03 -23.64 -48.85
C GLY JA 325 -2.10 -24.04 -47.71
N GLU JA 326 -2.47 -25.13 -47.04
CA GLU JA 326 -1.65 -25.62 -45.92
C GLU JA 326 -0.38 -26.31 -46.39
N THR JA 327 -0.33 -26.76 -47.64
CA THR JA 327 0.84 -27.46 -48.13
C THR JA 327 1.95 -26.52 -48.58
N MET JA 328 1.76 -25.21 -48.42
CA MET JA 328 2.81 -24.25 -48.80
C MET JA 328 4.04 -24.34 -47.91
N ARG JA 329 3.93 -24.97 -46.74
CA ARG JA 329 5.09 -25.19 -45.89
C ARG JA 329 5.98 -26.31 -46.41
N PHE JA 330 5.48 -27.12 -47.34
CA PHE JA 330 6.24 -28.22 -47.93
C PHE JA 330 6.74 -27.86 -49.33
N TRP JA 331 7.05 -26.59 -49.56
CA TRP JA 331 7.44 -26.12 -50.89
C TRP JA 331 8.83 -26.58 -51.28
N ASP JA 332 9.60 -27.16 -50.36
CA ASP JA 332 10.92 -27.70 -50.68
C ASP JA 332 10.89 -29.18 -51.05
N MET JA 333 9.70 -29.78 -51.15
CA MET JA 333 9.60 -31.18 -51.48
C MET JA 333 9.97 -31.40 -52.95
N ARG JA 334 10.87 -32.34 -53.19
CA ARG JA 334 11.28 -32.72 -54.54
C ARG JA 334 10.88 -34.16 -54.79
N ALA JA 335 10.13 -34.39 -55.85
CA ALA JA 335 9.65 -35.72 -56.20
C ALA JA 335 9.96 -36.01 -57.66
N PRO JA 336 10.18 -37.28 -58.02
CA PRO JA 336 10.44 -37.61 -59.42
C PRO JA 336 9.26 -37.36 -60.35
N TRP JA 337 8.05 -37.23 -59.81
CA TRP JA 337 6.87 -36.97 -60.62
C TRP JA 337 6.45 -35.51 -60.61
N VAL JA 338 7.22 -34.63 -59.98
CA VAL JA 338 7.01 -33.19 -60.04
C VAL JA 338 8.04 -32.51 -60.92
N GLU JA 339 9.30 -32.97 -60.83
CA GLU JA 339 10.42 -32.41 -61.57
C GLU JA 339 10.23 -32.30 -63.09
N PRO JA 340 9.62 -33.27 -63.80
CA PRO JA 340 9.32 -33.02 -65.22
C PRO JA 340 8.37 -31.86 -65.48
N LEU JA 341 7.56 -31.48 -64.49
CA LEU JA 341 6.71 -30.31 -64.61
C LEU JA 341 7.27 -29.09 -63.89
N ARG JA 342 8.49 -29.18 -63.37
CA ARG JA 342 9.14 -28.09 -62.65
C ARG JA 342 10.27 -27.55 -63.52
N GLY JA 343 10.22 -26.25 -63.84
CA GLY JA 343 11.22 -25.63 -64.66
C GLY JA 343 12.22 -24.83 -63.85
N PRO JA 344 12.61 -23.66 -64.36
CA PRO JA 344 13.60 -22.85 -63.65
C PRO JA 344 13.03 -22.06 -62.48
N ASN JA 345 11.80 -21.57 -62.61
CA ASN JA 345 11.18 -20.74 -61.59
C ASN JA 345 10.20 -21.52 -60.73
N GLY JA 346 10.15 -22.84 -60.87
CA GLY JA 346 9.21 -23.65 -60.13
C GLY JA 346 8.22 -24.34 -61.03
N LEU JA 347 6.95 -24.40 -60.62
CA LEU JA 347 5.94 -25.08 -61.39
C LEU JA 347 5.53 -24.21 -62.58
N ASP JA 348 5.93 -24.62 -63.78
CA ASP JA 348 5.56 -23.88 -64.98
C ASP JA 348 4.14 -24.26 -65.40
N LEU JA 349 3.31 -23.24 -65.61
CA LEU JA 349 1.90 -23.46 -65.94
C LEU JA 349 1.76 -24.14 -67.30
N ASN JA 350 2.58 -23.73 -68.28
CA ASN JA 350 2.57 -24.38 -69.58
C ASN JA 350 3.03 -25.83 -69.50
N LYS JA 351 4.02 -26.09 -68.64
CA LYS JA 351 4.47 -27.46 -68.42
C LYS JA 351 3.41 -28.28 -67.70
N ILE JA 352 2.62 -27.62 -66.83
CA ILE JA 352 1.54 -28.31 -66.13
C ILE JA 352 0.44 -28.70 -67.10
N ARG JA 353 0.03 -27.76 -67.96
CA ARG JA 353 -1.10 -28.01 -68.85
C ARG JA 353 -0.75 -28.91 -70.03
N ASN JA 354 0.51 -28.98 -70.43
CA ASN JA 354 0.90 -29.70 -71.65
C ASN JA 354 1.79 -30.91 -71.39
N ASP JA 355 2.85 -30.74 -70.60
CA ASP JA 355 3.82 -31.81 -70.39
C ASP JA 355 3.36 -32.84 -69.36
N ILE JA 356 2.14 -32.74 -68.86
CA ILE JA 356 1.62 -33.72 -67.90
C ILE JA 356 1.50 -35.08 -68.56
N GLN JA 357 1.96 -36.11 -67.86
CA GLN JA 357 2.01 -37.46 -68.38
C GLN JA 357 1.15 -38.38 -67.52
N PRO JA 358 0.54 -39.42 -68.10
CA PRO JA 358 -0.26 -40.36 -67.29
C PRO JA 358 0.50 -41.06 -66.18
N TRP JA 359 1.81 -41.25 -66.31
CA TRP JA 359 2.55 -41.90 -65.23
C TRP JA 359 2.70 -40.98 -64.03
N GLN JA 360 2.75 -39.66 -64.24
CA GLN JA 360 2.90 -38.72 -63.13
C GLN JA 360 1.62 -38.53 -62.34
N GLU JA 361 0.46 -38.71 -62.96
CA GLU JA 361 -0.80 -38.45 -62.26
C GLU JA 361 -1.28 -39.65 -61.45
N ARG JA 362 -0.90 -40.87 -61.84
CA ARG JA 362 -1.28 -42.04 -61.04
C ARG JA 362 -0.53 -42.10 -59.73
N ARG JA 363 0.75 -41.70 -59.74
CA ARG JA 363 1.56 -41.71 -58.51
C ARG JA 363 0.98 -40.78 -57.47
N ALA JA 364 0.62 -39.56 -57.88
CA ALA JA 364 0.07 -38.59 -56.95
C ALA JA 364 -1.35 -38.96 -56.54
N ALA JA 365 -2.08 -39.65 -57.41
CA ALA JA 365 -3.41 -40.14 -57.04
C ALA JA 365 -3.30 -41.26 -56.01
N GLU JA 366 -2.22 -42.03 -56.06
CA GLU JA 366 -2.00 -43.07 -55.07
C GLU JA 366 -1.52 -42.49 -53.74
N TYR JA 367 -0.66 -41.46 -53.80
CA TYR JA 367 -0.05 -40.94 -52.59
C TYR JA 367 -1.02 -40.12 -51.75
N MET JA 368 -2.02 -39.49 -52.39
CA MET JA 368 -2.94 -38.63 -51.65
C MET JA 368 -3.82 -39.43 -50.68
N THR JA 369 -4.16 -40.67 -51.02
CA THR JA 369 -4.95 -41.50 -50.13
C THR JA 369 -4.11 -42.39 -49.24
N HIS JA 370 -2.78 -42.23 -49.29
CA HIS JA 370 -1.89 -42.97 -48.40
C HIS JA 370 -0.98 -41.99 -47.65
N ALA JA 371 -1.57 -40.93 -47.12
CA ALA JA 371 -0.81 -39.90 -46.42
C ALA JA 371 -0.28 -40.40 -45.07
N ASN JA 390 -6.25 -45.83 -39.59
CA ASN JA 390 -5.51 -46.86 -38.87
C ASN JA 390 -4.25 -47.25 -39.62
N TYR JA 391 -4.04 -46.63 -40.78
CA TYR JA 391 -2.86 -46.92 -41.58
C TYR JA 391 -1.65 -46.18 -41.04
N VAL JA 392 -0.58 -46.92 -40.78
CA VAL JA 392 0.71 -46.35 -40.40
C VAL JA 392 1.71 -46.74 -41.48
N SER JA 393 2.31 -45.75 -42.11
CA SER JA 393 3.26 -46.01 -43.18
C SER JA 393 4.54 -46.61 -42.61
N PRO JA 394 5.26 -47.43 -43.41
CA PRO JA 394 6.56 -47.94 -42.94
C PRO JA 394 7.58 -46.85 -42.69
N ARG JA 395 7.45 -45.70 -43.36
CA ARG JA 395 8.26 -44.54 -43.04
C ARG JA 395 8.04 -44.09 -41.61
N SER JA 396 6.76 -44.05 -41.18
CA SER JA 396 6.44 -43.66 -39.82
C SER JA 396 6.99 -44.66 -38.80
N TRP JA 397 6.86 -45.96 -39.10
CA TRP JA 397 7.37 -46.99 -38.20
C TRP JA 397 8.88 -46.89 -38.04
N LEU JA 398 9.60 -46.75 -39.17
CA LEU JA 398 11.05 -46.65 -39.13
C LEU JA 398 11.50 -45.39 -38.39
N THR JA 399 10.86 -44.27 -38.70
CA THR JA 399 11.20 -42.99 -38.07
C THR JA 399 10.99 -43.04 -36.56
N THR JA 400 9.80 -43.46 -36.13
CA THR JA 400 9.48 -43.48 -34.70
C THR JA 400 10.35 -44.47 -33.94
N SER JA 401 10.54 -45.68 -34.49
CA SER JA 401 11.31 -46.70 -33.79
C SER JA 401 12.78 -46.30 -33.67
N HIS JA 402 13.40 -45.87 -34.77
CA HIS JA 402 14.80 -45.53 -34.70
C HIS JA 402 15.03 -44.22 -33.97
N PHE JA 403 14.03 -43.32 -33.92
CA PHE JA 403 14.16 -42.14 -33.08
C PHE JA 403 14.14 -42.51 -31.61
N PHE JA 404 13.22 -43.41 -31.22
CA PHE JA 404 13.14 -43.90 -29.85
C PHE JA 404 14.48 -44.52 -29.43
N LEU JA 405 15.03 -45.36 -30.31
CA LEU JA 405 16.30 -46.02 -30.03
C LEU JA 405 17.43 -45.01 -29.95
N GLY JA 406 17.45 -44.00 -30.83
CA GLY JA 406 18.49 -42.99 -30.79
C GLY JA 406 18.47 -42.17 -29.52
N PHE JA 407 17.28 -41.76 -29.07
CA PHE JA 407 17.19 -41.00 -27.83
C PHE JA 407 17.65 -41.83 -26.63
N PHE JA 408 17.19 -43.08 -26.55
CA PHE JA 408 17.57 -43.86 -25.39
C PHE JA 408 19.04 -44.27 -25.43
N LEU JA 409 19.63 -44.34 -26.63
CA LEU JA 409 21.07 -44.56 -26.71
C LEU JA 409 21.84 -43.31 -26.31
N TRP JA 410 21.28 -42.12 -26.53
CA TRP JA 410 21.90 -40.91 -25.98
C TRP JA 410 21.86 -40.91 -24.46
N VAL JA 411 20.73 -41.37 -23.89
CA VAL JA 411 20.62 -41.52 -22.44
C VAL JA 411 21.65 -42.51 -21.92
N GLY JA 412 21.82 -43.62 -22.64
CA GLY JA 412 22.84 -44.59 -22.28
C GLY JA 412 24.25 -44.05 -22.40
N HIS JA 413 24.48 -43.15 -23.36
CA HIS JA 413 25.76 -42.48 -23.46
C HIS JA 413 26.02 -41.62 -22.23
N LEU JA 414 25.00 -40.89 -21.79
CA LEU JA 414 25.13 -40.08 -20.59
C LEU JA 414 25.48 -40.94 -19.38
N TRP JA 415 24.75 -42.06 -19.21
CA TRP JA 415 24.99 -42.95 -18.08
C TRP JA 415 26.39 -43.55 -18.11
N HIS JA 416 26.77 -44.13 -19.25
CA HIS JA 416 28.04 -44.85 -19.32
C HIS JA 416 29.23 -43.90 -19.34
N ALA JA 417 29.07 -42.70 -19.92
CA ALA JA 417 30.15 -41.71 -19.90
C ALA JA 417 30.39 -41.20 -18.49
N GLY JA 418 29.31 -40.88 -17.76
CA GLY JA 418 29.47 -40.48 -16.38
C GLY JA 418 30.09 -41.57 -15.53
N ARG JA 419 29.60 -42.82 -15.68
CA ARG JA 419 30.12 -43.90 -14.87
C ARG JA 419 31.57 -44.21 -15.20
N ALA JA 420 31.95 -44.14 -16.48
CA ALA JA 420 33.33 -44.39 -16.87
C ALA JA 420 34.27 -43.34 -16.30
N ARG JA 421 33.88 -42.05 -16.40
CA ARG JA 421 34.70 -40.99 -15.85
C ARG JA 421 34.83 -41.10 -14.33
N ALA JA 422 33.72 -41.39 -13.65
CA ALA JA 422 33.74 -41.48 -12.19
C ALA JA 422 34.48 -42.73 -11.71
N ALA JA 423 34.41 -43.82 -12.47
CA ALA JA 423 35.12 -45.04 -12.08
C ALA JA 423 36.61 -44.91 -12.36
N ALA JA 424 36.97 -44.20 -13.43
CA ALA JA 424 38.38 -43.92 -13.69
C ALA JA 424 38.96 -43.03 -12.60
N ALA JA 425 38.22 -42.00 -12.19
CA ALA JA 425 38.70 -41.13 -11.12
C ALA JA 425 38.69 -41.83 -9.77
N GLY JA 426 37.75 -42.73 -9.55
CA GLY JA 426 37.75 -43.58 -8.38
C GLY JA 426 36.68 -43.35 -7.33
N PHE JA 427 35.65 -42.54 -7.63
CA PHE JA 427 34.59 -42.30 -6.66
C PHE JA 427 33.22 -42.71 -7.20
N GLU JA 428 33.18 -43.74 -8.04
CA GLU JA 428 31.90 -44.25 -8.54
C GLU JA 428 31.17 -45.12 -7.55
N LYS JA 429 31.84 -45.57 -6.48
CA LYS JA 429 31.22 -46.34 -5.41
C LYS JA 429 30.67 -45.47 -4.30
N GLY JA 430 30.88 -44.16 -4.34
CA GLY JA 430 30.40 -43.26 -3.32
C GLY JA 430 31.51 -42.36 -2.79
N ILE JA 431 31.09 -41.43 -1.93
CA ILE JA 431 32.00 -40.46 -1.35
C ILE JA 431 32.68 -41.08 -0.13
N ASN JA 432 34.00 -40.95 -0.05
CA ASN JA 432 34.74 -41.42 1.11
C ASN JA 432 34.39 -40.56 2.31
N ARG JA 433 33.95 -41.20 3.40
CA ARG JA 433 33.52 -40.45 4.58
C ARG JA 433 34.71 -39.81 5.29
N GLU JA 434 35.90 -40.40 5.15
CA GLU JA 434 37.07 -39.87 5.83
C GLU JA 434 37.58 -38.61 5.13
N ASN JA 435 37.92 -38.72 3.84
CA ASN JA 435 38.36 -37.58 3.04
C ASN JA 435 37.22 -37.19 2.12
N GLU JA 436 36.28 -36.41 2.66
CA GLU JA 436 35.21 -35.86 1.84
C GLU JA 436 35.74 -34.61 1.13
N PRO JA 437 35.68 -34.56 -0.21
CA PRO JA 437 36.28 -33.42 -0.94
C PRO JA 437 35.67 -32.07 -0.61
N VAL JA 438 34.35 -32.02 -0.36
CA VAL JA 438 33.67 -30.76 -0.12
C VAL JA 438 34.10 -30.13 1.20
N LEU JA 439 34.36 -30.97 2.21
CA LEU JA 439 34.76 -30.47 3.52
C LEU JA 439 36.11 -29.75 3.51
N SER JA 440 36.94 -30.00 2.49
CA SER JA 440 38.24 -29.35 2.38
C SER JA 440 38.20 -28.06 1.57
N MET JA 441 37.06 -27.70 0.99
CA MET JA 441 36.97 -26.49 0.20
C MET JA 441 36.55 -25.30 1.06
N ARG JA 442 36.79 -24.11 0.54
CA ARG JA 442 36.38 -22.89 1.21
C ARG JA 442 34.85 -22.75 1.15
N PRO JA 443 34.25 -22.06 2.12
CA PRO JA 443 32.82 -21.79 2.04
C PRO JA 443 32.47 -20.95 0.81
N LEU JA 444 31.29 -21.22 0.24
CA LEU JA 444 30.88 -20.56 -0.98
C LEU JA 444 30.63 -19.07 -0.76
N ASP JA 445 30.06 -18.72 0.39
CA ASP JA 445 29.80 -17.32 0.72
C ASP JA 445 29.82 -17.09 2.21
N GLY KA 69 -29.65 10.38 71.27
CA GLY KA 69 -29.48 11.44 70.31
C GLY KA 69 -30.75 11.78 69.55
N LYS KA 70 -31.51 10.74 69.19
CA LYS KA 70 -32.75 10.96 68.47
C LYS KA 70 -33.83 11.54 69.37
N TYR KA 71 -33.71 11.32 70.69
CA TYR KA 71 -34.70 11.85 71.63
C TYR KA 71 -34.56 13.35 71.78
N ARG KA 72 -33.32 13.85 71.77
CA ARG KA 72 -33.08 15.28 71.87
C ARG KA 72 -33.66 16.03 70.67
N ARG KA 73 -33.51 15.44 69.48
CA ARG KA 73 -34.11 16.02 68.28
C ARG KA 73 -35.63 15.98 68.36
N PHE KA 74 -36.18 14.84 68.81
CA PHE KA 74 -37.63 14.68 68.87
C PHE KA 74 -38.27 15.56 69.94
N GLN KA 75 -37.55 15.82 71.03
CA GLN KA 75 -38.08 16.64 72.11
C GLN KA 75 -38.30 18.08 71.65
N GLU KA 76 -37.28 18.66 71.03
CA GLU KA 76 -37.40 20.03 70.53
C GLU KA 76 -38.29 20.09 69.30
N MET KA 77 -38.42 18.98 68.59
CA MET KA 77 -39.30 18.94 67.44
C MET KA 77 -40.76 19.01 67.87
N GLU KA 78 -41.10 18.30 68.95
CA GLU KA 78 -42.49 18.22 69.39
C GLU KA 78 -42.96 19.53 70.00
N ILE KA 79 -42.12 20.16 70.82
CA ILE KA 79 -42.54 21.39 71.49
C ILE KA 79 -42.65 22.54 70.49
N LYS KA 80 -41.74 22.60 69.52
CA LYS KA 80 -41.75 23.73 68.59
C LYS KA 80 -42.82 23.55 67.52
N HIS KA 81 -43.05 22.31 67.07
CA HIS KA 81 -44.18 22.04 66.18
C HIS KA 81 -45.49 22.38 66.87
N GLY KA 82 -45.58 22.04 68.16
CA GLY KA 82 -46.76 22.42 68.92
C GLY KA 82 -46.89 23.92 69.09
N ARG KA 83 -45.77 24.60 69.42
CA ARG KA 83 -45.79 26.03 69.70
C ARG KA 83 -46.23 26.84 68.49
N ILE KA 84 -45.80 26.44 67.30
CA ILE KA 84 -46.31 27.07 66.08
C ILE KA 84 -47.80 26.75 65.91
N ALA KA 85 -48.18 25.52 66.25
CA ALA KA 85 -49.57 25.09 66.08
C ALA KA 85 -50.51 25.75 67.09
N MET KA 86 -50.00 26.14 68.27
CA MET KA 86 -50.82 26.91 69.20
C MET KA 86 -51.23 28.25 68.61
N LEU KA 87 -50.24 29.01 68.15
CA LEU KA 87 -50.48 30.38 67.68
C LEU KA 87 -51.36 30.38 66.43
N ALA KA 88 -51.32 29.29 65.67
CA ALA KA 88 -52.23 29.15 64.55
C ALA KA 88 -53.68 28.98 65.03
N THR KA 89 -53.89 28.24 66.11
CA THR KA 89 -55.24 28.02 66.63
C THR KA 89 -55.83 29.32 67.18
N LEU KA 90 -55.02 30.09 67.92
CA LEU KA 90 -55.48 31.37 68.44
C LEU KA 90 -55.73 32.38 67.32
N HIS KA 91 -55.03 32.24 66.20
CA HIS KA 91 -55.27 33.14 65.06
C HIS KA 91 -56.65 32.90 64.45
N VAL KA 92 -56.97 31.63 64.17
CA VAL KA 92 -58.24 31.31 63.53
C VAL KA 92 -59.40 31.42 64.52
N PHE KA 93 -59.11 31.47 65.82
CA PHE KA 93 -60.18 31.63 66.80
C PHE KA 93 -60.54 33.10 67.00
N ILE KA 94 -59.53 33.99 66.97
CA ILE KA 94 -59.80 35.41 67.13
C ILE KA 94 -60.28 36.06 65.84
N THR KA 95 -60.11 35.38 64.69
CA THR KA 95 -60.57 35.90 63.41
C THR KA 95 -61.86 35.18 63.03
N GLY KA 96 -62.96 35.69 63.57
CA GLY KA 96 -64.28 35.13 63.31
C GLY KA 96 -65.41 36.05 63.71
N THR KA 122 -58.59 29.65 57.43
CA THR KA 122 -57.18 29.30 57.34
C THR KA 122 -56.66 29.44 55.92
N LEU KA 123 -57.13 28.58 55.02
CA LEU KA 123 -56.72 28.65 53.63
C LEU KA 123 -57.27 29.89 52.94
N ALA KA 124 -58.39 30.41 53.44
CA ALA KA 124 -58.94 31.66 52.91
C ALA KA 124 -57.99 32.82 53.18
N SER KA 125 -57.43 32.88 54.39
CA SER KA 125 -56.45 33.90 54.71
C SER KA 125 -55.11 33.62 54.04
N TRP KA 126 -54.86 32.35 53.69
CA TRP KA 126 -53.62 32.00 53.01
C TRP KA 126 -53.57 32.59 51.61
N ALA KA 127 -54.72 32.64 50.93
CA ALA KA 127 -54.80 33.18 49.58
C ALA KA 127 -55.11 34.67 49.55
N ALA KA 128 -55.87 35.17 50.54
CA ALA KA 128 -56.22 36.59 50.57
C ALA KA 128 -55.01 37.45 50.88
N LEU KA 129 -54.11 36.95 51.71
CA LEU KA 129 -52.89 37.66 52.04
C LEU KA 129 -51.99 37.75 50.81
N PRO KA 130 -51.40 38.91 50.51
CA PRO KA 130 -50.41 38.99 49.44
C PRO KA 130 -49.20 38.13 49.73
N GLN KA 131 -48.61 37.59 48.66
CA GLN KA 131 -47.46 36.70 48.82
C GLN KA 131 -46.22 37.43 49.30
N ALA KA 132 -46.19 38.76 49.18
CA ALA KA 132 -45.13 39.54 49.80
C ALA KA 132 -45.21 39.45 51.31
N GLY KA 133 -46.42 39.43 51.86
CA GLY KA 133 -46.60 39.28 53.30
C GLY KA 133 -46.20 37.90 53.80
N TRP KA 134 -46.52 36.86 53.02
CA TRP KA 134 -46.12 35.50 53.40
C TRP KA 134 -44.61 35.35 53.36
N ALA KA 135 -43.96 35.93 52.34
CA ALA KA 135 -42.50 35.98 52.33
C ALA KA 135 -41.98 36.86 53.46
N GLN KA 136 -42.75 37.87 53.87
CA GLN KA 136 -42.34 38.69 55.00
C GLN KA 136 -42.41 37.88 56.30
N ILE KA 137 -43.42 37.03 56.43
CA ILE KA 137 -43.59 36.20 57.62
C ILE KA 137 -42.53 35.11 57.67
N VAL KA 138 -42.27 34.47 56.53
CA VAL KA 138 -41.29 33.38 56.45
C VAL KA 138 -39.90 33.90 56.77
N ALA KA 139 -39.61 35.15 56.40
CA ALA KA 139 -38.31 35.74 56.68
C ALA KA 139 -38.09 35.94 58.19
N VAL KA 140 -39.06 36.56 58.87
CA VAL KA 140 -38.87 36.93 60.27
C VAL KA 140 -38.87 35.68 61.15
N VAL KA 141 -39.53 34.61 60.72
CA VAL KA 141 -39.48 33.35 61.46
C VAL KA 141 -38.09 32.73 61.34
N ALA KA 142 -37.51 32.80 60.14
CA ALA KA 142 -36.19 32.21 59.89
C ALA KA 142 -35.09 32.89 60.69
N ILE KA 143 -35.15 34.22 60.79
CA ILE KA 143 -34.16 34.93 61.60
C ILE KA 143 -34.35 34.60 63.08
N LEU KA 144 -35.61 34.46 63.50
CA LEU KA 144 -35.90 34.12 64.89
C LEU KA 144 -35.48 32.68 65.20
N ASP KA 145 -35.78 31.74 64.30
CA ASP KA 145 -35.51 30.33 64.55
C ASP KA 145 -34.01 30.03 64.57
N ASN KA 146 -33.20 30.85 63.92
CA ASN KA 146 -31.76 30.62 63.84
C ASN KA 146 -30.92 31.54 64.71
N SER KA 147 -31.39 32.74 65.04
CA SER KA 147 -30.53 33.66 65.78
C SER KA 147 -31.04 34.03 67.16
N LEU KA 148 -32.25 34.61 67.25
CA LEU KA 148 -32.70 35.15 68.53
C LEU KA 148 -33.42 34.12 69.39
N PHE KA 149 -34.05 33.13 68.77
CA PHE KA 149 -34.77 32.09 69.49
C PHE KA 149 -34.19 30.73 69.16
N ALA KA 150 -32.89 30.66 68.93
CA ALA KA 150 -32.19 29.42 68.64
C ALA KA 150 -31.77 28.76 69.94
N GLN KA 151 -32.03 27.46 70.05
CA GLN KA 151 -31.74 26.73 71.29
C GLN KA 151 -30.24 26.49 71.43
N ASP KA 152 -29.70 26.79 72.60
CA ASP KA 152 -28.34 26.42 72.93
C ASP KA 152 -28.29 24.91 73.15
N PRO KA 153 -27.33 24.20 72.53
CA PRO KA 153 -27.29 22.73 72.68
C PRO KA 153 -27.09 22.23 74.11
N ASN KA 154 -26.39 22.99 74.94
CA ASN KA 154 -26.16 22.59 76.31
C ASN KA 154 -26.99 23.44 77.28
N PRO KA 172 -40.24 25.39 91.85
CA PRO KA 172 -39.86 24.65 90.65
C PRO KA 172 -40.85 23.53 90.31
N LYS KA 173 -41.73 23.20 91.26
CA LYS KA 173 -42.76 22.21 90.98
C LYS KA 173 -43.87 22.80 90.11
N VAL KA 174 -44.02 24.13 90.14
CA VAL KA 174 -45.01 24.79 89.30
C VAL KA 174 -44.59 24.76 87.84
N LYS KA 175 -43.29 24.97 87.59
CA LYS KA 175 -42.83 25.08 86.20
C LYS KA 175 -42.74 23.72 85.52
N GLU KA 176 -42.46 22.66 86.28
CA GLU KA 176 -42.32 21.33 85.67
C GLU KA 176 -43.66 20.78 85.21
N TYR KA 177 -44.74 21.17 85.89
CA TYR KA 177 -46.07 20.79 85.45
C TYR KA 177 -46.58 21.70 84.35
N LYS KA 178 -46.14 22.97 84.35
CA LYS KA 178 -46.62 23.91 83.33
C LYS KA 178 -46.08 23.56 81.95
N LEU KA 179 -44.84 23.06 81.87
CA LEU KA 179 -44.31 22.62 80.59
C LEU KA 179 -45.02 21.35 80.12
N ASN KA 180 -45.39 20.47 81.07
CA ASN KA 180 -46.17 19.30 80.72
C ASN KA 180 -47.57 19.68 80.27
N ILE KA 181 -48.13 20.73 80.88
CA ILE KA 181 -49.39 21.29 80.39
C ILE KA 181 -49.21 21.88 79.00
N GLU KA 182 -48.09 22.59 78.80
CA GLU KA 182 -47.78 23.15 77.48
C GLU KA 182 -47.56 22.05 76.45
N ARG KA 183 -46.86 20.98 76.83
CA ARG KA 183 -46.64 19.86 75.91
C ARG KA 183 -47.96 19.17 75.58
N ASN KA 184 -48.82 18.99 76.58
CA ASN KA 184 -50.12 18.36 76.34
C ASN KA 184 -51.02 19.27 75.50
N ASN KA 185 -51.00 20.58 75.77
CA ASN KA 185 -51.83 21.49 74.98
C ASN KA 185 -51.26 21.68 73.59
N GLY KA 186 -49.95 21.46 73.43
CA GLY KA 186 -49.35 21.51 72.11
C GLY KA 186 -49.74 20.31 71.26
N ARG KA 187 -49.92 19.15 71.89
CA ARG KA 187 -50.33 17.95 71.17
C ARG KA 187 -51.75 18.09 70.65
N ALA KA 188 -52.62 18.73 71.43
CA ALA KA 188 -53.99 18.94 70.98
C ALA KA 188 -54.06 20.00 69.89
N ALA KA 189 -53.25 21.06 70.01
CA ALA KA 189 -53.26 22.14 69.02
C ALA KA 189 -52.70 21.68 67.68
N MET KA 190 -51.75 20.74 67.72
CA MET KA 190 -51.19 20.14 66.52
C MET KA 190 -52.22 19.27 65.80
N MET KA 191 -52.98 18.47 66.54
CA MET KA 191 -54.01 17.63 65.93
C MET KA 191 -55.13 18.46 65.32
N GLY KA 192 -55.49 19.56 65.97
CA GLY KA 192 -56.59 20.38 65.47
C GLY KA 192 -56.26 21.12 64.19
N ILE KA 193 -55.03 21.61 64.06
CA ILE KA 193 -54.66 22.48 62.94
C ILE KA 193 -54.68 21.72 61.61
N ILE KA 194 -54.11 20.52 61.58
CA ILE KA 194 -54.05 19.75 60.34
C ILE KA 194 -55.46 19.32 59.91
N GLY KA 195 -56.37 19.13 60.86
CA GLY KA 195 -57.73 18.84 60.50
C GLY KA 195 -58.54 20.10 60.22
N MET KA 196 -58.11 21.23 60.78
CA MET KA 196 -58.84 22.48 60.55
C MET KA 196 -58.69 22.94 59.10
N MET KA 197 -57.50 22.77 58.52
CA MET KA 197 -57.32 23.12 57.11
C MET KA 197 -58.17 22.22 56.22
N THR KA 198 -58.28 20.95 56.59
CA THR KA 198 -59.07 20.01 55.81
C THR KA 198 -60.55 20.33 55.90
N HIS KA 199 -60.99 20.83 57.05
CA HIS KA 199 -62.38 21.25 57.20
C HIS KA 199 -62.64 22.54 56.41
N GLU KA 200 -61.61 23.38 56.26
CA GLU KA 200 -61.73 24.49 55.32
C GLU KA 200 -61.60 24.00 53.87
N TYR KA 201 -60.85 22.91 53.67
CA TYR KA 201 -60.65 22.38 52.32
C TYR KA 201 -61.94 21.77 51.76
N LEU KA 202 -62.70 21.07 52.60
CA LEU KA 202 -63.91 20.40 52.14
C LEU KA 202 -65.17 21.17 52.52
N THR KA 203 -65.37 21.40 53.81
CA THR KA 203 -66.59 22.08 54.26
C THR KA 203 -66.52 23.58 54.00
N GLY KA 204 -65.32 24.17 54.11
CA GLY KA 204 -65.15 25.58 53.88
C GLY KA 204 -65.17 26.40 55.16
N ASN KA 205 -65.92 25.93 56.14
CA ASN KA 205 -66.06 26.55 57.44
C ASN KA 205 -65.96 25.43 58.47
N PRO KA 206 -65.43 25.72 59.69
CA PRO KA 206 -65.40 24.69 60.74
C PRO KA 206 -66.78 24.17 61.10
N LEU KA 207 -67.04 22.90 60.78
CA LEU KA 207 -68.36 22.32 60.96
C LEU KA 207 -68.67 22.08 62.43
N TYR KA 208 -69.33 23.04 63.06
CA TYR KA 208 -69.70 22.94 64.46
C TYR KA 208 -70.84 21.94 64.65
N GLY LA 69 67.97 -27.01 -28.33
CA GLY LA 69 66.54 -27.28 -28.20
C GLY LA 69 65.82 -27.26 -29.54
N LYS LA 70 65.59 -26.07 -30.08
CA LYS LA 70 64.91 -25.92 -31.36
C LYS LA 70 65.82 -26.21 -32.55
N TYR LA 71 67.12 -26.39 -32.32
CA TYR LA 71 68.03 -26.72 -33.42
C TYR LA 71 67.75 -28.12 -33.98
N ARG LA 72 67.40 -29.07 -33.09
CA ARG LA 72 67.06 -30.41 -33.54
C ARG LA 72 65.81 -30.41 -34.40
N ARG LA 73 64.83 -29.56 -34.04
CA ARG LA 73 63.62 -29.44 -34.84
C ARG LA 73 63.93 -28.86 -36.22
N PHE LA 74 64.77 -27.83 -36.28
CA PHE LA 74 65.05 -27.16 -37.55
C PHE LA 74 65.97 -28.01 -38.43
N GLN LA 75 66.76 -28.88 -37.81
CA GLN LA 75 67.66 -29.75 -38.58
C GLN LA 75 66.88 -30.77 -39.38
N GLU LA 76 65.93 -31.45 -38.72
CA GLU LA 76 65.09 -32.42 -39.42
C GLU LA 76 64.12 -31.72 -40.36
N MET LA 77 63.83 -30.45 -40.08
CA MET LA 77 62.92 -29.69 -40.92
C MET LA 77 63.59 -29.33 -42.24
N GLU LA 78 64.84 -28.89 -42.18
CA GLU LA 78 65.59 -28.50 -43.38
C GLU LA 78 65.85 -29.69 -44.28
N ILE LA 79 66.19 -30.83 -43.68
CA ILE LA 79 66.49 -32.03 -44.49
C ILE LA 79 65.22 -32.55 -45.14
N LYS LA 80 64.05 -32.28 -44.56
CA LYS LA 80 62.86 -32.93 -45.09
C LYS LA 80 62.11 -32.00 -46.01
N HIS LA 81 62.08 -30.69 -45.70
CA HIS LA 81 61.61 -29.69 -46.66
C HIS LA 81 62.42 -29.77 -47.95
N GLY LA 82 63.73 -30.04 -47.81
CA GLY LA 82 64.56 -30.31 -48.97
C GLY LA 82 64.21 -31.62 -49.66
N ARG LA 83 63.98 -32.68 -48.87
CA ARG LA 83 63.71 -33.99 -49.45
C ARG LA 83 62.39 -34.01 -50.22
N ILE LA 84 61.38 -33.30 -49.72
CA ILE LA 84 60.14 -33.12 -50.48
C ILE LA 84 60.42 -32.29 -51.73
N ALA LA 85 61.34 -31.33 -51.62
CA ALA LA 85 61.63 -30.45 -52.75
C ALA LA 85 62.43 -31.16 -53.85
N MET LA 86 63.21 -32.20 -53.50
CA MET LA 86 63.88 -33.00 -54.52
C MET LA 86 62.87 -33.66 -55.45
N LEU LA 87 61.92 -34.39 -54.85
CA LEU LA 87 61.00 -35.23 -55.60
C LEU LA 87 60.08 -34.39 -56.46
N ALA LA 88 59.80 -33.16 -56.03
CA ALA LA 88 59.02 -32.24 -56.85
C ALA LA 88 59.82 -31.78 -58.06
N THR LA 89 61.13 -31.52 -57.88
CA THR LA 89 61.96 -31.10 -59.00
C THR LA 89 62.13 -32.23 -60.02
N LEU LA 90 62.30 -33.47 -59.54
CA LEU LA 90 62.42 -34.60 -60.45
C LEU LA 90 61.11 -34.85 -61.18
N HIS LA 91 59.98 -34.51 -60.55
CA HIS LA 91 58.68 -34.67 -61.19
C HIS LA 91 58.53 -33.71 -62.37
N VAL LA 92 58.82 -32.43 -62.16
CA VAL LA 92 58.65 -31.43 -63.20
C VAL LA 92 59.68 -31.62 -64.31
N PHE LA 93 60.90 -32.02 -63.96
CA PHE LA 93 61.96 -32.17 -64.96
C PHE LA 93 61.71 -33.38 -65.86
N ILE LA 94 61.26 -34.50 -65.29
CA ILE LA 94 61.03 -35.70 -66.08
C ILE LA 94 59.84 -35.51 -67.01
N THR LA 95 58.74 -34.95 -66.50
CA THR LA 95 57.57 -34.69 -67.33
C THR LA 95 57.86 -33.57 -68.32
N GLY LA 96 57.43 -33.75 -69.56
CA GLY LA 96 57.65 -32.77 -70.60
C GLY LA 96 58.54 -33.27 -71.72
N THR LA 122 53.63 -27.43 -62.88
CA THR LA 122 53.37 -27.61 -61.46
C THR LA 122 51.90 -27.33 -61.14
N LEU LA 123 51.51 -26.06 -61.27
CA LEU LA 123 50.13 -25.67 -61.01
C LEU LA 123 49.18 -26.22 -62.06
N ALA LA 124 49.68 -26.44 -63.28
CA ALA LA 124 48.86 -27.04 -64.32
C ALA LA 124 48.50 -28.47 -63.97
N SER LA 125 49.47 -29.24 -63.48
CA SER LA 125 49.19 -30.60 -63.04
C SER LA 125 48.41 -30.62 -61.74
N TRP LA 126 48.52 -29.55 -60.94
CA TRP LA 126 47.76 -29.45 -59.70
C TRP LA 126 46.25 -29.36 -59.98
N ALA LA 127 45.88 -28.60 -61.01
CA ALA LA 127 44.46 -28.46 -61.35
C ALA LA 127 43.98 -29.63 -62.20
N ALA LA 128 44.85 -30.16 -63.06
CA ALA LA 128 44.43 -31.24 -63.97
C ALA LA 128 44.19 -32.54 -63.21
N LEU LA 129 44.95 -32.78 -62.15
CA LEU LA 129 44.77 -33.98 -61.34
C LEU LA 129 43.44 -33.90 -60.59
N PRO LA 130 42.64 -34.97 -60.57
CA PRO LA 130 41.42 -34.96 -59.76
C PRO LA 130 41.74 -34.82 -58.28
N GLN LA 131 40.84 -34.14 -57.56
CA GLN LA 131 41.05 -33.87 -56.14
C GLN LA 131 40.98 -35.15 -55.31
N ALA LA 132 40.39 -36.21 -55.83
CA ALA LA 132 40.47 -37.50 -55.17
C ALA LA 132 41.90 -38.04 -55.18
N GLY LA 133 42.62 -37.82 -56.28
CA GLY LA 133 44.02 -38.22 -56.35
C GLY LA 133 44.92 -37.42 -55.45
N TRP LA 134 44.66 -36.10 -55.32
CA TRP LA 134 45.43 -35.29 -54.38
C TRP LA 134 45.16 -35.72 -52.94
N ALA LA 135 43.92 -36.10 -52.64
CA ALA LA 135 43.60 -36.63 -51.32
C ALA LA 135 44.29 -37.96 -51.07
N GLN LA 136 44.47 -38.77 -52.11
CA GLN LA 136 45.20 -40.02 -51.97
C GLN LA 136 46.68 -39.76 -51.68
N ILE LA 137 47.26 -38.74 -52.31
CA ILE LA 137 48.65 -38.37 -52.05
C ILE LA 137 48.78 -37.84 -50.63
N VAL LA 138 47.85 -36.97 -50.22
CA VAL LA 138 47.89 -36.36 -48.90
C VAL LA 138 47.73 -37.42 -47.82
N ALA LA 139 46.88 -38.43 -48.08
CA ALA LA 139 46.68 -39.51 -47.13
C ALA LA 139 47.93 -40.36 -46.97
N VAL LA 140 48.51 -40.80 -48.09
CA VAL LA 140 49.62 -41.76 -48.03
C VAL LA 140 50.88 -41.09 -47.48
N VAL LA 141 51.02 -39.78 -47.66
CA VAL LA 141 52.14 -39.07 -47.05
C VAL LA 141 51.96 -38.98 -45.54
N ALA LA 142 50.72 -38.77 -45.09
CA ALA LA 142 50.43 -38.66 -43.66
C ALA LA 142 50.72 -39.97 -42.93
N ILE LA 143 50.34 -41.10 -43.52
CA ILE LA 143 50.70 -42.39 -42.93
C ILE LA 143 52.21 -42.59 -43.00
N LEU LA 144 52.84 -42.11 -44.08
CA LEU LA 144 54.29 -42.19 -44.20
C LEU LA 144 54.99 -41.32 -43.15
N ASP LA 145 54.55 -40.07 -43.01
CA ASP LA 145 55.24 -39.12 -42.14
C ASP LA 145 55.06 -39.47 -40.66
N ASN LA 146 53.92 -40.07 -40.30
CA ASN LA 146 53.64 -40.32 -38.89
C ASN LA 146 53.99 -41.74 -38.43
N SER LA 147 53.93 -42.72 -39.32
CA SER LA 147 54.17 -44.10 -38.89
C SER LA 147 55.40 -44.75 -39.52
N LEU LA 148 55.48 -44.80 -40.85
CA LEU LA 148 56.54 -45.57 -41.49
C LEU LA 148 57.85 -44.78 -41.53
N PHE LA 149 57.81 -43.54 -42.03
CA PHE LA 149 58.97 -42.68 -41.97
C PHE LA 149 58.91 -41.78 -40.73
N ALA LA 150 58.72 -42.43 -39.59
CA ALA LA 150 58.63 -41.74 -38.30
C ALA LA 150 60.00 -41.77 -37.65
N GLN LA 151 60.54 -40.59 -37.37
CA GLN LA 151 61.89 -40.50 -36.82
C GLN LA 151 61.87 -40.80 -35.33
N ASP LA 152 62.75 -41.69 -34.90
CA ASP LA 152 62.98 -41.93 -33.48
C ASP LA 152 63.69 -40.72 -32.87
N PRO LA 153 63.18 -40.14 -31.79
CA PRO LA 153 63.85 -38.95 -31.20
C PRO LA 153 65.26 -39.21 -30.70
N ASN LA 154 65.57 -40.44 -30.31
CA ASN LA 154 66.90 -40.78 -29.82
C ASN LA 154 67.70 -41.54 -30.87
N PRO LA 172 80.86 -43.68 -41.99
CA PRO LA 172 82.26 -43.36 -42.29
C PRO LA 172 82.45 -41.88 -42.62
N LYS LA 173 83.02 -41.61 -43.80
CA LYS LA 173 83.25 -40.23 -44.23
C LYS LA 173 82.70 -39.99 -45.62
N VAL LA 174 82.68 -41.02 -46.46
CA VAL LA 174 82.19 -40.86 -47.83
C VAL LA 174 80.67 -40.82 -47.85
N LYS LA 175 80.03 -41.37 -46.81
CA LYS LA 175 78.58 -41.26 -46.69
C LYS LA 175 78.20 -40.12 -45.76
N GLU LA 176 79.08 -39.78 -44.82
CA GLU LA 176 78.84 -38.62 -43.96
C GLU LA 176 78.87 -37.33 -44.77
N TYR LA 177 79.82 -37.21 -45.69
CA TYR LA 177 79.86 -36.05 -46.58
C TYR LA 177 78.72 -36.09 -47.58
N LYS LA 178 78.24 -37.29 -47.94
CA LYS LA 178 77.11 -37.42 -48.86
C LYS LA 178 75.83 -36.87 -48.25
N LEU LA 179 75.71 -36.91 -46.91
CA LEU LA 179 74.58 -36.27 -46.26
C LEU LA 179 74.63 -34.75 -46.42
N ASN LA 180 75.84 -34.19 -46.34
CA ASN LA 180 76.00 -32.76 -46.58
C ASN LA 180 75.76 -32.40 -48.04
N ILE LA 181 76.10 -33.32 -48.96
CA ILE LA 181 75.78 -33.12 -50.37
C ILE LA 181 74.28 -33.14 -50.58
N GLU LA 182 73.58 -34.06 -49.92
CA GLU LA 182 72.12 -34.11 -50.00
C GLU LA 182 71.48 -32.86 -49.40
N ARG LA 183 72.12 -32.27 -48.39
CA ARG LA 183 71.64 -30.99 -47.86
C ARG LA 183 71.82 -29.87 -48.89
N ASN LA 184 72.92 -29.92 -49.66
CA ASN LA 184 73.15 -28.91 -50.68
C ASN LA 184 72.20 -29.10 -51.87
N ASN LA 185 72.05 -30.34 -52.33
CA ASN LA 185 70.97 -30.66 -53.27
C ASN LA 185 69.61 -30.33 -52.68
N GLY LA 186 69.41 -30.59 -51.39
CA GLY LA 186 68.16 -30.25 -50.75
C GLY LA 186 67.95 -28.76 -50.63
N ARG LA 187 69.04 -28.00 -50.50
CA ARG LA 187 68.91 -26.55 -50.44
C ARG LA 187 68.54 -26.01 -51.81
N ALA LA 188 69.20 -26.48 -52.86
CA ALA LA 188 68.97 -25.94 -54.20
C ALA LA 188 67.56 -26.20 -54.69
N ALA LA 189 67.00 -27.38 -54.39
CA ALA LA 189 65.65 -27.69 -54.84
C ALA LA 189 64.59 -26.92 -54.04
N MET LA 190 64.97 -26.45 -52.84
CA MET LA 190 64.04 -25.77 -51.96
C MET LA 190 63.64 -24.40 -52.49
N MET LA 191 64.63 -23.59 -52.90
CA MET LA 191 64.30 -22.29 -53.52
C MET LA 191 63.79 -22.46 -54.92
N GLY LA 192 64.14 -23.58 -55.57
CA GLY LA 192 63.75 -23.78 -56.94
C GLY LA 192 62.26 -23.95 -57.13
N ILE LA 193 61.61 -24.71 -56.23
CA ILE LA 193 60.22 -25.09 -56.43
C ILE LA 193 59.30 -23.87 -56.35
N ILE LA 194 59.51 -23.03 -55.33
CA ILE LA 194 58.73 -21.80 -55.25
C ILE LA 194 59.11 -20.85 -56.37
N GLY LA 195 60.35 -20.92 -56.85
CA GLY LA 195 60.75 -20.17 -58.03
C GLY LA 195 59.99 -20.63 -59.25
N MET LA 196 59.81 -21.95 -59.38
CA MET LA 196 59.01 -22.47 -60.48
C MET LA 196 57.54 -22.13 -60.32
N MET LA 197 57.02 -22.10 -59.08
CA MET LA 197 55.59 -21.84 -58.91
C MET LA 197 55.28 -20.36 -59.09
N THR LA 198 56.30 -19.49 -58.99
CA THR LA 198 56.12 -18.13 -59.46
C THR LA 198 56.04 -18.08 -60.98
N HIS LA 199 56.83 -18.92 -61.63
CA HIS LA 199 56.96 -18.87 -63.09
C HIS LA 199 55.69 -19.39 -63.77
N GLU LA 200 55.06 -20.42 -63.20
CA GLU LA 200 53.80 -20.89 -63.75
C GLU LA 200 52.66 -19.92 -63.44
N TYR LA 201 52.79 -19.18 -62.33
CA TYR LA 201 51.74 -18.24 -61.94
C TYR LA 201 51.70 -17.03 -62.85
N LEU LA 202 52.88 -16.46 -63.14
CA LEU LA 202 52.95 -15.24 -63.96
C LEU LA 202 53.23 -15.56 -65.43
N THR LA 203 54.38 -16.21 -65.70
CA THR LA 203 54.76 -16.49 -67.09
C THR LA 203 53.92 -17.61 -67.68
N GLY LA 204 53.52 -18.58 -66.85
CA GLY LA 204 52.72 -19.69 -67.33
C GLY LA 204 53.56 -20.94 -67.57
N ASN LA 205 54.81 -20.73 -67.97
CA ASN LA 205 55.76 -21.80 -68.23
C ASN LA 205 57.13 -21.31 -67.79
N PRO LA 206 58.06 -22.24 -67.48
CA PRO LA 206 59.43 -21.81 -67.17
C PRO LA 206 60.10 -21.16 -68.37
N LEU LA 207 60.39 -19.86 -68.27
CA LEU LA 207 60.98 -19.12 -69.39
C LEU LA 207 62.51 -19.18 -69.37
N TYR LA 208 63.03 -20.40 -69.22
CA TYR LA 208 64.45 -20.77 -69.26
C TYR LA 208 65.44 -19.78 -68.64
N GLU MA 27 86.84 73.07 -13.17
CA GLU MA 27 87.71 72.15 -13.89
C GLU MA 27 86.86 71.27 -14.82
N GLU MA 28 86.02 70.44 -14.21
CA GLU MA 28 85.17 69.53 -14.98
C GLU MA 28 84.20 70.29 -15.87
N THR MA 29 83.56 71.33 -15.31
CA THR MA 29 82.64 72.13 -16.10
C THR MA 29 83.39 72.91 -17.18
N PHE MA 30 84.58 73.42 -16.85
CA PHE MA 30 85.36 74.22 -17.80
C PHE MA 30 85.77 73.41 -19.02
N ALA MA 31 86.02 72.11 -18.82
CA ALA MA 31 86.39 71.24 -19.94
C ALA MA 31 85.24 71.09 -20.93
N GLN MA 32 84.01 71.04 -20.42
CA GLN MA 32 82.84 71.00 -21.30
C GLN MA 32 82.68 72.32 -22.06
N TYR MA 33 82.88 73.45 -21.37
CA TYR MA 33 82.85 74.74 -22.04
C TYR MA 33 83.99 74.88 -23.02
N ARG MA 34 85.15 74.31 -22.69
CA ARG MA 34 86.30 74.36 -23.59
C ARG MA 34 86.04 73.55 -24.87
N THR MA 35 85.45 72.37 -24.72
CA THR MA 35 85.17 71.53 -25.88
C THR MA 35 84.06 72.12 -26.74
N ALA MA 36 83.11 72.81 -26.11
CA ALA MA 36 82.01 73.41 -26.85
C ALA MA 36 82.46 74.64 -27.62
N GLU MA 37 83.41 75.38 -27.08
CA GLU MA 37 83.94 76.57 -27.75
C GLU MA 37 84.63 76.18 -29.05
N LEU MA 38 85.41 75.10 -29.01
CA LEU MA 38 86.09 74.61 -30.21
C LEU MA 38 85.07 74.08 -31.21
N LYS MA 39 84.11 73.29 -30.74
CA LYS MA 39 83.14 72.64 -31.63
C LYS MA 39 82.23 73.66 -32.31
N HIS MA 40 81.78 74.68 -31.56
CA HIS MA 40 80.94 75.72 -32.14
C HIS MA 40 81.71 76.53 -33.18
N GLY MA 41 83.00 76.77 -32.92
CA GLY MA 41 83.82 77.47 -33.89
C GLY MA 41 84.05 76.67 -35.16
N ARG MA 42 84.08 75.34 -35.04
CA ARG MA 42 84.31 74.49 -36.20
C ARG MA 42 83.10 74.51 -37.15
N VAL MA 43 81.91 74.22 -36.62
CA VAL MA 43 80.72 74.07 -37.46
C VAL MA 43 80.39 75.37 -38.16
N ALA MA 44 80.73 76.50 -37.54
CA ALA MA 44 80.59 77.80 -38.19
C ALA MA 44 81.51 77.92 -39.41
N GLN MA 45 82.71 77.33 -39.32
CA GLN MA 45 83.67 77.42 -40.43
C GLN MA 45 83.21 76.61 -41.63
N LEU MA 46 82.80 75.35 -41.42
CA LEU MA 46 82.33 74.53 -42.53
C LEU MA 46 81.02 75.03 -43.11
N CYS MA 47 80.24 75.76 -42.31
CA CYS MA 47 79.01 76.36 -42.83
C CYS MA 47 79.31 77.48 -43.81
N VAL MA 48 80.38 78.24 -43.54
CA VAL MA 48 80.72 79.39 -44.38
C VAL MA 48 81.21 78.93 -45.75
N ILE MA 49 82.14 77.97 -45.78
CA ILE MA 49 82.58 77.40 -47.05
C ILE MA 49 81.46 76.57 -47.66
N GLY MA 50 80.65 75.94 -46.81
CA GLY MA 50 79.51 75.21 -47.32
C GLY MA 50 78.37 76.07 -47.83
N TYR MA 51 78.46 77.38 -47.67
CA TYR MA 51 77.44 78.30 -48.17
C TYR MA 51 77.84 78.95 -49.49
N ILE MA 52 79.09 78.87 -49.92
CA ILE MA 52 79.49 79.50 -51.17
C ILE MA 52 79.55 78.51 -52.33
N VAL MA 53 79.83 77.23 -52.07
CA VAL MA 53 79.78 76.23 -53.13
C VAL MA 53 78.40 76.11 -53.80
N PRO MA 54 77.26 76.17 -53.07
CA PRO MA 54 75.96 76.10 -53.77
C PRO MA 54 75.70 77.10 -54.88
N GLU MA 55 76.13 78.37 -54.73
CA GLU MA 55 75.89 79.31 -55.82
C GLU MA 55 76.87 79.09 -56.98
N ILE MA 56 78.02 78.51 -56.71
CA ILE MA 56 78.93 78.14 -57.81
C ILE MA 56 78.36 76.92 -58.54
N PRO MA 73 66.01 75.49 -52.44
CA PRO MA 73 67.30 74.82 -52.30
C PRO MA 73 68.49 75.78 -52.28
N ASN MA 74 68.43 76.79 -51.41
CA ASN MA 74 69.53 77.73 -51.23
C ASN MA 74 70.04 77.79 -49.80
N GLY MA 75 69.15 78.01 -48.84
CA GLY MA 75 69.51 78.23 -47.45
C GLY MA 75 68.55 77.57 -46.48
N VAL MA 76 67.94 78.40 -45.62
CA VAL MA 76 66.90 77.94 -44.71
C VAL MA 76 65.67 77.48 -45.49
N ALA MA 77 65.54 77.90 -46.75
CA ALA MA 77 64.48 77.35 -47.59
C ALA MA 77 64.79 75.91 -48.01
N ALA MA 78 66.06 75.51 -47.93
CA ALA MA 78 66.45 74.17 -48.38
C ALA MA 78 66.15 73.11 -47.32
N ILE MA 79 66.19 73.47 -46.04
CA ILE MA 79 66.04 72.47 -44.98
C ILE MA 79 64.62 71.93 -44.96
N ASN MA 80 63.65 72.75 -45.38
CA ASN MA 80 62.28 72.26 -45.49
C ASN MA 80 62.08 71.50 -46.80
N ALA MA 81 62.84 71.84 -47.84
CA ALA MA 81 62.71 71.15 -49.13
C ALA MA 81 63.17 69.71 -49.03
N ILE MA 82 64.29 69.47 -48.34
CA ILE MA 82 64.80 68.12 -48.14
C ILE MA 82 63.88 67.40 -47.16
N PRO MA 83 63.44 66.18 -47.47
CA PRO MA 83 62.55 65.45 -46.55
C PRO MA 83 63.23 65.12 -45.23
N ALA MA 84 62.42 65.02 -44.17
CA ALA MA 84 62.94 64.78 -42.83
C ALA MA 84 63.59 63.41 -42.71
N LEU MA 85 63.21 62.47 -43.59
CA LEU MA 85 63.89 61.18 -43.63
C LEU MA 85 65.33 61.35 -44.10
N GLY MA 86 65.58 62.35 -44.93
CA GLY MA 86 66.95 62.66 -45.33
C GLY MA 86 67.77 63.22 -44.19
N TRP MA 87 67.15 64.06 -43.36
CA TRP MA 87 67.86 64.63 -42.22
C TRP MA 87 68.10 63.58 -41.14
N PHE MA 88 67.21 62.59 -41.05
CA PHE MA 88 67.40 61.51 -40.09
C PHE MA 88 68.66 60.72 -40.40
N GLN MA 89 68.90 60.44 -41.69
CA GLN MA 89 70.11 59.73 -42.08
C GLN MA 89 71.36 60.58 -41.89
N MET MA 90 71.28 61.88 -42.22
CA MET MA 90 72.47 62.71 -42.19
C MET MA 90 72.86 63.11 -40.76
N VAL MA 91 71.88 63.46 -39.92
CA VAL MA 91 72.19 63.90 -38.56
C VAL MA 91 72.83 62.76 -37.76
N PHE MA 92 72.29 61.55 -37.90
CA PHE MA 92 72.85 60.41 -37.18
C PHE MA 92 74.24 60.03 -37.71
N LEU MA 93 74.49 60.30 -38.99
CA LEU MA 93 75.83 60.07 -39.53
C LEU MA 93 76.83 61.08 -38.94
N ILE MA 94 76.40 62.32 -38.77
CA ILE MA 94 77.23 63.31 -38.07
C ILE MA 94 77.37 62.92 -36.60
N GLY MA 95 76.30 62.40 -36.00
CA GLY MA 95 76.35 61.99 -34.60
C GLY MA 95 77.29 60.83 -34.37
N ALA MA 96 77.41 59.92 -35.34
CA ALA MA 96 78.38 58.84 -35.24
C ALA MA 96 79.80 59.38 -35.21
N VAL MA 97 80.07 60.39 -36.03
CA VAL MA 97 81.37 61.06 -36.01
C VAL MA 97 81.52 61.89 -34.75
N ASP MA 98 80.45 62.56 -34.34
CA ASP MA 98 80.50 63.46 -33.18
C ASP MA 98 80.80 62.71 -31.89
N TYR MA 99 80.17 61.56 -31.69
CA TYR MA 99 80.30 60.82 -30.43
C TYR MA 99 81.36 59.72 -30.52
N TRP MA 100 81.28 58.86 -31.54
CA TRP MA 100 82.17 57.71 -31.64
C TRP MA 100 83.43 57.99 -32.46
N GLY MA 101 83.44 59.04 -33.28
CA GLY MA 101 84.57 59.27 -34.16
C GLY MA 101 84.68 58.17 -35.20
N PHE MA 102 83.56 57.84 -35.84
CA PHE MA 102 83.51 56.77 -36.84
C PHE MA 102 84.40 57.11 -38.02
N LEU MA 103 84.12 58.23 -38.70
CA LEU MA 103 84.90 58.65 -39.86
C LEU MA 103 85.60 59.99 -39.61
N GLY MA 104 85.84 60.33 -38.35
CA GLY MA 104 86.45 61.61 -38.05
C GLY MA 104 87.51 61.60 -36.98
N ASP MA 105 88.19 60.47 -36.81
CA ASP MA 105 89.30 60.37 -35.86
C ASP MA 105 90.35 59.47 -36.49
N PHE MA 106 91.30 60.09 -37.20
CA PHE MA 106 92.35 59.36 -37.90
C PHE MA 106 93.68 60.07 -37.69
N GLU MA 107 94.76 59.29 -37.77
CA GLU MA 107 96.10 59.83 -37.54
C GLU MA 107 96.57 60.75 -38.67
N ALA MA 108 95.90 60.72 -39.84
CA ALA MA 108 96.28 61.61 -40.92
C ALA MA 108 95.93 63.06 -40.60
N GLY MA 109 94.92 63.28 -39.77
CA GLY MA 109 94.55 64.61 -39.34
C GLY MA 109 95.26 65.12 -38.11
N LYS MA 110 96.14 64.31 -37.51
CA LYS MA 110 96.89 64.70 -36.31
C LYS MA 110 98.38 64.46 -36.55
N PRO MA 111 99.07 65.41 -37.20
CA PRO MA 111 100.51 65.26 -37.39
C PRO MA 111 101.27 65.47 -36.09
N ASP MA 112 102.52 65.01 -36.09
CA ASP MA 112 103.36 65.15 -34.90
C ASP MA 112 103.65 66.61 -34.58
N LEU MA 113 104.13 67.36 -35.58
CA LEU MA 113 104.42 68.80 -35.52
C LEU MA 113 105.40 69.03 -34.36
N ALA MA 114 105.23 70.07 -33.54
CA ALA MA 114 106.07 70.32 -32.38
C ALA MA 114 105.24 71.12 -31.40
N PRO MA 115 105.53 71.07 -30.10
CA PRO MA 115 104.69 71.80 -29.13
C PRO MA 115 104.74 73.31 -29.20
N GLU MA 116 105.76 73.90 -29.84
CA GLU MA 116 105.88 75.37 -29.84
C GLU MA 116 104.81 76.00 -30.72
N GLU MA 117 104.59 75.45 -31.92
CA GLU MA 117 103.55 75.97 -32.79
C GLU MA 117 102.25 75.20 -32.70
N LEU MA 118 102.18 74.16 -31.87
CA LEU MA 118 100.91 73.45 -31.66
C LEU MA 118 99.91 74.34 -30.94
N GLU MA 119 100.32 74.91 -29.80
CA GLU MA 119 99.47 75.85 -29.07
C GLU MA 119 99.30 77.14 -29.86
N LYS MA 120 100.29 77.52 -30.66
CA LYS MA 120 100.14 78.67 -31.54
C LYS MA 120 99.06 78.42 -32.58
N ARG MA 121 99.03 77.21 -33.16
CA ARG MA 121 97.98 76.86 -34.11
C ARG MA 121 96.66 76.61 -33.41
N LYS MA 122 96.69 76.11 -32.16
CA LYS MA 122 95.47 75.84 -31.41
C LYS MA 122 94.83 77.12 -30.91
N LEU MA 123 95.64 78.10 -30.49
CA LEU MA 123 95.11 79.44 -30.26
C LEU MA 123 94.57 80.03 -31.56
N GLN MA 124 95.19 79.70 -32.69
CA GLN MA 124 94.67 80.15 -33.97
C GLN MA 124 93.39 79.42 -34.34
N GLU MA 125 93.21 78.18 -33.85
CA GLU MA 125 91.96 77.46 -34.10
C GLU MA 125 90.77 78.17 -33.48
N LEU MA 126 90.96 78.76 -32.29
CA LEU MA 126 89.88 79.44 -31.60
C LEU MA 126 89.60 80.81 -32.22
N GLN MA 127 90.65 81.53 -32.60
CA GLN MA 127 90.50 82.88 -33.14
C GLN MA 127 89.78 82.86 -34.47
N HIS MA 128 90.12 81.89 -35.31
CA HIS MA 128 89.38 81.72 -36.58
C HIS MA 128 88.00 81.16 -36.24
N GLY MA 129 87.91 80.31 -35.21
CA GLY MA 129 86.61 79.79 -34.84
C GLY MA 129 85.66 80.86 -34.35
N ARG MA 130 86.19 81.81 -33.55
CA ARG MA 130 85.37 82.92 -33.10
C ARG MA 130 85.03 83.86 -34.25
N LEU MA 131 85.99 84.07 -35.16
CA LEU MA 131 85.77 84.95 -36.30
C LEU MA 131 84.65 84.43 -37.20
N ALA MA 132 84.61 83.11 -37.39
CA ALA MA 132 83.51 82.52 -38.14
C ALA MA 132 82.23 82.51 -37.30
N MET MA 133 82.36 82.48 -35.97
CA MET MA 133 81.18 82.38 -35.11
C MET MA 133 80.35 83.66 -35.13
N LEU MA 134 80.98 84.82 -34.93
CA LEU MA 134 80.23 86.08 -34.98
C LEU MA 134 79.81 86.40 -36.41
N ALA MA 135 80.47 85.82 -37.41
CA ALA MA 135 80.09 86.07 -38.80
C ALA MA 135 78.75 85.41 -39.12
N VAL MA 136 78.55 84.18 -38.63
CA VAL MA 136 77.46 83.28 -39.01
C VAL MA 136 76.07 83.87 -38.76
N LEU MA 137 75.87 84.51 -37.60
CA LEU MA 137 74.57 85.03 -37.21
C LEU MA 137 74.00 86.06 -38.19
N GLU MA 138 74.89 86.79 -38.87
CA GLU MA 138 74.41 87.86 -39.79
C GLU MA 138 73.78 87.21 -41.04
N LEU MA 139 74.28 86.05 -41.47
CA LEU MA 139 73.70 85.37 -42.63
C LEU MA 139 72.30 84.84 -42.32
N LEU MA 140 72.12 84.21 -41.16
CA LEU MA 140 70.79 83.69 -40.81
C LEU MA 140 69.82 84.82 -40.50
N ARG MA 141 70.30 85.91 -39.89
CA ARG MA 141 69.42 87.04 -39.62
C ARG MA 141 69.08 87.79 -40.90
N HIS MA 142 69.89 87.61 -41.96
CA HIS MA 142 69.61 88.25 -43.23
C HIS MA 142 68.38 87.66 -43.91
N ASP MA 143 68.06 86.40 -43.62
CA ASP MA 143 66.93 85.72 -44.26
C ASP MA 143 65.63 86.17 -43.59
N SER MA 144 65.26 87.42 -43.88
CA SER MA 144 63.98 88.03 -43.46
C SER MA 144 63.79 87.98 -41.94
N GLN MA 145 64.82 88.41 -41.21
CA GLN MA 145 64.76 88.41 -39.76
C GLN MA 145 65.31 89.74 -39.25
N ASN MA 146 65.39 89.86 -37.93
CA ASN MA 146 65.82 91.10 -37.29
C ASN MA 146 67.27 91.04 -36.83
N TYR NA 3 94.57 36.54 -33.30
CA TYR NA 3 95.26 36.64 -34.58
C TYR NA 3 95.40 38.11 -34.96
N GLU NA 4 95.47 38.94 -33.93
CA GLU NA 4 95.60 40.39 -34.12
C GLU NA 4 96.95 40.73 -34.74
N ASN NA 5 97.99 39.99 -34.37
CA ASN NA 5 99.34 40.19 -34.91
C ASN NA 5 99.50 39.36 -36.18
N GLU NA 6 98.94 39.88 -37.28
CA GLU NA 6 98.97 39.19 -38.55
C GLU NA 6 98.83 40.23 -39.66
N LEU NA 7 99.19 39.84 -40.87
CA LEU NA 7 99.05 40.71 -42.03
C LEU NA 7 97.58 41.00 -42.30
N GLY NA 8 97.31 42.19 -42.83
CA GLY NA 8 95.97 42.63 -43.15
C GLY NA 8 95.41 43.69 -42.22
N VAL NA 9 96.07 43.95 -41.08
CA VAL NA 9 95.59 44.97 -40.16
C VAL NA 9 95.97 46.35 -40.70
N ILE NA 10 94.96 47.16 -40.98
CA ILE NA 10 95.14 48.49 -41.57
C ILE NA 10 94.18 49.45 -40.88
N GLU NA 11 94.70 50.65 -40.54
CA GLU NA 11 94.18 51.71 -39.67
C GLU NA 11 92.66 51.99 -39.65
N PRO NA 12 91.91 52.04 -40.80
CA PRO NA 12 90.46 52.31 -40.69
C PRO NA 12 89.68 51.28 -39.91
N THR NA 13 89.93 50.00 -40.18
CA THR NA 13 89.25 48.92 -39.48
C THR NA 13 90.10 48.27 -38.39
N GLY NA 14 91.42 48.28 -38.54
CA GLY NA 14 92.26 47.57 -37.60
C GLY NA 14 92.07 46.08 -37.77
N PHE NA 15 91.91 45.38 -36.65
CA PHE NA 15 91.60 43.94 -36.68
C PHE NA 15 90.09 43.81 -36.78
N PHE NA 16 89.58 43.83 -38.00
CA PHE NA 16 88.14 43.80 -38.25
C PHE NA 16 87.63 42.37 -38.10
N ASP NA 17 86.88 42.12 -37.03
CA ASP NA 17 86.28 40.81 -36.74
C ASP NA 17 85.10 41.00 -35.80
N PRO NA 18 83.96 41.52 -36.28
CA PRO NA 18 82.82 41.74 -35.38
C PRO NA 18 82.14 40.45 -34.95
N LEU NA 19 81.89 39.56 -35.90
CA LEU NA 19 81.20 38.30 -35.60
C LEU NA 19 82.09 37.36 -34.79
N GLY NA 20 83.40 37.46 -34.94
CA GLY NA 20 84.30 36.59 -34.22
C GLY NA 20 84.51 35.26 -34.89
N LEU NA 21 84.54 35.26 -36.23
CA LEU NA 21 84.79 34.02 -36.97
C LEU NA 21 86.22 33.53 -36.79
N SER NA 22 87.14 34.42 -36.45
CA SER NA 22 88.53 34.05 -36.19
C SER NA 22 88.78 33.75 -34.71
N ALA NA 23 87.75 33.83 -33.88
CA ALA NA 23 87.92 33.53 -32.46
C ALA NA 23 87.83 32.03 -32.21
N ASN NA 24 88.82 31.51 -31.49
CA ASN NA 24 88.91 30.11 -31.08
C ASN NA 24 88.90 29.15 -32.28
N ILE NA 25 89.88 29.34 -33.17
CA ILE NA 25 90.11 28.47 -34.31
C ILE NA 25 91.59 28.14 -34.35
N ASP NA 26 91.93 26.95 -34.84
CA ASP NA 26 93.32 26.56 -34.83
C ASP NA 26 94.13 27.30 -35.90
N GLU NA 27 95.44 27.06 -35.91
CA GLU NA 27 96.31 27.72 -36.88
C GLU NA 27 96.09 27.17 -38.29
N GLU NA 28 95.59 25.94 -38.40
CA GLU NA 28 95.35 25.35 -39.71
C GLU NA 28 94.12 25.95 -40.36
N THR NA 29 93.09 26.28 -39.57
CA THR NA 29 91.89 26.90 -40.12
C THR NA 29 92.15 28.33 -40.57
N PHE NA 30 92.99 29.06 -39.83
CA PHE NA 30 93.28 30.44 -40.20
C PHE NA 30 94.10 30.51 -41.48
N ALA NA 31 95.08 29.61 -41.63
CA ALA NA 31 95.81 29.52 -42.89
C ALA NA 31 94.86 29.14 -44.02
N GLN NA 32 93.90 28.29 -43.72
CA GLN NA 32 92.82 27.97 -44.65
C GLN NA 32 91.95 29.19 -44.91
N TYR NA 33 91.64 29.95 -43.85
CA TYR NA 33 90.91 31.20 -44.00
C TYR NA 33 91.72 32.22 -44.80
N ARG NA 34 93.03 32.28 -44.55
CA ARG NA 34 93.91 33.19 -45.29
C ARG NA 34 93.99 32.79 -46.77
N THR NA 35 94.08 31.49 -47.03
CA THR NA 35 94.12 31.02 -48.42
C THR NA 35 92.81 31.33 -49.13
N ALA NA 36 91.69 31.20 -48.42
CA ALA NA 36 90.41 31.60 -49.00
C ALA NA 36 90.30 33.11 -49.14
N GLU NA 37 90.80 33.87 -48.15
CA GLU NA 37 90.92 35.32 -48.29
C GLU NA 37 91.71 35.73 -49.51
N LEU NA 38 92.85 35.08 -49.75
CA LEU NA 38 93.69 35.51 -50.86
C LEU NA 38 93.07 35.11 -52.20
N LYS NA 39 92.72 33.82 -52.34
CA LYS NA 39 92.24 33.29 -53.61
C LYS NA 39 90.92 33.89 -54.04
N HIS NA 40 90.00 34.17 -53.12
CA HIS NA 40 88.79 34.89 -53.46
C HIS NA 40 89.10 36.28 -53.97
N GLY NA 41 90.07 36.94 -53.33
CA GLY NA 41 90.48 38.26 -53.76
C GLY NA 41 91.10 38.27 -55.14
N ARG NA 42 91.98 37.31 -55.41
CA ARG NA 42 92.71 37.26 -56.68
C ARG NA 42 91.76 37.07 -57.86
N VAL NA 43 90.71 36.27 -57.67
CA VAL NA 43 89.72 36.09 -58.73
C VAL NA 43 88.94 37.38 -58.95
N ALA NA 44 88.67 38.12 -57.87
CA ALA NA 44 87.85 39.33 -57.98
C ALA NA 44 88.58 40.45 -58.73
N GLN NA 45 89.90 40.54 -58.56
CA GLN NA 45 90.66 41.50 -59.36
C GLN NA 45 90.61 41.12 -60.83
N LEU NA 46 90.75 39.83 -61.12
CA LEU NA 46 90.69 39.37 -62.51
C LEU NA 46 89.25 39.43 -63.04
N CYS NA 47 88.26 39.34 -62.15
CA CYS NA 47 86.87 39.49 -62.57
C CYS NA 47 86.59 40.93 -62.98
N VAL NA 48 87.18 41.90 -62.27
CA VAL NA 48 87.03 43.30 -62.63
C VAL NA 48 87.69 43.57 -63.98
N ILE NA 49 88.88 43.00 -64.20
CA ILE NA 49 89.53 43.10 -65.50
C ILE NA 49 88.70 42.41 -66.58
N GLY NA 50 88.16 41.24 -66.27
CA GLY NA 50 87.39 40.47 -67.22
C GLY NA 50 85.99 40.98 -67.50
N TYR NA 51 85.70 42.20 -67.05
CA TYR NA 51 84.43 42.87 -67.36
C TYR NA 51 84.60 44.05 -68.30
N VAL NA 52 85.78 44.66 -68.37
CA VAL NA 52 86.02 45.82 -69.22
C VAL NA 52 86.86 45.48 -70.44
N VAL NA 53 87.93 44.71 -70.27
CA VAL NA 53 88.78 44.31 -71.40
C VAL NA 53 88.15 43.37 -72.42
N PRO NA 54 87.11 42.55 -72.16
CA PRO NA 54 86.50 41.83 -73.29
C PRO NA 54 85.59 42.70 -74.14
N GLU NA 55 85.46 43.98 -73.83
CA GLU NA 55 84.68 44.87 -74.69
C GLU NA 55 85.54 45.39 -75.84
N ILE NA 56 86.71 45.96 -75.54
CA ILE NA 56 87.54 46.51 -76.60
C ILE NA 56 88.24 45.39 -77.39
N TYR NA 57 88.68 44.35 -76.71
CA TYR NA 57 89.42 43.28 -77.39
C TYR NA 57 88.58 42.03 -77.45
N ARG NA 58 88.52 41.42 -78.63
CA ARG NA 58 87.79 40.18 -78.83
C ARG NA 58 88.80 39.03 -78.97
N PHE NA 59 88.38 37.80 -79.26
CA PHE NA 59 89.28 36.66 -79.38
C PHE NA 59 89.07 36.09 -80.78
N PRO NA 60 90.05 35.38 -81.37
CA PRO NA 60 89.84 35.01 -82.76
C PRO NA 60 88.96 33.79 -83.01
N GLY NA 66 82.54 26.02 -81.68
CA GLY NA 66 81.73 26.41 -82.82
C GLY NA 66 80.88 27.64 -82.55
N VAL NA 67 81.36 28.50 -81.65
CA VAL NA 67 80.66 29.73 -81.27
C VAL NA 67 81.59 30.90 -81.57
N ALA NA 68 81.01 31.99 -82.06
CA ALA NA 68 81.78 33.19 -82.38
C ALA NA 68 82.20 33.87 -81.08
N PHE NA 69 83.49 34.20 -80.99
CA PHE NA 69 84.01 34.82 -79.78
C PHE NA 69 83.52 36.26 -79.64
N ALA NA 70 83.34 36.96 -80.76
CA ALA NA 70 82.86 38.34 -80.71
C ALA NA 70 81.36 38.40 -80.42
N ASP NA 71 80.61 37.36 -80.79
CA ASP NA 71 79.17 37.37 -80.60
C ASP NA 71 78.78 37.06 -79.16
N ILE NA 72 79.73 36.59 -78.36
CA ILE NA 72 79.48 36.24 -76.96
C ILE NA 72 79.24 37.51 -76.16
N PRO NA 73 78.09 37.67 -75.52
CA PRO NA 73 77.83 38.89 -74.72
C PRO NA 73 78.61 38.85 -73.42
N ASN NA 74 79.32 39.93 -73.12
CA ASN NA 74 80.11 40.01 -71.91
C ASN NA 74 79.22 40.10 -70.68
N GLY NA 75 79.51 39.30 -69.66
CA GLY NA 75 78.77 39.28 -68.43
C GLY NA 75 78.18 37.90 -68.18
N VAL NA 76 77.08 37.88 -67.42
CA VAL NA 76 76.42 36.62 -67.11
C VAL NA 76 75.72 36.00 -68.30
N ALA NA 77 75.51 36.78 -69.38
CA ALA NA 77 74.92 36.22 -70.59
C ALA NA 77 75.91 35.34 -71.35
N ALA NA 78 77.20 35.43 -71.00
CA ALA NA 78 78.20 34.59 -71.65
C ALA NA 78 78.06 33.13 -71.25
N ILE NA 79 77.47 32.87 -70.07
CA ILE NA 79 77.36 31.51 -69.55
C ILE NA 79 76.48 30.66 -70.44
N ASN NA 80 75.34 31.20 -70.88
CA ASN NA 80 74.46 30.45 -71.76
C ASN NA 80 74.96 30.39 -73.19
N ALA NA 81 75.71 31.40 -73.62
CA ALA NA 81 76.19 31.44 -75.01
C ALA NA 81 77.25 30.36 -75.26
N ILE NA 82 78.24 30.27 -74.39
CA ILE NA 82 79.27 29.24 -74.49
C ILE NA 82 78.60 27.91 -74.16
N PRO NA 83 78.87 26.84 -74.92
CA PRO NA 83 78.32 25.53 -74.59
C PRO NA 83 78.77 25.05 -73.22
N SER NA 84 77.88 24.32 -72.54
CA SER NA 84 78.16 23.88 -71.17
C SER NA 84 79.33 22.90 -71.14
N LEU NA 85 79.44 22.03 -72.14
CA LEU NA 85 80.62 21.18 -72.29
C LEU NA 85 81.86 22.04 -72.52
N GLY NA 86 81.70 23.10 -73.31
CA GLY NA 86 82.82 24.00 -73.56
C GLY NA 86 83.20 24.80 -72.33
N TRP NA 87 82.26 24.93 -71.38
CA TRP NA 87 82.59 25.59 -70.13
C TRP NA 87 83.34 24.68 -69.18
N LEU NA 88 83.09 23.37 -69.27
CA LEU NA 88 83.62 22.46 -68.25
C LEU NA 88 85.13 22.26 -68.33
N GLN NA 89 85.71 22.26 -69.54
CA GLN NA 89 87.14 21.97 -69.59
C GLN NA 89 87.93 23.22 -69.18
N MET NA 90 87.28 24.39 -69.27
CA MET NA 90 87.85 25.60 -68.67
C MET NA 90 87.84 25.51 -67.15
N ILE NA 91 86.76 24.97 -66.57
CA ILE NA 91 86.65 24.86 -65.12
C ILE NA 91 87.72 23.91 -64.59
N PHE NA 92 87.91 22.77 -65.25
CA PHE NA 92 88.89 21.80 -64.80
C PHE NA 92 90.31 22.25 -65.12
N PHE NA 93 90.50 23.09 -66.15
CA PHE NA 93 91.82 23.64 -66.45
C PHE NA 93 92.29 24.55 -65.32
N ILE NA 94 91.37 25.34 -64.77
CA ILE NA 94 91.69 26.17 -63.61
C ILE NA 94 92.00 25.28 -62.41
N GLY NA 95 91.35 24.12 -62.34
CA GLY NA 95 91.63 23.20 -61.25
C GLY NA 95 93.00 22.56 -61.35
N ALA NA 96 93.54 22.48 -62.56
CA ALA NA 96 94.91 21.99 -62.72
C ALA NA 96 95.91 22.95 -62.08
N VAL NA 97 95.65 24.26 -62.19
CA VAL NA 97 96.55 25.22 -61.57
C VAL NA 97 96.16 25.50 -60.13
N ASP NA 98 94.98 25.07 -59.70
CA ASP NA 98 94.49 25.32 -58.34
C ASP NA 98 94.98 24.27 -57.36
N TYR NA 99 94.63 23.00 -57.59
CA TYR NA 99 95.05 21.95 -56.67
C TYR NA 99 96.50 21.55 -56.89
N TRP NA 100 96.81 21.03 -58.08
CA TRP NA 100 98.15 20.52 -58.36
C TRP NA 100 99.16 21.64 -58.53
N GLY NA 101 98.70 22.85 -58.85
CA GLY NA 101 99.61 23.94 -59.08
C GLY NA 101 100.47 23.81 -60.31
N VAL NA 102 99.93 23.28 -61.40
CA VAL NA 102 100.65 23.25 -62.66
C VAL NA 102 100.47 24.62 -63.30
N LEU NA 103 101.43 25.51 -63.08
CA LEU NA 103 101.33 26.92 -63.42
C LEU NA 103 101.08 27.15 -64.90
N GLY NA 104 99.97 27.82 -65.22
CA GLY NA 104 99.60 28.10 -66.59
C GLY NA 104 99.75 29.55 -66.95
N ASP NA 105 99.45 30.44 -66.00
CA ASP NA 105 99.62 31.87 -66.25
C ASP NA 105 101.10 32.23 -66.37
N PHE NA 106 101.93 31.63 -65.54
CA PHE NA 106 103.38 31.67 -65.73
C PHE NA 106 103.83 30.33 -66.29
N ASP NA 107 105.14 30.21 -66.53
CA ASP NA 107 105.71 28.91 -66.86
C ASP NA 107 105.90 28.10 -65.58
N ILE NA 108 106.73 28.62 -64.67
CA ILE NA 108 106.94 28.00 -63.36
C ILE NA 108 106.63 28.94 -62.21
N GLY NA 109 106.83 30.25 -62.35
CA GLY NA 109 106.58 31.18 -61.28
C GLY NA 109 107.87 31.72 -60.67
N LYS NA 110 108.17 32.98 -60.94
CA LYS NA 110 109.43 33.61 -60.53
C LYS NA 110 109.12 34.83 -59.67
N PRO NA 111 108.83 34.64 -58.38
CA PRO NA 111 108.53 35.79 -57.52
C PRO NA 111 109.75 36.36 -56.83
N LYS NA 112 109.85 37.69 -56.84
CA LYS NA 112 110.92 38.36 -56.11
C LYS NA 112 110.59 38.33 -54.63
N LEU NA 113 111.63 38.29 -53.80
CA LEU NA 113 111.47 38.36 -52.34
C LEU NA 113 112.39 39.46 -51.79
N ASP NA 114 111.77 40.54 -51.33
CA ASP NA 114 112.39 41.65 -50.61
C ASP NA 114 111.80 41.69 -49.20
N PRO NA 115 112.65 41.64 -48.15
CA PRO NA 115 112.14 41.48 -46.78
C PRO NA 115 111.14 42.50 -46.30
N ASP NA 116 111.46 43.80 -46.39
CA ASP NA 116 110.53 44.81 -45.95
C ASP NA 116 109.43 45.05 -46.96
N GLU NA 117 109.69 44.80 -48.25
CA GLU NA 117 108.66 44.97 -49.26
C GLU NA 117 107.64 43.83 -49.20
N LEU NA 118 108.03 42.69 -48.63
CA LEU NA 118 107.13 41.55 -48.51
C LEU NA 118 105.91 41.89 -47.67
N GLU NA 119 106.11 42.62 -46.58
CA GLU NA 119 104.99 43.12 -45.80
C GLU NA 119 104.20 44.15 -46.59
N LYS NA 120 104.89 44.96 -47.39
CA LYS NA 120 104.25 46.03 -48.14
C LYS NA 120 103.70 45.56 -49.49
N ARG NA 121 103.85 44.28 -49.83
CA ARG NA 121 103.21 43.70 -51.01
C ARG NA 121 102.10 42.72 -50.67
N GLN NA 122 102.34 41.81 -49.73
CA GLN NA 122 101.34 40.82 -49.35
C GLN NA 122 100.10 41.48 -48.75
N VAL NA 123 100.31 42.48 -47.90
CA VAL NA 123 99.20 43.26 -47.36
C VAL NA 123 98.53 44.04 -48.48
N GLN NA 124 99.32 44.51 -49.44
CA GLN NA 124 98.73 45.21 -50.59
C GLN NA 124 98.02 44.25 -51.53
N GLU NA 125 98.42 42.98 -51.52
CA GLU NA 125 97.82 42.00 -52.41
C GLU NA 125 96.38 41.68 -51.98
N LEU NA 126 96.17 41.41 -50.69
CA LEU NA 126 94.85 40.95 -50.26
C LEU NA 126 93.83 42.07 -50.19
N GLN NA 127 94.28 43.30 -49.93
CA GLN NA 127 93.34 44.40 -49.76
C GLN NA 127 92.95 45.05 -51.09
N HIS NA 128 93.83 45.01 -52.10
CA HIS NA 128 93.35 45.26 -53.46
C HIS NA 128 92.33 44.21 -53.86
N GLY NA 129 92.57 42.95 -53.47
CA GLY NA 129 91.59 41.91 -53.67
C GLY NA 129 90.35 42.09 -52.81
N ARG NA 130 90.53 42.61 -51.59
CA ARG NA 130 89.40 42.90 -50.72
C ARG NA 130 88.50 43.97 -51.33
N LEU NA 131 89.12 45.01 -51.89
CA LEU NA 131 88.36 46.05 -52.57
C LEU NA 131 87.72 45.49 -53.84
N ALA NA 132 88.42 44.62 -54.55
CA ALA NA 132 87.87 44.00 -55.75
C ALA NA 132 86.69 43.10 -55.40
N MET NA 133 86.80 42.37 -54.29
CA MET NA 133 85.69 41.55 -53.81
C MET NA 133 84.47 42.38 -53.44
N ILE NA 134 84.69 43.54 -52.82
CA ILE NA 134 83.61 44.48 -52.59
C ILE NA 134 83.09 45.03 -53.91
N ALA NA 135 83.98 45.21 -54.90
CA ALA NA 135 83.59 45.78 -56.17
C ALA NA 135 82.79 44.82 -57.04
N THR NA 136 83.16 43.53 -57.06
CA THR NA 136 82.50 42.61 -57.99
C THR NA 136 81.06 42.31 -57.57
N LEU NA 137 80.71 42.57 -56.31
CA LEU NA 137 79.33 42.43 -55.87
C LEU NA 137 78.44 43.42 -56.62
N GLU NA 138 78.92 44.66 -56.79
CA GLU NA 138 78.18 45.64 -57.56
C GLU NA 138 78.18 45.28 -59.04
N LEU NA 139 79.32 44.80 -59.55
CA LEU NA 139 79.44 44.42 -60.95
C LEU NA 139 78.51 43.27 -61.29
N LEU NA 140 78.43 42.28 -60.40
CA LEU NA 140 77.53 41.15 -60.64
C LEU NA 140 76.08 41.53 -60.41
N ARG NA 141 75.81 42.48 -59.50
CA ARG NA 141 74.44 42.92 -59.24
C ARG NA 141 73.86 43.66 -60.44
N HIS NA 142 74.61 44.61 -60.97
CA HIS NA 142 74.12 45.45 -62.07
C HIS NA 142 73.88 44.62 -63.33
N ASP NA 143 74.75 43.65 -63.58
CA ASP NA 143 74.60 42.81 -64.78
C ASP NA 143 73.40 41.89 -64.65
N SER NA 144 73.23 41.24 -63.50
CA SER NA 144 72.16 40.26 -63.35
C SER NA 144 70.79 40.92 -63.21
N GLN NA 145 70.71 42.05 -62.50
CA GLN NA 145 69.43 42.74 -62.36
C GLN NA 145 68.97 43.36 -63.67
N ASN NA 146 69.92 43.80 -64.51
CA ASN NA 146 69.54 44.35 -65.81
C ASN NA 146 69.21 43.25 -66.82
N LEU NA 147 69.74 42.05 -66.62
CA LEU NA 147 69.46 40.96 -67.55
C LEU NA 147 68.02 40.49 -67.44
N VAL NA 148 67.52 40.35 -66.20
CA VAL NA 148 66.13 39.94 -66.02
C VAL NA 148 65.17 41.07 -66.36
N THR NA 149 65.57 42.32 -66.12
CA THR NA 149 64.74 43.50 -66.39
C THR NA 149 65.60 44.51 -67.13
N PRO NA 150 65.46 44.62 -68.45
CA PRO NA 150 66.27 45.57 -69.23
C PRO NA 150 66.02 47.02 -68.83
N GLY NA 151 67.06 47.68 -68.34
CA GLY NA 151 66.90 49.03 -67.85
C GLY NA 151 66.28 49.10 -66.47
N PHE NA 152 66.73 48.25 -65.55
CA PHE NA 152 66.18 48.24 -64.19
C PHE NA 152 66.48 49.56 -63.48
N ASP NA 153 67.76 49.96 -63.47
CA ASP NA 153 68.15 51.28 -63.01
C ASP NA 153 68.47 52.21 -64.16
N GLY NA 154 68.23 51.78 -65.39
CA GLY NA 154 68.43 52.59 -66.58
C GLY NA 154 69.86 53.01 -66.85
N LEU NA 155 70.80 52.08 -66.72
CA LEU NA 155 72.21 52.40 -66.86
C LEU NA 155 72.86 51.43 -67.85
N ASP NA 156 74.04 51.82 -68.31
CA ASP NA 156 74.87 50.97 -69.15
C ASP NA 156 75.48 49.83 -68.35
N THR NA 157 76.21 48.95 -69.03
CA THR NA 157 76.80 47.79 -68.38
C THR NA 157 77.98 48.18 -67.49
N LEU NA 158 78.78 49.14 -67.93
CA LEU NA 158 79.97 49.58 -67.19
C LEU NA 158 79.88 51.07 -66.91
N ILE NA 159 79.90 51.41 -65.61
CA ILE NA 159 79.65 52.79 -65.18
C ILE NA 159 80.71 53.75 -65.69
N THR NA 160 81.94 53.28 -65.88
CA THR NA 160 82.97 54.13 -66.47
C THR NA 160 82.65 54.40 -67.94
N GLY NA 161 82.85 55.63 -68.37
CA GLY NA 161 82.37 56.07 -69.66
C GLY NA 161 83.31 55.96 -70.84
N LEU NA 162 84.50 55.36 -70.68
CA LEU NA 162 85.44 55.32 -71.80
C LEU NA 162 85.00 54.40 -72.93
N PRO NA 163 84.31 53.26 -72.71
CA PRO NA 163 83.60 52.61 -73.82
C PRO NA 163 82.64 53.52 -74.58
N TYR OA 3 -62.33 -51.05 70.11
CA TYR OA 3 -63.65 -50.83 70.69
C TYR OA 3 -64.60 -51.95 70.30
N GLU OA 4 -64.06 -53.16 70.22
CA GLU OA 4 -64.87 -54.31 69.80
C GLU OA 4 -65.81 -54.78 70.91
N ASN OA 5 -65.50 -54.48 72.17
CA ASN OA 5 -66.34 -54.91 73.29
C ASN OA 5 -67.35 -53.83 73.67
N GLU OA 6 -68.07 -53.31 72.68
CA GLU OA 6 -69.06 -52.26 72.89
C GLU OA 6 -70.41 -52.71 72.33
N LEU OA 7 -71.43 -51.88 72.57
CA LEU OA 7 -72.74 -52.16 72.00
C LEU OA 7 -72.76 -51.86 70.51
N GLY OA 8 -73.53 -52.64 69.76
CA GLY OA 8 -73.65 -52.48 68.33
C GLY OA 8 -72.88 -53.49 67.52
N VAL OA 9 -71.97 -54.24 68.13
CA VAL OA 9 -71.19 -55.27 67.44
C VAL OA 9 -72.09 -56.49 67.30
N ILE OA 10 -72.71 -56.66 66.13
CA ILE OA 10 -73.69 -57.71 65.90
C ILE OA 10 -73.21 -58.61 64.77
N GLU OA 11 -73.67 -59.86 64.80
CA GLU OA 11 -73.22 -60.96 63.93
C GLU OA 11 -73.17 -60.71 62.42
N PRO OA 12 -74.17 -60.01 61.74
CA PRO OA 12 -74.13 -59.90 60.27
C PRO OA 12 -72.83 -59.38 59.68
N THR OA 13 -72.26 -58.34 60.27
CA THR OA 13 -70.90 -57.92 59.92
C THR OA 13 -69.93 -58.07 61.07
N GLY OA 14 -70.17 -57.38 62.17
CA GLY OA 14 -69.35 -57.50 63.36
C GLY OA 14 -68.23 -56.49 63.35
N PHE OA 15 -68.39 -55.39 64.09
CA PHE OA 15 -67.42 -54.29 64.15
C PHE OA 15 -67.02 -53.85 62.74
N PHE OA 16 -67.98 -53.21 62.06
CA PHE OA 16 -67.88 -52.93 60.63
C PHE OA 16 -66.63 -52.14 60.28
N ASP OA 17 -66.57 -50.87 60.70
CA ASP OA 17 -65.43 -49.95 60.63
C ASP OA 17 -64.44 -50.16 59.47
N PRO OA 18 -64.88 -50.00 58.21
CA PRO OA 18 -63.94 -50.23 57.09
C PRO OA 18 -62.90 -49.12 56.97
N LEU OA 19 -63.33 -47.88 57.16
CA LEU OA 19 -62.41 -46.75 57.04
C LEU OA 19 -61.45 -46.69 58.21
N GLY OA 20 -61.90 -47.10 59.39
CA GLY OA 20 -61.09 -47.01 60.59
C GLY OA 20 -61.28 -45.73 61.38
N LEU OA 21 -62.47 -45.14 61.35
CA LEU OA 21 -62.71 -43.88 62.05
C LEU OA 21 -62.69 -44.06 63.56
N SER OA 22 -62.97 -45.27 64.04
CA SER OA 22 -62.91 -45.57 65.46
C SER OA 22 -61.52 -46.01 65.92
N ALA OA 23 -60.57 -46.11 65.00
CA ALA OA 23 -59.22 -46.55 65.35
C ALA OA 23 -58.42 -45.39 65.90
N ASN OA 24 -57.80 -45.61 67.06
CA ASN OA 24 -56.90 -44.65 67.73
C ASN OA 24 -57.60 -43.32 68.02
N ILE OA 25 -58.73 -43.41 68.72
CA ILE OA 25 -59.43 -42.24 69.25
C ILE OA 25 -59.69 -42.50 70.73
N ASP OA 26 -59.75 -41.43 71.52
CA ASP OA 26 -59.91 -41.61 72.95
C ASP OA 26 -61.35 -42.01 73.29
N GLU OA 27 -61.57 -42.28 74.57
CA GLU OA 27 -62.88 -42.75 75.03
C GLU OA 27 -63.92 -41.65 74.94
N GLU OA 28 -63.49 -40.39 75.02
CA GLU OA 28 -64.44 -39.27 74.96
C GLU OA 28 -64.98 -39.11 73.55
N THR OA 29 -64.15 -39.33 72.53
CA THR OA 29 -64.61 -39.20 71.15
C THR OA 29 -65.53 -40.35 70.77
N PHE OA 30 -65.31 -41.54 71.33
CA PHE OA 30 -66.19 -42.67 71.02
C PHE OA 30 -67.56 -42.48 71.66
N ALA OA 31 -67.60 -41.98 72.90
CA ALA OA 31 -68.87 -41.63 73.52
C ALA OA 31 -69.54 -40.51 72.76
N GLN OA 32 -68.73 -39.62 72.19
CA GLN OA 32 -69.23 -38.54 71.35
C GLN OA 32 -69.85 -39.11 70.08
N TYR OA 33 -69.17 -40.09 69.48
CA TYR OA 33 -69.69 -40.77 68.29
C TYR OA 33 -70.94 -41.56 68.61
N ARG OA 34 -70.97 -42.20 69.79
CA ARG OA 34 -72.13 -42.99 70.19
C ARG OA 34 -73.34 -42.11 70.48
N THR OA 35 -73.13 -40.97 71.14
CA THR OA 35 -74.22 -40.02 71.34
C THR OA 35 -74.68 -39.44 70.02
N ALA OA 36 -73.78 -39.32 69.06
CA ALA OA 36 -74.16 -38.87 67.72
C ALA OA 36 -74.92 -39.94 66.97
N GLU OA 37 -74.44 -41.19 67.05
CA GLU OA 37 -75.10 -42.30 66.37
C GLU OA 37 -76.50 -42.54 66.91
N LEU OA 38 -76.64 -42.47 68.24
CA LEU OA 38 -77.94 -42.64 68.87
C LEU OA 38 -78.89 -41.53 68.46
N LYS OA 39 -78.46 -40.27 68.61
CA LYS OA 39 -79.32 -39.14 68.30
C LYS OA 39 -79.66 -39.06 66.82
N HIS OA 40 -78.73 -39.43 65.94
CA HIS OA 40 -79.03 -39.48 64.51
C HIS OA 40 -80.09 -40.55 64.22
N GLY OA 41 -79.98 -41.69 64.89
CA GLY OA 41 -80.97 -42.74 64.72
C GLY OA 41 -82.32 -42.38 65.29
N ARG OA 42 -82.33 -41.64 66.40
CA ARG OA 42 -83.60 -41.29 67.05
C ARG OA 42 -84.42 -40.34 66.20
N VAL OA 43 -83.77 -39.33 65.59
CA VAL OA 43 -84.50 -38.43 64.69
C VAL OA 43 -84.89 -39.17 63.42
N ALA OA 44 -84.02 -40.06 62.93
CA ALA OA 44 -84.33 -40.84 61.74
C ALA OA 44 -85.48 -41.81 62.01
N GLN OA 45 -85.57 -42.33 63.23
CA GLN OA 45 -86.74 -43.15 63.58
C GLN OA 45 -87.99 -42.31 63.69
N LEU OA 46 -87.86 -41.05 64.10
CA LEU OA 46 -89.01 -40.16 64.18
C LEU OA 46 -89.31 -39.46 62.85
N CYS OA 47 -88.35 -39.43 61.92
CA CYS OA 47 -88.59 -38.78 60.63
C CYS OA 47 -89.43 -39.67 59.72
N VAL OA 48 -89.23 -40.99 59.77
CA VAL OA 48 -89.95 -41.90 58.89
C VAL OA 48 -91.43 -41.95 59.26
N ILE OA 49 -91.73 -42.05 60.55
CA ILE OA 49 -93.13 -42.01 60.95
C ILE OA 49 -93.69 -40.61 60.84
N GLY OA 50 -92.82 -39.60 60.94
CA GLY OA 50 -93.22 -38.23 60.71
C GLY OA 50 -93.56 -37.91 59.27
N TYR OA 51 -93.24 -38.83 58.35
CA TYR OA 51 -93.65 -38.74 56.96
C TYR OA 51 -95.00 -39.37 56.69
N VAL OA 52 -95.50 -40.21 57.60
CA VAL OA 52 -96.71 -40.98 57.38
C VAL OA 52 -97.91 -40.40 58.13
N VAL OA 53 -97.73 -40.05 59.40
CA VAL OA 53 -98.84 -39.53 60.20
C VAL OA 53 -99.45 -38.20 59.73
N PRO OA 54 -98.77 -37.30 58.97
CA PRO OA 54 -99.54 -36.17 58.43
C PRO OA 54 -100.48 -36.55 57.30
N GLU OA 55 -100.37 -37.77 56.76
CA GLU OA 55 -101.31 -38.19 55.72
C GLU OA 55 -102.71 -38.38 56.28
N ILE OA 56 -102.82 -39.04 57.43
CA ILE OA 56 -104.13 -39.38 57.98
C ILE OA 56 -104.56 -38.37 59.04
N TYR OA 57 -103.61 -37.83 59.79
CA TYR OA 57 -103.96 -36.89 60.85
C TYR OA 57 -103.39 -35.51 60.55
N ARG OA 58 -104.22 -34.49 60.67
CA ARG OA 58 -103.81 -33.11 60.46
C ARG OA 58 -104.07 -32.31 61.72
N PHE OA 59 -103.11 -31.45 62.06
CA PHE OA 59 -103.22 -30.57 63.20
C PHE OA 59 -104.31 -29.53 62.93
N PRO OA 60 -104.96 -28.98 63.97
CA PRO OA 60 -106.08 -28.04 63.76
C PRO OA 60 -105.72 -26.64 63.30
N GLY OA 66 -99.95 -17.60 61.39
CA GLY OA 66 -101.27 -17.50 60.80
C GLY OA 66 -101.40 -18.29 59.51
N VAL OA 67 -100.96 -19.55 59.54
CA VAL OA 67 -101.02 -20.44 58.39
C VAL OA 67 -101.89 -21.63 58.74
N ALA OA 68 -102.48 -22.23 57.72
CA ALA OA 68 -103.36 -23.38 57.92
C ALA OA 68 -102.54 -24.63 58.16
N PHE OA 69 -102.95 -25.43 59.14
CA PHE OA 69 -102.25 -26.65 59.51
C PHE OA 69 -102.71 -27.86 58.69
N ALA OA 70 -103.48 -27.63 57.62
CA ALA OA 70 -103.93 -28.70 56.74
C ALA OA 70 -103.58 -28.47 55.28
N ASP OA 71 -103.02 -27.32 54.92
CA ASP OA 71 -102.64 -27.06 53.54
C ASP OA 71 -101.15 -27.27 53.27
N ILE OA 72 -100.33 -27.37 54.32
CA ILE OA 72 -98.90 -27.59 54.17
C ILE OA 72 -98.63 -28.99 53.67
N PRO OA 73 -97.90 -29.14 52.56
CA PRO OA 73 -97.60 -30.48 52.03
C PRO OA 73 -96.62 -31.21 52.93
N ASN OA 74 -96.72 -32.54 52.94
CA ASN OA 74 -95.90 -33.36 53.82
C ASN OA 74 -94.48 -33.57 53.29
N GLY OA 75 -94.21 -33.24 52.03
CA GLY OA 75 -92.89 -33.44 51.48
C GLY OA 75 -91.87 -32.44 52.00
N VAL OA 76 -90.81 -32.25 51.21
CA VAL OA 76 -89.79 -31.27 51.57
C VAL OA 76 -90.26 -29.86 51.19
N ALA OA 77 -91.46 -29.75 50.60
CA ALA OA 77 -92.03 -28.44 50.33
C ALA OA 77 -92.62 -27.81 51.59
N ALA OA 78 -92.59 -28.53 52.71
CA ALA OA 78 -93.17 -28.04 53.96
C ALA OA 78 -92.42 -26.82 54.49
N ILE OA 79 -91.09 -26.78 54.28
CA ILE OA 79 -90.29 -25.72 54.90
C ILE OA 79 -90.54 -24.37 54.23
N ASN OA 80 -91.06 -24.37 53.00
CA ASN OA 80 -91.37 -23.10 52.35
C ASN OA 80 -92.73 -22.56 52.80
N ALA OA 81 -93.68 -23.43 53.12
CA ALA OA 81 -95.03 -22.98 53.49
C ALA OA 81 -95.04 -22.37 54.88
N ILE OA 82 -94.41 -23.02 55.84
CA ILE OA 82 -94.33 -22.43 57.19
C ILE OA 82 -93.39 -21.22 57.14
N PRO OA 83 -93.74 -20.09 57.75
CA PRO OA 83 -92.82 -18.95 57.80
C PRO OA 83 -91.53 -19.31 58.52
N SER OA 84 -90.42 -18.74 58.05
CA SER OA 84 -89.10 -19.08 58.58
C SER OA 84 -88.98 -18.65 60.03
N LEU OA 85 -89.62 -17.55 60.40
CA LEU OA 85 -89.70 -17.17 61.81
C LEU OA 85 -90.51 -18.21 62.58
N GLY OA 86 -91.57 -18.73 61.96
CA GLY OA 86 -92.35 -19.78 62.57
C GLY OA 86 -91.54 -21.05 62.81
N TRP OA 87 -90.67 -21.38 61.86
CA TRP OA 87 -89.75 -22.50 62.02
C TRP OA 87 -88.71 -22.24 63.11
N LEU OA 88 -88.42 -20.96 63.41
CA LEU OA 88 -87.28 -20.63 64.26
C LEU OA 88 -87.51 -20.99 65.73
N GLN OA 89 -88.65 -20.60 66.34
CA GLN OA 89 -88.79 -20.94 67.77
C GLN OA 89 -89.03 -22.43 67.97
N MET OA 90 -89.34 -23.17 66.90
CA MET OA 90 -89.41 -24.62 67.05
C MET OA 90 -88.03 -25.24 67.14
N ILE OA 91 -87.07 -24.74 66.36
CA ILE OA 91 -85.71 -25.28 66.35
C ILE OA 91 -85.07 -25.13 67.73
N PHE OA 92 -85.23 -23.96 68.34
CA PHE OA 92 -84.71 -23.74 69.69
C PHE OA 92 -85.48 -24.54 70.73
N PHE OA 93 -86.74 -24.88 70.44
CA PHE OA 93 -87.52 -25.72 71.36
C PHE OA 93 -86.95 -27.13 71.42
N ILE OA 94 -86.52 -27.67 70.27
CA ILE OA 94 -85.79 -28.93 70.27
C ILE OA 94 -84.45 -28.75 70.99
N GLY OA 95 -83.85 -27.57 70.85
CA GLY OA 95 -82.60 -27.30 71.52
C GLY OA 95 -82.73 -27.15 73.02
N ALA OA 96 -83.92 -26.79 73.50
CA ALA OA 96 -84.15 -26.74 74.94
C ALA OA 96 -84.06 -28.14 75.55
N VAL OA 97 -84.52 -29.16 74.82
CA VAL OA 97 -84.46 -30.53 75.31
C VAL OA 97 -83.18 -31.24 74.87
N ASP OA 98 -82.40 -30.64 73.98
CA ASP OA 98 -81.19 -31.28 73.46
C ASP OA 98 -79.99 -30.96 74.36
N TYR OA 99 -79.69 -29.67 74.53
CA TYR OA 99 -78.54 -29.29 75.35
C TYR OA 99 -78.86 -29.41 76.84
N TRP OA 100 -79.83 -28.63 77.31
CA TRP OA 100 -80.09 -28.56 78.75
C TRP OA 100 -80.75 -29.83 79.26
N GLY OA 101 -81.53 -30.50 78.42
CA GLY OA 101 -82.18 -31.72 78.82
C GLY OA 101 -83.48 -31.55 79.58
N VAL OA 102 -83.94 -30.33 79.80
CA VAL OA 102 -85.27 -30.13 80.37
C VAL OA 102 -86.26 -30.59 79.32
N LEU OA 103 -87.06 -31.61 79.68
CA LEU OA 103 -87.78 -32.32 78.64
C LEU OA 103 -89.11 -31.68 78.24
N GLY OA 104 -90.08 -31.65 79.14
CA GLY OA 104 -91.40 -31.19 78.76
C GLY OA 104 -92.18 -32.18 77.93
N ASP OA 105 -91.57 -32.68 76.84
CA ASP OA 105 -92.22 -33.66 75.98
C ASP OA 105 -92.40 -34.99 76.72
N PHE OA 106 -91.37 -35.45 77.42
CA PHE OA 106 -91.45 -36.65 78.24
C PHE OA 106 -91.58 -36.33 79.72
N ASP OA 107 -91.94 -35.08 80.04
CA ASP OA 107 -91.98 -34.53 81.39
C ASP OA 107 -90.65 -34.74 82.10
N ILE OA 108 -90.55 -35.78 82.92
CA ILE OA 108 -89.28 -36.14 83.56
C ILE OA 108 -88.84 -37.48 82.98
N GLY OA 109 -89.62 -38.53 83.23
CA GLY OA 109 -89.36 -39.81 82.60
C GLY OA 109 -88.38 -40.65 83.37
N LYS OA 110 -88.83 -41.77 83.95
CA LYS OA 110 -87.93 -42.66 84.67
C LYS OA 110 -87.82 -43.97 83.90
N PRO OA 111 -86.73 -44.23 83.19
CA PRO OA 111 -86.65 -45.45 82.37
C PRO OA 111 -86.43 -46.69 83.22
N LYS OA 112 -87.12 -47.77 82.84
CA LYS OA 112 -86.92 -49.06 83.48
C LYS OA 112 -85.55 -49.60 83.11
N LEU OA 113 -84.91 -50.30 84.05
CA LEU OA 113 -83.59 -50.91 83.82
C LEU OA 113 -83.66 -52.36 84.28
N ASP OA 114 -83.96 -53.25 83.35
CA ASP OA 114 -83.81 -54.68 83.61
C ASP OA 114 -82.38 -55.10 83.24
N PRO OA 115 -81.68 -55.81 84.13
CA PRO OA 115 -80.25 -56.09 83.89
C PRO OA 115 -79.93 -56.87 82.62
N ASP OA 116 -80.68 -57.93 82.33
CA ASP OA 116 -80.40 -58.70 81.12
C ASP OA 116 -81.13 -58.15 79.89
N GLU OA 117 -82.06 -57.22 80.08
CA GLU OA 117 -82.77 -56.61 78.97
C GLU OA 117 -82.17 -55.26 78.58
N LEU OA 118 -81.34 -54.67 79.45
CA LEU OA 118 -80.77 -53.35 79.19
C LEU OA 118 -79.88 -53.34 77.95
N GLU OA 119 -78.94 -54.28 77.86
CA GLU OA 119 -78.05 -54.30 76.70
C GLU OA 119 -78.77 -54.78 75.45
N LYS OA 120 -79.81 -55.59 75.62
CA LYS OA 120 -80.59 -56.05 74.47
C LYS OA 120 -81.44 -54.92 73.91
N ARG OA 121 -82.10 -54.17 74.79
CA ARG OA 121 -82.97 -53.08 74.33
C ARG OA 121 -82.15 -51.90 73.81
N GLN OA 122 -80.98 -51.66 74.39
CA GLN OA 122 -80.13 -50.57 73.93
C GLN OA 122 -79.59 -50.85 72.54
N VAL OA 123 -79.20 -52.10 72.27
CA VAL OA 123 -78.74 -52.49 70.94
C VAL OA 123 -79.88 -52.38 69.93
N GLN OA 124 -81.07 -52.84 70.31
CA GLN OA 124 -82.23 -52.75 69.42
C GLN OA 124 -82.63 -51.31 69.16
N GLU OA 125 -82.30 -50.38 70.06
CA GLU OA 125 -82.51 -48.96 69.79
C GLU OA 125 -81.58 -48.48 68.68
N LEU OA 126 -80.32 -48.91 68.71
CA LEU OA 126 -79.35 -48.49 67.71
C LEU OA 126 -79.67 -49.12 66.35
N GLN OA 127 -80.00 -50.40 66.34
CA GLN OA 127 -80.14 -51.12 65.07
C GLN OA 127 -81.41 -50.72 64.33
N HIS OA 128 -82.49 -50.48 65.07
CA HIS OA 128 -83.68 -49.87 64.46
C HIS OA 128 -83.36 -48.45 63.99
N GLY OA 129 -82.56 -47.72 64.78
CA GLY OA 129 -82.15 -46.39 64.37
C GLY OA 129 -81.21 -46.41 63.19
N ARG OA 130 -80.33 -47.41 63.11
CA ARG OA 130 -79.42 -47.54 61.99
C ARG OA 130 -80.18 -47.81 60.69
N LEU OA 131 -81.21 -48.65 60.75
CA LEU OA 131 -82.03 -48.92 59.58
C LEU OA 131 -82.83 -47.67 59.17
N ALA OA 132 -83.35 -46.94 60.14
CA ALA OA 132 -84.13 -45.75 59.84
C ALA OA 132 -83.27 -44.65 59.22
N MET OA 133 -81.99 -44.59 59.63
CA MET OA 133 -81.06 -43.67 59.00
C MET OA 133 -80.84 -43.99 57.53
N ILE OA 134 -80.74 -45.28 57.20
CA ILE OA 134 -80.66 -45.69 55.80
C ILE OA 134 -81.98 -45.41 55.10
N ALA OA 135 -83.10 -45.63 55.81
CA ALA OA 135 -84.42 -45.42 55.22
C ALA OA 135 -84.70 -43.94 55.01
N THR OA 136 -84.16 -43.06 55.87
CA THR OA 136 -84.39 -41.64 55.72
C THR OA 136 -83.75 -41.10 54.45
N LEU OA 137 -82.63 -41.71 54.02
CA LEU OA 137 -82.00 -41.30 52.78
C LEU OA 137 -82.88 -41.62 51.58
N GLU OA 138 -83.57 -42.77 51.60
CA GLU OA 138 -84.46 -43.12 50.52
C GLU OA 138 -85.68 -42.20 50.49
N LEU OA 139 -86.24 -41.90 51.67
CA LEU OA 139 -87.40 -41.02 51.74
C LEU OA 139 -87.06 -39.61 51.29
N LEU OA 140 -85.88 -39.13 51.68
CA LEU OA 140 -85.49 -37.77 51.30
C LEU OA 140 -85.09 -37.70 49.83
N ARG OA 141 -84.55 -38.80 49.27
CA ARG OA 141 -84.17 -38.82 47.87
C ARG OA 141 -85.40 -38.73 46.96
N HIS OA 142 -86.40 -39.55 47.25
CA HIS OA 142 -87.61 -39.59 46.42
C HIS OA 142 -88.39 -38.28 46.51
N ASP OA 143 -88.44 -37.69 47.70
CA ASP OA 143 -89.26 -36.50 47.91
C ASP OA 143 -88.63 -35.27 47.26
N SER OA 144 -87.32 -35.08 47.45
CA SER OA 144 -86.67 -33.87 46.96
C SER OA 144 -86.50 -33.90 45.45
N GLN OA 145 -86.25 -35.08 44.88
CA GLN OA 145 -86.10 -35.20 43.44
C GLN OA 145 -87.42 -35.00 42.71
N ASN OA 146 -88.53 -35.41 43.33
CA ASN OA 146 -89.83 -35.28 42.69
C ASN OA 146 -90.40 -33.88 42.75
N LEU OA 147 -89.90 -33.02 43.65
CA LEU OA 147 -90.38 -31.64 43.67
C LEU OA 147 -89.88 -30.88 42.45
N VAL OA 148 -88.60 -31.02 42.11
CA VAL OA 148 -88.04 -30.30 40.98
C VAL OA 148 -88.42 -30.98 39.66
N THR OA 149 -88.80 -32.26 39.71
CA THR OA 149 -89.15 -33.03 38.52
C THR OA 149 -90.23 -34.03 38.91
N PRO OA 150 -91.50 -33.66 38.79
CA PRO OA 150 -92.60 -34.58 39.12
C PRO OA 150 -92.68 -35.71 38.11
N GLY OA 151 -92.50 -36.95 38.59
CA GLY OA 151 -92.54 -38.10 37.72
C GLY OA 151 -91.21 -38.78 37.56
N PHE OA 152 -90.39 -38.75 38.61
CA PHE OA 152 -89.07 -39.39 38.60
C PHE OA 152 -89.23 -40.86 38.96
N ASP OA 153 -89.88 -41.60 38.05
CA ASP OA 153 -90.17 -43.03 38.19
C ASP OA 153 -90.94 -43.32 39.48
N GLY OA 154 -92.06 -42.61 39.65
CA GLY OA 154 -92.88 -42.74 40.84
C GLY OA 154 -93.56 -41.43 41.19
N LEU OA 155 -94.81 -41.50 41.63
CA LEU OA 155 -95.60 -40.30 41.92
C LEU OA 155 -96.01 -40.20 43.38
N ASP OA 156 -96.43 -41.31 43.99
CA ASP OA 156 -96.85 -41.30 45.38
C ASP OA 156 -95.66 -41.05 46.29
N THR OA 157 -95.86 -40.19 47.30
CA THR OA 157 -94.79 -39.84 48.24
C THR OA 157 -94.32 -41.04 49.05
N LEU OA 158 -95.28 -41.83 49.55
CA LEU OA 158 -94.97 -43.04 50.29
C LEU OA 158 -95.24 -44.24 49.40
N ILE OA 159 -94.24 -45.12 49.26
CA ILE OA 159 -94.33 -46.24 48.32
C ILE OA 159 -95.40 -47.23 48.77
N THR OA 160 -95.55 -47.42 50.09
CA THR OA 160 -96.61 -48.28 50.60
C THR OA 160 -97.98 -47.71 50.23
N GLY OA 161 -98.87 -48.59 49.79
CA GLY OA 161 -100.11 -48.15 49.19
C GLY OA 161 -101.33 -48.06 50.08
N LEU OA 162 -101.18 -48.19 51.39
CA LEU OA 162 -102.35 -48.13 52.26
C LEU OA 162 -102.96 -46.73 52.34
N PRO OA 163 -102.18 -45.62 52.29
CA PRO OA 163 -102.77 -44.32 51.97
C PRO OA 163 -103.62 -44.31 50.70
N GLU PA 27 -55.27 -87.32 49.19
CA GLU PA 27 -55.98 -86.67 50.28
C GLU PA 27 -56.36 -85.24 49.91
N GLU PA 28 -55.35 -84.46 49.50
CA GLU PA 28 -55.59 -83.08 49.09
C GLU PA 28 -56.47 -83.03 47.85
N THR PA 29 -56.24 -83.95 46.91
CA THR PA 29 -57.03 -83.97 45.68
C THR PA 29 -58.48 -84.35 45.98
N PHE PA 30 -58.68 -85.33 46.87
CA PHE PA 30 -60.02 -85.80 47.21
C PHE PA 30 -60.84 -84.71 47.90
N ALA PA 31 -60.17 -83.80 48.60
CA ALA PA 31 -60.87 -82.69 49.24
C ALA PA 31 -61.52 -81.76 48.21
N GLN PA 32 -60.83 -81.53 47.10
CA GLN PA 32 -61.41 -80.68 46.05
C GLN PA 32 -62.46 -81.45 45.24
N TYR PA 33 -62.32 -82.77 45.16
CA TYR PA 33 -63.32 -83.58 44.45
C TYR PA 33 -64.60 -83.68 45.25
N ARG PA 34 -64.49 -83.77 46.58
CA ARG PA 34 -65.66 -83.82 47.44
C ARG PA 34 -66.43 -82.50 47.42
N THR PA 35 -65.70 -81.38 47.45
CA THR PA 35 -66.33 -80.07 47.45
C THR PA 35 -66.99 -79.78 46.11
N ALA PA 36 -66.35 -80.20 45.01
CA ALA PA 36 -66.91 -79.94 43.68
C ALA PA 36 -68.14 -80.81 43.43
N GLU PA 37 -68.11 -82.07 43.86
CA GLU PA 37 -69.27 -82.95 43.69
C GLU PA 37 -70.43 -82.47 44.56
N LEU PA 38 -70.12 -81.86 45.70
CA LEU PA 38 -71.15 -81.33 46.58
C LEU PA 38 -71.79 -80.08 45.98
N LYS PA 39 -70.98 -79.18 45.44
CA LYS PA 39 -71.50 -77.94 44.90
C LYS PA 39 -72.29 -78.17 43.61
N HIS PA 40 -71.86 -79.15 42.80
CA HIS PA 40 -72.59 -79.48 41.58
C HIS PA 40 -74.00 -79.99 41.88
N GLY PA 41 -74.12 -80.80 42.93
CA GLY PA 41 -75.44 -81.28 43.33
C GLY PA 41 -76.30 -80.17 43.91
N ARG PA 42 -75.68 -79.24 44.65
CA ARG PA 42 -76.43 -78.16 45.29
C ARG PA 42 -77.02 -77.20 44.27
N VAL PA 43 -76.21 -76.76 43.31
CA VAL PA 43 -76.69 -75.79 42.33
C VAL PA 43 -77.71 -76.43 41.39
N ALA PA 44 -77.66 -77.75 41.24
CA ALA PA 44 -78.68 -78.44 40.45
C ALA PA 44 -80.02 -78.45 41.17
N GLN PA 45 -79.99 -78.45 42.51
CA GLN PA 45 -81.23 -78.42 43.28
C GLN PA 45 -81.98 -77.11 43.08
N LEU PA 46 -81.24 -75.98 43.06
CA LEU PA 46 -81.89 -74.71 42.79
C LEU PA 46 -82.27 -74.57 41.32
N CYS PA 47 -81.61 -75.31 40.44
CA CYS PA 47 -81.87 -75.19 39.00
C CYS PA 47 -83.24 -75.74 38.64
N VAL PA 48 -83.61 -76.89 39.22
CA VAL PA 48 -84.88 -77.52 38.86
C VAL PA 48 -86.06 -76.73 39.42
N ILE PA 49 -85.99 -76.28 40.68
CA ILE PA 49 -87.07 -75.48 41.25
C ILE PA 49 -87.11 -74.11 40.57
N GLY PA 50 -85.95 -73.56 40.22
CA GLY PA 50 -85.88 -72.34 39.45
C GLY PA 50 -86.36 -72.46 38.02
N TYR PA 51 -86.62 -73.69 37.56
CA TYR PA 51 -87.24 -73.96 36.28
C TYR PA 51 -88.74 -74.22 36.40
N ILE PA 52 -89.30 -74.21 37.61
CA ILE PA 52 -90.70 -74.52 37.84
C ILE PA 52 -91.49 -73.25 38.12
N VAL PA 53 -90.98 -72.43 39.04
CA VAL PA 53 -91.65 -71.19 39.43
C VAL PA 53 -91.90 -70.22 38.26
N PRO PA 54 -90.96 -70.03 37.27
CA PRO PA 54 -91.25 -69.07 36.18
C PRO PA 54 -92.53 -69.27 35.38
N GLU PA 55 -92.90 -70.50 35.00
CA GLU PA 55 -94.13 -70.66 34.24
C GLU PA 55 -95.32 -70.92 35.18
N ILE PA 56 -95.07 -71.55 36.32
CA ILE PA 56 -96.11 -71.82 37.29
C ILE PA 56 -95.72 -71.24 38.65
N PRO PA 73 -90.05 -64.96 28.50
CA PRO PA 73 -88.71 -65.57 28.43
C PRO PA 73 -88.50 -66.60 29.51
N ASN PA 74 -88.31 -67.86 29.14
CA ASN PA 74 -88.09 -68.94 30.09
C ASN PA 74 -87.14 -69.96 29.51
N GLY PA 75 -86.23 -70.46 30.35
CA GLY PA 75 -85.31 -71.52 29.95
C GLY PA 75 -84.01 -70.98 29.39
N VAL PA 76 -83.27 -71.91 28.78
CA VAL PA 76 -81.98 -71.59 28.17
C VAL PA 76 -82.12 -70.68 26.95
N ALA PA 77 -83.28 -70.67 26.30
CA ALA PA 77 -83.51 -69.71 25.23
C ALA PA 77 -83.62 -68.30 25.77
N ALA PA 78 -84.02 -68.15 27.04
CA ALA PA 78 -84.10 -66.85 27.66
C ALA PA 78 -82.75 -66.34 28.15
N ILE PA 79 -81.70 -67.16 28.08
CA ILE PA 79 -80.39 -66.75 28.59
C ILE PA 79 -79.78 -65.66 27.72
N ASN PA 80 -80.29 -65.49 26.50
CA ASN PA 80 -79.74 -64.50 25.58
C ASN PA 80 -80.54 -63.20 25.59
N ALA PA 81 -81.83 -63.28 25.93
CA ALA PA 81 -82.69 -62.09 25.90
C ALA PA 81 -82.28 -61.07 26.95
N ILE PA 82 -82.04 -61.53 28.16
CA ILE PA 82 -81.56 -60.68 29.27
C ILE PA 82 -80.13 -60.24 28.97
N PRO PA 83 -79.83 -58.93 29.00
CA PRO PA 83 -78.50 -58.45 28.59
C PRO PA 83 -77.36 -58.97 29.45
N ALA PA 84 -76.18 -59.08 28.83
CA ALA PA 84 -75.01 -59.63 29.51
C ALA PA 84 -74.45 -58.70 30.57
N LEU PA 85 -74.83 -57.41 30.53
CA LEU PA 85 -74.48 -56.52 31.63
C LEU PA 85 -75.19 -56.95 32.91
N GLY PA 86 -76.39 -57.50 32.77
CA GLY PA 86 -77.07 -58.06 33.93
C GLY PA 86 -76.40 -59.32 34.44
N TRP PA 87 -75.89 -60.16 33.53
CA TRP PA 87 -75.17 -61.35 33.95
C TRP PA 87 -73.84 -61.00 34.60
N PHE PA 88 -73.20 -59.91 34.15
CA PHE PA 88 -71.96 -59.47 34.78
C PHE PA 88 -72.18 -59.10 36.24
N GLN PA 89 -73.30 -58.45 36.53
CA GLN PA 89 -73.63 -58.10 37.91
C GLN PA 89 -74.07 -59.33 38.70
N MET PA 90 -74.80 -60.25 38.06
CA MET PA 90 -75.34 -61.39 38.77
C MET PA 90 -74.29 -62.46 39.06
N VAL PA 91 -73.43 -62.75 38.08
CA VAL PA 91 -72.41 -63.80 38.26
C VAL PA 91 -71.40 -63.40 39.34
N PHE PA 92 -70.98 -62.13 39.32
CA PHE PA 92 -70.01 -61.67 40.32
C PHE PA 92 -70.63 -61.61 41.72
N LEU PA 93 -71.93 -61.30 41.79
CA LEU PA 93 -72.63 -61.38 43.08
C LEU PA 93 -72.71 -62.83 43.56
N ILE PA 94 -72.94 -63.76 42.64
CA ILE PA 94 -72.90 -65.18 42.97
C ILE PA 94 -71.49 -65.59 43.39
N GLY PA 95 -70.48 -65.08 42.68
CA GLY PA 95 -69.10 -65.43 43.01
C GLY PA 95 -68.63 -64.85 44.33
N ALA PA 96 -69.26 -63.74 44.77
CA ALA PA 96 -68.92 -63.15 46.06
C ALA PA 96 -69.26 -64.09 47.21
N VAL PA 97 -70.41 -64.73 47.14
CA VAL PA 97 -70.78 -65.69 48.18
C VAL PA 97 -70.17 -67.05 47.89
N ASP PA 98 -69.75 -67.28 46.64
CA ASP PA 98 -69.10 -68.54 46.30
C ASP PA 98 -67.68 -68.59 46.82
N TYR PA 99 -66.92 -67.50 46.66
CA TYR PA 99 -65.52 -67.50 47.05
C TYR PA 99 -65.30 -66.98 48.46
N TRP PA 100 -65.88 -65.83 48.79
CA TRP PA 100 -65.69 -65.24 50.12
C TRP PA 100 -66.75 -65.69 51.12
N GLY PA 101 -67.99 -65.82 50.68
CA GLY PA 101 -69.10 -66.04 51.58
C GLY PA 101 -69.73 -64.77 52.09
N PHE PA 102 -70.03 -63.82 51.20
CA PHE PA 102 -70.63 -62.53 51.54
C PHE PA 102 -71.96 -62.72 52.26
N LEU PA 103 -72.91 -63.35 51.59
CA LEU PA 103 -74.25 -63.58 52.14
C LEU PA 103 -74.55 -65.07 52.26
N GLY PA 104 -73.53 -65.89 52.46
CA GLY PA 104 -73.71 -67.33 52.55
C GLY PA 104 -72.89 -68.06 53.59
N ASP PA 105 -72.54 -67.38 54.69
CA ASP PA 105 -71.78 -68.02 55.76
C ASP PA 105 -72.38 -67.68 57.12
N PHE PA 106 -73.67 -67.40 57.15
CA PHE PA 106 -74.33 -67.01 58.39
C PHE PA 106 -74.63 -68.24 59.26
N GLU PA 107 -74.46 -68.08 60.57
CA GLU PA 107 -74.64 -69.17 61.51
C GLU PA 107 -76.10 -69.54 61.73
N ALA PA 108 -77.05 -68.75 61.23
CA ALA PA 108 -78.46 -69.08 61.38
C ALA PA 108 -78.83 -70.30 60.54
N GLY PA 109 -78.13 -70.51 59.44
CA GLY PA 109 -78.37 -71.67 58.59
C GLY PA 109 -77.45 -72.82 58.92
N LYS PA 110 -76.85 -72.80 60.11
CA LYS PA 110 -75.92 -73.84 60.55
C LYS PA 110 -76.36 -74.34 61.93
N PRO PA 111 -77.34 -75.23 61.98
CA PRO PA 111 -77.77 -75.78 63.28
C PRO PA 111 -76.73 -76.75 63.82
N ASP PA 112 -76.66 -76.84 65.15
CA ASP PA 112 -75.70 -77.73 65.79
C ASP PA 112 -76.08 -79.18 65.58
N LEU PA 113 -77.35 -79.52 65.82
CA LEU PA 113 -77.94 -80.86 65.65
C LEU PA 113 -77.17 -81.84 66.53
N ALA PA 114 -76.81 -83.02 66.04
CA ALA PA 114 -76.05 -84.02 66.78
C ALA PA 114 -75.03 -84.64 65.84
N PRO PA 115 -73.91 -85.14 66.36
CA PRO PA 115 -72.94 -85.83 65.48
C PRO PA 115 -73.52 -87.04 64.77
N GLU PA 116 -74.38 -87.81 65.43
CA GLU PA 116 -75.02 -88.95 64.77
C GLU PA 116 -76.14 -88.48 63.84
N GLU PA 117 -76.82 -87.40 64.21
CA GLU PA 117 -77.87 -86.86 63.35
C GLU PA 117 -77.29 -86.26 62.07
N LEU PA 118 -76.09 -85.67 62.18
CA LEU PA 118 -75.44 -85.08 61.01
C LEU PA 118 -75.01 -86.13 60.00
N GLU PA 119 -74.55 -87.28 60.50
CA GLU PA 119 -73.98 -88.32 59.62
C GLU PA 119 -75.04 -88.92 58.70
N LYS PA 120 -76.28 -89.02 59.17
CA LYS PA 120 -77.34 -89.61 58.35
C LYS PA 120 -77.69 -88.69 57.19
N ARG PA 121 -77.90 -87.39 57.47
CA ARG PA 121 -78.25 -86.46 56.41
C ARG PA 121 -77.05 -86.06 55.56
N LYS PA 122 -75.83 -86.33 56.02
CA LYS PA 122 -74.65 -86.08 55.20
C LYS PA 122 -74.64 -86.96 53.97
N LEU PA 123 -75.00 -88.24 54.13
CA LEU PA 123 -75.15 -89.12 52.98
C LEU PA 123 -76.37 -88.72 52.15
N GLN PA 124 -77.37 -88.11 52.78
CA GLN PA 124 -78.57 -87.76 52.05
C GLN PA 124 -78.35 -86.55 51.15
N GLU PA 125 -77.34 -85.73 51.48
CA GLU PA 125 -76.99 -84.61 50.63
C GLU PA 125 -76.48 -85.09 49.27
N LEU PA 126 -75.70 -86.18 49.27
CA LEU PA 126 -75.17 -86.71 48.03
C LEU PA 126 -76.26 -87.38 47.20
N GLN PA 127 -77.18 -88.10 47.85
CA GLN PA 127 -78.24 -88.81 47.13
C GLN PA 127 -79.20 -87.83 46.46
N HIS PA 128 -79.71 -86.86 47.22
CA HIS PA 128 -80.44 -85.74 46.60
C HIS PA 128 -79.55 -84.91 45.70
N GLY PA 129 -78.24 -84.95 45.94
CA GLY PA 129 -77.33 -84.22 45.07
C GLY PA 129 -77.16 -84.86 43.70
N ARG PA 130 -76.97 -86.19 43.69
CA ARG PA 130 -76.76 -86.88 42.43
C ARG PA 130 -78.06 -86.99 41.63
N LEU PA 131 -79.20 -87.05 42.34
CA LEU PA 131 -80.49 -87.13 41.65
C LEU PA 131 -80.83 -85.80 40.99
N ALA PA 132 -80.65 -84.70 41.70
CA ALA PA 132 -80.97 -83.39 41.14
C ALA PA 132 -80.02 -83.02 40.01
N MET PA 133 -78.80 -83.56 40.03
CA MET PA 133 -77.89 -83.37 38.90
C MET PA 133 -78.44 -84.05 37.65
N LEU PA 134 -78.77 -85.33 37.74
CA LEU PA 134 -79.20 -86.11 36.59
C LEU PA 134 -80.51 -85.59 36.00
N ALA PA 135 -81.34 -84.94 36.83
CA ALA PA 135 -82.55 -84.32 36.32
C ALA PA 135 -82.23 -83.11 35.45
N VAL PA 136 -81.11 -82.43 35.75
CA VAL PA 136 -80.75 -81.22 35.01
C VAL PA 136 -80.31 -81.55 33.59
N LEU PA 137 -79.48 -82.58 33.42
CA LEU PA 137 -79.02 -82.95 32.08
C LEU PA 137 -80.18 -83.37 31.18
N GLU PA 138 -81.13 -84.15 31.73
CA GLU PA 138 -82.31 -84.51 30.96
C GLU PA 138 -83.17 -83.28 30.65
N LEU PA 139 -83.25 -82.35 31.60
CA LEU PA 139 -83.95 -81.09 31.34
C LEU PA 139 -83.22 -80.29 30.27
N LEU PA 140 -81.89 -80.31 30.29
CA LEU PA 140 -81.12 -79.68 29.21
C LEU PA 140 -81.22 -80.49 27.92
N ARG PA 141 -81.38 -81.82 28.05
CA ARG PA 141 -81.52 -82.68 26.88
C ARG PA 141 -82.85 -82.45 26.16
N HIS PA 142 -83.86 -82.01 26.91
CA HIS PA 142 -85.20 -81.82 26.35
C HIS PA 142 -85.22 -80.71 25.31
N ASP PA 143 -84.33 -79.74 25.44
CA ASP PA 143 -84.17 -78.70 24.42
C ASP PA 143 -83.68 -79.33 23.12
N SER PA 144 -84.20 -78.83 22.00
CA SER PA 144 -83.96 -79.43 20.68
C SER PA 144 -82.48 -79.41 20.32
N GLN PA 145 -81.87 -80.60 20.28
CA GLN PA 145 -80.45 -80.75 20.01
C GLN PA 145 -80.23 -82.21 19.61
N ASN PA 146 -79.27 -82.43 18.73
CA ASN PA 146 -78.88 -83.76 18.25
C ASN PA 146 -78.42 -84.59 19.45
#